data_5LEZ
#
_entry.id   5LEZ
#
_cell.length_a   113.860
_cell.length_b   203.230
_cell.length_c   315.220
_cell.angle_alpha   90.00
_cell.angle_beta   90.00
_cell.angle_gamma   90.00
#
_symmetry.space_group_name_H-M   'P 21 21 21'
#
loop_
_entity.id
_entity.type
_entity.pdbx_description
1 polymer 'Proteasome subunit alpha type-2'
2 polymer 'Proteasome subunit alpha type-4'
3 polymer 'Proteasome subunit alpha type-7'
4 polymer 'Proteasome subunit alpha type-5'
5 polymer 'Proteasome subunit alpha type-1'
6 polymer 'Proteasome subunit alpha type-3'
7 polymer 'Proteasome subunit alpha type-6'
8 polymer 'Proteasome subunit beta type-7'
9 polymer 'Proteasome subunit beta type-3'
10 polymer 'Proteasome subunit beta type-2'
11 polymer 'Proteasome subunit beta type-5'
12 polymer 'Proteasome subunit beta type-1'
13 polymer 'Proteasome subunit beta type-4'
14 polymer 'Proteasome subunit beta type-6'
15 polymer 'bound Oprozomib'
16 non-polymer 'POTASSIUM ION'
17 non-polymer 'MAGNESIUM ION'
18 non-polymer 'PENTAETHYLENE GLYCOL'
19 non-polymer 'ACETATE ION'
20 water water
#
loop_
_entity_poly.entity_id
_entity_poly.type
_entity_poly.pdbx_seq_one_letter_code
_entity_poly.pdbx_strand_id
1 'polypeptide(L)'
;MAERGYSFSLTTFSPSGKLVQIEYALAAVAGGAPSVGIKAANGVVLATEKKQKSILYDERSVHKVEPITKHIGLVYSGMG
PDYRVLVHRARKLAQQYYLVYQEPIPTAQLVQRVASVMQEYTQSGGVRPFGVSLLICGWNEGRPYLFQSDPSGAYFAWKA
TAMGKNYVNGKTFLEKRYNEDLELEDAIHTAILTLKESFEGQMTEDNIEVGICNEAGFRRLTPTEVKDYLAAIA
;
A,O
2 'polypeptide(L)'
;MSRRYDSRTTIFSPEGRLYQVEYAMEAIGHAGTCLGILANDGVLLAAERRNIHKLLDEVFFSEKIYKLNEDMACSVAGIT
SDANVLTNELRLIAQRYLLQYQEPIPCEQLVTALCDIKQAYTQFGGKRPFGVSLLYIGWDKHYGFQLYQSDPSGNYGGWK
ATCIGNNSAAAVSMLKQDYKEGEMTLKSALALAIKVLNKTMDVSKLSAEKVEIATLTRENGKTVIRVLKQKEVEQLIKKH
EEEEAKAEREKKEKEQKEKDK
;
B,P
3 'polypeptide(L)'
;MSYDRAITVFSPDGHLFQVEYAQEAVKKGSTAVGVRGRDIVVLGVEKKSVAKLQDERTVRKI(YCM)ALDDNVCMAFAGL
TADARIVINRARVECQSHRLTVEDPVTVEYITRYIASLKQRYTQSNGRRPFGISALIVGFDFDGTPRLYQTDPSGTYHAW
KANAIGRGAKSVREFLEKNYTDEAIETDDLTIKLVIKALLEVVQSGGKNIELAVMRRDQSLKILNPEEIEKYVAEIEKEK
EENEKKKQKKAS
;
C,Q
4 'polypeptide(L)'
;MFLTRSEYDRGVNTFSPEGRLFQVEYAIEAIKLGSTAIGIQTSEGVCLAVEKRITSPLMEPSSIEKIVEIDAHIGCAMSG
LIADAKTLIDKARVETQNHWFTYNETMTVESVTQAVSNLALQFGEEDADPGAMSRPFGVALLFGGVDEKGPQLFHMDPSG
TFVQCDARAIGSASEGAQSSLQEVYHKSMTLKEAIKSSLIILKQVMEEKLNATNIELATVQPGQNFHMFTKEELEEVIKD
I
;
D,R
5 'polypeptide(L)'
;MFRNQYDNDVTVWSPQGRIHQIEYAMEAVKQGSATVGLKSKTHAVLVALKRAQSELAAHQKKILHVDNHIGISIAGLTAD
ARLLCNFMRQECLDSRFVFDRPLPVSRLVSLIGSKTQIPTQRYGRRPYGVGLLIAGYDDMGPHIFQT(6V1)PSANYFDC
RAMSIGARSQSARTYLERHMSEFMECNLNELVKHGLRALRETLPAEQDLTTKNVSIGIVGKDLEFTIYDDDDVSPFLEGL
EERPQRKAQPAQPADEPAEKADEPMEH
;
E,S
6 'polypeptide(L)'
;MSSIGTGYDLSASTFSPDGRVFQVEYAMKAVENSSTAIGIRCKDGVVFGVEKLVLSKLYEEGSNKRLFNVDRHVGMAVAG
LLADARSLADIAREEASNFRSNFGYNIPLKHLADRVAMYVHAYTLYSAVRPFGCSFMLGSYSVNDGAQLYMIDPSGVSYG
YWGCAIGKARQAAKTEIEKLQMKEMTCRDIVKEVAKIIYIVHDEVKDKAFELELSWVGELTNGRHEIVPKDIREEAEKYA
KESLKEEDESDDDNM
;
F,T
7 'polypeptide(L)'
;MSRGSSAGFDRHITIFSPEGRLYQVEYAFKAINQGGLTSVAVRGKD(6V1)AVIVTQKKVPDKLLDSSTVTHLFKITENI
GCVMTGMTADSRSQVQRARYEAANWKYKYGYEIPVDMLCKRIADISQVYTQNAEMRPLGC(YCM)MILIGIDEEQGPQVY
KCDPAGYY(6V1)GFKATAAGVKQTESTSFLEKKVKKKFDWTFEQTVETAITCLSTVLSIDFKPSEIEVGVVTVENPKFR
ILTEAEIDAHLVALAERD
;
G,U
8 'polypeptide(L)'
;TTIAGVVYKDGIVLGADTRATEGMVVADKNCSKIHFISPNIYCCGAGTAADTDMTTQLISSNLELHSLSTGRLPRVVTAN
RMLKQMLFRYQGYIGAALVLGGVDVTGPHLYSIYPHGSTDKLPYVTMGSGSLAAMAVFEDKFRPDMEEEEAKNLVSEAIA
AGIFNDLGSGSNIDLCVISKNKLDFLRPYTVPNKKGTRLGRYRCEKGTTAVLTEKITPLEIEVLEETVQTMDTS
;
H,V
9 'polypeptide(L)'
;MSIMSYNGGAVMAMKGKNCVAIAADRRFGIQAQMVTTDFQKIFPMGDRLYIGLAGLATDVQTVAQRLKFRLNLYELKEGR
QIKPYTLMSMVANLLYEKRFGPYYTEPVIAGLDPKTFKPFICSLDLIGCPMVTDDFVVSGTCAEQMYGMCESLWEPNMDP
DHLFETISQAMLNAVDRDAVSGMGVIVHIIEKDKITTRTLKARMD
;
I,W
10 'polypeptide(L)'
;MEYLIGIQGPDYVLVASDRVAASNIVQMKDDHDKMFKMSEKILLLCVGEAGDTVQFAEYIQKNVQLYKMRNGYELSPTAA
ANFTRRNLAD(6V1)LRSRTPYHVNLLLAGYDEHEGPALYYMDYLAALAKAPFAAHGYGAFLTLSILDRYYTPTISRERA
VELLRKCLEELQKRFILNLPTFSVRIIDKNGIHDLDNISFPKQGS
;
J,X
11 'polypeptide(L)'
;TTTLAFKFRHGVIVAADSRATAGAYIASQTVKKVIEINPYLLGTMAGGAADCSFWERLLARQCRIYELRNKERISVAAAS
KLLANMVYQYKGMGLSMGTMICGWDKRGPGLYYVDSEGNRISGATFSVGSGSVYAYGVMDRGYSYDLEVEQAYDLARRAI
YQATYRDAYSGGAVNLYHVREDGWIRVSSDNVADLHEKYSGSTP
;
K,Y
12 'polypeptide(L)'
;RFSPYVFNGGTILAIAGEDFAIVASDTRLSEGFSIHTRDSPKCYKLTDKTVIGCSGFHGDCLTLTKIIEARLKMYKHSNN
KAMTTGAIAAMLSTILYSRRFFPYYVYNIIGGLDEEGKGAVYSFDPVGSYQRDSFKAGGSASAMLQPLLDNQVGFKNMQN
VEHVPLSLDRAMRLVKDVFISAAERDVYTGDALRICIVTKEGIREETVSLRKD
;
L,Z
13 'polypeptide(L)'
;TQNPMVTGTSVLGVKFEGGVVIAADMLGSYGSLARFRNISRIMRVNNSTMLGASGDYADFQYLKQVLGQMVIDEELLGDG
HSYSPRAIHSWLTRAMYSRRSKMNPLWNTMVIGGYADGESFLGYVDMLGVAYEAPSLATGYGAYLAQPLLREVLEKQPVL
SQTEARDLVERCMRVLYYRDARSYNRFQIATVTEKGVEIEGPLSTETNWDIAHMISGFE
;
M,a
14 'polypeptide(L)'
;TTIMAVQFDGGVVLGADSRTTTGSYIANRVTDKLTPIHDRIFCCRSGSAADTQAVADAVTYQLGFHSIELNEPPLVHTAA
SLFKEMCYRYREDLMAGIIIAGWDPQEGGQVYSVPMGGMMVRQSFAIGGSGSSYIYGYVDATYREGMTKEECLQFTANAL
ALAMERDGSSGGVIRLAAIAESGVERQVLLGDQIPKFAVATLPPA
;
N,b
15 'polypeptide(L)' (6V9)(OAS)(OAS)(6VA) c,d,e,f
#
loop_
_chem_comp.id
_chem_comp.type
_chem_comp.name
_chem_comp.formula
1PE non-polymer 'PENTAETHYLENE GLYCOL' 'C10 H22 O6'
6VA non-polymer (3~{R},4~{S})-4-azanyl-2-methyl-5-phenyl-pentane-2,3-diol 'C12 H19 N O2'
ACT non-polymer 'ACETATE ION' 'C2 H3 O2 -1'
K non-polymer 'POTASSIUM ION' 'K 1'
MG non-polymer 'MAGNESIUM ION' 'Mg 2'
#
# COMPACT_ATOMS: atom_id res chain seq x y z
N ARG A 4 40.54 34.53 -10.82
CA ARG A 4 39.49 33.78 -11.63
C ARG A 4 39.95 33.16 -13.00
N GLY A 5 41.24 33.29 -13.40
CA GLY A 5 41.75 32.91 -14.75
C GLY A 5 41.84 34.07 -15.76
N TYR A 6 42.84 34.03 -16.67
CA TYR A 6 42.96 34.96 -17.78
C TYR A 6 42.26 34.28 -18.99
N SER A 7 41.17 34.86 -19.48
CA SER A 7 40.41 34.22 -20.53
C SER A 7 40.84 34.52 -21.97
N PHE A 8 41.77 35.46 -22.14
CA PHE A 8 42.27 35.87 -23.46
C PHE A 8 43.42 34.98 -23.91
N SER A 9 43.58 34.83 -25.23
CA SER A 9 44.72 34.10 -25.80
C SER A 9 46.03 34.87 -25.54
N LEU A 10 47.10 34.13 -25.26
CA LEU A 10 48.45 34.65 -25.15
C LEU A 10 49.25 34.38 -26.39
N THR A 11 48.73 33.55 -27.31
CA THR A 11 49.30 33.44 -28.64
C THR A 11 48.31 34.10 -29.61
N THR A 12 48.80 35.08 -30.39
CA THR A 12 48.04 35.79 -31.41
C THR A 12 48.85 35.92 -32.71
N PHE A 13 48.18 36.31 -33.81
CA PHE A 13 48.83 36.50 -35.10
C PHE A 13 49.53 37.83 -35.16
N SER A 14 50.76 37.82 -35.61
CA SER A 14 51.49 39.06 -35.89
C SER A 14 51.04 39.61 -37.27
N PRO A 15 51.39 40.88 -37.62
CA PRO A 15 51.09 41.43 -38.93
C PRO A 15 51.46 40.55 -40.13
N SER A 16 52.57 39.83 -40.03
CA SER A 16 53.04 38.95 -41.11
C SER A 16 52.39 37.57 -41.11
N GLY A 17 51.39 37.35 -40.26
CA GLY A 17 50.73 36.05 -40.16
C GLY A 17 51.43 34.98 -39.34
N LYS A 18 52.42 35.35 -38.55
CA LYS A 18 53.13 34.42 -37.68
C LYS A 18 52.46 34.37 -36.29
N LEU A 19 52.45 33.18 -35.69
CA LEU A 19 52.13 33.00 -34.29
C LEU A 19 53.44 32.90 -33.56
N VAL A 20 53.98 34.06 -33.10
CA VAL A 20 55.34 34.09 -32.58
C VAL A 20 55.54 33.21 -31.33
N GLN A 21 54.56 33.20 -30.41
CA GLN A 21 54.71 32.31 -29.22
C GLN A 21 54.99 30.82 -29.55
N ILE A 22 54.50 30.37 -30.70
CA ILE A 22 54.78 29.03 -31.20
C ILE A 22 56.17 28.91 -31.80
N GLU A 23 56.58 29.92 -32.58
CA GLU A 23 57.94 29.95 -33.03
C GLU A 23 58.86 29.92 -31.79
N TYR A 24 58.52 30.71 -30.80
CA TYR A 24 59.43 30.87 -29.65
C TYR A 24 59.46 29.60 -28.83
N ALA A 25 58.34 28.87 -28.81
CA ALA A 25 58.34 27.52 -28.33
C ALA A 25 59.29 26.62 -29.09
N LEU A 26 59.29 26.74 -30.43
CA LEU A 26 60.21 26.00 -31.31
C LEU A 26 61.67 26.28 -30.99
N ALA A 27 61.94 27.51 -30.60
CA ALA A 27 63.32 27.89 -30.25
C ALA A 27 63.73 27.20 -28.92
N ALA A 28 62.81 27.08 -27.96
CA ALA A 28 63.06 26.24 -26.79
C ALA A 28 63.37 24.79 -27.17
N VAL A 29 62.61 24.26 -28.13
CA VAL A 29 62.85 22.90 -28.62
C VAL A 29 64.21 22.79 -29.28
N ALA A 30 64.58 23.78 -30.10
CA ALA A 30 65.90 23.77 -30.79
C ALA A 30 67.11 23.82 -29.85
N GLY A 31 66.94 24.41 -28.68
CA GLY A 31 68.00 24.42 -27.64
C GLY A 31 67.95 23.24 -26.67
N GLY A 32 66.99 22.33 -26.87
CA GLY A 32 66.89 21.13 -26.06
C GLY A 32 67.94 20.11 -26.42
N ALA A 33 68.10 19.10 -25.57
CA ALA A 33 69.06 18.03 -25.79
C ALA A 33 68.68 17.22 -27.04
N PRO A 34 69.68 16.79 -27.82
CA PRO A 34 69.32 15.99 -29.03
C PRO A 34 68.48 14.72 -28.76
N SER A 35 67.54 14.47 -29.67
CA SER A 35 66.72 13.23 -29.72
C SER A 35 66.68 12.69 -31.14
N VAL A 36 66.59 11.37 -31.26
CA VAL A 36 66.67 10.64 -32.53
C VAL A 36 65.60 9.52 -32.55
N GLY A 37 64.98 9.39 -33.72
CA GLY A 37 64.02 8.34 -33.99
C GLY A 37 64.35 7.68 -35.34
N ILE A 38 64.48 6.35 -35.35
CA ILE A 38 64.65 5.59 -36.58
C ILE A 38 63.63 4.44 -36.64
N LYS A 39 62.87 4.41 -37.74
CA LYS A 39 61.99 3.27 -38.09
C LYS A 39 62.73 2.18 -38.89
N ALA A 40 63.02 1.05 -38.24
CA ALA A 40 63.54 -0.11 -38.95
C ALA A 40 62.38 -0.83 -39.68
N ALA A 41 62.71 -1.91 -40.38
CA ALA A 41 61.70 -2.74 -41.01
C ALA A 41 60.89 -3.46 -39.92
N ASN A 42 61.60 -4.04 -38.95
CA ASN A 42 61.02 -4.87 -37.87
C ASN A 42 60.94 -4.18 -36.50
N GLY A 43 61.00 -2.85 -36.47
CA GLY A 43 60.90 -2.09 -35.21
C GLY A 43 61.21 -0.60 -35.26
N VAL A 44 61.23 0.04 -34.11
CA VAL A 44 61.60 1.47 -34.00
C VAL A 44 62.52 1.69 -32.82
N VAL A 45 63.46 2.63 -32.98
CA VAL A 45 64.33 3.07 -31.90
C VAL A 45 64.15 4.57 -31.67
N LEU A 46 64.02 4.92 -30.39
CA LEU A 46 64.12 6.26 -29.90
C LEU A 46 65.39 6.36 -29.04
N ALA A 47 66.13 7.46 -29.20
CA ALA A 47 67.32 7.67 -28.40
C ALA A 47 67.55 9.14 -28.13
N THR A 48 68.13 9.43 -26.97
CA THR A 48 68.27 10.80 -26.55
C THR A 48 69.52 10.93 -25.71
N GLU A 49 70.01 12.16 -25.64
CA GLU A 49 71.13 12.50 -24.78
C GLU A 49 70.58 12.87 -23.42
N LYS A 50 71.16 12.31 -22.38
CA LYS A 50 70.98 12.85 -21.02
C LYS A 50 72.03 13.88 -20.70
N LYS A 51 71.69 15.17 -20.87
CA LYS A 51 72.48 16.30 -20.30
C LYS A 51 72.80 16.04 -18.80
N GLN A 52 73.85 15.25 -18.58
CA GLN A 52 74.27 14.82 -17.27
C GLN A 52 75.43 15.66 -16.79
N LYS A 53 75.13 16.80 -16.18
CA LYS A 53 76.17 17.57 -15.49
C LYS A 53 76.65 16.65 -14.36
N SER A 54 77.10 17.21 -13.25
CA SER A 54 77.44 16.43 -12.04
C SER A 54 77.34 14.89 -12.05
N ILE A 55 78.41 14.21 -11.67
CA ILE A 55 78.34 12.79 -11.26
C ILE A 55 77.37 12.55 -10.05
N LEU A 56 76.97 13.61 -9.35
CA LEU A 56 76.02 13.53 -8.23
C LEU A 56 74.56 13.13 -8.59
N TYR A 57 74.12 13.33 -9.84
CA TYR A 57 72.81 12.89 -10.28
C TYR A 57 72.70 11.37 -10.19
N ASP A 58 71.55 10.89 -9.71
CA ASP A 58 71.22 9.47 -9.79
C ASP A 58 70.53 9.32 -11.13
N GLU A 59 71.30 8.80 -12.10
N GLU A 59 71.29 8.82 -12.10
CA GLU A 59 70.86 8.65 -13.49
CA GLU A 59 70.84 8.70 -13.50
C GLU A 59 69.56 7.89 -13.71
C GLU A 59 69.56 7.89 -13.71
N ARG A 60 69.36 6.83 -12.93
CA ARG A 60 68.16 5.98 -13.03
C ARG A 60 66.90 6.60 -12.40
N SER A 61 67.02 7.69 -11.65
CA SER A 61 65.92 8.29 -10.88
C SER A 61 64.80 8.88 -11.71
N VAL A 62 65.11 9.43 -12.88
CA VAL A 62 64.05 9.89 -13.80
C VAL A 62 64.46 9.60 -15.23
N HIS A 63 63.48 9.47 -16.11
CA HIS A 63 63.70 9.01 -17.51
C HIS A 63 63.10 9.97 -18.50
N LYS A 64 63.70 10.03 -19.67
CA LYS A 64 63.20 10.83 -20.77
C LYS A 64 62.44 9.98 -21.81
N VAL A 65 62.86 8.73 -21.98
CA VAL A 65 62.20 7.78 -22.84
C VAL A 65 61.18 7.04 -21.96
N GLU A 66 59.90 7.22 -22.27
CA GLU A 66 58.81 6.77 -21.39
C GLU A 66 57.78 5.89 -22.10
N PRO A 67 57.31 4.83 -21.41
CA PRO A 67 56.18 4.01 -21.93
C PRO A 67 54.84 4.74 -21.81
N ILE A 68 54.04 4.67 -22.87
CA ILE A 68 52.66 5.18 -22.82
C ILE A 68 51.68 4.01 -22.63
N THR A 69 51.85 2.96 -23.42
CA THR A 69 51.16 1.71 -23.30
C THR A 69 52.18 0.64 -23.51
N LYS A 70 51.74 -0.61 -23.46
CA LYS A 70 52.59 -1.77 -23.72
C LYS A 70 53.31 -1.70 -25.07
N HIS A 71 52.72 -0.98 -26.02
CA HIS A 71 53.12 -0.98 -27.43
C HIS A 71 53.54 0.41 -27.99
N ILE A 72 53.45 1.45 -27.17
CA ILE A 72 53.75 2.83 -27.53
C ILE A 72 54.72 3.47 -26.50
N GLY A 73 55.69 4.22 -27.04
CA GLY A 73 56.66 4.94 -26.22
C GLY A 73 56.98 6.32 -26.78
N LEU A 74 57.63 7.13 -25.93
CA LEU A 74 57.83 8.58 -26.15
C LEU A 74 59.24 9.05 -25.76
N VAL A 75 59.74 10.03 -26.51
CA VAL A 75 60.83 10.89 -26.10
C VAL A 75 60.54 12.31 -26.61
N TYR A 76 61.33 13.30 -26.19
CA TYR A 76 61.11 14.69 -26.53
C TYR A 76 62.43 15.41 -26.71
N SER A 77 62.34 16.65 -27.17
CA SER A 77 63.39 17.63 -27.06
C SER A 77 62.68 18.91 -26.64
N GLY A 78 63.30 19.62 -25.69
CA GLY A 78 62.73 20.85 -25.16
C GLY A 78 62.74 20.85 -23.65
N MET A 79 61.66 21.38 -23.08
CA MET A 79 61.49 21.53 -21.66
C MET A 79 60.85 20.31 -21.02
N GLY A 80 61.65 19.62 -20.22
CA GLY A 80 61.24 18.40 -19.55
C GLY A 80 59.94 18.44 -18.76
N PRO A 81 59.74 19.47 -17.94
CA PRO A 81 58.50 19.53 -17.15
C PRO A 81 57.24 19.66 -18.01
N ASP A 82 57.37 20.36 -19.15
CA ASP A 82 56.27 20.41 -20.14
C ASP A 82 55.99 19.00 -20.71
N TYR A 83 57.04 18.25 -21.05
CA TYR A 83 56.96 16.85 -21.46
C TYR A 83 56.17 15.93 -20.49
N ARG A 84 56.40 16.10 -19.18
CA ARG A 84 55.75 15.28 -18.18
C ARG A 84 54.23 15.45 -18.21
N VAL A 85 53.77 16.67 -18.43
CA VAL A 85 52.36 16.96 -18.64
C VAL A 85 51.80 16.08 -19.77
N LEU A 86 52.55 16.01 -20.87
CA LEU A 86 52.07 15.31 -22.05
C LEU A 86 52.15 13.81 -21.93
N VAL A 87 53.17 13.31 -21.21
CA VAL A 87 53.27 11.90 -20.91
C VAL A 87 52.01 11.48 -20.15
N HIS A 88 51.69 12.21 -19.09
CA HIS A 88 50.50 11.96 -18.28
C HIS A 88 49.18 12.01 -19.14
N ARG A 89 49.00 13.04 -19.96
CA ARG A 89 47.81 13.14 -20.81
CA ARG A 89 47.81 13.16 -20.79
C ARG A 89 47.75 12.01 -21.81
N ALA A 90 48.88 11.70 -22.42
CA ALA A 90 48.93 10.62 -23.41
C ALA A 90 48.49 9.30 -22.79
N ARG A 91 48.99 9.02 -21.60
CA ARG A 91 48.68 7.79 -20.91
C ARG A 91 47.19 7.70 -20.65
N LYS A 92 46.62 8.82 -20.25
CA LYS A 92 45.21 8.94 -19.87
C LYS A 92 44.32 8.79 -21.12
N LEU A 93 44.75 9.37 -22.23
CA LEU A 93 44.08 9.20 -23.52
C LEU A 93 44.12 7.77 -24.01
N ALA A 94 45.26 7.09 -23.79
CA ALA A 94 45.39 5.70 -24.19
C ALA A 94 44.40 4.81 -23.44
N GLN A 95 44.24 5.07 -22.15
CA GLN A 95 43.31 4.31 -21.32
C GLN A 95 41.83 4.58 -21.64
N GLN A 96 41.48 5.86 -21.82
CA GLN A 96 40.13 6.26 -22.23
C GLN A 96 39.68 5.53 -23.53
N TYR A 97 40.55 5.50 -24.52
CA TYR A 97 40.37 4.70 -25.71
C TYR A 97 40.20 3.22 -25.41
N TYR A 98 41.08 2.67 -24.57
CA TYR A 98 41.03 1.24 -24.27
C TYR A 98 39.72 0.85 -23.54
N LEU A 99 39.20 1.75 -22.71
CA LEU A 99 37.98 1.42 -21.95
C LEU A 99 36.76 1.28 -22.87
N VAL A 100 36.71 2.08 -23.93
CA VAL A 100 35.65 2.04 -24.92
C VAL A 100 35.83 0.88 -25.91
N TYR A 101 37.00 0.75 -26.50
CA TYR A 101 37.20 -0.17 -27.62
C TYR A 101 37.80 -1.51 -27.26
N GLN A 102 38.37 -1.64 -26.06
CA GLN A 102 39.02 -2.88 -25.58
C GLN A 102 40.11 -3.38 -26.56
N GLU A 103 40.78 -2.42 -27.13
CA GLU A 103 41.82 -2.67 -28.08
C GLU A 103 42.93 -1.61 -27.80
N PRO A 104 44.22 -1.99 -27.92
CA PRO A 104 45.21 -0.89 -27.67
C PRO A 104 45.07 0.21 -28.73
N ILE A 105 45.16 1.44 -28.29
CA ILE A 105 45.05 2.59 -29.17
C ILE A 105 46.09 2.49 -30.30
N PRO A 106 45.67 2.65 -31.56
CA PRO A 106 46.66 2.75 -32.64
C PRO A 106 47.53 3.98 -32.49
N THR A 107 48.82 3.84 -32.79
CA THR A 107 49.78 4.92 -32.63
C THR A 107 49.29 6.22 -33.22
N ALA A 108 48.77 6.18 -34.44
CA ALA A 108 48.30 7.39 -35.13
C ALA A 108 47.14 8.05 -34.41
N GLN A 109 46.25 7.24 -33.85
CA GLN A 109 45.16 7.78 -33.03
C GLN A 109 45.66 8.43 -31.76
N LEU A 110 46.65 7.83 -31.11
CA LEU A 110 47.25 8.43 -29.92
C LEU A 110 47.92 9.78 -30.25
N VAL A 111 48.69 9.81 -31.32
CA VAL A 111 49.39 11.03 -31.73
C VAL A 111 48.37 12.14 -31.99
N GLN A 112 47.29 11.84 -32.71
CA GLN A 112 46.25 12.84 -33.03
C GLN A 112 45.67 13.47 -31.79
N ARG A 113 45.34 12.63 -30.84
CA ARG A 113 44.76 13.09 -29.61
C ARG A 113 45.76 13.94 -28.82
N VAL A 114 47.02 13.52 -28.78
CA VAL A 114 48.04 14.31 -28.08
C VAL A 114 48.33 15.63 -28.80
N ALA A 115 48.32 15.59 -30.12
CA ALA A 115 48.59 16.82 -30.90
C ALA A 115 47.48 17.84 -30.70
N SER A 116 46.26 17.36 -30.59
CA SER A 116 45.12 18.18 -30.34
C SER A 116 45.21 18.93 -29.00
N VAL A 117 45.73 18.24 -27.96
CA VAL A 117 45.99 18.88 -26.70
C VAL A 117 47.03 19.97 -26.84
N MET A 118 48.07 19.68 -27.59
CA MET A 118 49.10 20.71 -27.88
C MET A 118 48.55 21.95 -28.57
N GLN A 119 47.67 21.77 -29.54
CA GLN A 119 46.96 22.87 -30.19
C GLN A 119 46.17 23.75 -29.21
N GLU A 120 45.51 23.12 -28.26
CA GLU A 120 44.72 23.89 -27.26
C GLU A 120 45.52 24.94 -26.54
N TYR A 121 46.77 24.61 -26.22
CA TYR A 121 47.65 25.52 -25.50
C TYR A 121 48.20 26.63 -26.39
N THR A 122 47.82 26.69 -27.68
CA THR A 122 48.18 27.78 -28.59
C THR A 122 47.03 28.76 -28.81
N GLN A 123 45.90 28.51 -28.15
CA GLN A 123 44.69 29.29 -28.38
C GLN A 123 43.88 29.56 -27.13
N SER A 124 43.86 28.61 -26.23
CA SER A 124 43.11 28.73 -25.01
C SER A 124 43.60 29.88 -24.10
N GLY A 125 42.77 30.32 -23.19
CA GLY A 125 43.06 31.48 -22.38
C GLY A 125 44.19 31.28 -21.38
N GLY A 126 45.04 32.29 -21.28
CA GLY A 126 45.94 32.44 -20.19
C GLY A 126 47.10 31.47 -20.14
N VAL A 127 47.42 30.78 -21.22
CA VAL A 127 48.47 29.81 -21.24
C VAL A 127 49.40 30.01 -22.41
N ARG A 128 50.62 29.50 -22.25
CA ARG A 128 51.60 29.47 -23.33
C ARG A 128 51.62 28.10 -23.98
N PRO A 129 52.10 28.00 -25.23
CA PRO A 129 52.28 26.67 -25.79
C PRO A 129 53.31 25.86 -25.05
N PHE A 130 53.30 24.56 -25.28
CA PHE A 130 54.30 23.64 -24.76
C PHE A 130 55.58 23.86 -25.48
N GLY A 131 56.67 23.90 -24.73
CA GLY A 131 58.01 24.06 -25.34
C GLY A 131 58.68 22.72 -25.60
N VAL A 132 57.95 21.81 -26.24
CA VAL A 132 58.49 20.49 -26.53
C VAL A 132 58.04 20.04 -27.90
N SER A 133 58.88 19.22 -28.53
CA SER A 133 58.44 18.36 -29.58
C SER A 133 58.59 16.94 -29.07
N LEU A 134 57.56 16.12 -29.36
CA LEU A 134 57.54 14.71 -29.03
C LEU A 134 57.95 13.90 -30.24
N LEU A 135 58.68 12.80 -30.00
CA LEU A 135 58.77 11.68 -30.95
C LEU A 135 58.06 10.48 -30.32
N ILE A 136 57.16 9.88 -31.09
CA ILE A 136 56.25 8.81 -30.62
C ILE A 136 56.48 7.59 -31.46
N CYS A 137 56.82 6.47 -30.83
CA CYS A 137 56.99 5.21 -31.56
C CYS A 137 55.93 4.20 -31.14
N GLY A 138 55.60 3.31 -32.06
CA GLY A 138 54.62 2.28 -31.78
C GLY A 138 54.59 1.15 -32.78
N TRP A 139 53.88 0.08 -32.41
CA TRP A 139 53.67 -1.06 -33.26
C TRP A 139 52.21 -1.47 -33.19
N ASN A 140 51.52 -1.41 -34.33
CA ASN A 140 50.18 -2.01 -34.46
C ASN A 140 49.85 -2.31 -35.95
N GLU A 141 48.94 -3.25 -36.21
CA GLU A 141 48.74 -3.81 -37.58
C GLU A 141 49.97 -4.51 -38.15
N GLY A 142 50.77 -5.13 -37.26
CA GLY A 142 52.00 -5.85 -37.66
C GLY A 142 53.04 -4.96 -38.32
N ARG A 143 53.13 -3.70 -37.90
CA ARG A 143 53.95 -2.69 -38.62
C ARG A 143 54.39 -1.55 -37.67
N PRO A 144 55.64 -1.06 -37.84
CA PRO A 144 56.14 0.02 -36.95
C PRO A 144 55.78 1.44 -37.36
N TYR A 145 55.56 2.32 -36.40
CA TYR A 145 55.28 3.75 -36.66
C TYR A 145 56.22 4.69 -35.90
N LEU A 146 56.60 5.79 -36.55
CA LEU A 146 57.34 6.89 -35.91
C LEU A 146 56.68 8.22 -36.27
N PHE A 147 56.29 8.97 -35.25
CA PHE A 147 55.68 10.26 -35.42
C PHE A 147 56.42 11.34 -34.61
N GLN A 148 56.33 12.57 -35.11
CA GLN A 148 56.70 13.76 -34.38
C GLN A 148 55.48 14.64 -34.15
N SER A 149 55.41 15.32 -32.99
CA SER A 149 54.36 16.30 -32.77
C SER A 149 55.02 17.55 -32.19
N ASP A 150 54.78 18.69 -32.84
CA ASP A 150 55.45 19.97 -32.52
CA ASP A 150 55.47 19.95 -32.53
C ASP A 150 54.59 20.90 -31.65
N PRO A 151 55.17 21.99 -31.12
CA PRO A 151 54.39 22.94 -30.31
C PRO A 151 53.09 23.52 -30.86
N SER A 152 52.92 23.61 -32.17
CA SER A 152 51.67 24.06 -32.76
C SER A 152 50.56 23.00 -32.65
N GLY A 153 50.94 21.74 -32.43
CA GLY A 153 50.00 20.63 -32.49
C GLY A 153 50.02 19.97 -33.85
N ALA A 154 50.94 20.35 -34.73
CA ALA A 154 51.06 19.66 -36.02
C ALA A 154 51.85 18.40 -35.77
N TYR A 155 51.53 17.32 -36.49
CA TYR A 155 52.25 16.05 -36.41
C TYR A 155 52.66 15.56 -37.79
N PHE A 156 53.67 14.71 -37.82
CA PHE A 156 54.26 14.21 -39.05
C PHE A 156 54.75 12.77 -38.84
N ALA A 157 54.62 11.94 -39.85
CA ALA A 157 55.16 10.57 -39.79
C ALA A 157 56.54 10.57 -40.43
N TRP A 158 57.49 9.89 -39.79
CA TRP A 158 58.89 9.85 -40.21
C TRP A 158 59.40 8.44 -40.38
N LYS A 159 60.28 8.26 -41.34
CA LYS A 159 61.15 7.09 -41.39
C LYS A 159 62.30 7.26 -40.39
N ALA A 160 62.86 8.48 -40.31
CA ALA A 160 63.87 8.82 -39.33
C ALA A 160 63.99 10.33 -39.25
N THR A 161 64.34 10.81 -38.06
CA THR A 161 64.53 12.24 -37.83
C THR A 161 65.30 12.53 -36.55
N ALA A 162 65.59 13.81 -36.36
CA ALA A 162 66.37 14.31 -35.23
C ALA A 162 65.75 15.62 -34.79
N MET A 163 65.90 15.94 -33.52
CA MET A 163 65.36 17.18 -32.97
C MET A 163 66.23 17.71 -31.82
N GLY A 164 66.00 18.95 -31.42
CA GLY A 164 66.86 19.59 -30.42
C GLY A 164 68.17 20.12 -31.03
N LYS A 165 69.16 20.41 -30.19
CA LYS A 165 70.46 20.96 -30.63
C LYS A 165 70.98 20.14 -31.82
N ASN A 166 71.49 20.84 -32.83
CA ASN A 166 72.21 20.20 -33.93
C ASN A 166 71.37 19.24 -34.80
N TYR A 167 70.05 19.45 -34.82
CA TYR A 167 69.12 18.56 -35.52
C TYR A 167 69.27 18.58 -37.06
N VAL A 168 69.53 19.77 -37.60
CA VAL A 168 69.72 19.95 -39.04
C VAL A 168 70.81 19.01 -39.57
N ASN A 169 71.97 19.02 -38.92
CA ASN A 169 73.05 18.10 -39.25
C ASN A 169 72.67 16.65 -39.00
N GLY A 170 72.00 16.40 -37.87
CA GLY A 170 71.51 15.06 -37.53
C GLY A 170 70.66 14.46 -38.63
N LYS A 171 69.76 15.26 -39.16
CA LYS A 171 68.88 14.85 -40.27
C LYS A 171 69.65 14.50 -41.57
N THR A 172 70.64 15.32 -41.97
CA THR A 172 71.42 15.00 -43.17
C THR A 172 72.33 13.79 -42.91
N PHE A 173 72.78 13.60 -41.66
CA PHE A 173 73.54 12.39 -41.30
C PHE A 173 72.67 11.14 -41.52
N LEU A 174 71.43 11.18 -41.03
CA LEU A 174 70.48 10.10 -41.24
C LEU A 174 70.07 9.90 -42.70
N GLU A 175 69.85 10.98 -43.44
CA GLU A 175 69.59 10.90 -44.89
C GLU A 175 70.63 10.03 -45.56
N LYS A 176 71.90 10.33 -45.29
CA LYS A 176 73.00 9.59 -45.87
C LYS A 176 73.35 8.34 -45.06
N ARG A 177 72.36 7.58 -44.58
CA ARG A 177 72.62 6.40 -43.69
C ARG A 177 71.45 5.45 -43.45
N TYR A 178 70.23 5.96 -43.49
CA TYR A 178 69.03 5.13 -43.36
C TYR A 178 68.70 4.44 -44.68
N ASN A 179 68.20 3.19 -44.61
CA ASN A 179 67.47 2.58 -45.73
C ASN A 179 66.18 1.85 -45.29
N GLU A 180 65.34 1.54 -46.27
CA GLU A 180 64.01 0.94 -46.05
C GLU A 180 64.10 -0.45 -45.42
N ASP A 181 65.09 -1.23 -45.87
CA ASP A 181 65.26 -2.63 -45.45
C ASP A 181 66.12 -2.80 -44.18
N LEU A 182 66.39 -1.73 -43.45
CA LEU A 182 67.27 -1.79 -42.28
C LEU A 182 66.67 -2.54 -41.08
N GLU A 183 67.47 -3.40 -40.44
CA GLU A 183 67.07 -4.13 -39.21
C GLU A 183 67.08 -3.23 -37.96
N LEU A 184 66.45 -3.70 -36.89
CA LEU A 184 66.36 -2.96 -35.63
C LEU A 184 67.73 -2.87 -34.96
N GLU A 185 68.46 -3.98 -34.88
CA GLU A 185 69.75 -3.98 -34.17
C GLU A 185 70.71 -3.00 -34.84
N ASP A 186 70.66 -2.90 -36.16
CA ASP A 186 71.48 -1.94 -36.93
C ASP A 186 71.01 -0.52 -36.73
N ALA A 187 69.69 -0.33 -36.71
CA ALA A 187 69.07 0.97 -36.41
C ALA A 187 69.43 1.56 -35.04
N ILE A 188 69.58 0.70 -34.03
CA ILE A 188 70.02 1.11 -32.69
C ILE A 188 71.44 1.66 -32.79
N HIS A 189 72.29 0.95 -33.51
CA HIS A 189 73.68 1.38 -33.78
C HIS A 189 73.69 2.76 -34.44
N THR A 190 72.90 2.96 -35.51
CA THR A 190 72.98 4.22 -36.26
C THR A 190 72.32 5.38 -35.48
N ALA A 191 71.30 5.07 -34.68
CA ALA A 191 70.72 6.05 -33.77
C ALA A 191 71.77 6.59 -32.78
N ILE A 192 72.52 5.70 -32.16
CA ILE A 192 73.55 6.09 -31.24
C ILE A 192 74.65 6.91 -31.96
N LEU A 193 75.02 6.48 -33.17
CA LEU A 193 76.00 7.22 -33.97
C LEU A 193 75.54 8.67 -34.26
N THR A 194 74.26 8.85 -34.56
CA THR A 194 73.71 10.17 -34.82
C THR A 194 73.87 11.06 -33.60
N LEU A 195 73.66 10.51 -32.41
CA LEU A 195 73.87 11.25 -31.18
C LEU A 195 75.34 11.59 -30.95
N LYS A 196 76.26 10.68 -31.29
CA LYS A 196 77.71 10.92 -31.15
C LYS A 196 78.16 12.10 -31.99
N GLU A 197 77.49 12.29 -33.13
CA GLU A 197 77.70 13.44 -34.03
C GLU A 197 77.50 14.80 -33.41
N SER A 198 76.78 14.89 -32.31
CA SER A 198 76.57 16.16 -31.63
C SER A 198 76.78 16.05 -30.11
N PHE A 199 77.59 15.10 -29.66
CA PHE A 199 77.62 14.79 -28.22
C PHE A 199 78.54 15.75 -27.47
N GLU A 200 79.86 15.54 -27.57
CA GLU A 200 80.82 16.24 -26.70
C GLU A 200 80.82 15.66 -25.28
N GLY A 201 81.82 14.86 -24.95
CA GLY A 201 82.02 14.43 -23.58
C GLY A 201 82.33 12.97 -23.30
N GLN A 202 82.24 12.10 -24.30
CA GLN A 202 82.40 10.65 -24.11
C GLN A 202 81.07 10.03 -23.59
N MET A 203 80.56 9.06 -24.35
CA MET A 203 79.30 8.40 -24.06
C MET A 203 79.46 7.24 -23.09
N THR A 204 78.61 7.25 -22.07
CA THR A 204 78.42 6.10 -21.21
C THR A 204 76.99 5.64 -21.36
N GLU A 205 76.74 4.43 -20.89
CA GLU A 205 75.39 3.89 -20.77
C GLU A 205 74.46 4.66 -19.81
N ASP A 206 75.06 5.53 -18.99
CA ASP A 206 74.36 6.30 -17.97
C ASP A 206 73.99 7.69 -18.45
N ASN A 207 74.54 8.14 -19.59
CA ASN A 207 74.17 9.45 -20.13
C ASN A 207 73.55 9.46 -21.53
N ILE A 208 73.20 8.29 -22.04
CA ILE A 208 72.17 8.19 -23.07
C ILE A 208 71.05 7.25 -22.61
N GLU A 209 69.88 7.46 -23.18
CA GLU A 209 68.72 6.60 -22.93
C GLU A 209 68.16 6.18 -24.27
N VAL A 210 67.91 4.88 -24.39
CA VAL A 210 67.39 4.29 -25.62
C VAL A 210 66.11 3.49 -25.31
N GLY A 211 65.11 3.64 -26.17
CA GLY A 211 63.91 2.83 -26.13
C GLY A 211 63.73 2.15 -27.45
N ILE A 212 63.18 0.94 -27.40
CA ILE A 212 62.88 0.18 -28.63
C ILE A 212 61.41 -0.25 -28.67
N CYS A 213 60.91 -0.41 -29.88
CA CYS A 213 59.55 -0.80 -30.13
C CYS A 213 59.47 -1.87 -31.20
N ASN A 214 58.86 -2.99 -30.87
CA ASN A 214 58.58 -4.03 -31.87
C ASN A 214 57.34 -4.84 -31.51
N GLU A 215 57.09 -5.90 -32.27
CA GLU A 215 56.01 -6.83 -32.01
C GLU A 215 55.84 -7.21 -30.53
N ALA A 216 56.93 -7.44 -29.81
CA ALA A 216 56.84 -7.79 -28.37
C ALA A 216 56.32 -6.67 -27.49
N GLY A 217 56.54 -5.42 -27.90
CA GLY A 217 56.05 -4.22 -27.20
C GLY A 217 57.12 -3.14 -27.14
N PHE A 218 56.84 -2.07 -26.40
CA PHE A 218 57.79 -1.00 -26.15
C PHE A 218 58.46 -1.14 -24.79
N ARG A 219 59.77 -1.03 -24.75
CA ARG A 219 60.50 -0.90 -23.50
C ARG A 219 61.78 -0.04 -23.66
N ARG A 220 62.27 0.47 -22.52
CA ARG A 220 63.58 1.09 -22.45
C ARG A 220 64.61 0.01 -22.46
N LEU A 221 65.74 0.26 -23.12
CA LEU A 221 66.94 -0.56 -22.93
C LEU A 221 67.54 -0.33 -21.54
N THR A 222 68.11 -1.38 -20.99
CA THR A 222 68.69 -1.34 -19.67
C THR A 222 70.12 -0.76 -19.85
N PRO A 223 70.70 -0.14 -18.79
CA PRO A 223 72.11 0.27 -18.87
C PRO A 223 73.04 -0.80 -19.46
N THR A 224 72.94 -2.06 -19.00
CA THR A 224 73.81 -3.14 -19.49
C THR A 224 73.63 -3.47 -21.00
N GLU A 225 72.46 -3.19 -21.57
CA GLU A 225 72.20 -3.40 -23.00
C GLU A 225 72.84 -2.30 -23.81
N VAL A 226 72.62 -1.06 -23.39
CA VAL A 226 73.18 0.12 -24.04
C VAL A 226 74.71 0.08 -24.05
N LYS A 227 75.31 -0.36 -22.93
CA LYS A 227 76.79 -0.58 -22.78
C LYS A 227 77.32 -1.43 -23.91
N ASP A 228 76.63 -2.54 -24.17
CA ASP A 228 76.94 -3.52 -25.23
C ASP A 228 76.92 -2.92 -26.67
N TYR A 229 75.95 -2.05 -26.96
CA TYR A 229 75.92 -1.30 -28.22
C TYR A 229 77.00 -0.24 -28.28
N LEU A 230 77.34 0.35 -27.13
CA LEU A 230 78.47 1.30 -27.00
C LEU A 230 79.86 0.69 -27.07
N ALA A 231 79.99 -0.62 -26.87
CA ALA A 231 81.30 -1.28 -26.99
C ALA A 231 81.89 -1.24 -28.44
N ALA A 232 80.99 -1.22 -29.43
CA ALA A 232 81.33 -1.00 -30.88
C ALA A 232 81.52 0.50 -31.30
N ILE A 233 81.07 1.42 -30.44
CA ILE A 233 81.23 2.88 -30.56
C ILE A 233 82.17 3.40 -29.45
N SER B 2 43.39 40.27 -16.62
CA SER B 2 44.30 41.48 -16.45
C SER B 2 44.43 42.27 -17.78
N ARG B 3 44.15 43.54 -17.64
CA ARG B 3 43.94 44.44 -18.78
C ARG B 3 45.23 44.65 -19.52
N ARG B 4 46.28 44.91 -18.78
CA ARG B 4 47.64 45.08 -19.29
C ARG B 4 48.01 44.03 -20.35
N TYR B 5 47.70 42.75 -20.11
CA TYR B 5 48.27 41.68 -20.94
C TYR B 5 47.38 41.27 -22.10
N ASP B 6 46.15 41.77 -22.10
CA ASP B 6 45.09 41.27 -23.00
C ASP B 6 45.31 41.94 -24.36
N SER B 7 45.72 41.15 -25.36
CA SER B 7 45.99 41.72 -26.67
C SER B 7 44.70 42.12 -27.45
N ARG B 8 43.52 41.71 -26.99
CA ARG B 8 42.25 42.27 -27.45
C ARG B 8 41.94 41.88 -28.87
N THR B 9 41.77 40.58 -29.04
CA THR B 9 41.66 39.96 -30.32
C THR B 9 40.34 40.18 -31.03
N THR B 10 39.28 40.58 -30.33
CA THR B 10 37.94 40.61 -30.92
C THR B 10 37.35 42.01 -30.80
N ILE B 11 38.16 43.02 -31.09
CA ILE B 11 37.68 44.40 -31.13
C ILE B 11 37.92 44.97 -32.54
N PHE B 12 37.19 46.04 -32.86
CA PHE B 12 37.44 46.77 -34.11
C PHE B 12 38.65 47.67 -34.01
N SER B 13 39.35 47.83 -35.14
CA SER B 13 40.26 48.94 -35.36
C SER B 13 39.49 50.20 -35.80
N PRO B 14 40.16 51.36 -35.83
CA PRO B 14 39.47 52.58 -36.23
C PRO B 14 38.83 52.63 -37.63
N GLU B 15 39.30 51.77 -38.55
CA GLU B 15 38.70 51.78 -39.89
C GLU B 15 37.56 50.72 -40.04
N GLY B 16 37.18 50.07 -38.93
CA GLY B 16 36.15 49.06 -38.95
C GLY B 16 36.75 47.73 -39.34
N ARG B 17 38.01 47.51 -39.00
CA ARG B 17 38.72 46.28 -39.37
C ARG B 17 38.97 45.38 -38.16
N LEU B 18 39.13 44.10 -38.47
CA LEU B 18 39.44 43.09 -37.52
C LEU B 18 40.85 42.61 -37.80
N TYR B 19 41.82 43.20 -37.10
CA TYR B 19 43.20 42.92 -37.39
C TYR B 19 43.57 41.44 -37.35
N GLN B 20 43.13 40.71 -36.30
CA GLN B 20 43.50 39.30 -36.17
C GLN B 20 43.01 38.45 -37.34
N VAL B 21 41.81 38.74 -37.81
CA VAL B 21 41.31 38.14 -39.02
C VAL B 21 42.21 38.42 -40.23
N GLU B 22 42.54 39.69 -40.46
CA GLU B 22 43.42 40.06 -41.57
C GLU B 22 44.74 39.32 -41.42
N TYR B 23 45.27 39.25 -40.19
CA TYR B 23 46.61 38.69 -40.01
C TYR B 23 46.60 37.20 -40.23
N ALA B 24 45.55 36.55 -39.76
CA ALA B 24 45.34 35.13 -40.10
C ALA B 24 45.28 34.89 -41.63
N MET B 25 44.63 35.80 -42.34
CA MET B 25 44.59 35.76 -43.82
CA MET B 25 44.61 35.76 -43.82
C MET B 25 46.01 35.85 -44.42
N GLU B 26 46.93 36.59 -43.79
CA GLU B 26 48.34 36.58 -44.25
C GLU B 26 48.98 35.22 -44.04
N ALA B 27 48.68 34.59 -42.91
CA ALA B 27 49.24 33.27 -42.65
C ALA B 27 48.85 32.28 -43.76
N ILE B 28 47.58 32.37 -44.16
CA ILE B 28 46.99 31.49 -45.21
C ILE B 28 47.65 31.70 -46.57
N GLY B 29 47.89 32.97 -46.93
CA GLY B 29 48.54 33.32 -48.16
C GLY B 29 49.90 32.65 -48.37
N HIS B 30 50.57 32.27 -47.28
CA HIS B 30 51.90 31.64 -47.31
C HIS B 30 51.80 30.14 -47.37
N ALA B 31 50.72 29.59 -46.84
CA ALA B 31 50.46 28.13 -46.91
C ALA B 31 50.35 27.53 -48.34
N GLY B 32 50.45 26.20 -48.39
CA GLY B 32 50.42 25.41 -49.61
C GLY B 32 49.24 25.74 -50.47
N THR B 33 49.47 25.83 -51.77
CA THR B 33 48.39 26.26 -52.66
C THR B 33 47.31 25.15 -52.75
N CYS B 34 46.10 25.61 -52.94
CA CYS B 34 44.97 24.73 -52.86
C CYS B 34 43.85 25.21 -53.77
N LEU B 35 43.50 24.41 -54.77
CA LEU B 35 42.39 24.79 -55.69
C LEU B 35 41.28 23.76 -55.76
N GLY B 36 40.09 24.24 -56.09
CA GLY B 36 38.96 23.40 -56.35
C GLY B 36 38.35 23.77 -57.69
N ILE B 37 37.87 22.76 -58.40
CA ILE B 37 37.25 22.96 -59.75
C ILE B 37 35.99 22.08 -59.94
N LEU B 38 34.87 22.76 -60.18
CA LEU B 38 33.57 22.16 -60.46
C LEU B 38 33.38 21.83 -61.96
N ALA B 39 32.92 20.62 -62.23
CA ALA B 39 32.58 20.15 -63.58
C ALA B 39 31.16 19.57 -63.61
N ASN B 40 30.66 19.28 -64.81
CA ASN B 40 29.30 18.72 -64.99
C ASN B 40 29.09 17.34 -64.37
N ASP B 41 30.10 16.48 -64.49
CA ASP B 41 30.11 15.15 -63.86
C ASP B 41 30.99 15.00 -62.60
N GLY B 42 31.34 16.09 -61.90
CA GLY B 42 32.14 15.93 -60.64
C GLY B 42 32.83 17.19 -60.12
N VAL B 43 33.67 16.99 -59.11
CA VAL B 43 34.40 18.07 -58.46
C VAL B 43 35.73 17.54 -58.00
N LEU B 44 36.74 18.42 -58.02
CA LEU B 44 38.10 18.05 -57.63
C LEU B 44 38.69 19.08 -56.67
N LEU B 45 39.66 18.58 -55.90
CA LEU B 45 40.54 19.40 -55.11
C LEU B 45 41.91 19.04 -55.59
N ALA B 46 42.77 20.04 -55.70
CA ALA B 46 44.16 19.83 -56.03
C ALA B 46 45.01 20.72 -55.13
N ALA B 47 45.95 20.13 -54.42
CA ALA B 47 46.69 20.85 -53.38
C ALA B 47 48.16 20.57 -53.49
N GLU B 48 48.95 21.62 -53.22
CA GLU B 48 50.37 21.49 -53.03
C GLU B 48 50.66 20.80 -51.70
N ARG B 49 51.55 19.82 -51.73
CA ARG B 49 52.06 19.19 -50.53
C ARG B 49 53.25 19.95 -49.98
N ARG B 50 53.22 20.25 -48.68
CA ARG B 50 54.37 20.78 -47.93
C ARG B 50 55.19 19.71 -47.18
N ASN B 51 54.56 18.58 -46.86
CA ASN B 51 55.22 17.40 -46.33
C ASN B 51 55.90 16.58 -47.44
N ILE B 52 57.11 17.04 -47.80
CA ILE B 52 57.92 16.54 -48.93
C ILE B 52 59.38 16.13 -48.65
N HIS B 53 59.92 16.34 -47.46
CA HIS B 53 61.29 15.84 -47.09
C HIS B 53 61.46 14.35 -47.40
N LYS B 54 62.69 13.96 -47.74
CA LYS B 54 62.96 12.62 -48.31
C LYS B 54 62.66 11.51 -47.28
N LEU B 55 63.06 11.74 -46.03
CA LEU B 55 62.78 10.83 -44.90
C LEU B 55 61.34 10.76 -44.28
N LEU B 56 60.36 11.52 -44.78
CA LEU B 56 58.96 11.40 -44.29
C LEU B 56 58.39 10.01 -44.59
N ASP B 57 57.39 9.54 -43.82
CA ASP B 57 56.99 8.11 -43.88
C ASP B 57 55.75 7.76 -44.64
N GLU B 58 54.86 8.68 -44.92
CA GLU B 58 53.72 8.32 -45.83
C GLU B 58 52.84 7.19 -45.24
N VAL B 59 51.89 7.62 -44.43
CA VAL B 59 51.15 6.78 -43.51
C VAL B 59 49.65 6.96 -43.73
N PHE B 60 49.22 8.18 -44.04
CA PHE B 60 47.84 8.48 -44.34
C PHE B 60 47.61 8.49 -45.85
N PHE B 61 46.35 8.49 -46.23
CA PHE B 61 45.97 8.45 -47.64
C PHE B 61 46.06 9.84 -48.30
N SER B 62 46.15 10.90 -47.49
CA SER B 62 46.49 12.21 -48.00
C SER B 62 47.10 13.08 -46.91
N GLU B 63 47.46 14.31 -47.26
CA GLU B 63 48.11 15.22 -46.33
C GLU B 63 47.14 16.31 -45.89
N LYS B 64 46.35 16.82 -46.81
CA LYS B 64 45.48 17.97 -46.60
C LYS B 64 44.05 17.75 -47.15
N ILE B 65 43.72 16.54 -47.63
CA ILE B 65 42.38 16.25 -48.13
C ILE B 65 41.66 15.47 -47.05
N TYR B 66 40.54 15.99 -46.58
CA TYR B 66 39.79 15.32 -45.52
C TYR B 66 38.37 14.91 -45.98
N LYS B 67 38.05 13.66 -45.76
CA LYS B 67 36.65 13.20 -45.88
C LYS B 67 35.82 13.70 -44.68
N LEU B 68 34.67 14.32 -44.96
CA LEU B 68 33.81 14.89 -43.93
C LEU B 68 32.59 14.00 -43.60
N ASN B 69 31.95 13.47 -44.63
CA ASN B 69 30.93 12.43 -44.52
C ASN B 69 30.95 11.65 -45.87
N GLU B 70 29.88 10.94 -46.21
CA GLU B 70 29.90 10.07 -47.37
C GLU B 70 29.87 10.87 -48.69
N ASP B 71 29.31 12.07 -48.64
CA ASP B 71 29.10 12.89 -49.81
C ASP B 71 29.98 14.13 -49.92
N MET B 72 30.97 14.29 -49.04
CA MET B 72 31.70 15.56 -48.90
C MET B 72 33.12 15.38 -48.44
N ALA B 73 33.96 16.29 -48.93
CA ALA B 73 35.36 16.35 -48.56
C ALA B 73 35.83 17.79 -48.57
N CYS B 74 37.01 18.02 -48.01
CA CYS B 74 37.52 19.35 -47.94
C CYS B 74 39.02 19.36 -48.00
N SER B 75 39.56 20.52 -48.31
CA SER B 75 40.99 20.79 -48.18
C SER B 75 41.21 22.11 -47.50
N VAL B 76 42.44 22.28 -47.02
CA VAL B 76 42.75 23.37 -46.09
C VAL B 76 44.05 24.12 -46.47
N ALA B 77 44.10 25.39 -46.06
CA ALA B 77 45.31 26.15 -46.21
C ALA B 77 45.42 27.04 -44.99
N GLY B 78 46.57 26.95 -44.32
CA GLY B 78 46.84 27.73 -43.10
C GLY B 78 47.49 26.87 -42.03
N ILE B 79 47.10 27.10 -40.79
CA ILE B 79 47.73 26.42 -39.64
C ILE B 79 47.18 25.01 -39.58
N THR B 80 48.02 24.00 -39.73
CA THR B 80 47.53 22.60 -39.81
C THR B 80 46.75 22.17 -38.56
N SER B 81 47.33 22.37 -37.37
CA SER B 81 46.68 22.03 -36.12
C SER B 81 45.29 22.68 -36.00
N ASP B 82 45.17 23.95 -36.38
CA ASP B 82 43.83 24.60 -36.39
C ASP B 82 42.86 23.87 -37.38
N ALA B 83 43.38 23.46 -38.54
CA ALA B 83 42.61 22.72 -39.51
C ALA B 83 42.12 21.34 -38.97
N ASN B 84 42.94 20.66 -38.19
CA ASN B 84 42.50 19.44 -37.51
C ASN B 84 41.33 19.67 -36.54
N VAL B 85 41.34 20.75 -35.78
CA VAL B 85 40.18 21.10 -34.93
C VAL B 85 38.92 21.29 -35.78
N LEU B 86 39.03 22.08 -36.84
CA LEU B 86 37.88 22.42 -37.64
C LEU B 86 37.29 21.23 -38.45
N THR B 87 38.16 20.35 -38.96
CA THR B 87 37.70 19.23 -39.74
C THR B 87 37.05 18.22 -38.83
N ASN B 88 37.61 18.05 -37.64
CA ASN B 88 36.94 17.26 -36.62
C ASN B 88 35.55 17.79 -36.29
N GLU B 89 35.45 19.08 -36.06
CA GLU B 89 34.14 19.67 -35.81
C GLU B 89 33.17 19.51 -36.99
N LEU B 90 33.67 19.63 -38.23
CA LEU B 90 32.83 19.41 -39.39
C LEU B 90 32.17 18.01 -39.38
N ARG B 91 32.98 17.01 -39.12
CA ARG B 91 32.50 15.65 -39.06
C ARG B 91 31.40 15.52 -38.01
N LEU B 92 31.62 16.13 -36.84
CA LEU B 92 30.63 16.10 -35.75
CA LEU B 92 30.60 16.08 -35.76
C LEU B 92 29.29 16.74 -36.18
N ILE B 93 29.36 17.90 -36.79
CA ILE B 93 28.16 18.62 -37.23
C ILE B 93 27.38 17.74 -38.21
N ALA B 94 28.12 17.11 -39.12
CA ALA B 94 27.52 16.28 -40.16
C ALA B 94 26.82 15.06 -39.52
N GLN B 95 27.39 14.48 -38.47
CA GLN B 95 26.74 13.36 -37.83
C GLN B 95 25.52 13.77 -36.99
N ARG B 96 25.56 15.00 -36.46
CA ARG B 96 24.43 15.53 -35.70
C ARG B 96 23.21 15.76 -36.61
N TYR B 97 23.44 16.34 -37.77
CA TYR B 97 22.40 16.50 -38.72
C TYR B 97 21.79 15.16 -39.24
N LEU B 98 22.66 14.19 -39.56
CA LEU B 98 22.23 12.86 -39.92
C LEU B 98 21.44 12.17 -38.80
N LEU B 99 21.88 12.32 -37.54
CA LEU B 99 21.15 11.73 -36.41
C LEU B 99 19.71 12.24 -36.39
N GLN B 100 19.59 13.55 -36.50
CA GLN B 100 18.33 14.25 -36.32
C GLN B 100 17.36 14.05 -37.46
N TYR B 101 17.87 14.01 -38.68
CA TYR B 101 17.02 14.01 -39.86
C TYR B 101 17.09 12.73 -40.66
N GLN B 102 18.11 11.92 -40.42
CA GLN B 102 18.33 10.65 -41.14
C GLN B 102 18.46 10.89 -42.65
N GLU B 103 19.12 11.98 -42.98
CA GLU B 103 19.63 12.21 -44.35
C GLU B 103 20.93 13.00 -44.21
N PRO B 104 21.78 12.95 -45.25
CA PRO B 104 23.08 13.67 -45.15
C PRO B 104 22.90 15.17 -45.08
N ILE B 105 23.82 15.86 -44.44
CA ILE B 105 23.74 17.32 -44.38
C ILE B 105 23.93 17.91 -45.79
N PRO B 106 23.08 18.85 -46.17
CA PRO B 106 23.39 19.49 -47.44
C PRO B 106 24.66 20.35 -47.31
N CYS B 107 25.45 20.38 -48.36
CA CYS B 107 26.77 20.93 -48.35
C CYS B 107 26.82 22.33 -47.76
N GLU B 108 25.93 23.19 -48.23
CA GLU B 108 25.95 24.56 -47.79
C GLU B 108 25.67 24.70 -46.33
N GLN B 109 24.80 23.84 -45.80
CA GLN B 109 24.46 23.87 -44.37
C GLN B 109 25.63 23.43 -43.45
N LEU B 110 26.45 22.49 -43.89
CA LEU B 110 27.66 22.14 -43.19
C LEU B 110 28.67 23.32 -43.14
N VAL B 111 28.86 23.99 -44.28
CA VAL B 111 29.78 25.13 -44.36
C VAL B 111 29.35 26.28 -43.46
N THR B 112 28.08 26.67 -43.58
CA THR B 112 27.45 27.69 -42.74
C THR B 112 27.56 27.39 -41.25
N ALA B 113 27.29 26.14 -40.85
CA ALA B 113 27.44 25.75 -39.44
C ALA B 113 28.86 26.03 -38.94
N LEU B 114 29.88 25.59 -39.67
CA LEU B 114 31.29 25.84 -39.26
C LEU B 114 31.64 27.33 -39.28
N CYS B 115 31.19 28.02 -40.31
CA CYS B 115 31.41 29.46 -40.42
C CYS B 115 30.86 30.25 -39.23
N ASP B 116 29.73 29.82 -38.67
CA ASP B 116 29.18 30.50 -37.49
C ASP B 116 30.09 30.33 -36.22
N ILE B 117 30.80 29.22 -36.15
CA ILE B 117 31.81 28.99 -35.11
C ILE B 117 32.98 29.98 -35.34
N LYS B 118 33.51 29.99 -36.56
CA LYS B 118 34.57 30.95 -36.88
C LYS B 118 34.18 32.39 -36.60
N GLN B 119 32.96 32.75 -36.94
CA GLN B 119 32.47 34.12 -36.73
C GLN B 119 32.50 34.47 -35.27
N ALA B 120 32.00 33.54 -34.47
CA ALA B 120 31.95 33.73 -33.02
C ALA B 120 33.33 34.06 -32.43
N TYR B 121 34.35 33.35 -32.91
CA TYR B 121 35.71 33.63 -32.50
C TYR B 121 36.20 35.06 -32.82
N THR B 122 35.61 35.73 -33.80
CA THR B 122 35.95 37.10 -34.10
C THR B 122 35.14 38.13 -33.32
N GLN B 123 34.07 37.73 -32.67
CA GLN B 123 33.19 38.68 -31.98
C GLN B 123 33.19 38.60 -30.47
N PHE B 124 33.39 37.41 -29.90
CA PHE B 124 33.49 37.29 -28.47
C PHE B 124 34.51 36.28 -27.99
N GLY B 125 34.86 36.39 -26.71
CA GLY B 125 35.74 35.44 -26.07
C GLY B 125 37.22 35.77 -25.97
N GLY B 126 37.68 36.84 -26.62
CA GLY B 126 39.08 37.24 -26.56
C GLY B 126 40.16 36.21 -26.92
N LYS B 127 39.77 35.23 -27.72
CA LYS B 127 40.73 34.27 -28.29
C LYS B 127 41.17 34.69 -29.72
N ARG B 128 42.30 34.13 -30.15
CA ARG B 128 42.77 34.29 -31.50
C ARG B 128 41.81 33.50 -32.39
N PRO B 129 41.56 34.00 -33.62
CA PRO B 129 40.75 33.22 -34.59
C PRO B 129 41.52 32.00 -35.10
N PHE B 130 40.83 31.10 -35.80
CA PHE B 130 41.48 29.95 -36.44
C PHE B 130 42.12 30.44 -37.73
N GLY B 131 43.35 30.03 -37.98
CA GLY B 131 44.14 30.52 -39.12
C GLY B 131 44.02 29.58 -40.29
N VAL B 132 42.81 29.41 -40.78
CA VAL B 132 42.49 28.38 -41.78
C VAL B 132 41.51 28.94 -42.79
N SER B 133 41.77 28.62 -44.04
CA SER B 133 40.76 28.77 -45.11
C SER B 133 40.46 27.36 -45.65
N LEU B 134 39.22 27.11 -46.02
CA LEU B 134 38.83 25.74 -46.48
C LEU B 134 38.15 25.75 -47.79
N LEU B 135 38.45 24.74 -48.59
CA LEU B 135 37.68 24.44 -49.81
C LEU B 135 36.86 23.16 -49.56
N TYR B 136 35.57 23.24 -49.83
CA TYR B 136 34.66 22.10 -49.60
C TYR B 136 34.12 21.63 -50.93
N ILE B 137 34.20 20.32 -51.17
CA ILE B 137 33.54 19.75 -52.33
C ILE B 137 32.52 18.69 -51.87
N GLY B 138 31.44 18.56 -52.63
CA GLY B 138 30.41 17.64 -52.31
C GLY B 138 29.29 17.49 -53.31
N TRP B 139 28.40 16.56 -52.99
CA TRP B 139 27.12 16.41 -53.70
C TRP B 139 25.98 16.35 -52.69
N ASP B 140 24.91 17.07 -52.98
CA ASP B 140 23.65 16.83 -52.32
C ASP B 140 22.47 16.83 -53.30
N LYS B 141 21.34 16.34 -52.81
CA LYS B 141 20.12 16.22 -53.64
C LYS B 141 19.41 17.55 -53.90
N HIS B 142 19.87 18.64 -53.30
CA HIS B 142 19.26 19.94 -53.55
C HIS B 142 19.95 20.70 -54.70
N TYR B 143 21.28 20.74 -54.71
CA TYR B 143 22.04 21.50 -55.72
C TYR B 143 23.09 20.66 -56.48
N GLY B 144 23.13 19.35 -56.26
CA GLY B 144 24.08 18.48 -56.97
C GLY B 144 25.50 18.82 -56.56
N PHE B 145 26.41 18.81 -57.54
CA PHE B 145 27.83 19.01 -57.30
C PHE B 145 28.09 20.46 -56.90
N GLN B 146 28.91 20.62 -55.86
CA GLN B 146 29.18 21.92 -55.28
C GLN B 146 30.60 22.07 -54.78
N LEU B 147 31.03 23.34 -54.78
CA LEU B 147 32.34 23.77 -54.31
C LEU B 147 32.13 25.06 -53.53
N TYR B 148 32.63 25.07 -52.28
CA TYR B 148 32.54 26.22 -51.38
C TYR B 148 33.92 26.63 -50.85
N GLN B 149 34.02 27.89 -50.45
CA GLN B 149 35.24 28.42 -49.84
C GLN B 149 34.86 29.17 -48.60
N SER B 150 35.56 28.88 -47.49
CA SER B 150 35.42 29.70 -46.28
C SER B 150 36.77 30.21 -45.79
N ASP B 151 36.74 31.35 -45.09
CA ASP B 151 37.95 31.95 -44.51
C ASP B 151 37.81 32.32 -43.00
N PRO B 152 38.91 32.77 -42.35
CA PRO B 152 38.86 32.97 -40.92
C PRO B 152 37.83 33.93 -40.38
N SER B 153 37.29 34.86 -41.18
CA SER B 153 36.15 35.70 -40.73
C SER B 153 34.85 34.94 -40.49
N GLY B 154 34.76 33.70 -40.97
CA GLY B 154 33.49 32.95 -40.97
C GLY B 154 32.65 33.37 -42.14
N ASN B 155 33.31 33.90 -43.17
CA ASN B 155 32.70 34.20 -44.44
C ASN B 155 32.92 33.08 -45.38
N TYR B 156 31.96 32.87 -46.27
CA TYR B 156 32.08 31.81 -47.29
C TYR B 156 31.42 32.22 -48.57
N GLY B 157 31.75 31.52 -49.63
CA GLY B 157 31.00 31.59 -50.88
C GLY B 157 31.17 30.31 -51.69
N GLY B 158 30.20 30.09 -52.58
CA GLY B 158 30.22 29.00 -53.55
C GLY B 158 30.87 29.47 -54.83
N TRP B 159 31.58 28.54 -55.46
CA TRP B 159 32.46 28.84 -56.57
C TRP B 159 32.35 27.75 -57.63
N LYS B 160 32.58 28.13 -58.89
CA LYS B 160 32.72 27.16 -59.98
C LYS B 160 34.17 26.68 -60.04
N ALA B 161 35.10 27.58 -59.70
CA ALA B 161 36.48 27.20 -59.46
C ALA B 161 37.09 28.27 -58.59
N THR B 162 38.04 27.85 -57.74
CA THR B 162 38.71 28.78 -56.83
C THR B 162 39.99 28.24 -56.23
N CYS B 163 40.75 29.19 -55.64
CA CYS B 163 42.09 28.96 -55.08
C CYS B 163 42.30 29.73 -53.78
N ILE B 164 43.04 29.08 -52.89
CA ILE B 164 43.47 29.68 -51.63
C ILE B 164 44.91 29.25 -51.44
N GLY B 165 45.62 29.95 -50.54
CA GLY B 165 47.03 29.66 -50.29
C GLY B 165 47.99 30.37 -51.20
N ASN B 166 49.17 29.78 -51.37
CA ASN B 166 50.24 30.45 -52.12
C ASN B 166 49.91 30.74 -53.60
N ASN B 167 50.20 31.97 -54.02
CA ASN B 167 49.87 32.51 -55.35
C ASN B 167 48.36 32.41 -55.78
N SER B 168 47.46 32.62 -54.81
CA SER B 168 45.99 32.59 -55.07
C SER B 168 45.55 33.47 -56.22
N ALA B 169 45.90 34.74 -56.15
CA ALA B 169 45.50 35.78 -57.12
C ALA B 169 45.82 35.35 -58.54
N ALA B 170 47.05 34.85 -58.71
CA ALA B 170 47.55 34.37 -59.98
C ALA B 170 46.72 33.18 -60.50
N ALA B 171 46.47 32.22 -59.62
CA ALA B 171 45.67 31.04 -59.98
C ALA B 171 44.24 31.38 -60.39
N VAL B 172 43.60 32.33 -59.71
CA VAL B 172 42.23 32.77 -60.06
C VAL B 172 42.23 33.55 -61.39
N SER B 173 43.34 34.20 -61.72
CA SER B 173 43.48 34.86 -63.00
C SER B 173 43.42 33.78 -64.10
N MET B 174 44.24 32.74 -63.98
CA MET B 174 44.28 31.63 -64.94
C MET B 174 42.98 30.85 -65.09
N LEU B 175 42.27 30.65 -63.97
CA LEU B 175 40.96 30.00 -63.98
C LEU B 175 39.89 30.87 -64.69
N LYS B 176 39.82 32.17 -64.39
CA LYS B 176 38.90 33.10 -65.08
C LYS B 176 38.99 32.99 -66.59
N GLN B 177 40.18 32.72 -67.10
CA GLN B 177 40.35 32.60 -68.53
C GLN B 177 40.10 31.28 -69.17
N ASP B 178 40.46 30.19 -68.48
CA ASP B 178 40.38 28.87 -69.09
C ASP B 178 39.14 28.10 -68.75
N TYR B 179 38.34 28.61 -67.83
CA TYR B 179 37.24 27.81 -67.32
C TYR B 179 35.99 28.10 -68.13
N LYS B 180 35.36 27.01 -68.59
CA LYS B 180 34.17 27.03 -69.44
C LYS B 180 32.87 26.79 -68.63
N GLU B 181 32.17 27.87 -68.27
CA GLU B 181 30.98 27.76 -67.43
C GLU B 181 29.91 26.86 -68.10
N GLY B 182 29.60 25.76 -67.45
CA GLY B 182 28.63 24.77 -67.93
C GLY B 182 29.15 23.72 -68.91
N GLU B 183 30.46 23.71 -69.20
CA GLU B 183 31.01 22.78 -70.23
C GLU B 183 32.27 22.01 -69.80
N MET B 184 32.63 22.06 -68.52
CA MET B 184 33.78 21.29 -68.02
C MET B 184 33.37 19.85 -67.73
N THR B 185 34.33 18.95 -67.96
CA THR B 185 34.29 17.58 -67.48
C THR B 185 35.35 17.42 -66.37
N LEU B 186 35.27 16.31 -65.63
CA LEU B 186 36.31 15.97 -64.67
C LEU B 186 37.68 15.82 -65.38
N LYS B 187 37.66 15.25 -66.59
CA LYS B 187 38.89 15.05 -67.37
C LYS B 187 39.58 16.36 -67.78
N SER B 188 38.77 17.36 -68.17
CA SER B 188 39.27 18.69 -68.54
C SER B 188 39.67 19.54 -67.32
N ALA B 189 38.86 19.50 -66.25
CA ALA B 189 39.17 20.19 -64.99
C ALA B 189 40.47 19.70 -64.36
N LEU B 190 40.72 18.38 -64.46
CA LEU B 190 42.00 17.79 -64.06
C LEU B 190 43.19 18.39 -64.84
N ALA B 191 43.07 18.45 -66.16
CA ALA B 191 44.10 19.08 -67.00
C ALA B 191 44.32 20.55 -66.63
N LEU B 192 43.25 21.28 -66.32
CA LEU B 192 43.34 22.67 -65.93
C LEU B 192 44.06 22.81 -64.57
N ALA B 193 43.72 21.94 -63.63
CA ALA B 193 44.28 21.95 -62.29
C ALA B 193 45.78 21.80 -62.37
N ILE B 194 46.24 20.81 -63.14
CA ILE B 194 47.68 20.61 -63.36
C ILE B 194 48.33 21.81 -64.08
N LYS B 195 47.61 22.41 -65.02
CA LYS B 195 48.06 23.65 -65.69
C LYS B 195 48.30 24.79 -64.69
N VAL B 196 47.36 24.98 -63.76
CA VAL B 196 47.43 26.07 -62.78
C VAL B 196 48.50 25.79 -61.72
N LEU B 197 48.55 24.56 -61.20
CA LEU B 197 49.62 24.15 -60.27
C LEU B 197 51.02 24.23 -60.88
N ASN B 198 51.10 23.96 -62.17
CA ASN B 198 52.34 24.10 -62.92
C ASN B 198 52.84 25.55 -62.98
N LYS B 199 51.92 26.52 -63.07
CA LYS B 199 52.27 27.93 -63.03
C LYS B 199 52.60 28.42 -61.62
N THR B 200 51.79 28.02 -60.63
CA THR B 200 51.85 28.58 -59.29
C THR B 200 52.89 27.97 -58.35
N MET B 201 53.47 26.83 -58.71
CA MET B 201 54.63 26.31 -58.01
C MET B 201 55.85 26.75 -58.83
N ASP B 202 56.23 28.03 -58.65
CA ASP B 202 57.41 28.67 -59.26
C ASP B 202 58.72 28.36 -58.53
N VAL B 203 58.70 27.47 -57.52
CA VAL B 203 59.86 26.99 -56.75
C VAL B 203 59.70 25.45 -56.47
N SER B 204 60.04 24.55 -57.43
CA SER B 204 60.47 24.80 -58.83
C SER B 204 59.70 23.93 -59.88
N LYS B 205 60.28 22.84 -60.41
CA LYS B 205 59.67 22.03 -61.52
C LYS B 205 58.74 20.91 -61.00
N LEU B 206 57.55 20.80 -61.59
CA LEU B 206 56.41 20.07 -60.98
C LEU B 206 56.50 18.54 -61.05
N SER B 207 55.99 17.89 -60.00
CA SER B 207 56.21 16.46 -59.76
C SER B 207 55.00 15.85 -59.05
N ALA B 208 54.90 14.53 -59.13
CA ALA B 208 53.79 13.77 -58.53
C ALA B 208 53.90 13.72 -57.01
N GLU B 209 55.13 13.52 -56.50
CA GLU B 209 55.41 13.52 -55.06
C GLU B 209 54.99 14.84 -54.38
N LYS B 210 54.87 15.91 -55.17
CA LYS B 210 54.59 17.25 -54.64
C LYS B 210 53.14 17.74 -54.73
N VAL B 211 52.22 16.96 -55.30
CA VAL B 211 50.76 17.33 -55.31
C VAL B 211 49.80 16.21 -54.94
N GLU B 212 48.60 16.63 -54.56
CA GLU B 212 47.52 15.74 -54.15
C GLU B 212 46.28 16.15 -54.88
N ILE B 213 45.62 15.17 -55.48
CA ILE B 213 44.35 15.41 -56.12
C ILE B 213 43.33 14.41 -55.60
N ALA B 214 42.14 14.94 -55.31
CA ALA B 214 41.03 14.13 -54.93
C ALA B 214 39.88 14.49 -55.86
N THR B 215 39.19 13.47 -56.35
CA THR B 215 37.94 13.66 -57.13
C THR B 215 36.70 13.16 -56.36
N LEU B 216 35.57 13.81 -56.61
CA LEU B 216 34.28 13.46 -56.07
C LEU B 216 33.28 13.34 -57.20
N THR B 217 32.88 12.10 -57.51
CA THR B 217 31.87 11.79 -58.55
C THR B 217 30.68 11.01 -58.00
N ARG B 218 29.66 10.82 -58.84
CA ARG B 218 28.49 9.96 -58.56
C ARG B 218 28.51 8.70 -59.43
N GLU B 219 28.31 7.55 -58.81
CA GLU B 219 28.18 6.25 -59.48
C GLU B 219 27.14 5.33 -58.78
N ASN B 220 26.10 4.95 -59.54
CA ASN B 220 25.01 4.06 -59.10
C ASN B 220 24.24 4.57 -57.88
N GLY B 221 23.82 5.84 -57.95
CA GLY B 221 23.18 6.54 -56.84
C GLY B 221 23.99 6.71 -55.55
N LYS B 222 25.32 6.67 -55.67
CA LYS B 222 26.24 6.71 -54.54
C LYS B 222 27.40 7.69 -54.85
N THR B 223 27.89 8.40 -53.84
CA THR B 223 28.97 9.37 -54.03
C THR B 223 30.29 8.64 -53.87
N VAL B 224 31.24 8.91 -54.78
CA VAL B 224 32.57 8.28 -54.73
C VAL B 224 33.64 9.36 -54.56
N ILE B 225 34.52 9.16 -53.57
CA ILE B 225 35.57 10.10 -53.24
C ILE B 225 36.89 9.33 -53.27
N ARG B 226 37.83 9.80 -54.09
CA ARG B 226 39.06 9.07 -54.32
C ARG B 226 40.25 10.01 -54.38
N VAL B 227 41.36 9.57 -53.79
CA VAL B 227 42.62 10.29 -53.89
C VAL B 227 43.38 9.59 -55.00
N LEU B 228 43.71 10.32 -56.06
CA LEU B 228 44.42 9.75 -57.21
C LEU B 228 45.76 9.19 -56.77
N LYS B 229 46.08 7.97 -57.19
CA LYS B 229 47.41 7.36 -56.88
C LYS B 229 48.46 8.07 -57.75
N GLN B 230 49.74 7.89 -57.40
CA GLN B 230 50.81 8.70 -58.04
C GLN B 230 50.93 8.42 -59.53
N LYS B 231 50.79 7.16 -59.90
CA LYS B 231 50.76 6.75 -61.30
C LYS B 231 49.79 7.61 -62.16
N GLU B 232 48.61 7.93 -61.63
CA GLU B 232 47.64 8.76 -62.37
C GLU B 232 48.09 10.20 -62.44
N VAL B 233 48.69 10.69 -61.36
CA VAL B 233 49.16 12.08 -61.31
C VAL B 233 50.32 12.30 -62.31
N GLU B 234 51.27 11.36 -62.37
CA GLU B 234 52.38 11.39 -63.32
C GLU B 234 51.85 11.37 -64.76
N GLN B 235 50.97 10.42 -65.04
CA GLN B 235 50.30 10.31 -66.34
C GLN B 235 49.55 11.59 -66.73
N LEU B 236 48.99 12.30 -65.76
CA LEU B 236 48.35 13.61 -66.05
C LEU B 236 49.35 14.74 -66.33
N ILE B 237 50.48 14.71 -65.59
CA ILE B 237 51.56 15.70 -65.73
C ILE B 237 52.17 15.56 -67.13
N LYS B 238 52.47 14.32 -67.53
CA LYS B 238 52.96 14.00 -68.87
C LYS B 238 52.04 14.54 -69.98
N LYS B 239 50.74 14.32 -69.86
CA LYS B 239 49.75 14.83 -70.84
C LYS B 239 49.76 16.37 -70.95
N HIS B 240 49.93 17.07 -69.84
CA HIS B 240 50.09 18.54 -69.84
C HIS B 240 51.41 18.99 -70.51
N GLU B 241 52.49 18.22 -70.33
CA GLU B 241 53.81 18.50 -70.95
C GLU B 241 53.80 18.23 -72.44
N GLU B 242 53.13 17.14 -72.82
CA GLU B 242 52.87 16.82 -74.24
C GLU B 242 52.03 17.91 -74.91
N GLU B 243 51.03 18.44 -74.19
CA GLU B 243 50.17 19.52 -74.71
C GLU B 243 50.90 20.84 -74.95
N GLU B 244 51.78 21.23 -74.02
CA GLU B 244 52.68 22.41 -74.22
C GLU B 244 53.67 22.27 -75.40
N ALA B 245 53.98 21.05 -75.85
CA ALA B 245 54.81 20.84 -77.05
C ALA B 245 54.06 21.23 -78.31
N LYS B 246 52.74 20.99 -78.31
CA LYS B 246 51.84 21.44 -79.37
C LYS B 246 51.53 22.95 -79.31
N ALA B 247 51.97 23.67 -78.27
CA ALA B 247 51.52 25.04 -78.00
C ALA B 247 51.81 26.08 -79.10
N GLU B 248 52.79 25.83 -79.99
CA GLU B 248 53.24 26.82 -81.03
C GLU B 248 52.70 26.45 -82.43
N ARG B 249 53.15 25.29 -82.92
CA ARG B 249 52.60 24.66 -84.13
C ARG B 249 51.79 23.43 -83.72
N SER C 2 35.25 32.37 -18.90
CA SER C 2 34.60 33.33 -19.84
C SER C 2 35.17 34.74 -19.74
N TYR C 3 35.02 35.49 -20.80
CA TYR C 3 35.79 36.72 -21.02
C TYR C 3 35.00 37.94 -20.58
N ASP C 4 35.33 38.45 -19.41
CA ASP C 4 34.59 39.54 -18.80
C ASP C 4 35.15 40.93 -19.11
N ARG C 5 35.78 41.16 -20.24
CA ARG C 5 36.40 42.46 -20.51
C ARG C 5 35.35 43.40 -21.07
N ALA C 6 35.26 44.63 -20.57
CA ALA C 6 34.46 45.68 -21.25
C ALA C 6 35.17 46.08 -22.53
N ILE C 7 34.48 45.95 -23.63
CA ILE C 7 35.05 46.22 -24.95
C ILE C 7 34.57 47.56 -25.45
N THR C 8 33.28 47.81 -25.32
CA THR C 8 32.74 49.09 -25.67
C THR C 8 32.63 49.93 -24.43
N VAL C 9 33.44 50.99 -24.35
CA VAL C 9 33.49 51.88 -23.20
C VAL C 9 33.39 53.33 -23.71
N PHE C 10 33.02 54.24 -22.83
CA PHE C 10 32.99 55.66 -23.15
C PHE C 10 34.39 56.21 -23.21
N SER C 11 34.57 57.10 -24.15
CA SER C 11 35.78 57.94 -24.21
C SER C 11 35.47 59.29 -23.68
N PRO C 12 36.54 60.10 -23.47
CA PRO C 12 36.26 61.48 -23.19
C PRO C 12 35.36 61.92 -24.40
N ASP C 13 34.38 62.78 -24.03
CA ASP C 13 33.45 63.51 -24.94
C ASP C 13 32.20 62.75 -25.22
N GLY C 14 32.16 61.55 -24.71
CA GLY C 14 30.97 60.78 -24.72
C GLY C 14 30.85 59.90 -25.91
N HIS C 15 31.97 59.56 -26.55
CA HIS C 15 31.91 58.66 -27.68
C HIS C 15 32.05 57.21 -27.18
N LEU C 16 31.32 56.32 -27.88
CA LEU C 16 31.55 54.94 -27.86
C LEU C 16 32.35 54.57 -29.11
N PHE C 17 33.68 54.54 -29.00
CA PHE C 17 34.50 54.25 -30.17
C PHE C 17 34.29 52.92 -30.90
N GLN C 18 34.02 51.84 -30.20
CA GLN C 18 33.80 50.59 -30.90
C GLN C 18 32.59 50.71 -31.87
N VAL C 19 31.56 51.42 -31.41
CA VAL C 19 30.32 51.60 -32.13
C VAL C 19 30.61 52.45 -33.37
N GLU C 20 31.32 53.56 -33.19
CA GLU C 20 31.75 54.35 -34.30
C GLU C 20 32.60 53.52 -35.27
N TYR C 21 33.45 52.65 -34.76
CA TYR C 21 34.26 51.85 -35.67
C TYR C 21 33.41 50.78 -36.41
N ALA C 22 32.38 50.27 -35.74
CA ALA C 22 31.41 49.37 -36.39
C ALA C 22 30.67 50.06 -37.57
N GLN C 23 30.35 51.33 -37.36
CA GLN C 23 29.76 52.18 -38.37
C GLN C 23 30.71 52.41 -39.54
N GLU C 24 32.01 52.47 -39.30
CA GLU C 24 32.98 52.48 -40.41
C GLU C 24 32.94 51.18 -41.17
N ALA C 25 32.71 50.07 -40.50
CA ALA C 25 32.51 48.80 -41.22
C ALA C 25 31.31 48.88 -42.19
N VAL C 26 30.21 49.49 -41.72
CA VAL C 26 29.01 49.59 -42.48
C VAL C 26 29.25 50.44 -43.75
N LYS C 27 30.01 51.52 -43.61
CA LYS C 27 30.25 52.47 -44.73
C LYS C 27 31.14 51.91 -45.86
N LYS C 28 31.96 50.91 -45.57
CA LYS C 28 32.66 50.12 -46.61
C LYS C 28 31.86 48.95 -47.17
N GLY C 29 30.65 48.73 -46.67
CA GLY C 29 29.79 47.69 -47.22
C GLY C 29 29.14 48.13 -48.54
N SER C 30 28.71 47.16 -49.34
CA SER C 30 27.98 47.39 -50.56
C SER C 30 26.74 48.24 -50.31
N THR C 31 26.39 49.07 -51.29
CA THR C 31 25.28 49.99 -51.14
C THR C 31 24.03 49.17 -51.15
N ALA C 32 23.07 49.53 -50.30
CA ALA C 32 21.77 48.86 -50.23
C ALA C 32 20.68 49.90 -50.15
N VAL C 33 19.58 49.72 -50.89
CA VAL C 33 18.52 50.71 -50.95
C VAL C 33 17.17 50.06 -50.70
N GLY C 34 16.30 50.83 -50.04
CA GLY C 34 14.93 50.44 -49.79
C GLY C 34 13.99 51.58 -50.15
N VAL C 35 12.82 51.21 -50.73
CA VAL C 35 11.67 52.18 -50.87
C VAL C 35 10.31 51.56 -50.51
N ARG C 36 9.59 52.30 -49.67
CA ARG C 36 8.23 52.00 -49.28
C ARG C 36 7.25 52.57 -50.32
N GLY C 37 6.70 51.67 -51.14
CA GLY C 37 5.65 52.02 -52.05
C GLY C 37 4.28 52.15 -51.40
N ARG C 38 3.25 52.13 -52.25
CA ARG C 38 1.84 52.28 -51.85
C ARG C 38 1.32 50.90 -51.43
N ASP C 39 1.48 49.94 -52.35
CA ASP C 39 1.04 48.55 -52.16
C ASP C 39 2.21 47.54 -52.39
N ILE C 40 3.44 48.05 -52.42
CA ILE C 40 4.65 47.25 -52.62
C ILE C 40 5.83 47.84 -51.79
N VAL C 41 6.83 47.00 -51.50
CA VAL C 41 8.09 47.43 -50.89
C VAL C 41 9.27 46.79 -51.63
N VAL C 42 10.32 47.57 -51.85
CA VAL C 42 11.41 47.12 -52.71
C VAL C 42 12.76 47.30 -52.02
N LEU C 43 13.68 46.39 -52.33
CA LEU C 43 15.05 46.42 -51.84
C LEU C 43 15.95 46.09 -52.96
N GLY C 44 17.07 46.80 -53.06
CA GLY C 44 18.09 46.44 -54.04
C GLY C 44 19.45 46.75 -53.49
N VAL C 45 20.47 46.05 -53.99
CA VAL C 45 21.84 46.15 -53.48
C VAL C 45 22.93 45.94 -54.55
N GLU C 46 24.05 46.64 -54.33
CA GLU C 46 25.18 46.71 -55.26
C GLU C 46 25.86 45.35 -55.52
N LYS C 47 26.43 45.24 -56.71
CA LYS C 47 27.26 44.12 -57.26
C LYS C 47 27.52 42.78 -56.54
N LYS C 48 28.50 42.65 -55.63
CA LYS C 48 29.45 43.71 -55.14
C LYS C 48 30.66 43.96 -56.12
N SER C 49 31.60 43.01 -56.18
CA SER C 49 32.73 43.07 -57.13
C SER C 49 32.48 42.23 -58.42
N VAL C 50 31.26 41.71 -58.62
CA VAL C 50 30.96 40.70 -59.68
C VAL C 50 31.74 39.36 -59.46
N ALA C 51 32.62 39.00 -60.41
CA ALA C 51 33.37 37.69 -60.44
C ALA C 51 32.56 36.61 -61.17
N LYS C 52 32.96 36.31 -62.41
CA LYS C 52 32.31 35.30 -63.26
C LYS C 52 32.18 33.93 -62.58
N LEU C 53 33.21 33.55 -61.80
CA LEU C 53 33.28 32.21 -61.21
C LEU C 53 32.51 31.98 -59.89
N GLN C 54 31.93 33.05 -59.36
CA GLN C 54 31.12 33.00 -58.17
C GLN C 54 29.77 32.38 -58.51
N ASP C 55 29.26 31.50 -57.65
CA ASP C 55 27.85 31.08 -57.68
C ASP C 55 27.04 32.19 -57.02
N GLU C 56 26.28 32.94 -57.83
CA GLU C 56 25.49 34.11 -57.41
C GLU C 56 24.57 33.80 -56.20
N ARG C 57 23.87 32.65 -56.27
CA ARG C 57 22.91 32.22 -55.23
C ARG C 57 23.48 32.34 -53.81
N THR C 58 24.73 31.90 -53.66
CA THR C 58 25.37 31.73 -52.36
C THR C 58 25.76 33.01 -51.65
N VAL C 59 25.71 34.16 -52.33
CA VAL C 59 26.16 35.44 -51.74
C VAL C 59 25.13 36.58 -51.87
N ARG C 60 23.85 36.24 -51.94
CA ARG C 60 22.80 37.23 -51.88
C ARG C 60 22.84 37.99 -50.57
N LYS C 61 22.43 39.25 -50.62
CA LYS C 61 22.37 40.13 -49.47
C LYS C 61 20.95 40.55 -49.16
N ILE C 62 19.98 39.97 -49.83
CA ILE C 62 18.59 40.15 -49.44
C ILE C 62 18.15 38.79 -48.91
N YCM C 63 17.40 38.79 -47.82
CA YCM C 63 17.15 37.58 -46.98
CB YCM C 63 18.15 37.58 -45.82
SG YCM C 63 19.82 37.32 -46.32
CD YCM C 63 20.06 35.73 -47.03
CE YCM C 63 21.57 35.55 -47.21
OZ1 YCM C 63 22.41 36.22 -46.59
NZ2 YCM C 63 21.92 34.63 -48.11
C YCM C 63 15.77 37.65 -46.37
O YCM C 63 15.46 38.63 -45.67
N ALA C 64 14.95 36.62 -46.59
CA ALA C 64 13.69 36.48 -45.85
C ALA C 64 13.96 36.19 -44.36
N LEU C 65 13.20 36.87 -43.51
CA LEU C 65 13.13 36.60 -42.09
C LEU C 65 11.92 35.73 -41.76
N ASP C 66 10.81 36.03 -42.42
CA ASP C 66 9.55 35.33 -42.27
C ASP C 66 8.78 35.54 -43.59
N ASP C 67 7.57 35.00 -43.70
CA ASP C 67 6.77 35.12 -44.95
C ASP C 67 6.52 36.57 -45.35
N ASN C 68 6.27 37.42 -44.37
CA ASN C 68 5.89 38.83 -44.59
C ASN C 68 6.96 39.87 -44.18
N VAL C 69 8.21 39.43 -43.92
CA VAL C 69 9.32 40.35 -43.51
C VAL C 69 10.63 39.90 -44.10
N CYS C 70 11.32 40.82 -44.78
CA CYS C 70 12.67 40.53 -45.26
C CYS C 70 13.56 41.71 -44.98
N MET C 71 14.86 41.52 -45.25
CA MET C 71 15.82 42.53 -44.97
C MET C 71 16.99 42.49 -45.92
N ALA C 72 17.63 43.64 -46.01
CA ALA C 72 18.92 43.74 -46.62
C ALA C 72 19.86 44.34 -45.57
N PHE C 73 21.15 44.14 -45.77
CA PHE C 73 22.15 44.66 -44.89
C PHE C 73 23.28 45.33 -45.64
N ALA C 74 24.07 46.16 -44.93
CA ALA C 74 25.38 46.58 -45.41
C ALA C 74 26.37 46.44 -44.25
N GLY C 75 27.52 45.82 -44.50
CA GLY C 75 28.62 45.77 -43.57
C GLY C 75 29.25 44.40 -43.60
N LEU C 76 29.62 43.88 -42.42
CA LEU C 76 30.29 42.59 -42.32
C LEU C 76 29.26 41.49 -42.57
N THR C 77 29.49 40.67 -43.58
CA THR C 77 28.51 39.68 -43.99
C THR C 77 28.43 38.52 -42.98
N ALA C 78 29.54 38.17 -42.32
CA ALA C 78 29.50 37.16 -41.24
C ALA C 78 28.64 37.62 -40.05
N ASP C 79 28.87 38.84 -39.61
CA ASP C 79 28.01 39.46 -38.60
C ASP C 79 26.55 39.45 -39.03
N ALA C 80 26.29 39.82 -40.29
CA ALA C 80 24.93 39.86 -40.82
C ALA C 80 24.18 38.51 -40.70
N ARG C 81 24.88 37.43 -41.07
CA ARG C 81 24.31 36.10 -41.05
C ARG C 81 23.87 35.74 -39.61
N ILE C 82 24.65 36.14 -38.60
CA ILE C 82 24.29 35.87 -37.20
C ILE C 82 23.05 36.64 -36.83
N VAL C 83 23.01 37.92 -37.15
CA VAL C 83 21.83 38.73 -36.85
C VAL C 83 20.59 38.16 -37.56
N ILE C 84 20.76 37.76 -38.81
CA ILE C 84 19.65 37.26 -39.61
C ILE C 84 19.02 35.98 -38.99
N ASN C 85 19.85 35.00 -38.66
CA ASN C 85 19.34 33.79 -38.05
CA ASN C 85 19.35 33.79 -37.98
C ASN C 85 18.70 34.06 -36.65
N ARG C 86 19.25 34.96 -35.86
CA ARG C 86 18.62 35.29 -34.57
C ARG C 86 17.21 35.88 -34.81
N ALA C 87 17.07 36.71 -35.83
CA ALA C 87 15.76 37.30 -36.14
C ALA C 87 14.80 36.24 -36.65
N ARG C 88 15.30 35.30 -37.43
CA ARG C 88 14.47 34.20 -37.92
C ARG C 88 13.95 33.34 -36.75
N VAL C 89 14.82 33.04 -35.77
CA VAL C 89 14.43 32.30 -34.59
C VAL C 89 13.33 33.07 -33.88
N GLU C 90 13.55 34.35 -33.67
CA GLU C 90 12.59 35.18 -32.97
C GLU C 90 11.20 35.27 -33.60
N CYS C 91 11.13 35.34 -34.94
CA CYS C 91 9.86 35.35 -35.68
C CYS C 91 9.00 34.12 -35.38
N GLN C 92 9.66 32.97 -35.34
CA GLN C 92 9.00 31.72 -34.94
C GLN C 92 8.66 31.71 -33.43
N SER C 93 9.58 32.13 -32.56
CA SER C 93 9.25 32.34 -31.13
C SER C 93 8.04 33.21 -30.90
N HIS C 94 7.95 34.33 -31.63
CA HIS C 94 6.81 35.22 -31.52
C HIS C 94 5.56 34.42 -31.91
N ARG C 95 5.45 34.02 -33.19
CA ARG C 95 4.35 33.17 -33.71
C ARG C 95 3.89 32.09 -32.77
N LEU C 96 4.84 31.44 -32.11
CA LEU C 96 4.55 30.47 -31.08
C LEU C 96 3.67 31.16 -30.01
N THR C 97 4.25 32.08 -29.24
CA THR C 97 3.61 32.68 -28.02
C THR C 97 2.44 33.72 -28.30
N VAL C 98 2.10 33.94 -29.57
CA VAL C 98 1.13 34.99 -30.01
C VAL C 98 0.23 34.66 -31.23
N GLU C 99 0.64 33.71 -32.08
CA GLU C 99 -0.14 33.24 -33.22
C GLU C 99 -0.48 34.31 -34.21
N ASP C 100 0.26 35.41 -34.17
CA ASP C 100 0.23 36.36 -35.26
C ASP C 100 1.65 36.36 -35.76
N PRO C 101 1.83 36.64 -37.05
CA PRO C 101 3.17 36.99 -37.48
C PRO C 101 3.70 38.24 -36.71
N VAL C 102 5.01 38.38 -36.67
CA VAL C 102 5.61 39.61 -36.11
C VAL C 102 5.15 40.78 -36.95
N THR C 103 4.90 41.93 -36.32
CA THR C 103 4.91 43.20 -37.09
C THR C 103 6.36 43.48 -37.55
N VAL C 104 6.51 44.39 -38.50
CA VAL C 104 7.83 44.67 -39.02
C VAL C 104 8.57 45.47 -37.97
N GLU C 105 7.85 46.28 -37.22
CA GLU C 105 8.41 47.08 -36.17
C GLU C 105 8.85 46.19 -35.01
N TYR C 106 8.08 45.14 -34.71
CA TYR C 106 8.41 44.22 -33.62
C TYR C 106 9.79 43.62 -33.88
N ILE C 107 9.96 43.00 -35.04
CA ILE C 107 11.23 42.37 -35.36
C ILE C 107 12.38 43.39 -35.56
N THR C 108 12.05 44.58 -36.04
CA THR C 108 13.07 45.63 -36.16
C THR C 108 13.58 45.99 -34.76
N ARG C 109 12.63 46.21 -33.86
CA ARG C 109 12.89 46.55 -32.50
C ARG C 109 13.69 45.42 -31.77
N TYR C 110 13.39 44.17 -32.11
CA TYR C 110 14.14 43.03 -31.62
C TYR C 110 15.60 43.07 -32.12
N ILE C 111 15.79 43.25 -33.42
CA ILE C 111 17.13 43.30 -33.99
C ILE C 111 17.98 44.44 -33.38
N ALA C 112 17.36 45.59 -33.18
CA ALA C 112 18.03 46.77 -32.71
C ALA C 112 18.46 46.60 -31.24
N SER C 113 17.61 45.95 -30.46
CA SER C 113 17.91 45.75 -29.06
C SER C 113 18.99 44.64 -28.93
N LEU C 114 18.99 43.66 -29.83
CA LEU C 114 20.13 42.75 -29.94
C LEU C 114 21.45 43.49 -30.19
N LYS C 115 21.42 44.39 -31.16
CA LYS C 115 22.58 45.16 -31.49
C LYS C 115 23.00 46.11 -30.34
N GLN C 116 22.05 46.74 -29.65
CA GLN C 116 22.36 47.58 -28.52
C GLN C 116 23.07 46.79 -27.38
N ARG C 117 22.61 45.58 -27.11
CA ARG C 117 23.14 44.71 -26.08
C ARG C 117 24.61 44.39 -26.32
N TYR C 118 24.96 44.15 -27.56
CA TYR C 118 26.33 43.90 -27.91
C TYR C 118 27.18 45.22 -27.90
N THR C 119 26.61 46.38 -27.54
CA THR C 119 27.43 47.57 -27.22
C THR C 119 27.58 47.86 -25.71
N GLN C 120 26.94 47.02 -24.90
CA GLN C 120 26.87 47.21 -23.48
C GLN C 120 27.07 45.91 -22.66
N SER C 121 27.70 44.88 -23.23
CA SER C 121 27.94 43.59 -22.56
C SER C 121 29.37 43.25 -22.61
N ASN C 122 29.86 42.64 -21.54
CA ASN C 122 31.24 42.26 -21.47
C ASN C 122 31.61 41.21 -22.54
N GLY C 123 32.83 41.31 -23.02
CA GLY C 123 33.42 40.27 -23.86
C GLY C 123 33.05 40.23 -25.33
N ARG C 124 32.24 41.19 -25.78
CA ARG C 124 31.68 41.23 -27.16
C ARG C 124 31.96 42.58 -27.82
N ARG C 125 32.31 42.55 -29.11
CA ARG C 125 32.28 43.80 -29.90
C ARG C 125 30.85 43.98 -30.52
N PRO C 126 30.49 45.21 -30.92
CA PRO C 126 29.24 45.45 -31.66
C PRO C 126 29.17 44.73 -33.01
N PHE C 127 27.95 44.54 -33.50
CA PHE C 127 27.78 43.99 -34.87
C PHE C 127 28.17 45.08 -35.89
N GLY C 128 29.01 44.72 -36.84
CA GLY C 128 29.40 45.63 -37.89
C GLY C 128 28.42 45.68 -39.09
N ILE C 129 27.13 45.92 -38.82
CA ILE C 129 26.12 45.99 -39.86
C ILE C 129 25.01 46.96 -39.55
N SER C 130 24.46 47.50 -40.64
CA SER C 130 23.13 48.12 -40.65
C SER C 130 22.19 47.24 -41.45
N ALA C 131 20.90 47.38 -41.18
CA ALA C 131 19.91 46.62 -41.91
C ALA C 131 18.74 47.50 -42.30
N LEU C 132 18.22 47.23 -43.51
CA LEU C 132 16.95 47.77 -43.96
C LEU C 132 15.94 46.62 -43.93
N ILE C 133 14.84 46.82 -43.20
CA ILE C 133 13.88 45.77 -42.93
C ILE C 133 12.53 46.22 -43.49
N VAL C 134 11.92 45.38 -44.31
CA VAL C 134 10.66 45.72 -44.99
C VAL C 134 9.61 44.63 -44.89
N GLY C 135 8.36 45.04 -45.02
CA GLY C 135 7.24 44.10 -45.04
C GLY C 135 5.89 44.76 -44.89
N PHE C 136 4.87 43.95 -44.62
CA PHE C 136 3.54 44.44 -44.33
C PHE C 136 3.05 43.91 -43.03
N ASP C 137 2.34 44.77 -42.30
CA ASP C 137 1.55 44.35 -41.14
C ASP C 137 0.23 43.63 -41.56
N PHE C 138 -0.39 42.91 -40.60
CA PHE C 138 -1.68 42.22 -40.84
C PHE C 138 -2.78 43.11 -41.43
N ASP C 139 -2.76 44.41 -41.13
CA ASP C 139 -3.75 45.38 -41.68
C ASP C 139 -3.39 45.97 -43.07
N GLY C 140 -2.35 45.45 -43.72
CA GLY C 140 -1.94 45.89 -45.06
C GLY C 140 -1.05 47.13 -45.18
N THR C 141 -0.69 47.78 -44.08
CA THR C 141 0.20 48.95 -44.13
C THR C 141 1.64 48.52 -44.48
N PRO C 142 2.22 49.07 -45.56
CA PRO C 142 3.63 48.76 -45.91
C PRO C 142 4.61 49.50 -45.01
N ARG C 143 5.82 48.94 -44.86
CA ARG C 143 6.78 49.34 -43.81
C ARG C 143 8.21 49.22 -44.27
N LEU C 144 8.98 50.25 -44.00
CA LEU C 144 10.44 50.24 -44.17
C LEU C 144 11.10 50.78 -42.91
N TYR C 145 12.00 49.99 -42.33
CA TYR C 145 12.78 50.38 -41.11
C TYR C 145 14.26 50.23 -41.36
N GLN C 146 15.05 50.99 -40.61
CA GLN C 146 16.51 50.85 -40.63
C GLN C 146 17.07 50.78 -39.22
N THR C 147 18.08 49.93 -39.06
CA THR C 147 18.80 49.73 -37.80
C THR C 147 20.27 49.99 -38.07
N ASP C 148 21.01 50.48 -37.07
CA ASP C 148 22.45 50.51 -37.19
C ASP C 148 23.14 49.90 -35.98
N PRO C 149 24.48 49.77 -36.03
CA PRO C 149 25.23 49.08 -34.96
C PRO C 149 24.95 49.55 -33.54
N SER C 150 24.56 50.80 -33.33
CA SER C 150 24.30 51.33 -31.98
C SER C 150 23.04 50.78 -31.37
N GLY C 151 22.18 50.21 -32.19
CA GLY C 151 20.87 49.75 -31.77
C GLY C 151 19.79 50.79 -31.99
N THR C 152 20.16 51.93 -32.56
CA THR C 152 19.12 52.89 -32.94
C THR C 152 18.36 52.37 -34.16
N TYR C 153 17.08 52.66 -34.18
CA TYR C 153 16.28 52.32 -35.37
C TYR C 153 15.23 53.38 -35.69
N HIS C 154 14.86 53.46 -36.96
CA HIS C 154 13.84 54.38 -37.42
C HIS C 154 13.07 53.85 -38.63
N ALA C 155 11.88 54.40 -38.84
CA ALA C 155 11.08 54.15 -40.06
C ALA C 155 11.41 55.20 -41.12
N TRP C 156 11.44 54.76 -42.38
CA TRP C 156 11.78 55.59 -43.50
C TRP C 156 10.74 55.40 -44.62
N LYS C 157 10.51 56.47 -45.40
CA LYS C 157 9.77 56.36 -46.66
C LYS C 157 10.65 55.66 -47.68
N ALA C 158 11.94 55.98 -47.65
CA ALA C 158 12.97 55.35 -48.50
C ALA C 158 14.30 55.70 -47.86
N ASN C 159 15.34 54.94 -48.17
CA ASN C 159 16.64 55.09 -47.52
C ASN C 159 17.72 54.22 -48.18
N ALA C 160 18.98 54.62 -47.99
CA ALA C 160 20.16 53.88 -48.43
C ALA C 160 21.11 53.68 -47.24
N ILE C 161 21.92 52.62 -47.29
CA ILE C 161 23.04 52.35 -46.34
C ILE C 161 24.23 51.77 -47.11
N GLY C 162 25.41 51.67 -46.48
CA GLY C 162 26.62 51.23 -47.18
C GLY C 162 27.33 52.37 -47.89
N ARG C 163 28.36 52.03 -48.66
CA ARG C 163 29.21 53.03 -49.29
C ARG C 163 28.40 53.88 -50.26
N GLY C 164 28.57 55.19 -50.15
CA GLY C 164 27.77 56.09 -50.96
C GLY C 164 26.28 56.11 -50.67
N ALA C 165 25.91 55.80 -49.42
CA ALA C 165 24.57 56.08 -48.93
C ALA C 165 24.22 57.59 -48.96
N LYS C 166 25.20 58.48 -48.67
CA LYS C 166 24.91 59.91 -48.56
C LYS C 166 24.37 60.50 -49.88
N SER C 167 25.01 60.18 -51.01
CA SER C 167 24.56 60.67 -52.32
C SER C 167 23.30 59.94 -52.83
N VAL C 168 23.16 58.64 -52.53
CA VAL C 168 21.93 57.91 -52.88
C VAL C 168 20.75 58.43 -52.04
N ARG C 169 20.97 58.77 -50.76
CA ARG C 169 19.88 59.37 -49.95
C ARG C 169 19.47 60.74 -50.48
N GLU C 170 20.47 61.54 -50.90
CA GLU C 170 20.23 62.85 -51.50
C GLU C 170 19.41 62.71 -52.78
N PHE C 171 19.71 61.68 -53.59
CA PHE C 171 18.93 61.38 -54.78
C PHE C 171 17.48 61.02 -54.46
N LEU C 172 17.28 60.17 -53.46
CA LEU C 172 15.94 59.75 -53.05
C LEU C 172 15.14 60.92 -52.46
N GLU C 173 15.80 61.81 -51.73
CA GLU C 173 15.15 63.00 -51.16
C GLU C 173 14.51 63.86 -52.26
N LYS C 174 15.23 64.06 -53.35
CA LYS C 174 14.72 64.88 -54.47
C LYS C 174 13.72 64.08 -55.33
N ASN C 175 13.91 62.76 -55.44
CA ASN C 175 13.16 61.89 -56.38
C ASN C 175 11.96 61.08 -55.82
N TYR C 176 11.82 60.93 -54.51
CA TYR C 176 10.66 60.25 -53.93
C TYR C 176 9.44 61.21 -53.85
N THR C 177 8.46 60.98 -54.70
CA THR C 177 7.18 61.72 -54.70
C THR C 177 6.02 60.76 -55.00
N ASP C 178 4.79 61.25 -54.81
CA ASP C 178 3.57 60.48 -55.11
C ASP C 178 3.57 59.91 -56.52
N GLU C 179 4.13 60.67 -57.47
CA GLU C 179 4.32 60.21 -58.87
C GLU C 179 5.28 59.02 -59.04
N ALA C 180 6.41 59.04 -58.34
CA ALA C 180 7.39 57.97 -58.48
C ALA C 180 6.94 56.64 -57.82
N ILE C 181 5.97 56.69 -56.90
CA ILE C 181 5.35 55.50 -56.24
C ILE C 181 3.83 55.28 -56.55
N GLU C 182 3.30 55.88 -57.63
CA GLU C 182 1.89 55.62 -58.01
C GLU C 182 1.66 54.16 -58.46
N THR C 183 2.65 53.59 -59.16
CA THR C 183 2.63 52.18 -59.53
C THR C 183 3.86 51.44 -59.10
N ASP C 184 3.73 50.11 -59.18
CA ASP C 184 4.80 49.19 -58.86
C ASP C 184 6.08 49.33 -59.70
N ASP C 185 5.88 49.36 -61.01
CA ASP C 185 6.97 49.54 -61.99
C ASP C 185 7.89 50.75 -61.71
N LEU C 186 7.30 51.86 -61.26
CA LEU C 186 8.04 53.11 -61.07
C LEU C 186 8.81 53.05 -59.76
N THR C 187 8.16 52.51 -58.72
CA THR C 187 8.80 52.13 -57.46
C THR C 187 10.05 51.26 -57.67
N ILE C 188 9.89 50.20 -58.45
CA ILE C 188 11.04 49.35 -58.77
C ILE C 188 12.11 50.16 -59.50
N LYS C 189 11.70 50.98 -60.47
CA LYS C 189 12.62 51.82 -61.26
C LYS C 189 13.34 52.85 -60.37
N LEU C 190 12.61 53.44 -59.41
CA LEU C 190 13.17 54.43 -58.50
C LEU C 190 14.38 53.86 -57.74
N VAL C 191 14.29 52.60 -57.29
CA VAL C 191 15.40 51.87 -56.66
C VAL C 191 16.57 51.68 -57.62
N ILE C 192 16.29 51.33 -58.87
CA ILE C 192 17.36 51.09 -59.85
C ILE C 192 18.09 52.39 -60.27
N LYS C 193 17.36 53.50 -60.43
CA LYS C 193 18.01 54.80 -60.73
C LYS C 193 18.91 55.22 -59.53
N ALA C 194 18.41 55.00 -58.33
CA ALA C 194 19.19 55.26 -57.10
C ALA C 194 20.50 54.46 -57.05
N LEU C 195 20.47 53.17 -57.38
CA LEU C 195 21.69 52.35 -57.46
C LEU C 195 22.62 52.70 -58.61
N LEU C 196 22.07 52.83 -59.82
CA LEU C 196 22.86 53.10 -61.04
C LEU C 196 23.69 54.35 -60.92
N GLU C 197 23.33 55.21 -59.98
CA GLU C 197 24.15 56.36 -59.65
C GLU C 197 25.50 56.10 -59.02
N VAL C 198 25.55 55.10 -58.18
CA VAL C 198 26.78 54.72 -57.49
C VAL C 198 27.39 53.45 -58.11
N VAL C 199 26.56 52.61 -58.75
CA VAL C 199 26.99 51.29 -59.23
C VAL C 199 27.95 51.38 -60.41
N GLN C 200 29.20 51.00 -60.15
CA GLN C 200 30.35 51.31 -61.03
C GLN C 200 30.30 50.89 -62.53
N SER C 201 29.96 49.63 -62.83
CA SER C 201 29.68 49.19 -64.25
C SER C 201 28.21 48.76 -64.51
N GLY C 202 27.31 49.74 -64.73
CA GLY C 202 25.90 49.46 -64.87
C GLY C 202 25.67 48.46 -66.00
N GLY C 203 24.85 47.42 -65.82
CA GLY C 203 24.14 47.10 -64.57
C GLY C 203 23.09 46.01 -64.69
N LYS C 204 23.41 44.71 -64.54
CA LYS C 204 24.70 44.03 -64.41
C LYS C 204 24.72 43.57 -62.97
N ASN C 205 25.02 44.51 -62.08
CA ASN C 205 25.33 44.16 -60.73
C ASN C 205 24.43 44.94 -59.77
N ILE C 206 23.13 44.86 -59.97
CA ILE C 206 22.20 45.26 -58.93
C ILE C 206 21.38 44.00 -58.71
N GLU C 207 21.50 43.35 -57.54
CA GLU C 207 20.55 42.31 -57.11
C GLU C 207 19.30 43.05 -56.66
N LEU C 208 18.12 42.50 -56.95
CA LEU C 208 16.88 43.18 -56.56
C LEU C 208 15.73 42.28 -56.17
N ALA C 209 14.86 42.79 -55.28
CA ALA C 209 13.75 42.03 -54.75
C ALA C 209 12.57 42.87 -54.25
N VAL C 210 11.40 42.25 -54.32
CA VAL C 210 10.11 42.91 -54.13
C VAL C 210 9.24 42.15 -53.16
N MET C 211 8.33 42.86 -52.49
CA MET C 211 7.30 42.23 -51.69
C MET C 211 5.94 42.92 -51.86
N ARG C 212 5.02 42.24 -52.53
CA ARG C 212 3.66 42.74 -52.70
C ARG C 212 2.77 42.30 -51.53
N ARG C 213 1.75 43.11 -51.23
CA ARG C 213 0.81 42.85 -50.11
C ARG C 213 0.33 41.38 -50.15
N ASP C 214 0.65 40.63 -49.10
CA ASP C 214 0.32 39.17 -48.99
C ASP C 214 1.22 38.24 -49.83
N GLN C 215 1.60 38.67 -51.04
CA GLN C 215 2.10 37.77 -52.06
C GLN C 215 3.47 37.09 -51.79
N SER C 216 4.19 37.52 -50.76
CA SER C 216 5.52 36.93 -50.38
C SER C 216 6.66 37.24 -51.36
N LEU C 217 7.89 36.90 -50.98
CA LEU C 217 9.10 37.49 -51.54
C LEU C 217 9.46 37.03 -52.97
N LYS C 218 9.24 37.89 -53.95
CA LYS C 218 9.84 37.72 -55.27
C LYS C 218 11.26 38.34 -55.29
N ILE C 219 12.26 37.58 -55.75
CA ILE C 219 13.54 38.14 -56.23
C ILE C 219 13.45 38.21 -57.76
N LEU C 220 14.22 39.11 -58.38
CA LEU C 220 14.27 39.19 -59.87
C LEU C 220 15.54 38.59 -60.48
N ASN C 221 15.32 37.92 -61.62
CA ASN C 221 16.40 37.33 -62.41
CA ASN C 221 16.40 37.33 -62.41
C ASN C 221 17.04 38.41 -63.28
N PRO C 222 18.28 38.17 -63.78
CA PRO C 222 18.93 39.19 -64.61
C PRO C 222 18.26 39.48 -65.98
N GLU C 223 17.37 38.58 -66.46
CA GLU C 223 16.53 38.86 -67.64
C GLU C 223 15.39 39.85 -67.26
N GLU C 224 14.80 39.68 -66.07
CA GLU C 224 13.75 40.59 -65.57
C GLU C 224 14.31 41.93 -65.04
N ILE C 225 15.62 42.00 -64.74
CA ILE C 225 16.31 43.24 -64.31
C ILE C 225 16.61 44.16 -65.51
N GLU C 226 17.34 43.64 -66.51
CA GLU C 226 17.77 44.43 -67.68
C GLU C 226 16.62 44.96 -68.55
N LYS C 227 15.44 44.34 -68.44
CA LYS C 227 14.18 44.90 -68.97
C LYS C 227 13.96 46.29 -68.38
N TYR C 228 13.89 46.39 -67.05
CA TYR C 228 13.72 47.68 -66.35
C TYR C 228 14.87 48.68 -66.63
N VAL C 229 16.09 48.17 -66.82
CA VAL C 229 17.28 49.01 -67.00
C VAL C 229 17.20 49.81 -68.30
N ALA C 230 16.99 49.09 -69.40
CA ALA C 230 16.79 49.65 -70.75
C ALA C 230 15.51 50.50 -70.86
N GLU C 231 14.44 50.07 -70.17
CA GLU C 231 13.16 50.81 -70.03
C GLU C 231 13.25 52.17 -69.26
N ILE C 232 14.31 52.38 -68.47
CA ILE C 232 14.64 53.69 -67.83
C ILE C 232 15.73 54.53 -68.57
N GLU C 233 16.68 53.82 -69.19
CA GLU C 233 17.87 54.38 -69.85
C GLU C 233 17.49 55.13 -71.15
N LYS C 234 16.61 54.52 -71.92
CA LYS C 234 16.02 55.20 -73.07
C LYS C 234 15.06 56.35 -72.69
N GLU C 235 14.43 56.29 -71.52
CA GLU C 235 13.60 57.41 -71.04
C GLU C 235 14.43 58.67 -70.69
N LYS C 236 15.58 58.50 -70.04
CA LYS C 236 16.52 59.63 -69.77
C LYS C 236 17.37 60.04 -71.00
N GLU C 237 16.72 60.42 -72.10
CA GLU C 237 17.35 60.92 -73.31
C GLU C 237 16.59 62.14 -73.82
N GLU C 238 15.30 61.95 -74.07
CA GLU C 238 14.25 62.97 -74.12
C GLU C 238 14.69 64.38 -73.70
N ASP D 9 45.22 53.23 -20.33
CA ASP D 9 44.11 52.21 -20.28
C ASP D 9 43.91 51.61 -18.86
N ARG D 10 42.62 51.55 -18.51
CA ARG D 10 42.15 51.45 -17.14
C ARG D 10 40.76 50.82 -17.15
N GLY D 11 40.29 50.42 -15.98
CA GLY D 11 39.04 49.70 -15.86
C GLY D 11 37.87 50.64 -15.81
N VAL D 12 36.69 50.16 -16.14
CA VAL D 12 35.48 50.96 -16.10
C VAL D 12 35.03 51.51 -14.74
N ASN D 13 35.52 50.92 -13.65
CA ASN D 13 35.21 51.41 -12.32
C ASN D 13 36.38 52.15 -11.66
N THR D 14 37.18 52.85 -12.45
CA THR D 14 38.29 53.63 -11.94
C THR D 14 37.84 55.02 -11.52
N PHE D 15 38.22 55.41 -10.32
CA PHE D 15 38.04 56.79 -9.84
C PHE D 15 39.09 57.71 -10.45
N SER D 16 38.67 58.93 -10.76
CA SER D 16 39.59 60.03 -11.09
C SER D 16 40.12 60.63 -9.79
N PRO D 17 41.23 61.43 -9.87
CA PRO D 17 41.76 62.13 -8.69
C PRO D 17 40.78 63.09 -8.00
N GLU D 18 39.71 63.44 -8.67
CA GLU D 18 38.70 64.32 -8.17
C GLU D 18 37.54 63.57 -7.57
N GLY D 19 37.59 62.24 -7.60
CA GLY D 19 36.57 61.42 -6.98
C GLY D 19 35.32 61.16 -7.78
N ARG D 20 35.47 61.09 -9.08
CA ARG D 20 34.34 60.80 -9.94
C ARG D 20 34.72 59.56 -10.72
N LEU D 21 33.74 58.80 -11.16
CA LEU D 21 34.03 57.67 -12.02
C LEU D 21 34.13 58.23 -13.43
N PHE D 22 35.30 58.06 -14.04
CA PHE D 22 35.55 58.45 -15.39
C PHE D 22 34.38 58.10 -16.32
N GLN D 23 33.97 56.84 -16.29
CA GLN D 23 32.92 56.39 -17.23
C GLN D 23 31.59 57.13 -17.03
N VAL D 24 31.27 57.50 -15.80
CA VAL D 24 30.06 58.25 -15.51
C VAL D 24 30.19 59.69 -15.97
N GLU D 25 31.35 60.32 -15.77
CA GLU D 25 31.57 61.68 -16.26
C GLU D 25 31.52 61.70 -17.81
N TYR D 26 32.12 60.71 -18.45
CA TYR D 26 32.06 60.62 -19.87
C TYR D 26 30.63 60.34 -20.36
N ALA D 27 29.87 59.53 -19.63
CA ALA D 27 28.47 59.26 -20.02
C ALA D 27 27.62 60.53 -19.98
N ILE D 28 27.84 61.34 -18.95
CA ILE D 28 27.19 62.66 -18.82
C ILE D 28 27.51 63.59 -20.02
N GLU D 29 28.74 63.51 -20.55
CA GLU D 29 29.12 64.27 -21.75
C GLU D 29 28.29 63.83 -22.98
N ALA D 30 27.95 62.55 -23.04
CA ALA D 30 27.08 62.05 -24.11
C ALA D 30 25.68 62.62 -24.06
N ILE D 31 25.17 62.96 -22.88
CA ILE D 31 23.86 63.64 -22.77
C ILE D 31 23.84 64.97 -23.55
N LYS D 32 24.97 65.69 -23.55
CA LYS D 32 25.09 66.95 -24.29
C LYS D 32 24.98 66.74 -25.82
N LEU D 33 25.16 65.53 -26.33
CA LEU D 33 24.90 65.22 -27.75
C LEU D 33 23.43 64.98 -28.11
N GLY D 34 22.59 64.74 -27.11
CA GLY D 34 21.17 64.54 -27.35
C GLY D 34 20.33 65.76 -27.70
N SER D 35 19.15 65.48 -28.23
CA SER D 35 18.12 66.47 -28.44
C SER D 35 17.57 67.06 -27.18
N THR D 36 17.18 68.33 -27.24
CA THR D 36 16.67 69.01 -26.06
C THR D 36 15.26 68.49 -25.64
N ALA D 37 15.12 68.21 -24.35
CA ALA D 37 13.82 67.90 -23.79
C ALA D 37 13.58 68.78 -22.58
N ILE D 38 12.30 69.08 -22.37
CA ILE D 38 11.84 69.99 -21.31
C ILE D 38 10.66 69.39 -20.53
N GLY D 39 10.71 69.54 -19.21
CA GLY D 39 9.61 69.16 -18.33
C GLY D 39 9.25 70.29 -17.40
N ILE D 40 7.96 70.47 -17.16
CA ILE D 40 7.48 71.46 -16.21
C ILE D 40 6.38 70.84 -15.37
N GLN D 41 6.48 71.04 -14.05
CA GLN D 41 5.50 70.60 -13.09
C GLN D 41 4.64 71.78 -12.64
N THR D 42 3.33 71.64 -12.83
CA THR D 42 2.36 72.62 -12.32
C THR D 42 1.38 71.91 -11.40
N SER D 43 0.59 72.68 -10.65
CA SER D 43 -0.48 72.12 -9.82
C SER D 43 -1.59 71.41 -10.62
N GLU D 44 -1.70 71.71 -11.92
CA GLU D 44 -2.70 71.11 -12.82
C GLU D 44 -2.18 69.93 -13.65
N GLY D 45 -0.91 69.55 -13.46
CA GLY D 45 -0.31 68.45 -14.23
C GLY D 45 1.08 68.78 -14.67
N VAL D 46 1.76 67.82 -15.26
CA VAL D 46 3.09 68.08 -15.78
C VAL D 46 3.03 67.89 -17.28
N CYS D 47 3.91 68.58 -17.99
CA CYS D 47 4.11 68.37 -19.41
C CYS D 47 5.55 68.10 -19.74
N LEU D 48 5.71 67.36 -20.83
CA LEU D 48 6.99 66.92 -21.32
C LEU D 48 7.00 67.28 -22.80
N ALA D 49 8.10 67.88 -23.27
CA ALA D 49 8.23 68.30 -24.66
C ALA D 49 9.64 68.04 -25.13
N VAL D 50 9.79 67.57 -26.36
CA VAL D 50 11.07 67.14 -26.85
C VAL D 50 11.24 67.46 -28.34
N GLU D 51 12.41 67.95 -28.66
CA GLU D 51 12.86 68.19 -30.02
C GLU D 51 13.10 66.83 -30.63
N LYS D 52 12.57 66.60 -31.82
CA LYS D 52 12.79 65.31 -32.51
C LYS D 52 14.14 65.20 -33.18
N ARG D 53 14.49 66.23 -33.94
CA ARG D 53 15.78 66.37 -34.64
C ARG D 53 15.79 65.49 -35.85
N ILE D 54 14.98 65.91 -36.80
CA ILE D 54 14.76 65.18 -38.06
C ILE D 54 16.00 65.44 -38.93
N THR D 55 16.65 64.38 -39.41
CA THR D 55 17.85 64.48 -40.25
C THR D 55 17.58 64.27 -41.74
N SER D 56 16.34 63.88 -42.11
CA SER D 56 15.95 63.77 -43.52
C SER D 56 14.42 63.89 -43.66
N PRO D 57 13.94 64.56 -44.74
CA PRO D 57 12.49 64.48 -45.01
C PRO D 57 11.96 63.04 -45.29
N LEU D 58 12.85 62.12 -45.66
CA LEU D 58 12.50 60.72 -45.87
C LEU D 58 12.23 59.93 -44.58
N MET D 59 12.72 60.43 -43.45
CA MET D 59 12.46 59.82 -42.15
C MET D 59 11.02 60.06 -41.72
N GLU D 60 10.34 59.02 -41.22
CA GLU D 60 9.00 59.17 -40.64
C GLU D 60 9.10 59.77 -39.25
N PRO D 61 8.61 61.00 -39.08
CA PRO D 61 8.71 61.66 -37.76
C PRO D 61 8.05 60.93 -36.59
N SER D 62 6.99 60.17 -36.87
CA SER D 62 6.31 59.48 -35.80
C SER D 62 7.09 58.25 -35.30
N SER D 63 8.08 57.77 -36.06
CA SER D 63 8.97 56.69 -35.62
C SER D 63 10.15 57.15 -34.74
N ILE D 64 10.19 58.43 -34.39
CA ILE D 64 11.13 58.95 -33.41
C ILE D 64 10.28 59.12 -32.16
N GLU D 65 10.36 58.15 -31.25
CA GLU D 65 9.64 58.24 -29.98
C GLU D 65 10.66 58.54 -28.87
N LYS D 66 10.57 59.74 -28.31
CA LYS D 66 11.45 60.18 -27.24
C LYS D 66 10.65 60.58 -26.00
N ILE D 67 9.33 60.61 -26.09
CA ILE D 67 8.44 60.55 -24.93
C ILE D 67 7.69 59.20 -25.00
N VAL D 68 7.71 58.46 -23.88
CA VAL D 68 7.05 57.14 -23.79
C VAL D 68 6.18 57.08 -22.53
N GLU D 69 5.08 56.34 -22.63
CA GLU D 69 4.24 55.99 -21.48
C GLU D 69 4.96 54.92 -20.61
N ILE D 70 5.06 55.18 -19.32
CA ILE D 70 5.55 54.18 -18.31
C ILE D 70 4.36 53.41 -17.75
N ASP D 71 3.41 54.16 -17.21
CA ASP D 71 2.10 53.67 -16.82
C ASP D 71 1.09 54.81 -17.16
N ALA D 72 -0.18 54.61 -16.85
CA ALA D 72 -1.24 55.56 -17.18
C ALA D 72 -1.04 56.91 -16.48
N HIS D 73 -0.31 56.89 -15.39
CA HIS D 73 -0.11 58.07 -14.57
C HIS D 73 1.33 58.59 -14.67
N ILE D 74 2.16 58.04 -15.55
CA ILE D 74 3.58 58.40 -15.62
C ILE D 74 4.14 58.37 -17.03
N GLY D 75 4.72 59.48 -17.46
CA GLY D 75 5.43 59.52 -18.74
C GLY D 75 6.90 59.75 -18.52
N CYS D 76 7.67 59.49 -19.56
CA CYS D 76 9.11 59.66 -19.51
C CYS D 76 9.65 60.28 -20.79
N ALA D 77 10.37 61.40 -20.65
CA ALA D 77 11.12 62.00 -21.76
C ALA D 77 12.61 61.67 -21.60
N MET D 78 13.27 61.37 -22.71
CA MET D 78 14.69 61.00 -22.74
C MET D 78 15.56 61.87 -23.68
N SER D 79 16.84 62.01 -23.32
CA SER D 79 17.85 62.60 -24.15
C SER D 79 19.21 61.95 -23.97
N GLY D 80 19.85 61.64 -25.10
CA GLY D 80 21.25 61.27 -25.15
C GLY D 80 21.43 60.17 -26.14
N LEU D 81 22.00 59.04 -25.73
CA LEU D 81 22.08 57.85 -26.60
C LEU D 81 20.81 57.02 -26.40
N ILE D 82 19.85 57.22 -27.29
CA ILE D 82 18.47 56.76 -27.17
C ILE D 82 18.40 55.25 -27.10
N ALA D 83 19.27 54.54 -27.80
CA ALA D 83 19.31 53.09 -27.75
C ALA D 83 19.58 52.57 -26.30
N ASP D 84 20.39 53.28 -25.52
CA ASP D 84 20.62 52.91 -24.13
C ASP D 84 19.35 53.02 -23.26
N ALA D 85 18.38 53.86 -23.67
CA ALA D 85 17.21 54.07 -22.83
C ALA D 85 16.27 52.86 -22.75
N LYS D 86 16.32 51.96 -23.75
CA LYS D 86 15.33 50.88 -23.83
C LYS D 86 15.30 49.99 -22.59
N THR D 87 16.45 49.56 -22.09
CA THR D 87 16.43 48.72 -20.88
C THR D 87 15.87 49.49 -19.68
N LEU D 88 16.16 50.79 -19.60
CA LEU D 88 15.72 51.59 -18.46
C LEU D 88 14.21 51.77 -18.42
N ILE D 89 13.65 52.04 -19.59
CA ILE D 89 12.20 52.23 -19.76
C ILE D 89 11.45 50.93 -19.44
N ASP D 90 11.99 49.83 -19.91
CA ASP D 90 11.35 48.54 -19.74
C ASP D 90 11.38 48.20 -18.26
N LYS D 91 12.49 48.49 -17.61
CA LYS D 91 12.56 48.34 -16.18
C LYS D 91 11.52 49.21 -15.45
N ALA D 92 11.32 50.46 -15.86
CA ALA D 92 10.31 51.27 -15.17
C ALA D 92 8.91 50.66 -15.35
N ARG D 93 8.65 50.13 -16.53
CA ARG D 93 7.35 49.54 -16.86
C ARG D 93 7.07 48.29 -16.06
N VAL D 94 8.04 47.38 -16.07
CA VAL D 94 7.96 46.15 -15.30
C VAL D 94 7.79 46.45 -13.80
N GLU D 95 8.55 47.38 -13.28
CA GLU D 95 8.49 47.70 -11.88
C GLU D 95 7.12 48.29 -11.48
N THR D 96 6.52 49.16 -12.31
CA THR D 96 5.19 49.70 -11.98
C THR D 96 4.11 48.61 -12.04
N GLN D 97 4.23 47.67 -12.96
CA GLN D 97 3.30 46.53 -12.99
C GLN D 97 3.48 45.55 -11.85
N ASN D 98 4.73 45.30 -11.45
CA ASN D 98 4.99 44.49 -10.30
C ASN D 98 4.36 45.08 -9.06
N HIS D 99 4.46 46.39 -8.94
CA HIS D 99 3.97 47.05 -7.76
C HIS D 99 2.45 46.95 -7.72
N TRP D 100 1.83 47.12 -8.89
CA TRP D 100 0.40 46.99 -9.01
C TRP D 100 -0.04 45.54 -8.69
N PHE D 101 0.69 44.56 -9.25
CA PHE D 101 0.43 43.16 -8.97
C PHE D 101 0.43 42.88 -7.45
N THR D 102 1.48 43.32 -6.76
CA THR D 102 1.74 42.95 -5.39
C THR D 102 0.88 43.72 -4.38
N TYR D 103 0.79 45.04 -4.58
CA TYR D 103 0.12 45.95 -3.63
C TYR D 103 -1.24 46.51 -4.05
N ASN D 104 -1.66 46.23 -5.28
CA ASN D 104 -2.92 46.74 -5.79
C ASN D 104 -3.12 48.26 -5.64
N GLU D 105 -2.11 49.00 -6.09
CA GLU D 105 -2.03 50.44 -6.03
C GLU D 105 -1.02 50.91 -7.07
N THR D 106 -1.08 52.18 -7.42
CA THR D 106 -0.15 52.75 -8.39
C THR D 106 1.15 53.11 -7.66
N MET D 107 2.27 52.94 -8.32
CA MET D 107 3.57 53.26 -7.75
C MET D 107 3.78 54.77 -7.84
N THR D 108 4.40 55.40 -6.82
CA THR D 108 4.71 56.85 -6.91
C THR D 108 5.80 57.14 -7.95
N VAL D 109 5.78 58.35 -8.50
CA VAL D 109 6.77 58.78 -9.51
C VAL D 109 8.16 58.67 -8.93
N GLU D 110 8.31 59.15 -7.69
CA GLU D 110 9.58 59.05 -6.97
C GLU D 110 10.09 57.60 -6.86
N SER D 111 9.21 56.68 -6.49
CA SER D 111 9.57 55.24 -6.41
C SER D 111 10.02 54.68 -7.75
N VAL D 112 9.33 55.03 -8.82
CA VAL D 112 9.73 54.54 -10.14
C VAL D 112 11.11 55.05 -10.49
N THR D 113 11.31 56.35 -10.27
CA THR D 113 12.58 56.98 -10.62
C THR D 113 13.69 56.31 -9.83
N GLN D 114 13.47 56.12 -8.53
CA GLN D 114 14.44 55.40 -7.64
C GLN D 114 14.83 54.04 -8.17
N ALA D 115 13.85 53.24 -8.54
CA ALA D 115 14.08 51.88 -8.99
C ALA D 115 14.94 51.91 -10.22
N VAL D 116 14.60 52.77 -11.18
CA VAL D 116 15.40 52.88 -12.38
C VAL D 116 16.81 53.41 -12.06
N SER D 117 16.89 54.38 -11.18
CA SER D 117 18.20 54.96 -10.86
C SER D 117 19.18 53.99 -10.14
N ASN D 118 18.65 53.02 -9.41
CA ASN D 118 19.46 51.92 -8.82
C ASN D 118 20.15 50.98 -9.84
N LEU D 119 19.84 51.13 -11.11
CA LEU D 119 20.55 50.41 -12.16
C LEU D 119 21.78 51.17 -12.63
N ALA D 120 21.78 52.49 -12.46
CA ALA D 120 22.84 53.35 -13.02
C ALA D 120 24.34 52.93 -12.84
N LEU D 121 24.81 52.60 -11.62
CA LEU D 121 26.14 52.19 -11.40
C LEU D 121 26.31 50.70 -11.42
N GLN D 122 25.33 49.94 -11.91
CA GLN D 122 25.46 48.46 -11.96
C GLN D 122 26.15 48.05 -13.25
N PHE D 123 27.40 48.43 -13.40
CA PHE D 123 28.24 47.96 -14.49
C PHE D 123 29.59 47.59 -13.90
N GLY D 124 30.32 46.73 -14.58
CA GLY D 124 31.64 46.35 -14.11
C GLY D 124 32.12 45.21 -14.92
N GLU D 125 33.31 44.71 -14.66
CA GLU D 125 33.90 43.69 -15.50
C GLU D 125 34.72 42.60 -14.82
N GLU D 126 34.37 42.25 -13.59
CA GLU D 126 34.94 41.02 -12.92
C GLU D 126 34.09 40.49 -11.74
N ASP D 127 33.39 41.39 -11.04
CA ASP D 127 32.31 40.94 -10.09
C ASP D 127 31.20 40.11 -10.81
N ALA D 128 30.62 40.70 -11.86
CA ALA D 128 29.22 40.41 -12.30
C ALA D 128 28.89 39.15 -13.18
N ASP D 129 27.61 38.98 -13.53
CA ASP D 129 27.12 37.80 -14.28
C ASP D 129 27.80 37.60 -15.64
N PRO D 130 27.63 36.40 -16.26
CA PRO D 130 28.23 36.20 -17.60
C PRO D 130 27.80 37.29 -18.63
N GLY D 131 26.59 37.85 -18.47
CA GLY D 131 26.16 39.12 -19.11
C GLY D 131 25.42 40.29 -18.37
N ALA D 132 26.20 41.02 -17.58
CA ALA D 132 25.79 42.28 -16.98
C ALA D 132 26.40 43.44 -17.79
N MET D 133 25.92 44.64 -17.48
CA MET D 133 26.32 45.88 -18.18
C MET D 133 27.82 46.16 -18.10
N SER D 134 28.46 46.42 -19.22
CA SER D 134 29.88 46.74 -19.26
C SER D 134 30.23 48.26 -19.11
N ARG D 135 29.23 49.12 -19.10
CA ARG D 135 29.46 50.56 -19.04
C ARG D 135 28.19 51.23 -18.57
N PRO D 136 28.29 52.45 -18.09
CA PRO D 136 27.05 53.18 -17.74
C PRO D 136 26.11 53.50 -18.97
N PHE D 137 24.92 54.01 -18.66
CA PHE D 137 23.91 54.38 -19.65
C PHE D 137 24.12 55.81 -20.05
N GLY D 138 24.24 56.06 -21.35
CA GLY D 138 24.44 57.43 -21.92
C GLY D 138 23.18 58.27 -22.14
N VAL D 139 22.35 58.36 -21.09
CA VAL D 139 21.01 58.83 -21.21
C VAL D 139 20.61 59.54 -19.97
N ALA D 140 19.86 60.63 -20.13
CA ALA D 140 19.20 61.28 -19.01
C ALA D 140 17.69 61.15 -19.19
N LEU D 141 16.96 61.15 -18.08
CA LEU D 141 15.53 60.93 -18.14
C LEU D 141 14.77 61.93 -17.28
N LEU D 142 13.63 62.38 -17.82
CA LEU D 142 12.62 63.12 -17.05
C LEU D 142 11.39 62.23 -16.88
N PHE D 143 11.05 61.92 -15.63
CA PHE D 143 9.83 61.17 -15.33
C PHE D 143 8.84 62.19 -14.86
N GLY D 144 7.71 62.26 -15.53
CA GLY D 144 6.63 63.18 -15.21
C GLY D 144 5.30 62.45 -15.03
N GLY D 145 4.64 62.69 -13.91
CA GLY D 145 3.42 61.98 -13.61
C GLY D 145 2.66 62.57 -12.46
N VAL D 146 1.59 61.86 -12.08
CA VAL D 146 0.69 62.25 -10.99
C VAL D 146 0.46 61.05 -10.09
N ASP D 147 0.69 61.27 -8.80
CA ASP D 147 0.42 60.30 -7.72
C ASP D 147 -0.25 61.07 -6.58
N GLU D 148 -0.44 60.45 -5.42
CA GLU D 148 -1.10 61.11 -4.28
C GLU D 148 -0.37 62.33 -3.70
N LYS D 149 0.92 62.52 -4.00
CA LYS D 149 1.62 63.78 -3.68
C LYS D 149 1.24 64.88 -4.66
N GLY D 150 0.55 64.53 -5.75
CA GLY D 150 0.07 65.47 -6.79
C GLY D 150 0.94 65.33 -8.03
N PRO D 151 0.89 66.32 -8.93
CA PRO D 151 1.78 66.31 -10.10
C PRO D 151 3.26 66.33 -9.71
N GLN D 152 4.09 65.60 -10.46
CA GLN D 152 5.49 65.49 -10.12
C GLN D 152 6.43 65.20 -11.24
N LEU D 153 7.56 65.91 -11.23
CA LEU D 153 8.59 65.77 -12.22
C LEU D 153 9.92 65.49 -11.54
N PHE D 154 10.63 64.46 -12.03
CA PHE D 154 11.92 64.05 -11.51
C PHE D 154 12.89 63.91 -12.67
N HIS D 155 14.15 64.15 -12.38
CA HIS D 155 15.21 64.05 -13.35
C HIS D 155 16.18 63.01 -12.86
N MET D 156 16.73 62.23 -13.78
CA MET D 156 17.74 61.25 -13.46
C MET D 156 18.86 61.35 -14.48
N ASP D 157 20.10 61.19 -14.04
CA ASP D 157 21.25 61.12 -14.97
C ASP D 157 22.07 59.83 -14.78
N PRO D 158 23.09 59.59 -15.62
CA PRO D 158 23.84 58.35 -15.55
C PRO D 158 24.59 58.07 -14.22
N SER D 159 24.70 59.04 -13.33
CA SER D 159 25.31 58.80 -12.02
C SER D 159 24.38 58.06 -11.06
N GLY D 160 23.11 57.94 -11.42
CA GLY D 160 22.11 57.39 -10.50
C GLY D 160 21.55 58.39 -9.50
N THR D 161 21.94 59.65 -9.66
CA THR D 161 21.37 60.74 -8.90
C THR D 161 20.02 61.11 -9.52
N PHE D 162 18.99 61.22 -8.69
CA PHE D 162 17.68 61.66 -9.15
C PHE D 162 17.13 62.68 -8.19
N VAL D 163 16.29 63.58 -8.67
CA VAL D 163 15.77 64.66 -7.85
C VAL D 163 14.49 65.28 -8.45
N GLN D 164 13.56 65.72 -7.59
CA GLN D 164 12.36 66.45 -8.03
C GLN D 164 12.73 67.81 -8.58
N CYS D 165 12.08 68.25 -9.66
CA CYS D 165 12.33 69.55 -10.29
C CYS D 165 11.01 70.22 -10.68
N ASP D 166 10.86 71.49 -10.37
CA ASP D 166 9.69 72.27 -10.79
C ASP D 166 9.68 72.48 -12.30
N ALA D 167 10.88 72.64 -12.88
CA ALA D 167 11.06 72.59 -14.32
C ALA D 167 12.50 72.22 -14.66
N ARG D 168 12.70 71.49 -15.76
CA ARG D 168 14.03 71.05 -16.14
C ARG D 168 14.16 70.86 -17.63
N ALA D 169 15.32 71.21 -18.17
CA ALA D 169 15.71 70.85 -19.53
C ALA D 169 16.94 69.94 -19.54
N ILE D 170 17.04 69.09 -20.53
CA ILE D 170 18.14 68.13 -20.65
C ILE D 170 18.54 68.10 -22.11
N GLY D 171 19.74 67.62 -22.39
CA GLY D 171 20.27 67.57 -23.76
C GLY D 171 21.10 68.77 -24.20
N SER D 172 21.35 68.87 -25.51
CA SER D 172 22.29 69.86 -26.14
C SER D 172 22.15 71.29 -25.66
N ALA D 173 20.93 71.81 -25.61
CA ALA D 173 20.69 73.22 -25.28
C ALA D 173 20.11 73.42 -23.87
N SER D 174 20.46 72.54 -22.94
CA SER D 174 19.88 72.57 -21.59
C SER D 174 20.27 73.80 -20.74
N GLU D 175 21.51 74.27 -20.91
N GLU D 175 21.50 74.33 -20.91
CA GLU D 175 21.96 75.55 -20.43
CA GLU D 175 21.91 75.59 -20.22
C GLU D 175 21.53 76.29 -21.69
C GLU D 175 21.01 76.82 -20.51
N GLY D 176 21.18 77.53 -21.62
CA GLY D 176 20.09 78.06 -22.41
C GLY D 176 18.66 77.84 -21.97
N ALA D 177 18.13 76.64 -22.22
CA ALA D 177 16.72 76.34 -21.92
C ALA D 177 16.39 76.46 -20.44
N GLN D 178 17.30 75.99 -19.59
CA GLN D 178 17.15 76.09 -18.14
C GLN D 178 17.09 77.54 -17.67
N SER D 179 17.89 78.44 -18.28
CA SER D 179 17.83 79.88 -17.92
C SER D 179 16.46 80.46 -18.24
N SER D 180 15.97 80.12 -19.43
CA SER D 180 14.66 80.61 -19.86
C SER D 180 13.59 80.07 -18.91
N LEU D 181 13.73 78.80 -18.46
CA LEU D 181 12.77 78.25 -17.51
C LEU D 181 12.75 79.01 -16.17
N GLN D 182 13.91 79.47 -15.68
CA GLN D 182 13.95 80.25 -14.40
C GLN D 182 13.23 81.60 -14.52
N GLU D 183 13.24 82.15 -15.73
CA GLU D 183 12.60 83.43 -16.03
C GLU D 183 11.08 83.32 -16.03
N VAL D 184 10.55 82.29 -16.69
CA VAL D 184 9.10 82.13 -16.83
C VAL D 184 8.42 81.32 -15.69
N TYR D 185 9.13 80.38 -15.05
CA TYR D 185 8.45 79.55 -14.07
C TYR D 185 7.94 80.30 -12.83
N HIS D 186 6.71 80.01 -12.42
CA HIS D 186 6.23 80.33 -11.07
C HIS D 186 5.26 79.25 -10.56
N LYS D 187 5.19 79.07 -9.24
CA LYS D 187 4.45 77.95 -8.60
C LYS D 187 2.95 77.95 -8.88
N SER D 188 2.36 79.13 -9.07
CA SER D 188 0.93 79.23 -9.41
C SER D 188 0.58 79.09 -10.92
N MET D 189 1.58 78.91 -11.78
CA MET D 189 1.43 78.80 -13.25
C MET D 189 0.46 77.68 -13.69
N THR D 190 -0.33 77.95 -14.72
CA THR D 190 -1.28 76.93 -15.25
C THR D 190 -0.55 75.97 -16.16
N LEU D 191 -1.17 74.81 -16.42
CA LEU D 191 -0.61 73.84 -17.34
C LEU D 191 -0.54 74.40 -18.75
N LYS D 192 -1.60 75.08 -19.20
CA LYS D 192 -1.59 75.63 -20.56
C LYS D 192 -0.49 76.68 -20.78
N GLU D 193 -0.23 77.50 -19.76
CA GLU D 193 0.93 78.42 -19.74
C GLU D 193 2.26 77.66 -19.81
N ALA D 194 2.41 76.61 -19.00
CA ALA D 194 3.63 75.77 -19.04
C ALA D 194 3.87 75.06 -20.38
N ILE D 195 2.80 74.64 -21.05
CA ILE D 195 2.89 74.06 -22.41
C ILE D 195 3.38 75.11 -23.46
N LYS D 196 2.77 76.29 -23.44
CA LYS D 196 3.22 77.40 -24.30
C LYS D 196 4.70 77.73 -24.02
N SER D 197 5.01 77.98 -22.75
CA SER D 197 6.38 78.30 -22.31
C SER D 197 7.42 77.31 -22.82
N SER D 198 7.14 76.01 -22.73
CA SER D 198 8.10 75.03 -23.19
C SER D 198 8.16 74.94 -24.72
N LEU D 199 7.07 75.21 -25.42
CA LEU D 199 7.13 75.28 -26.90
C LEU D 199 7.90 76.52 -27.35
N ILE D 200 7.72 77.64 -26.62
CA ILE D 200 8.47 78.85 -26.89
C ILE D 200 9.95 78.58 -26.75
N ILE D 201 10.33 77.92 -25.66
CA ILE D 201 11.75 77.66 -25.39
C ILE D 201 12.37 76.67 -26.41
N LEU D 202 11.68 75.58 -26.74
CA LEU D 202 12.19 74.67 -27.78
C LEU D 202 12.38 75.41 -29.09
N LYS D 203 11.42 76.28 -29.42
CA LYS D 203 11.54 77.15 -30.58
C LYS D 203 12.86 77.96 -30.63
N GLN D 204 13.20 78.69 -29.55
CA GLN D 204 14.49 79.42 -29.46
C GLN D 204 15.68 78.53 -29.71
N VAL D 205 15.71 77.38 -29.03
CA VAL D 205 16.93 76.56 -28.96
C VAL D 205 17.11 75.58 -30.10
N MET D 206 16.03 75.24 -30.81
CA MET D 206 16.10 74.28 -31.92
C MET D 206 16.85 74.85 -33.14
N GLU D 207 17.72 74.05 -33.75
CA GLU D 207 18.43 74.47 -34.99
C GLU D 207 17.48 74.53 -36.18
N GLU D 208 16.53 73.59 -36.27
CA GLU D 208 15.43 73.66 -37.27
C GLU D 208 14.23 74.49 -36.77
N LYS D 209 13.53 75.09 -37.74
CA LYS D 209 12.29 75.85 -37.49
C LYS D 209 11.25 74.89 -36.88
N LEU D 210 10.71 75.24 -35.70
CA LEU D 210 9.67 74.44 -35.06
C LEU D 210 8.40 74.33 -35.94
N ASN D 211 7.77 73.15 -35.88
CA ASN D 211 6.47 72.84 -36.49
C ASN D 211 5.85 71.62 -35.77
N ALA D 212 4.72 71.13 -36.30
CA ALA D 212 3.92 70.10 -35.64
C ALA D 212 4.39 68.64 -35.83
N THR D 213 5.40 68.41 -36.65
CA THR D 213 5.97 67.06 -36.88
C THR D 213 7.38 66.86 -36.27
N ASN D 214 8.15 67.93 -36.03
CA ASN D 214 9.50 67.79 -35.48
C ASN D 214 9.66 68.06 -33.97
N ILE D 215 8.55 68.08 -33.25
CA ILE D 215 8.51 68.02 -31.78
C ILE D 215 7.47 66.99 -31.31
N GLU D 216 7.57 66.56 -30.06
CA GLU D 216 6.48 65.85 -29.39
C GLU D 216 6.20 66.56 -28.09
N LEU D 217 4.93 66.47 -27.69
CA LEU D 217 4.49 66.89 -26.39
C LEU D 217 3.51 65.86 -25.78
N ALA D 218 3.63 65.67 -24.46
CA ALA D 218 2.72 64.86 -23.67
C ALA D 218 2.45 65.50 -22.32
N THR D 219 1.31 65.16 -21.74
CA THR D 219 0.92 65.60 -20.40
C THR D 219 0.42 64.46 -19.55
N VAL D 220 0.41 64.69 -18.25
CA VAL D 220 -0.33 63.86 -17.30
C VAL D 220 -0.98 64.85 -16.35
N GLN D 221 -2.25 64.63 -16.01
CA GLN D 221 -3.01 65.55 -15.16
C GLN D 221 -3.73 64.80 -14.07
N PRO D 222 -4.06 65.46 -12.95
CA PRO D 222 -4.87 64.79 -11.90
C PRO D 222 -6.10 64.08 -12.44
N GLY D 223 -6.86 64.74 -13.30
CA GLY D 223 -8.06 64.11 -13.82
C GLY D 223 -7.85 63.07 -14.92
N GLN D 224 -6.64 62.91 -15.43
CA GLN D 224 -6.49 62.36 -16.78
C GLN D 224 -5.17 61.65 -17.03
N ASN D 225 -5.27 60.51 -17.70
CA ASN D 225 -4.12 59.69 -18.01
C ASN D 225 -3.14 60.35 -18.95
N PHE D 226 -1.93 59.79 -18.93
CA PHE D 226 -0.89 60.13 -19.90
C PHE D 226 -1.51 60.33 -21.27
N HIS D 227 -1.17 61.46 -21.89
CA HIS D 227 -1.69 61.82 -23.18
C HIS D 227 -0.65 62.42 -24.14
N MET D 228 -0.32 61.69 -25.21
CA MET D 228 0.50 62.23 -26.31
C MET D 228 -0.30 63.15 -27.23
N PHE D 229 0.15 64.37 -27.44
CA PHE D 229 -0.54 65.31 -28.33
C PHE D 229 -0.53 64.85 -29.79
N THR D 230 -1.68 64.93 -30.43
CA THR D 230 -1.83 64.66 -31.86
C THR D 230 -1.22 65.83 -32.71
N LYS D 231 -0.95 65.57 -33.99
CA LYS D 231 -0.58 66.64 -34.94
C LYS D 231 -1.53 67.80 -34.81
N GLU D 232 -2.83 67.50 -34.84
CA GLU D 232 -3.86 68.53 -34.77
C GLU D 232 -3.82 69.33 -33.46
N GLU D 233 -3.68 68.65 -32.32
CA GLU D 233 -3.61 69.35 -31.03
C GLU D 233 -2.30 70.18 -30.88
N LEU D 234 -1.22 69.71 -31.51
CA LEU D 234 0.06 70.45 -31.56
C LEU D 234 -0.10 71.76 -32.35
N GLU D 235 -0.71 71.65 -33.52
CA GLU D 235 -1.00 72.81 -34.40
C GLU D 235 -1.79 73.91 -33.69
N GLU D 236 -2.77 73.52 -32.88
CA GLU D 236 -3.53 74.48 -32.05
C GLU D 236 -2.63 75.30 -31.13
N VAL D 237 -1.75 74.65 -30.37
CA VAL D 237 -0.81 75.35 -29.45
C VAL D 237 0.25 76.16 -30.20
N ILE D 238 0.70 75.65 -31.35
CA ILE D 238 1.73 76.31 -32.18
C ILE D 238 1.29 77.67 -32.77
N LYS D 239 -0.02 77.91 -32.91
CA LYS D 239 -0.56 79.17 -33.51
C LYS D 239 -0.13 80.47 -32.82
N ASP D 240 -0.29 80.49 -31.49
CA ASP D 240 0.10 81.63 -30.64
C ASP D 240 1.61 81.87 -30.59
N ILE D 241 2.39 80.84 -30.92
CA ILE D 241 3.84 80.83 -30.90
C ILE D 241 4.35 80.80 -32.33
N ASN E 4 50.45 56.86 -10.63
CA ASN E 4 50.40 57.03 -12.19
C ASN E 4 50.17 55.64 -12.87
N GLN E 5 51.24 54.84 -13.04
CA GLN E 5 51.08 53.37 -13.10
C GLN E 5 50.48 52.83 -11.80
N TYR E 6 50.58 53.57 -10.71
CA TYR E 6 49.99 53.21 -9.43
C TYR E 6 48.63 53.82 -9.12
N ASP E 7 47.97 54.52 -10.01
CA ASP E 7 46.72 55.16 -9.50
C ASP E 7 45.39 54.72 -10.09
N ASN E 8 45.39 53.65 -10.88
CA ASN E 8 44.17 53.23 -11.51
C ASN E 8 43.48 52.00 -10.91
N ASP E 9 44.23 51.17 -10.15
CA ASP E 9 43.75 49.89 -9.64
C ASP E 9 43.85 49.83 -8.14
N VAL E 10 42.76 49.44 -7.53
CA VAL E 10 42.67 49.31 -6.10
C VAL E 10 43.58 48.19 -5.58
N THR E 11 43.99 47.27 -6.47
CA THR E 11 44.93 46.24 -6.13
C THR E 11 46.39 46.58 -6.24
N VAL E 12 46.74 47.81 -6.60
CA VAL E 12 48.15 48.18 -6.79
C VAL E 12 48.59 49.06 -5.66
N TRP E 13 49.41 48.52 -4.78
CA TRP E 13 50.09 49.35 -3.75
C TRP E 13 51.10 50.28 -4.43
N SER E 14 51.18 51.51 -3.98
CA SER E 14 52.28 52.43 -4.43
C SER E 14 53.58 52.16 -3.61
N PRO E 15 54.71 52.63 -4.10
CA PRO E 15 55.94 52.40 -3.35
C PRO E 15 56.05 53.13 -1.97
N GLN E 16 55.13 54.05 -1.67
CA GLN E 16 54.93 54.64 -0.36
C GLN E 16 54.02 53.88 0.57
N GLY E 17 53.44 52.73 0.17
CA GLY E 17 52.53 52.02 1.00
C GLY E 17 51.16 52.66 1.02
N ARG E 18 50.76 53.20 -0.14
CA ARG E 18 49.44 53.81 -0.33
C ARG E 18 48.65 53.16 -1.47
N ILE E 19 47.35 53.36 -1.44
CA ILE E 19 46.45 52.85 -2.49
C ILE E 19 45.69 54.05 -3.05
N HIS E 20 46.18 54.54 -4.18
CA HIS E 20 45.66 55.81 -4.75
C HIS E 20 44.14 55.76 -5.05
N GLN E 21 43.61 54.60 -5.53
CA GLN E 21 42.17 54.49 -5.73
C GLN E 21 41.29 54.76 -4.52
N ILE E 22 41.76 54.34 -3.34
CA ILE E 22 41.03 54.55 -2.11
C ILE E 22 41.06 56.01 -1.76
N GLU E 23 42.23 56.62 -1.84
CA GLU E 23 42.35 58.08 -1.66
C GLU E 23 41.48 58.88 -2.62
N TYR E 24 41.38 58.44 -3.86
CA TYR E 24 40.50 59.14 -4.80
C TYR E 24 39.04 59.01 -4.45
N ALA E 25 38.61 57.82 -4.03
CA ALA E 25 37.22 57.65 -3.54
C ALA E 25 36.90 58.57 -2.35
N MET E 26 37.88 58.75 -1.47
CA MET E 26 37.71 59.71 -0.38
C MET E 26 37.39 61.13 -0.84
N GLU E 27 37.92 61.52 -2.00
CA GLU E 27 37.62 62.83 -2.55
C GLU E 27 36.15 63.02 -2.89
N ALA E 28 35.49 61.94 -3.26
CA ALA E 28 34.05 62.01 -3.49
C ALA E 28 33.34 62.50 -2.23
N VAL E 29 33.76 62.05 -1.06
CA VAL E 29 33.07 62.50 0.17
C VAL E 29 33.42 63.94 0.56
N LYS E 30 34.68 64.35 0.36
CA LYS E 30 35.13 65.76 0.64
C LYS E 30 34.38 66.80 -0.15
N GLN E 31 33.84 66.41 -1.31
CA GLN E 31 33.11 67.29 -2.19
C GLN E 31 31.60 67.24 -2.06
N GLY E 32 31.05 66.34 -1.26
CA GLY E 32 29.62 66.40 -0.91
C GLY E 32 29.36 67.60 -0.04
N SER E 33 28.10 67.99 0.13
CA SER E 33 27.79 69.08 1.05
C SER E 33 27.93 68.59 2.50
N ALA E 34 28.16 69.52 3.41
CA ALA E 34 28.51 69.18 4.78
C ALA E 34 27.36 68.55 5.55
N THR E 35 27.73 67.61 6.43
CA THR E 35 26.82 67.14 7.43
C THR E 35 27.51 66.97 8.77
N VAL E 36 26.73 67.13 9.83
CA VAL E 36 27.20 67.10 11.19
C VAL E 36 26.47 65.99 11.94
N GLY E 37 27.22 65.27 12.78
CA GLY E 37 26.68 64.32 13.76
C GLY E 37 27.18 64.64 15.16
N LEU E 38 26.29 64.59 16.13
CA LEU E 38 26.63 64.77 17.55
C LEU E 38 25.62 64.07 18.48
N LYS E 39 26.06 63.80 19.71
CA LYS E 39 25.24 63.11 20.70
C LYS E 39 25.35 63.69 22.08
N SER E 40 24.35 63.39 22.89
CA SER E 40 24.30 63.69 24.31
C SER E 40 24.25 62.36 25.07
N LYS E 41 24.04 62.42 26.39
CA LYS E 41 23.70 61.24 27.21
C LYS E 41 22.49 60.47 26.64
N THR E 42 21.49 61.19 26.12
CA THR E 42 20.22 60.58 25.73
C THR E 42 19.84 60.55 24.26
N HIS E 43 20.43 61.41 23.43
CA HIS E 43 20.05 61.48 21.99
C HIS E 43 21.24 61.55 21.05
N ALA E 44 21.02 61.12 19.81
CA ALA E 44 22.00 61.29 18.74
C ALA E 44 21.31 62.10 17.66
N VAL E 45 22.00 63.10 17.11
CA VAL E 45 21.45 63.98 16.11
C VAL E 45 22.32 64.09 14.89
N LEU E 46 21.67 64.12 13.73
CA LEU E 46 22.31 64.41 12.48
C LEU E 46 21.69 65.68 11.92
N VAL E 47 22.54 66.49 11.29
CA VAL E 47 22.10 67.72 10.68
C VAL E 47 22.80 67.80 9.33
N ALA E 48 22.07 68.02 8.25
CA ALA E 48 22.71 68.11 6.92
C ALA E 48 22.32 69.34 6.09
N LEU E 49 23.30 69.88 5.37
CA LEU E 49 23.08 70.85 4.30
C LEU E 49 22.70 70.15 3.03
N LYS E 50 21.57 70.52 2.48
CA LYS E 50 21.14 70.00 1.19
C LYS E 50 21.42 71.03 0.06
N ARG E 51 22.14 70.58 -0.98
CA ARG E 51 22.43 71.39 -2.20
C ARG E 51 21.36 71.17 -3.33
N ALA E 52 20.93 72.28 -3.92
CA ALA E 52 19.99 72.28 -5.06
C ALA E 52 20.74 72.69 -6.34
N GLN E 53 20.69 71.81 -7.35
CA GLN E 53 21.36 72.04 -8.65
C GLN E 53 21.01 73.41 -9.27
N SER E 54 19.74 73.80 -9.17
CA SER E 54 19.27 75.14 -9.58
C SER E 54 18.13 75.64 -8.65
N GLU E 55 17.65 76.86 -8.93
CA GLU E 55 16.58 77.49 -8.15
C GLU E 55 15.28 76.66 -8.15
N LEU E 56 15.06 75.90 -9.22
CA LEU E 56 13.81 75.14 -9.43
C LEU E 56 13.88 73.64 -9.04
N ALA E 57 15.06 73.15 -8.69
CA ALA E 57 15.25 71.78 -8.21
C ALA E 57 15.00 71.66 -6.68
N ALA E 58 14.59 70.46 -6.25
CA ALA E 58 14.20 70.14 -4.85
C ALA E 58 15.20 70.38 -3.72
N HIS E 59 16.45 69.96 -3.89
CA HIS E 59 17.42 69.97 -2.77
C HIS E 59 17.59 68.49 -2.43
N GLN E 60 18.79 68.00 -2.67
CA GLN E 60 19.11 66.56 -2.55
C GLN E 60 18.88 66.01 -1.13
N LYS E 61 18.21 64.86 -1.02
CA LYS E 61 18.09 64.17 0.26
C LYS E 61 19.48 63.72 0.78
N LYS E 62 19.75 64.06 2.04
CA LYS E 62 20.97 63.68 2.73
C LYS E 62 20.79 62.76 3.96
N ILE E 63 19.59 62.59 4.47
CA ILE E 63 19.33 61.82 5.69
C ILE E 63 18.37 60.65 5.35
N LEU E 64 18.70 59.44 5.79
CA LEU E 64 17.97 58.21 5.44
C LEU E 64 17.70 57.38 6.68
N HIS E 65 16.47 56.87 6.77
CA HIS E 65 16.03 55.93 7.81
C HIS E 65 16.63 54.53 7.51
N VAL E 66 17.19 53.90 8.54
CA VAL E 66 17.73 52.54 8.41
C VAL E 66 16.84 51.57 9.21
N ASP E 67 16.58 51.88 10.47
CA ASP E 67 15.68 51.09 11.31
C ASP E 67 15.13 52.02 12.35
N ASN E 68 14.23 51.55 13.20
CA ASN E 68 13.64 52.45 14.21
C ASN E 68 14.68 53.16 15.10
N HIS E 69 15.85 52.56 15.24
CA HIS E 69 16.86 53.00 16.15
C HIS E 69 18.14 53.50 15.44
N ILE E 70 18.12 53.56 14.11
CA ILE E 70 19.30 53.95 13.34
C ILE E 70 18.92 54.79 12.13
N GLY E 71 19.60 55.92 11.96
CA GLY E 71 19.56 56.68 10.71
C GLY E 71 20.95 57.12 10.27
N ILE E 72 21.03 57.59 9.03
CA ILE E 72 22.30 57.95 8.43
C ILE E 72 22.23 59.27 7.67
N SER E 73 23.40 59.92 7.60
CA SER E 73 23.62 61.05 6.76
C SER E 73 24.73 60.68 5.80
N ILE E 74 24.65 61.19 4.57
CA ILE E 74 25.52 60.72 3.50
C ILE E 74 26.35 61.84 2.90
N ALA E 75 27.53 61.51 2.39
CA ALA E 75 28.32 62.44 1.55
C ALA E 75 29.10 61.63 0.49
N GLY E 76 29.04 62.03 -0.76
CA GLY E 76 29.68 61.28 -1.83
C GLY E 76 28.68 60.83 -2.89
N LEU E 77 28.98 59.71 -3.56
CA LEU E 77 28.13 59.22 -4.64
C LEU E 77 26.81 58.71 -4.08
N THR E 78 25.70 59.35 -4.45
CA THR E 78 24.42 58.95 -3.91
C THR E 78 24.02 57.49 -4.20
N ALA E 79 24.41 56.96 -5.36
CA ALA E 79 24.04 55.61 -5.74
C ALA E 79 24.73 54.60 -4.85
N ASP E 80 25.96 54.90 -4.46
CA ASP E 80 26.66 54.12 -3.48
C ASP E 80 26.02 54.30 -2.10
N ALA E 81 25.57 55.50 -1.77
CA ALA E 81 24.90 55.71 -0.50
C ALA E 81 23.64 54.84 -0.40
N ARG E 82 22.82 54.85 -1.42
CA ARG E 82 21.63 54.00 -1.43
C ARG E 82 21.93 52.49 -1.36
N LEU E 83 22.94 52.04 -2.09
CA LEU E 83 23.30 50.62 -2.05
C LEU E 83 23.72 50.18 -0.63
N LEU E 84 24.57 51.00 -0.01
CA LEU E 84 25.02 50.78 1.35
C LEU E 84 23.87 50.88 2.33
N CYS E 85 23.03 51.88 2.17
CA CYS E 85 21.84 52.03 2.99
C CYS E 85 20.93 50.80 2.93
N ASN E 86 20.79 50.22 1.73
CA ASN E 86 19.93 49.04 1.58
C ASN E 86 20.57 47.80 2.28
N PHE E 87 21.89 47.66 2.21
CA PHE E 87 22.59 46.64 2.94
C PHE E 87 22.35 46.77 4.46
N MET E 88 22.44 47.99 4.97
CA MET E 88 22.25 48.27 6.38
C MET E 88 20.86 47.87 6.85
N ARG E 89 19.87 48.30 6.07
CA ARG E 89 18.46 47.99 6.31
C ARG E 89 18.20 46.52 6.37
N GLN E 90 18.79 45.79 5.44
CA GLN E 90 18.66 44.34 5.37
C GLN E 90 19.27 43.63 6.61
N GLU E 91 20.46 44.07 7.03
CA GLU E 91 21.09 43.53 8.23
C GLU E 91 20.25 43.80 9.49
N CYS E 92 19.64 44.97 9.58
CA CYS E 92 18.73 45.30 10.65
C CYS E 92 17.46 44.44 10.62
N LEU E 93 16.90 44.19 9.45
CA LEU E 93 15.72 43.34 9.33
C LEU E 93 16.04 41.92 9.75
N ASP E 94 17.12 41.39 9.22
CA ASP E 94 17.60 40.06 9.54
C ASP E 94 17.75 39.87 11.06
N SER E 95 18.37 40.81 11.72
CA SER E 95 18.58 40.69 13.14
C SER E 95 17.26 40.68 13.91
N ARG E 96 16.29 41.52 13.53
CA ARG E 96 14.96 41.49 14.17
C ARG E 96 14.17 40.23 13.84
N PHE E 97 14.34 39.72 12.62
CA PHE E 97 13.71 38.48 12.23
C PHE E 97 14.24 37.33 13.13
N VAL E 98 15.56 37.25 13.29
CA VAL E 98 16.20 36.15 13.96
C VAL E 98 16.07 36.26 15.48
N PHE E 99 16.37 37.46 16.03
CA PHE E 99 16.46 37.67 17.49
C PHE E 99 15.36 38.50 18.16
N ASP E 100 14.46 39.04 17.35
CA ASP E 100 13.37 39.87 17.86
C ASP E 100 13.87 41.06 18.70
N ARG E 101 15.05 41.57 18.35
CA ARG E 101 15.63 42.70 19.04
CA ARG E 101 15.62 42.71 19.03
C ARG E 101 16.52 43.51 18.10
N PRO E 102 16.68 44.82 18.37
CA PRO E 102 17.44 45.65 17.45
C PRO E 102 18.88 45.26 17.32
N LEU E 103 19.44 45.40 16.12
CA LEU E 103 20.85 45.11 15.91
C LEU E 103 21.66 46.19 16.62
N PRO E 104 22.58 45.79 17.53
CA PRO E 104 23.39 46.85 18.15
C PRO E 104 24.16 47.68 17.14
N VAL E 105 24.30 48.98 17.40
CA VAL E 105 24.82 49.91 16.35
C VAL E 105 26.27 49.56 15.98
N SER E 106 27.09 49.26 17.00
CA SER E 106 28.52 48.89 16.78
C SER E 106 28.66 47.64 15.92
N ARG E 107 27.73 46.69 16.04
CA ARG E 107 27.75 45.50 15.21
C ARG E 107 27.37 45.82 13.75
N LEU E 108 26.35 46.64 13.55
CA LEU E 108 26.05 47.09 12.20
C LEU E 108 27.25 47.78 11.55
N VAL E 109 27.95 48.62 12.31
CA VAL E 109 29.10 49.30 11.76
C VAL E 109 30.22 48.34 11.33
N SER E 110 30.49 47.34 12.15
CA SER E 110 31.41 46.24 11.79
C SER E 110 31.10 45.54 10.51
N LEU E 111 29.80 45.23 10.33
CA LEU E 111 29.30 44.66 9.10
C LEU E 111 29.61 45.59 7.92
N ILE E 112 29.44 46.89 8.08
CA ILE E 112 29.82 47.82 7.01
C ILE E 112 31.30 47.74 6.70
N GLY E 113 32.12 47.71 7.74
CA GLY E 113 33.61 47.66 7.57
C GLY E 113 34.02 46.44 6.78
N SER E 114 33.43 45.32 7.14
CA SER E 114 33.74 44.06 6.49
C SER E 114 33.25 44.04 5.04
N LYS E 115 32.03 44.51 4.82
CA LYS E 115 31.50 44.56 3.49
C LYS E 115 32.25 45.51 2.55
N THR E 116 32.56 46.71 3.00
CA THR E 116 33.19 47.72 2.12
C THR E 116 34.68 47.47 1.97
N GLN E 117 35.28 46.63 2.82
CA GLN E 117 36.69 46.34 2.61
C GLN E 117 36.94 45.43 1.40
N ILE E 118 36.01 44.53 1.19
CA ILE E 118 36.16 43.47 0.18
C ILE E 118 36.54 43.99 -1.24
N PRO E 119 35.77 44.91 -1.79
CA PRO E 119 36.20 45.37 -3.10
C PRO E 119 37.53 46.18 -3.14
N THR E 120 38.10 46.58 -2.01
CA THR E 120 39.40 47.27 -1.99
C THR E 120 40.58 46.35 -2.25
N GLN E 121 40.36 45.05 -2.33
CA GLN E 121 41.43 44.10 -2.44
C GLN E 121 41.29 43.20 -3.66
N ARG E 122 40.27 43.41 -4.50
CA ARG E 122 40.03 42.60 -5.69
C ARG E 122 40.13 43.35 -7.00
N TYR E 123 40.80 42.75 -7.97
CA TYR E 123 41.09 43.42 -9.20
C TYR E 123 39.82 43.75 -9.93
N GLY E 124 39.79 44.92 -10.52
CA GLY E 124 38.62 45.37 -11.25
C GLY E 124 37.44 45.73 -10.37
N ARG E 125 37.59 45.73 -9.05
CA ARG E 125 36.55 46.25 -8.17
C ARG E 125 36.94 47.67 -7.76
N ARG E 126 36.05 48.37 -7.07
CA ARG E 126 36.34 49.72 -6.65
C ARG E 126 35.88 49.94 -5.23
N PRO E 127 36.51 50.87 -4.50
CA PRO E 127 35.89 51.25 -3.24
C PRO E 127 34.46 51.83 -3.40
N TYR E 128 33.70 51.79 -2.31
CA TYR E 128 32.50 52.60 -2.17
C TYR E 128 32.93 54.08 -2.07
N GLY E 129 32.28 54.95 -2.84
CA GLY E 129 32.63 56.39 -2.85
C GLY E 129 31.75 57.18 -1.93
N VAL E 130 31.49 56.69 -0.73
CA VAL E 130 30.53 57.32 0.13
C VAL E 130 31.05 57.28 1.55
N GLY E 131 30.74 58.33 2.29
CA GLY E 131 31.04 58.36 3.70
C GLY E 131 29.72 58.56 4.39
N LEU E 132 29.57 57.96 5.57
CA LEU E 132 28.37 58.08 6.38
C LEU E 132 28.64 58.60 7.76
N LEU E 133 27.69 59.38 8.24
CA LEU E 133 27.51 59.58 9.64
C LEU E 133 26.30 58.78 10.06
N ILE E 134 26.45 57.95 11.09
CA ILE E 134 25.43 57.01 11.53
C ILE E 134 25.03 57.39 12.94
N ALA E 135 23.77 57.75 13.13
CA ALA E 135 23.22 57.99 14.47
C ALA E 135 22.38 56.79 14.92
N GLY E 136 22.56 56.39 16.16
CA GLY E 136 21.76 55.30 16.68
C GLY E 136 21.61 55.34 18.17
N TYR E 137 20.69 54.55 18.67
CA TYR E 137 20.47 54.34 20.07
C TYR E 137 20.20 52.84 20.36
N ASP E 138 20.94 52.28 21.30
CA ASP E 138 20.77 50.91 21.76
C ASP E 138 21.03 50.80 23.29
N ASP E 139 21.24 49.59 23.81
CA ASP E 139 21.46 49.39 25.26
C ASP E 139 22.66 50.14 25.80
N MET E 140 23.65 50.41 24.97
CA MET E 140 24.81 51.25 25.34
C MET E 140 24.61 52.76 25.12
N GLY E 141 23.40 53.19 24.76
CA GLY E 141 23.06 54.61 24.68
C GLY E 141 23.17 55.14 23.27
N PRO E 142 23.27 56.47 23.13
CA PRO E 142 23.39 57.07 21.78
C PRO E 142 24.74 56.84 21.15
N HIS E 143 24.78 56.77 19.83
CA HIS E 143 26.04 56.63 19.09
C HIS E 143 26.09 57.52 17.84
N ILE E 144 27.29 58.00 17.54
CA ILE E 144 27.60 58.60 16.25
C ILE E 144 28.81 57.86 15.72
N PHE E 145 28.63 57.12 14.63
CA PHE E 145 29.75 56.54 13.93
C PHE E 145 29.93 57.22 12.57
N GLN E 146 31.17 57.09 12.07
CA GLN E 146 31.57 57.55 10.78
C GLN E 146 32.21 56.44 9.99
N THR E 147 31.83 56.30 8.73
CA THR E 147 32.41 55.28 7.84
C THR E 147 33.02 55.93 6.62
N 6V1 E 148 34.01 55.26 6.03
CA 6V1 E 148 34.84 55.82 4.97
C 6V1 E 148 35.01 54.86 3.83
O 6V1 E 148 34.91 53.66 4.03
CB 6V1 E 148 36.27 56.11 5.45
SG 6V1 E 148 36.24 57.20 6.85
C1 6V1 E 148 37.33 58.54 6.33
C2 6V1 E 148 36.74 59.61 5.42
N3 6V1 E 148 37.38 60.78 5.61
C4 6V1 E 148 37.87 60.82 6.87
C5 6V1 E 148 37.99 59.40 7.44
C6 6V1 E 148 37.63 61.79 4.56
O7 6V1 E 148 35.88 59.45 4.57
O8 6V1 E 148 38.19 61.86 7.45
C3 6V1 E 148 36.38 62.28 3.87
N PRO E 149 35.34 55.39 2.64
CA PRO E 149 35.70 54.59 1.49
C PRO E 149 36.84 53.61 1.69
N SER E 150 37.75 53.90 2.61
CA SER E 150 38.80 52.95 2.99
C SER E 150 38.26 51.68 3.68
N ALA E 151 36.99 51.70 4.08
CA ALA E 151 36.33 50.67 4.91
C ALA E 151 36.61 50.81 6.41
N ASN E 152 37.44 51.77 6.76
CA ASN E 152 37.69 52.14 8.12
C ASN E 152 36.50 52.88 8.70
N TYR E 153 36.31 52.81 10.02
CA TYR E 153 35.20 53.46 10.70
C TYR E 153 35.63 53.96 12.05
N PHE E 154 34.87 54.87 12.61
CA PHE E 154 35.26 55.62 13.78
C PHE E 154 34.05 55.83 14.67
N ASP E 155 34.26 55.73 15.97
CA ASP E 155 33.27 55.98 16.98
C ASP E 155 33.55 57.40 17.47
N CYS E 156 32.50 58.24 17.49
CA CYS E 156 32.67 59.70 17.62
C CYS E 156 31.83 60.31 18.72
N ARG E 157 32.40 61.30 19.40
CA ARG E 157 31.63 62.17 20.26
C ARG E 157 30.79 63.08 19.38
N ALA E 158 31.38 63.52 18.29
CA ALA E 158 30.71 64.31 17.26
C ALA E 158 31.56 64.32 15.99
N MET E 159 30.98 64.65 14.85
CA MET E 159 31.76 64.62 13.60
C MET E 159 31.14 65.48 12.52
N SER E 160 31.97 65.94 11.58
CA SER E 160 31.47 66.55 10.35
C SER E 160 32.30 66.06 9.17
N ILE E 161 31.63 65.84 8.03
CA ILE E 161 32.27 65.41 6.78
C ILE E 161 31.69 66.25 5.64
N GLY E 162 32.41 66.28 4.53
CA GLY E 162 31.99 67.00 3.35
C GLY E 162 32.69 68.35 3.21
N ALA E 163 32.20 69.17 2.31
CA ALA E 163 32.94 70.38 1.91
C ALA E 163 32.88 71.43 2.99
N ARG E 164 34.05 71.99 3.26
CA ARG E 164 34.26 72.92 4.34
C ARG E 164 33.84 72.40 5.74
N SER E 165 33.87 71.09 5.93
CA SER E 165 33.53 70.50 7.21
C SER E 165 34.57 70.74 8.33
N GLN E 166 35.77 71.19 7.98
CA GLN E 166 36.77 71.51 8.98
C GLN E 166 36.26 72.58 9.96
N SER E 167 35.49 73.54 9.47
CA SER E 167 34.96 74.60 10.31
C SER E 167 33.99 74.05 11.31
N ALA E 168 33.20 73.08 10.87
CA ALA E 168 32.25 72.42 11.73
C ALA E 168 33.01 71.64 12.81
N ARG E 169 34.00 70.87 12.39
CA ARG E 169 34.85 70.11 13.33
C ARG E 169 35.46 70.98 14.42
N THR E 170 35.91 72.17 14.04
CA THR E 170 36.50 73.13 14.97
C THR E 170 35.48 73.64 15.96
N TYR E 171 34.29 73.97 15.48
CA TYR E 171 33.19 74.36 16.38
C TYR E 171 32.85 73.18 17.36
N LEU E 172 32.77 71.99 16.83
CA LEU E 172 32.36 70.82 17.63
C LEU E 172 33.40 70.54 18.73
N GLU E 173 34.68 70.62 18.40
CA GLU E 173 35.74 70.54 19.43
C GLU E 173 35.61 71.62 20.49
N ARG E 174 35.30 72.84 20.08
CA ARG E 174 35.23 73.96 20.99
C ARG E 174 34.14 73.73 22.06
N HIS E 175 33.04 73.11 21.68
CA HIS E 175 31.87 73.00 22.56
C HIS E 175 31.54 71.56 23.03
N MET E 176 32.40 70.59 22.75
CA MET E 176 31.98 69.20 22.94
C MET E 176 31.78 68.79 24.39
N SER E 177 32.53 69.38 25.30
CA SER E 177 32.38 69.15 26.74
C SER E 177 31.01 69.56 27.28
N GLU E 178 30.24 70.31 26.49
CA GLU E 178 28.89 70.68 26.86
C GLU E 178 27.87 69.66 26.37
N PHE E 179 28.20 68.86 25.37
CA PHE E 179 27.19 68.03 24.68
C PHE E 179 26.52 66.96 25.58
N MET E 180 27.29 66.25 26.41
CA MET E 180 26.77 65.05 27.10
C MET E 180 25.58 65.42 28.01
N GLU E 181 25.61 66.62 28.56
CA GLU E 181 24.60 67.11 29.48
C GLU E 181 23.46 67.96 28.84
N CYS E 182 23.47 68.13 27.51
CA CYS E 182 22.49 68.98 26.83
C CYS E 182 21.15 68.31 26.72
N ASN E 183 20.09 69.10 26.87
CA ASN E 183 18.75 68.69 26.42
C ASN E 183 18.71 68.71 24.88
N LEU E 184 17.68 68.13 24.31
CA LEU E 184 17.64 67.88 22.86
C LEU E 184 17.64 69.17 22.05
N ASN E 185 16.89 70.15 22.53
CA ASN E 185 16.82 71.43 21.85
C ASN E 185 18.22 72.07 21.75
N GLU E 186 18.94 72.10 22.88
CA GLU E 186 20.34 72.57 22.93
C GLU E 186 21.22 71.81 21.96
N LEU E 187 21.08 70.50 21.93
CA LEU E 187 21.98 69.67 21.14
C LEU E 187 21.83 69.87 19.62
N VAL E 188 20.60 70.02 19.14
CA VAL E 188 20.34 70.28 17.72
C VAL E 188 20.85 71.67 17.36
N LYS E 189 20.59 72.64 18.22
CA LYS E 189 21.11 74.02 18.08
C LYS E 189 22.63 73.99 17.89
N HIS E 190 23.33 73.25 18.75
CA HIS E 190 24.76 73.03 18.57
C HIS E 190 25.09 72.45 17.19
N GLY E 191 24.35 71.43 16.76
CA GLY E 191 24.54 70.81 15.46
C GLY E 191 24.35 71.80 14.32
N LEU E 192 23.31 72.60 14.40
CA LEU E 192 23.02 73.63 13.40
C LEU E 192 24.11 74.74 13.36
N ARG E 193 24.57 75.21 14.52
CA ARG E 193 25.65 76.19 14.58
C ARG E 193 26.98 75.67 13.98
N ALA E 194 27.28 74.41 14.23
CA ALA E 194 28.43 73.77 13.59
C ALA E 194 28.28 73.78 12.06
N LEU E 195 27.10 73.39 11.60
CA LEU E 195 26.84 73.31 10.19
C LEU E 195 26.89 74.71 9.57
N ARG E 196 26.32 75.69 10.26
CA ARG E 196 26.33 77.07 9.79
C ARG E 196 27.74 77.64 9.57
N GLU E 197 28.73 77.18 10.34
CA GLU E 197 30.13 77.51 10.13
C GLU E 197 30.70 77.06 8.80
N THR E 198 30.07 76.07 8.15
CA THR E 198 30.56 75.62 6.84
C THR E 198 30.14 76.58 5.73
N LEU E 199 29.18 77.48 5.98
CA LEU E 199 28.60 78.32 4.93
C LEU E 199 29.35 79.58 4.61
N PRO E 200 29.43 79.93 3.29
CA PRO E 200 29.91 81.27 2.92
C PRO E 200 29.18 82.33 3.73
N ALA E 201 29.90 83.40 4.10
CA ALA E 201 29.36 84.44 5.00
C ALA E 201 28.01 85.05 4.52
N GLU E 202 27.81 85.05 3.20
CA GLU E 202 26.59 85.54 2.56
C GLU E 202 25.37 84.67 2.94
N GLN E 203 25.57 83.36 2.93
CA GLN E 203 24.48 82.41 2.98
C GLN E 203 24.10 82.05 4.42
N ASP E 204 22.82 81.72 4.61
CA ASP E 204 22.27 81.32 5.92
C ASP E 204 21.59 79.93 5.82
N LEU E 205 21.36 79.33 6.98
CA LEU E 205 20.50 78.16 7.11
C LEU E 205 19.07 78.56 6.88
N THR E 206 18.35 77.76 6.11
CA THR E 206 16.93 78.01 5.85
C THR E 206 16.17 76.69 5.97
N THR E 207 14.84 76.77 5.88
CA THR E 207 14.00 75.57 5.84
C THR E 207 14.17 74.77 4.56
N LYS E 208 14.61 75.40 3.46
CA LYS E 208 14.86 74.68 2.20
C LYS E 208 16.20 73.93 2.20
N ASN E 209 17.24 74.46 2.87
CA ASN E 209 18.57 73.76 2.87
C ASN E 209 18.98 72.88 4.09
N VAL E 210 18.21 72.87 5.18
CA VAL E 210 18.55 72.08 6.39
C VAL E 210 17.65 70.85 6.51
N SER E 211 18.30 69.72 6.83
CA SER E 211 17.64 68.47 7.12
C SER E 211 18.19 67.99 8.47
N ILE E 212 17.28 67.50 9.31
CA ILE E 212 17.62 67.04 10.65
C ILE E 212 17.12 65.62 10.91
N GLY E 213 17.98 64.83 11.52
CA GLY E 213 17.67 63.49 11.96
C GLY E 213 17.95 63.33 13.45
N ILE E 214 17.02 62.71 14.18
CA ILE E 214 17.11 62.57 15.63
C ILE E 214 16.63 61.20 16.07
N VAL E 215 17.40 60.59 16.96
CA VAL E 215 17.02 59.36 17.64
C VAL E 215 17.46 59.44 19.08
N GLY E 216 16.72 58.81 19.97
CA GLY E 216 17.17 58.67 21.35
C GLY E 216 16.28 57.80 22.22
N LYS E 217 16.51 57.87 23.53
CA LYS E 217 15.82 57.02 24.50
C LYS E 217 14.31 57.02 24.28
N ASP E 218 13.75 58.21 24.18
CA ASP E 218 12.28 58.36 24.08
C ASP E 218 11.74 58.22 22.62
N LEU E 219 12.62 58.20 21.61
CA LEU E 219 12.26 58.63 20.26
C LEU E 219 12.87 57.76 19.17
N GLU E 220 12.02 57.27 18.27
CA GLU E 220 12.49 56.51 17.10
C GLU E 220 13.13 57.44 16.07
N PHE E 221 14.04 56.90 15.26
CA PHE E 221 14.67 57.76 14.26
C PHE E 221 13.63 58.52 13.38
N THR E 222 13.75 59.84 13.37
CA THR E 222 12.77 60.76 12.79
C THR E 222 13.52 61.86 11.95
N ILE E 223 13.05 62.05 10.73
CA ILE E 223 13.62 63.00 9.81
C ILE E 223 12.72 64.23 9.75
N TYR E 224 13.37 65.40 9.91
CA TYR E 224 12.71 66.70 9.80
C TYR E 224 13.21 67.47 8.57
N ASP E 225 12.30 67.74 7.64
CA ASP E 225 12.57 68.51 6.42
C ASP E 225 11.57 69.66 6.28
N ASP E 226 12.00 70.70 5.56
CA ASP E 226 11.12 71.76 5.09
C ASP E 226 10.39 72.43 6.29
N ASP E 227 9.06 72.49 6.32
CA ASP E 227 8.40 73.24 7.41
C ASP E 227 8.69 72.66 8.81
N ASP E 228 8.93 71.34 8.89
CA ASP E 228 9.20 70.68 10.18
C ASP E 228 10.54 71.08 10.85
N VAL E 229 11.46 71.72 10.11
CA VAL E 229 12.72 72.20 10.70
C VAL E 229 12.61 73.58 11.30
N SER E 230 11.57 74.34 10.96
CA SER E 230 11.37 75.71 11.47
C SER E 230 11.45 75.87 12.99
N PRO E 231 10.77 75.03 13.77
CA PRO E 231 10.93 75.11 15.22
C PRO E 231 12.40 75.08 15.70
N PHE E 232 13.24 74.32 15.00
CA PHE E 232 14.66 74.19 15.35
C PHE E 232 15.48 75.44 14.95
N LEU E 233 15.12 76.07 13.84
CA LEU E 233 15.85 77.27 13.39
C LEU E 233 15.55 78.55 14.21
N GLU E 234 14.31 78.71 14.64
CA GLU E 234 13.89 79.81 15.53
C GLU E 234 14.52 79.62 16.90
N GLY E 235 15.10 80.68 17.43
CA GLY E 235 15.96 80.56 18.58
C GLY E 235 17.31 79.99 18.23
N LEU E 236 17.95 80.60 17.22
CA LEU E 236 19.41 80.71 17.16
C LEU E 236 19.70 82.16 17.56
N GLU E 237 19.20 82.52 18.74
CA GLU E 237 19.23 83.89 19.30
C GLU E 237 19.39 83.80 20.83
N GLY F 7 57.41 47.98 -16.30
CA GLY F 7 57.46 48.23 -14.83
C GLY F 7 57.10 46.94 -14.01
N TYR F 8 58.03 46.50 -13.16
CA TYR F 8 58.04 45.21 -12.46
C TYR F 8 57.41 45.17 -11.06
N ASP F 9 56.74 46.20 -10.63
CA ASP F 9 56.28 46.27 -9.25
C ASP F 9 54.78 46.46 -9.16
N LEU F 10 54.06 46.05 -10.21
CA LEU F 10 52.63 46.34 -10.34
C LEU F 10 51.72 45.18 -9.96
N SER F 11 52.28 43.97 -9.84
CA SER F 11 51.52 42.76 -9.57
C SER F 11 52.28 41.81 -8.68
N ALA F 12 51.58 41.26 -7.68
CA ALA F 12 52.12 40.14 -6.90
C ALA F 12 52.36 38.85 -7.69
N SER F 13 51.87 38.71 -8.92
CA SER F 13 52.25 37.58 -9.77
C SER F 13 53.43 37.83 -10.72
N THR F 14 54.23 38.86 -10.42
CA THR F 14 55.42 39.17 -11.21
C THR F 14 56.62 39.32 -10.28
N PHE F 15 57.64 38.49 -10.50
CA PHE F 15 58.94 38.70 -9.89
C PHE F 15 59.66 39.83 -10.63
N SER F 16 60.42 40.63 -9.89
CA SER F 16 61.45 41.50 -10.48
C SER F 16 62.64 40.65 -10.90
N PRO F 17 63.52 41.20 -11.78
CA PRO F 17 64.73 40.44 -12.21
C PRO F 17 65.72 40.05 -11.14
N ASP F 18 65.60 40.63 -9.95
CA ASP F 18 66.39 40.15 -8.78
C ASP F 18 65.59 39.28 -7.82
N GLY F 19 64.43 38.81 -8.26
CA GLY F 19 63.69 37.84 -7.50
C GLY F 19 62.94 38.42 -6.33
N ARG F 20 62.48 39.67 -6.45
CA ARG F 20 61.67 40.25 -5.41
C ARG F 20 60.23 40.34 -5.84
N VAL F 21 59.32 40.45 -4.88
CA VAL F 21 57.93 40.67 -5.19
C VAL F 21 57.59 42.01 -4.57
N PHE F 22 57.73 43.08 -5.37
CA PHE F 22 57.62 44.41 -4.87
C PHE F 22 56.26 44.76 -4.29
N GLN F 23 55.17 44.22 -4.81
CA GLN F 23 53.86 44.51 -4.18
C GLN F 23 53.78 44.10 -2.70
N VAL F 24 54.46 43.01 -2.33
CA VAL F 24 54.50 42.57 -0.96
C VAL F 24 55.35 43.55 -0.15
N GLU F 25 56.51 43.95 -0.68
CA GLU F 25 57.33 44.99 -0.06
C GLU F 25 56.59 46.33 0.10
N TYR F 26 55.76 46.71 -0.87
CA TYR F 26 55.00 47.94 -0.76
C TYR F 26 53.96 47.87 0.34
N ALA F 27 53.28 46.71 0.48
CA ALA F 27 52.37 46.46 1.60
C ALA F 27 53.07 46.52 2.98
N MET F 28 54.26 45.94 3.07
CA MET F 28 55.10 46.06 4.27
C MET F 28 55.35 47.52 4.62
N LYS F 29 55.51 48.37 3.59
CA LYS F 29 55.75 49.76 3.80
C LYS F 29 54.56 50.40 4.49
N ALA F 30 53.33 49.96 4.16
CA ALA F 30 52.14 50.48 4.88
C ALA F 30 52.15 50.18 6.41
N VAL F 31 52.74 49.07 6.76
CA VAL F 31 52.87 48.63 8.18
C VAL F 31 53.92 49.51 8.85
N GLU F 32 55.05 49.66 8.16
CA GLU F 32 56.12 50.49 8.68
C GLU F 32 55.78 51.99 8.80
N ASN F 33 54.72 52.45 8.14
CA ASN F 33 54.15 53.78 8.40
C ASN F 33 53.17 53.92 9.55
N SER F 34 52.72 52.81 10.08
CA SER F 34 51.78 52.80 11.16
C SER F 34 52.50 53.06 12.49
N SER F 35 51.75 53.55 13.47
CA SER F 35 52.25 53.67 14.86
C SER F 35 52.50 52.28 15.48
N THR F 36 53.22 52.24 16.59
CA THR F 36 53.87 51.03 17.05
C THR F 36 52.99 50.20 17.99
N ALA F 37 53.03 48.88 17.76
CA ALA F 37 52.43 47.90 18.68
C ALA F 37 53.52 46.94 19.12
N ILE F 38 53.44 46.51 20.37
CA ILE F 38 54.38 45.52 20.89
C ILE F 38 53.68 44.38 21.66
N GLY F 39 54.36 43.24 21.68
CA GLY F 39 53.93 42.09 22.48
C GLY F 39 55.10 41.55 23.28
N ILE F 40 54.84 41.18 24.51
CA ILE F 40 55.87 40.55 25.32
C ILE F 40 55.28 39.31 25.99
N ARG F 41 55.98 38.20 25.74
CA ARG F 41 55.77 36.96 26.42
C ARG F 41 56.57 36.93 27.71
N CYS F 42 55.94 36.49 28.78
CA CYS F 42 56.68 36.30 30.00
C CYS F 42 56.43 34.96 30.64
N LYS F 43 56.77 34.85 31.93
CA LYS F 43 56.71 33.58 32.66
C LYS F 43 55.33 32.96 32.59
N ASP F 44 54.31 33.81 32.72
CA ASP F 44 52.94 33.41 33.03
C ASP F 44 51.89 34.05 32.11
N GLY F 45 52.30 34.57 30.93
CA GLY F 45 51.31 35.09 29.92
C GLY F 45 51.95 36.00 28.89
N VAL F 46 51.09 36.72 28.19
CA VAL F 46 51.48 37.61 27.11
C VAL F 46 50.74 38.93 27.30
N VAL F 47 51.47 40.04 27.11
CA VAL F 47 50.91 41.37 27.23
C VAL F 47 51.08 42.13 25.91
N PHE F 48 50.05 42.87 25.54
CA PHE F 48 50.08 43.73 24.35
C PHE F 48 49.90 45.20 24.70
N GLY F 49 50.65 46.01 23.96
CA GLY F 49 50.49 47.46 24.01
C GLY F 49 50.51 48.11 22.64
N VAL F 50 49.68 49.14 22.46
CA VAL F 50 49.66 49.89 21.24
C VAL F 50 49.70 51.39 21.49
N GLU F 51 50.56 52.04 20.72
CA GLU F 51 50.59 53.50 20.58
C GLU F 51 49.45 53.91 19.66
N LYS F 52 48.39 54.46 20.23
CA LYS F 52 47.22 54.82 19.43
C LYS F 52 47.21 56.33 19.19
N LEU F 53 47.64 56.74 17.97
CA LEU F 53 47.81 58.16 17.67
C LEU F 53 46.46 58.84 17.63
N VAL F 54 46.33 60.04 18.19
CA VAL F 54 45.00 60.68 18.22
C VAL F 54 44.89 61.71 17.12
N LEU F 55 44.15 61.31 16.07
CA LEU F 55 44.00 62.12 14.88
C LEU F 55 42.93 63.18 15.01
N SER F 56 42.00 63.01 15.93
CA SER F 56 41.04 64.07 16.26
C SER F 56 40.52 63.93 17.68
N LYS F 57 40.38 65.04 18.38
CA LYS F 57 39.76 65.01 19.73
C LYS F 57 38.26 64.62 19.72
N LEU F 58 37.67 64.56 18.52
CA LEU F 58 36.26 64.23 18.35
C LEU F 58 35.98 62.74 18.47
N TYR F 59 37.00 61.91 18.25
CA TYR F 59 36.91 60.48 18.47
C TYR F 59 36.76 60.10 19.96
N GLU F 60 36.04 59.00 20.19
CA GLU F 60 35.81 58.49 21.55
C GLU F 60 37.09 57.84 22.00
N GLU F 61 37.42 58.02 23.27
CA GLU F 61 38.58 57.36 23.86
C GLU F 61 38.20 55.89 24.01
N GLY F 62 38.86 55.00 23.25
CA GLY F 62 38.37 53.64 23.01
C GLY F 62 38.39 53.34 21.51
N SER F 63 37.73 54.16 20.71
CA SER F 63 37.65 54.00 19.22
C SER F 63 38.87 53.42 18.54
N ASN F 64 38.69 53.05 17.30
CA ASN F 64 39.77 52.42 16.56
C ASN F 64 40.63 51.50 17.36
N LYS F 65 40.04 50.57 18.13
CA LYS F 65 40.82 49.53 18.78
C LYS F 65 41.77 48.87 17.79
N ARG F 66 42.99 48.65 18.22
CA ARG F 66 43.94 47.81 17.48
C ARG F 66 44.27 46.50 18.19
N LEU F 67 43.54 46.21 19.25
CA LEU F 67 43.67 44.95 19.98
C LEU F 67 42.36 44.28 19.88
N PHE F 68 42.38 43.03 19.42
CA PHE F 68 41.12 42.26 19.24
C PHE F 68 41.15 40.92 20.01
N ASN F 69 39.98 40.43 20.40
CA ASN F 69 39.80 38.99 20.78
C ASN F 69 39.46 38.21 19.54
N VAL F 70 40.29 37.24 19.19
CA VAL F 70 39.97 36.35 18.09
C VAL F 70 39.46 34.98 18.55
N ASP F 71 39.79 34.59 19.76
CA ASP F 71 39.08 33.55 20.44
C ASP F 71 39.13 33.90 21.93
N ARG F 72 38.52 33.08 22.79
CA ARG F 72 38.43 33.46 24.19
C ARG F 72 39.80 33.44 24.83
N HIS F 73 40.70 32.64 24.25
CA HIS F 73 42.06 32.44 24.71
C HIS F 73 43.12 33.12 23.84
N VAL F 74 42.70 33.89 22.82
CA VAL F 74 43.63 34.48 21.87
C VAL F 74 43.34 35.94 21.58
N GLY F 75 44.37 36.75 21.79
CA GLY F 75 44.40 38.16 21.42
C GLY F 75 45.16 38.40 20.15
N MET F 76 44.79 39.48 19.48
CA MET F 76 45.42 39.93 18.26
C MET F 76 45.73 41.42 18.36
N ALA F 77 46.99 41.74 18.03
CA ALA F 77 47.46 43.12 18.00
C ALA F 77 47.92 43.48 16.57
N VAL F 78 47.44 44.59 16.04
CA VAL F 78 47.66 44.92 14.62
C VAL F 78 48.40 46.23 14.40
N ALA F 79 49.08 46.28 13.25
CA ALA F 79 49.57 47.54 12.69
C ALA F 79 49.40 47.52 11.21
N GLY F 80 49.16 48.69 10.63
CA GLY F 80 49.07 48.89 9.17
C GLY F 80 47.71 49.38 8.82
N LEU F 81 47.22 48.97 7.65
CA LEU F 81 45.92 49.41 7.17
C LEU F 81 44.79 48.72 7.95
N LEU F 82 43.98 49.51 8.65
CA LEU F 82 43.17 48.96 9.72
C LEU F 82 42.01 48.05 9.16
N ALA F 83 41.36 48.47 8.07
CA ALA F 83 40.35 47.65 7.41
C ALA F 83 40.91 46.30 6.99
N ASP F 84 42.15 46.24 6.51
CA ASP F 84 42.76 44.96 6.23
C ASP F 84 42.90 44.15 7.51
N ALA F 85 43.39 44.77 8.59
CA ALA F 85 43.59 44.09 9.84
C ALA F 85 42.28 43.51 10.38
N ARG F 86 41.20 44.29 10.36
CA ARG F 86 39.89 43.88 10.85
C ARG F 86 39.32 42.64 10.10
N SER F 87 39.57 42.63 8.81
CA SER F 87 39.21 41.53 7.95
C SER F 87 40.02 40.25 8.34
N LEU F 88 41.29 40.45 8.64
CA LEU F 88 42.13 39.38 9.10
C LEU F 88 41.70 38.85 10.48
N ALA F 89 41.28 39.72 11.38
CA ALA F 89 40.72 39.32 12.65
C ALA F 89 39.45 38.45 12.46
N ASP F 90 38.65 38.74 11.44
CA ASP F 90 37.48 37.94 11.13
C ASP F 90 37.85 36.55 10.55
N ILE F 91 38.84 36.50 9.67
CA ILE F 91 39.39 35.26 9.22
C ILE F 91 39.89 34.42 10.43
N ALA F 92 40.68 35.04 11.30
CA ALA F 92 41.22 34.34 12.46
C ALA F 92 40.08 33.80 13.33
N ARG F 93 39.04 34.61 13.53
CA ARG F 93 37.89 34.21 14.33
C ARG F 93 37.24 32.97 13.73
N GLU F 94 37.06 33.00 12.41
CA GLU F 94 36.36 31.94 11.68
C GLU F 94 37.17 30.67 11.79
N GLU F 95 38.48 30.81 11.71
CA GLU F 95 39.37 29.69 11.79
C GLU F 95 39.31 29.00 13.17
N ALA F 96 39.31 29.81 14.24
CA ALA F 96 39.23 29.30 15.60
C ALA F 96 37.86 28.66 15.84
N SER F 97 36.80 29.31 15.38
CA SER F 97 35.41 28.80 15.48
C SER F 97 35.26 27.44 14.78
N ASN F 98 35.78 27.31 13.55
CA ASN F 98 35.69 26.09 12.78
C ASN F 98 36.49 24.99 13.35
N PHE F 99 37.62 25.36 13.93
CA PHE F 99 38.45 24.37 14.59
C PHE F 99 37.67 23.73 15.72
N ARG F 100 37.06 24.54 16.58
CA ARG F 100 36.33 24.04 17.69
C ARG F 100 35.12 23.13 17.26
N SER F 101 34.36 23.57 16.26
CA SER F 101 33.31 22.74 15.68
C SER F 101 33.74 21.35 15.14
N ASN F 102 34.89 21.28 14.43
CA ASN F 102 35.40 20.06 13.78
C ASN F 102 36.16 19.13 14.70
N PHE F 103 37.02 19.70 15.53
CA PHE F 103 37.92 18.91 16.39
C PHE F 103 37.58 18.86 17.85
N GLY F 104 36.75 19.79 18.33
CA GLY F 104 36.19 19.75 19.68
C GLY F 104 36.92 20.42 20.79
N TYR F 105 37.85 21.31 20.50
CA TYR F 105 38.64 21.95 21.57
C TYR F 105 39.26 23.28 21.08
N ASN F 106 39.74 24.09 22.01
CA ASN F 106 40.39 25.39 21.68
C ASN F 106 41.58 25.22 20.78
N ILE F 107 41.57 25.94 19.68
CA ILE F 107 42.63 25.87 18.69
C ILE F 107 43.99 26.24 19.31
N PRO F 108 45.01 25.41 19.10
CA PRO F 108 46.35 25.73 19.55
C PRO F 108 46.85 26.98 18.83
N LEU F 109 47.48 27.89 19.56
CA LEU F 109 47.92 29.16 19.02
C LEU F 109 48.79 28.99 17.77
N LYS F 110 49.74 28.10 17.85
CA LYS F 110 50.62 27.85 16.75
C LYS F 110 49.87 27.46 15.50
N HIS F 111 48.88 26.56 15.64
CA HIS F 111 48.09 26.13 14.50
C HIS F 111 47.24 27.30 13.94
N LEU F 112 46.63 28.11 14.80
CA LEU F 112 45.89 29.26 14.33
C LEU F 112 46.79 30.22 13.54
N ALA F 113 47.96 30.48 14.08
CA ALA F 113 48.96 31.33 13.40
C ALA F 113 49.30 30.76 12.05
N ASP F 114 49.64 29.47 11.97
CA ASP F 114 49.97 28.87 10.70
C ASP F 114 48.84 28.98 9.64
N ARG F 115 47.59 28.81 10.10
CA ARG F 115 46.46 28.84 9.20
C ARG F 115 46.17 30.22 8.64
N VAL F 116 46.07 31.19 9.52
CA VAL F 116 45.85 32.56 9.11
C VAL F 116 47.05 33.01 8.23
N ALA F 117 48.28 32.66 8.61
CA ALA F 117 49.45 33.00 7.79
C ALA F 117 49.33 32.47 6.36
N MET F 118 48.79 31.27 6.15
CA MET F 118 48.64 30.70 4.82
C MET F 118 47.57 31.40 4.03
N TYR F 119 46.59 31.93 4.73
CA TYR F 119 45.58 32.79 4.07
C TYR F 119 46.24 34.11 3.59
N VAL F 120 47.03 34.74 4.46
CA VAL F 120 47.75 35.93 4.11
C VAL F 120 48.67 35.66 2.90
N HIS F 121 49.35 34.54 2.94
CA HIS F 121 50.25 34.14 1.88
C HIS F 121 49.56 34.02 0.52
N ALA F 122 48.35 33.49 0.52
CA ALA F 122 47.59 33.31 -0.73
C ALA F 122 47.35 34.64 -1.45
N TYR F 123 47.37 35.76 -0.75
CA TYR F 123 47.22 37.04 -1.39
C TYR F 123 48.53 37.66 -1.88
N THR F 124 49.57 36.85 -2.06
CA THR F 124 50.86 37.33 -2.53
C THR F 124 51.34 36.63 -3.83
N LEU F 125 50.43 35.99 -4.53
CA LEU F 125 50.76 35.18 -5.69
C LEU F 125 50.13 35.63 -7.05
N TYR F 126 49.16 36.54 -6.98
CA TYR F 126 48.15 36.74 -8.04
C TYR F 126 47.96 38.19 -8.44
N SER F 127 47.78 38.44 -9.72
CA SER F 127 47.29 39.74 -10.15
C SER F 127 45.86 40.05 -9.70
N ALA F 128 45.05 38.99 -9.44
CA ALA F 128 43.65 39.19 -9.07
C ALA F 128 43.42 39.85 -7.74
N VAL F 129 44.36 39.76 -6.81
CA VAL F 129 44.18 40.35 -5.49
C VAL F 129 45.48 41.05 -5.05
N ARG F 130 45.39 41.91 -4.05
CA ARG F 130 46.60 42.52 -3.49
C ARG F 130 46.93 41.96 -2.11
N PRO F 131 48.24 42.01 -1.74
CA PRO F 131 48.65 41.64 -0.37
C PRO F 131 48.01 42.50 0.71
N PHE F 132 47.76 41.88 1.87
CA PHE F 132 47.21 42.63 3.02
C PHE F 132 48.25 43.64 3.45
N GLY F 133 47.79 44.83 3.86
CA GLY F 133 48.70 45.86 4.37
C GLY F 133 48.82 45.93 5.87
N CYS F 134 49.03 44.78 6.49
CA CYS F 134 49.04 44.69 7.94
CA CYS F 134 49.00 44.66 7.91
C CYS F 134 49.93 43.58 8.43
N SER F 135 50.51 43.83 9.59
CA SER F 135 51.19 42.81 10.36
C SER F 135 50.41 42.69 11.67
N PHE F 136 50.44 41.51 12.24
CA PHE F 136 49.71 41.28 13.47
C PHE F 136 50.39 40.24 14.33
N MET F 137 50.15 40.39 15.62
CA MET F 137 50.63 39.46 16.64
C MET F 137 49.42 38.74 17.17
N LEU F 138 49.65 37.49 17.57
CA LEU F 138 48.66 36.64 18.26
C LEU F 138 49.27 36.16 19.55
N GLY F 139 48.51 36.28 20.64
CA GLY F 139 48.99 35.83 21.94
C GLY F 139 48.01 34.95 22.68
N SER F 140 48.52 33.96 23.39
CA SER F 140 47.69 33.16 24.29
CA SER F 140 47.70 33.15 24.27
C SER F 140 48.48 32.55 25.46
N TYR F 141 47.72 31.93 26.36
CA TYR F 141 48.26 31.19 27.50
C TYR F 141 47.27 30.07 27.86
N SER F 142 47.84 28.92 28.22
CA SER F 142 47.12 27.80 28.84
C SER F 142 48.12 27.07 29.75
N VAL F 143 47.63 26.27 30.72
CA VAL F 143 48.56 25.52 31.59
C VAL F 143 49.40 24.58 30.73
N ASN F 144 48.78 23.84 29.82
CA ASN F 144 49.50 22.89 28.95
C ASN F 144 50.54 23.45 27.95
N ASP F 145 50.17 24.51 27.25
CA ASP F 145 51.01 25.08 26.16
C ASP F 145 51.91 26.22 26.61
N GLY F 146 51.69 26.74 27.81
CA GLY F 146 52.40 27.92 28.30
C GLY F 146 51.98 29.20 27.55
N ALA F 147 52.82 30.22 27.66
CA ALA F 147 52.59 31.50 27.03
C ALA F 147 53.12 31.43 25.61
N GLN F 148 52.35 31.91 24.66
CA GLN F 148 52.77 31.93 23.26
C GLN F 148 52.47 33.22 22.55
N LEU F 149 53.45 33.66 21.74
CA LEU F 149 53.38 34.92 21.03
C LEU F 149 53.93 34.75 19.59
N TYR F 150 53.05 34.95 18.62
CA TYR F 150 53.40 34.80 17.17
C TYR F 150 53.22 36.11 16.45
N MET F 151 53.97 36.29 15.37
CA MET F 151 53.81 37.49 14.56
C MET F 151 53.82 37.10 13.09
N ILE F 152 52.84 37.64 12.38
CA ILE F 152 52.64 37.36 10.96
C ILE F 152 52.75 38.69 10.21
N ASP F 153 53.51 38.68 9.10
CA ASP F 153 53.64 39.86 8.23
C ASP F 153 52.87 39.70 6.88
N PRO F 154 52.76 40.78 6.09
CA PRO F 154 52.13 40.72 4.79
C PRO F 154 52.62 39.66 3.81
N SER F 155 53.85 39.15 3.96
CA SER F 155 54.28 38.02 3.09
C SER F 155 53.64 36.68 3.49
N GLY F 156 53.09 36.61 4.71
CA GLY F 156 52.63 35.34 5.26
C GLY F 156 53.63 34.54 6.09
N VAL F 157 54.82 35.08 6.34
CA VAL F 157 55.78 34.45 7.28
C VAL F 157 55.26 34.65 8.74
N SER F 158 55.37 33.56 9.52
CA SER F 158 54.92 33.44 10.90
C SER F 158 56.07 32.93 11.78
N TYR F 159 56.38 33.60 12.85
CA TYR F 159 57.39 33.06 13.79
C TYR F 159 56.87 33.30 15.22
N GLY F 160 57.40 32.51 16.14
CA GLY F 160 57.18 32.72 17.58
C GLY F 160 58.22 33.59 18.25
N TYR F 161 57.77 34.38 19.23
CA TYR F 161 58.60 35.40 19.89
C TYR F 161 58.57 35.40 21.43
N TRP F 162 59.68 35.81 22.03
CA TRP F 162 59.69 36.30 23.39
C TRP F 162 59.21 37.74 23.47
N GLY F 163 59.63 38.54 22.51
CA GLY F 163 59.22 39.93 22.40
C GLY F 163 59.17 40.40 20.93
N CYS F 164 58.27 41.32 20.65
CA CYS F 164 58.01 41.68 19.28
C CYS F 164 57.45 43.07 19.17
N ALA F 165 57.85 43.74 18.10
CA ALA F 165 57.33 45.07 17.76
C ALA F 165 57.10 45.19 16.29
N ILE F 166 56.04 45.91 15.96
CA ILE F 166 55.65 46.20 14.58
C ILE F 166 55.25 47.65 14.48
N GLY F 167 55.46 48.22 13.29
CA GLY F 167 55.16 49.61 13.05
C GLY F 167 56.44 50.45 12.97
N LYS F 168 56.26 51.77 13.01
CA LYS F 168 57.31 52.69 12.63
C LYS F 168 58.46 52.82 13.61
N ALA F 169 58.23 52.59 14.90
CA ALA F 169 59.35 52.59 15.88
C ALA F 169 59.72 51.14 16.30
N ARG F 170 59.63 50.23 15.33
CA ARG F 170 59.89 48.80 15.52
CA ARG F 170 59.90 48.81 15.51
C ARG F 170 61.26 48.54 16.13
N GLN F 171 62.31 49.07 15.49
CA GLN F 171 63.68 48.85 15.95
C GLN F 171 63.96 49.43 17.32
N ALA F 172 63.58 50.70 17.52
CA ALA F 172 63.73 51.38 18.83
C ALA F 172 63.01 50.57 19.92
N ALA F 173 61.84 50.02 19.61
CA ALA F 173 61.11 49.20 20.56
C ALA F 173 61.85 47.89 20.90
N LYS F 174 62.34 47.19 19.87
CA LYS F 174 63.10 45.95 20.06
C LYS F 174 64.28 46.15 20.99
N THR F 175 65.03 47.23 20.79
CA THR F 175 66.21 47.44 21.62
C THR F 175 65.81 47.65 23.10
N GLU F 176 64.70 48.35 23.37
CA GLU F 176 64.21 48.48 24.76
C GLU F 176 63.71 47.13 25.33
N ILE F 177 63.01 46.35 24.50
CA ILE F 177 62.50 45.01 24.90
C ILE F 177 63.63 44.03 25.29
N GLU F 178 64.74 44.06 24.53
CA GLU F 178 65.95 43.29 24.84
C GLU F 178 66.58 43.53 26.22
N LYS F 179 66.22 44.61 26.90
CA LYS F 179 66.75 44.91 28.24
C LYS F 179 66.03 44.17 29.34
N LEU F 180 64.84 43.66 29.03
CA LEU F 180 64.05 42.91 29.99
C LEU F 180 64.45 41.45 30.00
N GLN F 181 64.55 40.89 31.21
CA GLN F 181 64.64 39.45 31.39
C GLN F 181 63.19 38.88 31.48
N MET F 182 62.49 38.89 30.35
CA MET F 182 61.06 38.63 30.38
C MET F 182 60.69 37.19 30.77
N LYS F 183 61.57 36.21 30.53
CA LYS F 183 61.34 34.79 30.90
C LYS F 183 60.98 34.61 32.36
N GLU F 184 61.57 35.45 33.21
CA GLU F 184 61.42 35.39 34.66
C GLU F 184 60.37 36.37 35.25
N MET F 185 59.72 37.16 34.43
CA MET F 185 58.81 38.20 34.93
C MET F 185 57.35 37.79 34.78
N THR F 186 56.48 38.48 35.49
CA THR F 186 55.05 38.26 35.43
C THR F 186 54.34 39.36 34.67
N CYS F 187 53.14 39.00 34.19
CA CYS F 187 52.29 39.90 33.44
C CYS F 187 52.04 41.20 34.17
N ARG F 188 51.85 41.14 35.50
CA ARG F 188 51.53 42.33 36.26
C ARG F 188 52.70 43.33 36.25
N ASP F 189 53.92 42.81 36.13
CA ASP F 189 55.13 43.60 35.96
C ASP F 189 55.34 44.05 34.54
N ILE F 190 55.15 43.13 33.59
CA ILE F 190 55.40 43.45 32.21
C ILE F 190 54.48 44.59 31.68
N VAL F 191 53.22 44.71 32.12
CA VAL F 191 52.34 45.84 31.66
C VAL F 191 53.00 47.20 31.83
N LYS F 192 53.65 47.38 32.98
CA LYS F 192 54.30 48.65 33.34
C LYS F 192 55.43 48.95 32.36
N GLU F 193 56.16 47.90 31.99
CA GLU F 193 57.26 47.98 31.03
C GLU F 193 56.83 48.19 29.56
N VAL F 194 55.69 47.61 29.20
CA VAL F 194 55.10 47.80 27.90
C VAL F 194 54.74 49.26 27.78
N ALA F 195 54.05 49.78 28.78
CA ALA F 195 53.69 51.19 28.78
C ALA F 195 54.91 52.06 28.70
N LYS F 196 55.92 51.73 29.50
CA LYS F 196 57.19 52.43 29.51
C LYS F 196 57.83 52.48 28.11
N ILE F 197 57.96 51.32 27.46
CA ILE F 197 58.56 51.25 26.15
C ILE F 197 57.78 52.05 25.08
N ILE F 198 56.44 51.99 25.11
CA ILE F 198 55.63 52.82 24.21
C ILE F 198 55.95 54.31 24.41
N TYR F 199 56.04 54.76 25.66
CA TYR F 199 56.40 56.15 25.93
C TYR F 199 57.80 56.56 25.49
N ILE F 200 58.73 55.62 25.46
CA ILE F 200 60.10 55.86 24.99
C ILE F 200 60.14 56.08 23.47
N VAL F 201 59.48 55.20 22.74
CA VAL F 201 59.55 55.20 21.25
C VAL F 201 58.57 56.17 20.55
N HIS F 202 57.63 56.70 21.32
CA HIS F 202 56.75 57.74 20.88
C HIS F 202 57.54 59.01 20.61
N ASP F 203 57.27 59.60 19.45
CA ASP F 203 57.93 60.81 19.02
C ASP F 203 56.96 61.97 19.34
N GLU F 204 57.07 62.54 20.54
CA GLU F 204 56.05 63.49 21.02
C GLU F 204 56.21 64.88 20.32
N VAL F 205 57.39 65.17 19.74
CA VAL F 205 57.54 66.34 18.86
C VAL F 205 56.82 66.23 17.50
N LYS F 206 56.98 65.13 16.74
CA LYS F 206 56.32 64.93 15.43
C LYS F 206 54.80 64.65 15.47
N ASP F 207 54.35 63.63 16.21
CA ASP F 207 52.88 63.39 16.36
C ASP F 207 52.45 63.48 17.84
N LYS F 208 51.50 64.38 18.11
CA LYS F 208 51.42 65.05 19.42
C LYS F 208 50.91 64.24 20.61
N ALA F 209 49.70 63.72 20.43
CA ALA F 209 48.91 63.15 21.51
C ALA F 209 48.60 61.71 21.14
N PHE F 210 48.61 60.83 22.15
CA PHE F 210 48.31 59.44 21.94
C PHE F 210 47.59 58.80 23.14
N GLU F 211 46.88 57.72 22.85
CA GLU F 211 46.25 56.87 23.86
C GLU F 211 47.05 55.60 23.91
N LEU F 212 47.16 55.04 25.10
CA LEU F 212 47.77 53.76 25.24
C LEU F 212 46.66 52.72 25.26
N GLU F 213 46.85 51.65 24.50
CA GLU F 213 45.91 50.56 24.53
C GLU F 213 46.67 49.35 25.08
N LEU F 214 46.08 48.63 26.05
CA LEU F 214 46.73 47.48 26.69
C LEU F 214 45.77 46.29 26.84
N SER F 215 46.27 45.10 26.56
CA SER F 215 45.57 43.86 26.78
C SER F 215 46.56 42.77 27.21
N TRP F 216 46.01 41.69 27.80
CA TRP F 216 46.83 40.59 28.26
C TRP F 216 46.10 39.28 28.34
N VAL F 217 46.86 38.21 28.37
CA VAL F 217 46.31 36.87 28.51
C VAL F 217 47.31 36.03 29.28
N GLY F 218 46.89 35.43 30.39
CA GLY F 218 47.80 34.72 31.27
C GLY F 218 47.12 34.02 32.42
N GLU F 219 47.92 33.44 33.33
CA GLU F 219 47.44 32.75 34.50
C GLU F 219 46.44 33.68 35.26
N LEU F 220 46.75 34.97 35.34
CA LEU F 220 45.91 35.94 36.07
C LEU F 220 44.53 36.26 35.46
N THR F 221 44.32 35.86 34.21
CA THR F 221 43.01 35.96 33.53
C THR F 221 42.42 34.56 33.23
N ASN F 222 43.07 33.54 33.79
CA ASN F 222 42.75 32.14 33.56
C ASN F 222 42.72 31.78 32.10
N GLY F 223 43.74 32.22 31.37
CA GLY F 223 43.84 31.91 29.96
C GLY F 223 42.83 32.59 29.03
N ARG F 224 42.15 33.64 29.49
CA ARG F 224 41.22 34.43 28.69
C ARG F 224 41.92 35.75 28.29
N HIS F 225 41.77 36.15 27.02
CA HIS F 225 42.33 37.42 26.55
C HIS F 225 41.39 38.54 26.87
N GLU F 226 41.90 39.56 27.54
CA GLU F 226 41.09 40.59 28.17
C GLU F 226 41.82 41.93 28.05
N ILE F 227 41.05 42.99 27.98
CA ILE F 227 41.59 44.32 28.16
C ILE F 227 42.22 44.46 29.57
N VAL F 228 43.31 45.20 29.70
CA VAL F 228 43.89 45.52 30.99
C VAL F 228 42.90 46.48 31.64
N PRO F 229 42.49 46.22 32.90
CA PRO F 229 41.61 47.13 33.63
C PRO F 229 42.12 48.57 33.67
N LYS F 230 41.17 49.52 33.64
CA LYS F 230 41.42 50.97 33.59
C LYS F 230 42.47 51.42 34.59
N ASP F 231 42.26 51.07 35.85
CA ASP F 231 43.14 51.49 36.97
C ASP F 231 44.61 51.00 36.81
N ILE F 232 44.79 49.77 36.37
CA ILE F 232 46.11 49.23 36.09
C ILE F 232 46.78 49.96 34.91
N ARG F 233 46.02 50.29 33.84
CA ARG F 233 46.57 51.03 32.70
CA ARG F 233 46.55 51.02 32.68
C ARG F 233 47.07 52.40 33.13
N GLU F 234 46.27 53.08 33.95
CA GLU F 234 46.57 54.42 34.40
C GLU F 234 47.81 54.44 35.27
N GLU F 235 47.96 53.42 36.11
CA GLU F 235 49.20 53.29 36.87
C GLU F 235 50.41 52.95 36.01
N ALA F 236 50.21 52.16 34.97
CA ALA F 236 51.29 51.85 34.06
C ALA F 236 51.67 53.09 33.29
N GLU F 237 50.68 53.92 32.93
CA GLU F 237 50.96 55.19 32.26
C GLU F 237 51.76 56.13 33.18
N LYS F 238 51.32 56.24 34.42
CA LYS F 238 51.96 57.06 35.41
C LYS F 238 53.41 56.61 35.63
N TYR F 239 53.64 55.31 35.76
CA TYR F 239 54.99 54.73 35.83
C TYR F 239 55.87 55.07 34.61
N ALA F 240 55.31 54.90 33.41
CA ALA F 240 55.96 55.22 32.14
C ALA F 240 56.30 56.70 32.00
N LYS F 241 55.39 57.57 32.44
CA LYS F 241 55.52 59.01 32.32
C LYS F 241 56.67 59.49 33.22
N GLU F 242 56.61 59.08 34.48
CA GLU F 242 57.60 59.46 35.49
C GLU F 242 58.97 58.83 35.26
N SER F 243 59.00 57.63 34.69
CA SER F 243 60.26 56.99 34.28
C SER F 243 60.96 57.73 33.13
N LEU F 244 60.17 58.36 32.24
CA LEU F 244 60.66 59.25 31.17
C LEU F 244 61.38 60.54 31.74
N LYS F 245 60.74 61.23 32.70
CA LYS F 245 61.41 62.19 33.59
C LYS F 245 62.25 63.18 32.79
N SER G 2 68.36 37.74 -30.35
CA SER G 2 68.77 36.63 -29.43
C SER G 2 69.98 37.01 -28.56
N ARG G 3 70.19 36.23 -27.50
CA ARG G 3 71.06 36.52 -26.34
C ARG G 3 70.51 37.70 -25.51
N GLY G 4 69.67 37.35 -24.53
CA GLY G 4 68.97 38.30 -23.68
C GLY G 4 67.81 39.09 -24.30
N SER G 5 67.38 38.72 -25.52
CA SER G 5 66.35 39.48 -26.22
C SER G 5 64.99 39.32 -25.57
N SER G 6 64.14 40.31 -25.81
CA SER G 6 62.85 40.41 -25.16
C SER G 6 61.83 41.06 -26.08
N ALA G 7 60.62 40.51 -26.07
CA ALA G 7 59.48 41.08 -26.75
C ALA G 7 58.23 41.03 -25.83
N GLY G 8 57.41 42.07 -25.92
CA GLY G 8 56.13 42.11 -25.27
C GLY G 8 56.28 41.98 -23.76
N PHE G 9 55.53 41.05 -23.19
CA PHE G 9 55.46 40.89 -21.75
C PHE G 9 56.28 39.70 -21.24
N ASP G 10 57.30 39.29 -22.01
CA ASP G 10 58.08 38.10 -21.68
C ASP G 10 58.98 38.21 -20.43
N ARG G 11 59.11 39.39 -19.85
CA ARG G 11 59.72 39.54 -18.54
C ARG G 11 58.72 39.74 -17.39
N HIS G 12 57.44 39.89 -17.68
CA HIS G 12 56.41 40.07 -16.65
C HIS G 12 55.57 38.81 -16.33
N ILE G 13 55.29 37.98 -17.33
CA ILE G 13 54.52 36.72 -17.16
C ILE G 13 55.26 35.58 -17.83
N THR G 14 54.84 34.36 -17.55
CA THR G 14 55.51 33.19 -18.07
C THR G 14 55.12 32.87 -19.53
N ILE G 15 55.50 33.76 -20.46
CA ILE G 15 55.40 33.48 -21.90
C ILE G 15 56.83 33.38 -22.39
N PHE G 16 57.02 32.80 -23.57
CA PHE G 16 58.35 32.59 -24.09
C PHE G 16 58.98 33.91 -24.54
N SER G 17 60.28 34.05 -24.30
CA SER G 17 61.11 35.11 -24.93
C SER G 17 61.55 34.61 -26.30
N PRO G 18 62.19 35.47 -27.14
CA PRO G 18 62.56 34.99 -28.48
C PRO G 18 63.66 33.93 -28.56
N GLU G 19 64.40 33.73 -27.46
CA GLU G 19 65.32 32.57 -27.34
C GLU G 19 64.60 31.31 -26.88
N GLY G 20 63.34 31.40 -26.47
CA GLY G 20 62.64 30.25 -25.89
C GLY G 20 62.77 30.13 -24.37
N ARG G 21 63.08 31.22 -23.70
CA ARG G 21 63.31 31.24 -22.26
C ARG G 21 62.09 31.75 -21.54
N LEU G 22 62.03 31.47 -20.24
CA LEU G 22 60.95 31.94 -19.35
C LEU G 22 61.61 32.80 -18.26
N TYR G 23 61.75 34.07 -18.52
CA TYR G 23 62.39 34.94 -17.59
C TYR G 23 61.79 34.89 -16.21
N GLN G 24 60.46 34.76 -16.10
CA GLN G 24 59.83 34.78 -14.80
C GLN G 24 60.26 33.57 -13.95
N VAL G 25 60.47 32.43 -14.61
CA VAL G 25 61.03 31.23 -13.95
C VAL G 25 62.51 31.49 -13.46
N GLU G 26 63.34 31.97 -14.37
CA GLU G 26 64.69 32.37 -14.02
C GLU G 26 64.73 33.33 -12.80
N TYR G 27 63.81 34.29 -12.72
CA TYR G 27 63.74 35.17 -11.58
C TYR G 27 63.26 34.48 -10.30
N ALA G 28 62.43 33.43 -10.42
CA ALA G 28 62.07 32.63 -9.26
C ALA G 28 63.30 31.98 -8.62
N PHE G 29 64.22 31.49 -9.43
CA PHE G 29 65.51 30.98 -8.93
C PHE G 29 66.33 32.03 -8.15
N LYS G 30 66.38 33.27 -8.64
CA LYS G 30 67.02 34.36 -7.87
C LYS G 30 66.31 34.58 -6.53
N ALA G 31 64.98 34.48 -6.51
CA ALA G 31 64.20 34.59 -5.29
C ALA G 31 64.58 33.57 -4.22
N ILE G 32 65.02 32.37 -4.63
CA ILE G 32 65.50 31.35 -3.69
C ILE G 32 66.65 31.92 -2.82
N ASN G 33 67.56 32.65 -3.45
CA ASN G 33 68.72 33.20 -2.77
C ASN G 33 68.45 34.42 -1.88
N GLN G 34 67.35 35.13 -2.11
CA GLN G 34 67.00 36.29 -1.27
C GLN G 34 67.01 35.97 0.25
N GLY G 35 66.60 34.75 0.62
CA GLY G 35 66.62 34.25 2.00
C GLY G 35 68.00 34.15 2.67
N GLY G 36 69.07 34.13 1.88
CA GLY G 36 70.44 34.16 2.40
C GLY G 36 71.01 32.84 2.90
N LEU G 37 70.28 31.74 2.76
CA LEU G 37 70.66 30.46 3.37
C LEU G 37 71.12 29.47 2.30
N THR G 38 71.89 28.47 2.76
CA THR G 38 72.27 27.28 1.98
C THR G 38 71.86 25.98 2.73
N SER G 39 71.47 24.96 1.99
CA SER G 39 71.13 23.62 2.56
C SER G 39 71.87 22.55 1.74
N VAL G 40 72.25 21.47 2.40
CA VAL G 40 72.93 20.35 1.77
C VAL G 40 72.25 19.04 2.15
N ALA G 41 72.31 18.05 1.28
CA ALA G 41 71.75 16.75 1.57
C ALA G 41 72.59 15.65 0.94
N VAL G 42 72.86 14.58 1.71
CA VAL G 42 73.65 13.46 1.18
C VAL G 42 73.03 12.10 1.56
N ARG G 43 73.28 11.13 0.70
CA ARG G 43 72.73 9.81 0.84
C ARG G 43 73.88 8.81 0.85
N GLY G 44 73.79 7.83 1.75
CA GLY G 44 74.70 6.68 1.76
C GLY G 44 73.87 5.44 1.70
N LYS G 45 74.52 4.29 1.86
CA LYS G 45 73.83 2.99 1.82
C LYS G 45 72.82 2.88 2.96
N ASP G 46 73.16 3.42 4.13
CA ASP G 46 72.41 3.22 5.38
C ASP G 46 71.48 4.35 5.72
N 6V1 G 47 71.76 5.57 5.28
CA 6V1 G 47 71.00 6.74 5.71
C 6V1 G 47 70.96 7.85 4.69
O 6V1 G 47 71.70 7.86 3.72
CB 6V1 G 47 71.45 7.35 7.04
SG 6V1 G 47 73.19 7.53 7.24
C1 6V1 G 47 73.85 7.65 8.96
C2 6V1 G 47 73.00 8.54 9.87
N3 6V1 G 47 72.80 8.00 11.09
C4 6V1 G 47 73.54 6.88 11.23
C5 6V1 G 47 74.12 6.43 9.89
C6 6V1 G 47 71.90 8.55 12.09
O7 6V1 G 47 72.58 9.63 9.51
O8 6V1 G 47 73.70 6.29 12.31
C3 6V1 G 47 72.71 9.06 13.26
N ALA G 48 70.06 8.78 4.93
CA ALA G 48 70.01 10.04 4.22
C ALA G 48 69.91 11.13 5.25
N VAL G 49 70.56 12.27 4.96
CA VAL G 49 70.69 13.39 5.89
CA VAL G 49 70.72 13.41 5.87
C VAL G 49 70.46 14.73 5.16
N ILE G 50 69.84 15.65 5.87
CA ILE G 50 69.66 17.03 5.43
C ILE G 50 70.29 17.90 6.52
N VAL G 51 71.11 18.85 6.12
CA VAL G 51 71.69 19.90 7.01
C VAL G 51 71.40 21.26 6.43
N THR G 52 71.01 22.22 7.26
CA THR G 52 70.80 23.61 6.79
C THR G 52 71.25 24.57 7.86
N GLN G 53 71.48 25.81 7.44
CA GLN G 53 71.89 26.89 8.35
C GLN G 53 70.71 27.27 9.19
N LYS G 54 70.94 27.48 10.47
CA LYS G 54 69.90 28.01 11.31
C LYS G 54 70.37 29.36 11.80
N LYS G 55 69.84 30.44 11.24
CA LYS G 55 70.22 31.83 11.55
C LYS G 55 69.15 32.53 12.38
N VAL G 56 69.46 32.74 13.66
CA VAL G 56 68.60 33.41 14.65
C VAL G 56 69.41 34.66 15.08
N PRO G 57 69.34 35.75 14.27
CA PRO G 57 70.04 37.02 14.62
C PRO G 57 69.45 37.69 15.85
N ASP G 58 68.12 37.77 15.87
CA ASP G 58 67.34 38.43 16.91
C ASP G 58 67.37 37.58 18.21
N LYS G 59 67.88 38.11 19.30
CA LYS G 59 67.70 37.45 20.63
C LYS G 59 66.19 37.22 21.06
N LEU G 60 65.29 37.98 20.44
CA LEU G 60 63.85 38.01 20.78
C LEU G 60 62.94 36.96 20.09
N LEU G 61 63.45 36.28 19.09
CA LEU G 61 62.83 35.12 18.52
C LEU G 61 62.88 33.97 19.49
N ASP G 62 61.76 33.23 19.53
CA ASP G 62 61.71 31.88 20.06
C ASP G 62 62.33 31.01 19.00
N SER G 63 63.57 30.61 19.25
CA SER G 63 64.39 29.86 18.30
C SER G 63 63.87 28.45 18.00
N SER G 64 63.09 27.89 18.92
CA SER G 64 62.38 26.61 18.64
C SER G 64 61.46 26.68 17.45
N THR G 65 60.91 27.85 17.15
CA THR G 65 60.02 28.05 16.00
C THR G 65 60.75 28.46 14.70
N VAL G 66 62.06 28.65 14.72
CA VAL G 66 62.82 29.01 13.53
C VAL G 66 63.40 27.74 13.00
N THR G 67 62.81 27.23 11.92
CA THR G 67 63.28 25.98 11.33
C THR G 67 62.91 25.96 9.86
N HIS G 68 63.75 25.29 9.07
CA HIS G 68 63.46 24.93 7.69
C HIS G 68 63.34 23.43 7.45
N LEU G 69 63.25 22.66 8.54
CA LEU G 69 63.09 21.20 8.48
C LEU G 69 61.63 20.88 8.74
N PHE G 70 61.06 20.02 7.92
CA PHE G 70 59.64 19.69 8.05
C PHE G 70 59.37 18.21 7.84
N LYS G 71 58.56 17.66 8.73
CA LYS G 71 58.01 16.30 8.57
C LYS G 71 56.86 16.38 7.55
N ILE G 72 56.92 15.57 6.50
CA ILE G 72 55.86 15.46 5.54
C ILE G 72 54.89 14.32 5.91
N THR G 73 55.44 13.13 6.06
CA THR G 73 54.82 11.96 6.71
C THR G 73 55.79 11.51 7.81
N GLU G 74 55.46 10.46 8.57
CA GLU G 74 56.37 9.96 9.57
C GLU G 74 57.71 9.53 8.95
N ASN G 75 57.68 9.03 7.70
CA ASN G 75 58.86 8.53 7.00
C ASN G 75 59.52 9.46 5.96
N ILE G 76 58.97 10.65 5.77
CA ILE G 76 59.48 11.53 4.74
C ILE G 76 59.75 12.85 5.37
N GLY G 77 61.00 13.26 5.25
CA GLY G 77 61.40 14.54 5.76
C GLY G 77 61.77 15.50 4.66
N CYS G 78 61.83 16.76 5.03
CA CYS G 78 62.09 17.77 4.04
C CYS G 78 62.83 18.98 4.53
N VAL G 79 63.73 19.49 3.70
CA VAL G 79 64.33 20.83 3.94
C VAL G 79 63.89 21.80 2.82
N MET G 80 63.44 22.99 3.23
CA MET G 80 63.05 24.06 2.32
C MET G 80 64.12 25.20 2.26
N THR G 81 64.41 25.66 1.06
CA THR G 81 65.31 26.74 0.83
C THR G 81 64.56 27.78 -0.05
N GLY G 82 64.55 29.05 0.39
CA GLY G 82 63.96 30.13 -0.37
C GLY G 82 63.03 31.00 0.42
N MET G 83 62.08 31.61 -0.28
CA MET G 83 61.11 32.47 0.35
C MET G 83 60.31 31.61 1.35
N THR G 84 60.11 32.12 2.54
CA THR G 84 59.64 31.34 3.68
C THR G 84 58.16 30.96 3.57
N ALA G 85 57.30 31.95 3.41
CA ALA G 85 55.88 31.70 3.27
C ALA G 85 55.56 30.83 2.03
N ASP G 86 56.22 31.07 0.90
CA ASP G 86 56.12 30.16 -0.24
C ASP G 86 56.45 28.73 0.15
N SER G 87 57.54 28.59 0.87
CA SER G 87 58.02 27.28 1.34
C SER G 87 56.97 26.57 2.21
N ARG G 88 56.38 27.31 3.13
CA ARG G 88 55.40 26.74 4.00
C ARG G 88 54.25 26.19 3.22
N SER G 89 53.83 26.96 2.22
CA SER G 89 52.74 26.59 1.35
CA SER G 89 52.72 26.57 1.35
C SER G 89 53.07 25.29 0.64
N GLN G 90 54.29 25.18 0.19
CA GLN G 90 54.68 23.99 -0.56
C GLN G 90 54.78 22.77 0.40
N VAL G 91 55.21 22.99 1.65
CA VAL G 91 55.17 21.93 2.63
C VAL G 91 53.71 21.41 2.87
N GLN G 92 52.75 22.32 3.04
CA GLN G 92 51.37 21.95 3.26
C GLN G 92 50.80 21.12 2.13
N ARG G 93 51.12 21.53 0.91
CA ARG G 93 50.69 20.84 -0.27
C ARG G 93 51.28 19.47 -0.28
N ALA G 94 52.57 19.33 0.00
CA ALA G 94 53.22 18.04 0.05
C ALA G 94 52.56 17.09 1.07
N ARG G 95 52.23 17.61 2.24
CA ARG G 95 51.60 16.82 3.31
C ARG G 95 50.22 16.34 2.82
N TYR G 96 49.51 17.24 2.15
CA TYR G 96 48.21 16.96 1.64
C TYR G 96 48.29 15.86 0.53
N GLU G 97 49.24 15.98 -0.40
CA GLU G 97 49.42 14.96 -1.43
C GLU G 97 49.76 13.59 -0.87
N ALA G 98 50.64 13.54 0.15
CA ALA G 98 51.02 12.29 0.72
C ALA G 98 49.88 11.60 1.44
N ALA G 99 49.12 12.35 2.22
CA ALA G 99 48.00 11.83 2.98
C ALA G 99 46.94 11.25 1.99
N ASN G 100 46.73 12.01 0.95
CA ASN G 100 45.83 11.65 -0.12
C ASN G 100 46.17 10.36 -0.83
N TRP G 101 47.41 10.25 -1.21
CA TRP G 101 47.98 9.05 -1.79
C TRP G 101 47.70 7.84 -0.91
N LYS G 102 48.00 7.98 0.38
CA LYS G 102 47.80 6.87 1.33
C LYS G 102 46.32 6.40 1.44
N TYR G 103 45.42 7.37 1.49
CA TYR G 103 44.00 7.12 1.54
C TYR G 103 43.49 6.41 0.28
N LYS G 104 43.91 6.86 -0.90
CA LYS G 104 43.48 6.25 -2.16
C LYS G 104 44.14 4.91 -2.47
N TYR G 105 45.42 4.74 -2.16
CA TYR G 105 46.18 3.59 -2.63
C TYR G 105 46.64 2.62 -1.56
N GLY G 106 46.60 3.03 -0.30
CA GLY G 106 46.81 2.13 0.85
C GLY G 106 48.23 1.77 1.21
N TYR G 107 49.16 2.60 0.75
CA TYR G 107 50.57 2.50 1.04
C TYR G 107 51.19 3.89 0.95
N GLU G 108 52.28 4.07 1.64
CA GLU G 108 52.96 5.35 1.68
C GLU G 108 53.45 5.82 0.31
N ILE G 109 53.26 7.10 0.05
CA ILE G 109 53.80 7.68 -1.16
C ILE G 109 55.35 7.49 -1.20
N PRO G 110 55.87 6.97 -2.33
CA PRO G 110 57.32 6.93 -2.52
C PRO G 110 57.85 8.38 -2.57
N VAL G 111 59.09 8.54 -2.11
CA VAL G 111 59.75 9.85 -2.16
C VAL G 111 59.83 10.41 -3.59
N ASP G 112 60.17 9.58 -4.58
CA ASP G 112 60.27 10.04 -5.97
C ASP G 112 58.92 10.55 -6.52
N MET G 113 57.84 9.88 -6.14
CA MET G 113 56.49 10.23 -6.55
C MET G 113 56.04 11.51 -5.88
N LEU G 114 56.37 11.71 -4.61
CA LEU G 114 56.00 12.94 -3.94
C LEU G 114 56.75 14.13 -4.57
N CYS G 115 58.02 13.94 -4.84
CA CYS G 115 58.80 14.99 -5.47
C CYS G 115 58.25 15.30 -6.86
N LYS G 116 57.94 14.27 -7.62
CA LYS G 116 57.36 14.45 -8.95
C LYS G 116 56.03 15.19 -8.93
N ARG G 117 55.19 14.85 -7.97
CA ARG G 117 53.93 15.51 -7.85
C ARG G 117 54.06 17.00 -7.59
N ILE G 118 54.94 17.36 -6.67
CA ILE G 118 55.20 18.76 -6.35
C ILE G 118 55.81 19.50 -7.58
N ALA G 119 56.71 18.83 -8.27
CA ALA G 119 57.29 19.37 -9.48
C ALA G 119 56.23 19.57 -10.58
N ASP G 120 55.29 18.63 -10.69
CA ASP G 120 54.20 18.75 -11.68
C ASP G 120 53.29 19.92 -11.33
N ILE G 121 52.99 20.13 -10.07
CA ILE G 121 52.23 21.30 -9.62
C ILE G 121 52.99 22.61 -9.95
N SER G 122 54.29 22.62 -9.75
CA SER G 122 55.11 23.83 -9.99
C SER G 122 55.12 24.13 -11.49
N GLN G 123 55.16 23.06 -12.30
CA GLN G 123 55.17 23.23 -13.74
C GLN G 123 53.97 24.07 -14.19
N VAL G 124 52.82 23.88 -13.51
CA VAL G 124 51.61 24.60 -13.89
C VAL G 124 51.82 26.10 -13.80
N TYR G 125 52.50 26.56 -12.74
CA TYR G 125 52.79 27.98 -12.62
C TYR G 125 53.80 28.51 -13.69
N THR G 126 54.54 27.66 -14.35
CA THR G 126 55.39 28.08 -15.43
C THR G 126 54.66 28.25 -16.78
N GLN G 127 53.41 27.76 -16.87
CA GLN G 127 52.63 27.72 -18.11
C GLN G 127 51.33 28.56 -18.10
N ASN G 128 50.85 28.88 -16.91
CA ASN G 128 49.67 29.69 -16.74
C ASN G 128 50.06 31.08 -16.23
N ALA G 129 49.58 32.12 -16.87
CA ALA G 129 50.09 33.47 -16.67
C ALA G 129 49.68 34.15 -15.39
N GLU G 130 48.56 33.76 -14.85
CA GLU G 130 47.96 34.57 -13.78
C GLU G 130 48.64 34.53 -12.34
N MET G 131 49.49 33.55 -12.10
CA MET G 131 50.19 33.39 -10.82
C MET G 131 51.67 33.25 -11.06
N ARG G 132 52.49 33.69 -10.11
CA ARG G 132 53.95 33.50 -10.20
C ARG G 132 54.36 32.10 -9.70
N PRO G 133 55.50 31.59 -10.17
CA PRO G 133 56.14 30.47 -9.46
C PRO G 133 56.44 30.79 -7.99
N LEU G 134 56.62 29.72 -7.22
CA LEU G 134 57.01 29.81 -5.82
C LEU G 134 58.50 29.95 -5.83
N GLY G 135 58.98 30.93 -5.06
CA GLY G 135 60.39 31.20 -5.01
C GLY G 135 61.08 30.34 -3.95
N CYS G 136 60.97 29.04 -4.12
CA CYS G 136 61.52 28.09 -3.18
C CYS G 136 61.84 26.75 -3.83
N YCM G 137 62.63 26.01 -3.12
CA YCM G 137 63.18 24.73 -3.54
CB YCM G 137 64.67 25.04 -3.57
SG YCM G 137 65.46 23.72 -4.39
CD YCM G 137 65.92 24.76 -5.87
CE YCM G 137 67.36 25.18 -6.32
OZ1 YCM G 137 67.75 24.55 -7.29
NZ2 YCM G 137 68.23 26.17 -5.82
C YCM G 137 62.96 23.72 -2.42
O YCM G 137 63.19 24.04 -1.22
N MET G 138 62.62 22.50 -2.80
CA MET G 138 62.29 21.46 -1.84
C MET G 138 63.26 20.28 -2.03
N ILE G 139 63.90 19.89 -0.92
CA ILE G 139 64.68 18.67 -0.88
C ILE G 139 63.97 17.66 0.07
N LEU G 140 63.80 16.43 -0.41
CA LEU G 140 63.06 15.40 0.30
C LEU G 140 63.96 14.24 0.59
N ILE G 141 63.88 13.71 1.85
CA ILE G 141 64.59 12.44 2.19
C ILE G 141 63.60 11.37 2.68
N GLY G 142 63.88 10.12 2.32
CA GLY G 142 63.18 8.97 2.84
C GLY G 142 63.82 7.64 2.47
N ILE G 143 63.39 6.57 3.14
CA ILE G 143 63.85 5.22 2.78
C ILE G 143 62.83 4.58 1.83
N ASP G 144 63.32 4.13 0.69
CA ASP G 144 62.55 3.32 -0.24
C ASP G 144 62.84 1.85 0.03
N GLU G 145 61.77 1.04 0.03
CA GLU G 145 61.84 -0.40 0.35
C GLU G 145 62.85 -1.17 -0.52
N GLU G 146 62.93 -0.86 -1.81
CA GLU G 146 63.87 -1.54 -2.74
C GLU G 146 65.18 -0.77 -2.95
N GLN G 147 65.09 0.54 -3.18
CA GLN G 147 66.25 1.34 -3.63
C GLN G 147 67.18 1.87 -2.50
N GLY G 148 66.72 1.77 -1.25
CA GLY G 148 67.46 2.28 -0.11
C GLY G 148 67.13 3.74 0.19
N PRO G 149 68.03 4.44 0.94
CA PRO G 149 67.85 5.86 1.21
C PRO G 149 67.75 6.73 -0.05
N GLN G 150 66.92 7.75 0.00
CA GLN G 150 66.68 8.61 -1.16
C GLN G 150 66.80 10.07 -0.81
N VAL G 151 67.45 10.81 -1.73
CA VAL G 151 67.40 12.29 -1.71
C VAL G 151 66.86 12.74 -3.06
N TYR G 152 65.82 13.56 -3.00
CA TYR G 152 65.18 14.16 -4.15
C TYR G 152 65.07 15.66 -3.96
N LYS G 153 65.15 16.39 -5.08
CA LYS G 153 64.97 17.82 -5.10
C LYS G 153 64.09 18.25 -6.28
N CYS G 154 63.17 19.17 -6.03
CA CYS G 154 62.47 19.82 -7.10
C CYS G 154 62.59 21.34 -6.98
N ASP G 155 62.37 22.02 -8.09
CA ASP G 155 62.61 23.44 -8.19
C ASP G 155 61.46 24.22 -8.88
N PRO G 156 61.57 25.58 -8.91
CA PRO G 156 60.46 26.38 -9.47
C PRO G 156 60.23 26.22 -11.00
N ALA G 157 61.13 25.57 -11.73
CA ALA G 157 60.88 25.28 -13.13
C ALA G 157 60.04 24.00 -13.32
N GLY G 158 59.83 23.25 -12.22
CA GLY G 158 59.21 21.94 -12.27
C GLY G 158 60.14 20.82 -12.67
N TYR G 159 61.45 21.06 -12.67
CA TYR G 159 62.44 19.95 -12.74
C TYR G 159 62.53 19.21 -11.38
N TYR G 160 62.84 17.92 -11.43
CA TYR G 160 63.13 17.19 -10.23
C TYR G 160 64.11 16.09 -10.53
N 6V1 G 161 64.84 15.68 -9.52
CA 6V1 G 161 65.78 14.59 -9.68
C 6V1 G 161 66.11 13.93 -8.38
O 6V1 G 161 65.97 14.54 -7.30
CB 6V1 G 161 67.06 15.11 -10.34
SG 6V1 G 161 68.05 13.78 -11.00
C1 6V1 G 161 67.62 13.49 -12.72
C2 6V1 G 161 68.01 14.60 -13.68
N3 6V1 G 161 68.71 14.10 -14.73
C4 6V1 G 161 69.02 12.80 -14.57
C5 6V1 G 161 68.33 12.26 -13.32
C6 6V1 G 161 69.01 14.90 -15.92
O7 6V1 G 161 67.66 15.77 -13.52
O8 6V1 G 161 69.73 12.10 -15.28
C3 6V1 G 161 70.13 15.85 -15.62
N GLY G 162 66.51 12.67 -8.47
CA GLY G 162 67.19 11.97 -7.36
C GLY G 162 68.72 12.20 -7.34
N PHE G 163 69.32 12.14 -6.17
CA PHE G 163 70.73 12.49 -6.01
C PHE G 163 71.50 11.58 -5.07
N LYS G 164 72.80 11.45 -5.33
CA LYS G 164 73.74 10.89 -4.39
C LYS G 164 73.99 11.91 -3.28
N ALA G 165 74.07 13.17 -3.67
CA ALA G 165 74.03 14.28 -2.74
C ALA G 165 73.66 15.53 -3.52
N THR G 166 73.12 16.54 -2.85
CA THR G 166 72.82 17.79 -3.51
C THR G 166 72.81 19.00 -2.56
N ALA G 167 72.47 20.16 -3.10
CA ALA G 167 72.38 21.35 -2.30
C ALA G 167 71.43 22.39 -2.89
N ALA G 168 71.12 23.39 -2.09
CA ALA G 168 70.21 24.47 -2.49
C ALA G 168 70.62 25.78 -1.86
N GLY G 169 70.26 26.88 -2.52
CA GLY G 169 70.45 28.22 -1.96
C GLY G 169 71.73 28.93 -2.36
N VAL G 170 72.18 29.85 -1.51
CA VAL G 170 73.22 30.79 -1.90
C VAL G 170 74.50 30.08 -2.41
N LYS G 171 74.95 29.06 -1.68
CA LYS G 171 76.22 28.39 -2.00
C LYS G 171 76.02 27.05 -2.69
N GLN G 172 74.99 26.96 -3.51
CA GLN G 172 74.65 25.69 -4.17
C GLN G 172 75.76 25.17 -5.06
N THR G 173 76.32 26.03 -5.91
CA THR G 173 77.35 25.62 -6.87
C THR G 173 78.62 25.17 -6.17
N GLU G 174 79.00 25.94 -5.15
CA GLU G 174 80.21 25.66 -4.34
C GLU G 174 80.02 24.33 -3.60
N SER G 175 78.82 24.11 -3.06
CA SER G 175 78.50 22.83 -2.41
C SER G 175 78.52 21.68 -3.42
N THR G 176 77.94 21.89 -4.61
CA THR G 176 78.00 20.92 -5.70
C THR G 176 79.45 20.48 -6.00
N SER G 177 80.35 21.47 -6.18
CA SER G 177 81.79 21.21 -6.37
C SER G 177 82.46 20.41 -5.25
N PHE G 178 82.20 20.79 -4.00
CA PHE G 178 82.77 20.09 -2.85
C PHE G 178 82.31 18.63 -2.88
N LEU G 179 81.00 18.42 -3.11
CA LEU G 179 80.42 17.06 -3.08
C LEU G 179 80.90 16.20 -4.24
N GLU G 180 80.99 16.79 -5.43
CA GLU G 180 81.61 16.12 -6.61
C GLU G 180 83.01 15.56 -6.35
N LYS G 181 83.93 16.41 -5.88
CA LYS G 181 85.33 16.01 -5.63
C LYS G 181 85.43 14.93 -4.54
N LYS G 182 84.56 15.00 -3.54
CA LYS G 182 84.49 14.00 -2.47
C LYS G 182 83.94 12.63 -2.95
N VAL G 183 82.92 12.64 -3.84
CA VAL G 183 82.45 11.32 -4.44
C VAL G 183 83.36 10.61 -5.44
N LYS G 184 84.20 11.33 -6.18
CA LYS G 184 85.09 10.71 -7.18
C LYS G 184 86.08 9.75 -6.51
N LYS G 185 86.63 10.20 -5.37
CA LYS G 185 87.51 9.43 -4.46
C LYS G 185 86.93 8.08 -3.97
N LYS G 186 85.63 8.09 -3.66
CA LYS G 186 84.95 6.94 -3.03
C LYS G 186 84.61 5.76 -4.01
N PHE G 187 85.20 4.57 -3.74
CA PHE G 187 84.95 3.31 -4.52
C PHE G 187 83.45 2.88 -4.49
N ASP G 188 82.92 2.50 -5.66
CA ASP G 188 81.46 2.38 -5.96
C ASP G 188 80.64 3.72 -5.89
N TRP G 189 81.33 4.87 -6.02
CA TRP G 189 80.74 6.24 -6.09
C TRP G 189 79.64 6.53 -5.03
N THR G 190 79.88 6.10 -3.78
CA THR G 190 78.95 6.37 -2.65
C THR G 190 79.67 6.92 -1.40
N PHE G 191 78.95 7.81 -0.70
CA PHE G 191 79.38 8.36 0.59
C PHE G 191 79.06 7.37 1.68
N GLU G 192 79.80 7.49 2.77
CA GLU G 192 79.68 6.60 3.92
C GLU G 192 79.36 7.33 5.23
N GLN G 193 80.24 8.28 5.60
CA GLN G 193 80.12 9.04 6.85
C GLN G 193 79.25 10.25 6.51
N THR G 194 77.95 10.00 6.40
CA THR G 194 77.07 10.89 5.68
C THR G 194 76.74 12.20 6.42
N VAL G 195 76.49 12.12 7.71
CA VAL G 195 76.25 13.32 8.49
C VAL G 195 77.47 14.25 8.48
N GLU G 196 78.68 13.68 8.65
CA GLU G 196 79.93 14.47 8.72
C GLU G 196 80.22 15.17 7.39
N THR G 197 80.12 14.44 6.28
CA THR G 197 80.25 15.00 4.95
C THR G 197 79.33 16.23 4.74
N ALA G 198 78.07 16.11 5.15
CA ALA G 198 77.07 17.16 4.93
C ALA G 198 77.41 18.44 5.69
N ILE G 199 77.81 18.28 6.94
CA ILE G 199 78.17 19.43 7.77
C ILE G 199 79.49 20.04 7.29
N THR G 200 80.47 19.18 7.00
CA THR G 200 81.75 19.61 6.46
C THR G 200 81.57 20.34 5.12
N CYS G 201 80.70 19.87 4.24
CA CYS G 201 80.41 20.59 3.00
C CYS G 201 79.91 21.98 3.32
N LEU G 202 78.91 22.06 4.18
CA LEU G 202 78.34 23.34 4.52
C LEU G 202 79.35 24.28 5.20
N SER G 203 80.22 23.72 6.05
CA SER G 203 81.15 24.50 6.84
C SER G 203 82.20 25.13 5.93
N THR G 204 82.64 24.36 4.94
CA THR G 204 83.66 24.79 3.98
C THR G 204 83.14 25.94 3.11
N VAL G 205 82.01 25.71 2.44
CA VAL G 205 81.47 26.68 1.49
C VAL G 205 81.06 28.02 2.12
N LEU G 206 80.67 28.01 3.40
CA LEU G 206 80.43 29.24 4.19
C LEU G 206 81.66 29.79 4.92
N SER G 207 82.65 28.93 5.15
CA SER G 207 83.84 29.23 5.96
C SER G 207 83.47 29.62 7.40
N ILE G 208 82.67 28.77 8.08
CA ILE G 208 82.16 29.13 9.39
C ILE G 208 82.68 28.32 10.58
N ASP G 209 82.67 26.99 10.56
CA ASP G 209 83.02 26.21 11.79
C ASP G 209 81.88 26.47 12.81
N PHE G 210 80.86 25.61 12.77
CA PHE G 210 79.56 25.90 13.40
C PHE G 210 79.53 25.63 14.89
N LYS G 211 78.70 26.41 15.58
CA LYS G 211 78.17 26.03 16.89
C LYS G 211 77.00 25.09 16.67
N PRO G 212 76.66 24.26 17.67
CA PRO G 212 75.51 23.36 17.48
C PRO G 212 74.14 24.03 17.25
N SER G 213 73.95 25.27 17.71
CA SER G 213 72.72 26.05 17.52
C SER G 213 72.64 26.82 16.21
N GLU G 214 73.69 26.74 15.38
CA GLU G 214 73.70 27.41 14.08
C GLU G 214 73.35 26.51 12.88
N ILE G 215 73.08 25.23 13.12
CA ILE G 215 72.59 24.32 12.12
C ILE G 215 71.44 23.46 12.65
N GLU G 216 70.76 22.83 11.73
CA GLU G 216 69.74 21.82 12.03
C GLU G 216 70.07 20.62 11.17
N VAL G 217 69.79 19.44 11.72
CA VAL G 217 70.06 18.21 11.02
C VAL G 217 68.86 17.26 11.13
N GLY G 218 68.52 16.66 9.99
CA GLY G 218 67.41 15.72 9.86
C GLY G 218 67.95 14.46 9.22
N VAL G 219 67.49 13.29 9.68
CA VAL G 219 67.97 11.99 9.19
C VAL G 219 66.82 11.01 8.96
N VAL G 220 67.04 10.08 8.04
CA VAL G 220 66.27 8.82 7.95
C VAL G 220 67.28 7.72 7.74
N THR G 221 67.06 6.56 8.34
CA THR G 221 67.98 5.42 8.23
C THR G 221 67.22 4.16 7.89
N VAL G 222 67.90 3.21 7.27
CA VAL G 222 67.32 1.90 6.92
C VAL G 222 66.80 1.18 8.18
N GLU G 223 67.57 1.23 9.26
CA GLU G 223 67.16 0.64 10.52
C GLU G 223 66.06 1.49 11.23
N ASN G 224 66.07 2.80 11.08
CA ASN G 224 65.08 3.66 11.71
C ASN G 224 64.54 4.61 10.66
N PRO G 225 63.53 4.19 9.90
CA PRO G 225 63.10 5.05 8.79
C PRO G 225 62.30 6.27 9.19
N LYS G 226 61.79 6.37 10.40
CA LYS G 226 61.08 7.61 10.79
C LYS G 226 62.03 8.81 10.67
N PHE G 227 61.57 9.89 10.07
CA PHE G 227 62.28 11.14 10.01
C PHE G 227 62.54 11.66 11.42
N ARG G 228 63.80 12.02 11.68
CA ARG G 228 64.25 12.43 13.02
C ARG G 228 65.07 13.73 12.91
N ILE G 229 64.83 14.64 13.84
CA ILE G 229 65.57 15.88 13.91
C ILE G 229 66.50 15.75 15.11
N LEU G 230 67.81 15.95 14.86
CA LEU G 230 68.80 15.89 15.90
C LEU G 230 68.63 17.03 16.88
N THR G 231 68.97 16.75 18.12
CA THR G 231 68.96 17.72 19.17
C THR G 231 70.29 18.52 19.05
N GLU G 232 70.42 19.57 19.83
CA GLU G 232 71.66 20.33 19.91
C GLU G 232 72.82 19.47 20.37
N ALA G 233 72.58 18.62 21.37
CA ALA G 233 73.61 17.75 21.92
C ALA G 233 74.10 16.70 20.92
N GLU G 234 73.16 16.10 20.20
CA GLU G 234 73.50 15.12 19.17
C GLU G 234 74.36 15.78 18.06
N ILE G 235 73.97 16.98 17.64
CA ILE G 235 74.71 17.80 16.68
C ILE G 235 76.10 18.13 17.26
N ASP G 236 76.15 18.63 18.49
CA ASP G 236 77.44 18.89 19.14
C ASP G 236 78.38 17.69 19.09
N ALA G 237 77.85 16.47 19.27
CA ALA G 237 78.72 15.29 19.30
C ALA G 237 79.41 15.08 17.96
N HIS G 238 78.70 15.36 16.86
CA HIS G 238 79.28 15.29 15.52
C HIS G 238 80.28 16.42 15.27
N LEU G 239 79.96 17.62 15.76
CA LEU G 239 80.89 18.75 15.67
C LEU G 239 82.18 18.47 16.44
N VAL G 240 82.05 17.98 17.66
CA VAL G 240 83.24 17.62 18.49
C VAL G 240 84.03 16.49 17.82
N ALA G 241 83.34 15.47 17.28
CA ALA G 241 84.03 14.33 16.63
C ALA G 241 84.80 14.71 15.34
N LEU G 242 84.28 15.68 14.60
CA LEU G 242 84.99 16.26 13.46
C LEU G 242 86.28 16.98 13.86
N ALA G 243 86.17 17.88 14.85
CA ALA G 243 87.33 18.64 15.37
C ALA G 243 88.54 17.77 15.78
N GLU G 244 88.27 16.60 16.36
CA GLU G 244 89.31 15.74 16.95
C GLU G 244 90.09 14.75 16.04
N ARG G 245 90.56 15.19 14.85
CA ARG G 245 91.50 14.41 14.04
C ARG G 245 92.58 15.29 13.45
N THR H 1 26.47 -18.14 -10.02
CA THR H 1 27.94 -18.09 -10.15
C THR H 1 28.59 -18.73 -8.86
N THR H 2 29.68 -19.45 -9.03
CA THR H 2 30.55 -19.87 -7.90
C THR H 2 31.95 -19.38 -8.19
N ILE H 3 32.47 -18.52 -7.30
CA ILE H 3 33.85 -18.05 -7.37
C ILE H 3 34.50 -18.20 -6.02
N ALA H 4 35.81 -18.36 -6.03
CA ALA H 4 36.55 -18.67 -4.83
C ALA H 4 38.02 -18.38 -4.98
N GLY H 5 38.68 -18.28 -3.83
CA GLY H 5 40.13 -18.23 -3.77
C GLY H 5 40.74 -18.78 -2.49
N VAL H 6 42.00 -19.16 -2.61
CA VAL H 6 42.82 -19.73 -1.55
C VAL H 6 44.23 -19.12 -1.57
N VAL H 7 44.76 -18.82 -0.38
CA VAL H 7 46.18 -18.56 -0.19
C VAL H 7 46.88 -19.88 0.10
N TYR H 8 47.89 -20.22 -0.71
CA TYR H 8 48.75 -21.38 -0.49
C TYR H 8 50.19 -20.97 -0.15
N LYS H 9 51.11 -21.92 0.01
CA LYS H 9 52.44 -21.61 0.58
C LYS H 9 53.11 -20.52 -0.26
N ASP H 10 53.07 -20.70 -1.58
CA ASP H 10 53.77 -19.80 -2.51
C ASP H 10 52.89 -18.80 -3.28
N GLY H 11 51.63 -18.61 -2.87
CA GLY H 11 50.79 -17.74 -3.65
C GLY H 11 49.31 -17.86 -3.46
N ILE H 12 48.59 -17.63 -4.56
CA ILE H 12 47.13 -17.56 -4.59
C ILE H 12 46.60 -18.54 -5.66
N VAL H 13 45.51 -19.26 -5.34
CA VAL H 13 44.69 -19.90 -6.41
C VAL H 13 43.28 -19.36 -6.38
N LEU H 14 42.88 -18.79 -7.51
CA LEU H 14 41.51 -18.35 -7.76
C LEU H 14 40.76 -19.33 -8.67
N GLY H 15 39.46 -19.40 -8.45
CA GLY H 15 38.60 -20.28 -9.23
C GLY H 15 37.25 -19.72 -9.57
N ALA H 16 36.65 -20.28 -10.62
CA ALA H 16 35.33 -19.85 -11.08
C ALA H 16 34.65 -20.87 -11.96
N ASP H 17 33.32 -20.87 -11.95
CA ASP H 17 32.54 -21.62 -12.94
C ASP H 17 32.39 -20.74 -14.20
N THR H 18 31.69 -21.23 -15.23
CA THR H 18 31.57 -20.48 -16.47
C THR H 18 30.15 -20.25 -17.02
N ARG H 19 29.14 -20.34 -16.14
CA ARG H 19 27.78 -20.16 -16.52
C ARG H 19 27.30 -18.74 -16.28
N ALA H 20 26.58 -18.18 -17.24
CA ALA H 20 25.84 -16.96 -17.00
C ALA H 20 24.37 -17.23 -17.32
N THR H 21 23.48 -16.71 -16.50
CA THR H 21 22.09 -16.93 -16.62
C THR H 21 21.38 -15.62 -16.86
N GLU H 22 20.22 -15.72 -17.49
CA GLU H 22 19.27 -14.62 -17.63
C GLU H 22 17.91 -15.17 -17.28
N GLY H 23 17.39 -14.73 -16.14
CA GLY H 23 16.31 -15.44 -15.50
C GLY H 23 16.81 -16.82 -15.06
N MET H 24 16.07 -17.87 -15.38
CA MET H 24 16.45 -19.21 -15.03
C MET H 24 16.80 -19.99 -16.32
N VAL H 25 17.44 -19.27 -17.26
CA VAL H 25 17.90 -19.82 -18.52
C VAL H 25 19.37 -19.55 -18.63
N VAL H 26 20.13 -20.51 -19.13
CA VAL H 26 21.54 -20.31 -19.37
C VAL H 26 21.74 -19.49 -20.64
N ALA H 27 22.35 -18.31 -20.48
CA ALA H 27 22.61 -17.36 -21.58
C ALA H 27 23.98 -17.62 -22.19
N ASP H 28 24.99 -17.90 -21.35
CA ASP H 28 26.35 -18.28 -21.78
C ASP H 28 26.82 -19.51 -21.04
N LYS H 29 27.25 -20.51 -21.79
CA LYS H 29 27.84 -21.70 -21.23
C LYS H 29 29.30 -21.55 -20.87
N ASN H 30 30.00 -20.57 -21.46
CA ASN H 30 31.44 -20.42 -21.26
C ASN H 30 31.93 -18.97 -21.11
N CYS H 31 31.40 -18.27 -20.13
CA CYS H 31 31.87 -16.93 -19.91
C CYS H 31 33.08 -16.95 -18.96
N SER H 32 33.89 -15.89 -19.06
CA SER H 32 35.13 -15.75 -18.31
C SER H 32 34.85 -14.88 -17.13
N LYS H 33 35.00 -15.45 -15.93
CA LYS H 33 34.76 -14.72 -14.67
C LYS H 33 36.01 -14.34 -13.87
N ILE H 34 37.18 -14.84 -14.27
CA ILE H 34 38.44 -14.45 -13.64
C ILE H 34 39.09 -13.29 -14.49
N HIS H 35 38.95 -12.07 -13.99
CA HIS H 35 39.34 -10.85 -14.71
C HIS H 35 40.77 -10.39 -14.41
N PHE H 36 41.49 -10.02 -15.49
CA PHE H 36 42.78 -9.34 -15.41
C PHE H 36 42.67 -8.01 -14.65
N ILE H 37 43.49 -7.84 -13.61
CA ILE H 37 43.64 -6.53 -12.99
C ILE H 37 45.00 -5.94 -13.40
N SER H 38 46.06 -6.67 -13.11
CA SER H 38 47.41 -6.34 -13.52
C SER H 38 48.15 -7.66 -13.71
N PRO H 39 49.37 -7.67 -14.22
CA PRO H 39 50.00 -8.98 -14.45
C PRO H 39 50.18 -9.87 -13.21
N ASN H 40 50.22 -9.29 -12.01
CA ASN H 40 50.32 -10.01 -10.74
C ASN H 40 49.04 -10.02 -9.89
N ILE H 41 47.91 -9.58 -10.45
CA ILE H 41 46.68 -9.45 -9.69
C ILE H 41 45.46 -9.79 -10.58
N TYR H 42 44.61 -10.68 -10.09
CA TYR H 42 43.38 -11.05 -10.80
C TYR H 42 42.21 -10.94 -9.83
N CYS H 43 41.02 -10.90 -10.40
CA CYS H 43 39.79 -10.68 -9.63
C CYS H 43 38.65 -11.48 -10.23
N CYS H 44 38.12 -12.44 -9.49
CA CYS H 44 36.88 -13.14 -9.89
C CYS H 44 35.68 -12.24 -9.62
N GLY H 45 34.68 -12.32 -10.50
CA GLY H 45 33.46 -11.53 -10.36
C GLY H 45 32.16 -12.35 -10.32
N ALA H 46 31.28 -12.01 -9.38
CA ALA H 46 29.92 -12.52 -9.33
C ALA H 46 28.93 -11.38 -9.19
N GLY H 47 27.75 -11.57 -9.73
CA GLY H 47 26.64 -10.66 -9.50
C GLY H 47 26.17 -10.18 -10.84
N THR H 48 25.86 -8.89 -10.97
CA THR H 48 25.39 -8.34 -12.28
C THR H 48 26.61 -8.31 -13.22
N ALA H 49 26.56 -9.09 -14.29
CA ALA H 49 27.72 -9.36 -15.12
C ALA H 49 28.39 -8.10 -15.72
N ALA H 50 27.59 -7.17 -16.20
CA ALA H 50 28.07 -5.91 -16.79
C ALA H 50 28.83 -5.10 -15.69
N ASP H 51 28.32 -5.13 -14.46
CA ASP H 51 28.96 -4.45 -13.34
C ASP H 51 30.30 -5.04 -12.97
N THR H 52 30.45 -6.36 -12.99
CA THR H 52 31.70 -6.96 -12.64
C THR H 52 32.72 -6.67 -13.76
N ASP H 53 32.30 -6.77 -15.02
CA ASP H 53 33.18 -6.50 -16.16
C ASP H 53 33.69 -5.06 -16.14
N MET H 54 32.78 -4.10 -16.06
CA MET H 54 33.14 -2.71 -16.16
C MET H 54 33.97 -2.27 -14.93
N THR H 55 33.61 -2.73 -13.75
CA THR H 55 34.28 -2.37 -12.54
C THR H 55 35.71 -2.83 -12.55
N THR H 56 35.91 -4.10 -12.88
CA THR H 56 37.27 -4.63 -12.98
C THR H 56 38.08 -4.00 -14.11
N GLN H 57 37.45 -3.68 -15.24
CA GLN H 57 38.15 -3.03 -16.35
C GLN H 57 38.65 -1.63 -15.91
N LEU H 58 37.79 -0.89 -15.23
CA LEU H 58 38.08 0.46 -14.85
C LEU H 58 39.22 0.50 -13.85
N ILE H 59 39.18 -0.37 -12.85
CA ILE H 59 40.24 -0.44 -11.86
C ILE H 59 41.58 -0.93 -12.46
N SER H 60 41.52 -1.91 -13.34
CA SER H 60 42.72 -2.39 -14.05
C SER H 60 43.42 -1.26 -14.79
N SER H 61 42.59 -0.49 -15.46
CA SER H 61 43.03 0.64 -16.25
C SER H 61 43.70 1.72 -15.36
N ASN H 62 43.04 2.03 -14.25
CA ASN H 62 43.54 2.97 -13.27
C ASN H 62 44.80 2.51 -12.60
N LEU H 63 44.93 1.21 -12.36
CA LEU H 63 46.16 0.60 -11.91
C LEU H 63 47.30 0.64 -12.90
N GLU H 64 47.00 0.47 -14.19
CA GLU H 64 48.01 0.52 -15.19
C GLU H 64 48.54 1.95 -15.22
N LEU H 65 47.67 2.96 -15.18
CA LEU H 65 48.10 4.37 -15.04
C LEU H 65 49.01 4.56 -13.80
N HIS H 66 48.65 3.92 -12.71
CA HIS H 66 49.38 4.02 -11.49
C HIS H 66 50.79 3.42 -11.63
N SER H 67 50.88 2.21 -12.16
CA SER H 67 52.16 1.54 -12.25
C SER H 67 53.07 2.11 -13.34
N LEU H 68 52.48 2.69 -14.36
CA LEU H 68 53.23 3.41 -15.36
C LEU H 68 53.97 4.59 -14.71
N SER H 69 53.24 5.28 -13.86
CA SER H 69 53.75 6.44 -13.18
C SER H 69 54.79 6.07 -12.12
N THR H 70 54.51 5.06 -11.31
CA THR H 70 55.42 4.63 -10.26
C THR H 70 56.62 3.83 -10.76
N GLY H 71 56.50 3.21 -11.94
CA GLY H 71 57.48 2.24 -12.41
C GLY H 71 57.58 0.97 -11.56
N ARG H 72 56.60 0.68 -10.71
CA ARG H 72 56.65 -0.44 -9.77
C ARG H 72 55.47 -1.41 -9.94
N LEU H 73 55.70 -2.60 -9.42
CA LEU H 73 54.70 -3.62 -9.38
C LEU H 73 53.50 -3.14 -8.51
N PRO H 74 52.29 -3.26 -9.03
CA PRO H 74 51.15 -2.78 -8.25
C PRO H 74 50.88 -3.67 -7.03
N ARG H 75 50.24 -3.09 -6.03
CA ARG H 75 49.98 -3.77 -4.78
C ARG H 75 48.50 -4.19 -4.71
N VAL H 76 48.23 -5.35 -4.11
CA VAL H 76 46.88 -5.85 -3.98
C VAL H 76 46.05 -4.91 -3.14
N VAL H 77 46.64 -4.29 -2.10
CA VAL H 77 45.88 -3.29 -1.31
C VAL H 77 45.35 -2.12 -2.14
N THR H 78 46.08 -1.71 -3.14
CA THR H 78 45.69 -0.60 -3.96
C THR H 78 44.46 -0.98 -4.77
N ALA H 79 44.49 -2.16 -5.39
CA ALA H 79 43.28 -2.69 -6.09
C ALA H 79 42.08 -2.78 -5.13
N ASN H 80 42.33 -3.28 -3.93
CA ASN H 80 41.29 -3.37 -2.91
C ASN H 80 40.68 -2.02 -2.57
N ARG H 81 41.53 -1.01 -2.32
CA ARG H 81 41.05 0.35 -1.99
C ARG H 81 40.22 0.99 -3.11
N MET H 82 40.70 0.88 -4.32
CA MET H 82 39.99 1.44 -5.45
C MET H 82 38.62 0.81 -5.65
N LEU H 83 38.57 -0.50 -5.60
CA LEU H 83 37.32 -1.24 -5.71
C LEU H 83 36.33 -0.89 -4.61
N LYS H 84 36.77 -1.01 -3.34
CA LYS H 84 35.88 -0.77 -2.21
C LYS H 84 35.35 0.67 -2.15
N GLN H 85 36.20 1.64 -2.44
CA GLN H 85 35.79 3.04 -2.41
C GLN H 85 34.77 3.35 -3.51
N MET H 86 34.95 2.79 -4.70
CA MET H 86 33.99 2.98 -5.74
C MET H 86 32.66 2.30 -5.35
N LEU H 87 32.71 1.03 -4.95
CA LEU H 87 31.49 0.31 -4.62
C LEU H 87 30.71 0.99 -3.47
N PHE H 88 31.42 1.48 -2.46
CA PHE H 88 30.77 2.18 -1.39
C PHE H 88 30.07 3.43 -1.84
N ARG H 89 30.72 4.18 -2.70
CA ARG H 89 30.15 5.41 -3.29
C ARG H 89 28.82 5.07 -4.02
N TYR H 90 28.78 3.96 -4.70
CA TYR H 90 27.56 3.58 -5.43
C TYR H 90 26.50 2.88 -4.55
N GLN H 91 26.76 2.65 -3.25
CA GLN H 91 25.74 2.30 -2.27
C GLN H 91 25.07 0.94 -2.55
N GLY H 92 25.85 0.02 -3.08
CA GLY H 92 25.29 -1.27 -3.49
C GLY H 92 24.62 -1.32 -4.87
N TYR H 93 24.49 -0.19 -5.56
CA TYR H 93 23.84 -0.19 -6.88
C TYR H 93 24.69 -0.80 -7.95
N ILE H 94 25.99 -0.90 -7.75
CA ILE H 94 26.82 -1.69 -8.63
C ILE H 94 26.93 -3.06 -8.01
N GLY H 95 26.36 -4.05 -8.70
CA GLY H 95 26.17 -5.38 -8.13
C GLY H 95 27.32 -6.28 -8.40
N ALA H 96 28.48 -5.91 -7.84
CA ALA H 96 29.71 -6.65 -8.04
C ALA H 96 30.17 -7.23 -6.69
N ALA H 97 30.28 -8.56 -6.66
CA ALA H 97 30.86 -9.30 -5.57
C ALA H 97 32.13 -9.96 -6.09
N LEU H 98 33.26 -9.62 -5.47
CA LEU H 98 34.59 -9.86 -6.03
C LEU H 98 35.48 -10.69 -5.13
N VAL H 99 36.27 -11.54 -5.75
CA VAL H 99 37.37 -12.22 -5.07
C VAL H 99 38.65 -11.70 -5.72
N LEU H 100 39.40 -10.93 -4.96
CA LEU H 100 40.61 -10.27 -5.42
C LEU H 100 41.85 -10.99 -4.87
N GLY H 101 42.70 -11.46 -5.76
CA GLY H 101 43.85 -12.22 -5.37
C GLY H 101 45.06 -11.71 -6.11
N GLY H 102 46.20 -11.63 -5.43
CA GLY H 102 47.44 -11.39 -6.11
C GLY H 102 48.68 -11.57 -5.26
N VAL H 103 49.82 -11.40 -5.91
CA VAL H 103 51.12 -11.39 -5.23
C VAL H 103 51.89 -10.12 -5.50
N ASP H 104 52.30 -9.45 -4.44
CA ASP H 104 53.07 -8.21 -4.59
C ASP H 104 54.39 -8.26 -3.80
N VAL H 105 55.10 -7.14 -3.68
CA VAL H 105 56.33 -7.10 -2.89
C VAL H 105 56.15 -7.52 -1.44
N THR H 106 54.95 -7.40 -0.89
CA THR H 106 54.71 -7.90 0.47
C THR H 106 54.11 -9.30 0.55
N GLY H 107 54.22 -10.09 -0.53
CA GLY H 107 53.68 -11.44 -0.57
C GLY H 107 52.27 -11.64 -1.15
N PRO H 108 51.66 -12.85 -0.96
CA PRO H 108 50.30 -13.17 -1.44
C PRO H 108 49.21 -12.48 -0.63
N HIS H 109 48.15 -11.99 -1.28
CA HIS H 109 47.03 -11.42 -0.55
C HIS H 109 45.73 -11.82 -1.21
N LEU H 110 44.71 -12.07 -0.38
CA LEU H 110 43.37 -12.43 -0.86
C LEU H 110 42.31 -11.62 -0.14
N TYR H 111 41.42 -10.97 -0.89
CA TYR H 111 40.34 -10.19 -0.29
C TYR H 111 39.01 -10.63 -0.90
N SER H 112 37.94 -10.59 -0.13
CA SER H 112 36.63 -10.59 -0.75
C SER H 112 36.10 -9.16 -0.65
N ILE H 113 35.36 -8.74 -1.69
CA ILE H 113 34.77 -7.42 -1.74
C ILE H 113 33.30 -7.50 -2.06
N TYR H 114 32.47 -6.90 -1.20
CA TYR H 114 31.03 -6.96 -1.37
C TYR H 114 30.47 -5.73 -2.14
N PRO H 115 29.22 -5.85 -2.65
CA PRO H 115 28.69 -4.77 -3.46
C PRO H 115 28.55 -3.45 -2.75
N HIS H 116 28.29 -3.47 -1.44
CA HIS H 116 28.18 -2.24 -0.67
C HIS H 116 29.56 -1.61 -0.24
N GLY H 117 30.65 -2.30 -0.55
CA GLY H 117 31.96 -1.80 -0.31
C GLY H 117 32.71 -2.35 0.90
N SER H 118 32.16 -3.32 1.66
CA SER H 118 32.92 -3.93 2.74
C SER H 118 33.87 -4.89 2.13
N THR H 119 34.96 -5.15 2.82
CA THR H 119 35.95 -6.15 2.39
C THR H 119 36.46 -6.98 3.60
N ASP H 120 37.00 -8.14 3.33
CA ASP H 120 37.46 -9.09 4.35
C ASP H 120 38.82 -9.56 3.75
N LYS H 121 39.85 -9.64 4.56
CA LYS H 121 41.15 -10.16 4.13
C LYS H 121 41.31 -11.52 4.82
N LEU H 122 41.42 -12.59 4.05
CA LEU H 122 41.25 -13.95 4.58
C LEU H 122 42.03 -14.92 3.77
N PRO H 123 42.32 -16.09 4.33
CA PRO H 123 43.08 -17.09 3.59
C PRO H 123 42.25 -17.93 2.63
N TYR H 124 40.92 -17.85 2.73
CA TYR H 124 40.02 -18.45 1.78
C TYR H 124 38.68 -17.79 1.80
N VAL H 125 38.10 -17.62 0.61
CA VAL H 125 36.85 -16.89 0.45
C VAL H 125 36.05 -17.47 -0.72
N THR H 126 34.75 -17.22 -0.69
CA THR H 126 33.86 -17.63 -1.74
C THR H 126 32.81 -16.57 -1.92
N MET H 127 32.30 -16.46 -3.15
CA MET H 127 31.19 -15.57 -3.47
CA MET H 127 31.18 -15.57 -3.46
C MET H 127 30.30 -16.18 -4.55
N GLY H 128 29.11 -15.59 -4.70
CA GLY H 128 28.14 -16.03 -5.66
C GLY H 128 27.03 -16.90 -5.02
N SER H 129 26.06 -17.22 -5.84
CA SER H 129 24.99 -18.10 -5.45
C SER H 129 25.49 -19.48 -5.01
N GLY H 130 26.67 -19.88 -5.46
CA GLY H 130 27.22 -21.18 -5.08
C GLY H 130 28.21 -21.12 -3.95
N SER H 131 28.25 -20.03 -3.20
CA SER H 131 29.34 -19.78 -2.33
C SER H 131 29.28 -20.58 -1.02
N LEU H 132 28.09 -20.98 -0.56
CA LEU H 132 28.03 -21.82 0.65
C LEU H 132 28.51 -23.25 0.36
N ALA H 133 28.28 -23.73 -0.86
CA ALA H 133 28.75 -25.05 -1.24
C ALA H 133 30.26 -25.09 -1.36
N ALA H 134 30.81 -24.11 -2.07
CA ALA H 134 32.24 -23.93 -2.12
C ALA H 134 32.89 -23.76 -0.72
N MET H 135 32.27 -22.97 0.14
CA MET H 135 32.77 -22.75 1.49
C MET H 135 32.74 -23.98 2.37
N ALA H 136 31.76 -24.86 2.15
CA ALA H 136 31.73 -26.14 2.86
C ALA H 136 32.99 -26.92 2.58
N VAL H 137 33.40 -26.97 1.31
CA VAL H 137 34.61 -27.72 0.93
C VAL H 137 35.83 -27.14 1.64
N PHE H 138 35.92 -25.81 1.65
CA PHE H 138 37.06 -25.12 2.26
C PHE H 138 37.08 -25.34 3.76
N GLU H 139 35.94 -25.17 4.45
CA GLU H 139 35.91 -25.44 5.87
C GLU H 139 36.31 -26.87 6.20
N ASP H 140 35.94 -27.83 5.35
CA ASP H 140 36.23 -29.23 5.60
C ASP H 140 37.69 -29.61 5.35
N LYS H 141 38.30 -28.99 4.35
CA LYS H 141 39.57 -29.46 3.78
C LYS H 141 40.71 -28.46 3.68
N PHE H 142 40.47 -27.19 3.89
CA PHE H 142 41.57 -26.25 3.80
C PHE H 142 42.60 -26.56 4.90
N ARG H 143 43.88 -26.52 4.52
CA ARG H 143 44.99 -26.50 5.49
C ARG H 143 45.89 -25.30 5.16
N PRO H 144 46.56 -24.73 6.17
CA PRO H 144 47.56 -23.68 5.86
C PRO H 144 48.75 -24.25 5.06
N ASP H 145 49.36 -23.41 4.24
CA ASP H 145 50.59 -23.74 3.51
C ASP H 145 50.47 -24.98 2.61
N MET H 146 49.38 -25.08 1.88
CA MET H 146 49.28 -26.11 0.87
C MET H 146 50.28 -25.90 -0.25
N GLU H 147 50.67 -27.01 -0.84
CA GLU H 147 51.47 -26.96 -2.04
C GLU H 147 50.54 -26.64 -3.22
N GLU H 148 51.13 -26.21 -4.32
CA GLU H 148 50.41 -25.68 -5.45
C GLU H 148 49.32 -26.65 -5.95
N GLU H 149 49.64 -27.92 -6.07
CA GLU H 149 48.72 -28.89 -6.60
C GLU H 149 47.59 -29.20 -5.58
N GLU H 150 47.89 -29.31 -4.29
CA GLU H 150 46.84 -29.44 -3.28
C GLU H 150 45.85 -28.30 -3.34
N ALA H 151 46.40 -27.09 -3.42
CA ALA H 151 45.60 -25.88 -3.43
C ALA H 151 44.68 -25.81 -4.65
N LYS H 152 45.23 -26.15 -5.82
CA LYS H 152 44.50 -26.20 -7.08
C LYS H 152 43.38 -27.21 -7.02
N ASN H 153 43.66 -28.33 -6.37
CA ASN H 153 42.67 -29.37 -6.15
C ASN H 153 41.54 -28.95 -5.30
N LEU H 154 41.88 -28.29 -4.20
CA LEU H 154 40.89 -27.79 -3.26
C LEU H 154 39.98 -26.78 -3.96
N VAL H 155 40.55 -25.82 -4.69
CA VAL H 155 39.74 -24.82 -5.38
C VAL H 155 38.84 -25.45 -6.44
N SER H 156 39.34 -26.41 -7.22
CA SER H 156 38.47 -27.02 -8.23
C SER H 156 37.35 -27.82 -7.57
N GLU H 157 37.64 -28.53 -6.50
CA GLU H 157 36.59 -29.17 -5.70
C GLU H 157 35.53 -28.21 -5.18
N ALA H 158 35.96 -27.05 -4.72
CA ALA H 158 35.06 -26.05 -4.19
C ALA H 158 34.14 -25.51 -5.29
N ILE H 159 34.71 -25.19 -6.44
CA ILE H 159 33.93 -24.73 -7.57
C ILE H 159 32.98 -25.84 -8.05
N ALA H 160 33.45 -27.08 -8.10
CA ALA H 160 32.61 -28.20 -8.52
C ALA H 160 31.38 -28.33 -7.60
N ALA H 161 31.61 -28.20 -6.28
CA ALA H 161 30.49 -28.21 -5.31
C ALA H 161 29.38 -27.19 -5.72
N GLY H 162 29.80 -25.96 -6.03
CA GLY H 162 28.90 -24.95 -6.53
C GLY H 162 28.22 -25.35 -7.82
N ILE H 163 29.01 -25.89 -8.76
CA ILE H 163 28.49 -26.29 -10.07
C ILE H 163 27.35 -27.30 -9.97
N PHE H 164 27.51 -28.25 -9.06
CA PHE H 164 26.63 -29.37 -8.97
C PHE H 164 25.46 -29.17 -8.01
N ASN H 165 25.60 -28.27 -7.05
CA ASN H 165 24.57 -28.03 -6.04
C ASN H 165 23.83 -26.71 -6.16
N ASP H 166 24.27 -25.82 -7.04
CA ASP H 166 23.61 -24.55 -7.29
C ASP H 166 23.13 -24.47 -8.75
N LEU H 167 21.84 -24.17 -8.92
CA LEU H 167 21.24 -24.03 -10.24
C LEU H 167 21.82 -22.81 -10.99
N GLY H 168 22.32 -21.86 -10.24
CA GLY H 168 23.01 -20.75 -10.78
C GLY H 168 24.42 -20.94 -11.28
N SER H 169 25.03 -22.11 -11.12
CA SER H 169 26.40 -22.36 -11.52
C SER H 169 26.48 -23.57 -12.42
N GLY H 170 27.47 -23.60 -13.29
CA GLY H 170 27.63 -24.72 -14.19
C GLY H 170 28.80 -24.66 -15.15
N SER H 171 28.81 -25.58 -16.08
CA SER H 171 29.78 -25.69 -17.14
C SER H 171 31.17 -25.91 -16.58
N ASN H 172 32.18 -25.17 -17.07
CA ASN H 172 33.58 -25.46 -16.76
C ASN H 172 34.07 -24.87 -15.46
N ILE H 173 35.23 -25.37 -15.02
CA ILE H 173 36.03 -24.79 -13.96
C ILE H 173 37.26 -24.08 -14.55
N ASP H 174 37.38 -22.77 -14.32
CA ASP H 174 38.60 -21.98 -14.65
C ASP H 174 39.43 -21.75 -13.39
N LEU H 175 40.76 -21.87 -13.48
CA LEU H 175 41.62 -21.46 -12.38
C LEU H 175 42.63 -20.42 -12.81
N CYS H 176 43.07 -19.62 -11.83
CA CYS H 176 44.21 -18.73 -12.01
C CYS H 176 45.17 -18.94 -10.84
N VAL H 177 46.40 -19.35 -11.14
CA VAL H 177 47.46 -19.56 -10.14
C VAL H 177 48.51 -18.43 -10.23
N ILE H 178 48.70 -17.74 -9.13
CA ILE H 178 49.58 -16.60 -9.02
C ILE H 178 50.62 -16.86 -7.93
N SER H 179 51.89 -16.85 -8.31
CA SER H 179 53.04 -16.90 -7.35
C SER H 179 54.05 -15.76 -7.66
N LYS H 180 55.17 -15.70 -6.90
CA LYS H 180 56.25 -14.74 -7.22
C LYS H 180 56.77 -14.98 -8.61
N ASN H 181 56.91 -16.27 -8.97
CA ASN H 181 57.58 -16.67 -10.19
C ASN H 181 56.70 -16.83 -11.45
N LYS H 182 55.40 -17.02 -11.27
CA LYS H 182 54.56 -17.57 -12.35
C LYS H 182 53.12 -17.03 -12.30
N LEU H 183 52.53 -16.90 -13.49
CA LEU H 183 51.11 -16.73 -13.62
C LEU H 183 50.53 -17.77 -14.57
N ASP H 184 49.65 -18.62 -14.03
CA ASP H 184 49.00 -19.69 -14.78
C ASP H 184 47.52 -19.46 -14.82
N PHE H 185 47.07 -19.00 -15.98
CA PHE H 185 45.66 -18.76 -16.27
C PHE H 185 45.12 -19.98 -16.98
N LEU H 186 44.34 -20.79 -16.27
CA LEU H 186 43.96 -22.13 -16.74
C LEU H 186 42.45 -22.10 -17.11
N ARG H 187 42.18 -21.86 -18.39
CA ARG H 187 40.83 -21.71 -18.91
CA ARG H 187 40.82 -21.72 -18.91
C ARG H 187 40.69 -22.56 -20.16
N PRO H 188 39.98 -23.70 -20.09
CA PRO H 188 39.38 -24.29 -18.88
C PRO H 188 40.41 -25.06 -18.11
N TYR H 189 40.24 -25.21 -16.79
CA TYR H 189 41.00 -26.18 -16.00
C TYR H 189 40.38 -27.56 -16.12
N THR H 190 39.07 -27.66 -15.86
CA THR H 190 38.25 -28.93 -16.02
C THR H 190 36.99 -28.65 -16.83
N VAL H 191 36.50 -29.69 -17.50
CA VAL H 191 35.23 -29.67 -18.22
C VAL H 191 34.43 -30.85 -17.65
N PRO H 192 33.80 -30.68 -16.47
CA PRO H 192 33.01 -31.77 -15.88
C PRO H 192 31.64 -31.97 -16.52
N ASN H 193 31.18 -31.01 -17.31
CA ASN H 193 29.88 -31.06 -17.97
C ASN H 193 29.95 -30.99 -19.51
N LYS H 194 29.29 -31.92 -20.18
CA LYS H 194 29.34 -32.09 -21.63
C LYS H 194 27.87 -32.17 -22.12
N LYS H 195 27.59 -31.66 -23.32
CA LYS H 195 26.31 -31.90 -23.96
C LYS H 195 26.24 -33.35 -24.37
N GLY H 196 25.08 -33.97 -24.18
CA GLY H 196 24.82 -35.33 -24.67
C GLY H 196 24.95 -35.39 -26.16
N THR H 197 24.98 -36.60 -26.70
CA THR H 197 24.96 -36.78 -28.15
C THR H 197 23.65 -36.38 -28.83
N ARG H 198 23.74 -35.86 -30.04
CA ARG H 198 22.61 -35.78 -30.96
C ARG H 198 22.39 -37.13 -31.65
N LEU H 199 21.27 -37.79 -31.36
CA LEU H 199 20.91 -39.12 -31.97
C LEU H 199 20.42 -39.09 -33.43
N GLY H 200 19.79 -37.99 -33.85
CA GLY H 200 19.28 -37.80 -35.23
C GLY H 200 19.85 -36.58 -35.92
N ARG H 201 19.82 -36.56 -37.25
CA ARG H 201 20.35 -35.44 -38.04
C ARG H 201 19.22 -34.64 -38.71
N TYR H 202 19.14 -33.35 -38.36
CA TYR H 202 18.11 -32.41 -38.83
C TYR H 202 18.63 -31.42 -39.92
N ARG H 203 19.32 -32.01 -40.90
CA ARG H 203 19.91 -31.31 -42.05
C ARG H 203 18.85 -31.16 -43.16
N CYS H 204 18.30 -29.96 -43.24
CA CYS H 204 17.33 -29.65 -44.26
C CYS H 204 18.04 -29.13 -45.52
N GLU H 205 17.84 -29.86 -46.61
CA GLU H 205 18.40 -29.54 -47.92
C GLU H 205 17.82 -28.29 -48.56
N LYS H 206 18.58 -27.73 -49.48
CA LYS H 206 18.17 -26.52 -50.16
C LYS H 206 16.78 -26.73 -50.77
N GLY H 207 15.89 -25.76 -50.58
CA GLY H 207 14.51 -25.84 -51.04
C GLY H 207 13.48 -26.14 -49.94
N THR H 208 13.94 -26.67 -48.80
CA THR H 208 13.06 -26.99 -47.65
C THR H 208 12.26 -25.77 -47.15
N THR H 209 12.95 -24.63 -47.04
CA THR H 209 12.34 -23.34 -46.69
C THR H 209 11.84 -22.57 -47.92
N ALA H 210 10.57 -22.23 -47.96
CA ALA H 210 9.96 -21.41 -49.01
C ALA H 210 10.38 -19.94 -48.87
N VAL H 211 10.86 -19.37 -49.97
CA VAL H 211 11.34 -18.00 -50.03
C VAL H 211 10.32 -17.17 -50.81
N LEU H 212 10.01 -15.98 -50.29
CA LEU H 212 9.18 -14.99 -51.01
C LEU H 212 10.00 -14.02 -51.90
N THR H 213 11.07 -13.46 -51.36
CA THR H 213 11.89 -12.41 -52.02
C THR H 213 13.36 -12.72 -51.76
N GLU H 214 14.20 -12.40 -52.74
CA GLU H 214 15.63 -12.64 -52.72
C GLU H 214 16.35 -11.46 -53.35
N LYS H 215 17.46 -11.05 -52.74
CA LYS H 215 18.35 -10.07 -53.30
C LYS H 215 19.80 -10.40 -52.96
N ILE H 216 20.60 -10.60 -54.01
CA ILE H 216 22.03 -10.76 -53.88
C ILE H 216 22.61 -9.37 -54.11
N THR H 217 23.44 -8.95 -53.17
CA THR H 217 24.24 -7.74 -53.28
C THR H 217 25.72 -8.18 -53.30
N PRO H 218 26.40 -8.06 -54.47
CA PRO H 218 27.85 -8.40 -54.52
C PRO H 218 28.74 -7.39 -53.78
N LEU H 219 29.85 -7.90 -53.23
CA LEU H 219 30.86 -7.10 -52.46
C LEU H 219 32.31 -7.24 -53.04
N GLU H 220 33.31 -6.57 -52.44
CA GLU H 220 34.67 -6.45 -53.02
C GLU H 220 35.65 -7.56 -52.59
N SER I 2 5.63 -6.62 -18.86
CA SER I 2 7.11 -6.42 -19.02
C SER I 2 7.41 -5.49 -20.18
N ILE I 3 8.36 -4.57 -19.98
CA ILE I 3 8.68 -3.54 -20.96
C ILE I 3 9.14 -4.18 -22.27
N MET I 4 9.90 -5.27 -22.18
CA MET I 4 10.51 -5.93 -23.34
C MET I 4 9.51 -6.67 -24.15
N SER I 5 8.35 -6.97 -23.62
CA SER I 5 7.38 -7.65 -24.42
C SER I 5 6.33 -6.72 -25.04
N TYR I 6 6.42 -5.43 -24.77
CA TYR I 6 5.40 -4.46 -25.21
C TYR I 6 5.25 -4.43 -26.75
N ASN I 7 6.38 -4.48 -27.46
CA ASN I 7 6.43 -4.53 -28.91
C ASN I 7 6.65 -5.91 -29.47
N GLY I 8 7.20 -6.79 -28.66
CA GLY I 8 7.47 -8.17 -29.07
C GLY I 8 8.64 -8.17 -30.00
N GLY I 9 8.95 -9.34 -30.54
CA GLY I 9 9.97 -9.46 -31.56
C GLY I 9 11.12 -10.36 -31.19
N ALA I 10 11.87 -10.74 -32.21
CA ALA I 10 12.92 -11.73 -32.06
C ALA I 10 14.00 -11.50 -33.09
N VAL I 11 15.26 -11.58 -32.66
CA VAL I 11 16.40 -11.69 -33.55
C VAL I 11 17.32 -12.86 -33.17
N MET I 12 18.03 -13.42 -34.15
CA MET I 12 19.11 -14.37 -33.89
C MET I 12 20.19 -14.27 -34.91
N ALA I 13 21.34 -14.78 -34.54
CA ALA I 13 22.48 -14.87 -35.44
C ALA I 13 23.10 -16.22 -35.30
N MET I 14 23.73 -16.67 -36.37
CA MET I 14 24.27 -18.02 -36.42
CA MET I 14 24.27 -18.02 -36.42
C MET I 14 25.57 -18.05 -37.22
N LYS I 15 26.49 -18.91 -36.79
CA LYS I 15 27.81 -19.06 -37.42
C LYS I 15 27.90 -20.28 -38.37
N GLY I 16 28.59 -20.10 -39.48
CA GLY I 16 28.98 -21.18 -40.37
C GLY I 16 30.47 -21.16 -40.72
N LYS I 17 30.87 -21.98 -41.67
N LYS I 17 30.80 -21.97 -41.74
CA LYS I 17 32.31 -22.18 -41.94
CA LYS I 17 32.10 -22.06 -42.39
C LYS I 17 33.26 -20.92 -42.10
C LYS I 17 32.18 -20.97 -43.44
N ASN I 18 33.01 -20.03 -43.06
CA ASN I 18 33.41 -18.71 -43.58
C ASN I 18 32.20 -17.84 -43.92
N CYS I 19 31.21 -17.85 -43.02
CA CYS I 19 29.94 -17.10 -43.21
C CYS I 19 29.12 -17.00 -41.92
N VAL I 20 28.22 -16.02 -41.87
CA VAL I 20 27.34 -15.79 -40.74
C VAL I 20 25.97 -15.47 -41.28
N ALA I 21 24.95 -15.74 -40.44
CA ALA I 21 23.58 -15.36 -40.74
C ALA I 21 22.99 -14.57 -39.57
N ILE I 22 22.09 -13.66 -39.91
CA ILE I 22 21.32 -12.89 -38.96
C ILE I 22 19.89 -12.79 -39.50
N ALA I 23 18.92 -12.90 -38.59
CA ALA I 23 17.51 -13.00 -38.93
C ALA I 23 16.65 -12.33 -37.89
N ALA I 24 15.49 -11.85 -38.33
CA ALA I 24 14.56 -11.15 -37.45
C ALA I 24 13.16 -11.35 -37.87
N ASP I 25 12.22 -11.32 -36.93
CA ASP I 25 10.80 -11.20 -37.28
C ASP I 25 10.54 -9.78 -37.84
N ARG I 26 9.34 -9.55 -38.37
CA ARG I 26 9.02 -8.31 -39.08
CA ARG I 26 9.02 -8.31 -39.08
C ARG I 26 7.88 -7.50 -38.48
N ARG I 27 7.23 -8.05 -37.43
CA ARG I 27 6.11 -7.39 -36.78
C ARG I 27 6.50 -6.17 -36.01
N PHE I 28 5.73 -5.11 -36.14
CA PHE I 28 5.74 -3.99 -35.22
C PHE I 28 4.34 -3.94 -34.69
N GLY I 29 4.20 -4.23 -33.39
CA GLY I 29 2.91 -4.21 -32.73
C GLY I 29 3.03 -3.52 -31.39
N ILE I 30 1.87 -3.11 -30.87
CA ILE I 30 1.73 -2.50 -29.58
C ILE I 30 0.75 -3.40 -28.81
N GLN I 31 1.31 -4.14 -27.85
CA GLN I 31 0.64 -5.19 -27.16
C GLN I 31 -0.03 -6.18 -28.12
N ALA I 32 -1.34 -6.43 -28.03
CA ALA I 32 -1.97 -7.34 -28.98
C ALA I 32 -2.01 -6.83 -30.46
N GLN I 33 -2.04 -5.53 -30.67
CA GLN I 33 -2.29 -4.97 -32.01
C GLN I 33 -1.10 -4.88 -32.93
N MET I 34 -1.14 -5.62 -34.04
CA MET I 34 -0.14 -5.42 -35.10
C MET I 34 -0.40 -4.04 -35.72
N VAL I 35 0.67 -3.29 -35.94
CA VAL I 35 0.62 -1.95 -36.60
C VAL I 35 1.20 -2.06 -38.02
N THR I 36 2.27 -2.81 -38.16
CA THR I 36 2.98 -2.93 -39.40
C THR I 36 3.64 -4.31 -39.48
N THR I 37 3.92 -4.78 -40.69
CA THR I 37 4.55 -6.06 -40.97
C THR I 37 5.88 -6.00 -41.74
N ASP I 38 6.49 -4.80 -41.82
CA ASP I 38 7.80 -4.64 -42.48
C ASP I 38 8.73 -3.77 -41.65
N PHE I 39 8.73 -3.93 -40.34
CA PHE I 39 9.54 -3.10 -39.44
C PHE I 39 10.96 -3.64 -39.43
N GLN I 40 11.90 -2.73 -39.58
CA GLN I 40 13.30 -3.09 -39.65
C GLN I 40 13.98 -3.18 -38.26
N LYS I 41 14.69 -4.28 -38.04
CA LYS I 41 15.35 -4.56 -36.78
C LYS I 41 16.80 -4.94 -36.95
N ILE I 42 17.23 -5.20 -38.19
CA ILE I 42 18.62 -5.49 -38.51
C ILE I 42 19.15 -4.33 -39.36
N PHE I 43 20.29 -3.78 -38.95
CA PHE I 43 20.94 -2.60 -39.54
C PHE I 43 22.36 -2.90 -39.91
N PRO I 44 22.79 -2.52 -41.12
CA PRO I 44 24.20 -2.65 -41.50
C PRO I 44 25.08 -1.68 -40.75
N MET I 45 26.24 -2.16 -40.32
CA MET I 45 27.20 -1.32 -39.64
C MET I 45 28.54 -1.45 -40.38
N GLY I 46 28.47 -1.73 -41.67
CA GLY I 46 29.62 -2.25 -42.36
C GLY I 46 29.20 -3.14 -43.48
N ASP I 47 30.15 -3.39 -44.36
CA ASP I 47 29.83 -4.16 -45.53
C ASP I 47 29.45 -5.60 -45.17
N ARG I 48 30.13 -6.14 -44.16
CA ARG I 48 30.02 -7.52 -43.73
C ARG I 48 29.76 -7.60 -42.24
N LEU I 49 29.02 -6.63 -41.72
CA LEU I 49 28.79 -6.53 -40.30
C LEU I 49 27.43 -5.90 -40.00
N TYR I 50 26.59 -6.63 -39.29
CA TYR I 50 25.21 -6.24 -39.03
C TYR I 50 24.93 -6.35 -37.54
N ILE I 51 23.98 -5.54 -37.09
CA ILE I 51 23.47 -5.57 -35.73
C ILE I 51 21.93 -5.71 -35.79
N GLY I 52 21.41 -6.67 -35.03
CA GLY I 52 19.98 -6.91 -34.91
C GLY I 52 19.61 -6.55 -33.52
N LEU I 53 18.52 -5.81 -33.37
CA LEU I 53 18.04 -5.41 -32.09
C LEU I 53 16.57 -5.80 -31.84
N ALA I 54 16.36 -6.55 -30.76
CA ALA I 54 15.03 -6.81 -30.25
C ALA I 54 14.79 -6.05 -28.98
N GLY I 55 13.53 -5.73 -28.73
CA GLY I 55 13.13 -5.01 -27.55
C GLY I 55 12.13 -3.92 -27.85
N LEU I 56 12.16 -2.85 -27.04
CA LEU I 56 11.26 -1.72 -27.19
C LEU I 56 11.62 -0.94 -28.47
N ALA I 57 10.63 -0.86 -29.37
CA ALA I 57 10.85 -0.45 -30.76
C ALA I 57 11.50 0.92 -30.82
N THR I 58 11.06 1.85 -29.98
CA THR I 58 11.67 3.19 -29.93
C THR I 58 13.16 3.13 -29.66
N ASP I 59 13.58 2.21 -28.75
CA ASP I 59 14.98 2.05 -28.34
C ASP I 59 15.79 1.28 -29.36
N VAL I 60 15.13 0.36 -30.05
CA VAL I 60 15.76 -0.30 -31.21
C VAL I 60 16.24 0.79 -32.18
N GLN I 61 15.34 1.71 -32.49
CA GLN I 61 15.64 2.78 -33.44
C GLN I 61 16.68 3.78 -32.90
N THR I 62 16.51 4.23 -31.66
CA THR I 62 17.49 5.12 -31.03
C THR I 62 18.90 4.55 -30.89
N VAL I 63 19.00 3.32 -30.44
CA VAL I 63 20.32 2.68 -30.33
C VAL I 63 20.99 2.54 -31.71
N ALA I 64 20.28 2.02 -32.71
CA ALA I 64 20.83 1.89 -34.06
C ALA I 64 21.37 3.25 -34.58
N GLN I 65 20.59 4.31 -34.38
CA GLN I 65 20.96 5.65 -34.85
C GLN I 65 22.17 6.25 -34.09
N ARG I 66 22.17 6.13 -32.76
CA ARG I 66 23.24 6.69 -31.96
C ARG I 66 24.53 5.92 -32.19
N LEU I 67 24.38 4.62 -32.43
CA LEU I 67 25.52 3.76 -32.72
C LEU I 67 26.17 4.11 -34.07
N LYS I 68 25.30 4.34 -35.06
CA LYS I 68 25.76 4.69 -36.40
C LYS I 68 26.52 6.04 -36.39
N PHE I 69 26.04 7.00 -35.63
CA PHE I 69 26.75 8.25 -35.35
C PHE I 69 28.16 7.99 -34.88
N ARG I 70 28.27 7.13 -33.90
CA ARG I 70 29.56 6.84 -33.26
C ARG I 70 30.44 6.07 -34.20
N LEU I 71 29.87 5.13 -34.93
CA LEU I 71 30.62 4.35 -35.89
C LEU I 71 31.14 5.19 -37.07
N ASN I 72 30.29 6.07 -37.60
CA ASN I 72 30.68 6.92 -38.72
C ASN I 72 31.85 7.82 -38.33
N LEU I 73 31.82 8.38 -37.12
CA LEU I 73 32.97 9.15 -36.65
C LEU I 73 34.20 8.32 -36.48
N TYR I 74 34.06 7.12 -35.94
CA TYR I 74 35.21 6.22 -35.82
C TYR I 74 35.90 5.98 -37.17
N GLU I 75 35.11 5.63 -38.17
CA GLU I 75 35.68 5.28 -39.48
C GLU I 75 36.31 6.49 -40.19
N LEU I 76 35.70 7.66 -40.08
CA LEU I 76 36.34 8.89 -40.59
C LEU I 76 37.68 9.15 -39.91
N LYS I 77 37.73 8.95 -38.60
CA LYS I 77 38.91 9.34 -37.78
C LYS I 77 40.01 8.30 -37.90
N GLU I 78 39.62 7.05 -37.92
CA GLU I 78 40.53 5.94 -38.06
C GLU I 78 40.77 5.65 -39.50
N GLY I 79 41.69 4.76 -39.75
CA GLY I 79 41.91 4.41 -41.13
C GLY I 79 40.70 3.89 -41.87
N ARG I 80 39.77 3.26 -41.17
CA ARG I 80 39.36 1.93 -41.55
C ARG I 80 37.97 1.53 -41.15
N GLN I 81 37.58 0.36 -41.64
CA GLN I 81 36.31 -0.24 -41.30
C GLN I 81 36.45 -0.88 -39.92
N ILE I 82 35.39 -0.81 -39.12
CA ILE I 82 35.44 -1.38 -37.78
C ILE I 82 35.46 -2.90 -37.79
N LYS I 83 36.23 -3.48 -36.86
CA LYS I 83 36.28 -4.91 -36.63
C LYS I 83 35.06 -5.35 -35.78
N PRO I 84 34.57 -6.59 -35.97
CA PRO I 84 33.37 -7.04 -35.23
C PRO I 84 33.49 -6.92 -33.70
N TYR I 85 34.57 -7.44 -33.15
CA TYR I 85 34.87 -7.35 -31.75
C TYR I 85 34.86 -5.91 -31.20
N THR I 86 35.37 -4.97 -32.01
CA THR I 86 35.43 -3.56 -31.67
C THR I 86 34.02 -2.91 -31.72
N LEU I 87 33.17 -3.31 -32.65
CA LEU I 87 31.78 -2.84 -32.63
C LEU I 87 31.03 -3.35 -31.35
N MET I 88 31.26 -4.60 -30.98
CA MET I 88 30.70 -5.12 -29.71
C MET I 88 31.06 -4.21 -28.53
N SER I 89 32.33 -3.80 -28.43
CA SER I 89 32.80 -2.96 -27.30
C SER I 89 32.24 -1.59 -27.34
N MET I 90 32.11 -1.03 -28.53
CA MET I 90 31.45 0.24 -28.75
C MET I 90 30.01 0.18 -28.31
N VAL I 91 29.32 -0.92 -28.60
CA VAL I 91 27.90 -1.04 -28.22
C VAL I 91 27.81 -1.22 -26.69
N ALA I 92 28.68 -2.05 -26.14
CA ALA I 92 28.72 -2.29 -24.70
C ALA I 92 28.81 -1.01 -23.94
N ASN I 93 29.70 -0.14 -24.44
CA ASN I 93 29.97 1.15 -23.86
C ASN I 93 28.78 2.08 -23.94
N LEU I 94 28.13 2.13 -25.10
CA LEU I 94 26.95 2.95 -25.26
C LEU I 94 25.80 2.48 -24.34
N LEU I 95 25.57 1.19 -24.25
CA LEU I 95 24.52 0.65 -23.35
C LEU I 95 24.83 0.88 -21.86
N TYR I 96 26.06 0.63 -21.43
CA TYR I 96 26.44 0.84 -20.01
C TYR I 96 26.45 2.29 -19.57
N GLU I 97 26.61 3.25 -20.49
CA GLU I 97 26.42 4.67 -20.15
C GLU I 97 25.09 4.94 -19.55
N LYS I 98 24.09 4.18 -19.96
CA LYS I 98 22.72 4.22 -19.38
C LYS I 98 22.41 3.15 -18.35
N ARG I 99 23.43 2.68 -17.64
CA ARG I 99 23.30 1.66 -16.61
C ARG I 99 22.10 1.90 -15.73
N PHE I 100 21.87 3.14 -15.30
CA PHE I 100 20.75 3.40 -14.41
C PHE I 100 19.43 3.88 -15.04
N GLY I 101 19.34 3.85 -16.37
CA GLY I 101 18.06 4.15 -17.05
C GLY I 101 18.25 3.60 -18.44
N PRO I 102 18.32 2.28 -18.54
CA PRO I 102 18.79 1.65 -19.77
C PRO I 102 17.88 1.76 -20.97
N TYR I 103 18.50 1.62 -22.13
CA TYR I 103 17.75 1.36 -23.35
C TYR I 103 17.20 -0.06 -23.22
N TYR I 104 15.96 -0.30 -23.64
CA TYR I 104 15.35 -1.61 -23.54
C TYR I 104 15.51 -2.36 -24.81
N THR I 105 16.77 -2.68 -25.06
CA THR I 105 17.12 -3.47 -26.22
C THR I 105 18.29 -4.35 -25.94
N GLU I 106 18.29 -5.52 -26.56
CA GLU I 106 19.34 -6.53 -26.36
C GLU I 106 19.87 -7.01 -27.72
N PRO I 107 20.97 -6.43 -28.17
CA PRO I 107 21.40 -6.64 -29.55
C PRO I 107 22.08 -7.97 -29.81
N VAL I 108 22.05 -8.38 -31.07
CA VAL I 108 22.96 -9.39 -31.60
C VAL I 108 23.80 -8.73 -32.72
N ILE I 109 25.04 -9.17 -32.87
CA ILE I 109 25.93 -8.68 -33.90
C ILE I 109 26.42 -9.87 -34.67
N ALA I 110 26.38 -9.77 -35.99
CA ALA I 110 26.90 -10.83 -36.85
C ALA I 110 27.73 -10.19 -37.93
N GLY I 111 28.93 -10.71 -38.13
CA GLY I 111 29.71 -10.28 -39.27
C GLY I 111 30.95 -11.10 -39.52
N LEU I 112 31.71 -10.61 -40.49
CA LEU I 112 32.99 -11.17 -40.86
C LEU I 112 34.04 -10.11 -40.66
N ASP I 113 35.23 -10.51 -40.21
CA ASP I 113 36.33 -9.54 -40.02
C ASP I 113 36.63 -8.86 -41.36
N PRO I 114 36.75 -7.51 -41.40
CA PRO I 114 36.97 -6.84 -42.70
C PRO I 114 38.29 -7.16 -43.45
N LYS I 115 39.28 -7.70 -42.75
CA LYS I 115 40.52 -8.15 -43.40
C LYS I 115 40.64 -9.67 -43.52
N THR I 116 40.35 -10.40 -42.45
CA THR I 116 40.51 -11.88 -42.40
C THR I 116 39.26 -12.66 -42.81
N PHE I 117 38.10 -12.00 -42.76
CA PHE I 117 36.82 -12.64 -43.08
C PHE I 117 36.41 -13.78 -42.12
N LYS I 118 37.02 -13.80 -40.93
CA LYS I 118 36.70 -14.78 -39.91
C LYS I 118 35.29 -14.44 -39.41
N PRO I 119 34.42 -15.46 -39.26
CA PRO I 119 33.05 -15.23 -38.74
C PRO I 119 32.98 -14.79 -37.27
N PHE I 120 32.11 -13.84 -36.96
CA PHE I 120 31.92 -13.36 -35.60
C PHE I 120 30.45 -13.26 -35.27
N ILE I 121 30.09 -13.71 -34.08
CA ILE I 121 28.76 -13.38 -33.53
C ILE I 121 28.82 -13.08 -32.03
N CYS I 122 27.94 -12.20 -31.60
CA CYS I 122 27.77 -11.93 -30.19
C CYS I 122 26.36 -11.41 -29.90
N SER I 123 26.02 -11.38 -28.62
CA SER I 123 24.86 -10.68 -28.14
C SER I 123 25.24 -9.89 -26.88
N LEU I 124 24.44 -8.90 -26.55
CA LEU I 124 24.64 -8.13 -25.35
C LEU I 124 23.35 -7.99 -24.59
N ASP I 125 23.41 -7.95 -23.27
CA ASP I 125 22.21 -7.63 -22.51
C ASP I 125 21.98 -6.08 -22.56
N LEU I 126 20.94 -5.59 -21.90
CA LEU I 126 20.51 -4.23 -22.06
C LEU I 126 21.41 -3.17 -21.42
N ILE I 127 22.33 -3.59 -20.55
CA ILE I 127 23.30 -2.69 -19.96
C ILE I 127 24.68 -2.98 -20.51
N GLY I 128 24.79 -3.74 -21.56
CA GLY I 128 26.05 -3.92 -22.28
C GLY I 128 27.02 -5.01 -21.85
N CYS I 129 26.53 -6.05 -21.18
CA CYS I 129 27.35 -7.22 -20.95
C CYS I 129 27.53 -8.01 -22.24
N PRO I 130 28.75 -8.13 -22.76
CA PRO I 130 28.91 -8.87 -23.99
C PRO I 130 29.09 -10.38 -23.80
N MET I 131 28.68 -11.12 -24.83
CA MET I 131 28.71 -12.56 -24.85
C MET I 131 29.03 -13.07 -26.27
N VAL I 132 30.23 -13.59 -26.47
CA VAL I 132 30.65 -14.11 -27.77
C VAL I 132 30.42 -15.60 -27.74
N THR I 133 29.91 -16.19 -28.82
CA THR I 133 29.83 -17.64 -28.94
C THR I 133 30.33 -18.07 -30.30
N ASP I 134 30.54 -19.38 -30.44
CA ASP I 134 30.94 -19.99 -31.71
C ASP I 134 29.82 -20.69 -32.45
N ASP I 135 28.57 -20.53 -31.99
CA ASP I 135 27.43 -21.25 -32.61
C ASP I 135 26.23 -20.38 -32.96
N PHE I 136 25.54 -19.88 -31.94
CA PHE I 136 24.40 -19.02 -32.16
C PHE I 136 24.14 -18.14 -30.96
N VAL I 137 23.39 -17.09 -31.22
CA VAL I 137 22.87 -16.21 -30.19
C VAL I 137 21.44 -15.87 -30.53
N VAL I 138 20.65 -15.57 -29.51
CA VAL I 138 19.26 -15.24 -29.68
C VAL I 138 18.88 -14.11 -28.74
N SER I 139 17.85 -13.38 -29.13
CA SER I 139 17.33 -12.31 -28.30
C SER I 139 15.89 -11.98 -28.68
N GLY I 140 15.03 -11.88 -27.69
CA GLY I 140 13.65 -11.48 -27.92
C GLY I 140 12.64 -12.17 -27.03
N THR I 141 11.37 -11.97 -27.33
CA THR I 141 10.29 -12.51 -26.51
C THR I 141 10.10 -14.01 -26.60
N CYS I 142 10.72 -14.69 -27.56
CA CYS I 142 10.64 -16.12 -27.67
C CYS I 142 12.02 -16.75 -27.60
N ALA I 143 12.88 -16.25 -26.73
CA ALA I 143 14.23 -16.75 -26.56
C ALA I 143 14.24 -18.23 -26.22
N GLU I 144 13.37 -18.68 -25.33
CA GLU I 144 13.31 -20.11 -25.00
C GLU I 144 13.02 -20.99 -26.25
N GLN I 145 12.00 -20.61 -27.00
CA GLN I 145 11.70 -21.24 -28.29
C GLN I 145 12.89 -21.26 -29.25
N MET I 146 13.53 -20.10 -29.40
CA MET I 146 14.74 -20.02 -30.21
C MET I 146 15.85 -20.95 -29.68
N TYR I 147 16.10 -20.97 -28.37
CA TYR I 147 17.14 -21.84 -27.86
C TYR I 147 16.88 -23.30 -28.16
N GLY I 148 15.62 -23.71 -28.10
CA GLY I 148 15.27 -25.06 -28.37
C GLY I 148 15.53 -25.42 -29.81
N MET I 149 15.16 -24.54 -30.74
CA MET I 149 15.44 -24.80 -32.14
C MET I 149 16.95 -24.82 -32.45
N CYS I 150 17.69 -23.84 -31.92
CA CYS I 150 19.12 -23.71 -32.23
C CYS I 150 19.91 -24.85 -31.59
N GLU I 151 19.64 -25.20 -30.35
CA GLU I 151 20.38 -26.29 -29.71
C GLU I 151 20.15 -27.63 -30.41
N SER I 152 19.00 -27.81 -31.05
CA SER I 152 18.68 -29.05 -31.74
C SER I 152 19.09 -29.10 -33.22
N LEU I 153 19.05 -27.97 -33.92
CA LEU I 153 19.41 -27.93 -35.32
C LEU I 153 20.88 -27.55 -35.66
N TRP I 154 21.50 -26.67 -34.91
CA TRP I 154 22.80 -26.11 -35.30
C TRP I 154 23.88 -27.18 -35.33
N GLU I 155 24.70 -27.20 -36.38
CA GLU I 155 25.87 -28.08 -36.45
C GLU I 155 27.06 -27.22 -36.86
N PRO I 156 28.29 -27.70 -36.60
CA PRO I 156 29.46 -26.90 -37.02
C PRO I 156 29.73 -26.87 -38.51
N ASN I 157 30.43 -25.83 -38.94
CA ASN I 157 31.01 -25.73 -40.28
C ASN I 157 29.99 -25.85 -41.42
N MET I 158 28.87 -25.18 -41.27
CA MET I 158 27.85 -25.21 -42.28
C MET I 158 28.16 -24.26 -43.46
N ASP I 159 27.97 -24.77 -44.69
CA ASP I 159 28.06 -23.94 -45.88
C ASP I 159 26.86 -22.96 -45.94
N PRO I 160 26.97 -21.89 -46.77
CA PRO I 160 25.91 -20.85 -46.81
C PRO I 160 24.46 -21.34 -47.03
N ASP I 161 24.30 -22.37 -47.86
CA ASP I 161 22.96 -22.95 -48.13
C ASP I 161 22.35 -23.63 -46.90
N HIS I 162 23.15 -24.46 -46.22
CA HIS I 162 22.73 -25.21 -45.03
C HIS I 162 22.48 -24.26 -43.83
N LEU I 163 23.36 -23.27 -43.66
CA LEU I 163 23.15 -22.21 -42.68
C LEU I 163 21.86 -21.46 -42.91
N PHE I 164 21.51 -21.19 -44.16
CA PHE I 164 20.27 -20.48 -44.46
C PHE I 164 19.04 -21.29 -44.06
N GLU I 165 19.06 -22.57 -44.39
CA GLU I 165 17.95 -23.47 -44.05
C GLU I 165 17.81 -23.59 -42.52
N THR I 166 18.94 -23.69 -41.81
CA THR I 166 18.91 -23.88 -40.38
C THR I 166 18.36 -22.64 -39.66
N ILE I 167 18.89 -21.48 -39.99
CA ILE I 167 18.51 -20.26 -39.25
C ILE I 167 17.05 -19.99 -39.57
N SER I 168 16.63 -20.23 -40.82
CA SER I 168 15.25 -20.00 -41.22
C SER I 168 14.27 -20.89 -40.43
N GLN I 169 14.61 -22.17 -40.28
CA GLN I 169 13.74 -23.12 -39.59
C GLN I 169 13.71 -22.83 -38.09
N ALA I 170 14.86 -22.45 -37.53
CA ALA I 170 14.92 -22.02 -36.15
C ALA I 170 14.01 -20.82 -35.89
N MET I 171 14.09 -19.77 -36.72
CA MET I 171 13.22 -18.60 -36.57
C MET I 171 11.73 -18.94 -36.75
N LEU I 172 11.39 -19.58 -37.87
CA LEU I 172 9.99 -19.83 -38.20
C LEU I 172 9.26 -20.60 -37.11
N ASN I 173 9.87 -21.70 -36.68
CA ASN I 173 9.25 -22.62 -35.74
C ASN I 173 9.26 -22.05 -34.30
N ALA I 174 10.24 -21.23 -33.99
CA ALA I 174 10.26 -20.51 -32.73
C ALA I 174 9.14 -19.49 -32.60
N VAL I 175 9.02 -18.62 -33.62
CA VAL I 175 8.07 -17.50 -33.56
C VAL I 175 6.61 -17.96 -33.67
N ASP I 176 6.43 -19.12 -34.26
CA ASP I 176 5.08 -19.75 -34.33
C ASP I 176 4.61 -20.28 -32.98
N ARG I 177 5.48 -20.26 -31.96
CA ARG I 177 5.03 -20.51 -30.61
C ARG I 177 5.00 -19.26 -29.73
N ASP I 178 5.10 -18.07 -30.35
CA ASP I 178 5.07 -16.78 -29.64
C ASP I 178 4.03 -15.83 -30.25
N ALA I 179 3.03 -15.46 -29.47
CA ALA I 179 1.95 -14.62 -29.97
C ALA I 179 2.41 -13.26 -30.53
N VAL I 180 3.41 -12.63 -29.88
CA VAL I 180 3.83 -11.29 -30.20
C VAL I 180 5.11 -11.18 -31.03
N SER I 181 5.51 -12.28 -31.64
CA SER I 181 6.55 -12.31 -32.65
C SER I 181 6.06 -12.94 -33.93
N GLY I 182 6.60 -12.42 -35.03
CA GLY I 182 6.42 -13.05 -36.35
C GLY I 182 5.93 -12.04 -37.37
N MET I 183 4.81 -12.38 -37.97
CA MET I 183 4.28 -11.68 -39.16
C MET I 183 5.35 -11.48 -40.23
N GLY I 184 6.15 -12.51 -40.46
CA GLY I 184 7.21 -12.48 -41.44
C GLY I 184 8.55 -12.63 -40.78
N VAL I 185 9.52 -13.12 -41.56
CA VAL I 185 10.92 -13.27 -41.16
C VAL I 185 11.86 -12.77 -42.31
N ILE I 186 12.89 -12.02 -41.95
CA ILE I 186 13.95 -11.64 -42.88
C ILE I 186 15.27 -12.28 -42.46
N VAL I 187 16.06 -12.73 -43.43
CA VAL I 187 17.33 -13.42 -43.20
C VAL I 187 18.39 -12.82 -44.11
N HIS I 188 19.54 -12.45 -43.51
CA HIS I 188 20.71 -12.02 -44.25
C HIS I 188 21.74 -13.10 -44.12
N ILE I 189 22.29 -13.57 -45.24
CA ILE I 189 23.48 -14.44 -45.21
C ILE I 189 24.67 -13.58 -45.66
N ILE I 190 25.72 -13.54 -44.85
CA ILE I 190 26.89 -12.69 -45.10
C ILE I 190 28.09 -13.57 -45.45
N GLU I 191 28.56 -13.40 -46.66
CA GLU I 191 29.75 -14.06 -47.15
C GLU I 191 30.87 -13.04 -47.50
N LYS I 192 32.06 -13.56 -47.75
CA LYS I 192 33.23 -12.75 -48.18
C LYS I 192 32.90 -11.84 -49.35
N ASP I 193 32.19 -12.37 -50.35
CA ASP I 193 31.96 -11.69 -51.63
C ASP I 193 30.55 -11.18 -51.89
N LYS I 194 29.58 -11.48 -51.01
CA LYS I 194 28.17 -11.06 -51.20
C LYS I 194 27.31 -11.19 -49.95
N ILE I 195 26.28 -10.36 -49.90
CA ILE I 195 25.21 -10.41 -48.95
C ILE I 195 23.98 -10.93 -49.70
N THR I 196 23.35 -11.97 -49.16
CA THR I 196 22.07 -12.52 -49.68
C THR I 196 20.95 -12.23 -48.68
N THR I 197 19.93 -11.47 -49.12
CA THR I 197 18.82 -11.06 -48.28
C THR I 197 17.50 -11.70 -48.77
N ARG I 198 16.87 -12.47 -47.89
CA ARG I 198 15.57 -13.13 -48.21
C ARG I 198 14.50 -12.85 -47.19
N THR I 199 13.25 -12.68 -47.65
CA THR I 199 12.08 -12.84 -46.77
C THR I 199 11.53 -14.24 -46.97
N LEU I 200 11.01 -14.84 -45.90
CA LEU I 200 10.53 -16.21 -45.88
C LEU I 200 9.02 -16.28 -46.03
N LYS I 201 8.53 -17.37 -46.60
CA LYS I 201 7.07 -17.64 -46.53
C LYS I 201 6.75 -17.99 -45.09
N ALA I 202 5.81 -17.27 -44.49
CA ALA I 202 5.59 -17.40 -43.06
C ALA I 202 4.16 -17.11 -42.67
N ARG I 203 3.75 -17.70 -41.54
CA ARG I 203 2.45 -17.42 -40.97
C ARG I 203 2.31 -15.94 -40.69
N MET I 204 1.09 -15.44 -40.90
CA MET I 204 0.71 -14.08 -40.68
C MET I 204 -0.43 -13.96 -39.67
N ASP I 205 -0.45 -14.86 -38.68
CA ASP I 205 -1.35 -14.73 -37.49
C ASP I 205 -0.61 -14.55 -36.12
N MET J 1 -13.08 10.73 -27.60
CA MET J 1 -11.61 10.36 -27.66
CA MET J 1 -11.64 10.31 -27.65
C MET J 1 -11.19 10.22 -29.09
N GLU J 2 -9.92 10.53 -29.32
CA GLU J 2 -9.53 11.15 -30.56
C GLU J 2 -9.17 10.15 -31.63
N TYR J 3 -9.68 10.36 -32.84
CA TYR J 3 -9.50 9.43 -33.92
C TYR J 3 -8.72 10.12 -35.02
N LEU J 4 -7.68 9.48 -35.51
CA LEU J 4 -6.91 9.90 -36.67
C LEU J 4 -6.85 8.74 -37.64
N ILE J 5 -6.94 9.05 -38.94
CA ILE J 5 -6.77 8.06 -39.97
C ILE J 5 -5.98 8.64 -41.14
N GLY J 6 -5.11 7.81 -41.71
CA GLY J 6 -4.41 8.10 -42.94
C GLY J 6 -4.49 6.95 -43.94
N ILE J 7 -4.66 7.29 -45.22
CA ILE J 7 -4.64 6.34 -46.33
C ILE J 7 -3.75 6.90 -47.45
N GLN J 8 -2.71 6.16 -47.83
CA GLN J 8 -1.76 6.57 -48.85
C GLN J 8 -2.02 5.77 -50.12
N GLY J 9 -2.41 6.49 -51.18
CA GLY J 9 -2.37 5.97 -52.55
C GLY J 9 -1.11 6.32 -53.33
N PRO J 10 -1.12 6.06 -54.64
CA PRO J 10 0.14 6.13 -55.39
C PRO J 10 0.79 7.51 -55.40
N ASP J 11 -0.05 8.55 -55.43
CA ASP J 11 0.39 9.95 -55.67
C ASP J 11 -0.32 10.95 -54.76
N TYR J 12 -0.87 10.46 -53.65
CA TYR J 12 -1.51 11.31 -52.68
C TYR J 12 -1.57 10.56 -51.33
N VAL J 13 -1.82 11.33 -50.27
CA VAL J 13 -2.17 10.80 -48.97
C VAL J 13 -3.40 11.50 -48.47
N LEU J 14 -4.36 10.72 -48.05
CA LEU J 14 -5.64 11.23 -47.54
C LEU J 14 -5.57 11.04 -46.05
N VAL J 15 -6.13 11.99 -45.31
CA VAL J 15 -6.13 11.96 -43.86
C VAL J 15 -7.42 12.55 -43.34
N ALA J 16 -7.81 12.08 -42.14
CA ALA J 16 -9.00 12.55 -41.50
C ALA J 16 -8.85 12.42 -40.02
N SER J 17 -9.63 13.19 -39.32
CA SER J 17 -9.58 13.25 -37.86
C SER J 17 -10.92 13.71 -37.37
N ASP J 18 -11.33 13.24 -36.20
CA ASP J 18 -12.55 13.76 -35.61
C ASP J 18 -12.41 15.20 -35.15
N ARG J 19 -13.54 15.81 -34.84
CA ARG J 19 -13.60 17.22 -34.52
C ARG J 19 -14.20 17.53 -33.17
N VAL J 20 -14.07 16.56 -32.28
CA VAL J 20 -14.53 16.76 -30.95
C VAL J 20 -13.35 17.13 -30.01
N ALA J 21 -13.65 18.03 -29.07
CA ALA J 21 -12.83 18.24 -27.88
C ALA J 21 -13.72 17.95 -26.73
N ALA J 22 -13.43 16.88 -26.03
CA ALA J 22 -14.22 16.45 -24.93
C ALA J 22 -13.57 16.80 -23.60
N SER J 23 -14.41 16.86 -22.59
CA SER J 23 -14.04 17.14 -21.24
C SER J 23 -15.06 16.47 -20.33
N ASN J 24 -14.66 15.35 -19.71
CA ASN J 24 -15.49 14.63 -18.75
C ASN J 24 -16.71 14.08 -19.52
N ILE J 25 -17.93 14.44 -19.18
CA ILE J 25 -19.07 13.92 -19.94
C ILE J 25 -19.49 14.75 -21.18
N VAL J 26 -18.83 15.86 -21.47
CA VAL J 26 -19.35 16.78 -22.49
C VAL J 26 -18.39 16.99 -23.64
N GLN J 27 -18.95 17.14 -24.84
CA GLN J 27 -18.23 17.78 -25.97
CA GLN J 27 -18.23 17.74 -25.95
C GLN J 27 -18.20 19.25 -25.61
N MET J 28 -17.00 19.83 -25.60
CA MET J 28 -16.82 21.29 -25.41
C MET J 28 -16.63 22.04 -26.72
N LYS J 29 -16.24 21.32 -27.75
CA LYS J 29 -16.09 21.86 -29.08
C LYS J 29 -16.40 20.76 -30.12
N ASP J 30 -17.15 21.15 -31.15
CA ASP J 30 -17.53 20.25 -32.26
C ASP J 30 -16.83 20.56 -33.59
N ASP J 31 -16.04 21.65 -33.64
CA ASP J 31 -15.24 22.01 -34.84
C ASP J 31 -13.75 22.05 -34.53
N HIS J 32 -13.29 21.12 -33.71
CA HIS J 32 -11.88 21.01 -33.35
C HIS J 32 -11.11 20.42 -34.49
N ASP J 33 -9.88 20.92 -34.67
CA ASP J 33 -9.05 20.54 -35.80
C ASP J 33 -7.77 19.97 -35.23
N LYS J 34 -7.45 18.72 -35.56
CA LYS J 34 -6.33 18.01 -34.98
C LYS J 34 -5.14 17.95 -35.92
N MET J 35 -5.19 18.74 -36.98
CA MET J 35 -4.17 18.72 -38.04
C MET J 35 -3.37 20.03 -37.99
N PHE J 36 -2.07 19.89 -38.25
CA PHE J 36 -1.12 20.98 -38.19
C PHE J 36 -0.36 21.00 -39.49
N LYS J 37 -0.45 22.11 -40.20
CA LYS J 37 0.39 22.31 -41.38
C LYS J 37 1.85 22.59 -40.98
N MET J 38 2.79 21.72 -41.38
CA MET J 38 4.22 21.88 -41.08
C MET J 38 4.87 22.68 -42.20
N SER J 39 4.50 22.32 -43.44
CA SER J 39 5.02 22.88 -44.65
C SER J 39 3.93 22.82 -45.75
N GLU J 40 4.31 23.07 -47.00
CA GLU J 40 3.36 23.07 -48.10
C GLU J 40 2.78 21.69 -48.40
N LYS J 41 3.57 20.65 -48.16
CA LYS J 41 3.17 19.29 -48.49
C LYS J 41 3.31 18.36 -47.27
N ILE J 42 3.15 18.90 -46.05
CA ILE J 42 3.25 18.11 -44.80
C ILE J 42 2.14 18.48 -43.79
N LEU J 43 1.41 17.45 -43.32
CA LEU J 43 0.50 17.62 -42.22
C LEU J 43 0.96 16.70 -41.07
N LEU J 44 0.89 17.21 -39.85
CA LEU J 44 1.11 16.44 -38.67
C LEU J 44 -0.23 16.35 -37.95
N LEU J 45 -0.68 15.13 -37.64
CA LEU J 45 -1.98 14.95 -36.95
C LEU J 45 -1.59 14.45 -35.59
N CYS J 46 -2.14 15.07 -34.55
CA CYS J 46 -1.64 14.89 -33.19
C CYS J 46 -2.77 14.79 -32.18
N VAL J 47 -2.73 13.71 -31.40
CA VAL J 47 -3.65 13.45 -30.29
C VAL J 47 -2.87 13.05 -29.06
N GLY J 48 -3.58 13.05 -27.92
CA GLY J 48 -3.04 12.58 -26.65
C GLY J 48 -3.40 13.53 -25.55
N GLU J 49 -2.48 13.75 -24.64
CA GLU J 49 -2.83 14.45 -23.44
C GLU J 49 -3.00 15.96 -23.69
N ALA J 50 -3.94 16.55 -22.99
CA ALA J 50 -4.14 17.98 -23.01
C ALA J 50 -2.84 18.74 -22.65
N GLY J 51 -2.62 19.82 -23.37
CA GLY J 51 -1.42 20.62 -23.29
C GLY J 51 -0.35 20.04 -24.18
N ASP J 52 0.03 18.80 -23.91
CA ASP J 52 1.15 18.17 -24.60
C ASP J 52 0.95 18.20 -26.10
N THR J 53 -0.28 17.96 -26.56
CA THR J 53 -0.53 17.79 -27.98
C THR J 53 -0.21 19.06 -28.72
N VAL J 54 -0.77 20.19 -28.27
CA VAL J 54 -0.56 21.48 -28.95
C VAL J 54 0.89 21.98 -28.71
N GLN J 55 1.41 21.83 -27.48
CA GLN J 55 2.77 22.29 -27.24
C GLN J 55 3.73 21.52 -28.09
N PHE J 56 3.56 20.22 -28.19
CA PHE J 56 4.48 19.45 -29.01
C PHE J 56 4.38 19.77 -30.51
N ALA J 57 3.16 19.71 -31.05
CA ALA J 57 2.91 19.92 -32.50
C ALA J 57 3.37 21.31 -32.97
N GLU J 58 3.01 22.34 -32.23
CA GLU J 58 3.42 23.70 -32.55
C GLU J 58 4.94 23.92 -32.47
N TYR J 59 5.60 23.29 -31.51
CA TYR J 59 7.05 23.34 -31.45
C TYR J 59 7.68 22.70 -32.71
N ILE J 60 7.24 21.50 -33.09
CA ILE J 60 7.74 20.90 -34.35
C ILE J 60 7.45 21.82 -35.57
N GLN J 61 6.25 22.40 -35.58
CA GLN J 61 5.79 23.24 -36.66
C GLN J 61 6.70 24.45 -36.86
N LYS J 62 6.92 25.22 -35.80
CA LYS J 62 7.84 26.35 -35.85
C LYS J 62 9.25 25.99 -36.28
N ASN J 63 9.75 24.84 -35.84
CA ASN J 63 11.08 24.41 -36.23
C ASN J 63 11.17 23.99 -37.69
N VAL J 64 10.13 23.35 -38.18
CA VAL J 64 10.05 23.01 -39.64
C VAL J 64 10.03 24.30 -40.50
N GLN J 65 9.24 25.27 -40.06
CA GLN J 65 9.19 26.55 -40.70
C GLN J 65 10.51 27.28 -40.62
N LEU J 66 11.19 27.19 -39.47
CA LEU J 66 12.48 27.83 -39.28
C LEU J 66 13.48 27.25 -40.26
N TYR J 67 13.47 25.93 -40.40
CA TYR J 67 14.34 25.24 -41.32
C TYR J 67 14.15 25.82 -42.77
N LYS J 68 12.88 26.03 -43.16
CA LYS J 68 12.56 26.62 -44.47
C LYS J 68 13.16 28.04 -44.62
N MET J 69 12.93 28.89 -43.63
CA MET J 69 13.48 30.21 -43.64
C MET J 69 14.99 30.23 -43.70
N ARG J 70 15.66 29.35 -42.96
CA ARG J 70 17.12 29.36 -42.91
C ARG J 70 17.69 28.89 -44.21
N ASN J 71 17.10 27.86 -44.77
CA ASN J 71 17.72 27.21 -45.94
C ASN J 71 17.09 27.53 -47.32
N GLY J 72 15.96 28.23 -47.34
CA GLY J 72 15.28 28.50 -48.59
C GLY J 72 14.45 27.37 -49.19
N TYR J 73 14.54 26.13 -48.70
CA TYR J 73 13.70 25.01 -49.17
C TYR J 73 13.19 24.23 -47.95
N GLU J 74 12.23 23.34 -48.18
CA GLU J 74 11.58 22.62 -47.09
C GLU J 74 12.26 21.31 -46.78
N LEU J 75 12.08 20.86 -45.53
CA LEU J 75 12.36 19.48 -45.20
C LEU J 75 11.42 18.58 -46.04
N SER J 76 11.95 17.44 -46.49
CA SER J 76 11.12 16.31 -46.95
C SER J 76 10.21 15.74 -45.84
N PRO J 77 9.10 15.05 -46.21
CA PRO J 77 8.28 14.35 -45.19
C PRO J 77 9.08 13.40 -44.29
N THR J 78 10.02 12.68 -44.88
CA THR J 78 10.79 11.68 -44.21
C THR J 78 11.73 12.38 -43.17
N ALA J 79 12.39 13.45 -43.58
CA ALA J 79 13.20 14.23 -42.71
C ALA J 79 12.39 14.84 -41.57
N ALA J 80 11.21 15.36 -41.89
CA ALA J 80 10.37 15.93 -40.86
C ALA J 80 9.94 14.86 -39.84
N ALA J 81 9.76 13.66 -40.31
CA ALA J 81 9.23 12.58 -39.47
C ALA J 81 10.30 12.12 -38.47
N ASN J 82 11.53 12.01 -38.98
CA ASN J 82 12.65 11.67 -38.17
C ASN J 82 13.06 12.79 -37.18
N PHE J 83 12.92 14.03 -37.61
CA PHE J 83 13.08 15.15 -36.71
C PHE J 83 12.06 15.06 -35.56
N THR J 84 10.82 14.78 -35.93
CA THR J 84 9.72 14.70 -34.98
C THR J 84 10.00 13.57 -33.96
N ARG J 85 10.43 12.43 -34.50
CA ARG J 85 10.82 11.29 -33.71
C ARG J 85 12.01 11.57 -32.73
N ARG J 86 13.05 12.25 -33.23
CA ARG J 86 14.21 12.59 -32.47
C ARG J 86 13.76 13.36 -31.25
N ASN J 87 12.89 14.34 -31.48
CA ASN J 87 12.43 15.17 -30.40
C ASN J 87 11.63 14.42 -29.35
N LEU J 88 10.71 13.59 -29.80
CA LEU J 88 9.87 12.84 -28.89
C LEU J 88 10.70 11.84 -28.12
N ALA J 89 11.59 11.14 -28.81
CA ALA J 89 12.43 10.13 -28.16
C ALA J 89 13.39 10.75 -27.10
N ASP J 90 14.00 11.89 -27.43
CA ASP J 90 14.87 12.65 -26.53
C ASP J 90 14.14 13.12 -25.27
N 6V1 J 91 12.87 13.44 -25.39
CA 6V1 J 91 12.09 13.85 -24.24
C 6V1 J 91 11.58 12.69 -23.39
O 6V1 J 91 11.10 12.91 -22.28
CB 6V1 J 91 11.00 14.82 -24.67
SG 6V1 J 91 11.64 16.50 -24.80
C1 6V1 J 91 11.93 17.05 -26.49
C2 6V1 J 91 10.62 17.57 -27.09
N3 6V1 J 91 10.70 18.94 -27.31
C4 6V1 J 91 11.94 19.37 -27.19
C5 6V1 J 91 12.87 18.25 -26.75
C6 6V1 J 91 9.65 19.96 -27.48
O7 6V1 J 91 9.71 16.73 -27.28
O8 6V1 J 91 12.27 20.55 -27.31
C3 6V1 J 91 8.36 19.47 -28.10
N LEU J 92 11.69 11.46 -23.89
CA LEU J 92 11.00 10.31 -23.28
C LEU J 92 11.46 10.01 -21.84
N ARG J 93 12.78 10.07 -21.61
CA ARG J 93 13.34 9.84 -20.31
C ARG J 93 13.66 11.13 -19.57
N SER J 94 13.20 12.27 -20.07
CA SER J 94 13.51 13.58 -19.48
C SER J 94 12.42 13.96 -18.49
N ARG J 95 12.57 15.14 -17.93
CA ARG J 95 11.59 15.75 -17.03
C ARG J 95 10.33 16.21 -17.77
N THR J 96 10.41 16.35 -19.09
CA THR J 96 9.28 16.83 -19.89
C THR J 96 8.90 15.85 -21.03
N PRO J 97 8.42 14.65 -20.69
CA PRO J 97 7.99 13.73 -21.72
C PRO J 97 6.66 14.28 -22.33
N TYR J 98 6.39 13.98 -23.58
CA TYR J 98 5.13 14.45 -24.24
C TYR J 98 4.26 13.22 -24.55
N HIS J 99 3.09 13.14 -23.93
N HIS J 99 3.09 13.11 -23.91
CA HIS J 99 2.21 12.00 -24.15
CA HIS J 99 2.19 11.95 -24.16
C HIS J 99 1.34 12.28 -25.36
C HIS J 99 1.34 12.26 -25.37
N VAL J 100 1.90 12.02 -26.53
CA VAL J 100 1.22 12.28 -27.80
C VAL J 100 1.35 11.12 -28.77
N ASN J 101 0.29 10.89 -29.54
CA ASN J 101 0.34 9.96 -30.64
C ASN J 101 0.12 10.70 -31.94
N LEU J 102 0.80 10.29 -33.00
CA LEU J 102 0.89 11.07 -34.24
C LEU J 102 0.74 10.28 -35.51
N LEU J 103 0.22 10.97 -36.55
CA LEU J 103 0.51 10.62 -37.93
C LEU J 103 1.16 11.82 -38.63
N LEU J 104 2.09 11.50 -39.52
CA LEU J 104 2.68 12.50 -40.38
C LEU J 104 2.42 12.07 -41.80
N ALA J 105 1.78 12.98 -42.55
CA ALA J 105 1.46 12.73 -43.95
C ALA J 105 2.14 13.76 -44.76
N GLY J 106 2.68 13.31 -45.89
CA GLY J 106 3.19 14.26 -46.85
C GLY J 106 3.44 13.73 -48.23
N TYR J 107 3.86 14.66 -49.09
CA TYR J 107 4.22 14.38 -50.47
C TYR J 107 5.58 15.03 -50.71
N ASP J 108 6.54 14.20 -51.15
CA ASP J 108 7.82 14.67 -51.65
C ASP J 108 7.82 14.64 -53.19
N GLU J 109 8.37 15.69 -53.82
CA GLU J 109 8.46 15.78 -55.28
C GLU J 109 9.21 14.58 -55.87
N HIS J 110 10.24 14.05 -55.20
CA HIS J 110 11.04 12.92 -55.75
C HIS J 110 10.68 11.51 -55.26
N GLU J 111 10.36 11.37 -53.98
CA GLU J 111 10.02 10.07 -53.37
C GLU J 111 8.50 9.78 -53.37
N GLY J 112 7.67 10.78 -53.66
CA GLY J 112 6.21 10.59 -53.72
C GLY J 112 5.53 10.65 -52.34
N PRO J 113 4.31 10.11 -52.24
CA PRO J 113 3.54 10.30 -51.01
C PRO J 113 4.05 9.43 -49.85
N ALA J 114 3.86 9.91 -48.63
CA ALA J 114 4.26 9.14 -47.45
C ALA J 114 3.32 9.37 -46.27
N LEU J 115 3.09 8.29 -45.54
CA LEU J 115 2.38 8.32 -44.30
C LEU J 115 3.24 7.59 -43.26
N TYR J 116 3.37 8.25 -42.10
CA TYR J 116 4.19 7.77 -40.98
C TYR J 116 3.36 7.72 -39.73
N TYR J 117 3.56 6.64 -38.96
CA TYR J 117 2.90 6.42 -37.68
C TYR J 117 3.86 6.53 -36.54
N MET J 118 3.45 7.28 -35.52
CA MET J 118 4.24 7.44 -34.33
C MET J 118 3.41 7.31 -33.06
N ASP J 119 3.87 6.47 -32.13
CA ASP J 119 3.27 6.40 -30.78
C ASP J 119 4.05 7.30 -29.82
N TYR J 120 3.51 7.41 -28.59
CA TYR J 120 4.10 8.27 -27.56
C TYR J 120 5.48 7.82 -27.15
N LEU J 121 5.79 6.55 -27.31
CA LEU J 121 7.15 6.08 -27.07
C LEU J 121 8.17 6.52 -28.12
N ALA J 122 7.66 7.00 -29.25
CA ALA J 122 8.45 7.49 -30.37
C ALA J 122 9.03 6.39 -31.23
N ALA J 123 8.34 5.25 -31.26
CA ALA J 123 8.52 4.29 -32.37
C ALA J 123 7.93 4.91 -33.68
N LEU J 124 8.74 4.91 -34.74
CA LEU J 124 8.33 5.48 -36.03
C LEU J 124 8.20 4.34 -37.03
N ALA J 125 7.04 4.25 -37.68
CA ALA J 125 6.81 3.26 -38.74
C ALA J 125 6.16 3.87 -39.97
N LYS J 126 6.70 3.53 -41.13
CA LYS J 126 6.07 3.94 -42.40
C LYS J 126 4.97 2.93 -42.75
N ALA J 127 3.81 3.41 -43.19
CA ALA J 127 2.69 2.53 -43.51
C ALA J 127 1.87 2.97 -44.69
N PRO J 128 1.19 2.01 -45.39
CA PRO J 128 0.28 2.41 -46.46
C PRO J 128 -1.04 2.98 -45.96
N PHE J 129 -1.43 2.64 -44.72
CA PHE J 129 -2.52 3.32 -44.01
C PHE J 129 -2.36 3.03 -42.52
N ALA J 130 -3.07 3.80 -41.69
CA ALA J 130 -2.92 3.74 -40.27
C ALA J 130 -3.95 4.59 -39.57
N ALA J 131 -4.13 4.33 -38.28
CA ALA J 131 -5.08 5.05 -37.49
C ALA J 131 -4.65 5.03 -36.03
N HIS J 132 -5.11 6.01 -35.27
CA HIS J 132 -4.91 6.11 -33.83
C HIS J 132 -6.25 6.30 -33.15
N GLY J 133 -6.30 5.98 -31.86
CA GLY J 133 -7.45 6.15 -31.01
C GLY J 133 -8.14 4.81 -30.86
N TYR J 134 -8.97 4.70 -29.85
CA TYR J 134 -9.94 3.60 -29.74
C TYR J 134 -10.65 3.27 -31.05
N GLY J 135 -11.03 4.28 -31.82
CA GLY J 135 -11.67 4.05 -33.11
C GLY J 135 -10.83 3.25 -34.09
N ALA J 136 -9.52 3.34 -33.98
CA ALA J 136 -8.64 2.49 -34.79
C ALA J 136 -8.94 0.98 -34.65
N PHE J 137 -9.30 0.52 -33.44
CA PHE J 137 -9.57 -0.88 -33.22
C PHE J 137 -10.75 -1.42 -34.07
N LEU J 138 -11.75 -0.57 -34.33
CA LEU J 138 -12.88 -0.91 -35.14
C LEU J 138 -12.70 -0.67 -36.65
N THR J 139 -11.69 0.09 -37.05
CA THR J 139 -11.50 0.48 -38.44
C THR J 139 -10.30 -0.11 -39.20
N LEU J 140 -9.23 -0.46 -38.53
CA LEU J 140 -8.08 -1.01 -39.24
C LEU J 140 -8.32 -2.27 -40.05
N SER J 141 -9.20 -3.17 -39.59
CA SER J 141 -9.52 -4.39 -40.30
C SER J 141 -10.36 -4.07 -41.56
N ILE J 142 -11.15 -3.00 -41.50
CA ILE J 142 -11.90 -2.45 -42.63
C ILE J 142 -10.91 -1.96 -43.72
N LEU J 143 -9.89 -1.21 -43.32
CA LEU J 143 -8.80 -0.88 -44.21
C LEU J 143 -8.04 -2.10 -44.76
N ASP J 144 -7.67 -3.05 -43.92
CA ASP J 144 -6.96 -4.25 -44.37
C ASP J 144 -7.79 -5.01 -45.41
N ARG J 145 -9.12 -4.96 -45.25
CA ARG J 145 -10.03 -5.73 -46.06
C ARG J 145 -10.17 -5.13 -47.48
N TYR J 146 -10.20 -3.80 -47.58
CA TYR J 146 -10.56 -3.11 -48.83
C TYR J 146 -9.44 -2.31 -49.49
N TYR J 147 -8.40 -1.96 -48.81
CA TYR J 147 -7.34 -1.29 -49.51
C TYR J 147 -6.63 -2.16 -50.62
N THR J 148 -6.21 -1.46 -51.66
CA THR J 148 -5.17 -1.89 -52.64
C THR J 148 -4.11 -0.75 -52.85
N PRO J 149 -2.90 -1.06 -53.28
CA PRO J 149 -1.90 0.12 -53.39
C PRO J 149 -2.13 1.20 -54.40
N THR J 150 -2.88 0.79 -55.43
CA THR J 150 -3.31 1.69 -56.46
C THR J 150 -4.69 2.34 -56.23
N ILE J 151 -5.27 2.24 -55.06
CA ILE J 151 -6.55 2.88 -54.73
C ILE J 151 -6.58 4.34 -55.17
N SER J 152 -7.62 4.71 -55.89
CA SER J 152 -7.76 6.07 -56.38
C SER J 152 -8.33 6.91 -55.29
N ARG J 153 -8.25 8.23 -55.43
CA ARG J 153 -8.61 9.12 -54.31
C ARG J 153 -10.10 9.15 -54.01
N GLU J 154 -10.93 8.93 -55.01
CA GLU J 154 -12.37 8.80 -54.75
C GLU J 154 -12.66 7.59 -53.88
N ARG J 155 -11.94 6.44 -54.16
CA ARG J 155 -12.13 5.13 -53.61
C ARG J 155 -11.64 5.19 -52.18
N ALA J 156 -10.52 5.90 -52.00
CA ALA J 156 -9.98 6.18 -50.70
C ALA J 156 -10.96 6.99 -49.84
N VAL J 157 -11.60 8.01 -50.44
CA VAL J 157 -12.69 8.75 -49.75
C VAL J 157 -13.89 7.85 -49.41
N GLU J 158 -14.17 6.89 -50.26
CA GLU J 158 -15.24 5.91 -50.04
C GLU J 158 -14.92 4.95 -48.91
N LEU J 159 -13.68 4.46 -48.94
CA LEU J 159 -13.11 3.64 -47.93
C LEU J 159 -13.09 4.35 -46.59
N LEU J 160 -12.68 5.59 -46.62
CA LEU J 160 -12.70 6.44 -45.43
C LEU J 160 -14.11 6.51 -44.87
N ARG J 161 -15.09 6.69 -45.74
CA ARG J 161 -16.46 6.80 -45.26
C ARG J 161 -16.91 5.53 -44.52
N LYS J 162 -16.42 4.38 -44.99
CA LYS J 162 -16.84 3.09 -44.47
C LYS J 162 -16.35 2.97 -43.04
N CYS J 163 -15.10 3.38 -42.83
CA CYS J 163 -14.51 3.48 -41.51
C CYS J 163 -15.31 4.40 -40.62
N LEU J 164 -15.65 5.58 -41.13
CA LEU J 164 -16.38 6.56 -40.31
C LEU J 164 -17.83 6.15 -39.99
N GLU J 165 -18.48 5.45 -40.92
CA GLU J 165 -19.80 4.88 -40.69
C GLU J 165 -19.73 3.75 -39.64
N GLU J 166 -18.70 2.93 -39.72
CA GLU J 166 -18.46 1.92 -38.68
C GLU J 166 -18.38 2.52 -37.28
N LEU J 167 -17.75 3.68 -37.13
CA LEU J 167 -17.71 4.36 -35.83
C LEU J 167 -19.09 4.79 -35.41
N GLN J 168 -19.88 5.31 -36.36
CA GLN J 168 -21.24 5.71 -36.04
C GLN J 168 -22.05 4.53 -35.56
N LYS J 169 -21.84 3.37 -36.16
CA LYS J 169 -22.63 2.19 -35.82
C LYS J 169 -22.19 1.63 -34.50
N ARG J 170 -20.90 1.36 -34.41
CA ARG J 170 -20.37 0.44 -33.42
C ARG J 170 -19.64 1.08 -32.24
N PHE J 171 -19.11 2.28 -32.39
CA PHE J 171 -18.22 2.92 -31.37
C PHE J 171 -19.04 3.66 -30.31
N ILE J 172 -18.75 3.48 -29.03
CA ILE J 172 -19.61 4.10 -28.00
C ILE J 172 -19.51 5.61 -27.87
N LEU J 173 -18.54 6.23 -28.51
CA LEU J 173 -18.41 7.65 -28.42
C LEU J 173 -19.06 8.38 -29.59
N ASN J 174 -19.64 9.52 -29.27
CA ASN J 174 -20.29 10.42 -30.17
C ASN J 174 -19.27 11.30 -30.89
N LEU J 175 -18.85 10.81 -32.05
CA LEU J 175 -18.04 11.55 -33.02
C LEU J 175 -18.79 11.87 -34.33
N PRO J 176 -19.67 12.90 -34.32
CA PRO J 176 -20.56 13.17 -35.46
C PRO J 176 -19.92 13.77 -36.72
N THR J 177 -18.72 14.36 -36.64
CA THR J 177 -18.09 15.01 -37.79
C THR J 177 -16.57 14.83 -37.85
N PHE J 178 -16.05 14.86 -39.08
CA PHE J 178 -14.63 14.63 -39.34
C PHE J 178 -13.99 15.62 -40.31
N SER J 179 -12.79 16.08 -39.99
CA SER J 179 -11.96 16.84 -40.91
C SER J 179 -11.35 15.87 -41.90
N VAL J 180 -11.29 16.28 -43.14
CA VAL J 180 -10.73 15.48 -44.23
C VAL J 180 -9.87 16.38 -45.11
N ARG J 181 -8.65 15.90 -45.37
CA ARG J 181 -7.70 16.63 -46.21
C ARG J 181 -6.92 15.63 -47.02
N ILE J 182 -6.41 16.10 -48.14
CA ILE J 182 -5.54 15.28 -48.96
C ILE J 182 -4.31 16.11 -49.27
N ILE J 183 -3.21 15.41 -49.50
CA ILE J 183 -1.98 16.01 -49.95
C ILE J 183 -1.43 15.28 -51.17
N ASP J 184 -0.89 16.04 -52.10
CA ASP J 184 -0.30 15.51 -53.33
C ASP J 184 0.69 16.56 -53.92
N LYS J 185 1.07 16.42 -55.20
CA LYS J 185 2.00 17.36 -55.93
C LYS J 185 1.66 18.87 -55.81
N ASN J 186 0.38 19.20 -55.68
CA ASN J 186 -0.08 20.59 -55.60
C ASN J 186 -0.41 21.04 -54.21
N GLY J 187 0.01 20.27 -53.22
CA GLY J 187 -0.03 20.70 -51.82
C GLY J 187 -1.13 20.06 -50.95
N ILE J 188 -1.72 20.88 -50.10
CA ILE J 188 -2.69 20.43 -49.14
C ILE J 188 -4.04 20.96 -49.51
N HIS J 189 -4.99 20.07 -49.69
CA HIS J 189 -6.35 20.45 -50.10
C HIS J 189 -7.34 20.07 -49.02
N ASP J 190 -8.22 21.01 -48.71
CA ASP J 190 -9.32 20.75 -47.78
C ASP J 190 -10.51 20.14 -48.53
N LEU J 191 -10.93 18.95 -48.12
CA LEU J 191 -12.17 18.37 -48.63
C LEU J 191 -13.29 18.76 -47.68
N ASP J 192 -14.53 18.50 -48.08
CA ASP J 192 -15.67 18.78 -47.20
C ASP J 192 -15.52 17.87 -45.99
N ASN J 193 -16.04 18.35 -44.88
CA ASN J 193 -16.20 17.50 -43.76
C ASN J 193 -17.19 16.38 -44.11
N ILE J 194 -16.97 15.24 -43.46
CA ILE J 194 -17.91 14.12 -43.49
C ILE J 194 -18.66 14.22 -42.17
N SER J 195 -19.99 14.38 -42.25
CA SER J 195 -20.86 14.57 -41.10
C SER J 195 -21.97 13.54 -41.07
N PHE J 196 -22.56 13.37 -39.90
CA PHE J 196 -23.67 12.43 -39.68
C PHE J 196 -24.85 13.10 -38.94
N THR K 1 -19.22 26.29 -8.20
CA THR K 1 -18.94 27.27 -9.30
C THR K 1 -19.70 27.00 -10.56
N THR K 2 -20.37 28.02 -11.09
CA THR K 2 -20.81 27.97 -12.48
C THR K 2 -20.45 29.27 -13.18
N THR K 3 -19.81 29.15 -14.32
CA THR K 3 -19.53 30.28 -15.17
C THR K 3 -19.97 29.90 -16.58
N LEU K 4 -20.35 30.92 -17.38
CA LEU K 4 -20.60 30.71 -18.81
C LEU K 4 -20.25 31.93 -19.65
N ALA K 5 -19.99 31.67 -20.92
CA ALA K 5 -19.84 32.77 -21.88
C ALA K 5 -20.32 32.33 -23.26
N PHE K 6 -20.76 33.28 -24.07
CA PHE K 6 -21.02 33.02 -25.48
C PHE K 6 -20.86 34.24 -26.39
N LYS K 7 -20.35 33.98 -27.59
CA LYS K 7 -20.33 34.91 -28.67
C LYS K 7 -21.69 34.98 -29.36
N PHE K 8 -22.03 36.19 -29.83
CA PHE K 8 -23.23 36.38 -30.64
C PHE K 8 -23.08 37.68 -31.42
N ARG K 9 -24.09 38.06 -32.21
CA ARG K 9 -23.91 39.20 -33.12
C ARG K 9 -23.41 40.46 -32.43
N HIS K 10 -23.93 40.70 -31.22
CA HIS K 10 -23.65 41.90 -30.48
C HIS K 10 -22.52 41.77 -29.43
N GLY K 11 -21.65 40.77 -29.56
CA GLY K 11 -20.46 40.68 -28.72
C GLY K 11 -20.36 39.39 -27.94
N VAL K 12 -19.95 39.48 -26.68
CA VAL K 12 -19.90 38.27 -25.85
C VAL K 12 -20.49 38.50 -24.50
N ILE K 13 -21.40 37.60 -24.12
CA ILE K 13 -22.01 37.58 -22.80
C ILE K 13 -21.15 36.70 -21.90
N VAL K 14 -21.09 37.10 -20.63
CA VAL K 14 -20.24 36.46 -19.63
C VAL K 14 -20.99 36.52 -18.32
N ALA K 15 -21.14 35.37 -17.69
CA ALA K 15 -21.88 35.28 -16.42
C ALA K 15 -21.32 34.25 -15.49
N ALA K 16 -21.59 34.49 -14.21
CA ALA K 16 -21.06 33.66 -13.15
C ALA K 16 -21.97 33.73 -11.93
N ASP K 17 -21.90 32.66 -11.12
CA ASP K 17 -22.43 32.68 -9.76
C ASP K 17 -21.39 33.37 -8.85
N SER K 18 -21.63 33.39 -7.54
CA SER K 18 -20.72 34.07 -6.64
C SER K 18 -20.35 33.31 -5.39
N ARG K 19 -20.51 31.99 -5.41
CA ARG K 19 -20.28 31.16 -4.21
C ARG K 19 -18.86 30.69 -4.15
N ALA K 20 -18.32 30.67 -2.94
CA ALA K 20 -17.08 29.98 -2.67
C ALA K 20 -17.29 28.97 -1.53
N THR K 21 -16.63 27.83 -1.66
CA THR K 21 -16.74 26.78 -0.66
C THR K 21 -15.40 26.32 -0.21
N ALA K 22 -15.35 25.87 1.04
CA ALA K 22 -14.24 25.11 1.60
C ALA K 22 -14.82 23.77 1.97
N GLY K 23 -14.59 22.77 1.15
CA GLY K 23 -15.32 21.51 1.27
C GLY K 23 -16.80 21.82 1.09
N ALA K 24 -17.64 21.34 1.99
CA ALA K 24 -19.06 21.66 1.95
C ALA K 24 -19.43 22.94 2.69
N TYR K 25 -18.47 23.58 3.35
CA TYR K 25 -18.76 24.84 4.06
C TYR K 25 -18.89 25.94 3.02
N ILE K 26 -19.94 26.73 3.11
CA ILE K 26 -20.05 27.92 2.23
C ILE K 26 -19.21 29.08 2.80
N ALA K 27 -18.13 29.42 2.14
CA ALA K 27 -17.17 30.46 2.65
C ALA K 27 -17.58 31.86 2.24
N SER K 28 -18.18 31.98 1.06
CA SER K 28 -18.70 33.24 0.60
C SER K 28 -19.82 33.09 -0.41
N GLN K 29 -20.72 34.09 -0.41
CA GLN K 29 -21.78 34.23 -1.43
C GLN K 29 -21.59 35.51 -2.25
N THR K 30 -20.47 36.22 -2.05
CA THR K 30 -20.27 37.52 -2.70
C THR K 30 -18.92 37.56 -3.44
N VAL K 31 -18.51 36.48 -4.05
CA VAL K 31 -17.25 36.46 -4.76
C VAL K 31 -17.40 37.02 -6.17
N LYS K 32 -16.43 37.83 -6.60
CA LYS K 32 -16.34 38.30 -8.00
C LYS K 32 -15.57 37.34 -8.90
N LYS K 33 -16.24 36.54 -9.70
CA LYS K 33 -15.54 35.54 -10.51
C LYS K 33 -15.19 35.99 -11.90
N VAL K 34 -15.55 37.22 -12.23
CA VAL K 34 -15.20 37.79 -13.54
C VAL K 34 -14.18 38.85 -13.25
N ILE K 35 -13.00 38.66 -13.83
CA ILE K 35 -11.88 39.56 -13.66
C ILE K 35 -11.69 40.44 -14.89
N GLU K 36 -11.47 41.71 -14.60
CA GLU K 36 -11.29 42.74 -15.60
C GLU K 36 -9.81 42.76 -15.92
N ILE K 37 -9.43 42.13 -17.02
CA ILE K 37 -8.05 42.06 -17.46
C ILE K 37 -7.62 43.43 -18.01
N ASN K 38 -8.39 43.95 -18.95
CA ASN K 38 -8.35 45.35 -19.33
C ASN K 38 -9.77 45.83 -19.69
N PRO K 39 -9.93 47.08 -20.16
CA PRO K 39 -11.30 47.50 -20.55
C PRO K 39 -12.03 46.78 -21.71
N TYR K 40 -11.35 45.91 -22.48
CA TYR K 40 -11.99 45.11 -23.57
C TYR K 40 -11.76 43.56 -23.45
N LEU K 41 -11.37 43.11 -22.25
CA LEU K 41 -10.95 41.72 -21.99
C LEU K 41 -11.35 41.30 -20.59
N LEU K 42 -12.09 40.21 -20.53
CA LEU K 42 -12.49 39.63 -19.26
C LEU K 42 -11.98 38.19 -19.14
N GLY K 43 -11.71 37.80 -17.90
CA GLY K 43 -11.34 36.41 -17.53
C GLY K 43 -12.31 35.91 -16.47
N THR K 44 -12.75 34.66 -16.59
CA THR K 44 -13.64 34.04 -15.58
C THR K 44 -12.88 32.99 -14.76
N MET K 45 -13.37 32.75 -13.56
CA MET K 45 -12.72 31.89 -12.61
C MET K 45 -13.60 30.73 -12.16
N ALA K 46 -13.07 29.52 -12.33
CA ALA K 46 -13.63 28.33 -11.74
C ALA K 46 -12.48 27.43 -11.30
N GLY K 47 -12.62 26.81 -10.14
CA GLY K 47 -11.67 25.80 -9.63
C GLY K 47 -11.08 26.26 -8.33
N GLY K 48 -9.76 26.15 -8.19
CA GLY K 48 -9.10 26.59 -6.99
C GLY K 48 -9.17 28.11 -6.95
N ALA K 49 -9.66 28.65 -5.84
CA ALA K 49 -9.85 30.08 -5.74
C ALA K 49 -8.55 30.89 -5.83
N ALA K 50 -7.55 30.49 -5.07
CA ALA K 50 -6.30 31.21 -5.06
C ALA K 50 -5.62 31.07 -6.42
N ASP K 51 -5.67 29.84 -6.98
CA ASP K 51 -5.07 29.59 -8.29
C ASP K 51 -5.67 30.50 -9.36
N CYS K 52 -6.99 30.53 -9.44
CA CYS K 52 -7.65 31.37 -10.42
C CYS K 52 -7.32 32.85 -10.27
N SER K 53 -7.50 33.38 -9.07
CA SER K 53 -7.17 34.77 -8.79
C SER K 53 -5.72 35.17 -9.11
N PHE K 54 -4.77 34.36 -8.69
CA PHE K 54 -3.37 34.67 -8.88
C PHE K 54 -2.98 34.68 -10.38
N TRP K 55 -3.34 33.61 -11.10
CA TRP K 55 -2.91 33.47 -12.48
C TRP K 55 -3.59 34.47 -13.42
N GLU K 56 -4.82 34.86 -13.11
CA GLU K 56 -5.48 35.85 -13.94
C GLU K 56 -4.99 37.25 -13.64
N ARG K 57 -4.67 37.53 -12.39
CA ARG K 57 -4.04 38.78 -12.04
C ARG K 57 -2.70 38.87 -12.75
N LEU K 58 -1.99 37.76 -12.85
CA LEU K 58 -0.70 37.73 -13.52
C LEU K 58 -0.81 37.90 -15.04
N LEU K 59 -1.84 37.29 -15.59
CA LEU K 59 -2.18 37.47 -16.97
C LEU K 59 -2.38 38.96 -17.27
N ALA K 60 -3.10 39.63 -16.38
CA ALA K 60 -3.39 41.03 -16.52
C ALA K 60 -2.14 41.89 -16.51
N ARG K 61 -1.18 41.57 -15.63
CA ARG K 61 0.12 42.21 -15.65
C ARG K 61 0.84 42.03 -16.98
N GLN K 62 0.82 40.82 -17.49
CA GLN K 62 1.52 40.49 -18.72
C GLN K 62 0.87 41.16 -19.95
N CYS K 63 -0.46 41.21 -19.98
CA CYS K 63 -1.17 41.91 -21.06
C CYS K 63 -0.85 43.43 -21.06
N ARG K 64 -0.78 44.02 -19.87
CA ARG K 64 -0.48 45.45 -19.71
C ARG K 64 0.91 45.79 -20.18
N ILE K 65 1.86 44.97 -19.78
CA ILE K 65 3.23 45.06 -20.27
C ILE K 65 3.29 44.92 -21.79
N TYR K 66 2.58 43.92 -22.33
CA TYR K 66 2.53 43.68 -23.77
C TYR K 66 2.07 44.94 -24.50
N GLU K 67 1.02 45.54 -23.98
CA GLU K 67 0.43 46.74 -24.54
C GLU K 67 1.41 47.93 -24.56
N LEU K 68 2.07 48.19 -23.43
CA LEU K 68 3.07 49.24 -23.31
C LEU K 68 4.26 49.02 -24.24
N ARG K 69 4.70 47.78 -24.42
CA ARG K 69 5.84 47.51 -25.28
C ARG K 69 5.50 47.62 -26.76
N ASN K 70 4.32 47.18 -27.15
CA ASN K 70 3.94 47.05 -28.58
C ASN K 70 3.04 48.16 -29.08
N LYS K 71 2.54 49.01 -28.18
CA LYS K 71 1.71 50.17 -28.52
C LYS K 71 0.38 49.77 -29.14
N GLU K 72 -0.15 48.63 -28.72
CA GLU K 72 -1.48 48.18 -29.14
C GLU K 72 -2.06 47.20 -28.17
N ARG K 73 -3.39 47.13 -28.16
CA ARG K 73 -4.21 46.12 -27.46
C ARG K 73 -3.77 44.68 -27.82
N ILE K 74 -3.54 43.84 -26.81
CA ILE K 74 -3.31 42.41 -27.05
C ILE K 74 -4.59 41.76 -27.59
N SER K 75 -4.42 40.88 -28.59
CA SER K 75 -5.52 40.07 -29.11
C SER K 75 -6.00 39.02 -28.08
N VAL K 76 -7.21 38.58 -28.27
CA VAL K 76 -7.82 37.58 -27.40
C VAL K 76 -7.07 36.28 -27.56
N ALA K 77 -6.72 35.92 -28.80
CA ALA K 77 -5.84 34.77 -29.07
C ALA K 77 -4.52 34.78 -28.27
N ALA K 78 -3.80 35.90 -28.36
CA ALA K 78 -2.52 36.03 -27.72
C ALA K 78 -2.60 36.04 -26.20
N ALA K 79 -3.62 36.68 -25.65
CA ALA K 79 -3.81 36.73 -24.21
C ALA K 79 -4.05 35.32 -23.64
N SER K 80 -4.99 34.60 -24.30
CA SER K 80 -5.33 33.24 -23.91
C SER K 80 -4.11 32.36 -24.07
N LYS K 81 -3.28 32.63 -25.09
CA LYS K 81 -2.07 31.85 -25.26
C LYS K 81 -1.03 32.11 -24.20
N LEU K 82 -0.89 33.35 -23.77
CA LEU K 82 0.03 33.66 -22.68
C LEU K 82 -0.39 32.85 -21.44
N LEU K 83 -1.66 32.87 -21.09
CA LEU K 83 -2.14 32.15 -19.92
C LEU K 83 -1.88 30.62 -20.00
N ALA K 84 -2.14 30.05 -21.17
CA ALA K 84 -1.90 28.64 -21.42
C ALA K 84 -0.45 28.27 -21.28
N ASN K 85 0.45 29.07 -21.85
CA ASN K 85 1.87 28.77 -21.75
C ASN K 85 2.40 28.89 -20.31
N MET K 86 1.83 29.81 -19.55
CA MET K 86 2.20 30.00 -18.15
C MET K 86 1.81 28.78 -17.32
N VAL K 87 0.55 28.32 -17.45
CA VAL K 87 0.09 27.21 -16.61
C VAL K 87 0.63 25.84 -17.06
N TYR K 88 0.98 25.73 -18.33
CA TYR K 88 1.53 24.50 -18.87
C TYR K 88 2.74 23.99 -18.09
N GLN K 89 3.61 24.90 -17.64
CA GLN K 89 4.87 24.55 -16.89
C GLN K 89 4.58 23.84 -15.56
N TYR K 90 3.41 24.13 -14.99
CA TYR K 90 2.96 23.61 -13.73
C TYR K 90 2.08 22.37 -13.86
N LYS K 91 1.92 21.79 -15.04
CA LYS K 91 1.05 20.58 -15.13
C LYS K 91 1.53 19.47 -14.17
N GLY K 92 0.58 18.85 -13.48
CA GLY K 92 0.85 17.75 -12.62
C GLY K 92 1.21 18.14 -11.19
N MET K 93 1.14 19.42 -10.87
CA MET K 93 1.50 19.93 -9.55
C MET K 93 0.28 20.30 -8.73
N GLY K 94 -0.90 20.11 -9.32
CA GLY K 94 -2.18 20.27 -8.62
C GLY K 94 -2.83 21.62 -8.75
N LEU K 95 -2.42 22.46 -9.72
CA LEU K 95 -3.22 23.67 -10.02
C LEU K 95 -4.55 23.25 -10.54
N SER K 96 -5.58 23.97 -10.12
CA SER K 96 -6.91 23.71 -10.57
C SER K 96 -7.53 25.01 -11.06
N MET K 97 -7.71 25.11 -12.37
CA MET K 97 -8.15 26.36 -12.97
C MET K 97 -8.88 26.07 -14.28
N GLY K 98 -10.07 26.62 -14.40
CA GLY K 98 -10.83 26.60 -15.64
C GLY K 98 -11.28 28.01 -15.92
N THR K 99 -10.84 28.60 -17.04
CA THR K 99 -11.16 29.99 -17.33
C THR K 99 -11.66 30.22 -18.79
N MET K 100 -12.48 31.25 -18.95
CA MET K 100 -12.82 31.76 -20.26
C MET K 100 -12.25 33.18 -20.42
N ILE K 101 -11.47 33.36 -21.49
CA ILE K 101 -10.94 34.67 -21.85
C ILE K 101 -11.84 35.26 -22.93
N CYS K 102 -12.47 36.38 -22.60
CA CYS K 102 -13.58 36.96 -23.39
C CYS K 102 -13.24 38.39 -23.79
N GLY K 103 -13.19 38.64 -25.10
CA GLY K 103 -12.89 39.97 -25.62
C GLY K 103 -13.50 40.30 -26.97
N TRP K 104 -13.10 41.46 -27.48
CA TRP K 104 -13.40 41.92 -28.85
C TRP K 104 -12.13 42.56 -29.40
N ASP K 105 -11.55 41.98 -30.45
CA ASP K 105 -10.33 42.48 -31.05
C ASP K 105 -10.50 42.69 -32.57
N LYS K 106 -9.40 42.74 -33.33
CA LYS K 106 -9.46 43.03 -34.77
C LYS K 106 -10.19 41.91 -35.56
N ARG K 107 -10.24 40.69 -35.01
CA ARG K 107 -11.02 39.60 -35.62
C ARG K 107 -12.47 39.57 -35.13
N GLY K 108 -12.87 40.53 -34.31
CA GLY K 108 -14.23 40.58 -33.76
C GLY K 108 -14.38 39.98 -32.38
N PRO K 109 -15.59 39.52 -32.03
CA PRO K 109 -15.77 38.91 -30.70
C PRO K 109 -14.92 37.66 -30.51
N GLY K 110 -14.29 37.52 -29.34
CA GLY K 110 -13.38 36.43 -29.08
C GLY K 110 -13.67 35.71 -27.76
N LEU K 111 -13.54 34.38 -27.80
CA LEU K 111 -13.86 33.55 -26.65
C LEU K 111 -13.01 32.29 -26.66
N TYR K 112 -12.20 32.13 -25.62
CA TYR K 112 -11.32 30.96 -25.46
C TYR K 112 -11.49 30.34 -24.06
N TYR K 113 -11.48 29.03 -24.03
CA TYR K 113 -11.45 28.26 -22.80
C TYR K 113 -10.00 27.85 -22.60
N VAL K 114 -9.49 28.08 -21.39
CA VAL K 114 -8.10 27.72 -21.02
C VAL K 114 -8.19 27.04 -19.62
N ASP K 115 -7.50 25.92 -19.46
CA ASP K 115 -7.42 25.32 -18.10
C ASP K 115 -6.05 24.84 -17.69
N SER K 116 -5.99 24.36 -16.45
CA SER K 116 -4.75 23.88 -15.85
C SER K 116 -4.29 22.57 -16.40
N GLU K 117 -5.17 21.83 -17.07
CA GLU K 117 -4.76 20.59 -17.73
C GLU K 117 -4.00 20.85 -19.00
N GLY K 118 -4.03 22.10 -19.45
CA GLY K 118 -3.33 22.50 -20.67
C GLY K 118 -4.21 22.79 -21.89
N ASN K 119 -5.52 22.65 -21.77
CA ASN K 119 -6.42 22.96 -22.87
C ASN K 119 -6.46 24.44 -23.23
N ARG K 120 -6.46 24.72 -24.52
CA ARG K 120 -6.79 26.08 -25.02
C ARG K 120 -7.55 25.98 -26.31
N ILE K 121 -8.81 26.38 -26.28
CA ILE K 121 -9.68 26.22 -27.44
C ILE K 121 -10.61 27.40 -27.60
N SER K 122 -10.81 27.80 -28.87
CA SER K 122 -11.77 28.86 -29.19
C SER K 122 -13.16 28.25 -29.33
N GLY K 123 -14.22 28.99 -29.08
CA GLY K 123 -15.55 28.46 -29.37
C GLY K 123 -16.63 29.47 -29.19
N ALA K 124 -17.82 29.11 -29.63
CA ALA K 124 -18.97 30.02 -29.64
C ALA K 124 -19.59 30.12 -28.25
N THR K 125 -19.64 29.00 -27.53
CA THR K 125 -20.24 28.94 -26.19
C THR K 125 -19.39 28.01 -25.28
N PHE K 126 -19.32 28.33 -23.99
CA PHE K 126 -18.68 27.48 -22.99
C PHE K 126 -19.37 27.64 -21.66
N SER K 127 -19.31 26.59 -20.85
CA SER K 127 -19.63 26.70 -19.43
C SER K 127 -18.57 25.90 -18.68
N VAL K 128 -18.21 26.41 -17.52
CA VAL K 128 -17.07 25.89 -16.73
C VAL K 128 -17.45 25.88 -15.26
N GLY K 129 -17.08 24.80 -14.55
CA GLY K 129 -17.29 24.70 -13.12
C GLY K 129 -18.15 23.49 -12.81
N SER K 130 -18.35 23.26 -11.52
CA SER K 130 -19.13 22.13 -11.04
C SER K 130 -20.56 22.20 -11.56
N GLY K 131 -21.11 23.40 -11.68
CA GLY K 131 -22.44 23.57 -12.29
C GLY K 131 -22.55 23.59 -13.80
N SER K 132 -21.43 23.48 -14.51
CA SER K 132 -21.45 23.66 -15.94
C SER K 132 -22.43 22.75 -16.69
N VAL K 133 -22.53 21.48 -16.32
CA VAL K 133 -23.46 20.56 -16.99
C VAL K 133 -24.91 21.08 -17.02
N TYR K 134 -25.32 21.74 -15.95
CA TYR K 134 -26.68 22.26 -15.78
C TYR K 134 -26.88 23.54 -16.64
N ALA K 135 -25.86 24.40 -16.62
CA ALA K 135 -25.86 25.59 -17.47
C ALA K 135 -25.84 25.24 -18.94
N TYR K 136 -25.05 24.24 -19.35
CA TYR K 136 -25.06 23.85 -20.77
C TYR K 136 -26.46 23.48 -21.26
N GLY K 137 -27.20 22.77 -20.43
CA GLY K 137 -28.54 22.31 -20.80
C GLY K 137 -29.45 23.47 -21.17
N VAL K 138 -29.53 24.48 -20.30
CA VAL K 138 -30.43 25.59 -20.58
C VAL K 138 -29.84 26.52 -21.62
N MET K 139 -28.56 26.79 -21.55
CA MET K 139 -27.92 27.61 -22.56
C MET K 139 -28.05 27.04 -23.95
N ASP K 140 -27.70 25.77 -24.13
CA ASP K 140 -27.77 25.15 -25.44
C ASP K 140 -29.18 25.18 -26.06
N ARG K 141 -30.23 25.06 -25.23
CA ARG K 141 -31.58 25.03 -25.79
C ARG K 141 -32.09 26.42 -26.15
N GLY K 142 -31.49 27.48 -25.60
CA GLY K 142 -31.86 28.86 -25.89
C GLY K 142 -30.92 29.66 -26.81
N TYR K 143 -29.75 29.13 -27.13
CA TYR K 143 -28.71 29.93 -27.76
C TYR K 143 -28.90 30.08 -29.25
N SER K 144 -28.60 31.28 -29.73
CA SER K 144 -28.50 31.57 -31.17
C SER K 144 -27.58 32.75 -31.35
N TYR K 145 -26.78 32.68 -32.41
CA TYR K 145 -25.94 33.82 -32.85
C TYR K 145 -26.78 35.09 -33.04
N ASP K 146 -28.02 34.94 -33.53
CA ASP K 146 -28.90 36.08 -33.81
C ASP K 146 -29.84 36.50 -32.69
N LEU K 147 -29.53 36.11 -31.46
CA LEU K 147 -30.24 36.61 -30.26
C LEU K 147 -30.16 38.13 -30.18
N GLU K 148 -31.28 38.75 -29.81
CA GLU K 148 -31.29 40.16 -29.39
C GLU K 148 -30.59 40.33 -28.02
N VAL K 149 -30.10 41.53 -27.74
CA VAL K 149 -29.34 41.79 -26.52
C VAL K 149 -30.07 41.37 -25.24
N GLU K 150 -31.30 41.84 -25.05
CA GLU K 150 -32.01 41.57 -23.78
C GLU K 150 -32.32 40.06 -23.64
N GLN K 151 -32.50 39.39 -24.77
CA GLN K 151 -32.71 37.95 -24.80
C GLN K 151 -31.46 37.19 -24.39
N ALA K 152 -30.31 37.64 -24.87
CA ALA K 152 -29.03 37.07 -24.52
C ALA K 152 -28.75 37.21 -23.03
N TYR K 153 -29.07 38.38 -22.47
CA TYR K 153 -28.94 38.57 -21.02
C TYR K 153 -29.85 37.58 -20.25
N ASP K 154 -31.12 37.47 -20.64
CA ASP K 154 -32.11 36.58 -19.98
C ASP K 154 -31.66 35.11 -19.97
N LEU K 155 -31.10 34.66 -21.09
CA LEU K 155 -30.59 33.33 -21.23
C LEU K 155 -29.39 33.04 -20.32
N ALA K 156 -28.42 33.95 -20.30
CA ALA K 156 -27.25 33.82 -19.44
C ALA K 156 -27.66 33.79 -17.98
N ARG K 157 -28.51 34.72 -17.59
CA ARG K 157 -28.95 34.80 -16.20
C ARG K 157 -29.74 33.53 -15.78
N ARG K 158 -30.63 33.06 -16.67
CA ARG K 158 -31.46 31.90 -16.38
C ARG K 158 -30.62 30.60 -16.30
N ALA K 159 -29.63 30.46 -17.18
CA ALA K 159 -28.74 29.31 -17.20
C ALA K 159 -27.87 29.17 -15.93
N ILE K 160 -27.32 30.29 -15.47
CA ILE K 160 -26.62 30.28 -14.22
C ILE K 160 -27.57 30.00 -13.08
N TYR K 161 -28.74 30.60 -13.11
CA TYR K 161 -29.74 30.40 -12.07
C TYR K 161 -30.08 28.88 -11.89
N GLN K 162 -30.32 28.19 -13.01
CA GLN K 162 -30.72 26.78 -13.00
C GLN K 162 -29.58 25.92 -12.50
N ALA K 163 -28.33 26.29 -12.82
CA ALA K 163 -27.16 25.65 -12.25
C ALA K 163 -27.14 25.80 -10.74
N THR K 164 -27.36 27.00 -10.21
CA THR K 164 -27.36 27.18 -8.75
C THR K 164 -28.44 26.30 -8.05
N TYR K 165 -29.51 26.01 -8.78
CA TYR K 165 -30.63 25.24 -8.23
C TYR K 165 -30.26 23.76 -8.04
N ARG K 166 -29.64 23.15 -9.05
CA ARG K 166 -29.25 21.74 -8.98
C ARG K 166 -27.91 21.48 -8.27
N ASP K 167 -26.91 22.31 -8.50
CA ASP K 167 -25.57 22.15 -7.97
C ASP K 167 -25.42 22.77 -6.59
N ALA K 168 -25.17 21.91 -5.60
CA ALA K 168 -24.84 22.36 -4.24
C ALA K 168 -23.71 23.39 -4.16
N TYR K 169 -22.72 23.26 -5.04
CA TYR K 169 -21.52 24.12 -4.99
C TYR K 169 -21.64 25.38 -5.85
N SER K 170 -22.84 25.71 -6.34
CA SER K 170 -23.08 27.01 -7.01
C SER K 170 -24.20 27.77 -6.33
N GLY K 171 -24.01 29.08 -6.24
CA GLY K 171 -24.98 29.93 -5.60
C GLY K 171 -24.60 31.38 -5.43
N GLY K 172 -25.40 32.05 -4.60
CA GLY K 172 -25.26 33.45 -4.28
C GLY K 172 -26.03 34.39 -5.20
N ALA K 173 -25.35 34.94 -6.18
CA ALA K 173 -25.94 35.88 -7.06
C ALA K 173 -25.44 35.60 -8.45
N VAL K 174 -26.19 36.04 -9.48
CA VAL K 174 -25.67 35.95 -10.85
C VAL K 174 -25.16 37.32 -11.32
N ASN K 175 -23.90 37.34 -11.70
CA ASN K 175 -23.22 38.53 -12.15
C ASN K 175 -23.00 38.40 -13.64
N LEU K 176 -23.47 39.43 -14.35
CA LEU K 176 -23.57 39.39 -15.80
C LEU K 176 -22.84 40.58 -16.46
N TYR K 177 -22.07 40.26 -17.50
CA TYR K 177 -21.24 41.21 -18.22
C TYR K 177 -21.46 41.06 -19.73
N HIS K 178 -21.22 42.14 -20.45
CA HIS K 178 -21.37 42.17 -21.90
C HIS K 178 -20.14 42.85 -22.50
N VAL K 179 -19.38 42.09 -23.28
CA VAL K 179 -18.25 42.64 -24.01
C VAL K 179 -18.75 43.15 -25.34
N ARG K 180 -18.73 44.47 -25.50
CA ARG K 180 -19.08 45.15 -26.77
C ARG K 180 -17.79 45.67 -27.44
N GLU K 181 -17.92 46.15 -28.68
CA GLU K 181 -16.74 46.58 -29.48
C GLU K 181 -15.93 47.75 -28.89
N ASP K 182 -16.56 48.60 -28.07
CA ASP K 182 -15.85 49.68 -27.37
C ASP K 182 -15.60 49.41 -25.87
N GLY K 183 -15.66 48.13 -25.44
CA GLY K 183 -15.41 47.75 -24.06
C GLY K 183 -16.50 46.90 -23.44
N TRP K 184 -16.17 46.28 -22.32
CA TRP K 184 -17.15 45.54 -21.57
C TRP K 184 -17.93 46.49 -20.68
N ILE K 185 -19.15 46.06 -20.37
CA ILE K 185 -19.97 46.66 -19.32
C ILE K 185 -20.45 45.59 -18.34
N ARG K 186 -20.61 46.03 -17.10
CA ARG K 186 -21.31 45.31 -16.06
C ARG K 186 -22.79 45.49 -16.31
N VAL K 187 -23.54 44.41 -16.55
CA VAL K 187 -24.98 44.56 -16.90
C VAL K 187 -25.92 44.36 -15.72
N SER K 188 -25.64 43.43 -14.83
CA SER K 188 -26.49 43.24 -13.63
C SER K 188 -25.89 42.25 -12.63
N SER K 189 -26.31 42.40 -11.38
CA SER K 189 -25.98 41.51 -10.29
C SER K 189 -27.26 41.18 -9.56
N ASP K 190 -27.76 39.96 -9.69
CA ASP K 190 -29.04 39.58 -9.10
C ASP K 190 -28.90 38.42 -8.11
N ASN K 191 -29.31 38.65 -6.87
CA ASN K 191 -29.39 37.56 -5.91
C ASN K 191 -30.30 36.46 -6.44
N VAL K 192 -29.84 35.22 -6.33
CA VAL K 192 -30.60 34.04 -6.75
C VAL K 192 -31.95 33.95 -6.00
N ALA K 193 -31.99 34.39 -4.74
CA ALA K 193 -33.24 34.49 -3.97
C ALA K 193 -34.28 35.42 -4.62
N ASP K 194 -33.80 36.56 -5.15
CA ASP K 194 -34.67 37.46 -5.90
C ASP K 194 -35.08 36.88 -7.26
N LEU K 195 -34.15 36.19 -7.94
CA LEU K 195 -34.47 35.55 -9.22
C LEU K 195 -35.50 34.43 -9.08
N HIS K 196 -35.45 33.72 -7.95
CA HIS K 196 -36.44 32.66 -7.63
C HIS K 196 -37.86 33.21 -7.59
N GLU K 197 -38.03 34.28 -6.84
CA GLU K 197 -39.28 35.00 -6.68
C GLU K 197 -39.86 35.41 -8.05
N LYS K 198 -38.97 35.82 -8.95
CA LYS K 198 -39.33 36.25 -10.30
C LYS K 198 -39.68 35.08 -11.25
N TYR K 199 -38.85 34.04 -11.34
CA TYR K 199 -39.07 33.01 -12.35
C TYR K 199 -40.20 31.99 -11.98
N SER K 200 -40.76 32.11 -10.76
CA SER K 200 -41.98 31.37 -10.35
C SER K 200 -43.24 32.25 -10.34
N ARG L 1 6.60 8.87 9.05
CA ARG L 1 6.72 10.14 8.28
C ARG L 1 6.42 11.26 9.29
N PHE L 2 7.47 12.03 9.58
CA PHE L 2 7.35 13.37 10.16
C PHE L 2 6.23 14.19 9.48
N SER L 3 5.24 14.73 10.22
CA SER L 3 4.35 15.76 9.69
CA SER L 3 4.34 15.78 9.66
C SER L 3 4.85 17.15 10.09
N PRO L 4 4.93 18.09 9.12
CA PRO L 4 5.40 19.44 9.43
C PRO L 4 4.32 20.35 9.97
N TYR L 5 3.14 19.83 10.20
CA TYR L 5 2.01 20.62 10.67
C TYR L 5 1.40 20.02 11.92
N VAL L 6 0.80 20.88 12.72
CA VAL L 6 -0.05 20.47 13.83
C VAL L 6 -1.13 21.56 13.96
N PHE L 7 -2.33 21.16 14.42
CA PHE L 7 -3.42 22.14 14.60
C PHE L 7 -3.38 22.71 16.03
N ASN L 8 -3.27 24.03 16.16
CA ASN L 8 -3.17 24.64 17.48
C ASN L 8 -4.39 25.41 17.94
N GLY L 9 -5.43 25.40 17.13
CA GLY L 9 -6.68 25.96 17.54
C GLY L 9 -6.72 27.47 17.37
N GLY L 10 -7.77 28.07 17.90
CA GLY L 10 -7.92 29.50 17.74
C GLY L 10 -9.08 29.91 16.84
N THR L 11 -9.82 30.88 17.35
CA THR L 11 -10.91 31.48 16.64
C THR L 11 -10.69 33.00 16.52
N ILE L 12 -10.90 33.52 15.33
CA ILE L 12 -10.73 34.92 15.00
C ILE L 12 -11.98 35.50 14.34
N LEU L 13 -12.08 36.82 14.44
CA LEU L 13 -13.26 37.55 14.00
C LEU L 13 -12.90 38.99 13.67
N ALA L 14 -13.47 39.54 12.59
CA ALA L 14 -13.39 41.01 12.35
C ALA L 14 -14.69 41.58 11.83
N ILE L 15 -14.99 42.82 12.24
CA ILE L 15 -16.18 43.53 11.82
C ILE L 15 -15.81 44.92 11.36
N ALA L 16 -16.32 45.31 10.19
CA ALA L 16 -16.17 46.68 9.67
C ALA L 16 -17.41 47.52 9.99
N GLY L 17 -17.19 48.65 10.65
CA GLY L 17 -18.20 49.69 10.85
C GLY L 17 -17.99 50.85 9.89
N GLU L 18 -18.79 51.89 10.08
CA GLU L 18 -18.72 53.08 9.23
C GLU L 18 -17.41 53.83 9.52
N ASP L 19 -17.00 53.89 10.80
CA ASP L 19 -15.75 54.56 11.19
C ASP L 19 -14.91 53.74 12.17
N PHE L 20 -15.06 52.42 12.15
CA PHE L 20 -14.27 51.57 13.03
C PHE L 20 -14.09 50.22 12.43
N ALA L 21 -13.14 49.47 12.97
CA ALA L 21 -12.99 48.05 12.72
C ALA L 21 -12.64 47.33 14.02
N ILE L 22 -13.26 46.17 14.23
CA ILE L 22 -12.98 45.31 15.39
C ILE L 22 -12.25 44.07 14.90
N VAL L 23 -11.17 43.70 15.57
CA VAL L 23 -10.55 42.40 15.37
C VAL L 23 -10.48 41.71 16.74
N ALA L 24 -10.93 40.47 16.76
CA ALA L 24 -11.12 39.73 18.00
C ALA L 24 -10.66 38.31 17.86
N SER L 25 -10.19 37.76 18.97
CA SER L 25 -9.76 36.37 19.02
C SER L 25 -9.77 35.83 20.44
N ASP L 26 -9.82 34.51 20.58
CA ASP L 26 -9.71 33.87 21.90
C ASP L 26 -8.23 33.69 22.19
N THR L 27 -7.88 33.35 23.41
CA THR L 27 -6.47 33.34 23.83
C THR L 27 -5.87 31.95 24.05
N ARG L 28 -6.60 30.89 23.70
CA ARG L 28 -6.14 29.53 23.99
C ARG L 28 -5.26 29.01 22.87
N LEU L 29 -4.12 28.45 23.23
CA LEU L 29 -3.27 27.71 22.31
C LEU L 29 -3.27 26.25 22.74
N SER L 30 -3.66 25.36 21.82
CA SER L 30 -3.94 23.96 22.09
C SER L 30 -3.09 23.09 21.24
N GLU L 31 -3.03 21.81 21.60
CA GLU L 31 -2.40 20.80 20.75
C GLU L 31 -2.87 19.43 21.22
N GLY L 32 -3.35 18.62 20.30
CA GLY L 32 -3.94 17.32 20.67
C GLY L 32 -5.12 17.52 21.58
N PHE L 33 -5.09 16.91 22.75
CA PHE L 33 -6.11 17.12 23.78
C PHE L 33 -5.66 18.07 24.94
N SER L 34 -4.59 18.84 24.72
CA SER L 34 -3.98 19.65 25.77
C SER L 34 -4.02 21.13 25.47
N ILE L 35 -3.75 21.90 26.52
CA ILE L 35 -3.62 23.35 26.44
C ILE L 35 -2.16 23.71 26.69
N HIS L 36 -1.53 24.32 25.69
CA HIS L 36 -0.18 24.87 25.84
C HIS L 36 -0.21 26.09 26.74
N THR L 37 -1.06 27.05 26.42
CA THR L 37 -1.22 28.22 27.26
C THR L 37 -2.58 28.84 27.10
N ARG L 38 -3.04 29.47 28.18
CA ARG L 38 -4.28 30.20 28.21
C ARG L 38 -4.14 31.68 27.82
N ASP L 39 -2.93 32.14 27.50
CA ASP L 39 -2.68 33.56 27.24
C ASP L 39 -1.85 33.74 25.95
N SER L 40 -2.47 33.40 24.84
CA SER L 40 -1.83 33.44 23.53
C SER L 40 -2.84 34.05 22.54
N PRO L 41 -2.87 35.38 22.44
CA PRO L 41 -3.77 36.00 21.48
C PRO L 41 -3.31 35.81 20.02
N LYS L 42 -4.25 36.02 19.12
CA LYS L 42 -4.08 35.75 17.71
C LYS L 42 -4.22 36.99 16.86
N CYS L 43 -4.26 38.15 17.55
CA CYS L 43 -4.30 39.45 16.90
CA CYS L 43 -4.32 39.45 16.91
C CYS L 43 -2.91 40.06 16.97
N TYR L 44 -2.48 40.70 15.87
CA TYR L 44 -1.18 41.35 15.76
C TYR L 44 -1.40 42.73 15.16
N LYS L 45 -0.88 43.74 15.84
CA LYS L 45 -0.86 45.10 15.31
C LYS L 45 0.15 45.20 14.17
N LEU L 46 -0.26 45.72 13.03
CA LEU L 46 0.62 45.91 11.87
C LEU L 46 1.00 47.37 11.65
N THR L 47 0.00 48.26 11.65
CA THR L 47 0.20 49.72 11.62
C THR L 47 -0.85 50.33 12.52
N ASP L 48 -0.80 51.65 12.65
CA ASP L 48 -1.77 52.42 13.42
C ASP L 48 -3.25 52.24 12.98
N LYS L 49 -3.48 51.80 11.74
CA LYS L 49 -4.81 51.59 11.20
C LYS L 49 -5.09 50.13 10.82
N THR L 50 -4.20 49.19 11.08
CA THR L 50 -4.41 47.79 10.62
C THR L 50 -3.99 46.76 11.66
N VAL L 51 -4.87 45.79 11.88
CA VAL L 51 -4.61 44.67 12.75
C VAL L 51 -4.90 43.39 11.96
N ILE L 52 -4.13 42.34 12.21
CA ILE L 52 -4.36 41.05 11.57
C ILE L 52 -4.63 39.95 12.61
N GLY L 53 -5.58 39.06 12.30
CA GLY L 53 -5.85 37.88 13.12
C GLY L 53 -5.34 36.66 12.40
N CYS L 54 -4.65 35.78 13.10
CA CYS L 54 -4.07 34.53 12.51
C CYS L 54 -4.30 33.33 13.42
N SER L 55 -4.86 32.26 12.86
CA SER L 55 -5.03 31.02 13.62
C SER L 55 -4.70 29.87 12.73
N GLY L 56 -4.35 28.75 13.35
CA GLY L 56 -4.09 27.54 12.62
C GLY L 56 -2.88 26.89 13.22
N PHE L 57 -1.91 26.58 12.38
CA PHE L 57 -0.65 26.05 12.84
C PHE L 57 0.18 27.22 13.38
N HIS L 58 0.43 27.20 14.69
CA HIS L 58 1.15 28.28 15.36
C HIS L 58 2.56 28.56 14.84
N GLY L 59 3.31 27.53 14.48
CA GLY L 59 4.60 27.72 13.85
C GLY L 59 4.52 28.61 12.61
N ASP L 60 3.49 28.42 11.80
CA ASP L 60 3.30 29.26 10.64
C ASP L 60 2.77 30.63 11.01
N CYS L 61 1.90 30.71 12.02
CA CYS L 61 1.41 32.02 12.45
C CYS L 61 2.56 32.93 12.82
N LEU L 62 3.53 32.38 13.56
CA LEU L 62 4.63 33.13 14.03
C LEU L 62 5.48 33.57 12.86
N THR L 63 5.85 32.64 12.02
CA THR L 63 6.69 32.93 10.88
C THR L 63 6.07 33.96 9.93
N LEU L 64 4.80 33.79 9.61
CA LEU L 64 4.13 34.67 8.70
C LEU L 64 4.03 36.11 9.25
N THR L 65 3.69 36.25 10.54
CA THR L 65 3.59 37.59 11.10
C THR L 65 4.97 38.32 11.13
N LYS L 66 6.04 37.59 11.37
CA LYS L 66 7.37 38.15 11.27
C LYS L 66 7.73 38.57 9.84
N ILE L 67 7.30 37.78 8.86
CA ILE L 67 7.51 38.17 7.47
C ILE L 67 6.77 39.44 7.12
N ILE L 68 5.51 39.52 7.53
CA ILE L 68 4.70 40.70 7.26
C ILE L 68 5.33 41.93 7.87
N GLU L 69 5.77 41.83 9.12
CA GLU L 69 6.42 42.98 9.81
C GLU L 69 7.65 43.45 9.04
N ALA L 70 8.47 42.51 8.57
CA ALA L 70 9.66 42.87 7.81
C ALA L 70 9.27 43.54 6.50
N ARG L 71 8.30 42.98 5.80
CA ARG L 71 7.85 43.51 4.54
C ARG L 71 7.25 44.92 4.63
N LEU L 72 6.59 45.23 5.75
CA LEU L 72 6.05 46.57 5.99
C LEU L 72 7.12 47.63 6.17
N LYS L 73 8.19 47.31 6.89
CA LYS L 73 9.36 48.16 6.95
C LYS L 73 10.04 48.32 5.61
N MET L 74 10.19 47.24 4.87
CA MET L 74 10.79 47.34 3.52
C MET L 74 9.97 48.31 2.66
N TYR L 75 8.65 48.15 2.67
CA TYR L 75 7.76 49.02 1.88
C TYR L 75 7.94 50.47 2.30
N LYS L 76 7.95 50.70 3.61
CA LYS L 76 8.05 52.04 4.14
C LYS L 76 9.39 52.70 3.77
N HIS L 77 10.47 51.94 3.82
CA HIS L 77 11.75 52.43 3.35
C HIS L 77 11.81 52.78 1.87
N SER L 78 11.26 51.94 0.99
CA SER L 78 11.42 52.23 -0.45
C SER L 78 10.37 53.20 -1.04
N ASN L 79 9.22 53.37 -0.36
CA ASN L 79 8.14 54.28 -0.82
C ASN L 79 7.84 55.51 0.07
N ASN L 80 8.38 55.58 1.29
CA ASN L 80 8.18 56.72 2.21
C ASN L 80 6.76 56.97 2.72
N LYS L 81 6.05 55.90 2.96
CA LYS L 81 4.73 55.94 3.62
C LYS L 81 4.43 54.52 4.15
N ALA L 82 3.60 54.44 5.20
CA ALA L 82 3.09 53.18 5.71
C ALA L 82 2.12 52.57 4.70
N MET L 83 2.10 51.23 4.66
CA MET L 83 1.18 50.51 3.79
C MET L 83 -0.24 50.69 4.26
N THR L 84 -1.12 50.84 3.30
CA THR L 84 -2.54 50.86 3.56
C THR L 84 -3.06 49.47 3.88
N THR L 85 -4.25 49.43 4.46
CA THR L 85 -4.95 48.20 4.79
C THR L 85 -5.13 47.34 3.55
N GLY L 86 -5.59 47.97 2.47
CA GLY L 86 -5.76 47.30 1.18
C GLY L 86 -4.48 46.82 0.53
N ALA L 87 -3.41 47.60 0.63
CA ALA L 87 -2.12 47.17 0.12
C ALA L 87 -1.53 45.98 0.90
N ILE L 88 -1.70 45.99 2.22
CA ILE L 88 -1.30 44.85 3.07
C ILE L 88 -2.08 43.58 2.69
N ALA L 89 -3.38 43.74 2.48
CA ALA L 89 -4.20 42.62 2.08
C ALA L 89 -3.66 42.04 0.78
N ALA L 90 -3.41 42.90 -0.20
CA ALA L 90 -2.92 42.47 -1.52
C ALA L 90 -1.53 41.82 -1.45
N MET L 91 -0.66 42.40 -0.63
CA MET L 91 0.67 41.81 -0.40
C MET L 91 0.56 40.44 0.27
N LEU L 92 -0.28 40.34 1.28
CA LEU L 92 -0.45 39.06 1.98
C LEU L 92 -0.89 37.93 1.05
N SER L 93 -1.74 38.24 0.09
CA SER L 93 -2.17 37.27 -0.88
C SER L 93 -1.00 36.70 -1.67
N THR L 94 -0.04 37.54 -2.05
CA THR L 94 1.16 37.05 -2.75
C THR L 94 2.09 36.24 -1.85
N ILE L 95 2.20 36.62 -0.58
CA ILE L 95 3.06 35.90 0.34
C ILE L 95 2.53 34.52 0.55
N LEU L 96 1.23 34.40 0.72
CA LEU L 96 0.62 33.08 0.92
C LEU L 96 0.76 32.20 -0.32
N TYR L 97 0.62 32.80 -1.51
CA TYR L 97 0.70 32.04 -2.78
C TYR L 97 2.13 31.64 -3.06
N SER L 98 3.11 32.39 -2.53
CA SER L 98 4.51 31.94 -2.71
C SER L 98 4.73 30.52 -2.14
N ARG L 99 3.94 30.15 -1.11
CA ARG L 99 3.98 28.80 -0.53
C ARG L 99 2.87 27.86 -1.04
N ARG L 100 2.39 28.09 -2.27
CA ARG L 100 1.31 27.30 -2.85
C ARG L 100 1.56 25.81 -2.81
N PHE L 101 2.79 25.39 -3.00
CA PHE L 101 3.20 23.99 -2.94
C PHE L 101 3.75 23.49 -1.55
N PHE L 102 3.70 24.34 -0.50
CA PHE L 102 3.95 23.95 0.91
C PHE L 102 3.30 25.02 1.81
N PRO L 103 1.99 25.01 1.91
CA PRO L 103 1.31 26.17 2.43
C PRO L 103 1.56 26.50 3.84
N TYR L 104 1.44 27.78 4.14
CA TYR L 104 1.20 28.26 5.49
C TYR L 104 -0.18 27.79 5.93
N TYR L 105 -0.24 27.04 7.03
CA TYR L 105 -1.49 26.55 7.56
C TYR L 105 -2.03 27.60 8.51
N VAL L 106 -2.54 28.68 7.91
CA VAL L 106 -2.99 29.83 8.64
C VAL L 106 -4.29 30.34 8.00
N TYR L 107 -5.28 30.67 8.82
CA TYR L 107 -6.46 31.40 8.40
C TYR L 107 -6.25 32.85 8.90
N ASN L 108 -6.28 33.81 7.97
CA ASN L 108 -5.99 35.20 8.24
C ASN L 108 -7.20 36.07 7.97
N ILE L 109 -7.47 37.00 8.90
CA ILE L 109 -8.43 38.04 8.69
C ILE L 109 -7.77 39.35 9.07
N ILE L 110 -7.77 40.32 8.15
CA ILE L 110 -7.28 41.69 8.39
C ILE L 110 -8.44 42.63 8.71
N GLY L 111 -8.28 43.47 9.72
CA GLY L 111 -9.24 44.51 10.06
C GLY L 111 -8.52 45.83 10.28
N GLY L 112 -9.08 46.89 9.71
CA GLY L 112 -8.50 48.23 9.83
C GLY L 112 -9.34 49.29 9.16
N LEU L 113 -8.76 50.48 8.98
CA LEU L 113 -9.43 51.56 8.26
C LEU L 113 -8.89 51.66 6.85
N ASP L 114 -9.80 51.95 5.91
CA ASP L 114 -9.41 52.20 4.52
C ASP L 114 -8.99 53.67 4.40
N GLU L 115 -8.70 54.13 3.18
CA GLU L 115 -8.19 55.49 2.99
C GLU L 115 -9.23 56.62 3.11
N GLU L 116 -10.51 56.28 2.99
CA GLU L 116 -11.61 57.20 3.37
C GLU L 116 -11.94 57.17 4.88
N GLY L 117 -11.25 56.37 5.68
CA GLY L 117 -11.45 56.31 7.14
C GLY L 117 -12.54 55.33 7.57
N LYS L 118 -13.00 54.52 6.64
CA LYS L 118 -14.06 53.56 6.90
C LYS L 118 -13.51 52.17 7.24
N GLY L 119 -14.29 51.44 8.03
CA GLY L 119 -13.97 50.05 8.38
C GLY L 119 -13.70 49.19 7.18
N ALA L 120 -12.66 48.39 7.26
CA ALA L 120 -12.30 47.45 6.23
C ALA L 120 -11.93 46.10 6.81
N VAL L 121 -12.52 45.04 6.29
CA VAL L 121 -12.17 43.65 6.66
C VAL L 121 -11.80 42.90 5.40
N TYR L 122 -10.67 42.21 5.45
CA TYR L 122 -10.25 41.30 4.38
C TYR L 122 -10.02 39.89 4.94
N SER L 123 -10.55 38.89 4.26
CA SER L 123 -10.45 37.49 4.73
C SER L 123 -9.78 36.63 3.69
N PHE L 124 -8.98 35.67 4.14
CA PHE L 124 -8.07 34.90 3.28
C PHE L 124 -8.22 33.41 3.49
N ASP L 125 -7.98 32.62 2.44
CA ASP L 125 -7.73 31.20 2.59
C ASP L 125 -6.22 31.00 2.78
N PRO L 126 -5.79 29.78 3.14
CA PRO L 126 -4.35 29.58 3.40
C PRO L 126 -3.37 29.89 2.27
N VAL L 127 -3.80 29.82 1.01
CA VAL L 127 -2.94 30.08 -0.15
C VAL L 127 -3.22 31.43 -0.85
N GLY L 128 -3.98 32.32 -0.20
CA GLY L 128 -4.04 33.74 -0.57
C GLY L 128 -5.26 34.27 -1.33
N SER L 129 -6.26 33.41 -1.63
CA SER L 129 -7.56 33.89 -2.13
C SER L 129 -8.10 34.84 -1.07
N TYR L 130 -8.54 36.02 -1.49
CA TYR L 130 -9.12 36.96 -0.53
C TYR L 130 -10.16 37.85 -1.16
N GLN L 131 -10.90 38.52 -0.30
CA GLN L 131 -11.81 39.56 -0.73
C GLN L 131 -12.07 40.46 0.45
N ARG L 132 -12.67 41.60 0.15
CA ARG L 132 -13.19 42.49 1.17
C ARG L 132 -14.56 42.03 1.66
N ASP L 133 -14.79 42.12 2.97
CA ASP L 133 -16.04 41.72 3.60
C ASP L 133 -16.47 42.81 4.54
N SER L 134 -17.73 42.80 4.91
CA SER L 134 -18.27 43.65 5.95
C SER L 134 -17.98 43.07 7.35
N PHE L 135 -17.86 41.75 7.42
CA PHE L 135 -17.60 41.01 8.66
C PHE L 135 -17.20 39.57 8.33
N LYS L 136 -16.42 38.96 9.22
CA LYS L 136 -15.95 37.62 8.97
C LYS L 136 -15.48 36.88 10.21
N ALA L 137 -15.82 35.61 10.32
CA ALA L 137 -15.27 34.75 11.33
C ALA L 137 -14.28 33.78 10.67
N GLY L 138 -13.27 33.39 11.43
CA GLY L 138 -12.32 32.40 10.95
C GLY L 138 -11.78 31.53 12.07
N GLY L 139 -11.10 30.48 11.68
CA GLY L 139 -10.47 29.57 12.62
C GLY L 139 -11.42 28.51 13.09
N SER L 140 -11.14 28.04 14.28
CA SER L 140 -11.69 26.81 14.78
C SER L 140 -13.21 26.83 14.89
N ALA L 141 -13.78 27.90 15.42
CA ALA L 141 -15.22 27.97 15.59
C ALA L 141 -15.90 28.82 14.50
N SER L 142 -15.30 28.96 13.32
CA SER L 142 -15.86 29.89 12.35
C SER L 142 -17.22 29.50 11.87
N ALA L 143 -17.49 28.22 11.75
CA ALA L 143 -18.83 27.77 11.37
C ALA L 143 -19.86 27.99 12.45
N MET L 144 -19.44 28.10 13.70
CA MET L 144 -20.35 28.50 14.76
C MET L 144 -20.61 30.02 14.86
N LEU L 145 -19.65 30.86 14.51
CA LEU L 145 -19.86 32.30 14.59
C LEU L 145 -20.55 32.89 13.37
N GLN L 146 -20.18 32.42 12.20
CA GLN L 146 -20.52 33.09 10.95
C GLN L 146 -22.01 33.18 10.77
N PRO L 147 -22.74 32.08 10.94
CA PRO L 147 -24.18 32.18 10.73
C PRO L 147 -24.92 33.24 11.55
N LEU L 148 -24.57 33.39 12.82
CA LEU L 148 -25.21 34.42 13.64
C LEU L 148 -24.84 35.81 13.13
N LEU L 149 -23.59 36.00 12.70
CA LEU L 149 -23.19 37.30 12.13
C LEU L 149 -23.97 37.55 10.82
N ASP L 150 -24.08 36.57 9.94
CA ASP L 150 -24.89 36.70 8.74
C ASP L 150 -26.28 37.21 9.06
N ASN L 151 -26.85 36.66 10.14
CA ASN L 151 -28.19 36.96 10.56
C ASN L 151 -28.32 38.33 11.22
N GLN L 152 -27.41 38.64 12.14
CA GLN L 152 -27.50 39.83 12.98
C GLN L 152 -26.85 41.09 12.41
N VAL L 153 -25.82 40.94 11.61
CA VAL L 153 -25.13 42.06 10.97
C VAL L 153 -25.56 42.22 9.50
N GLY L 154 -25.72 41.10 8.79
CA GLY L 154 -26.23 41.11 7.40
C GLY L 154 -27.73 41.11 7.25
N PHE L 155 -28.43 40.94 8.38
CA PHE L 155 -29.89 40.92 8.42
C PHE L 155 -30.50 39.80 7.57
N LYS L 156 -29.75 38.72 7.41
CA LYS L 156 -30.18 37.63 6.57
C LYS L 156 -31.33 36.81 7.14
N ASN L 157 -32.20 36.38 6.24
CA ASN L 157 -33.44 35.64 6.57
C ASN L 157 -34.51 36.37 7.40
N MET L 158 -34.34 37.68 7.64
CA MET L 158 -35.27 38.47 8.44
C MET L 158 -36.17 39.37 7.60
N GLN L 159 -37.47 39.34 7.93
CA GLN L 159 -38.50 40.27 7.44
C GLN L 159 -38.89 41.27 8.55
N ASN L 160 -39.42 42.41 8.14
CA ASN L 160 -39.97 43.40 9.09
C ASN L 160 -38.93 43.85 10.17
N VAL L 161 -37.69 44.10 9.72
CA VAL L 161 -36.64 44.78 10.51
C VAL L 161 -36.00 45.92 9.69
N GLU L 162 -35.85 47.11 10.32
CA GLU L 162 -35.12 48.23 9.73
C GLU L 162 -33.62 47.85 9.64
N HIS L 163 -33.08 47.90 8.42
CA HIS L 163 -31.64 47.64 8.16
C HIS L 163 -30.82 48.88 8.61
N VAL L 164 -30.66 49.05 9.93
CA VAL L 164 -29.90 50.19 10.50
C VAL L 164 -28.36 50.03 10.38
N PRO L 165 -27.61 51.16 10.51
CA PRO L 165 -26.14 51.05 10.56
C PRO L 165 -25.63 50.48 11.90
N LEU L 166 -24.47 49.84 11.84
CA LEU L 166 -23.94 49.11 12.98
C LEU L 166 -23.21 50.05 13.96
N SER L 167 -23.75 50.23 15.14
CA SER L 167 -23.02 50.96 16.20
C SER L 167 -21.89 50.09 16.77
N LEU L 168 -20.89 50.77 17.32
CA LEU L 168 -19.78 50.10 18.01
C LEU L 168 -20.31 49.29 19.19
N ASP L 169 -21.21 49.86 19.98
CA ASP L 169 -21.84 49.16 21.10
C ASP L 169 -22.48 47.85 20.68
N ARG L 170 -23.34 47.93 19.66
CA ARG L 170 -24.02 46.74 19.20
C ARG L 170 -23.01 45.70 18.73
N ALA L 171 -22.01 46.14 17.96
CA ALA L 171 -21.02 45.22 17.41
C ALA L 171 -20.18 44.58 18.51
N MET L 172 -19.90 45.35 19.53
CA MET L 172 -19.19 44.90 20.72
C MET L 172 -19.95 43.79 21.48
N ARG L 173 -21.23 44.04 21.72
CA ARG L 173 -22.13 43.09 22.35
C ARG L 173 -22.18 41.80 21.53
N LEU L 174 -22.25 41.91 20.20
CA LEU L 174 -22.28 40.76 19.28
C LEU L 174 -21.02 39.91 19.36
N VAL L 175 -19.87 40.57 19.34
CA VAL L 175 -18.59 39.88 19.38
C VAL L 175 -18.49 39.04 20.64
N LYS L 176 -18.84 39.63 21.78
CA LYS L 176 -18.80 38.90 23.04
C LYS L 176 -19.79 37.72 23.08
N ASP L 177 -21.01 37.92 22.60
CA ASP L 177 -22.01 36.86 22.61
C ASP L 177 -21.64 35.64 21.73
N VAL L 178 -21.02 35.86 20.56
CA VAL L 178 -20.67 34.74 19.71
C VAL L 178 -19.47 33.99 20.21
N PHE L 179 -18.53 34.67 20.86
CA PHE L 179 -17.39 34.00 21.48
C PHE L 179 -17.81 33.19 22.71
N ILE L 180 -18.74 33.74 23.47
CA ILE L 180 -19.28 33.04 24.61
C ILE L 180 -20.09 31.83 24.16
N SER L 181 -20.87 31.98 23.09
CA SER L 181 -21.58 30.83 22.48
C SER L 181 -20.63 29.78 21.93
N ALA L 182 -19.56 30.24 21.31
CA ALA L 182 -18.58 29.33 20.75
C ALA L 182 -17.82 28.59 21.83
N ALA L 183 -17.51 29.26 22.94
CA ALA L 183 -16.78 28.62 24.03
C ALA L 183 -17.56 27.44 24.65
N GLU L 184 -18.89 27.45 24.55
CA GLU L 184 -19.73 26.34 25.01
C GLU L 184 -19.57 25.07 24.19
N ARG L 185 -19.18 25.18 22.93
CA ARG L 185 -19.24 24.04 22.03
C ARG L 185 -17.94 23.63 21.34
N ASP L 186 -17.07 24.58 21.02
CA ASP L 186 -15.77 24.27 20.43
C ASP L 186 -14.79 24.10 21.59
N VAL L 187 -14.18 22.90 21.65
CA VAL L 187 -13.21 22.58 22.72
C VAL L 187 -11.96 23.46 22.63
N TYR L 188 -11.63 23.95 21.44
CA TYR L 188 -10.47 24.80 21.25
C TYR L 188 -10.65 26.29 21.62
N THR L 189 -11.89 26.75 21.76
CA THR L 189 -12.13 28.15 22.05
C THR L 189 -12.46 28.33 23.51
N GLY L 190 -11.66 29.15 24.17
CA GLY L 190 -11.91 29.45 25.58
C GLY L 190 -10.88 30.36 26.21
N ASP L 191 -10.86 30.34 27.54
CA ASP L 191 -9.93 31.11 28.40
C ASP L 191 -10.22 32.60 28.42
N ALA L 192 -9.98 33.29 27.32
CA ALA L 192 -10.28 34.71 27.26
C ALA L 192 -10.48 35.18 25.83
N LEU L 193 -11.23 36.27 25.70
CA LEU L 193 -11.47 36.96 24.42
C LEU L 193 -10.71 38.30 24.43
N ARG L 194 -9.84 38.50 23.45
CA ARG L 194 -9.11 39.76 23.28
C ARG L 194 -9.78 40.48 22.12
N ILE L 195 -10.15 41.75 22.33
CA ILE L 195 -10.78 42.60 21.32
C ILE L 195 -9.95 43.87 21.04
N CYS L 196 -9.64 44.11 19.76
CA CYS L 196 -8.95 45.32 19.30
C CYS L 196 -9.94 46.18 18.53
N ILE L 197 -10.05 47.45 18.90
CA ILE L 197 -10.94 48.40 18.23
C ILE L 197 -10.10 49.47 17.53
N VAL L 198 -10.16 49.47 16.20
CA VAL L 198 -9.40 50.41 15.40
C VAL L 198 -10.30 51.56 14.98
N THR L 199 -9.89 52.78 15.38
CA THR L 199 -10.54 54.04 14.97
C THR L 199 -9.46 55.04 14.52
N LYS L 200 -9.85 56.23 14.08
CA LYS L 200 -8.89 57.26 13.74
C LYS L 200 -8.06 57.73 14.95
N GLU L 201 -8.63 57.60 16.16
CA GLU L 201 -7.94 57.90 17.39
C GLU L 201 -6.80 56.91 17.70
N GLY L 202 -6.89 55.69 17.20
CA GLY L 202 -5.86 54.67 17.40
C GLY L 202 -6.50 53.33 17.66
N ILE L 203 -5.81 52.47 18.41
CA ILE L 203 -6.22 51.10 18.63
C ILE L 203 -6.31 50.86 20.12
N ARG L 204 -7.50 50.59 20.63
CA ARG L 204 -7.63 50.19 22.03
C ARG L 204 -8.07 48.72 22.19
N GLU L 205 -7.91 48.24 23.41
CA GLU L 205 -7.89 46.84 23.76
C GLU L 205 -8.87 46.61 24.88
N GLU L 206 -9.86 45.72 24.68
CA GLU L 206 -10.67 45.13 25.76
C GLU L 206 -10.33 43.64 25.90
N THR L 207 -10.49 43.11 27.10
CA THR L 207 -10.46 41.66 27.27
C THR L 207 -11.57 41.17 28.21
N VAL L 208 -12.22 40.07 27.81
CA VAL L 208 -13.32 39.43 28.55
C VAL L 208 -12.92 38.00 28.89
N SER L 209 -13.32 37.55 30.09
CA SER L 209 -13.07 36.19 30.50
C SER L 209 -14.00 35.20 29.75
N LEU L 210 -13.46 34.06 29.35
CA LEU L 210 -14.25 32.95 28.82
C LEU L 210 -14.07 31.73 29.71
N ARG L 211 -14.89 30.72 29.47
CA ARG L 211 -14.77 29.41 30.14
C ARG L 211 -13.38 28.75 30.02
N LYS L 212 -12.87 28.25 31.14
CA LYS L 212 -11.55 27.61 31.22
C LYS L 212 -11.50 26.10 30.96
N ASP L 213 -12.67 25.45 30.82
CA ASP L 213 -12.74 23.97 30.54
C ASP L 213 -12.63 23.58 29.06
N THR M 1 17.06 14.80 11.49
CA THR M 1 16.61 13.49 12.02
C THR M 1 15.24 13.14 11.53
N GLN M 2 15.15 12.08 10.76
CA GLN M 2 13.88 11.38 10.48
C GLN M 2 13.45 10.42 11.63
N ASN M 3 14.42 9.85 12.32
CA ASN M 3 14.23 8.75 13.24
C ASN M 3 15.06 9.00 14.51
N PRO M 4 14.43 9.43 15.59
CA PRO M 4 15.21 9.71 16.78
C PRO M 4 15.84 8.43 17.33
N MET M 5 17.02 8.55 17.93
CA MET M 5 17.75 7.41 18.41
C MET M 5 17.74 7.48 19.95
N VAL M 6 18.82 7.94 20.59
CA VAL M 6 18.82 8.12 22.02
C VAL M 6 18.02 9.34 22.35
N THR M 7 17.04 9.22 23.25
CA THR M 7 16.11 10.31 23.58
C THR M 7 15.99 10.61 25.10
N GLY M 8 15.62 11.84 25.42
CA GLY M 8 15.35 12.22 26.77
C GLY M 8 13.89 12.54 26.88
N THR M 9 13.34 12.35 28.09
CA THR M 9 11.92 12.54 28.35
C THR M 9 11.66 14.00 28.80
N SER M 10 10.66 14.21 29.64
CA SER M 10 10.17 15.53 30.02
C SER M 10 11.18 16.54 30.57
N VAL M 11 10.90 17.81 30.31
CA VAL M 11 11.60 18.92 30.91
C VAL M 11 10.49 19.77 31.50
N LEU M 12 10.70 20.24 32.73
CA LEU M 12 9.78 21.14 33.43
C LEU M 12 10.42 22.50 33.62
N GLY M 13 9.58 23.52 33.75
CA GLY M 13 10.00 24.86 34.13
C GLY M 13 8.90 25.63 34.82
N VAL M 14 9.28 26.41 35.82
CA VAL M 14 8.36 27.33 36.46
C VAL M 14 9.07 28.67 36.82
N LYS M 15 8.35 29.78 36.70
CA LYS M 15 8.82 31.07 37.14
C LYS M 15 8.58 31.25 38.61
N PHE M 16 9.49 31.97 39.25
CA PHE M 16 9.35 32.40 40.64
C PHE M 16 9.81 33.84 40.76
N GLU M 17 9.53 34.46 41.90
CA GLU M 17 9.96 35.83 42.16
C GLU M 17 11.49 35.96 42.20
N GLY M 18 12.07 36.48 41.12
CA GLY M 18 13.53 36.66 41.01
C GLY M 18 14.24 35.60 40.19
N GLY M 19 13.50 34.80 39.41
CA GLY M 19 14.13 33.74 38.64
C GLY M 19 13.22 32.74 37.98
N VAL M 20 13.85 31.67 37.52
CA VAL M 20 13.19 30.55 36.88
C VAL M 20 13.96 29.30 37.27
N VAL M 21 13.23 28.19 37.36
CA VAL M 21 13.84 26.90 37.65
C VAL M 21 13.38 25.89 36.58
N ILE M 22 14.30 25.07 36.09
CA ILE M 22 13.97 24.01 35.20
C ILE M 22 14.56 22.71 35.72
N ALA M 23 13.96 21.60 35.32
CA ALA M 23 14.39 20.29 35.80
C ALA M 23 14.28 19.25 34.71
N ALA M 24 15.19 18.30 34.73
CA ALA M 24 15.18 17.23 33.80
C ALA M 24 16.02 16.11 34.34
N ASP M 25 15.55 14.88 34.08
CA ASP M 25 16.23 13.70 34.53
C ASP M 25 17.47 13.49 33.66
N MET M 26 18.33 12.59 34.10
CA MET M 26 19.65 12.42 33.50
C MET M 26 19.75 11.17 32.62
N LEU M 27 18.64 10.82 31.96
CA LEU M 27 18.57 9.59 31.15
C LEU M 27 18.49 9.82 29.64
N GLY M 28 19.34 9.09 28.92
CA GLY M 28 19.18 8.87 27.50
C GLY M 28 18.64 7.46 27.24
N SER M 29 17.39 7.37 26.79
CA SER M 29 16.76 6.06 26.46
C SER M 29 16.92 5.74 24.99
N TYR M 30 17.01 4.45 24.68
CA TYR M 30 17.15 3.93 23.36
C TYR M 30 16.01 2.98 23.22
N GLY M 31 14.91 3.51 22.69
CA GLY M 31 13.64 2.83 22.78
C GLY M 31 13.31 2.74 24.28
N SER M 32 12.94 1.54 24.73
CA SER M 32 12.59 1.36 26.14
C SER M 32 13.84 1.16 27.02
N LEU M 33 14.99 0.78 26.42
CA LEU M 33 16.24 0.62 27.13
C LEU M 33 16.72 1.94 27.78
N ALA M 34 16.92 1.91 29.10
CA ALA M 34 17.58 3.00 29.84
C ALA M 34 19.08 2.86 29.59
N ARG M 35 19.59 3.49 28.53
CA ARG M 35 20.90 3.19 28.00
C ARG M 35 22.02 4.03 28.60
N PHE M 36 21.85 5.35 28.62
CA PHE M 36 22.89 6.31 29.08
C PHE M 36 22.33 7.03 30.27
N ARG M 37 22.81 6.63 31.44
CA ARG M 37 22.19 6.98 32.71
C ARG M 37 22.78 8.16 33.46
N ASN M 38 23.81 8.78 32.91
CA ASN M 38 24.35 9.99 33.56
C ASN M 38 24.65 11.09 32.56
N ILE M 39 23.64 11.53 31.80
CA ILE M 39 23.85 12.59 30.81
C ILE M 39 23.06 13.80 31.28
N SER M 40 23.61 15.00 31.07
CA SER M 40 22.89 16.24 31.35
C SER M 40 22.09 16.66 30.11
N ARG M 41 20.82 17.01 30.34
CA ARG M 41 19.93 17.46 29.33
C ARG M 41 19.63 18.94 29.51
N ILE M 42 20.45 19.58 30.33
CA ILE M 42 20.39 21.01 30.56
C ILE M 42 21.70 21.67 30.12
N MET M 43 21.56 22.90 29.66
CA MET M 43 22.68 23.70 29.18
C MET M 43 22.59 25.10 29.76
N ARG M 44 23.70 25.60 30.29
CA ARG M 44 23.85 27.02 30.52
C ARG M 44 24.16 27.63 29.17
N VAL M 45 23.31 28.53 28.70
CA VAL M 45 23.60 29.25 27.45
C VAL M 45 24.57 30.44 27.71
N ASN M 46 24.16 31.37 28.57
CA ASN M 46 25.03 32.45 29.00
C ASN M 46 24.62 32.78 30.44
N ASN M 47 25.00 33.93 30.97
CA ASN M 47 24.67 34.25 32.36
C ASN M 47 23.20 34.42 32.69
N SER M 48 22.40 34.79 31.71
CA SER M 48 21.02 35.12 31.91
C SER M 48 20.08 33.96 31.48
N THR M 49 20.63 32.92 30.85
CA THR M 49 19.81 32.00 30.07
C THR M 49 20.27 30.56 30.18
N MET M 50 19.29 29.68 30.34
CA MET M 50 19.49 28.23 30.31
C MET M 50 18.43 27.56 29.46
N LEU M 51 18.72 26.31 29.13
CA LEU M 51 17.94 25.55 28.19
C LEU M 51 17.93 24.07 28.63
N GLY M 52 16.73 23.47 28.65
CA GLY M 52 16.59 21.99 28.79
C GLY M 52 15.89 21.36 27.58
N ALA M 53 16.31 20.19 27.17
CA ALA M 53 15.80 19.54 25.95
C ALA M 53 15.29 18.12 26.15
N SER M 54 14.06 17.87 25.70
CA SER M 54 13.52 16.54 25.41
C SER M 54 13.84 16.17 24.00
N GLY M 55 13.73 14.88 23.70
CA GLY M 55 13.89 14.37 22.38
C GLY M 55 15.28 13.91 22.10
N ASP M 56 15.64 13.88 20.81
CA ASP M 56 16.89 13.30 20.34
C ASP M 56 18.15 13.99 20.91
N TYR M 57 18.97 13.22 21.60
CA TYR M 57 20.07 13.74 22.34
C TYR M 57 21.20 14.21 21.45
N ALA M 58 21.46 13.50 20.37
CA ALA M 58 22.43 13.97 19.37
C ALA M 58 22.06 15.35 18.81
N ASP M 59 20.77 15.54 18.48
CA ASP M 59 20.29 16.84 18.06
C ASP M 59 20.46 17.92 19.13
N PHE M 60 20.19 17.57 20.38
CA PHE M 60 20.48 18.50 21.45
C PHE M 60 21.98 18.91 21.52
N GLN M 61 22.90 17.95 21.36
CA GLN M 61 24.32 18.20 21.43
C GLN M 61 24.73 19.13 20.29
N TYR M 62 24.06 19.01 19.16
CA TYR M 62 24.33 19.86 18.00
C TYR M 62 23.89 21.28 18.31
N LEU M 63 22.71 21.46 18.87
CA LEU M 63 22.26 22.75 19.27
C LEU M 63 23.17 23.37 20.32
N LYS M 64 23.65 22.59 21.29
CA LYS M 64 24.63 23.04 22.29
C LYS M 64 25.89 23.58 21.66
N GLN M 65 26.43 22.81 20.71
CA GLN M 65 27.60 23.22 19.97
C GLN M 65 27.35 24.56 19.22
N VAL M 66 26.21 24.71 18.59
CA VAL M 66 25.95 25.90 17.77
C VAL M 66 25.76 27.10 18.68
N LEU M 67 24.90 26.93 19.67
CA LEU M 67 24.52 27.98 20.60
C LEU M 67 25.71 28.39 21.47
N GLY M 68 26.51 27.43 21.88
CA GLY M 68 27.73 27.75 22.60
C GLY M 68 28.69 28.60 21.80
N GLN M 69 28.85 28.29 20.53
CA GLN M 69 29.75 29.04 19.67
C GLN M 69 29.20 30.44 19.37
N MET M 70 27.88 30.60 19.27
CA MET M 70 27.29 31.93 19.15
C MET M 70 27.58 32.83 20.34
N VAL M 71 27.50 32.27 21.53
CA VAL M 71 27.69 33.03 22.75
C VAL M 71 29.15 33.41 22.83
N ILE M 72 30.08 32.49 22.51
CA ILE M 72 31.52 32.85 22.44
C ILE M 72 31.74 34.01 21.44
N ASP M 73 31.26 33.86 20.19
CA ASP M 73 31.34 34.90 19.13
C ASP M 73 30.93 36.27 19.64
N GLU M 74 29.82 36.30 20.37
CA GLU M 74 29.32 37.52 20.93
C GLU M 74 30.16 38.08 22.05
N GLU M 75 30.70 37.24 22.93
CA GLU M 75 31.60 37.71 24.02
C GLU M 75 32.95 38.21 23.53
N LEU M 76 33.42 37.72 22.39
CA LEU M 76 34.65 38.22 21.81
C LEU M 76 34.56 39.71 21.52
N LEU M 77 33.37 40.22 21.24
CA LEU M 77 33.24 41.63 20.88
C LEU M 77 33.38 42.57 22.08
N GLY M 78 33.09 42.08 23.29
CA GLY M 78 33.07 42.90 24.50
C GLY M 78 32.49 44.27 24.30
N ASP M 79 31.30 44.33 23.73
CA ASP M 79 30.68 45.57 23.30
C ASP M 79 29.50 45.96 24.18
N GLY M 80 29.30 45.30 25.31
CA GLY M 80 28.20 45.65 26.22
C GLY M 80 26.82 45.14 25.88
N HIS M 81 26.70 44.28 24.88
CA HIS M 81 25.42 43.74 24.48
C HIS M 81 25.52 42.26 24.59
N SER M 82 24.41 41.65 24.99
CA SER M 82 24.33 40.22 25.21
C SER M 82 23.02 39.71 24.76
N TYR M 83 23.02 38.50 24.21
CA TYR M 83 21.78 37.87 23.90
C TYR M 83 20.94 37.70 25.19
N SER M 84 19.75 38.31 25.19
CA SER M 84 18.75 38.10 26.22
C SER M 84 18.11 36.69 26.11
N PRO M 85 17.41 36.24 27.15
CA PRO M 85 16.71 34.96 27.07
C PRO M 85 15.69 34.94 25.93
N ARG M 86 14.98 36.04 25.79
CA ARG M 86 14.03 36.26 24.70
C ARG M 86 14.64 36.17 23.31
N ALA M 87 15.86 36.67 23.17
CA ALA M 87 16.60 36.60 21.90
C ALA M 87 17.01 35.20 21.54
N ILE M 88 17.51 34.47 22.55
CA ILE M 88 17.85 33.03 22.37
C ILE M 88 16.60 32.22 22.01
N HIS M 89 15.50 32.50 22.70
CA HIS M 89 14.24 31.84 22.38
C HIS M 89 13.77 32.14 20.93
N SER M 90 13.88 33.40 20.50
CA SER M 90 13.56 33.79 19.11
C SER M 90 14.43 33.05 18.14
N TRP M 91 15.73 33.06 18.39
CA TRP M 91 16.67 32.38 17.52
C TRP M 91 16.29 30.89 17.39
N LEU M 92 15.96 30.26 18.52
CA LEU M 92 15.65 28.85 18.52
C LEU M 92 14.34 28.53 17.76
N THR M 93 13.31 29.38 17.92
CA THR M 93 12.12 29.26 17.13
C THR M 93 12.49 29.27 15.65
N ARG M 94 13.39 30.15 15.22
CA ARG M 94 13.72 30.27 13.82
C ARG M 94 14.48 29.08 13.33
N ALA M 95 15.45 28.61 14.11
CA ALA M 95 16.22 27.45 13.71
C ALA M 95 15.33 26.18 13.62
N MET M 96 14.45 25.95 14.59
CA MET M 96 13.56 24.79 14.50
C MET M 96 12.59 24.89 13.31
N TYR M 97 11.96 26.04 13.15
CA TYR M 97 11.04 26.26 12.02
C TYR M 97 11.69 25.99 10.66
N SER M 98 12.88 26.52 10.53
CA SER M 98 13.66 26.41 9.33
C SER M 98 14.02 24.95 9.00
N ARG M 99 14.46 24.21 10.00
CA ARG M 99 14.75 22.79 9.82
C ARG M 99 13.50 21.97 9.51
N ARG M 100 12.38 22.29 10.19
CA ARG M 100 11.08 21.73 9.88
C ARG M 100 10.67 22.02 8.42
N SER M 101 10.91 23.24 7.94
CA SER M 101 10.51 23.62 6.58
C SER M 101 11.38 23.00 5.49
N LYS M 102 12.54 22.47 5.85
CA LYS M 102 13.33 21.60 4.98
C LYS M 102 13.03 20.12 5.13
N MET M 103 12.02 19.75 5.92
CA MET M 103 11.61 18.34 6.14
C MET M 103 12.73 17.52 6.78
N ASN M 104 13.50 18.19 7.64
CA ASN M 104 14.64 17.58 8.28
C ASN M 104 14.77 18.20 9.66
N PRO M 105 13.81 17.90 10.52
CA PRO M 105 13.76 18.58 11.80
C PRO M 105 14.92 18.19 12.72
N LEU M 106 15.13 19.05 13.70
CA LEU M 106 15.89 18.72 14.90
C LEU M 106 14.84 18.21 15.87
N TRP M 107 14.98 16.93 16.27
CA TRP M 107 13.90 16.22 16.94
C TRP M 107 13.87 16.54 18.47
N ASN M 108 13.49 17.76 18.82
CA ASN M 108 13.56 18.22 20.17
C ASN M 108 12.40 19.08 20.54
N THR M 109 12.08 19.06 21.85
CA THR M 109 11.19 20.03 22.44
C THR M 109 11.96 20.69 23.56
N MET M 110 11.93 22.03 23.59
CA MET M 110 12.79 22.76 24.49
C MET M 110 12.12 23.77 25.34
N VAL M 111 12.70 23.91 26.55
CA VAL M 111 12.32 24.88 27.55
C VAL M 111 13.53 25.81 27.80
N ILE M 112 13.34 27.10 27.59
CA ILE M 112 14.33 28.16 27.79
C ILE M 112 13.90 28.94 29.00
N GLY M 113 14.81 29.03 29.97
CA GLY M 113 14.58 29.75 31.19
C GLY M 113 15.57 30.89 31.26
N GLY M 114 15.16 32.01 31.82
CA GLY M 114 16.06 33.15 31.89
C GLY M 114 15.70 34.18 32.89
N TYR M 115 16.68 35.01 33.22
CA TYR M 115 16.43 36.16 34.04
C TYR M 115 17.25 37.35 33.54
N ALA M 116 16.57 38.45 33.26
CA ALA M 116 17.21 39.65 32.70
C ALA M 116 16.36 40.88 32.97
N ASP M 117 16.99 41.94 33.49
CA ASP M 117 16.33 43.25 33.74
C ASP M 117 15.13 43.18 34.69
N GLY M 118 15.23 42.44 35.79
CA GLY M 118 14.08 42.22 36.67
C GLY M 118 12.93 41.30 36.24
N GLU M 119 12.99 40.71 35.06
CA GLU M 119 11.88 39.92 34.50
C GLU M 119 12.29 38.44 34.38
N SER M 120 11.45 37.52 34.85
CA SER M 120 11.66 36.08 34.64
C SER M 120 11.15 35.70 33.27
N PHE M 121 11.96 34.96 32.52
CA PHE M 121 11.60 34.48 31.21
C PHE M 121 11.48 32.95 31.17
N LEU M 122 10.40 32.46 30.58
CA LEU M 122 10.24 31.03 30.36
C LEU M 122 9.54 30.81 29.02
N GLY M 123 10.18 30.05 28.15
CA GLY M 123 9.64 29.87 26.82
C GLY M 123 9.83 28.45 26.31
N TYR M 124 8.88 28.04 25.49
CA TYR M 124 8.82 26.72 24.85
C TYR M 124 9.10 26.83 23.37
N VAL M 125 9.84 25.88 22.82
CA VAL M 125 9.98 25.74 21.37
C VAL M 125 9.95 24.27 21.02
N ASP M 126 9.13 23.87 20.06
CA ASP M 126 9.10 22.46 19.60
C ASP M 126 9.74 22.30 18.24
N MET M 127 9.76 21.05 17.75
CA MET M 127 10.47 20.74 16.52
C MET M 127 9.81 21.27 15.27
N LEU M 128 8.60 21.75 15.39
CA LEU M 128 7.94 22.38 14.29
C LEU M 128 8.02 23.92 14.30
N GLY M 129 8.73 24.51 15.28
CA GLY M 129 8.73 25.96 15.49
C GLY M 129 7.52 26.54 16.21
N VAL M 130 6.73 25.70 16.87
CA VAL M 130 5.67 26.19 17.76
C VAL M 130 6.40 26.73 18.99
N ALA M 131 6.10 27.98 19.31
CA ALA M 131 6.74 28.64 20.42
C ALA M 131 5.80 29.58 21.14
N TYR M 132 5.98 29.71 22.44
CA TYR M 132 5.20 30.60 23.23
C TYR M 132 5.88 30.78 24.57
N GLU M 133 5.33 31.68 25.38
CA GLU M 133 5.85 31.87 26.74
C GLU M 133 4.72 31.58 27.74
N ALA M 134 5.07 31.04 28.90
CA ALA M 134 4.10 30.82 29.97
C ALA M 134 4.75 30.83 31.32
N PRO M 135 3.94 31.01 32.39
CA PRO M 135 4.46 30.95 33.77
C PRO M 135 5.03 29.59 34.16
N SER M 136 4.50 28.52 33.56
CA SER M 136 5.04 27.16 33.72
C SER M 136 4.93 26.34 32.42
N LEU M 137 5.87 25.42 32.25
CA LEU M 137 5.98 24.61 31.09
C LEU M 137 6.33 23.21 31.48
N ALA M 138 5.94 22.26 30.64
CA ALA M 138 6.29 20.85 30.81
C ALA M 138 6.15 20.10 29.47
N THR M 139 7.25 19.48 29.03
CA THR M 139 7.26 18.75 27.81
C THR M 139 6.97 17.26 28.05
N GLY M 140 6.61 16.56 26.98
CA GLY M 140 6.42 15.14 26.98
C GLY M 140 5.30 14.72 27.94
N TYR M 141 5.52 13.63 28.67
CA TYR M 141 4.56 13.22 29.68
C TYR M 141 4.31 14.31 30.74
N GLY M 142 5.28 15.19 30.93
CA GLY M 142 5.08 16.33 31.81
C GLY M 142 3.87 17.18 31.48
N ALA M 143 3.56 17.28 30.21
CA ALA M 143 2.38 18.05 29.80
C ALA M 143 1.10 17.48 30.41
N TYR M 144 1.04 16.15 30.57
CA TYR M 144 -0.16 15.47 31.08
C TYR M 144 -0.17 15.28 32.56
N LEU M 145 1.02 15.09 33.16
CA LEU M 145 1.18 14.74 34.57
C LEU M 145 1.62 15.92 35.43
N ALA M 146 2.57 16.74 34.98
CA ALA M 146 3.11 17.84 35.80
C ALA M 146 2.36 19.13 35.65
N GLN M 147 2.10 19.50 34.41
CA GLN M 147 1.48 20.81 34.13
C GLN M 147 0.15 21.02 34.84
N PRO M 148 -0.70 19.97 34.97
CA PRO M 148 -1.92 20.20 35.72
C PRO M 148 -1.68 20.61 37.18
N LEU M 149 -0.67 20.01 37.81
CA LEU M 149 -0.28 20.39 39.16
C LEU M 149 0.31 21.82 39.21
N LEU M 150 1.26 22.10 38.31
CA LEU M 150 1.86 23.40 38.24
C LEU M 150 0.80 24.49 38.10
N ARG M 151 -0.13 24.34 37.17
CA ARG M 151 -1.13 25.38 36.90
C ARG M 151 -2.15 25.50 37.99
N GLU M 152 -2.42 24.42 38.73
CA GLU M 152 -3.35 24.51 39.84
C GLU M 152 -2.79 25.43 40.94
N VAL M 153 -1.50 25.24 41.26
CA VAL M 153 -0.80 26.08 42.23
C VAL M 153 -0.79 27.54 41.75
N LEU M 154 -0.31 27.74 40.54
CA LEU M 154 -0.20 29.08 39.94
C LEU M 154 -1.49 29.88 39.74
N GLU M 155 -2.66 29.24 39.84
CA GLU M 155 -3.98 29.93 39.75
C GLU M 155 -4.40 30.36 41.14
N LYS M 156 -4.15 29.53 42.14
CA LYS M 156 -4.26 29.96 43.56
C LYS M 156 -3.25 31.07 43.96
N GLN M 157 -2.07 31.07 43.33
CA GLN M 157 -0.94 31.88 43.80
C GLN M 157 0.05 32.11 42.66
N PRO M 158 -0.21 33.13 41.84
CA PRO M 158 0.62 33.40 40.65
C PRO M 158 2.11 33.71 40.92
N VAL M 159 2.44 34.22 42.11
CA VAL M 159 3.83 34.56 42.47
C VAL M 159 4.31 33.55 43.52
N LEU M 160 5.33 32.79 43.15
CA LEU M 160 5.93 31.76 44.01
C LEU M 160 7.28 32.26 44.48
N SER M 161 7.65 31.83 45.68
CA SER M 161 9.01 32.00 46.12
C SER M 161 9.88 30.95 45.45
N GLN M 162 11.20 31.16 45.48
CA GLN M 162 12.13 30.20 44.96
C GLN M 162 11.96 28.81 45.60
N THR M 163 11.72 28.74 46.91
CA THR M 163 11.70 27.46 47.58
C THR M 163 10.35 26.73 47.31
N GLU M 164 9.24 27.49 47.29
CA GLU M 164 7.94 26.97 46.81
C GLU M 164 8.00 26.35 45.39
N ALA M 165 8.69 27.03 44.47
CA ALA M 165 8.89 26.58 43.10
C ALA M 165 9.76 25.35 43.01
N ARG M 166 10.81 25.32 43.82
CA ARG M 166 11.67 24.15 43.94
C ARG M 166 10.91 22.91 44.52
N ASP M 167 10.11 23.07 45.57
CA ASP M 167 9.39 21.94 46.15
CA ASP M 167 9.36 21.92 46.13
C ASP M 167 8.29 21.41 45.19
N LEU M 168 7.67 22.34 44.47
CA LEU M 168 6.66 22.02 43.49
C LEU M 168 7.24 21.20 42.34
N VAL M 169 8.44 21.59 41.89
CA VAL M 169 9.17 20.84 40.90
C VAL M 169 9.51 19.46 41.38
N GLU M 170 10.05 19.31 42.57
CA GLU M 170 10.35 17.99 43.13
C GLU M 170 9.11 17.07 43.14
N ARG M 171 7.96 17.63 43.51
CA ARG M 171 6.68 16.93 43.56
C ARG M 171 6.27 16.47 42.15
N CYS M 172 6.47 17.30 41.14
CA CYS M 172 6.24 16.90 39.74
C CYS M 172 7.21 15.84 39.28
N MET M 173 8.48 15.95 39.66
CA MET M 173 9.45 14.93 39.25
C MET M 173 9.14 13.55 39.87
N ARG M 174 8.55 13.55 41.07
CA ARG M 174 8.09 12.33 41.70
C ARG M 174 6.94 11.66 40.91
N VAL M 175 5.91 12.44 40.59
CA VAL M 175 4.79 11.95 39.79
C VAL M 175 5.26 11.37 38.45
N LEU M 176 6.26 12.00 37.84
CA LEU M 176 6.83 11.50 36.58
C LEU M 176 7.58 10.18 36.73
N TYR M 177 8.30 10.04 37.84
CA TYR M 177 9.03 8.82 38.11
C TYR M 177 8.03 7.68 38.34
N TYR M 178 6.89 7.98 38.94
CA TYR M 178 5.86 6.98 39.17
C TYR M 178 5.15 6.50 37.86
N ARG M 179 4.98 7.41 36.90
CA ARG M 179 4.00 7.24 35.82
C ARG M 179 4.48 7.36 34.37
N ASP M 180 5.73 7.76 34.17
CA ASP M 180 6.39 7.77 32.88
C ASP M 180 7.40 6.64 32.82
N ALA M 181 7.15 5.64 31.98
CA ALA M 181 8.03 4.49 31.82
C ALA M 181 9.39 4.79 31.18
N ARG M 182 9.63 6.02 30.73
CA ARG M 182 10.93 6.41 30.24
C ARG M 182 11.60 7.36 31.21
N SER M 183 11.06 7.53 32.42
CA SER M 183 11.73 8.39 33.40
C SER M 183 12.83 7.67 34.18
N TYR M 184 13.56 8.45 34.97
CA TYR M 184 14.72 7.95 35.74
C TYR M 184 14.82 8.79 37.02
N ASN M 185 15.10 8.14 38.15
CA ASN M 185 15.11 8.87 39.43
C ASN M 185 16.41 9.51 39.80
N ARG M 186 17.07 10.14 38.86
CA ARG M 186 18.31 10.87 39.03
C ARG M 186 18.11 12.07 38.13
N PHE M 187 18.01 13.27 38.71
CA PHE M 187 17.73 14.46 37.92
C PHE M 187 18.56 15.68 38.32
N GLN M 188 18.52 16.70 37.47
CA GLN M 188 19.16 17.98 37.76
C GLN M 188 18.07 19.01 37.84
N ILE M 189 18.36 19.99 38.66
CA ILE M 189 17.63 21.22 38.71
C ILE M 189 18.59 22.35 38.36
N ALA M 190 18.13 23.26 37.50
CA ALA M 190 18.88 24.44 37.14
C ALA M 190 18.08 25.66 37.47
N THR M 191 18.76 26.67 37.97
CA THR M 191 18.10 27.85 38.45
C THR M 191 18.81 29.09 37.88
N VAL M 192 18.04 30.06 37.42
CA VAL M 192 18.58 31.33 36.97
C VAL M 192 18.00 32.42 37.82
N THR M 193 18.87 33.30 38.31
CA THR M 193 18.52 34.51 39.06
C THR M 193 19.46 35.67 38.62
N GLU M 194 19.33 36.83 39.26
CA GLU M 194 20.32 37.94 39.20
C GLU M 194 21.79 37.49 39.18
N LYS M 195 22.07 36.44 39.93
CA LYS M 195 23.42 35.95 40.13
C LYS M 195 23.94 35.13 38.96
N GLY M 196 23.05 34.63 38.10
CA GLY M 196 23.46 33.74 37.04
C GLY M 196 22.75 32.41 37.07
N VAL M 197 23.40 31.41 36.49
CA VAL M 197 22.83 30.11 36.29
C VAL M 197 23.56 29.07 37.13
N GLU M 198 22.81 28.32 37.93
CA GLU M 198 23.35 27.20 38.72
C GLU M 198 22.65 25.88 38.33
N ILE M 199 23.45 24.87 38.06
CA ILE M 199 22.96 23.53 37.79
C ILE M 199 23.32 22.64 38.99
N GLU M 200 22.31 22.09 39.64
CA GLU M 200 22.45 21.16 40.76
C GLU M 200 22.13 19.75 40.38
N GLY M 201 22.82 18.83 41.02
CA GLY M 201 22.57 17.40 40.88
C GLY M 201 23.85 16.61 40.95
N PRO M 202 23.82 15.30 40.70
CA PRO M 202 22.58 14.51 40.54
C PRO M 202 21.68 14.44 41.83
N LEU M 203 20.36 14.58 41.65
CA LEU M 203 19.36 14.54 42.71
C LEU M 203 18.43 13.33 42.51
N SER M 204 17.82 12.83 43.57
CA SER M 204 16.75 11.78 43.49
C SER M 204 15.52 12.25 44.22
N THR M 205 14.37 11.68 43.90
CA THR M 205 13.14 11.89 44.71
C THR M 205 13.01 10.74 45.68
N GLU M 206 12.49 11.03 46.88
CA GLU M 206 11.93 9.99 47.76
C GLU M 206 10.70 9.39 47.04
N THR M 207 10.47 8.10 47.23
CA THR M 207 9.24 7.48 46.73
C THR M 207 8.56 6.71 47.82
N ASN M 208 7.24 6.64 47.75
CA ASN M 208 6.44 5.82 48.67
C ASN M 208 5.72 4.68 47.90
N TRP M 209 5.80 3.47 48.46
CA TRP M 209 5.31 2.26 47.85
C TRP M 209 4.35 1.54 48.72
N ASP M 210 3.73 2.28 49.65
CA ASP M 210 2.79 1.71 50.61
C ASP M 210 1.61 1.06 49.89
N ILE M 211 1.22 1.63 48.76
CA ILE M 211 0.11 1.07 47.99
C ILE M 211 0.36 -0.37 47.55
N ALA M 212 1.63 -0.81 47.43
CA ALA M 212 1.94 -2.21 47.11
C ALA M 212 1.28 -3.23 48.05
N HIS M 213 1.02 -2.86 49.30
CA HIS M 213 0.26 -3.70 50.27
C HIS M 213 -1.24 -3.38 50.39
N MET M 214 -1.80 -2.51 49.55
CA MET M 214 -3.28 -2.22 49.57
C MET M 214 -4.02 -2.94 48.42
N ILE M 215 -3.68 -4.22 48.22
CA ILE M 215 -4.22 -5.08 47.16
C ILE M 215 -4.49 -6.45 47.83
N SER M 216 -5.75 -6.91 47.89
CA SER M 216 -6.11 -8.29 48.35
C SER M 216 -7.63 -8.54 48.27
N THR N 1 27.25 -8.82 16.47
CA THR N 1 28.41 -8.04 17.06
C THR N 1 28.26 -7.80 18.53
N THR N 2 29.36 -8.02 19.23
CA THR N 2 29.51 -7.44 20.55
C THR N 2 30.86 -6.76 20.63
N ILE N 3 30.85 -5.50 21.08
CA ILE N 3 32.06 -4.73 21.29
C ILE N 3 32.05 -4.12 22.69
N MET N 4 33.24 -3.85 23.17
CA MET N 4 33.41 -3.36 24.54
C MET N 4 34.74 -2.63 24.71
N ALA N 5 34.75 -1.63 25.56
CA ALA N 5 36.00 -1.03 26.03
C ALA N 5 35.89 -0.54 27.47
N VAL N 6 37.02 -0.61 28.16
CA VAL N 6 37.14 -0.28 29.58
C VAL N 6 38.35 0.61 29.83
N GLN N 7 38.13 1.68 30.56
CA GLN N 7 39.21 2.57 31.02
C GLN N 7 39.88 1.98 32.28
N PHE N 8 41.21 1.95 32.30
CA PHE N 8 41.99 1.70 33.54
C PHE N 8 42.94 2.87 33.81
N ASP N 9 43.61 2.89 34.95
CA ASP N 9 44.55 3.99 35.27
C ASP N 9 45.85 3.81 34.46
N GLY N 10 46.04 4.62 33.40
CA GLY N 10 47.10 4.46 32.41
C GLY N 10 46.71 3.97 31.02
N GLY N 11 45.45 3.62 30.79
CA GLY N 11 45.17 3.04 29.47
C GLY N 11 43.79 2.61 29.24
N VAL N 12 43.63 1.82 28.19
CA VAL N 12 42.34 1.22 27.87
C VAL N 12 42.48 -0.21 27.40
N VAL N 13 41.40 -0.95 27.63
CA VAL N 13 41.22 -2.28 27.12
C VAL N 13 40.04 -2.26 26.13
N LEU N 14 40.21 -2.91 25.00
CA LEU N 14 39.14 -3.07 24.03
C LEU N 14 38.90 -4.51 23.71
N GLY N 15 37.66 -4.84 23.34
CA GLY N 15 37.32 -6.18 22.91
C GLY N 15 36.21 -6.27 21.90
N ALA N 16 36.27 -7.33 21.12
CA ALA N 16 35.17 -7.65 20.20
C ALA N 16 35.10 -9.11 19.92
N ASP N 17 33.91 -9.54 19.52
CA ASP N 17 33.72 -10.83 18.84
C ASP N 17 34.18 -10.74 17.39
N SER N 18 34.13 -11.84 16.67
CA SER N 18 34.71 -11.91 15.34
C SER N 18 33.72 -12.33 14.24
N ARG N 19 32.42 -12.23 14.51
CA ARG N 19 31.40 -12.70 13.57
C ARG N 19 30.87 -11.58 12.66
N THR N 20 30.94 -11.81 11.36
CA THR N 20 30.23 -11.00 10.36
C THR N 20 29.10 -11.79 9.71
N THR N 21 27.89 -11.23 9.73
CA THR N 21 26.72 -11.90 9.17
C THR N 21 26.17 -11.24 7.92
N THR N 22 25.74 -12.06 6.98
CA THR N 22 24.83 -11.63 5.90
C THR N 22 23.58 -12.48 6.05
N GLY N 23 22.50 -11.85 6.50
CA GLY N 23 21.34 -12.60 6.94
C GLY N 23 21.81 -13.44 8.12
N SER N 24 21.59 -14.75 8.05
CA SER N 24 22.10 -15.63 9.08
C SER N 24 23.26 -16.55 8.61
N TYR N 25 23.89 -16.21 7.47
CA TYR N 25 25.15 -16.79 7.05
C TYR N 25 26.33 -16.02 7.66
N ILE N 26 27.35 -16.74 8.06
CA ILE N 26 28.56 -16.15 8.62
C ILE N 26 29.56 -15.97 7.46
N ALA N 27 29.68 -14.73 7.02
CA ALA N 27 30.53 -14.37 5.87
C ALA N 27 32.01 -14.33 6.29
N ASN N 28 32.26 -14.02 7.56
CA ASN N 28 33.61 -14.07 8.14
C ASN N 28 33.51 -14.50 9.61
N ARG N 29 34.17 -15.60 9.97
CA ARG N 29 34.10 -16.12 11.35
C ARG N 29 35.24 -15.62 12.20
N VAL N 30 36.22 -14.95 11.57
CA VAL N 30 37.37 -14.39 12.34
C VAL N 30 37.62 -12.91 12.03
N THR N 31 36.54 -12.14 11.89
CA THR N 31 36.59 -10.71 11.66
C THR N 31 37.44 -9.98 12.72
N ASP N 32 38.20 -8.99 12.26
CA ASP N 32 38.90 -8.09 13.16
C ASP N 32 38.16 -6.74 13.20
N LYS N 33 37.42 -6.51 14.27
CA LYS N 33 36.55 -5.34 14.45
C LYS N 33 37.19 -4.18 15.22
N LEU N 34 38.46 -4.35 15.60
CA LEU N 34 39.17 -3.38 16.38
C LEU N 34 40.12 -2.77 15.37
N THR N 35 39.81 -1.57 14.91
CA THR N 35 40.53 -0.96 13.76
C THR N 35 41.41 0.12 14.33
N PRO N 36 42.72 0.07 14.07
CA PRO N 36 43.63 1.19 14.45
C PRO N 36 43.39 2.48 13.65
N ILE N 37 43.25 3.59 14.38
CA ILE N 37 42.98 4.92 13.81
C ILE N 37 44.25 5.79 13.89
N HIS N 38 45.04 5.60 14.95
CA HIS N 38 46.38 6.19 15.06
C HIS N 38 47.23 5.23 15.96
N ASP N 39 48.46 5.61 16.29
CA ASP N 39 49.38 4.80 17.10
C ASP N 39 48.77 4.24 18.38
N ARG N 40 47.98 5.05 19.09
CA ARG N 40 47.34 4.65 20.34
C ARG N 40 45.83 4.95 20.44
N ILE N 41 45.13 4.97 19.30
CA ILE N 41 43.68 5.21 19.25
C ILE N 41 43.06 4.16 18.34
N PHE N 42 42.06 3.46 18.86
CA PHE N 42 41.35 2.42 18.11
C PHE N 42 39.89 2.72 18.09
N CYS N 43 39.19 2.15 17.12
CA CYS N 43 37.75 2.09 17.26
C CYS N 43 37.25 0.64 17.19
N CYS N 44 36.18 0.36 17.93
CA CYS N 44 35.47 -0.89 17.84
C CYS N 44 34.27 -0.64 16.96
N ARG N 45 34.09 -1.47 15.95
CA ARG N 45 32.99 -1.30 14.96
C ARG N 45 31.83 -2.21 15.15
N SER N 46 30.64 -1.65 15.18
CA SER N 46 29.40 -2.40 15.04
C SER N 46 28.45 -1.73 14.02
N GLY N 47 27.56 -2.56 13.48
CA GLY N 47 26.54 -2.16 12.54
C GLY N 47 26.94 -2.61 11.15
N SER N 48 26.77 -1.74 10.17
CA SER N 48 27.10 -2.06 8.78
C SER N 48 28.63 -2.13 8.61
N ALA N 49 29.12 -3.25 8.08
CA ALA N 49 30.51 -3.41 7.81
C ALA N 49 30.99 -2.36 6.86
N ALA N 50 30.28 -2.12 5.75
CA ALA N 50 30.71 -1.18 4.75
C ALA N 50 30.83 0.24 5.34
N ASP N 51 29.80 0.66 6.09
CA ASP N 51 29.72 1.98 6.62
C ASP N 51 30.79 2.28 7.64
N THR N 52 31.02 1.35 8.58
CA THR N 52 31.98 1.55 9.61
C THR N 52 33.43 1.53 9.07
N GLN N 53 33.73 0.66 8.09
CA GLN N 53 34.99 0.73 7.32
C GLN N 53 35.22 2.08 6.66
N ALA N 54 34.21 2.55 5.92
CA ALA N 54 34.33 3.78 5.16
C ALA N 54 34.61 4.92 6.14
N VAL N 55 33.83 4.98 7.21
CA VAL N 55 33.98 6.03 8.18
C VAL N 55 35.36 5.96 8.86
N ALA N 56 35.79 4.78 9.24
CA ALA N 56 37.06 4.60 9.92
C ALA N 56 38.23 5.00 9.03
N ASP N 57 38.19 4.66 7.74
CA ASP N 57 39.25 5.03 6.80
C ASP N 57 39.32 6.54 6.63
N ALA N 58 38.16 7.17 6.55
CA ALA N 58 38.11 8.62 6.45
C ALA N 58 38.65 9.33 7.71
N VAL N 59 38.28 8.84 8.89
CA VAL N 59 38.79 9.44 10.14
C VAL N 59 40.30 9.23 10.26
N THR N 60 40.77 8.04 9.87
CA THR N 60 42.18 7.75 9.86
C THR N 60 42.93 8.82 9.06
N TYR N 61 42.45 9.10 7.85
CA TYR N 61 42.97 10.14 6.99
C TYR N 61 42.96 11.51 7.67
N GLN N 62 41.84 11.88 8.24
CA GLN N 62 41.72 13.22 8.82
C GLN N 62 42.68 13.40 10.03
N LEU N 63 42.72 12.37 10.87
CA LEU N 63 43.48 12.39 12.08
C LEU N 63 45.01 12.37 11.82
N GLY N 64 45.43 11.63 10.82
CA GLY N 64 46.80 11.57 10.43
C GLY N 64 47.32 12.90 9.96
N PHE N 65 46.56 13.55 9.08
CA PHE N 65 46.91 14.86 8.57
C PHE N 65 46.96 15.89 9.69
N HIS N 66 45.91 15.92 10.50
CA HIS N 66 45.79 16.79 11.66
C HIS N 66 47.03 16.69 12.60
N SER N 67 47.44 15.45 12.84
CA SER N 67 48.52 15.17 13.75
C SER N 67 49.87 15.63 13.21
N ILE N 68 50.11 15.44 11.92
CA ILE N 68 51.33 15.91 11.26
C ILE N 68 51.40 17.43 11.30
N GLU N 69 50.29 18.10 11.01
CA GLU N 69 50.22 19.57 11.08
C GLU N 69 50.54 20.15 12.45
N LEU N 70 49.96 19.55 13.48
CA LEU N 70 50.20 19.99 14.84
C LEU N 70 51.57 19.55 15.37
N ASN N 71 52.13 18.49 14.76
CA ASN N 71 53.37 17.86 15.19
C ASN N 71 53.31 17.27 16.60
N GLU N 72 52.15 16.73 16.96
CA GLU N 72 51.91 16.17 18.29
C GLU N 72 51.01 14.97 18.15
N PRO N 73 51.10 14.02 19.11
CA PRO N 73 50.14 12.92 19.03
C PRO N 73 48.69 13.43 19.14
N PRO N 74 47.76 12.74 18.51
CA PRO N 74 46.41 13.19 18.58
C PRO N 74 45.74 12.83 19.90
N LEU N 75 44.82 13.68 20.33
CA LEU N 75 43.96 13.46 21.44
C LEU N 75 42.86 12.42 21.14
N VAL N 76 42.53 11.58 22.12
CA VAL N 76 41.51 10.55 21.87
C VAL N 76 40.17 11.26 21.62
N HIS N 77 39.93 12.35 22.36
CA HIS N 77 38.74 13.19 22.23
C HIS N 77 38.57 13.74 20.80
N THR N 78 39.68 14.01 20.16
CA THR N 78 39.67 14.52 18.80
C THR N 78 39.24 13.41 17.83
N ALA N 79 39.82 12.23 17.99
CA ALA N 79 39.38 11.10 17.19
C ALA N 79 37.86 10.88 17.35
N ALA N 80 37.39 10.90 18.58
CA ALA N 80 36.01 10.73 18.84
C ALA N 80 35.17 11.84 18.19
N SER N 81 35.62 13.08 18.26
CA SER N 81 34.87 14.17 17.68
C SER N 81 34.77 14.06 16.17
N LEU N 82 35.81 13.53 15.52
CA LEU N 82 35.76 13.31 14.10
C LEU N 82 34.74 12.22 13.69
N PHE N 83 34.69 11.15 14.45
CA PHE N 83 33.73 10.11 14.24
C PHE N 83 32.31 10.68 14.44
N LYS N 84 32.12 11.37 15.55
CA LYS N 84 30.89 12.03 15.86
C LYS N 84 30.39 12.93 14.72
N GLU N 85 31.26 13.79 14.19
CA GLU N 85 30.85 14.72 13.14
C GLU N 85 30.35 14.00 11.91
N MET N 86 31.00 12.94 11.54
CA MET N 86 30.64 12.21 10.35
CA MET N 86 30.64 12.21 10.35
C MET N 86 29.39 11.33 10.59
N CYS N 87 29.31 10.64 11.71
CA CYS N 87 28.18 9.83 12.10
C CYS N 87 26.94 10.65 12.33
N TYR N 88 27.09 11.88 12.81
CA TYR N 88 25.91 12.73 13.07
C TYR N 88 25.39 13.34 11.78
N ARG N 89 26.29 13.94 11.02
CA ARG N 89 25.99 14.57 9.74
C ARG N 89 25.31 13.58 8.76
N TYR N 90 25.86 12.37 8.67
CA TYR N 90 25.34 11.32 7.80
C TYR N 90 24.47 10.29 8.53
N ARG N 91 23.79 10.69 9.60
CA ARG N 91 23.02 9.72 10.44
C ARG N 91 21.90 9.03 9.64
N GLU N 92 21.33 9.69 8.65
CA GLU N 92 20.31 9.07 7.85
C GLU N 92 20.90 8.06 6.83
N ASP N 93 22.21 8.04 6.60
CA ASP N 93 22.81 7.23 5.56
C ASP N 93 23.84 6.23 6.05
N LEU N 94 23.91 6.05 7.36
CA LEU N 94 24.91 5.20 7.94
C LEU N 94 24.26 4.36 8.97
N MET N 95 24.73 3.17 9.12
CA MET N 95 24.35 2.31 10.24
C MET N 95 25.65 1.98 10.96
N ALA N 96 25.96 2.74 12.02
CA ALA N 96 27.29 2.73 12.64
C ALA N 96 27.12 2.93 14.16
N GLY N 97 27.60 1.98 14.96
CA GLY N 97 27.64 2.11 16.41
C GLY N 97 29.09 1.86 16.76
N ILE N 98 29.80 2.94 17.17
CA ILE N 98 31.23 2.97 17.31
C ILE N 98 31.63 3.20 18.79
N ILE N 99 32.69 2.54 19.22
CA ILE N 99 33.39 2.89 20.46
C ILE N 99 34.79 3.35 20.07
N ILE N 100 35.18 4.53 20.51
CA ILE N 100 36.54 5.04 20.29
C ILE N 100 37.28 4.95 21.62
N ALA N 101 38.42 4.30 21.60
CA ALA N 101 39.21 4.20 22.82
C ALA N 101 40.70 4.30 22.52
N GLY N 102 41.42 4.87 23.47
CA GLY N 102 42.85 4.97 23.33
C GLY N 102 43.50 5.70 24.46
N TRP N 103 44.75 6.08 24.23
CA TRP N 103 45.54 6.86 25.18
C TRP N 103 46.15 8.07 24.44
N ASP N 104 46.20 9.20 25.16
CA ASP N 104 47.06 10.32 24.79
C ASP N 104 47.74 10.92 26.05
N PRO N 105 48.81 11.71 25.87
CA PRO N 105 49.60 12.18 27.03
C PRO N 105 48.90 13.17 27.92
N GLN N 106 47.85 13.76 27.42
CA GLN N 106 47.21 14.86 28.09
C GLN N 106 46.12 14.36 29.03
N GLU N 107 45.31 13.40 28.56
CA GLU N 107 44.17 12.93 29.31
C GLU N 107 44.22 11.46 29.71
N GLY N 108 45.26 10.74 29.28
CA GLY N 108 45.38 9.31 29.57
C GLY N 108 44.40 8.39 28.79
N GLY N 109 43.95 7.35 29.48
CA GLY N 109 43.11 6.36 28.90
C GLY N 109 41.70 6.87 28.82
N GLN N 110 41.10 6.71 27.65
CA GLN N 110 39.76 7.20 27.47
C GLN N 110 38.92 6.33 26.54
N VAL N 111 37.62 6.26 26.86
CA VAL N 111 36.61 5.51 26.14
C VAL N 111 35.45 6.44 25.78
N TYR N 112 35.10 6.52 24.49
CA TYR N 112 33.97 7.32 24.04
C TYR N 112 33.03 6.43 23.29
N SER N 113 31.73 6.57 23.58
CA SER N 113 30.66 5.95 22.78
C SER N 113 30.11 6.94 21.76
N VAL N 114 29.99 6.47 20.50
CA VAL N 114 29.28 7.19 19.42
C VAL N 114 28.24 6.23 18.88
N PRO N 115 27.09 6.14 19.56
CA PRO N 115 26.03 5.26 19.08
C PRO N 115 25.34 5.81 17.84
N MET N 116 24.48 4.98 17.26
CA MET N 116 23.74 5.39 16.09
C MET N 116 22.98 6.67 16.41
N GLY N 117 23.01 7.58 15.45
CA GLY N 117 22.49 8.89 15.66
C GLY N 117 23.63 9.92 15.76
N GLY N 118 24.80 9.50 16.23
CA GLY N 118 25.95 10.35 16.33
C GLY N 118 26.04 11.27 17.53
N MET N 119 25.43 10.89 18.66
CA MET N 119 25.73 11.51 19.92
C MET N 119 27.10 11.01 20.34
N MET N 120 27.73 11.71 21.27
CA MET N 120 29.06 11.29 21.76
C MET N 120 29.12 11.48 23.28
N VAL N 121 29.61 10.50 23.97
CA VAL N 121 29.64 10.57 25.41
C VAL N 121 30.85 9.78 25.91
N ARG N 122 31.59 10.37 26.83
CA ARG N 122 32.69 9.70 27.48
C ARG N 122 32.14 8.79 28.55
N GLN N 123 32.70 7.58 28.65
CA GLN N 123 32.34 6.60 29.70
C GLN N 123 33.49 5.84 30.33
N SER N 124 33.31 5.39 31.56
CA SER N 124 34.32 4.51 32.26
C SER N 124 34.55 3.23 31.51
N PHE N 125 33.44 2.70 31.02
CA PHE N 125 33.43 1.56 30.13
C PHE N 125 32.22 1.65 29.23
N ALA N 126 32.31 1.01 28.09
CA ALA N 126 31.22 1.02 27.11
C ALA N 126 31.03 -0.34 26.46
N ILE N 127 29.80 -0.58 26.05
CA ILE N 127 29.46 -1.79 25.32
C ILE N 127 28.56 -1.35 24.18
N GLY N 128 28.56 -2.17 23.12
CA GLY N 128 27.65 -1.97 22.01
C GLY N 128 27.56 -3.22 21.14
N GLY N 129 26.82 -3.08 20.05
CA GLY N 129 26.46 -4.19 19.16
C GLY N 129 25.22 -4.89 19.63
N SER N 130 24.68 -5.74 18.76
CA SER N 130 23.44 -6.45 19.06
C SER N 130 23.58 -7.29 20.38
N GLY N 131 24.74 -7.90 20.57
CA GLY N 131 25.02 -8.72 21.75
C GLY N 131 25.00 -8.00 23.09
N SER N 132 25.20 -6.71 23.06
CA SER N 132 25.34 -5.91 24.26
C SER N 132 24.10 -5.96 25.10
N SER N 133 22.93 -6.10 24.46
CA SER N 133 21.70 -6.25 25.20
C SER N 133 21.75 -7.30 26.33
N TYR N 134 22.34 -8.44 26.00
CA TYR N 134 22.32 -9.58 26.88
C TYR N 134 23.31 -9.47 28.09
N ILE N 135 24.16 -8.44 28.10
CA ILE N 135 25.12 -8.24 29.17
C ILE N 135 24.99 -6.95 29.94
N TYR N 136 23.95 -6.16 29.73
CA TYR N 136 23.76 -4.96 30.60
C TYR N 136 23.70 -5.30 32.10
N GLY N 137 22.94 -6.32 32.44
CA GLY N 137 22.82 -6.69 33.79
C GLY N 137 24.15 -7.12 34.34
N TYR N 138 24.87 -7.94 33.57
CA TYR N 138 26.12 -8.50 33.97
C TYR N 138 27.15 -7.41 34.24
N VAL N 139 27.34 -6.50 33.29
CA VAL N 139 28.29 -5.44 33.47
C VAL N 139 27.87 -4.52 34.62
N ASP N 140 26.59 -4.24 34.79
CA ASP N 140 26.12 -3.40 35.87
C ASP N 140 26.44 -3.98 37.25
N ALA N 141 26.42 -5.31 37.39
CA ALA N 141 26.69 -6.00 38.63
C ALA N 141 28.18 -6.27 38.91
N THR N 142 28.98 -6.42 37.87
CA THR N 142 30.36 -6.86 37.94
C THR N 142 31.32 -5.62 37.93
N TYR N 143 31.03 -4.60 37.15
CA TYR N 143 31.97 -3.47 37.08
C TYR N 143 32.30 -2.89 38.47
N ARG N 144 33.61 -2.65 38.71
CA ARG N 144 34.14 -1.97 39.94
C ARG N 144 35.06 -0.81 39.52
N GLU N 145 34.97 0.29 40.25
CA GLU N 145 35.94 1.38 40.09
C GLU N 145 37.35 0.88 40.48
N GLY N 146 38.34 1.19 39.67
CA GLY N 146 39.74 0.96 40.04
C GLY N 146 40.29 -0.41 39.67
N MET N 147 39.66 -1.07 38.72
CA MET N 147 40.20 -2.33 38.19
C MET N 147 41.57 -2.14 37.56
N THR N 148 42.43 -3.13 37.70
CA THR N 148 43.71 -3.13 37.02
C THR N 148 43.49 -3.47 35.59
N LYS N 149 44.53 -3.29 34.78
CA LYS N 149 44.55 -3.71 33.38
C LYS N 149 44.12 -5.15 33.24
N GLU N 150 44.74 -6.02 34.03
CA GLU N 150 44.44 -7.45 33.96
C GLU N 150 43.01 -7.82 34.37
N GLU N 151 42.46 -7.15 35.36
CA GLU N 151 41.06 -7.23 35.68
C GLU N 151 40.13 -6.73 34.54
N CYS N 152 40.52 -5.64 33.86
CA CYS N 152 39.78 -5.14 32.73
C CYS N 152 39.77 -6.14 31.55
N LEU N 153 40.92 -6.78 31.28
CA LEU N 153 40.96 -7.81 30.26
C LEU N 153 40.02 -9.00 30.59
N GLN N 154 40.03 -9.44 31.85
CA GLN N 154 39.19 -10.53 32.27
C GLN N 154 37.69 -10.17 32.23
N PHE N 155 37.33 -8.98 32.72
CA PHE N 155 35.97 -8.45 32.71
C PHE N 155 35.44 -8.40 31.28
N THR N 156 36.26 -7.84 30.39
CA THR N 156 35.95 -7.77 29.02
C THR N 156 35.73 -9.17 28.37
N ALA N 157 36.64 -10.11 28.60
CA ALA N 157 36.54 -11.42 28.01
C ALA N 157 35.30 -12.18 28.51
N ASN N 158 35.02 -12.05 29.81
CA ASN N 158 33.87 -12.66 30.41
C ASN N 158 32.54 -12.13 29.75
N ALA N 159 32.39 -10.81 29.75
CA ALA N 159 31.22 -10.13 29.23
C ALA N 159 31.04 -10.52 27.79
N LEU N 160 32.10 -10.46 26.99
CA LEU N 160 31.99 -10.85 25.61
C LEU N 160 31.58 -12.32 25.42
N ALA N 161 32.13 -13.21 26.22
CA ALA N 161 31.86 -14.62 26.11
C ALA N 161 30.37 -14.94 26.37
N LEU N 162 29.79 -14.27 27.37
CA LEU N 162 28.38 -14.37 27.70
C LEU N 162 27.45 -13.81 26.59
N ALA N 163 27.79 -12.67 26.03
CA ALA N 163 27.07 -12.11 24.91
C ALA N 163 27.15 -13.09 23.74
N MET N 164 28.36 -13.57 23.43
CA MET N 164 28.52 -14.48 22.32
C MET N 164 27.74 -15.78 22.47
N GLU N 165 27.52 -16.24 23.67
CA GLU N 165 26.80 -17.48 23.86
C GLU N 165 25.29 -17.33 23.53
N ARG N 166 24.75 -16.19 23.89
CA ARG N 166 23.36 -15.86 23.67
C ARG N 166 22.94 -15.24 22.30
N ASP N 167 23.80 -14.44 21.71
CA ASP N 167 23.48 -13.68 20.51
C ASP N 167 23.92 -14.47 19.33
N GLY N 168 22.95 -14.97 18.55
CA GLY N 168 23.21 -15.61 17.27
C GLY N 168 24.06 -14.73 16.35
N SER N 169 23.91 -13.41 16.46
CA SER N 169 24.74 -12.45 15.68
C SER N 169 26.15 -12.15 16.19
N SER N 170 26.57 -12.75 17.29
CA SER N 170 27.98 -12.60 17.76
C SER N 170 28.63 -14.00 17.89
N GLY N 171 29.94 -14.12 17.84
CA GLY N 171 30.58 -15.42 18.00
C GLY N 171 31.98 -15.45 17.41
N GLY N 172 32.52 -16.65 17.34
CA GLY N 172 33.83 -16.87 16.76
C GLY N 172 34.87 -16.80 17.87
N VAL N 173 35.84 -15.88 17.72
CA VAL N 173 36.93 -15.65 18.71
C VAL N 173 36.74 -14.29 19.38
N ILE N 174 37.38 -14.11 20.53
CA ILE N 174 37.36 -12.83 21.20
C ILE N 174 38.71 -12.18 20.87
N ARG N 175 38.70 -10.98 20.28
CA ARG N 175 39.92 -10.19 20.07
C ARG N 175 39.98 -9.12 21.11
N LEU N 176 41.12 -9.04 21.77
CA LEU N 176 41.38 -8.04 22.79
C LEU N 176 42.53 -7.17 22.37
N ALA N 177 42.53 -5.94 22.84
CA ALA N 177 43.67 -5.03 22.75
C ALA N 177 43.80 -4.19 24.01
N ALA N 178 45.05 -3.93 24.41
CA ALA N 178 45.35 -3.08 25.53
C ALA N 178 46.18 -1.93 25.01
N ILE N 179 45.81 -0.72 25.38
CA ILE N 179 46.50 0.45 24.90
C ILE N 179 46.98 1.31 26.06
N ALA N 180 48.23 1.65 26.07
CA ALA N 180 48.81 2.52 27.14
C ALA N 180 49.93 3.31 26.49
N GLU N 181 50.68 4.09 27.28
CA GLU N 181 51.80 4.85 26.75
C GLU N 181 52.70 3.87 26.01
N SER N 182 53.09 2.81 26.71
CA SER N 182 54.15 1.88 26.24
C SER N 182 53.80 1.29 24.87
N GLY N 183 52.52 1.27 24.52
CA GLY N 183 52.10 0.82 23.19
C GLY N 183 50.82 0.04 23.22
N VAL N 184 50.70 -0.85 22.22
CA VAL N 184 49.51 -1.63 21.96
C VAL N 184 49.84 -3.14 22.02
N GLU N 185 49.10 -3.88 22.83
CA GLU N 185 49.25 -5.33 22.92
C GLU N 185 47.92 -5.97 22.48
N ARG N 186 47.99 -6.86 21.51
CA ARG N 186 46.82 -7.52 20.97
C ARG N 186 46.90 -9.00 21.23
N GLN N 187 45.74 -9.61 21.45
CA GLN N 187 45.67 -11.06 21.55
C GLN N 187 44.31 -11.57 21.15
N VAL N 188 44.25 -12.88 20.92
CA VAL N 188 43.03 -13.61 20.57
C VAL N 188 42.78 -14.72 21.58
N LEU N 189 41.56 -14.78 22.11
CA LEU N 189 41.07 -15.93 22.87
C LEU N 189 40.21 -16.78 21.94
N LEU N 190 40.62 -18.03 21.77
CA LEU N 190 39.90 -19.00 20.95
C LEU N 190 39.71 -20.36 21.62
N GLY N 191 38.70 -21.09 21.18
CA GLY N 191 38.41 -22.43 21.72
C GLY N 191 38.31 -22.44 23.24
N ASP N 192 39.14 -23.26 23.87
CA ASP N 192 39.20 -23.39 25.35
C ASP N 192 39.62 -22.13 26.12
N GLN N 193 40.29 -21.21 25.44
CA GLN N 193 40.73 -19.97 26.06
C GLN N 193 39.56 -19.02 26.32
N ILE N 194 38.40 -19.24 25.66
CA ILE N 194 37.23 -18.41 25.89
C ILE N 194 36.58 -18.81 27.24
N PRO N 195 36.27 -17.84 28.12
CA PRO N 195 35.56 -18.21 29.36
C PRO N 195 34.27 -18.97 29.13
N LYS N 196 34.03 -19.91 30.02
CA LYS N 196 33.01 -20.95 29.85
C LYS N 196 32.06 -20.82 31.03
N PHE N 197 30.75 -20.87 30.78
CA PHE N 197 29.74 -20.88 31.85
C PHE N 197 28.72 -22.00 31.51
N ALA N 198 28.70 -23.09 32.28
CA ALA N 198 27.89 -24.29 31.92
C ALA N 198 26.42 -24.00 31.52
N VAL N 199 25.88 -24.80 30.60
CA VAL N 199 24.41 -24.83 30.37
C VAL N 199 23.77 -25.45 31.63
N ALA N 200 22.75 -24.77 32.17
CA ALA N 200 22.06 -25.21 33.41
C ALA N 200 21.04 -26.35 33.20
N THR N 201 21.53 -27.58 32.90
CA THR N 201 20.73 -28.87 32.76
C THR N 201 19.87 -29.18 34.02
N LEU N 202 18.97 -30.17 33.93
CA LEU N 202 18.33 -30.74 35.12
C LEU N 202 19.23 -31.82 35.70
N ARG O 4 -32.73 -35.46 21.23
CA ARG O 4 -33.48 -34.61 20.23
C ARG O 4 -34.96 -34.23 20.52
N GLY O 5 -35.56 -34.74 21.63
CA GLY O 5 -36.97 -34.47 22.02
C GLY O 5 -38.02 -35.51 21.57
N TYR O 6 -39.13 -35.57 22.31
CA TYR O 6 -40.37 -36.07 21.76
C TYR O 6 -41.02 -34.83 21.11
N SER O 7 -41.25 -34.86 19.80
CA SER O 7 -41.77 -33.68 19.10
C SER O 7 -43.31 -33.53 19.05
N PHE O 8 -44.03 -34.57 19.48
CA PHE O 8 -45.51 -34.57 19.46
C PHE O 8 -46.08 -33.97 20.73
N SER O 9 -47.29 -33.39 20.64
CA SER O 9 -47.99 -32.84 21.81
C SER O 9 -48.42 -33.96 22.73
N LEU O 10 -48.34 -33.69 24.03
CA LEU O 10 -48.84 -34.58 25.08
C LEU O 10 -50.16 -34.12 25.64
N THR O 11 -50.57 -32.89 25.31
CA THR O 11 -51.94 -32.46 25.54
C THR O 11 -52.65 -32.33 24.18
N THR O 12 -53.79 -33.03 24.06
CA THR O 12 -54.58 -33.08 22.86
C THR O 12 -56.04 -32.92 23.24
N PHE O 13 -56.89 -32.68 22.24
CA PHE O 13 -58.33 -32.55 22.45
C PHE O 13 -58.97 -33.93 22.57
N SER O 14 -59.83 -34.07 23.57
CA SER O 14 -60.67 -35.25 23.72
C SER O 14 -61.90 -35.10 22.81
N PRO O 15 -62.67 -36.19 22.58
CA PRO O 15 -63.90 -36.13 21.76
C PRO O 15 -64.88 -35.03 22.13
N SER O 16 -65.00 -34.74 23.43
CA SER O 16 -65.87 -33.68 23.94
C SER O 16 -65.25 -32.28 23.90
N GLY O 17 -64.09 -32.11 23.30
CA GLY O 17 -63.43 -30.82 23.18
C GLY O 17 -62.63 -30.36 24.38
N LYS O 18 -62.36 -31.26 25.31
CA LYS O 18 -61.56 -30.91 26.48
C LYS O 18 -60.08 -31.20 26.21
N LEU O 19 -59.23 -30.38 26.79
CA LEU O 19 -57.80 -30.66 26.91
C LEU O 19 -57.54 -31.21 28.30
N VAL O 20 -57.62 -32.54 28.45
CA VAL O 20 -57.65 -33.15 29.81
C VAL O 20 -56.38 -32.91 30.59
N GLN O 21 -55.21 -32.95 29.94
CA GLN O 21 -53.95 -32.65 30.67
C GLN O 21 -53.96 -31.29 31.40
N ILE O 22 -54.69 -30.33 30.85
CA ILE O 22 -54.86 -29.02 31.48
C ILE O 22 -55.83 -29.09 32.64
N GLU O 23 -56.93 -29.81 32.45
CA GLU O 23 -57.86 -30.04 33.54
C GLU O 23 -57.15 -30.77 34.67
N TYR O 24 -56.35 -31.77 34.32
CA TYR O 24 -55.61 -32.51 35.31
C TYR O 24 -54.54 -31.66 35.98
N ALA O 25 -53.94 -30.70 35.24
CA ALA O 25 -53.10 -29.70 35.87
C ALA O 25 -53.88 -28.85 36.91
N LEU O 26 -55.09 -28.46 36.55
CA LEU O 26 -56.00 -27.72 37.44
C LEU O 26 -56.33 -28.48 38.72
N ALA O 27 -56.38 -29.81 38.63
CA ALA O 27 -56.63 -30.65 39.79
C ALA O 27 -55.41 -30.64 40.71
N ALA O 28 -54.22 -30.67 40.16
CA ALA O 28 -53.01 -30.41 40.98
C ALA O 28 -53.09 -29.06 41.71
N VAL O 29 -53.55 -28.02 41.02
CA VAL O 29 -53.67 -26.68 41.61
C VAL O 29 -54.71 -26.70 42.72
N ALA O 30 -55.84 -27.36 42.49
CA ALA O 30 -56.89 -27.46 43.52
C ALA O 30 -56.47 -28.20 44.81
N GLY O 31 -55.52 -29.13 44.71
CA GLY O 31 -54.96 -29.81 45.90
C GLY O 31 -53.76 -29.10 46.52
N GLY O 32 -53.35 -27.96 45.95
CA GLY O 32 -52.25 -27.19 46.50
C GLY O 32 -52.66 -26.44 47.75
N ALA O 33 -51.67 -25.90 48.46
CA ALA O 33 -51.93 -25.09 49.65
C ALA O 33 -52.69 -23.79 49.31
N PRO O 34 -53.59 -23.34 50.19
CA PRO O 34 -54.35 -22.13 49.86
C PRO O 34 -53.49 -20.87 49.64
N SER O 35 -53.92 -20.06 48.69
CA SER O 35 -53.36 -18.73 48.42
C SER O 35 -54.47 -17.70 48.27
N VAL O 36 -54.16 -16.45 48.63
CA VAL O 36 -55.13 -15.36 48.64
C VAL O 36 -54.49 -14.08 48.10
N GLY O 37 -55.30 -13.36 47.32
CA GLY O 37 -54.92 -12.06 46.77
C GLY O 37 -56.05 -11.08 47.00
N ILE O 38 -55.74 -9.91 47.59
CA ILE O 38 -56.70 -8.80 47.73
C ILE O 38 -56.09 -7.48 47.24
N LYS O 39 -56.80 -6.84 46.30
CA LYS O 39 -56.48 -5.48 45.84
C LYS O 39 -57.16 -4.41 46.69
N ALA O 40 -56.37 -3.71 47.51
CA ALA O 40 -56.85 -2.54 48.25
C ALA O 40 -56.90 -1.33 47.31
N ALA O 41 -57.36 -0.19 47.83
CA ALA O 41 -57.34 1.06 47.07
C ALA O 41 -55.90 1.51 46.87
N ASN O 42 -55.13 1.48 47.96
CA ASN O 42 -53.73 1.96 47.98
C ASN O 42 -52.67 0.85 47.99
N GLY O 43 -53.03 -0.37 47.57
CA GLY O 43 -52.06 -1.49 47.53
C GLY O 43 -52.63 -2.88 47.25
N VAL O 44 -51.78 -3.89 47.31
CA VAL O 44 -52.21 -5.29 47.15
C VAL O 44 -51.54 -6.16 48.19
N VAL O 45 -52.25 -7.20 48.61
CA VAL O 45 -51.70 -8.22 49.47
C VAL O 45 -51.82 -9.58 48.81
N LEU O 46 -50.74 -10.33 48.91
CA LEU O 46 -50.71 -11.76 48.62
C LEU O 46 -50.43 -12.47 49.94
N ALA O 47 -51.13 -13.59 50.17
CA ALA O 47 -50.87 -14.41 51.33
C ALA O 47 -51.10 -15.88 51.04
N THR O 48 -50.34 -16.72 51.74
CA THR O 48 -50.37 -18.14 51.48
C THR O 48 -50.07 -18.90 52.74
N GLU O 49 -50.50 -20.16 52.73
CA GLU O 49 -50.25 -21.08 53.84
C GLU O 49 -48.95 -21.78 53.53
N LYS O 50 -48.07 -21.83 54.52
CA LYS O 50 -46.94 -22.73 54.47
C LYS O 50 -47.29 -24.05 55.12
N LYS O 51 -47.67 -25.03 54.29
CA LYS O 51 -47.70 -26.45 54.68
C LYS O 51 -46.34 -26.82 55.37
N GLN O 52 -46.25 -26.48 56.67
CA GLN O 52 -45.06 -26.72 57.46
C GLN O 52 -45.31 -27.96 58.29
N LYS O 53 -45.05 -29.13 57.71
CA LYS O 53 -45.03 -30.38 58.50
C LYS O 53 -43.90 -30.20 59.52
N SER O 54 -43.25 -31.27 59.95
CA SER O 54 -42.01 -31.20 60.80
C SER O 54 -41.48 -29.80 61.24
N ILE O 55 -41.27 -29.63 62.55
CA ILE O 55 -40.45 -28.50 63.03
C ILE O 55 -39.00 -28.57 62.50
N LEU O 56 -38.57 -29.69 61.91
CA LEU O 56 -37.24 -29.83 61.32
C LEU O 56 -36.94 -28.95 60.07
N TYR O 57 -37.97 -28.50 59.35
CA TYR O 57 -37.80 -27.54 58.27
C TYR O 57 -37.26 -26.23 58.81
N ASP O 58 -36.33 -25.60 58.08
CA ASP O 58 -35.98 -24.23 58.36
C ASP O 58 -36.93 -23.38 57.52
N GLU O 59 -37.95 -22.80 58.18
CA GLU O 59 -39.03 -22.00 57.58
C GLU O 59 -38.53 -20.87 56.67
N ARG O 60 -37.48 -20.16 57.09
CA ARG O 60 -36.95 -19.00 56.35
C ARG O 60 -36.07 -19.38 55.14
N SER O 61 -35.73 -20.67 54.99
CA SER O 61 -34.82 -21.14 53.95
C SER O 61 -35.36 -21.02 52.51
N VAL O 62 -36.65 -21.22 52.30
CA VAL O 62 -37.28 -21.10 50.97
C VAL O 62 -38.60 -20.38 51.11
N HIS O 63 -38.99 -19.61 50.09
CA HIS O 63 -40.18 -18.76 50.16
C HIS O 63 -41.13 -19.07 49.02
N LYS O 64 -42.41 -18.82 49.25
CA LYS O 64 -43.45 -19.00 48.25
C LYS O 64 -43.87 -17.66 47.67
N VAL O 65 -43.83 -16.61 48.47
CA VAL O 65 -44.10 -15.26 48.01
C VAL O 65 -42.75 -14.68 47.57
N GLU O 66 -42.64 -14.35 46.28
CA GLU O 66 -41.35 -14.00 45.66
C GLU O 66 -41.38 -12.69 44.90
N PRO O 67 -40.29 -11.90 45.02
CA PRO O 67 -40.17 -10.67 44.22
C PRO O 67 -39.81 -11.00 42.77
N ILE O 68 -40.45 -10.33 41.83
CA ILE O 68 -40.06 -10.42 40.43
C ILE O 68 -39.22 -9.21 40.03
N THR O 69 -39.73 -8.02 40.36
CA THR O 69 -39.00 -6.76 40.23
C THR O 69 -39.22 -6.01 41.51
N LYS O 70 -38.66 -4.81 41.60
CA LYS O 70 -38.91 -3.89 42.73
C LYS O 70 -40.41 -3.62 43.01
N HIS O 71 -41.26 -3.73 41.98
CA HIS O 71 -42.67 -3.31 42.01
C HIS O 71 -43.68 -4.46 41.71
N ILE O 72 -43.19 -5.68 41.43
CA ILE O 72 -44.02 -6.87 41.12
C ILE O 72 -43.61 -8.08 41.99
N GLY O 73 -44.63 -8.80 42.47
CA GLY O 73 -44.43 -10.01 43.27
C GLY O 73 -45.42 -11.11 42.92
N LEU O 74 -45.11 -12.32 43.42
CA LEU O 74 -45.77 -13.56 43.02
C LEU O 74 -46.04 -14.49 44.19
N VAL O 75 -47.16 -15.20 44.11
CA VAL O 75 -47.38 -16.41 44.85
C VAL O 75 -48.10 -17.41 43.91
N TYR O 76 -48.22 -18.69 44.34
CA TYR O 76 -48.87 -19.74 43.56
C TYR O 76 -49.75 -20.64 44.44
N SER O 77 -50.48 -21.52 43.78
CA SER O 77 -51.00 -22.73 44.36
C SER O 77 -50.72 -23.85 43.37
N GLY O 78 -50.23 -24.98 43.87
CA GLY O 78 -49.91 -26.11 43.05
C GLY O 78 -48.57 -26.67 43.39
N MET O 79 -47.83 -27.08 42.36
CA MET O 79 -46.56 -27.75 42.52
C MET O 79 -45.41 -26.73 42.55
N GLY O 80 -44.77 -26.65 43.71
CA GLY O 80 -43.70 -25.70 43.96
C GLY O 80 -42.54 -25.68 42.97
N PRO O 81 -41.97 -26.84 42.65
CA PRO O 81 -40.89 -26.87 41.65
C PRO O 81 -41.29 -26.29 40.27
N ASP O 82 -42.54 -26.52 39.86
CA ASP O 82 -43.05 -25.91 38.63
C ASP O 82 -43.07 -24.39 38.78
N TYR O 83 -43.54 -23.90 39.93
CA TYR O 83 -43.50 -22.44 40.27
C TYR O 83 -42.13 -21.80 40.12
N ARG O 84 -41.10 -22.50 40.53
CA ARG O 84 -39.75 -21.96 40.51
C ARG O 84 -39.29 -21.67 39.06
N VAL O 85 -39.65 -22.57 38.14
CA VAL O 85 -39.41 -22.38 36.72
C VAL O 85 -39.99 -21.04 36.28
N LEU O 86 -41.22 -20.77 36.70
CA LEU O 86 -41.92 -19.58 36.26
C LEU O 86 -41.41 -18.31 36.94
N VAL O 87 -40.99 -18.41 38.20
CA VAL O 87 -40.38 -17.27 38.91
C VAL O 87 -39.14 -16.83 38.12
N HIS O 88 -38.26 -17.79 37.84
CA HIS O 88 -37.06 -17.54 37.02
C HIS O 88 -37.39 -16.93 35.63
N ARG O 89 -38.36 -17.49 34.90
CA ARG O 89 -38.75 -16.95 33.58
C ARG O 89 -39.32 -15.55 33.72
N ALA O 90 -40.19 -15.35 34.71
CA ALA O 90 -40.80 -14.03 34.92
C ALA O 90 -39.75 -12.97 35.19
N ARG O 91 -38.77 -13.32 36.01
CA ARG O 91 -37.71 -12.41 36.32
C ARG O 91 -36.92 -12.02 35.06
N LYS O 92 -36.62 -13.02 34.26
CA LYS O 92 -35.82 -12.90 33.04
C LYS O 92 -36.60 -12.06 32.02
N LEU O 93 -37.92 -12.25 31.95
CA LEU O 93 -38.79 -11.44 31.08
C LEU O 93 -38.83 -10.00 31.52
N ALA O 94 -38.85 -9.79 32.83
CA ALA O 94 -38.88 -8.44 33.35
C ALA O 94 -37.61 -7.65 32.98
N GLN O 95 -36.47 -8.31 33.09
CA GLN O 95 -35.20 -7.70 32.74
C GLN O 95 -35.04 -7.45 31.23
N GLN O 96 -35.46 -8.41 30.40
CA GLN O 96 -35.48 -8.24 28.93
C GLN O 96 -36.25 -6.99 28.52
N TYR O 97 -37.43 -6.83 29.09
CA TYR O 97 -38.26 -5.63 28.90
C TYR O 97 -37.52 -4.39 29.34
N TYR O 98 -36.92 -4.45 30.52
CA TYR O 98 -36.23 -3.27 31.08
C TYR O 98 -35.03 -2.86 30.23
N LEU O 99 -34.34 -3.83 29.63
CA LEU O 99 -33.15 -3.52 28.84
C LEU O 99 -33.53 -2.74 27.58
N VAL O 100 -34.68 -3.05 27.00
CA VAL O 100 -35.16 -2.36 25.81
C VAL O 100 -35.77 -0.99 26.16
N TYR O 101 -36.69 -0.97 27.10
CA TYR O 101 -37.50 0.23 27.35
C TYR O 101 -36.99 1.14 28.43
N GLN O 102 -36.10 0.65 29.29
CA GLN O 102 -35.58 1.41 30.46
C GLN O 102 -36.68 1.93 31.41
N GLU O 103 -37.70 1.10 31.55
CA GLU O 103 -38.89 1.40 32.33
C GLU O 103 -39.32 0.08 32.99
N PRO O 104 -39.81 0.12 34.24
CA PRO O 104 -40.17 -1.20 34.78
C PRO O 104 -41.38 -1.76 34.02
N ILE O 105 -41.35 -3.06 33.79
CA ILE O 105 -42.40 -3.72 33.03
C ILE O 105 -43.76 -3.51 33.73
N PRO O 106 -44.79 -3.05 32.98
CA PRO O 106 -46.14 -2.98 33.57
C PRO O 106 -46.65 -4.38 33.94
N THR O 107 -47.33 -4.48 35.08
CA THR O 107 -47.77 -5.75 35.59
C THR O 107 -48.51 -6.57 34.55
N ALA O 108 -49.39 -5.92 33.81
CA ALA O 108 -50.16 -6.60 32.76
C ALA O 108 -49.27 -7.16 31.62
N GLN O 109 -48.26 -6.41 31.24
CA GLN O 109 -47.29 -6.89 30.28
C GLN O 109 -46.49 -8.05 30.81
N LEU O 110 -46.11 -8.04 32.08
CA LEU O 110 -45.43 -9.21 32.65
C LEU O 110 -46.32 -10.45 32.66
N VAL O 111 -47.58 -10.28 33.07
CA VAL O 111 -48.52 -11.40 33.15
C VAL O 111 -48.74 -12.03 31.78
N GLN O 112 -48.92 -11.20 30.75
CA GLN O 112 -49.10 -11.69 29.38
C GLN O 112 -47.95 -12.52 28.89
N ARG O 113 -46.74 -12.05 29.15
CA ARG O 113 -45.54 -12.77 28.77
C ARG O 113 -45.43 -14.09 29.53
N VAL O 114 -45.72 -14.09 30.83
CA VAL O 114 -45.67 -15.33 31.60
C VAL O 114 -46.79 -16.32 31.20
N ALA O 115 -47.96 -15.80 30.90
CA ALA O 115 -49.10 -16.65 30.49
C ALA O 115 -48.82 -17.32 29.16
N SER O 116 -48.17 -16.59 28.28
CA SER O 116 -47.75 -17.10 26.98
C SER O 116 -46.76 -18.30 27.10
N VAL O 117 -45.84 -18.22 28.06
CA VAL O 117 -44.95 -19.35 28.37
C VAL O 117 -45.76 -20.55 28.85
N MET O 118 -46.73 -20.29 29.71
CA MET O 118 -47.59 -21.36 30.19
C MET O 118 -48.37 -22.06 29.06
N GLN O 119 -48.89 -21.28 28.13
CA GLN O 119 -49.53 -21.80 26.93
C GLN O 119 -48.63 -22.75 26.12
N GLU O 120 -47.35 -22.43 26.02
CA GLU O 120 -46.41 -23.26 25.25
C GLU O 120 -46.31 -24.64 25.75
N TYR O 121 -46.36 -24.80 27.06
CA TYR O 121 -46.30 -26.11 27.70
C TYR O 121 -47.64 -26.91 27.60
N THR O 122 -48.65 -26.38 26.89
CA THR O 122 -49.89 -27.12 26.60
C THR O 122 -49.96 -27.62 25.16
N GLN O 123 -48.94 -27.35 24.39
CA GLN O 123 -48.94 -27.58 22.91
C GLN O 123 -47.58 -28.01 22.35
N SER O 124 -46.49 -27.49 22.90
CA SER O 124 -45.14 -27.89 22.53
C SER O 124 -44.84 -29.38 22.76
N GLY O 125 -43.85 -29.89 22.05
CA GLY O 125 -43.57 -31.31 22.07
C GLY O 125 -43.01 -31.83 23.38
N GLY O 126 -43.52 -32.97 23.80
CA GLY O 126 -42.88 -33.80 24.80
C GLY O 126 -42.95 -33.28 26.21
N VAL O 127 -43.85 -32.33 26.48
CA VAL O 127 -43.97 -31.78 27.81
C VAL O 127 -45.40 -31.78 28.29
N ARG O 128 -45.52 -31.68 29.61
CA ARG O 128 -46.82 -31.52 30.28
C ARG O 128 -47.01 -30.05 30.63
N PRO O 129 -48.27 -29.58 30.77
CA PRO O 129 -48.47 -28.25 31.32
C PRO O 129 -47.87 -28.10 32.71
N PHE O 130 -47.74 -26.85 33.14
CA PHE O 130 -47.39 -26.53 34.52
C PHE O 130 -48.57 -26.83 35.43
N GLY O 131 -48.33 -27.46 36.57
CA GLY O 131 -49.35 -27.67 37.57
C GLY O 131 -49.41 -26.56 38.61
N VAL O 132 -49.47 -25.31 38.16
CA VAL O 132 -49.57 -24.18 39.06
C VAL O 132 -50.54 -23.15 38.51
N SER O 133 -51.18 -22.42 39.41
CA SER O 133 -51.74 -21.12 39.07
C SER O 133 -50.95 -20.07 39.87
N LEU O 134 -50.62 -18.99 39.20
CA LEU O 134 -49.93 -17.86 39.80
C LEU O 134 -50.93 -16.79 40.18
N LEU O 135 -50.64 -16.09 41.26
CA LEU O 135 -51.21 -14.77 41.52
C LEU O 135 -50.11 -13.76 41.49
N ILE O 136 -50.33 -12.69 40.73
CA ILE O 136 -49.31 -11.68 40.45
C ILE O 136 -49.82 -10.33 40.87
N CYS O 137 -49.06 -9.65 41.71
CA CYS O 137 -49.41 -8.31 42.18
C CYS O 137 -48.38 -7.29 41.71
N GLY O 138 -48.84 -6.06 41.54
CA GLY O 138 -47.96 -4.99 41.13
C GLY O 138 -48.54 -3.60 41.29
N TRP O 139 -47.67 -2.61 41.13
CA TRP O 139 -48.05 -1.22 41.14
C TRP O 139 -47.37 -0.49 39.99
N ASN O 140 -48.17 0.09 39.10
CA ASN O 140 -47.67 1.04 38.08
C ASN O 140 -48.80 1.93 37.55
N GLU O 141 -48.47 3.11 37.00
CA GLU O 141 -49.47 4.17 36.68
C GLU O 141 -50.21 4.69 37.91
N GLY O 142 -49.55 4.70 39.06
CA GLY O 142 -50.14 5.14 40.33
C GLY O 142 -51.36 4.34 40.78
N ARG O 143 -51.34 3.02 40.52
CA ARG O 143 -52.53 2.17 40.68
C ARG O 143 -52.16 0.67 40.86
N PRO O 144 -52.89 -0.06 41.73
CA PRO O 144 -52.51 -1.46 42.04
C PRO O 144 -53.15 -2.48 41.09
N TYR O 145 -52.46 -3.59 40.84
CA TYR O 145 -52.99 -4.66 39.98
C TYR O 145 -52.90 -6.02 40.65
N LEU O 146 -53.93 -6.84 40.44
CA LEU O 146 -53.89 -8.25 40.85
C LEU O 146 -54.33 -9.13 39.69
N PHE O 147 -53.49 -10.09 39.32
CA PHE O 147 -53.78 -11.00 38.24
C PHE O 147 -53.58 -12.45 38.66
N GLN O 148 -54.32 -13.31 37.98
CA GLN O 148 -54.13 -14.74 38.08
C GLN O 148 -53.73 -15.27 36.70
N SER O 149 -52.87 -16.30 36.66
CA SER O 149 -52.61 -17.00 35.42
C SER O 149 -52.65 -18.50 35.69
N ASP O 150 -53.47 -19.21 34.89
CA ASP O 150 -53.77 -20.65 35.08
C ASP O 150 -52.92 -21.56 34.19
N PRO O 151 -52.96 -22.89 34.43
CA PRO O 151 -52.23 -23.85 33.59
C PRO O 151 -52.44 -23.78 32.07
N SER O 152 -53.60 -23.35 31.58
CA SER O 152 -53.82 -23.19 30.14
C SER O 152 -53.03 -22.01 29.56
N GLY O 153 -52.64 -21.06 30.41
CA GLY O 153 -52.06 -19.80 29.96
C GLY O 153 -53.10 -18.71 29.88
N ALA O 154 -54.31 -18.96 30.35
CA ALA O 154 -55.32 -17.91 30.44
C ALA O 154 -55.03 -17.08 31.68
N TYR O 155 -55.28 -15.76 31.62
CA TYR O 155 -55.08 -14.85 32.76
C TYR O 155 -56.34 -13.98 32.99
N PHE O 156 -56.49 -13.50 34.22
CA PHE O 156 -57.68 -12.75 34.66
C PHE O 156 -57.23 -11.69 35.67
N ALA O 157 -57.84 -10.51 35.60
CA ALA O 157 -57.61 -9.46 36.58
C ALA O 157 -58.67 -9.58 37.68
N TRP O 158 -58.24 -9.51 38.95
CA TRP O 158 -59.10 -9.71 40.11
C TRP O 158 -59.06 -8.51 41.04
N LYS O 159 -60.18 -8.21 41.69
CA LYS O 159 -60.21 -7.39 42.89
C LYS O 159 -59.76 -8.23 44.09
N ALA O 160 -60.21 -9.49 44.14
CA ALA O 160 -59.77 -10.43 45.15
C ALA O 160 -60.11 -11.84 44.72
N THR O 161 -59.32 -12.80 45.17
CA THR O 161 -59.58 -14.22 44.88
C THR O 161 -58.79 -15.17 45.78
N ALA O 162 -59.05 -16.46 45.61
CA ALA O 162 -58.44 -17.53 46.39
C ALA O 162 -58.18 -18.69 45.47
N MET O 163 -57.17 -19.50 45.78
CA MET O 163 -56.83 -20.65 44.95
C MET O 163 -56.22 -21.78 45.79
N GLY O 164 -56.13 -22.98 45.22
CA GLY O 164 -55.75 -24.17 45.99
C GLY O 164 -56.89 -24.76 46.83
N LYS O 165 -56.55 -25.60 47.81
CA LYS O 165 -57.54 -26.28 48.68
C LYS O 165 -58.56 -25.25 49.22
N ASN O 166 -59.84 -25.60 49.16
CA ASN O 166 -60.91 -24.81 49.76
C ASN O 166 -61.13 -23.41 49.15
N TYR O 167 -60.78 -23.25 47.88
CA TYR O 167 -60.83 -21.93 47.21
C TYR O 167 -62.25 -21.43 46.96
N VAL O 168 -63.14 -22.37 46.62
CA VAL O 168 -64.54 -22.04 46.36
C VAL O 168 -65.19 -21.33 47.57
N ASN O 169 -64.98 -21.87 48.76
CA ASN O 169 -65.41 -21.19 50.00
C ASN O 169 -64.67 -19.89 50.25
N GLY O 170 -63.36 -19.91 50.01
CA GLY O 170 -62.50 -18.73 50.15
C GLY O 170 -63.04 -17.56 49.35
N LYS O 171 -63.43 -17.84 48.10
CA LYS O 171 -64.00 -16.83 47.21
C LYS O 171 -65.33 -16.24 47.71
N THR O 172 -66.25 -17.08 48.19
CA THR O 172 -67.53 -16.55 48.74
C THR O 172 -67.28 -15.81 50.07
N PHE O 173 -66.27 -16.23 50.84
CA PHE O 173 -65.88 -15.48 52.06
C PHE O 173 -65.46 -14.06 51.68
N LEU O 174 -64.60 -13.96 50.67
CA LEU O 174 -64.15 -12.66 50.16
C LEU O 174 -65.27 -11.83 49.53
N GLU O 175 -66.13 -12.49 48.74
CA GLU O 175 -67.32 -11.85 48.12
C GLU O 175 -68.28 -11.18 49.13
N LYS O 176 -68.40 -11.75 50.33
CA LYS O 176 -69.11 -11.11 51.47
C LYS O 176 -68.12 -10.43 52.47
N ARG O 177 -67.12 -9.68 51.96
CA ARG O 177 -66.08 -9.04 52.83
C ARG O 177 -65.19 -7.97 52.18
N TYR O 178 -64.91 -8.08 50.89
CA TYR O 178 -64.14 -7.05 50.16
C TYR O 178 -65.03 -5.87 49.79
N ASN O 179 -64.47 -4.66 49.82
CA ASN O 179 -65.06 -3.52 49.09
C ASN O 179 -64.00 -2.71 48.30
N GLU O 180 -64.50 -1.85 47.40
CA GLU O 180 -63.63 -1.07 46.49
C GLU O 180 -62.75 -0.07 47.26
N ASP O 181 -63.31 0.53 48.31
CA ASP O 181 -62.63 1.60 49.09
C ASP O 181 -61.75 1.07 50.26
N LEU O 182 -61.47 -0.23 50.28
CA LEU O 182 -60.73 -0.87 51.40
C LEU O 182 -59.24 -0.46 51.42
N GLU O 183 -58.72 -0.12 52.61
CA GLU O 183 -57.28 0.16 52.82
C GLU O 183 -56.40 -1.09 52.81
N LEU O 184 -55.09 -0.88 52.68
CA LEU O 184 -54.13 -2.00 52.62
C LEU O 184 -54.02 -2.70 53.99
N GLU O 185 -53.87 -1.92 55.06
CA GLU O 185 -53.67 -2.53 56.39
C GLU O 185 -54.89 -3.41 56.75
N ASP O 186 -56.09 -2.98 56.33
CA ASP O 186 -57.32 -3.76 56.55
C ASP O 186 -57.37 -5.00 55.64
N ALA O 187 -56.95 -4.83 54.38
CA ALA O 187 -56.82 -5.94 53.41
C ALA O 187 -55.87 -7.06 53.83
N ILE O 188 -54.78 -6.70 54.51
CA ILE O 188 -53.87 -7.70 55.10
C ILE O 188 -54.62 -8.52 56.16
N HIS O 189 -55.37 -7.84 57.03
CA HIS O 189 -56.21 -8.49 58.06
C HIS O 189 -57.17 -9.49 57.40
N THR O 190 -57.90 -9.05 56.38
CA THR O 190 -58.95 -9.92 55.79
C THR O 190 -58.34 -11.07 54.94
N ALA O 191 -57.17 -10.82 54.36
CA ALA O 191 -56.42 -11.88 53.68
C ALA O 191 -56.04 -13.00 54.65
N ILE O 192 -55.52 -12.63 55.81
CA ILE O 192 -55.16 -13.60 56.84
C ILE O 192 -56.40 -14.34 57.35
N LEU O 193 -57.50 -13.62 57.53
CA LEU O 193 -58.78 -14.24 57.94
C LEU O 193 -59.28 -15.30 56.94
N THR O 194 -59.14 -15.00 55.64
CA THR O 194 -59.52 -15.96 54.58
C THR O 194 -58.71 -17.24 54.66
N LEU O 195 -57.43 -17.13 54.99
CA LEU O 195 -56.60 -18.30 55.21
C LEU O 195 -57.01 -19.08 56.45
N LYS O 196 -57.39 -18.37 57.54
CA LYS O 196 -57.83 -19.04 58.77
C LYS O 196 -59.07 -19.90 58.55
N GLU O 197 -59.92 -19.46 57.62
CA GLU O 197 -61.11 -20.21 57.18
C GLU O 197 -60.85 -21.61 56.64
N SER O 198 -59.63 -21.91 56.24
CA SER O 198 -59.28 -23.22 55.73
C SER O 198 -57.97 -23.74 56.32
N PHE O 199 -57.59 -23.27 57.51
CA PHE O 199 -56.23 -23.53 57.99
C PHE O 199 -56.14 -24.91 58.67
N GLU O 200 -56.63 -25.02 59.90
CA GLU O 200 -56.41 -26.20 60.75
C GLU O 200 -54.99 -26.24 61.32
N GLY O 201 -54.83 -25.90 62.60
CA GLY O 201 -53.58 -26.11 63.29
C GLY O 201 -53.03 -25.00 64.17
N GLN O 202 -53.64 -23.81 64.14
CA GLN O 202 -53.12 -22.61 64.83
C GLN O 202 -52.01 -21.92 64.00
N MET O 203 -52.24 -20.64 63.70
CA MET O 203 -51.35 -19.84 62.88
C MET O 203 -50.21 -19.23 63.67
N THR O 204 -48.99 -19.42 63.17
CA THR O 204 -47.83 -18.65 63.61
C THR O 204 -47.34 -17.81 62.44
N GLU O 205 -46.51 -16.83 62.78
CA GLU O 205 -45.78 -16.02 61.79
C GLU O 205 -44.78 -16.82 60.93
N ASP O 206 -44.51 -18.07 61.32
CA ASP O 206 -43.57 -18.97 60.65
C ASP O 206 -44.26 -19.93 59.69
N ASN O 207 -45.59 -20.05 59.75
CA ASN O 207 -46.31 -20.91 58.80
C ASN O 207 -47.35 -20.22 57.92
N ILE O 208 -47.36 -18.89 57.91
CA ILE O 208 -47.90 -18.16 56.77
C ILE O 208 -46.85 -17.21 56.20
N GLU O 209 -47.00 -16.86 54.93
CA GLU O 209 -46.15 -15.90 54.26
C GLU O 209 -47.03 -14.86 53.58
N VAL O 210 -46.68 -13.60 53.79
CA VAL O 210 -47.45 -12.49 53.27
C VAL O 210 -46.51 -11.56 52.52
N GLY O 211 -46.98 -11.09 51.36
CA GLY O 211 -46.30 -10.05 50.61
C GLY O 211 -47.25 -8.90 50.39
N ILE O 212 -46.68 -7.69 50.33
CA ILE O 212 -47.46 -6.49 50.03
C ILE O 212 -46.88 -5.71 48.87
N CYS O 213 -47.76 -4.97 48.19
CA CYS O 213 -47.40 -4.18 47.04
C CYS O 213 -48.04 -2.81 47.10
N ASN O 214 -47.22 -1.78 47.06
CA ASN O 214 -47.74 -0.42 46.95
C ASN O 214 -46.77 0.51 46.23
N GLU O 215 -47.07 1.79 46.24
CA GLU O 215 -46.22 2.85 45.68
C GLU O 215 -44.73 2.67 46.01
N ALA O 216 -44.40 2.30 47.25
CA ALA O 216 -42.99 2.09 47.64
C ALA O 216 -42.34 0.91 46.94
N GLY O 217 -43.12 -0.12 46.59
CA GLY O 217 -42.63 -1.30 45.89
C GLY O 217 -43.21 -2.56 46.48
N PHE O 218 -42.74 -3.70 46.01
CA PHE O 218 -43.14 -5.00 46.53
C PHE O 218 -42.12 -5.54 47.51
N ARG O 219 -42.57 -6.03 48.65
CA ARG O 219 -41.74 -6.81 49.55
C ARG O 219 -42.54 -7.86 50.33
N ARG O 220 -41.84 -8.86 50.84
CA ARG O 220 -42.41 -9.79 51.81
C ARG O 220 -42.49 -9.09 53.14
N LEU O 221 -43.53 -9.38 53.92
CA LEU O 221 -43.56 -9.02 55.33
C LEU O 221 -42.58 -9.88 56.12
N THR O 222 -41.99 -9.30 57.16
CA THR O 222 -41.04 -10.03 58.03
C THR O 222 -41.86 -10.86 59.01
N PRO O 223 -41.26 -11.94 59.58
CA PRO O 223 -41.95 -12.65 60.64
C PRO O 223 -42.52 -11.73 61.71
N THR O 224 -41.74 -10.76 62.18
CA THR O 224 -42.19 -9.84 63.27
C THR O 224 -43.38 -8.92 62.87
N GLU O 225 -43.54 -8.63 61.57
CA GLU O 225 -44.68 -7.84 61.06
C GLU O 225 -45.94 -8.70 61.05
N VAL O 226 -45.81 -9.91 60.51
CA VAL O 226 -46.93 -10.87 60.43
C VAL O 226 -47.45 -11.23 61.83
N LYS O 227 -46.54 -11.43 62.79
CA LYS O 227 -46.86 -11.67 64.22
C LYS O 227 -47.84 -10.63 64.76
N ASP O 228 -47.53 -9.36 64.48
CA ASP O 228 -48.37 -8.20 64.84
C ASP O 228 -49.78 -8.21 64.26
N TYR O 229 -49.93 -8.58 63.00
CA TYR O 229 -51.25 -8.76 62.38
C TYR O 229 -51.99 -9.97 62.96
N LEU O 230 -51.24 -11.01 63.32
CA LEU O 230 -51.77 -12.19 64.02
C LEU O 230 -52.19 -11.95 65.49
N ALA O 231 -51.74 -10.83 66.07
CA ALA O 231 -52.34 -10.26 67.28
C ALA O 231 -53.51 -9.40 66.79
N ALA O 232 -54.73 -9.82 67.11
CA ALA O 232 -56.00 -9.38 66.49
C ALA O 232 -56.69 -10.58 65.83
N ILE O 233 -55.90 -11.60 65.45
CA ILE O 233 -56.41 -12.93 65.06
C ILE O 233 -55.94 -14.00 66.07
N SER P 2 -41.79 -44.07 22.44
CA SER P 2 -41.95 -42.84 21.57
C SER P 2 -43.01 -42.94 20.47
N ARG P 3 -42.96 -43.95 19.60
CA ARG P 3 -44.13 -44.28 18.75
C ARG P 3 -45.31 -44.55 19.67
N ARG P 4 -45.07 -45.35 20.70
CA ARG P 4 -46.08 -45.70 21.71
C ARG P 4 -46.87 -44.48 22.19
N TYR P 5 -46.23 -43.35 22.46
CA TYR P 5 -46.91 -42.26 23.16
C TYR P 5 -47.49 -41.21 22.23
N ASP P 6 -47.17 -41.30 20.95
CA ASP P 6 -47.49 -40.28 19.99
C ASP P 6 -48.96 -40.42 19.62
N SER P 7 -49.72 -39.42 20.07
CA SER P 7 -51.16 -39.12 19.85
CA SER P 7 -51.18 -39.48 19.88
C SER P 7 -51.59 -39.28 18.40
N ARG P 8 -50.68 -38.84 17.54
CA ARG P 8 -50.85 -38.83 16.10
C ARG P 8 -51.92 -37.87 15.69
N THR P 9 -51.67 -36.61 16.01
CA THR P 9 -52.61 -35.54 15.82
C THR P 9 -52.85 -35.12 14.36
N THR P 10 -51.95 -35.42 13.44
CA THR P 10 -52.02 -34.86 12.09
C THR P 10 -52.08 -35.96 11.06
N ILE P 11 -52.90 -36.97 11.33
CA ILE P 11 -53.16 -38.03 10.39
C ILE P 11 -54.65 -38.04 10.06
N PHE P 12 -55.00 -38.66 8.95
CA PHE P 12 -56.40 -38.90 8.61
C PHE P 12 -56.96 -40.08 9.36
N SER P 13 -58.26 -39.98 9.68
CA SER P 13 -59.07 -41.14 10.08
C SER P 13 -59.50 -41.89 8.82
N PRO P 14 -60.07 -43.10 8.98
CA PRO P 14 -60.54 -43.83 7.82
C PRO P 14 -61.60 -43.18 6.93
N GLU P 15 -62.34 -42.20 7.43
CA GLU P 15 -63.35 -41.53 6.58
C GLU P 15 -62.81 -40.25 5.95
N GLY P 16 -61.52 -39.99 6.09
CA GLY P 16 -60.88 -38.78 5.55
C GLY P 16 -61.04 -37.61 6.48
N ARG P 17 -61.11 -37.89 7.78
CA ARG P 17 -61.38 -36.86 8.77
C ARG P 17 -60.14 -36.55 9.61
N LEU P 18 -60.11 -35.34 10.13
CA LEU P 18 -59.09 -34.90 11.04
C LEU P 18 -59.73 -34.78 12.41
N TYR P 19 -59.63 -35.84 13.20
CA TYR P 19 -60.30 -35.85 14.50
C TYR P 19 -59.94 -34.68 15.43
N GLN P 20 -58.67 -34.32 15.55
CA GLN P 20 -58.29 -33.21 16.45
C GLN P 20 -58.93 -31.88 16.04
N VAL P 21 -59.05 -31.67 14.73
CA VAL P 21 -59.76 -30.51 14.21
C VAL P 21 -61.24 -30.54 14.64
N GLU P 22 -61.90 -31.68 14.44
CA GLU P 22 -63.31 -31.84 14.81
C GLU P 22 -63.50 -31.65 16.32
N TYR P 23 -62.56 -32.19 17.10
CA TYR P 23 -62.69 -32.09 18.56
C TYR P 23 -62.47 -30.65 19.02
N ALA P 24 -61.51 -29.96 18.42
CA ALA P 24 -61.33 -28.52 18.70
C ALA P 24 -62.64 -27.75 18.39
N MET P 25 -63.30 -28.13 17.30
CA MET P 25 -64.57 -27.50 16.93
CA MET P 25 -64.61 -27.58 16.90
C MET P 25 -65.66 -27.75 18.01
N GLU P 26 -65.63 -28.88 18.72
CA GLU P 26 -66.53 -29.08 19.89
C GLU P 26 -66.16 -28.14 21.04
N ALA P 27 -64.87 -27.90 21.26
CA ALA P 27 -64.44 -26.96 22.30
C ALA P 27 -65.01 -25.56 22.04
N ILE P 28 -64.95 -25.13 20.78
CA ILE P 28 -65.44 -23.82 20.33
C ILE P 28 -66.96 -23.67 20.50
N GLY P 29 -67.71 -24.72 20.14
CA GLY P 29 -69.18 -24.75 20.32
C GLY P 29 -69.67 -24.49 21.75
N HIS P 30 -68.83 -24.77 22.75
CA HIS P 30 -69.14 -24.53 24.16
C HIS P 30 -68.73 -23.10 24.60
N ALA P 31 -67.74 -22.50 23.94
CA ALA P 31 -67.28 -21.14 24.27
C ALA P 31 -68.35 -20.04 24.08
N GLY P 32 -68.03 -18.88 24.62
CA GLY P 32 -68.90 -17.73 24.61
C GLY P 32 -69.36 -17.37 23.22
N THR P 33 -70.63 -17.01 23.09
CA THR P 33 -71.19 -16.78 21.75
C THR P 33 -70.60 -15.48 21.17
N CYS P 34 -70.50 -15.47 19.86
CA CYS P 34 -69.77 -14.44 19.18
C CYS P 34 -70.33 -14.23 17.79
N LEU P 35 -70.86 -13.04 17.51
CA LEU P 35 -71.42 -12.74 16.18
C LEU P 35 -70.84 -11.48 15.53
N GLY P 36 -70.88 -11.46 14.22
CA GLY P 36 -70.48 -10.30 13.46
C GLY P 36 -71.57 -9.97 12.47
N ILE P 37 -71.76 -8.67 12.23
CA ILE P 37 -72.78 -8.21 11.28
C ILE P 37 -72.27 -7.03 10.43
N LEU P 38 -72.33 -7.23 9.12
CA LEU P 38 -71.96 -6.24 8.11
C LEU P 38 -73.14 -5.34 7.74
N ALA P 39 -72.89 -4.02 7.73
CA ALA P 39 -73.85 -3.02 7.25
C ALA P 39 -73.21 -2.13 6.17
N ASN P 40 -74.04 -1.30 5.54
CA ASN P 40 -73.56 -0.40 4.48
C ASN P 40 -72.54 0.62 4.97
N ASP P 41 -72.75 1.17 6.17
CA ASP P 41 -71.87 2.17 6.79
C ASP P 41 -71.01 1.63 7.95
N GLY P 42 -70.82 0.32 8.04
CA GLY P 42 -69.93 -0.24 9.07
C GLY P 42 -70.02 -1.73 9.35
N VAL P 43 -69.34 -2.15 10.41
CA VAL P 43 -69.31 -3.55 10.83
C VAL P 43 -69.23 -3.61 12.33
N LEU P 44 -69.82 -4.66 12.90
CA LEU P 44 -69.82 -4.85 14.32
C LEU P 44 -69.43 -6.27 14.71
N LEU P 45 -68.97 -6.38 15.95
CA LEU P 45 -68.78 -7.64 16.64
C LEU P 45 -69.58 -7.51 17.89
N ALA P 46 -70.24 -8.59 18.28
CA ALA P 46 -70.98 -8.66 19.53
C ALA P 46 -70.70 -10.01 20.17
N ALA P 47 -70.21 -10.01 21.40
CA ALA P 47 -69.74 -11.23 22.05
C ALA P 47 -70.28 -11.35 23.44
N GLU P 48 -70.59 -12.57 23.83
CA GLU P 48 -70.87 -12.90 25.21
C GLU P 48 -69.58 -12.86 26.03
N ARG P 49 -69.63 -12.24 27.19
CA ARG P 49 -68.53 -12.27 28.15
C ARG P 49 -68.65 -13.50 29.05
N ARG P 50 -67.55 -14.23 29.21
CA ARG P 50 -67.42 -15.30 30.23
C ARG P 50 -66.65 -14.89 31.49
N ASN P 51 -65.80 -13.88 31.37
CA ASN P 51 -65.12 -13.23 32.50
C ASN P 51 -66.13 -12.22 33.01
N ILE P 52 -67.14 -12.75 33.71
CA ILE P 52 -68.35 -11.96 33.93
C ILE P 52 -69.25 -12.67 34.90
N HIS P 53 -69.43 -12.15 36.09
CA HIS P 53 -68.59 -11.16 36.74
C HIS P 53 -67.88 -12.07 37.77
N LYS P 54 -67.43 -11.48 38.86
CA LYS P 54 -67.28 -12.18 40.11
C LYS P 54 -66.88 -11.02 41.06
N LEU P 55 -65.74 -11.20 41.71
CA LEU P 55 -64.82 -10.12 42.06
C LEU P 55 -63.76 -9.75 40.96
N LEU P 56 -64.07 -9.94 39.66
CA LEU P 56 -63.15 -9.58 38.56
C LEU P 56 -62.92 -8.06 38.50
N ASP P 57 -61.77 -7.60 37.97
CA ASP P 57 -61.34 -6.19 38.15
C ASP P 57 -61.50 -5.22 36.99
N GLU P 58 -61.69 -5.68 35.76
CA GLU P 58 -61.98 -4.74 34.67
C GLU P 58 -60.82 -3.73 34.48
N VAL P 59 -59.87 -4.18 33.68
CA VAL P 59 -58.57 -3.54 33.54
C VAL P 59 -58.28 -3.21 32.07
N PHE P 60 -58.73 -4.07 31.15
CA PHE P 60 -58.59 -3.84 29.71
C PHE P 60 -59.86 -3.23 29.13
N PHE P 61 -59.75 -2.76 27.89
CA PHE P 61 -60.88 -2.10 27.23
C PHE P 61 -61.88 -3.14 26.65
N SER P 62 -61.48 -4.41 26.56
CA SER P 62 -62.42 -5.51 26.26
C SER P 62 -61.87 -6.85 26.72
N GLU P 63 -62.65 -7.91 26.52
CA GLU P 63 -62.30 -9.26 26.98
C GLU P 63 -61.89 -10.15 25.83
N LYS P 64 -62.60 -10.03 24.72
CA LYS P 64 -62.45 -10.90 23.57
C LYS P 64 -62.41 -10.11 22.24
N ILE P 65 -62.39 -8.77 22.28
CA ILE P 65 -62.31 -7.96 21.07
C ILE P 65 -60.87 -7.47 20.99
N TYR P 66 -60.20 -7.80 19.90
CA TYR P 66 -58.80 -7.41 19.73
C TYR P 66 -58.60 -6.52 18.52
N LYS P 67 -57.96 -5.38 18.74
CA LYS P 67 -57.49 -4.57 17.63
C LYS P 67 -56.27 -5.26 16.99
N LEU P 68 -56.29 -5.38 15.66
CA LEU P 68 -55.20 -6.03 14.93
C LEU P 68 -54.25 -5.00 14.26
N ASN P 69 -54.81 -3.98 13.63
CA ASN P 69 -54.07 -2.83 13.15
C ASN P 69 -55.03 -1.63 13.14
N GLU P 70 -54.75 -0.58 12.37
CA GLU P 70 -55.60 0.62 12.40
C GLU P 70 -57.00 0.41 11.76
N ASP P 71 -57.10 -0.53 10.83
CA ASP P 71 -58.29 -0.75 10.05
C ASP P 71 -59.02 -2.06 10.35
N MET P 72 -58.61 -2.81 11.37
CA MET P 72 -59.09 -4.18 11.60
C MET P 72 -59.11 -4.60 13.05
N ALA P 73 -60.10 -5.43 13.36
CA ALA P 73 -60.29 -6.00 14.68
C ALA P 73 -60.87 -7.41 14.56
N CYS P 74 -60.83 -8.14 15.66
CA CYS P 74 -61.31 -9.49 15.64
C CYS P 74 -61.86 -9.90 16.97
N SER P 75 -62.62 -10.98 16.95
CA SER P 75 -63.10 -11.62 18.14
C SER P 75 -62.92 -13.10 18.03
N VAL P 76 -62.94 -13.77 19.17
CA VAL P 76 -62.52 -15.15 19.28
C VAL P 76 -63.52 -16.02 20.08
N ALA P 77 -63.52 -17.31 19.79
CA ALA P 77 -64.27 -18.28 20.54
C ALA P 77 -63.47 -19.56 20.60
N GLY P 78 -63.23 -20.04 21.81
CA GLY P 78 -62.46 -21.26 22.06
C GLY P 78 -61.51 -21.11 23.23
N ILE P 79 -60.31 -21.67 23.09
CA ILE P 79 -59.31 -21.65 24.15
C ILE P 79 -58.68 -20.24 24.19
N THR P 80 -58.84 -19.51 25.29
CA THR P 80 -58.37 -18.11 25.36
C THR P 80 -56.85 -17.95 25.11
N SER P 81 -56.05 -18.74 25.81
CA SER P 81 -54.61 -18.74 25.64
C SER P 81 -54.19 -18.97 24.17
N ASP P 82 -54.83 -19.92 23.49
CA ASP P 82 -54.55 -20.14 22.07
C ASP P 82 -54.90 -18.90 21.24
N ALA P 83 -56.02 -18.26 21.58
CA ALA P 83 -56.40 -17.01 20.92
C ALA P 83 -55.36 -15.89 21.13
N ASN P 84 -54.75 -15.82 22.31
CA ASN P 84 -53.68 -14.83 22.52
C ASN P 84 -52.46 -15.05 21.62
N VAL P 85 -52.08 -16.30 21.38
CA VAL P 85 -51.00 -16.60 20.43
C VAL P 85 -51.38 -16.12 19.02
N LEU P 86 -52.57 -16.44 18.58
CA LEU P 86 -52.98 -16.15 17.22
C LEU P 86 -53.20 -14.65 16.96
N THR P 87 -53.72 -13.93 17.94
CA THR P 87 -53.93 -12.49 17.76
C THR P 87 -52.60 -11.77 17.76
N ASN P 88 -51.69 -12.22 18.60
CA ASN P 88 -50.35 -11.71 18.57
C ASN P 88 -49.68 -11.91 17.20
N GLU P 89 -49.81 -13.12 16.67
CA GLU P 89 -49.31 -13.38 15.35
C GLU P 89 -50.00 -12.56 14.26
N LEU P 90 -51.29 -12.31 14.38
CA LEU P 90 -52.00 -11.45 13.42
C LEU P 90 -51.42 -10.04 13.36
N ARG P 91 -51.15 -9.47 14.51
CA ARG P 91 -50.54 -8.18 14.61
C ARG P 91 -49.18 -8.15 13.92
N LEU P 92 -48.38 -9.18 14.15
CA LEU P 92 -47.07 -9.31 13.52
C LEU P 92 -47.19 -9.36 11.97
N ILE P 93 -48.10 -10.18 11.47
CA ILE P 93 -48.29 -10.32 10.03
C ILE P 93 -48.68 -8.99 9.40
N ALA P 94 -49.56 -8.28 10.09
CA ALA P 94 -50.02 -6.97 9.64
C ALA P 94 -48.87 -5.95 9.64
N GLN P 95 -47.98 -5.99 10.61
CA GLN P 95 -46.86 -5.05 10.60
C GLN P 95 -45.82 -5.39 9.54
N ARG P 96 -45.71 -6.68 9.21
CA ARG P 96 -44.78 -7.14 8.18
C ARG P 96 -45.22 -6.68 6.83
N TYR P 97 -46.49 -6.79 6.57
CA TYR P 97 -47.04 -6.27 5.33
C TYR P 97 -46.90 -4.75 5.20
N LEU P 98 -47.21 -4.04 6.28
CA LEU P 98 -47.03 -2.57 6.29
C LEU P 98 -45.56 -2.16 6.13
N LEU P 99 -44.62 -2.91 6.73
CA LEU P 99 -43.20 -2.63 6.52
C LEU P 99 -42.80 -2.70 5.04
N GLN P 100 -43.23 -3.79 4.42
CA GLN P 100 -42.86 -4.13 3.07
C GLN P 100 -43.50 -3.29 2.00
N TYR P 101 -44.75 -2.91 2.20
CA TYR P 101 -45.50 -2.18 1.15
C TYR P 101 -45.87 -0.75 1.52
N GLN P 102 -45.79 -0.40 2.81
CA GLN P 102 -46.19 0.91 3.31
C GLN P 102 -47.65 1.24 3.00
N GLU P 103 -48.48 0.23 3.11
CA GLU P 103 -49.92 0.39 3.18
C GLU P 103 -50.46 -0.70 4.07
N PRO P 104 -51.68 -0.51 4.60
CA PRO P 104 -52.24 -1.54 5.48
C PRO P 104 -52.57 -2.87 4.76
N ILE P 105 -52.50 -3.98 5.48
CA ILE P 105 -52.77 -5.28 4.89
C ILE P 105 -54.28 -5.37 4.53
N PRO P 106 -54.59 -5.80 3.32
CA PRO P 106 -56.00 -6.00 3.05
C PRO P 106 -56.53 -7.12 3.91
N CYS P 107 -57.76 -6.96 4.36
CA CYS P 107 -58.37 -7.83 5.36
C CYS P 107 -58.26 -9.31 5.02
N GLU P 108 -58.60 -9.66 3.78
CA GLU P 108 -58.58 -11.03 3.39
C GLU P 108 -57.18 -11.64 3.43
N GLN P 109 -56.17 -10.85 3.10
CA GLN P 109 -54.78 -11.32 3.13
C GLN P 109 -54.28 -11.58 4.53
N LEU P 110 -54.72 -10.81 5.51
CA LEU P 110 -54.39 -11.09 6.90
C LEU P 110 -55.01 -12.42 7.36
N VAL P 111 -56.28 -12.64 7.02
CA VAL P 111 -56.98 -13.86 7.40
C VAL P 111 -56.29 -15.11 6.82
N THR P 112 -56.04 -15.05 5.51
CA THR P 112 -55.35 -16.10 4.75
C THR P 112 -53.98 -16.43 5.35
N ALA P 113 -53.20 -15.40 5.68
CA ALA P 113 -51.90 -15.62 6.25
C ALA P 113 -52.02 -16.44 7.54
N LEU P 114 -52.92 -16.06 8.42
CA LEU P 114 -53.11 -16.82 9.69
C LEU P 114 -53.67 -18.22 9.46
N CYS P 115 -54.64 -18.31 8.57
CA CYS P 115 -55.16 -19.61 8.20
C CYS P 115 -54.14 -20.61 7.70
N ASP P 116 -53.10 -20.13 6.97
CA ASP P 116 -52.03 -21.04 6.51
C ASP P 116 -51.21 -21.61 7.67
N ILE P 117 -51.07 -20.84 8.74
CA ILE P 117 -50.44 -21.31 9.99
C ILE P 117 -51.32 -22.42 10.61
N LYS P 118 -52.59 -22.12 10.79
CA LYS P 118 -53.52 -23.12 11.33
C LYS P 118 -53.53 -24.40 10.49
N GLN P 119 -53.52 -24.27 9.17
CA GLN P 119 -53.53 -25.41 8.26
C GLN P 119 -52.30 -26.29 8.49
N ALA P 120 -51.14 -25.63 8.61
CA ALA P 120 -49.87 -26.30 8.80
C ALA P 120 -49.91 -27.21 10.05
N TYR P 121 -50.49 -26.70 11.12
CA TYR P 121 -50.69 -27.46 12.34
C TYR P 121 -51.55 -28.71 12.17
N THR P 122 -52.41 -28.78 11.16
CA THR P 122 -53.18 -29.97 10.89
C THR P 122 -52.51 -30.95 9.93
N GLN P 123 -51.44 -30.54 9.25
CA GLN P 123 -50.80 -31.41 8.26
C GLN P 123 -49.42 -31.93 8.66
N PHE P 124 -48.64 -31.16 9.39
CA PHE P 124 -47.38 -31.67 9.86
C PHE P 124 -47.05 -31.28 11.28
N GLY P 125 -46.09 -31.98 11.85
CA GLY P 125 -45.48 -31.60 13.14
C GLY P 125 -46.01 -32.33 14.36
N GLY P 126 -47.04 -33.12 14.22
CA GLY P 126 -47.61 -33.87 15.34
C GLY P 126 -48.03 -33.10 16.59
N LYS P 127 -48.34 -31.81 16.44
CA LYS P 127 -48.88 -31.00 17.53
C LYS P 127 -50.42 -30.96 17.46
N ARG P 128 -51.01 -30.61 18.59
CA ARG P 128 -52.44 -30.34 18.64
C ARG P 128 -52.69 -29.03 17.88
N PRO P 129 -53.84 -28.93 17.21
CA PRO P 129 -54.23 -27.67 16.55
C PRO P 129 -54.61 -26.61 17.57
N PHE P 130 -54.76 -25.36 17.10
CA PHE P 130 -55.25 -24.27 17.96
C PHE P 130 -56.76 -24.41 18.06
N GLY P 131 -57.30 -24.29 19.28
CA GLY P 131 -58.73 -24.48 19.53
C GLY P 131 -59.48 -23.16 19.51
N VAL P 132 -59.46 -22.50 18.36
CA VAL P 132 -59.96 -21.14 18.22
C VAL P 132 -60.65 -20.96 16.87
N SER P 133 -61.79 -20.26 16.91
CA SER P 133 -62.42 -19.75 15.71
C SER P 133 -62.40 -18.24 15.86
N LEU P 134 -62.25 -17.54 14.75
CA LEU P 134 -62.18 -16.09 14.81
C LEU P 134 -63.16 -15.42 13.89
N LEU P 135 -63.68 -14.29 14.34
CA LEU P 135 -64.38 -13.36 13.48
C LEU P 135 -63.51 -12.12 13.26
N TYR P 136 -63.34 -11.72 12.01
CA TYR P 136 -62.54 -10.55 11.67
C TYR P 136 -63.41 -9.48 11.06
N ILE P 137 -63.29 -8.24 11.53
CA ILE P 137 -63.95 -7.10 10.88
C ILE P 137 -62.91 -6.08 10.46
N GLY P 138 -63.19 -5.39 9.38
CA GLY P 138 -62.27 -4.40 8.86
C GLY P 138 -62.74 -3.63 7.65
N TRP P 139 -61.91 -2.64 7.30
CA TRP P 139 -62.06 -1.90 6.06
C TRP P 139 -60.75 -1.94 5.29
N ASP P 140 -60.84 -2.14 3.99
CA ASP P 140 -59.74 -1.84 3.10
C ASP P 140 -60.22 -1.17 1.81
N LYS P 141 -59.27 -0.60 1.09
CA LYS P 141 -59.55 0.15 -0.15
C LYS P 141 -59.88 -0.72 -1.34
N HIS P 142 -59.80 -2.04 -1.18
CA HIS P 142 -60.16 -2.95 -2.28
C HIS P 142 -61.65 -3.35 -2.23
N TYR P 143 -62.14 -3.76 -1.06
CA TYR P 143 -63.51 -4.24 -0.89
C TYR P 143 -64.32 -3.50 0.17
N GLY P 144 -63.78 -2.44 0.74
CA GLY P 144 -64.51 -1.71 1.77
C GLY P 144 -64.73 -2.54 3.02
N PHE P 145 -65.91 -2.40 3.62
CA PHE P 145 -66.23 -3.06 4.87
C PHE P 145 -66.35 -4.56 4.65
N GLN P 146 -65.77 -5.30 5.58
CA GLN P 146 -65.70 -6.74 5.47
C GLN P 146 -65.82 -7.46 6.82
N LEU P 147 -66.27 -8.69 6.73
CA LEU P 147 -66.40 -9.61 7.84
C LEU P 147 -65.96 -10.98 7.36
N TYR P 148 -65.05 -11.61 8.13
CA TYR P 148 -64.51 -12.96 7.84
C TYR P 148 -64.61 -13.88 9.04
N GLN P 149 -64.66 -15.18 8.76
CA GLN P 149 -64.68 -16.20 9.80
C GLN P 149 -63.63 -17.25 9.48
N SER P 150 -62.82 -17.60 10.47
CA SER P 150 -61.91 -18.74 10.32
C SER P 150 -62.06 -19.72 11.46
N ASP P 151 -61.75 -20.98 11.16
CA ASP P 151 -61.81 -22.06 12.16
C ASP P 151 -60.52 -22.93 12.24
N PRO P 152 -60.46 -23.88 13.21
CA PRO P 152 -59.18 -24.55 13.45
C PRO P 152 -58.56 -25.31 12.30
N SER P 153 -59.35 -25.70 11.30
CA SER P 153 -58.78 -26.31 10.05
C SER P 153 -57.90 -25.37 9.21
N GLY P 154 -57.96 -24.07 9.48
CA GLY P 154 -57.34 -23.09 8.62
C GLY P 154 -58.23 -22.78 7.42
N ASN P 155 -59.52 -23.05 7.59
CA ASN P 155 -60.53 -22.67 6.63
C ASN P 155 -61.10 -21.37 7.01
N TYR P 156 -61.49 -20.59 6.00
CA TYR P 156 -62.17 -19.30 6.25
C TYR P 156 -63.21 -18.99 5.20
N GLY P 157 -64.10 -18.07 5.55
CA GLY P 157 -64.99 -17.47 4.59
C GLY P 157 -65.43 -16.09 5.02
N GLY P 158 -65.86 -15.32 4.01
CA GLY P 158 -66.41 -13.98 4.20
C GLY P 158 -67.91 -14.07 4.28
N TRP P 159 -68.48 -13.21 5.11
CA TRP P 159 -69.86 -13.30 5.52
C TRP P 159 -70.48 -11.90 5.57
N LYS P 160 -71.79 -11.84 5.37
CA LYS P 160 -72.57 -10.61 5.60
C LYS P 160 -73.00 -10.56 7.06
N ALA P 161 -73.24 -11.73 7.63
CA ALA P 161 -73.38 -11.87 9.06
C ALA P 161 -73.09 -13.30 9.43
N THR P 162 -72.57 -13.51 10.64
CA THR P 162 -72.27 -14.86 11.11
C THR P 162 -72.07 -14.97 12.63
N CYS P 163 -72.05 -16.23 13.10
CA CYS P 163 -71.94 -16.57 14.53
C CYS P 163 -71.06 -17.79 14.74
N ILE P 164 -70.35 -17.75 15.85
CA ILE P 164 -69.53 -18.87 16.31
C ILE P 164 -69.77 -18.95 17.80
N GLY P 165 -69.41 -20.09 18.40
CA GLY P 165 -69.55 -20.28 19.84
C GLY P 165 -70.91 -20.85 20.24
N ASN P 166 -71.30 -20.62 21.49
CA ASN P 166 -72.53 -21.20 22.03
C ASN P 166 -73.81 -20.80 21.27
N ASN P 167 -74.62 -21.82 20.97
CA ASN P 167 -75.86 -21.70 20.17
C ASN P 167 -75.69 -21.04 18.77
N SER P 168 -74.58 -21.33 18.08
CA SER P 168 -74.30 -20.81 16.72
C SER P 168 -75.42 -21.05 15.73
N ALA P 169 -75.84 -22.32 15.61
CA ALA P 169 -76.87 -22.79 14.65
C ALA P 169 -78.14 -21.98 14.75
N ALA P 170 -78.59 -21.80 16.00
CA ALA P 170 -79.76 -21.00 16.32
C ALA P 170 -79.61 -19.53 15.90
N ALA P 171 -78.45 -18.94 16.22
CA ALA P 171 -78.17 -17.56 15.85
C ALA P 171 -78.15 -17.35 14.33
N VAL P 172 -77.59 -18.29 13.58
CA VAL P 172 -77.54 -18.17 12.10
C VAL P 172 -78.93 -18.35 11.49
N SER P 173 -79.80 -19.09 12.19
CA SER P 173 -81.19 -19.22 11.77
C SER P 173 -81.83 -17.83 11.84
N MET P 174 -81.71 -17.17 12.99
CA MET P 174 -82.28 -15.82 13.18
C MET P 174 -81.72 -14.73 12.25
N LEU P 175 -80.43 -14.80 11.94
CA LEU P 175 -79.79 -13.86 11.00
C LEU P 175 -80.27 -14.09 9.56
N LYS P 176 -80.34 -15.35 9.10
CA LYS P 176 -80.92 -15.69 7.78
C LYS P 176 -82.30 -15.07 7.54
N GLN P 177 -83.11 -14.98 8.58
CA GLN P 177 -84.46 -14.42 8.48
C GLN P 177 -84.54 -12.89 8.61
N ASP P 178 -83.73 -12.26 9.45
CA ASP P 178 -83.87 -10.80 9.71
C ASP P 178 -82.92 -9.90 8.94
N TYR P 179 -81.94 -10.48 8.26
CA TYR P 179 -80.88 -9.67 7.67
C TYR P 179 -81.25 -9.29 6.26
N LYS P 180 -81.15 -8.00 5.98
CA LYS P 180 -81.52 -7.39 4.70
C LYS P 180 -80.27 -7.14 3.81
N GLU P 181 -80.03 -8.03 2.85
CA GLU P 181 -78.86 -7.90 1.95
C GLU P 181 -78.82 -6.55 1.23
N GLY P 182 -77.79 -5.76 1.52
CA GLY P 182 -77.62 -4.45 0.90
C GLY P 182 -78.39 -3.29 1.52
N GLU P 183 -79.10 -3.53 2.63
CA GLU P 183 -79.92 -2.47 3.24
C GLU P 183 -79.80 -2.28 4.77
N MET P 184 -78.80 -2.89 5.38
CA MET P 184 -78.56 -2.70 6.82
C MET P 184 -77.78 -1.42 7.06
N THR P 185 -78.06 -0.80 8.20
CA THR P 185 -77.25 0.26 8.79
C THR P 185 -76.61 -0.28 10.06
N LEU P 186 -75.64 0.47 10.58
CA LEU P 186 -75.01 0.12 11.86
C LEU P 186 -76.05 0.16 12.99
N LYS P 187 -76.98 1.11 12.89
CA LYS P 187 -78.04 1.25 13.88
C LYS P 187 -79.02 0.04 13.90
N SER P 188 -79.35 -0.49 12.73
CA SER P 188 -80.23 -1.66 12.62
C SER P 188 -79.49 -2.97 12.95
N ALA P 189 -78.25 -3.11 12.47
CA ALA P 189 -77.42 -4.30 12.80
C ALA P 189 -77.17 -4.43 14.29
N LEU P 190 -76.97 -3.31 14.97
CA LEU P 190 -76.88 -3.27 16.44
C LEU P 190 -78.14 -3.83 17.11
N ALA P 191 -79.30 -3.36 16.66
CA ALA P 191 -80.58 -3.88 17.18
C ALA P 191 -80.72 -5.37 16.93
N LEU P 192 -80.28 -5.83 15.76
CA LEU P 192 -80.33 -7.25 15.41
C LEU P 192 -79.40 -8.07 16.31
N ALA P 193 -78.20 -7.55 16.55
CA ALA P 193 -77.20 -8.22 17.37
C ALA P 193 -77.74 -8.48 18.78
N ILE P 194 -78.31 -7.43 19.39
CA ILE P 194 -78.96 -7.56 20.70
C ILE P 194 -80.17 -8.50 20.68
N LYS P 195 -80.92 -8.50 19.58
CA LYS P 195 -82.02 -9.45 19.37
C LYS P 195 -81.53 -10.90 19.41
N VAL P 196 -80.42 -11.17 18.72
CA VAL P 196 -79.87 -12.53 18.60
C VAL P 196 -79.21 -12.97 19.90
N LEU P 197 -78.42 -12.09 20.53
CA LEU P 197 -77.84 -12.38 21.85
C LEU P 197 -78.90 -12.59 22.94
N ASN P 198 -80.03 -11.90 22.79
CA ASN P 198 -81.14 -12.05 23.68
C ASN P 198 -81.78 -13.44 23.59
N LYS P 199 -81.81 -14.01 22.37
CA LYS P 199 -82.30 -15.39 22.19
C LYS P 199 -81.26 -16.44 22.63
N THR P 200 -79.99 -16.21 22.30
CA THR P 200 -78.96 -17.25 22.46
C THR P 200 -78.31 -17.34 23.85
N MET P 201 -78.50 -16.35 24.70
CA MET P 201 -78.07 -16.47 26.10
C MET P 201 -79.21 -17.01 26.95
N ASP P 202 -79.19 -18.33 27.12
CA ASP P 202 -80.09 -19.04 28.08
C ASP P 202 -79.96 -18.56 29.55
N VAL P 203 -78.82 -17.90 29.86
CA VAL P 203 -78.72 -17.03 31.05
C VAL P 203 -79.82 -15.93 30.88
N SER P 204 -80.96 -16.18 31.54
CA SER P 204 -82.32 -15.63 31.15
C SER P 204 -82.41 -14.10 30.87
N LYS P 205 -82.16 -13.29 31.90
CA LYS P 205 -82.26 -11.82 31.80
C LYS P 205 -80.91 -11.29 31.26
N LEU P 206 -80.89 -10.88 29.99
CA LEU P 206 -79.69 -10.29 29.32
C LEU P 206 -79.34 -8.92 29.95
N SER P 207 -78.04 -8.63 29.99
CA SER P 207 -77.51 -7.51 30.75
C SER P 207 -76.29 -6.91 30.04
N ALA P 208 -75.96 -5.67 30.40
CA ALA P 208 -74.82 -4.93 29.82
C ALA P 208 -73.48 -5.47 30.30
N GLU P 209 -73.40 -5.81 31.59
CA GLU P 209 -72.20 -6.41 32.18
C GLU P 209 -71.81 -7.72 31.49
N LYS P 210 -72.77 -8.37 30.83
CA LYS P 210 -72.58 -9.68 30.22
C LYS P 210 -72.29 -9.69 28.70
N VAL P 211 -72.27 -8.54 28.01
CA VAL P 211 -71.90 -8.48 26.56
C VAL P 211 -70.92 -7.37 26.20
N GLU P 212 -70.29 -7.56 25.04
CA GLU P 212 -69.32 -6.64 24.49
C GLU P 212 -69.65 -6.39 23.05
N ILE P 213 -69.70 -5.12 22.67
CA ILE P 213 -69.91 -4.74 21.30
C ILE P 213 -68.83 -3.78 20.85
N ALA P 214 -68.32 -4.04 19.66
CA ALA P 214 -67.36 -3.17 19.03
C ALA P 214 -67.90 -2.82 17.66
N THR P 215 -67.80 -1.55 17.29
CA THR P 215 -68.13 -1.10 15.93
C THR P 215 -66.88 -0.61 15.21
N LEU P 216 -66.91 -0.79 13.88
CA LEU P 216 -65.86 -0.32 12.99
C LEU P 216 -66.48 0.48 11.85
N THR P 217 -66.27 1.80 11.86
CA THR P 217 -66.80 2.72 10.83
C THR P 217 -65.68 3.54 10.17
N ARG P 218 -66.06 4.30 9.15
CA ARG P 218 -65.17 5.27 8.49
C ARG P 218 -65.62 6.72 8.76
N GLU P 219 -64.66 7.58 9.13
CA GLU P 219 -64.88 9.02 9.34
C GLU P 219 -63.65 9.85 8.89
N ASN P 220 -63.89 10.73 7.91
CA ASN P 220 -62.87 11.65 7.32
C ASN P 220 -61.66 10.94 6.75
N GLY P 221 -61.91 9.94 5.91
CA GLY P 221 -60.85 9.11 5.34
C GLY P 221 -60.03 8.27 6.33
N LYS P 222 -60.60 8.00 7.51
CA LYS P 222 -59.91 7.31 8.59
C LYS P 222 -60.84 6.24 9.22
N THR P 223 -60.29 5.11 9.64
CA THR P 223 -61.09 4.00 10.21
C THR P 223 -61.21 4.24 11.69
N VAL P 224 -62.41 4.05 12.23
CA VAL P 224 -62.66 4.24 13.67
C VAL P 224 -63.15 2.93 14.27
N ILE P 225 -62.49 2.51 15.35
CA ILE P 225 -62.85 1.29 16.06
C ILE P 225 -63.14 1.67 17.51
N ARG P 226 -64.36 1.35 17.97
CA ARG P 226 -64.84 1.77 19.30
C ARG P 226 -65.49 0.57 19.99
N VAL P 227 -65.17 0.38 21.27
CA VAL P 227 -65.87 -0.58 22.12
C VAL P 227 -66.94 0.27 22.79
N LEU P 228 -68.21 -0.09 22.57
CA LEU P 228 -69.32 0.65 23.17
C LEU P 228 -69.19 0.60 24.70
N LYS P 229 -69.32 1.75 25.35
CA LYS P 229 -69.36 1.82 26.83
C LYS P 229 -70.68 1.23 27.31
N GLN P 230 -70.75 0.90 28.60
CA GLN P 230 -71.88 0.16 29.16
C GLN P 230 -73.20 0.97 28.98
N LYS P 231 -73.13 2.29 29.21
CA LYS P 231 -74.29 3.19 29.00
C LYS P 231 -74.96 3.00 27.61
N GLU P 232 -74.16 2.82 26.55
CA GLU P 232 -74.70 2.62 25.19
C GLU P 232 -75.33 1.23 25.05
N VAL P 233 -74.72 0.22 25.68
CA VAL P 233 -75.23 -1.15 25.64
C VAL P 233 -76.58 -1.26 26.35
N GLU P 234 -76.68 -0.67 27.54
CA GLU P 234 -77.95 -0.62 28.32
C GLU P 234 -79.05 0.07 27.52
N GLN P 235 -78.72 1.26 27.00
CA GLN P 235 -79.63 2.05 26.15
C GLN P 235 -80.08 1.29 24.88
N LEU P 236 -79.23 0.43 24.32
CA LEU P 236 -79.65 -0.47 23.22
C LEU P 236 -80.55 -1.64 23.67
N ILE P 237 -80.26 -2.20 24.86
CA ILE P 237 -81.05 -3.30 25.44
C ILE P 237 -82.47 -2.81 25.71
N LYS P 238 -82.58 -1.64 26.35
CA LYS P 238 -83.87 -0.98 26.60
C LYS P 238 -84.70 -0.81 25.32
N LYS P 239 -84.09 -0.30 24.24
CA LYS P 239 -84.81 -0.17 22.95
C LYS P 239 -85.33 -1.48 22.37
N HIS P 240 -84.56 -2.56 22.50
CA HIS P 240 -85.04 -3.90 22.12
C HIS P 240 -86.20 -4.41 23.00
N GLU P 241 -86.18 -4.07 24.30
CA GLU P 241 -87.25 -4.42 25.26
C GLU P 241 -88.53 -3.61 25.04
N GLU P 242 -88.34 -2.33 24.72
CA GLU P 242 -89.42 -1.45 24.29
C GLU P 242 -90.07 -1.96 22.99
N GLU P 243 -89.25 -2.44 22.05
CA GLU P 243 -89.76 -3.00 20.77
C GLU P 243 -90.60 -4.28 20.94
N GLU P 244 -90.17 -5.21 21.81
CA GLU P 244 -90.97 -6.42 22.15
C GLU P 244 -92.30 -6.05 22.85
N ALA P 245 -93.41 -6.00 22.10
CA ALA P 245 -94.56 -5.06 22.33
C ALA P 245 -94.15 -3.65 21.79
N LYS P 246 -94.35 -3.36 20.49
CA LYS P 246 -95.62 -3.52 19.73
C LYS P 246 -96.21 -4.92 19.40
N ALA P 247 -95.36 -5.94 19.37
CA ALA P 247 -95.78 -7.33 19.09
C ALA P 247 -97.00 -7.86 19.90
N GLU P 248 -97.33 -7.25 21.05
CA GLU P 248 -98.50 -7.59 21.91
C GLU P 248 -99.56 -6.47 21.95
N SER Q 2 -37.95 -31.46 15.58
CA SER Q 2 -38.81 -31.77 14.39
C SER Q 2 -39.30 -33.23 14.38
N TYR Q 3 -40.39 -33.47 13.68
CA TYR Q 3 -41.20 -34.67 13.85
C TYR Q 3 -40.87 -35.68 12.80
N ASP Q 4 -40.06 -36.67 13.16
CA ASP Q 4 -39.56 -37.67 12.24
C ASP Q 4 -40.44 -38.94 12.14
N ARG Q 5 -41.75 -38.87 12.35
CA ARG Q 5 -42.58 -40.08 12.35
C ARG Q 5 -43.01 -40.41 10.92
N ALA Q 6 -42.86 -41.65 10.50
CA ALA Q 6 -43.47 -42.08 9.25
C ALA Q 6 -44.97 -42.13 9.43
N ILE Q 7 -45.68 -41.38 8.62
CA ILE Q 7 -47.13 -41.31 8.71
C ILE Q 7 -47.80 -42.18 7.65
N THR Q 8 -47.33 -42.09 6.43
CA THR Q 8 -47.79 -42.96 5.41
C THR Q 8 -46.86 -44.15 5.26
N VAL Q 9 -47.37 -45.33 5.54
CA VAL Q 9 -46.60 -46.55 5.50
C VAL Q 9 -47.41 -47.59 4.72
N PHE Q 10 -46.77 -48.64 4.25
CA PHE Q 10 -47.45 -49.77 3.63
C PHE Q 10 -48.18 -50.61 4.66
N SER Q 11 -49.35 -51.09 4.28
CA SER Q 11 -50.07 -52.12 4.98
C SER Q 11 -49.85 -53.46 4.36
N PRO Q 12 -50.29 -54.54 5.06
CA PRO Q 12 -49.88 -55.85 4.56
C PRO Q 12 -50.27 -56.30 3.16
N ASP Q 13 -51.28 -55.73 2.56
CA ASP Q 13 -51.62 -56.17 1.18
C ASP Q 13 -51.20 -55.10 0.11
N GLY Q 14 -50.27 -54.26 0.53
CA GLY Q 14 -49.62 -53.30 -0.34
C GLY Q 14 -50.28 -51.96 -0.44
N HIS Q 15 -51.18 -51.65 0.46
CA HIS Q 15 -51.88 -50.37 0.42
C HIS Q 15 -51.16 -49.33 1.25
N LEU Q 16 -51.27 -48.09 0.79
CA LEU Q 16 -50.93 -46.92 1.55
C LEU Q 16 -52.21 -46.33 2.12
N PHE Q 17 -52.61 -46.78 3.30
CA PHE Q 17 -53.88 -46.31 3.87
C PHE Q 17 -54.06 -44.79 4.05
N GLN Q 18 -53.03 -44.04 4.44
CA GLN Q 18 -53.21 -42.60 4.61
C GLN Q 18 -53.64 -41.94 3.30
N VAL Q 19 -53.09 -42.45 2.21
CA VAL Q 19 -53.40 -41.99 0.85
C VAL Q 19 -54.87 -42.35 0.52
N GLU Q 20 -55.26 -43.59 0.75
CA GLU Q 20 -56.64 -44.01 0.60
C GLU Q 20 -57.56 -43.16 1.48
N TYR Q 21 -57.14 -42.80 2.67
CA TYR Q 21 -57.97 -41.96 3.52
C TYR Q 21 -58.05 -40.53 3.00
N ALA Q 22 -56.97 -40.01 2.43
CA ALA Q 22 -56.98 -38.71 1.79
C ALA Q 22 -57.97 -38.67 0.60
N GLN Q 23 -58.03 -39.77 -0.15
CA GLN Q 23 -59.01 -39.99 -1.19
C GLN Q 23 -60.44 -40.04 -0.68
N GLU Q 24 -60.68 -40.57 0.52
CA GLU Q 24 -61.97 -40.41 1.15
C GLU Q 24 -62.30 -38.95 1.45
N ALA Q 25 -61.30 -38.16 1.79
CA ALA Q 25 -61.54 -36.73 1.96
C ALA Q 25 -62.03 -36.07 0.66
N VAL Q 26 -61.41 -36.46 -0.45
CA VAL Q 26 -61.76 -35.95 -1.77
C VAL Q 26 -63.22 -36.32 -2.11
N LYS Q 27 -63.65 -37.54 -1.77
CA LYS Q 27 -64.99 -38.03 -2.13
C LYS Q 27 -66.15 -37.37 -1.38
N LYS Q 28 -65.89 -36.82 -0.21
CA LYS Q 28 -66.83 -35.93 0.50
C LYS Q 28 -66.72 -34.46 0.08
N GLY Q 29 -65.82 -34.11 -0.83
CA GLY Q 29 -65.73 -32.75 -1.34
C GLY Q 29 -66.84 -32.48 -2.36
N SER Q 30 -67.14 -31.19 -2.55
CA SER Q 30 -68.05 -30.75 -3.59
C SER Q 30 -67.66 -31.29 -4.97
N THR Q 31 -68.67 -31.58 -5.78
CA THR Q 31 -68.43 -32.15 -7.08
C THR Q 31 -67.81 -31.08 -7.95
N ALA Q 32 -66.82 -31.45 -8.76
CA ALA Q 32 -66.14 -30.53 -9.67
C ALA Q 32 -65.98 -31.20 -11.01
N VAL Q 33 -66.26 -30.49 -12.09
CA VAL Q 33 -66.27 -31.06 -13.42
C VAL Q 33 -65.45 -30.22 -14.37
N GLY Q 34 -64.76 -30.90 -15.26
CA GLY Q 34 -63.98 -30.28 -16.31
C GLY Q 34 -64.33 -30.90 -17.65
N VAL Q 35 -64.38 -30.05 -18.67
CA VAL Q 35 -64.45 -30.52 -20.04
C VAL Q 35 -63.51 -29.75 -21.00
N ARG Q 36 -62.71 -30.52 -21.75
CA ARG Q 36 -61.83 -30.00 -22.79
C ARG Q 36 -62.63 -29.86 -24.10
N GLY Q 37 -62.95 -28.61 -24.45
CA GLY Q 37 -63.60 -28.31 -25.74
C GLY Q 37 -62.63 -28.29 -26.91
N ARG Q 38 -63.09 -27.71 -28.03
CA ARG Q 38 -62.30 -27.60 -29.26
C ARG Q 38 -61.38 -26.36 -29.18
N ASP Q 39 -61.98 -25.22 -28.87
CA ASP Q 39 -61.28 -23.94 -28.71
C ASP Q 39 -61.58 -23.28 -27.33
N ILE Q 40 -62.16 -24.07 -26.41
CA ILE Q 40 -62.51 -23.60 -25.06
C ILE Q 40 -62.29 -24.74 -24.04
N VAL Q 41 -62.10 -24.36 -22.78
CA VAL Q 41 -62.03 -25.30 -21.68
C VAL Q 41 -62.86 -24.80 -20.52
N VAL Q 42 -63.62 -25.70 -19.89
CA VAL Q 42 -64.62 -25.28 -18.92
C VAL Q 42 -64.43 -26.05 -17.61
N LEU Q 43 -64.73 -25.37 -16.50
CA LEU Q 43 -64.74 -25.96 -15.18
C LEU Q 43 -65.96 -25.50 -14.46
N GLY Q 44 -66.58 -26.40 -13.70
CA GLY Q 44 -67.70 -25.99 -12.87
C GLY Q 44 -67.73 -26.84 -11.64
N VAL Q 45 -68.34 -26.30 -10.59
CA VAL Q 45 -68.33 -26.93 -9.27
C VAL Q 45 -69.59 -26.66 -8.45
N GLU Q 46 -69.96 -27.66 -7.65
CA GLU Q 46 -71.17 -27.67 -6.86
C GLU Q 46 -71.25 -26.55 -5.81
N LYS Q 47 -72.48 -26.16 -5.51
CA LYS Q 47 -72.93 -25.19 -4.49
C LYS Q 47 -71.97 -24.57 -3.50
N LYS Q 48 -71.35 -25.44 -2.69
CA LYS Q 48 -70.99 -25.23 -1.26
C LYS Q 48 -72.31 -25.51 -0.49
N SER Q 49 -72.75 -24.65 0.44
CA SER Q 49 -73.97 -24.92 1.22
C SER Q 49 -75.16 -24.14 0.66
N VAL Q 50 -74.90 -23.37 -0.41
CA VAL Q 50 -75.59 -22.10 -0.57
C VAL Q 50 -75.22 -21.25 0.67
N ALA Q 51 -76.21 -20.88 1.49
CA ALA Q 51 -76.06 -19.94 2.63
C ALA Q 51 -76.20 -18.48 2.16
N LYS Q 52 -77.35 -17.87 2.44
CA LYS Q 52 -77.66 -16.49 2.02
C LYS Q 52 -76.60 -15.49 2.49
N LEU Q 53 -76.09 -15.68 3.70
CA LEU Q 53 -75.22 -14.71 4.34
C LEU Q 53 -73.73 -14.77 3.93
N GLN Q 54 -73.38 -15.75 3.12
CA GLN Q 54 -72.03 -15.92 2.64
C GLN Q 54 -71.73 -14.88 1.58
N ASP Q 55 -70.52 -14.30 1.64
CA ASP Q 55 -69.94 -13.53 0.53
C ASP Q 55 -69.38 -14.53 -0.47
N GLU Q 56 -70.06 -14.65 -1.60
CA GLU Q 56 -69.75 -15.64 -2.65
C GLU Q 56 -68.27 -15.59 -3.10
N ARG Q 57 -67.76 -14.38 -3.31
CA ARG Q 57 -66.36 -14.15 -3.76
C ARG Q 57 -65.32 -14.97 -2.97
N THR Q 58 -65.51 -15.00 -1.66
CA THR Q 58 -64.50 -15.51 -0.73
C THR Q 58 -64.36 -17.03 -0.72
N VAL Q 59 -65.29 -17.75 -1.34
CA VAL Q 59 -65.29 -19.23 -1.28
C VAL Q 59 -65.37 -19.89 -2.63
N ARG Q 60 -64.91 -19.19 -3.67
CA ARG Q 60 -64.76 -19.83 -4.97
C ARG Q 60 -63.79 -21.02 -4.90
N LYS Q 61 -64.10 -22.03 -5.71
CA LYS Q 61 -63.33 -23.26 -5.80
C LYS Q 61 -62.69 -23.37 -7.19
N ILE Q 62 -62.76 -22.31 -7.99
CA ILE Q 62 -61.98 -22.20 -9.24
C ILE Q 62 -60.98 -21.05 -9.09
N YCM Q 63 -59.73 -21.28 -9.52
CA YCM Q 63 -58.56 -20.47 -9.10
CB YCM Q 63 -57.85 -21.16 -7.92
SG YCM Q 63 -58.61 -20.50 -6.46
CD YCM Q 63 -59.52 -21.54 -5.41
CE YCM Q 63 -59.64 -20.62 -4.20
OZ1 YCM Q 63 -59.32 -21.04 -3.11
NZ2 YCM Q 63 -60.09 -19.34 -4.37
C YCM Q 63 -57.54 -20.38 -10.19
O YCM Q 63 -57.12 -21.41 -10.68
N ALA Q 64 -57.18 -19.16 -10.58
CA ALA Q 64 -56.10 -18.96 -11.54
C ALA Q 64 -54.77 -19.30 -10.90
N LEU Q 65 -53.93 -20.02 -11.64
CA LEU Q 65 -52.55 -20.30 -11.28
C LEU Q 65 -51.61 -19.33 -11.98
N ASP Q 66 -51.94 -19.04 -13.23
CA ASP Q 66 -51.20 -18.11 -14.09
C ASP Q 66 -52.20 -17.60 -15.15
N ASP Q 67 -51.76 -16.78 -16.09
CA ASP Q 67 -52.66 -16.23 -17.13
C ASP Q 67 -53.37 -17.30 -17.96
N ASN Q 68 -52.63 -18.36 -18.27
CA ASN Q 68 -53.09 -19.42 -19.17
C ASN Q 68 -53.35 -20.78 -18.48
N VAL Q 69 -53.39 -20.83 -17.15
CA VAL Q 69 -53.66 -22.07 -16.41
C VAL Q 69 -54.49 -21.80 -15.16
N CYS Q 70 -55.56 -22.55 -15.01
CA CYS Q 70 -56.36 -22.47 -13.81
C CYS Q 70 -56.73 -23.86 -13.38
N MET Q 71 -57.35 -23.96 -12.20
CA MET Q 71 -57.67 -25.24 -11.62
C MET Q 71 -58.88 -25.17 -10.73
N ALA Q 72 -59.49 -26.33 -10.57
CA ALA Q 72 -60.51 -26.54 -9.59
C ALA Q 72 -60.07 -27.72 -8.78
N PHE Q 73 -60.64 -27.82 -7.59
CA PHE Q 73 -60.27 -28.89 -6.67
C PHE Q 73 -61.51 -29.48 -6.07
N ALA Q 74 -61.36 -30.68 -5.51
CA ALA Q 74 -62.32 -31.22 -4.57
C ALA Q 74 -61.55 -31.78 -3.38
N GLY Q 75 -62.01 -31.45 -2.18
CA GLY Q 75 -61.54 -32.06 -0.96
C GLY Q 75 -61.39 -31.00 0.10
N LEU Q 76 -60.33 -31.11 0.90
CA LEU Q 76 -60.11 -30.17 1.98
C LEU Q 76 -59.68 -28.82 1.38
N THR Q 77 -60.45 -27.79 1.64
CA THR Q 77 -60.21 -26.47 1.06
C THR Q 77 -58.94 -25.80 1.61
N ALA Q 78 -58.61 -26.04 2.89
CA ALA Q 78 -57.36 -25.54 3.46
C ALA Q 78 -56.14 -26.15 2.78
N ASP Q 79 -56.14 -27.46 2.65
CA ASP Q 79 -55.12 -28.16 1.89
C ASP Q 79 -55.01 -27.58 0.48
N ALA Q 80 -56.16 -27.37 -0.17
CA ALA Q 80 -56.17 -26.84 -1.55
C ALA Q 80 -55.46 -25.49 -1.69
N ARG Q 81 -55.71 -24.58 -0.75
CA ARG Q 81 -55.15 -23.25 -0.78
C ARG Q 81 -53.62 -23.36 -0.73
N ILE Q 82 -53.10 -24.31 0.03
CA ILE Q 82 -51.66 -24.48 0.12
C ILE Q 82 -51.11 -24.94 -1.21
N VAL Q 83 -51.72 -25.97 -1.79
CA VAL Q 83 -51.26 -26.50 -3.06
C VAL Q 83 -51.33 -25.40 -4.11
N ILE Q 84 -52.43 -24.63 -4.09
CA ILE Q 84 -52.63 -23.57 -5.09
C ILE Q 84 -51.51 -22.50 -5.04
N ASN Q 85 -51.21 -21.99 -3.87
CA ASN Q 85 -50.12 -21.04 -3.73
C ASN Q 85 -48.74 -21.60 -4.15
N ARG Q 86 -48.44 -22.83 -3.76
CA ARG Q 86 -47.19 -23.42 -4.17
C ARG Q 86 -47.11 -23.48 -5.71
N ALA Q 87 -48.20 -23.80 -6.38
CA ALA Q 87 -48.21 -23.84 -7.83
C ALA Q 87 -48.04 -22.46 -8.43
N ARG Q 88 -48.65 -21.46 -7.80
CA ARG Q 88 -48.52 -20.10 -8.27
C ARG Q 88 -47.07 -19.64 -8.16
N VAL Q 89 -46.39 -19.99 -7.07
CA VAL Q 89 -45.00 -19.63 -6.88
C VAL Q 89 -44.20 -20.27 -8.00
N GLU Q 90 -44.44 -21.55 -8.23
CA GLU Q 90 -43.71 -22.31 -9.25
C GLU Q 90 -43.86 -21.80 -10.68
N CYS Q 91 -45.07 -21.37 -11.06
CA CYS Q 91 -45.32 -20.70 -12.37
C CYS Q 91 -44.43 -19.50 -12.60
N GLN Q 92 -44.28 -18.67 -11.57
CA GLN Q 92 -43.35 -17.54 -11.63
C GLN Q 92 -41.88 -17.97 -11.62
N SER Q 93 -41.51 -18.91 -10.74
CA SER Q 93 -40.19 -19.53 -10.83
C SER Q 93 -39.84 -20.05 -12.21
N HIS Q 94 -40.78 -20.74 -12.85
CA HIS Q 94 -40.55 -21.27 -14.19
C HIS Q 94 -40.27 -20.09 -15.10
N ARG Q 95 -41.28 -19.22 -15.31
CA ARG Q 95 -41.17 -17.98 -16.12
C ARG Q 95 -39.87 -17.24 -15.93
N LEU Q 96 -39.40 -17.18 -14.69
CA LEU Q 96 -38.09 -16.64 -14.39
C LEU Q 96 -37.06 -17.41 -15.20
N THR Q 97 -36.81 -18.68 -14.88
CA THR Q 97 -35.66 -19.47 -15.43
C THR Q 97 -35.78 -19.93 -16.93
N VAL Q 98 -36.90 -19.62 -17.60
CA VAL Q 98 -37.22 -20.11 -18.97
C VAL Q 98 -38.01 -19.13 -19.88
N GLU Q 99 -38.63 -18.08 -19.32
CA GLU Q 99 -39.25 -16.99 -20.08
C GLU Q 99 -40.34 -17.47 -21.02
N ASP Q 100 -40.88 -18.66 -20.75
CA ASP Q 100 -42.13 -19.07 -21.35
C ASP Q 100 -43.04 -19.29 -20.17
N PRO Q 101 -44.35 -19.15 -20.41
CA PRO Q 101 -45.27 -19.66 -19.41
C PRO Q 101 -45.09 -21.18 -19.25
N VAL Q 102 -45.54 -21.70 -18.10
CA VAL Q 102 -45.54 -23.13 -17.90
C VAL Q 102 -46.49 -23.74 -18.94
N THR Q 103 -46.18 -24.93 -19.44
CA THR Q 103 -47.23 -25.77 -20.04
C THR Q 103 -48.19 -26.26 -18.92
N VAL Q 104 -49.35 -26.75 -19.32
CA VAL Q 104 -50.34 -27.18 -18.37
C VAL Q 104 -49.84 -28.49 -17.75
N GLU Q 105 -49.13 -29.28 -18.55
CA GLU Q 105 -48.55 -30.52 -18.08
C GLU Q 105 -47.41 -30.27 -17.08
N TYR Q 106 -46.59 -29.24 -17.34
CA TYR Q 106 -45.48 -28.93 -16.46
C TYR Q 106 -45.98 -28.66 -15.06
N ILE Q 107 -46.92 -27.75 -14.93
CA ILE Q 107 -47.46 -27.41 -13.63
C ILE Q 107 -48.30 -28.55 -13.03
N THR Q 108 -48.98 -29.36 -13.86
CA THR Q 108 -49.69 -30.53 -13.36
C THR Q 108 -48.70 -31.51 -12.73
N ARG Q 109 -47.63 -31.75 -13.46
CA ARG Q 109 -46.55 -32.62 -13.00
C ARG Q 109 -45.86 -32.10 -11.71
N TYR Q 110 -45.73 -30.80 -11.58
CA TYR Q 110 -45.22 -30.19 -10.39
C TYR Q 110 -46.15 -30.46 -9.21
N ILE Q 111 -47.45 -30.18 -9.37
CA ILE Q 111 -48.44 -30.36 -8.32
C ILE Q 111 -48.50 -31.82 -7.84
N ALA Q 112 -48.43 -32.73 -8.80
CA ALA Q 112 -48.51 -34.15 -8.51
C ALA Q 112 -47.27 -34.64 -7.73
N SER Q 113 -46.08 -34.12 -8.08
CA SER Q 113 -44.87 -34.56 -7.41
C SER Q 113 -44.80 -33.93 -5.99
N LEU Q 114 -45.32 -32.72 -5.82
CA LEU Q 114 -45.56 -32.20 -4.49
C LEU Q 114 -46.45 -33.15 -3.66
N LYS Q 115 -47.58 -33.55 -4.23
CA LYS Q 115 -48.47 -34.44 -3.53
C LYS Q 115 -47.81 -35.80 -3.23
N GLN Q 116 -47.08 -36.37 -4.19
CA GLN Q 116 -46.38 -37.63 -3.98
C GLN Q 116 -45.37 -37.56 -2.79
N ARG Q 117 -44.66 -36.46 -2.69
CA ARG Q 117 -43.66 -36.21 -1.64
C ARG Q 117 -44.27 -36.26 -0.25
N TYR Q 118 -45.45 -35.67 -0.12
CA TYR Q 118 -46.14 -35.72 1.13
C TYR Q 118 -46.75 -37.09 1.40
N THR Q 119 -46.54 -38.10 0.54
CA THR Q 119 -46.90 -39.51 0.89
C THR Q 119 -45.68 -40.38 1.24
N GLN Q 120 -44.50 -39.78 1.18
CA GLN Q 120 -43.27 -40.48 1.37
C GLN Q 120 -42.25 -39.69 2.24
N SER Q 121 -42.69 -38.72 3.02
CA SER Q 121 -41.84 -37.90 3.86
C SER Q 121 -42.29 -37.97 5.29
N ASN Q 122 -41.35 -37.94 6.20
CA ASN Q 122 -41.61 -38.00 7.60
C ASN Q 122 -42.37 -36.79 8.12
N GLY Q 123 -43.26 -37.06 9.06
CA GLY Q 123 -43.97 -36.02 9.78
C GLY Q 123 -45.15 -35.32 9.13
N ARG Q 124 -45.55 -35.77 7.94
CA ARG Q 124 -46.58 -35.12 7.09
C ARG Q 124 -47.64 -36.10 6.65
N ARG Q 125 -48.90 -35.70 6.72
CA ARG Q 125 -49.95 -36.47 6.05
C ARG Q 125 -50.06 -36.01 4.59
N PRO Q 126 -50.65 -36.84 3.72
CA PRO Q 126 -50.96 -36.42 2.35
C PRO Q 126 -51.96 -35.26 2.26
N PHE Q 127 -51.95 -34.56 1.13
CA PHE Q 127 -52.94 -33.52 0.87
C PHE Q 127 -54.27 -34.21 0.58
N GLY Q 128 -55.31 -33.73 1.22
CA GLY Q 128 -56.67 -34.29 1.02
C GLY Q 128 -57.43 -33.66 -0.14
N ILE Q 129 -56.81 -33.60 -1.32
CA ILE Q 129 -57.43 -32.98 -2.49
C ILE Q 129 -57.04 -33.67 -3.77
N SER Q 130 -58.00 -33.62 -4.72
CA SER Q 130 -57.74 -33.78 -6.14
C SER Q 130 -57.91 -32.44 -6.83
N ALA Q 131 -57.25 -32.31 -7.97
CA ALA Q 131 -57.37 -31.12 -8.76
C ALA Q 131 -57.61 -31.44 -10.23
N LEU Q 132 -58.44 -30.61 -10.85
CA LEU Q 132 -58.59 -30.56 -12.31
C LEU Q 132 -57.89 -29.29 -12.78
N ILE Q 133 -56.93 -29.45 -13.69
CA ILE Q 133 -56.10 -28.35 -14.13
C ILE Q 133 -56.29 -28.18 -15.63
N VAL Q 134 -56.60 -26.95 -16.04
CA VAL Q 134 -56.91 -26.68 -17.44
C VAL Q 134 -56.18 -25.48 -17.97
N GLY Q 135 -56.03 -25.45 -19.29
CA GLY Q 135 -55.44 -24.28 -19.95
C GLY Q 135 -55.05 -24.56 -21.37
N PHE Q 136 -54.27 -23.65 -21.96
CA PHE Q 136 -53.73 -23.83 -23.31
C PHE Q 136 -52.23 -23.70 -23.30
N ASP Q 137 -51.58 -24.55 -24.09
CA ASP Q 137 -50.16 -24.40 -24.40
C ASP Q 137 -49.94 -23.27 -25.44
N PHE Q 138 -48.67 -22.82 -25.55
CA PHE Q 138 -48.28 -21.76 -26.52
C PHE Q 138 -48.73 -22.04 -27.96
N ASP Q 139 -48.84 -23.31 -28.35
CA ASP Q 139 -49.32 -23.69 -29.71
C ASP Q 139 -50.86 -23.80 -29.88
N GLY Q 140 -51.62 -23.37 -28.87
CA GLY Q 140 -53.08 -23.35 -28.92
C GLY Q 140 -53.82 -24.65 -28.60
N THR Q 141 -53.11 -25.74 -28.30
CA THR Q 141 -53.78 -26.99 -27.93
C THR Q 141 -54.43 -26.88 -26.52
N PRO Q 142 -55.75 -27.12 -26.41
CA PRO Q 142 -56.41 -27.10 -25.10
C PRO Q 142 -56.07 -28.35 -24.29
N ARG Q 143 -56.14 -28.24 -22.96
CA ARG Q 143 -55.62 -29.26 -22.03
C ARG Q 143 -56.46 -29.39 -20.77
N LEU Q 144 -56.75 -30.63 -20.39
CA LEU Q 144 -57.39 -30.94 -19.13
C LEU Q 144 -56.58 -32.05 -18.47
N TYR Q 145 -56.11 -31.81 -17.24
CA TYR Q 145 -55.38 -32.82 -16.42
C TYR Q 145 -56.02 -33.00 -15.06
N GLN Q 146 -55.81 -34.16 -14.46
CA GLN Q 146 -56.28 -34.41 -13.12
C GLN Q 146 -55.14 -34.97 -12.28
N THR Q 147 -55.08 -34.54 -11.02
CA THR Q 147 -54.15 -35.06 -10.02
C THR Q 147 -54.94 -35.57 -8.85
N ASP Q 148 -54.42 -36.58 -8.15
CA ASP Q 148 -55.03 -36.99 -6.88
C ASP Q 148 -54.00 -37.10 -5.76
N PRO Q 149 -54.44 -37.36 -4.52
CA PRO Q 149 -53.55 -37.31 -3.35
C PRO Q 149 -52.29 -38.18 -3.45
N SER Q 150 -52.32 -39.25 -4.23
CA SER Q 150 -51.19 -40.14 -4.37
C SER Q 150 -50.05 -39.52 -5.16
N GLY Q 151 -50.34 -38.47 -5.91
CA GLY Q 151 -49.39 -37.90 -6.85
C GLY Q 151 -49.53 -38.46 -8.26
N THR Q 152 -50.51 -39.32 -8.46
CA THR Q 152 -50.84 -39.80 -9.79
C THR Q 152 -51.49 -38.67 -10.61
N TYR Q 153 -51.15 -38.57 -11.89
CA TYR Q 153 -51.82 -37.60 -12.72
C TYR Q 153 -52.06 -38.14 -14.13
N HIS Q 154 -53.12 -37.63 -14.77
CA HIS Q 154 -53.49 -38.02 -16.14
C HIS Q 154 -54.18 -36.91 -16.86
N ALA Q 155 -54.16 -36.98 -18.19
CA ALA Q 155 -54.92 -36.09 -19.07
C ALA Q 155 -56.29 -36.73 -19.40
N TRP Q 156 -57.32 -35.89 -19.47
CA TRP Q 156 -58.67 -36.30 -19.71
C TRP Q 156 -59.31 -35.44 -20.82
N LYS Q 157 -60.23 -36.04 -21.59
CA LYS Q 157 -61.14 -35.26 -22.48
C LYS Q 157 -62.16 -34.52 -21.63
N ALA Q 158 -62.63 -35.18 -20.58
CA ALA Q 158 -63.55 -34.60 -19.61
C ALA Q 158 -63.47 -35.50 -18.39
N ASN Q 159 -63.87 -34.99 -17.24
CA ASN Q 159 -63.76 -35.73 -15.98
C ASN Q 159 -64.47 -35.02 -14.83
N ALA Q 160 -64.79 -35.79 -13.79
CA ALA Q 160 -65.36 -35.28 -12.55
C ALA Q 160 -64.54 -35.77 -11.35
N ILE Q 161 -64.54 -35.01 -10.25
CA ILE Q 161 -63.99 -35.40 -8.94
C ILE Q 161 -64.93 -34.92 -7.83
N GLY Q 162 -64.73 -35.39 -6.59
CA GLY Q 162 -65.65 -35.06 -5.49
C GLY Q 162 -66.86 -36.01 -5.39
N ARG Q 163 -67.79 -35.69 -4.50
CA ARG Q 163 -68.94 -36.55 -4.23
C ARG Q 163 -69.78 -36.75 -5.45
N GLY Q 164 -70.05 -38.02 -5.74
CA GLY Q 164 -70.74 -38.39 -6.95
C GLY Q 164 -69.99 -38.12 -8.24
N ALA Q 165 -68.66 -38.18 -8.20
CA ALA Q 165 -67.85 -38.25 -9.41
C ALA Q 165 -68.15 -39.50 -10.29
N LYS Q 166 -68.43 -40.65 -9.66
CA LYS Q 166 -68.63 -41.93 -10.41
C LYS Q 166 -69.80 -41.84 -11.37
N SER Q 167 -70.93 -41.32 -10.91
CA SER Q 167 -72.11 -41.15 -11.79
C SER Q 167 -71.98 -39.98 -12.78
N VAL Q 168 -71.33 -38.89 -12.38
CA VAL Q 168 -71.06 -37.77 -13.31
C VAL Q 168 -70.06 -38.18 -14.39
N ARG Q 169 -69.06 -39.00 -14.05
CA ARG Q 169 -68.15 -39.54 -15.07
C ARG Q 169 -68.88 -40.49 -16.04
N GLU Q 170 -69.76 -41.33 -15.50
CA GLU Q 170 -70.63 -42.21 -16.30
C GLU Q 170 -71.48 -41.39 -17.28
N PHE Q 171 -72.01 -40.26 -16.82
CA PHE Q 171 -72.77 -39.33 -17.66
C PHE Q 171 -71.93 -38.72 -18.78
N LEU Q 172 -70.72 -38.28 -18.45
CA LEU Q 172 -69.81 -37.68 -19.44
C LEU Q 172 -69.35 -38.71 -20.47
N GLU Q 173 -69.16 -39.96 -20.04
CA GLU Q 173 -68.75 -41.05 -20.94
C GLU Q 173 -69.76 -41.23 -22.06
N LYS Q 174 -71.05 -41.22 -21.71
CA LYS Q 174 -72.11 -41.42 -22.71
C LYS Q 174 -72.39 -40.11 -23.47
N ASN Q 175 -72.19 -38.94 -22.83
CA ASN Q 175 -72.57 -37.61 -23.38
C ASN Q 175 -71.47 -36.75 -24.07
N TYR Q 176 -70.19 -37.05 -23.87
CA TYR Q 176 -69.13 -36.34 -24.57
C TYR Q 176 -68.96 -36.87 -26.01
N THR Q 177 -69.39 -36.08 -26.99
CA THR Q 177 -69.20 -36.40 -28.41
C THR Q 177 -68.86 -35.12 -29.18
N ASP Q 178 -68.44 -35.30 -30.43
CA ASP Q 178 -68.11 -34.17 -31.33
C ASP Q 178 -69.25 -33.14 -31.42
N GLU Q 179 -70.49 -33.62 -31.39
CA GLU Q 179 -71.70 -32.77 -31.35
C GLU Q 179 -71.85 -31.91 -30.07
N ALA Q 180 -71.56 -32.48 -28.89
CA ALA Q 180 -71.69 -31.74 -27.63
C ALA Q 180 -70.60 -30.65 -27.44
N ILE Q 181 -69.48 -30.77 -28.17
CA ILE Q 181 -68.35 -29.78 -28.15
C ILE Q 181 -68.09 -29.04 -29.47
N GLU Q 182 -69.07 -29.04 -30.38
CA GLU Q 182 -68.94 -28.31 -31.66
C GLU Q 182 -68.88 -26.79 -31.44
N THR Q 183 -69.67 -26.30 -30.47
CA THR Q 183 -69.61 -24.90 -30.04
C THR Q 183 -69.38 -24.75 -28.56
N ASP Q 184 -69.01 -23.52 -28.20
CA ASP Q 184 -68.77 -23.11 -26.82
C ASP Q 184 -70.00 -23.27 -25.91
N ASP Q 185 -71.16 -22.77 -26.36
CA ASP Q 185 -72.45 -22.87 -25.63
C ASP Q 185 -72.84 -24.30 -25.18
N LEU Q 186 -72.55 -25.28 -26.02
CA LEU Q 186 -72.93 -26.67 -25.76
C LEU Q 186 -71.94 -27.28 -24.78
N THR Q 187 -70.66 -26.98 -24.97
CA THR Q 187 -69.58 -27.31 -24.03
C THR Q 187 -69.91 -26.80 -22.62
N ILE Q 188 -70.30 -25.53 -22.53
CA ILE Q 188 -70.70 -24.96 -21.26
C ILE Q 188 -71.91 -25.70 -20.70
N LYS Q 189 -72.89 -25.98 -21.55
CA LYS Q 189 -74.10 -26.71 -21.15
C LYS Q 189 -73.80 -28.15 -20.70
N LEU Q 190 -72.89 -28.82 -21.41
CA LEU Q 190 -72.47 -30.18 -21.07
C LEU Q 190 -71.99 -30.29 -19.61
N VAL Q 191 -71.21 -29.30 -19.15
CA VAL Q 191 -70.77 -29.19 -17.75
C VAL Q 191 -71.96 -29.01 -16.79
N ILE Q 192 -72.91 -28.17 -17.15
CA ILE Q 192 -74.06 -27.90 -16.27
C ILE Q 192 -75.01 -29.12 -16.18
N LYS Q 193 -75.24 -29.83 -17.28
CA LYS Q 193 -76.09 -31.04 -17.24
C LYS Q 193 -75.42 -32.09 -16.36
N ALA Q 194 -74.10 -32.21 -16.50
CA ALA Q 194 -73.31 -33.11 -15.67
C ALA Q 194 -73.46 -32.81 -14.18
N LEU Q 195 -73.37 -31.54 -13.80
CA LEU Q 195 -73.58 -31.14 -12.39
C LEU Q 195 -75.03 -31.35 -11.90
N LEU Q 196 -76.01 -30.94 -12.70
CA LEU Q 196 -77.44 -31.20 -12.39
C LEU Q 196 -77.77 -32.68 -12.10
N GLU Q 197 -76.92 -33.58 -12.59
CA GLU Q 197 -77.05 -35.02 -12.35
C GLU Q 197 -76.83 -35.42 -10.90
N VAL Q 198 -76.10 -34.62 -10.11
CA VAL Q 198 -76.07 -34.83 -8.65
C VAL Q 198 -76.38 -33.62 -7.76
N VAL Q 199 -76.33 -32.40 -8.30
CA VAL Q 199 -76.50 -31.18 -7.49
C VAL Q 199 -77.91 -31.07 -6.90
N ASN Q 205 -76.07 -22.14 -5.99
CA ASN Q 205 -75.44 -23.37 -6.48
C ASN Q 205 -74.46 -23.17 -7.67
N ILE Q 206 -73.98 -24.27 -8.27
CA ILE Q 206 -73.07 -24.29 -9.46
C ILE Q 206 -72.26 -22.96 -9.80
N GLU Q 207 -71.02 -22.85 -9.30
CA GLU Q 207 -70.03 -21.84 -9.77
C GLU Q 207 -69.48 -22.32 -11.10
N LEU Q 208 -69.26 -21.42 -12.04
CA LEU Q 208 -68.75 -21.86 -13.34
C LEU Q 208 -67.82 -20.87 -14.02
N ALA Q 209 -66.88 -21.42 -14.79
CA ALA Q 209 -65.83 -20.63 -15.41
C ALA Q 209 -65.26 -21.23 -16.70
N VAL Q 210 -64.78 -20.35 -17.56
CA VAL Q 210 -64.34 -20.70 -18.92
C VAL Q 210 -62.98 -20.12 -19.22
N MET Q 211 -62.26 -20.76 -20.14
CA MET Q 211 -61.02 -20.19 -20.67
C MET Q 211 -60.96 -20.36 -22.16
N ARG Q 212 -61.09 -19.26 -22.89
CA ARG Q 212 -60.98 -19.28 -24.35
C ARG Q 212 -59.52 -19.07 -24.73
N ARG Q 213 -59.13 -19.62 -25.89
CA ARG Q 213 -57.73 -19.55 -26.38
C ARG Q 213 -57.21 -18.12 -26.30
N ASP Q 214 -56.16 -17.91 -25.50
CA ASP Q 214 -55.53 -16.58 -25.25
C ASP Q 214 -56.32 -15.68 -24.29
N GLN Q 215 -57.66 -15.69 -24.37
CA GLN Q 215 -58.51 -14.61 -23.80
C GLN Q 215 -58.47 -14.48 -22.25
N SER Q 216 -57.89 -15.47 -21.54
CA SER Q 216 -57.77 -15.44 -20.07
C SER Q 216 -59.13 -15.66 -19.36
N LEU Q 217 -59.07 -15.88 -18.04
CA LEU Q 217 -60.15 -16.53 -17.29
C LEU Q 217 -61.41 -15.69 -17.09
N LYS Q 218 -62.48 -16.02 -17.83
CA LYS Q 218 -63.82 -15.54 -17.51
C LYS Q 218 -64.49 -16.49 -16.48
N ILE Q 219 -65.04 -15.91 -15.40
CA ILE Q 219 -66.04 -16.58 -14.54
C ILE Q 219 -67.42 -16.06 -14.98
N LEU Q 220 -68.48 -16.84 -14.71
CA LEU Q 220 -69.90 -16.41 -14.89
C LEU Q 220 -70.42 -16.35 -13.43
N ASN Q 221 -71.30 -15.48 -12.89
CA ASN Q 221 -72.42 -14.69 -13.47
C ASN Q 221 -73.74 -15.44 -13.20
N PRO Q 222 -74.36 -15.24 -12.00
CA PRO Q 222 -75.53 -16.07 -11.65
C PRO Q 222 -76.81 -15.80 -12.43
N GLU Q 223 -76.89 -14.66 -13.12
CA GLU Q 223 -77.98 -14.39 -14.09
C GLU Q 223 -77.80 -15.24 -15.39
N GLU Q 224 -76.55 -15.31 -15.86
CA GLU Q 224 -76.20 -16.07 -17.07
C GLU Q 224 -76.16 -17.60 -16.81
N ILE Q 225 -76.07 -18.00 -15.54
CA ILE Q 225 -76.09 -19.41 -15.12
C ILE Q 225 -77.51 -19.99 -15.09
N GLU Q 226 -78.42 -19.34 -14.35
CA GLU Q 226 -79.83 -19.81 -14.23
C GLU Q 226 -80.59 -19.92 -15.57
N LYS Q 227 -80.14 -19.16 -16.57
CA LYS Q 227 -80.55 -19.33 -17.98
C LYS Q 227 -80.39 -20.79 -18.43
N TYR Q 228 -79.15 -21.25 -18.39
CA TYR Q 228 -78.82 -22.63 -18.72
C TYR Q 228 -79.53 -23.67 -17.82
N VAL Q 229 -79.74 -23.33 -16.55
CA VAL Q 229 -80.32 -24.25 -15.54
C VAL Q 229 -81.76 -24.62 -15.89
N ALA Q 230 -82.58 -23.58 -16.08
CA ALA Q 230 -84.00 -23.72 -16.50
C ALA Q 230 -84.14 -24.32 -17.92
N GLU Q 231 -83.22 -23.96 -18.81
CA GLU Q 231 -83.13 -24.50 -20.20
C GLU Q 231 -82.81 -26.02 -20.29
N ILE Q 232 -82.24 -26.60 -19.22
CA ILE Q 232 -81.98 -28.08 -19.09
C ILE Q 232 -83.01 -28.81 -18.17
N GLU Q 233 -83.53 -28.10 -17.16
CA GLU Q 233 -84.50 -28.61 -16.15
C GLU Q 233 -85.85 -28.93 -16.78
N LYS Q 234 -86.35 -28.02 -17.61
CA LYS Q 234 -87.56 -28.26 -18.40
C LYS Q 234 -87.38 -29.35 -19.47
N GLU Q 235 -86.16 -29.53 -19.98
CA GLU Q 235 -85.88 -30.65 -20.92
C GLU Q 235 -85.94 -32.06 -20.27
N LYS Q 236 -85.38 -32.23 -19.05
CA LYS Q 236 -85.49 -33.51 -18.30
C LYS Q 236 -86.87 -33.80 -17.63
N GLU Q 237 -87.83 -32.87 -17.76
CA GLU Q 237 -89.26 -33.08 -17.38
C GLU Q 237 -90.08 -33.60 -18.58
N GLU Q 238 -89.82 -33.05 -19.76
CA GLU Q 238 -90.42 -33.49 -21.03
C GLU Q 238 -90.08 -34.98 -21.30
N ASN Q 239 -88.85 -35.37 -20.94
CA ASN Q 239 -88.35 -36.76 -21.08
C ASN Q 239 -89.09 -37.83 -20.27
N GLU Q 240 -89.77 -37.44 -19.19
CA GLU Q 240 -90.69 -38.34 -18.48
C GLU Q 240 -92.02 -38.44 -19.25
N LYS Q 241 -92.72 -37.32 -19.46
CA LYS Q 241 -93.95 -37.31 -20.25
C LYS Q 241 -93.65 -37.42 -21.75
N ASP R 9 -48.35 -52.07 16.33
CA ASP R 9 -47.67 -50.85 15.78
C ASP R 9 -46.15 -50.79 16.11
N ARG R 10 -45.40 -50.46 15.07
CA ARG R 10 -43.97 -50.75 14.97
C ARG R 10 -43.31 -49.79 13.93
N GLY R 11 -41.99 -49.74 13.92
CA GLY R 11 -41.27 -48.79 13.08
C GLY R 11 -41.06 -49.33 11.69
N VAL R 12 -40.83 -48.45 10.72
CA VAL R 12 -40.63 -48.87 9.34
C VAL R 12 -39.44 -49.76 9.04
N ASN R 13 -38.48 -49.81 9.97
CA ASN R 13 -37.29 -50.65 9.80
C ASN R 13 -37.31 -51.89 10.72
N THR R 14 -38.48 -52.41 11.00
CA THR R 14 -38.61 -53.59 11.82
C THR R 14 -38.43 -54.87 11.01
N PHE R 15 -37.60 -55.77 11.52
CA PHE R 15 -37.48 -57.12 10.93
C PHE R 15 -38.64 -58.01 11.40
N SER R 16 -39.13 -58.87 10.52
CA SER R 16 -40.06 -59.95 10.88
C SER R 16 -39.25 -61.13 11.45
N PRO R 17 -39.95 -62.10 12.12
CA PRO R 17 -39.28 -63.30 12.61
C PRO R 17 -38.58 -64.16 11.52
N GLU R 18 -38.92 -63.94 10.27
CA GLU R 18 -38.33 -64.65 9.16
C GLU R 18 -37.19 -63.90 8.54
N GLY R 19 -36.86 -62.71 9.08
CA GLY R 19 -35.75 -61.96 8.57
C GLY R 19 -35.98 -61.12 7.33
N ARG R 20 -37.16 -60.59 7.19
CA ARG R 20 -37.45 -59.66 6.11
C ARG R 20 -37.91 -58.35 6.74
N LEU R 21 -37.74 -57.23 6.06
CA LEU R 21 -38.31 -55.99 6.52
C LEU R 21 -39.77 -56.00 6.07
N PHE R 22 -40.68 -55.95 7.03
CA PHE R 22 -42.11 -55.85 6.78
C PHE R 22 -42.44 -54.86 5.64
N GLN R 23 -41.90 -53.63 5.73
CA GLN R 23 -42.28 -52.61 4.78
C GLN R 23 -41.86 -52.98 3.35
N VAL R 24 -40.72 -53.65 3.21
CA VAL R 24 -40.25 -54.10 1.90
C VAL R 24 -41.12 -55.24 1.36
N GLU R 25 -41.51 -56.17 2.23
CA GLU R 25 -42.41 -57.28 1.81
C GLU R 25 -43.75 -56.71 1.42
N TYR R 26 -44.26 -55.75 2.18
CA TYR R 26 -45.52 -55.13 1.84
C TYR R 26 -45.41 -54.28 0.54
N ALA R 27 -44.24 -53.61 0.32
CA ALA R 27 -44.03 -52.87 -0.91
C ALA R 27 -44.04 -53.77 -2.14
N ILE R 28 -43.42 -54.95 -2.02
CA ILE R 28 -43.49 -56.00 -3.05
C ILE R 28 -44.93 -56.43 -3.36
N GLU R 29 -45.80 -56.48 -2.36
CA GLU R 29 -47.21 -56.85 -2.54
C GLU R 29 -47.90 -55.80 -3.40
N ALA R 30 -47.51 -54.53 -3.23
CA ALA R 30 -48.04 -53.46 -4.10
C ALA R 30 -47.68 -53.64 -5.57
N ILE R 31 -46.53 -54.23 -5.88
CA ILE R 31 -46.16 -54.51 -7.28
C ILE R 31 -47.20 -55.44 -7.95
N LYS R 32 -47.74 -56.40 -7.20
CA LYS R 32 -48.79 -57.31 -7.71
C LYS R 32 -50.06 -56.58 -8.08
N LEU R 33 -50.27 -55.37 -7.59
CA LEU R 33 -51.42 -54.56 -8.01
C LEU R 33 -51.17 -53.79 -9.31
N GLY R 34 -49.92 -53.66 -9.74
CA GLY R 34 -49.59 -52.95 -10.98
C GLY R 34 -49.95 -53.68 -12.28
N SER R 35 -49.97 -52.92 -13.34
CA SER R 35 -50.10 -53.42 -14.70
C SER R 35 -48.93 -54.26 -15.14
N THR R 36 -49.20 -55.25 -15.98
CA THR R 36 -48.14 -56.13 -16.41
C THR R 36 -47.14 -55.43 -17.38
N ALA R 37 -45.85 -55.61 -17.14
CA ALA R 37 -44.83 -55.17 -18.07
C ALA R 37 -43.90 -56.31 -18.34
N ILE R 38 -43.38 -56.32 -19.56
CA ILE R 38 -42.52 -57.39 -20.08
C ILE R 38 -41.25 -56.79 -20.73
N GLY R 39 -40.10 -57.43 -20.47
CA GLY R 39 -38.88 -57.15 -21.14
C GLY R 39 -38.22 -58.38 -21.69
N ILE R 40 -37.60 -58.25 -22.88
CA ILE R 40 -36.86 -59.35 -23.49
C ILE R 40 -35.58 -58.79 -24.06
N GLN R 41 -34.49 -59.47 -23.76
CA GLN R 41 -33.17 -59.17 -24.27
C GLN R 41 -32.81 -60.17 -25.39
N THR R 42 -32.54 -59.63 -26.57
CA THR R 42 -32.01 -60.40 -27.69
C THR R 42 -30.65 -59.81 -28.11
N SER R 43 -29.92 -60.54 -28.96
CA SER R 43 -28.67 -60.06 -29.53
C SER R 43 -28.84 -58.81 -30.43
N GLU R 44 -30.06 -58.56 -30.89
CA GLU R 44 -30.38 -57.41 -31.75
C GLU R 44 -30.99 -56.23 -31.02
N GLY R 45 -31.14 -56.33 -29.71
CA GLY R 45 -31.72 -55.23 -28.93
C GLY R 45 -32.65 -55.76 -27.87
N VAL R 46 -33.15 -54.87 -27.03
CA VAL R 46 -34.12 -55.26 -26.05
C VAL R 46 -35.40 -54.52 -26.36
N CYS R 47 -36.52 -55.16 -26.00
CA CYS R 47 -37.83 -54.50 -26.06
C CYS R 47 -38.54 -54.55 -24.71
N LEU R 48 -39.36 -53.54 -24.50
CA LEU R 48 -40.10 -53.31 -23.30
C LEU R 48 -41.52 -53.08 -23.73
N ALA R 49 -42.47 -53.75 -23.08
CA ALA R 49 -43.91 -53.65 -23.44
C ALA R 49 -44.71 -53.65 -22.17
N VAL R 50 -45.74 -52.81 -22.14
CA VAL R 50 -46.49 -52.61 -20.93
C VAL R 50 -48.00 -52.41 -21.23
N GLU R 51 -48.82 -53.09 -20.41
CA GLU R 51 -50.24 -52.92 -20.34
C GLU R 51 -50.52 -51.55 -19.74
N LYS R 52 -51.34 -50.75 -20.42
CA LYS R 52 -51.66 -49.41 -19.90
C LYS R 52 -52.68 -49.44 -18.79
N ARG R 53 -53.78 -50.18 -19.00
CA ARG R 53 -54.86 -50.36 -18.06
C ARG R 53 -55.71 -49.11 -17.97
N ILE R 54 -56.44 -48.89 -19.06
CA ILE R 54 -57.29 -47.72 -19.25
C ILE R 54 -58.55 -47.96 -18.41
N THR R 55 -58.90 -47.00 -17.56
CA THR R 55 -60.06 -47.10 -16.69
C THR R 55 -61.26 -46.31 -17.19
N SER R 56 -61.08 -45.50 -18.24
CA SER R 56 -62.20 -44.77 -18.88
C SER R 56 -61.89 -44.40 -20.33
N PRO R 57 -62.89 -44.44 -21.23
CA PRO R 57 -62.62 -43.88 -22.59
C PRO R 57 -62.29 -42.37 -22.59
N LEU R 58 -62.65 -41.66 -21.52
CA LEU R 58 -62.34 -40.25 -21.38
C LEU R 58 -60.86 -39.96 -21.08
N MET R 59 -60.15 -40.94 -20.54
CA MET R 59 -58.73 -40.81 -20.24
C MET R 59 -57.94 -40.78 -21.55
N GLU R 60 -57.00 -39.86 -21.69
CA GLU R 60 -56.10 -39.85 -22.83
C GLU R 60 -55.06 -40.94 -22.67
N PRO R 61 -55.09 -41.97 -23.53
CA PRO R 61 -54.10 -43.07 -23.39
C PRO R 61 -52.63 -42.68 -23.49
N SER R 62 -52.31 -41.64 -24.24
CA SER R 62 -50.92 -41.24 -24.38
C SER R 62 -50.38 -40.53 -23.12
N SER R 63 -51.25 -40.09 -22.21
CA SER R 63 -50.82 -39.53 -20.93
C SER R 63 -50.50 -40.57 -19.83
N ILE R 64 -50.59 -41.86 -20.19
CA ILE R 64 -50.20 -42.95 -19.29
C ILE R 64 -48.86 -43.35 -19.84
N GLU R 65 -47.81 -42.87 -19.20
CA GLU R 65 -46.51 -43.16 -19.64
C GLU R 65 -45.90 -44.10 -18.58
N LYS R 66 -45.69 -45.35 -18.97
CA LYS R 66 -45.10 -46.38 -18.11
C LYS R 66 -43.80 -46.95 -18.70
N ILE R 67 -43.45 -46.55 -19.92
CA ILE R 67 -42.09 -46.69 -20.42
C ILE R 67 -41.54 -45.28 -20.63
N VAL R 68 -40.34 -45.04 -20.11
CA VAL R 68 -39.67 -43.72 -20.17
C VAL R 68 -38.22 -43.89 -20.66
N GLU R 69 -37.73 -42.87 -21.38
CA GLU R 69 -36.33 -42.77 -21.76
C GLU R 69 -35.48 -42.32 -20.54
N ILE R 70 -34.44 -43.08 -20.25
CA ILE R 70 -33.44 -42.69 -19.23
C ILE R 70 -32.33 -41.86 -19.91
N ASP R 71 -31.76 -42.45 -20.96
CA ASP R 71 -30.83 -41.81 -21.84
C ASP R 71 -31.11 -42.42 -23.21
N ALA R 72 -30.37 -42.00 -24.22
CA ALA R 72 -30.55 -42.46 -25.59
C ALA R 72 -30.39 -43.99 -25.76
N HIS R 73 -29.61 -44.59 -24.87
CA HIS R 73 -29.23 -45.98 -24.95
C HIS R 73 -29.93 -46.79 -23.85
N ILE R 74 -30.84 -46.21 -23.07
CA ILE R 74 -31.49 -46.91 -21.93
C ILE R 74 -32.94 -46.50 -21.75
N GLY R 75 -33.84 -47.46 -21.75
CA GLY R 75 -35.25 -47.23 -21.42
C GLY R 75 -35.58 -47.93 -20.12
N CYS R 76 -36.69 -47.54 -19.55
CA CYS R 76 -37.18 -48.12 -18.32
C CYS R 76 -38.69 -48.36 -18.37
N ALA R 77 -39.12 -49.60 -18.13
CA ALA R 77 -40.55 -49.96 -17.91
C ALA R 77 -40.83 -50.17 -16.41
N MET R 78 -41.95 -49.65 -15.95
CA MET R 78 -42.31 -49.68 -14.52
C MET R 78 -43.69 -50.33 -14.26
N SER R 79 -43.82 -50.93 -13.07
CA SER R 79 -45.10 -51.43 -12.58
C SER R 79 -45.22 -51.25 -11.07
N GLY R 80 -46.40 -50.78 -10.64
CA GLY R 80 -46.81 -50.80 -9.25
C GLY R 80 -47.43 -49.48 -8.96
N LEU R 81 -46.93 -48.76 -7.96
CA LEU R 81 -47.42 -47.43 -7.63
C LEU R 81 -46.56 -46.44 -8.39
N ILE R 82 -47.10 -46.04 -9.53
CA ILE R 82 -46.38 -45.27 -10.56
C ILE R 82 -45.89 -43.91 -10.06
N ALA R 83 -46.62 -43.24 -9.19
CA ALA R 83 -46.17 -41.99 -8.63
C ALA R 83 -44.82 -42.16 -7.88
N ASP R 84 -44.58 -43.31 -7.24
CA ASP R 84 -43.31 -43.57 -6.54
C ASP R 84 -42.12 -43.65 -7.51
N ALA R 85 -42.40 -43.98 -8.76
CA ALA R 85 -41.33 -44.15 -9.69
C ALA R 85 -40.59 -42.82 -10.09
N LYS R 86 -41.25 -41.66 -9.97
CA LYS R 86 -40.71 -40.42 -10.46
C LYS R 86 -39.34 -40.07 -9.88
N THR R 87 -39.15 -40.17 -8.58
CA THR R 87 -37.82 -39.90 -8.03
C THR R 87 -36.79 -40.87 -8.54
N LEU R 88 -37.17 -42.14 -8.71
CA LEU R 88 -36.22 -43.17 -9.14
C LEU R 88 -35.73 -42.93 -10.57
N ILE R 89 -36.68 -42.60 -11.43
CA ILE R 89 -36.40 -42.29 -12.82
C ILE R 89 -35.47 -41.03 -12.96
N ASP R 90 -35.79 -40.00 -12.20
CA ASP R 90 -35.08 -38.77 -12.26
C ASP R 90 -33.66 -39.06 -11.80
N LYS R 91 -33.53 -39.89 -10.77
CA LYS R 91 -32.21 -40.28 -10.30
C LYS R 91 -31.44 -41.01 -11.38
N ALA R 92 -32.09 -41.93 -12.11
CA ALA R 92 -31.37 -42.63 -13.19
C ALA R 92 -30.89 -41.62 -14.27
N ARG R 93 -31.71 -40.63 -14.57
CA ARG R 93 -31.42 -39.65 -15.57
C ARG R 93 -30.27 -38.78 -15.18
N VAL R 94 -30.34 -38.23 -13.99
CA VAL R 94 -29.30 -37.39 -13.44
C VAL R 94 -27.99 -38.15 -13.36
N GLU R 95 -28.02 -39.38 -12.89
CA GLU R 95 -26.79 -40.18 -12.82
C GLU R 95 -26.13 -40.43 -14.19
N THR R 96 -26.92 -40.74 -15.23
CA THR R 96 -26.32 -40.99 -16.53
C THR R 96 -25.69 -39.72 -17.07
N GLN R 97 -26.31 -38.57 -16.83
CA GLN R 97 -25.74 -37.31 -17.29
C GLN R 97 -24.50 -36.90 -16.51
N ASN R 98 -24.48 -37.20 -15.19
CA ASN R 98 -23.32 -36.97 -14.39
C ASN R 98 -22.13 -37.81 -14.85
N HIS R 99 -22.41 -39.03 -15.22
CA HIS R 99 -21.39 -39.92 -15.68
C HIS R 99 -20.80 -39.41 -17.01
N TRP R 100 -21.69 -38.97 -17.88
CA TRP R 100 -21.30 -38.40 -19.17
C TRP R 100 -20.44 -37.14 -18.95
N PHE R 101 -20.90 -36.28 -18.07
CA PHE R 101 -20.20 -35.06 -17.75
C PHE R 101 -18.72 -35.37 -17.29
N THR R 102 -18.60 -36.32 -16.38
CA THR R 102 -17.35 -36.58 -15.71
C THR R 102 -16.37 -37.37 -16.56
N TYR R 103 -16.88 -38.44 -17.20
CA TYR R 103 -16.05 -39.43 -17.86
C TYR R 103 -16.13 -39.39 -19.38
N ASN R 104 -17.03 -38.57 -19.92
CA ASN R 104 -17.21 -38.48 -21.37
C ASN R 104 -17.47 -39.80 -22.10
N GLU R 105 -18.39 -40.58 -21.54
CA GLU R 105 -18.75 -41.91 -22.01
C GLU R 105 -20.17 -42.21 -21.50
N THR R 106 -20.84 -43.17 -22.12
CA THR R 106 -22.18 -43.57 -21.68
C THR R 106 -22.07 -44.53 -20.48
N MET R 107 -22.98 -44.43 -19.56
CA MET R 107 -22.99 -45.28 -18.36
C MET R 107 -23.55 -46.65 -18.76
N THR R 108 -23.00 -47.72 -18.23
CA THR R 108 -23.59 -49.06 -18.48
C THR R 108 -24.98 -49.26 -17.82
N VAL R 109 -25.81 -50.14 -18.42
CA VAL R 109 -27.18 -50.42 -17.93
C VAL R 109 -27.10 -50.97 -16.50
N GLU R 110 -26.16 -51.88 -16.28
CA GLU R 110 -25.89 -52.39 -14.93
C GLU R 110 -25.55 -51.27 -13.89
N SER R 111 -24.66 -50.35 -14.26
CA SER R 111 -24.31 -49.22 -13.38
C SER R 111 -25.49 -48.34 -13.07
N VAL R 112 -26.30 -48.00 -14.08
CA VAL R 112 -27.51 -47.20 -13.81
C VAL R 112 -28.45 -47.93 -12.86
N THR R 113 -28.65 -49.22 -13.10
CA THR R 113 -29.56 -50.02 -12.26
C THR R 113 -29.05 -50.04 -10.82
N GLN R 114 -27.74 -50.30 -10.68
CA GLN R 114 -27.07 -50.26 -9.35
C GLN R 114 -27.29 -48.94 -8.59
N ALA R 115 -27.07 -47.82 -9.25
CA ALA R 115 -27.18 -46.53 -8.62
C ALA R 115 -28.59 -46.34 -8.16
N VAL R 116 -29.59 -46.65 -9.01
CA VAL R 116 -30.97 -46.54 -8.57
C VAL R 116 -31.29 -47.52 -7.42
N SER R 117 -30.77 -48.73 -7.50
CA SER R 117 -31.12 -49.71 -6.50
C SER R 117 -30.53 -49.39 -5.11
N ASN R 118 -29.43 -48.64 -5.05
CA ASN R 118 -28.89 -48.12 -3.78
C ASN R 118 -29.76 -47.11 -3.05
N LEU R 119 -30.86 -46.68 -3.67
CA LEU R 119 -31.85 -45.85 -2.99
C LEU R 119 -32.92 -46.65 -2.26
N ALA R 120 -33.07 -47.89 -2.72
N ALA R 120 -33.15 -47.92 -2.59
CA ALA R 120 -33.87 -48.87 -2.09
CA ALA R 120 -34.35 -48.69 -2.12
C ALA R 120 -32.92 -49.25 -0.96
C ALA R 120 -34.61 -48.81 -0.59
N LEU R 121 -33.56 -49.12 0.18
CA LEU R 121 -33.50 -49.23 1.60
C LEU R 121 -33.16 -47.93 2.30
N GLN R 122 -33.09 -46.79 1.58
CA GLN R 122 -32.78 -45.50 2.22
C GLN R 122 -34.03 -44.81 2.68
N PHE R 123 -34.72 -45.44 3.63
CA PHE R 123 -35.87 -44.88 4.29
C PHE R 123 -35.70 -45.14 5.82
N GLY R 124 -36.30 -44.30 6.64
CA GLY R 124 -36.25 -44.47 8.07
C GLY R 124 -36.89 -43.31 8.76
N GLU R 125 -36.94 -43.31 10.08
CA GLU R 125 -37.64 -42.30 10.85
C GLU R 125 -37.02 -41.87 12.20
N GLU R 126 -35.70 -41.83 12.27
CA GLU R 126 -35.02 -41.21 13.44
C GLU R 126 -33.56 -40.89 13.09
N ASP R 127 -32.90 -41.77 12.34
CA ASP R 127 -31.58 -41.37 11.73
C ASP R 127 -31.71 -40.12 10.83
N ALA R 128 -32.68 -40.23 9.89
CA ALA R 128 -33.22 -39.25 8.90
C ALA R 128 -32.80 -37.78 8.80
N ASP R 129 -32.26 -37.40 7.63
CA ASP R 129 -31.60 -36.11 7.38
C ASP R 129 -32.58 -34.88 7.25
N PRO R 130 -32.70 -34.24 6.05
CA PRO R 130 -33.92 -33.46 5.77
C PRO R 130 -35.18 -34.24 5.96
N GLY R 131 -36.18 -33.88 5.14
CA GLY R 131 -37.11 -34.87 4.62
C GLY R 131 -36.34 -35.93 3.79
N ALA R 132 -36.03 -37.07 4.41
CA ALA R 132 -35.69 -38.30 3.71
C ALA R 132 -36.98 -39.13 3.58
N MET R 133 -36.86 -40.18 2.78
CA MET R 133 -37.95 -41.09 2.53
C MET R 133 -38.46 -41.77 3.80
N SER R 134 -39.76 -41.76 4.03
CA SER R 134 -40.37 -42.43 5.15
C SER R 134 -40.74 -43.93 4.96
N ARG R 135 -40.64 -44.45 3.75
CA ARG R 135 -41.08 -45.80 3.44
C ARG R 135 -40.42 -46.22 2.17
N PRO R 136 -40.34 -47.52 1.91
CA PRO R 136 -39.86 -47.96 0.59
C PRO R 136 -40.73 -47.52 -0.66
N PHE R 137 -40.17 -47.76 -1.85
CA PHE R 137 -40.82 -47.44 -3.14
C PHE R 137 -41.65 -48.62 -3.55
N GLY R 138 -42.94 -48.39 -3.83
CA GLY R 138 -43.89 -49.46 -4.24
C GLY R 138 -43.87 -49.75 -5.74
N VAL R 139 -42.67 -49.98 -6.29
CA VAL R 139 -42.46 -50.01 -7.71
C VAL R 139 -41.42 -51.04 -8.04
N ALA R 140 -41.64 -51.79 -9.09
CA ALA R 140 -40.57 -52.57 -9.71
C ALA R 140 -40.18 -51.98 -11.08
N LEU R 141 -38.93 -52.15 -11.49
CA LEU R 141 -38.44 -51.54 -12.74
C LEU R 141 -37.70 -52.53 -13.58
N LEU R 142 -37.92 -52.43 -14.87
CA LEU R 142 -37.09 -53.06 -15.89
C LEU R 142 -36.27 -51.97 -16.62
N PHE R 143 -34.94 -52.06 -16.54
CA PHE R 143 -34.06 -51.20 -17.30
C PHE R 143 -33.61 -52.00 -18.47
N GLY R 144 -33.87 -51.50 -19.67
CA GLY R 144 -33.46 -52.14 -20.90
C GLY R 144 -32.65 -51.18 -21.79
N GLY R 145 -31.48 -51.62 -22.22
CA GLY R 145 -30.63 -50.78 -23.01
C GLY R 145 -29.48 -51.50 -23.68
N VAL R 146 -28.62 -50.71 -24.31
CA VAL R 146 -27.44 -51.21 -25.02
C VAL R 146 -26.21 -50.43 -24.57
N ASP R 147 -25.18 -51.17 -24.16
CA ASP R 147 -23.86 -50.64 -23.81
C ASP R 147 -22.83 -51.56 -24.47
N GLU R 148 -21.55 -51.41 -24.16
CA GLU R 148 -20.49 -52.26 -24.76
C GLU R 148 -20.54 -53.75 -24.44
N LYS R 149 -21.28 -54.16 -23.40
CA LYS R 149 -21.57 -55.59 -23.19
C LYS R 149 -22.62 -56.09 -24.21
N GLY R 150 -23.26 -55.16 -24.93
CA GLY R 150 -24.31 -55.44 -25.91
C GLY R 150 -25.68 -55.12 -25.32
N PRO R 151 -26.74 -55.68 -25.91
CA PRO R 151 -28.07 -55.44 -25.35
C PRO R 151 -28.20 -56.00 -23.93
N GLN R 152 -28.95 -55.32 -23.07
CA GLN R 152 -29.09 -55.75 -21.69
C GLN R 152 -30.33 -55.31 -20.95
N LEU R 153 -30.88 -56.25 -20.19
CA LEU R 153 -32.10 -56.06 -19.45
C LEU R 153 -31.85 -56.45 -17.99
N PHE R 154 -32.25 -55.56 -17.08
CA PHE R 154 -32.12 -55.76 -15.65
C PHE R 154 -33.46 -55.47 -15.00
N HIS R 155 -33.71 -56.18 -13.90
CA HIS R 155 -34.89 -56.02 -13.11
C HIS R 155 -34.50 -55.53 -11.74
N MET R 156 -35.26 -54.62 -11.20
CA MET R 156 -35.05 -54.17 -9.84
C MET R 156 -36.38 -54.19 -9.09
N ASP R 157 -36.36 -54.58 -7.81
CA ASP R 157 -37.55 -54.47 -6.94
C ASP R 157 -37.29 -53.62 -5.69
N PRO R 158 -38.35 -53.37 -4.87
CA PRO R 158 -38.20 -52.49 -3.70
C PRO R 158 -37.21 -52.93 -2.60
N SER R 159 -36.74 -54.16 -2.66
CA SER R 159 -35.68 -54.60 -1.79
C SER R 159 -34.29 -54.02 -2.13
N GLY R 160 -34.14 -53.45 -3.32
CA GLY R 160 -32.81 -53.07 -3.79
C GLY R 160 -31.98 -54.19 -4.40
N THR R 161 -32.60 -55.35 -4.58
CA THR R 161 -32.02 -56.42 -5.33
C THR R 161 -32.24 -56.16 -6.85
N PHE R 162 -31.18 -56.29 -7.63
CA PHE R 162 -31.26 -56.13 -9.08
C PHE R 162 -30.50 -57.25 -9.73
N VAL R 163 -30.89 -57.61 -10.95
CA VAL R 163 -30.27 -58.73 -11.63
C VAL R 163 -30.53 -58.68 -13.14
N GLN R 164 -29.56 -59.13 -13.94
CA GLN R 164 -29.74 -59.27 -15.39
C GLN R 164 -30.76 -60.40 -15.70
N CYS R 165 -31.62 -60.18 -16.68
CA CYS R 165 -32.62 -61.17 -17.10
C CYS R 165 -32.72 -61.26 -18.63
N ASP R 166 -32.76 -62.48 -19.18
CA ASP R 166 -32.94 -62.68 -20.61
C ASP R 166 -34.35 -62.27 -21.02
N ALA R 167 -35.32 -62.53 -20.13
CA ALA R 167 -36.69 -62.02 -20.27
C ALA R 167 -37.38 -61.98 -18.90
N ARG R 168 -38.22 -60.98 -18.67
CA ARG R 168 -38.86 -60.80 -17.39
C ARG R 168 -40.20 -60.11 -17.51
N ALA R 169 -41.16 -60.58 -16.72
CA ALA R 169 -42.42 -59.89 -16.53
C ALA R 169 -42.58 -59.43 -15.07
N ILE R 170 -43.30 -58.33 -14.87
CA ILE R 170 -43.51 -57.74 -13.55
C ILE R 170 -44.94 -57.29 -13.51
N GLY R 171 -45.45 -57.08 -12.31
CA GLY R 171 -46.84 -56.68 -12.12
C GLY R 171 -47.83 -57.85 -11.92
N SER R 172 -49.11 -57.56 -12.04
CA SER R 172 -50.19 -58.50 -11.62
C SER R 172 -50.09 -59.92 -12.19
N ALA R 173 -49.83 -60.03 -13.48
CA ALA R 173 -49.84 -61.32 -14.13
C ALA R 173 -48.44 -61.88 -14.40
N SER R 174 -47.46 -61.54 -13.55
CA SER R 174 -46.08 -61.86 -13.81
C SER R 174 -45.76 -63.34 -13.72
N GLU R 175 -46.43 -64.08 -12.83
CA GLU R 175 -46.24 -65.56 -12.74
C GLU R 175 -46.57 -66.26 -14.04
N GLY R 176 -47.80 -66.01 -14.50
CA GLY R 176 -48.30 -66.45 -15.81
C GLY R 176 -47.42 -66.06 -16.98
N ALA R 177 -47.18 -64.77 -17.08
CA ALA R 177 -46.39 -64.22 -18.17
C ALA R 177 -44.96 -64.76 -18.19
N GLN R 178 -44.36 -64.89 -17.00
CA GLN R 178 -43.01 -65.44 -16.87
C GLN R 178 -42.92 -66.88 -17.34
N SER R 179 -43.97 -67.70 -17.07
CA SER R 179 -44.03 -69.06 -17.54
C SER R 179 -44.05 -69.10 -19.08
N SER R 180 -44.89 -68.25 -19.68
CA SER R 180 -44.98 -68.16 -21.14
C SER R 180 -43.61 -67.67 -21.72
N LEU R 181 -42.91 -66.77 -21.02
CA LEU R 181 -41.59 -66.35 -21.47
C LEU R 181 -40.55 -67.47 -21.47
N GLN R 182 -40.57 -68.38 -20.49
CA GLN R 182 -39.64 -69.55 -20.51
C GLN R 182 -39.89 -70.49 -21.70
N GLU R 183 -41.14 -70.54 -22.16
CA GLU R 183 -41.54 -71.42 -23.24
C GLU R 183 -41.03 -70.92 -24.59
N VAL R 184 -41.19 -69.63 -24.82
CA VAL R 184 -40.83 -69.03 -26.12
C VAL R 184 -39.37 -68.53 -26.18
N TYR R 185 -38.77 -68.11 -25.08
CA TYR R 185 -37.43 -67.54 -25.16
C TYR R 185 -36.35 -68.53 -25.61
N HIS R 186 -35.50 -68.07 -26.53
CA HIS R 186 -34.23 -68.73 -26.82
C HIS R 186 -33.17 -67.69 -27.18
N LYS R 187 -31.92 -68.01 -26.90
CA LYS R 187 -30.78 -67.07 -27.03
C LYS R 187 -30.57 -66.53 -28.45
N SER R 188 -30.87 -67.34 -29.46
CA SER R 188 -30.73 -66.93 -30.88
C SER R 188 -31.96 -66.20 -31.49
N MET R 189 -32.99 -65.97 -30.68
CA MET R 189 -34.20 -65.25 -31.07
C MET R 189 -33.94 -63.83 -31.60
N THR R 190 -34.69 -63.42 -32.64
CA THR R 190 -34.59 -62.07 -33.18
C THR R 190 -35.39 -61.09 -32.35
N LEU R 191 -35.09 -59.81 -32.50
CA LEU R 191 -35.88 -58.77 -31.86
C LEU R 191 -37.32 -58.75 -32.33
N LYS R 192 -37.57 -58.87 -33.64
CA LYS R 192 -38.97 -58.85 -34.10
C LYS R 192 -39.79 -60.02 -33.54
N GLU R 193 -39.16 -61.20 -33.39
CA GLU R 193 -39.77 -62.34 -32.70
C GLU R 193 -40.08 -62.04 -31.24
N ALA R 194 -39.11 -61.44 -30.53
CA ALA R 194 -39.32 -61.05 -29.15
C ALA R 194 -40.42 -60.01 -28.97
N ILE R 195 -40.59 -59.11 -29.93
CA ILE R 195 -41.69 -58.13 -29.89
C ILE R 195 -43.07 -58.81 -30.04
N LYS R 196 -43.18 -59.70 -31.01
CA LYS R 196 -44.39 -60.46 -31.24
C LYS R 196 -44.74 -61.29 -29.98
N SER R 197 -43.75 -62.07 -29.52
CA SER R 197 -43.88 -62.91 -28.31
C SER R 197 -44.43 -62.13 -27.12
N SER R 198 -43.90 -60.93 -26.89
CA SER R 198 -44.36 -60.16 -25.74
C SER R 198 -45.76 -59.55 -25.97
N LEU R 199 -46.12 -59.26 -27.21
CA LEU R 199 -47.47 -58.79 -27.46
C LEU R 199 -48.48 -59.93 -27.33
N ILE R 200 -48.06 -61.14 -27.74
CA ILE R 200 -48.89 -62.33 -27.59
C ILE R 200 -49.16 -62.59 -26.12
N ILE R 201 -48.11 -62.51 -25.31
CA ILE R 201 -48.26 -62.73 -23.87
C ILE R 201 -49.11 -61.65 -23.19
N LEU R 202 -48.90 -60.37 -23.49
CA LEU R 202 -49.75 -59.31 -22.89
C LEU R 202 -51.19 -59.54 -23.26
N LYS R 203 -51.41 -59.92 -24.50
CA LYS R 203 -52.74 -60.30 -24.96
C LYS R 203 -53.43 -61.36 -24.06
N GLN R 204 -52.78 -62.51 -23.81
CA GLN R 204 -53.33 -63.55 -22.91
C GLN R 204 -53.68 -62.98 -21.55
N VAL R 205 -52.75 -62.24 -20.96
CA VAL R 205 -52.84 -61.87 -19.53
C VAL R 205 -53.62 -60.61 -19.23
N MET R 206 -53.83 -59.75 -20.22
CA MET R 206 -54.59 -58.51 -20.02
C MET R 206 -56.08 -58.78 -19.76
N GLU R 207 -56.71 -58.07 -18.79
CA GLU R 207 -58.20 -58.20 -18.59
C GLU R 207 -58.97 -57.52 -19.73
N GLU R 208 -58.44 -56.40 -20.25
CA GLU R 208 -58.97 -55.74 -21.48
C GLU R 208 -58.44 -56.36 -22.78
N LYS R 209 -59.27 -56.33 -23.82
CA LYS R 209 -58.88 -56.79 -25.16
C LYS R 209 -57.76 -55.91 -25.68
N LEU R 210 -56.63 -56.50 -26.07
CA LEU R 210 -55.51 -55.70 -26.61
C LEU R 210 -55.86 -54.94 -27.88
N ASN R 211 -55.28 -53.74 -28.01
CA ASN R 211 -55.30 -52.89 -29.21
C ASN R 211 -54.11 -51.89 -29.18
N ALA R 212 -54.09 -50.96 -30.13
CA ALA R 212 -52.95 -50.05 -30.34
C ALA R 212 -52.87 -48.82 -29.44
N THR R 213 -53.89 -48.59 -28.60
CA THR R 213 -53.90 -47.48 -27.64
C THR R 213 -53.76 -47.89 -26.17
N ASN R 214 -54.08 -49.13 -25.81
CA ASN R 214 -53.98 -49.59 -24.42
C ASN R 214 -52.74 -50.43 -24.06
N ILE R 215 -51.72 -50.42 -24.92
CA ILE R 215 -50.37 -50.89 -24.61
C ILE R 215 -49.31 -49.85 -25.07
N GLU R 216 -48.09 -49.95 -24.52
CA GLU R 216 -46.92 -49.24 -25.10
C GLU R 216 -45.82 -50.24 -25.32
N LEU R 217 -45.03 -49.97 -26.34
CA LEU R 217 -43.84 -50.72 -26.64
C LEU R 217 -42.70 -49.78 -27.02
N ALA R 218 -41.50 -50.11 -26.55
CA ALA R 218 -40.26 -49.40 -26.88
C ALA R 218 -39.13 -50.40 -27.09
N THR R 219 -38.15 -49.99 -27.90
CA THR R 219 -36.95 -50.77 -28.10
C THR R 219 -35.67 -49.93 -27.92
N VAL R 220 -34.55 -50.60 -27.73
CA VAL R 220 -33.24 -50.04 -27.87
C VAL R 220 -32.41 -51.08 -28.59
N GLN R 221 -31.66 -50.65 -29.63
CA GLN R 221 -30.89 -51.55 -30.50
C GLN R 221 -29.46 -51.08 -30.63
N PRO R 222 -28.51 -51.98 -30.90
CA PRO R 222 -27.13 -51.55 -31.17
C PRO R 222 -27.04 -50.37 -32.16
N GLY R 223 -27.76 -50.45 -33.26
CA GLY R 223 -27.69 -49.38 -34.25
C GLY R 223 -28.47 -48.11 -33.93
N GLN R 224 -29.26 -48.10 -32.86
CA GLN R 224 -30.35 -47.15 -32.80
C GLN R 224 -30.79 -46.79 -31.38
N ASN R 225 -31.06 -45.51 -31.20
CA ASN R 225 -31.50 -45.00 -29.95
C ASN R 225 -32.86 -45.52 -29.48
N PHE R 226 -33.08 -45.37 -28.18
CA PHE R 226 -34.37 -45.61 -27.57
C PHE R 226 -35.47 -45.08 -28.51
N HIS R 227 -36.45 -45.96 -28.78
CA HIS R 227 -37.56 -45.65 -29.68
C HIS R 227 -38.95 -46.15 -29.15
N MET R 228 -39.82 -45.20 -28.79
CA MET R 228 -41.22 -45.49 -28.49
C MET R 228 -42.02 -45.76 -29.79
N PHE R 229 -42.69 -46.91 -29.88
CA PHE R 229 -43.53 -47.22 -31.03
C PHE R 229 -44.74 -46.28 -31.13
N THR R 230 -44.99 -45.81 -32.35
CA THR R 230 -46.20 -45.03 -32.71
C THR R 230 -47.46 -45.91 -32.79
N LYS R 231 -48.66 -45.30 -32.73
CA LYS R 231 -49.94 -46.04 -32.97
C LYS R 231 -49.79 -46.85 -34.22
N GLU R 232 -49.28 -46.22 -35.27
CA GLU R 232 -49.17 -46.87 -36.59
C GLU R 232 -48.22 -48.08 -36.53
N GLU R 233 -47.05 -47.92 -35.91
CA GLU R 233 -46.08 -49.03 -35.84
C GLU R 233 -46.59 -50.18 -34.95
N LEU R 234 -47.38 -49.82 -33.93
CA LEU R 234 -48.06 -50.82 -33.07
C LEU R 234 -49.07 -51.64 -33.86
N GLU R 235 -49.90 -50.95 -34.64
CA GLU R 235 -50.93 -51.59 -35.51
C GLU R 235 -50.34 -52.61 -36.47
N GLU R 236 -49.17 -52.31 -37.03
CA GLU R 236 -48.46 -53.28 -37.88
C GLU R 236 -48.16 -54.61 -37.17
N VAL R 237 -47.60 -54.53 -35.97
CA VAL R 237 -47.25 -55.73 -35.19
C VAL R 237 -48.49 -56.44 -34.66
N ILE R 238 -49.53 -55.68 -34.33
CA ILE R 238 -50.80 -56.25 -33.83
C ILE R 238 -51.58 -57.14 -34.83
N LYS R 239 -51.35 -56.96 -36.15
CA LYS R 239 -52.07 -57.71 -37.21
C LYS R 239 -51.98 -59.24 -37.11
N ASP R 240 -50.74 -59.72 -36.94
CA ASP R 240 -50.45 -61.16 -36.73
C ASP R 240 -51.09 -61.71 -35.43
N ILE R 241 -51.49 -60.80 -34.54
CA ILE R 241 -52.34 -61.01 -33.36
C ILE R 241 -51.67 -61.92 -32.30
N PHE S 2 -45.08 -62.61 27.10
CA PHE S 2 -43.70 -63.22 27.04
C PHE S 2 -42.83 -62.79 25.85
N ARG S 3 -43.43 -62.42 24.69
CA ARG S 3 -42.65 -62.03 23.45
C ARG S 3 -42.98 -60.74 22.64
N ASN S 4 -44.25 -60.52 22.28
CA ASN S 4 -44.65 -59.52 21.26
C ASN S 4 -44.25 -58.06 21.53
N GLN S 5 -44.44 -57.61 22.77
CA GLN S 5 -44.00 -56.27 23.19
C GLN S 5 -42.47 -56.13 23.20
N TYR S 6 -41.74 -57.24 23.28
CA TYR S 6 -40.30 -57.25 23.14
C TYR S 6 -39.72 -57.56 21.75
N ASP S 7 -40.48 -57.66 20.67
CA ASP S 7 -39.77 -58.09 19.45
C ASP S 7 -39.70 -57.14 18.27
N ASN S 8 -40.15 -55.90 18.46
CA ASN S 8 -40.16 -54.96 17.37
C ASN S 8 -39.08 -53.91 17.36
N ASP S 9 -38.48 -53.62 18.52
CA ASP S 9 -37.51 -52.55 18.70
C ASP S 9 -36.16 -53.10 19.14
N VAL S 10 -35.11 -52.68 18.43
CA VAL S 10 -33.76 -53.07 18.74
C VAL S 10 -33.30 -52.49 20.09
N THR S 11 -33.97 -51.45 20.59
CA THR S 11 -33.70 -50.91 21.89
C THR S 11 -34.41 -51.56 23.07
N VAL S 12 -35.18 -52.65 22.86
CA VAL S 12 -35.91 -53.28 23.93
C VAL S 12 -35.27 -54.62 24.23
N TRP S 13 -34.61 -54.71 25.39
CA TRP S 13 -34.19 -55.97 25.95
C TRP S 13 -35.39 -56.81 26.36
N SER S 14 -35.33 -58.11 26.09
CA SER S 14 -36.36 -59.03 26.62
C SER S 14 -36.03 -59.44 28.08
N PRO S 15 -36.99 -60.03 28.77
CA PRO S 15 -36.68 -60.50 30.14
C PRO S 15 -35.68 -61.68 30.31
N GLN S 16 -35.32 -62.32 29.21
CA GLN S 16 -34.22 -63.28 29.10
C GLN S 16 -32.86 -62.70 28.71
N GLY S 17 -32.72 -61.37 28.59
CA GLY S 17 -31.46 -60.77 28.23
C GLY S 17 -31.14 -60.93 26.75
N ARG S 18 -32.20 -60.89 25.93
N ARG S 18 -32.12 -60.98 25.84
CA ARG S 18 -32.10 -61.03 24.48
CA ARG S 18 -31.74 -60.81 24.43
C ARG S 18 -32.67 -59.81 23.74
C ARG S 18 -32.67 -59.85 23.73
N ILE S 19 -32.25 -59.62 22.49
CA ILE S 19 -32.76 -58.55 21.65
C ILE S 19 -33.33 -59.23 20.41
N HIS S 20 -34.64 -59.39 20.42
CA HIS S 20 -35.32 -60.15 19.36
C HIS S 20 -35.05 -59.59 17.95
N GLN S 21 -35.00 -58.25 17.81
CA GLN S 21 -34.69 -57.68 16.48
C GLN S 21 -33.33 -58.13 15.88
N ILE S 22 -32.33 -58.32 16.74
CA ILE S 22 -31.03 -58.77 16.29
C ILE S 22 -31.14 -60.21 15.82
N GLU S 23 -31.81 -61.02 16.62
CA GLU S 23 -32.04 -62.43 16.24
C GLU S 23 -32.81 -62.55 14.94
N TYR S 24 -33.80 -61.69 14.74
CA TYR S 24 -34.56 -61.74 13.48
C TYR S 24 -33.69 -61.35 12.29
N ALA S 25 -32.82 -60.33 12.44
CA ALA S 25 -31.87 -59.98 11.38
C ALA S 25 -30.95 -61.16 11.05
N MET S 26 -30.58 -61.94 12.08
CA MET S 26 -29.77 -63.14 11.88
C MET S 26 -30.48 -64.17 10.99
N GLU S 27 -31.79 -64.20 11.01
CA GLU S 27 -32.53 -65.08 10.12
C GLU S 27 -32.37 -64.73 8.66
N ALA S 28 -32.17 -63.44 8.37
CA ALA S 28 -31.87 -63.03 7.00
C ALA S 28 -30.64 -63.76 6.48
N VAL S 29 -29.63 -63.95 7.30
CA VAL S 29 -28.44 -64.58 6.79
C VAL S 29 -28.61 -66.07 6.67
N LYS S 30 -29.34 -66.70 7.59
CA LYS S 30 -29.60 -68.15 7.54
C LYS S 30 -30.34 -68.58 6.30
N GLN S 31 -31.09 -67.66 5.70
CA GLN S 31 -31.87 -67.93 4.51
C GLN S 31 -31.22 -67.54 3.20
N GLY S 32 -30.05 -66.88 3.24
CA GLY S 32 -29.26 -66.68 2.03
C GLY S 32 -28.67 -68.01 1.59
N SER S 33 -28.20 -68.10 0.35
CA SER S 33 -27.63 -69.36 -0.10
C SER S 33 -26.25 -69.53 0.54
N ALA S 34 -25.79 -70.76 0.65
CA ALA S 34 -24.62 -71.07 1.43
C ALA S 34 -23.33 -70.49 0.81
N THR S 35 -22.42 -70.10 1.69
CA THR S 35 -21.06 -69.83 1.28
C THR S 35 -20.06 -70.40 2.29
N VAL S 36 -18.88 -70.71 1.78
CA VAL S 36 -17.83 -71.31 2.55
C VAL S 36 -16.57 -70.43 2.44
N GLY S 37 -15.88 -70.30 3.58
CA GLY S 37 -14.57 -69.66 3.68
C GLY S 37 -13.59 -70.61 4.34
N LEU S 38 -12.39 -70.70 3.77
CA LEU S 38 -11.29 -71.45 4.38
C LEU S 38 -9.92 -70.91 3.93
N LYS S 39 -8.90 -71.25 4.72
CA LYS S 39 -7.53 -70.81 4.45
C LYS S 39 -6.52 -71.89 4.68
N SER S 40 -5.36 -71.67 4.07
CA SER S 40 -4.15 -72.47 4.27
C SER S 40 -3.09 -71.54 4.88
N LYS S 41 -1.86 -72.05 4.99
CA LYS S 41 -0.68 -71.23 5.31
C LYS S 41 -0.56 -70.01 4.37
N THR S 42 -0.89 -70.19 3.07
CA THR S 42 -0.60 -69.18 2.05
C THR S 42 -1.77 -68.52 1.34
N HIS S 43 -2.95 -69.11 1.36
CA HIS S 43 -4.12 -68.52 0.67
C HIS S 43 -5.38 -68.52 1.51
N ALA S 44 -6.29 -67.64 1.16
CA ALA S 44 -7.65 -67.61 1.71
C ALA S 44 -8.60 -67.73 0.53
N VAL S 45 -9.59 -68.62 0.67
CA VAL S 45 -10.57 -68.88 -0.41
C VAL S 45 -12.03 -68.81 0.06
N LEU S 46 -12.83 -68.19 -0.78
CA LEU S 46 -14.26 -68.12 -0.59
C LEU S 46 -14.88 -68.90 -1.74
N VAL S 47 -15.95 -69.62 -1.43
CA VAL S 47 -16.69 -70.38 -2.40
C VAL S 47 -18.16 -70.13 -2.11
N ALA S 48 -18.94 -69.79 -3.11
CA ALA S 48 -20.38 -69.49 -2.89
C ALA S 48 -21.34 -70.14 -3.88
N LEU S 49 -22.47 -70.59 -3.33
CA LEU S 49 -23.62 -70.99 -4.15
C LEU S 49 -24.45 -69.79 -4.57
N LYS S 50 -24.64 -69.62 -5.87
CA LYS S 50 -25.49 -68.54 -6.38
C LYS S 50 -26.86 -69.05 -6.78
N ARG S 51 -27.91 -68.37 -6.31
CA ARG S 51 -29.30 -68.59 -6.73
C ARG S 51 -29.75 -67.79 -7.94
N ALA S 52 -30.47 -68.43 -8.86
CA ALA S 52 -31.17 -67.73 -9.94
C ALA S 52 -32.69 -67.76 -9.68
N GLN S 53 -33.31 -66.57 -9.61
CA GLN S 53 -34.76 -66.40 -9.31
C GLN S 53 -35.63 -67.23 -10.26
N SER S 54 -35.25 -67.29 -11.54
CA SER S 54 -35.85 -68.19 -12.52
C SER S 54 -34.80 -68.69 -13.51
N GLU S 55 -35.23 -69.54 -14.44
CA GLU S 55 -34.34 -70.11 -15.47
C GLU S 55 -33.66 -69.02 -16.34
N LEU S 56 -34.32 -67.87 -16.54
CA LEU S 56 -33.87 -66.77 -17.44
C LEU S 56 -33.13 -65.61 -16.75
N ALA S 57 -33.09 -65.65 -15.42
CA ALA S 57 -32.32 -64.73 -14.65
C ALA S 57 -30.86 -65.19 -14.52
N ALA S 58 -29.99 -64.21 -14.33
CA ALA S 58 -28.63 -64.46 -13.97
C ALA S 58 -28.66 -64.86 -12.48
N HIS S 59 -27.67 -65.68 -12.15
CA HIS S 59 -27.41 -66.02 -10.77
C HIS S 59 -26.89 -64.78 -10.03
N GLN S 60 -27.43 -64.59 -8.82
CA GLN S 60 -27.09 -63.48 -7.95
C GLN S 60 -25.59 -63.50 -7.58
N LYS S 61 -24.94 -62.35 -7.67
CA LYS S 61 -23.56 -62.23 -7.24
C LYS S 61 -23.48 -62.41 -5.71
N LYS S 62 -22.55 -63.24 -5.29
CA LYS S 62 -22.26 -63.48 -3.87
C LYS S 62 -20.86 -63.07 -3.40
N ILE S 63 -19.94 -62.81 -4.33
CA ILE S 63 -18.55 -62.53 -3.98
C ILE S 63 -18.17 -61.14 -4.51
N LEU S 64 -17.56 -60.30 -3.68
CA LEU S 64 -17.29 -58.87 -4.02
C LEU S 64 -15.86 -58.47 -3.66
N HIS S 65 -15.24 -57.72 -4.58
CA HIS S 65 -13.89 -57.20 -4.38
CA HIS S 65 -13.90 -57.13 -4.40
C HIS S 65 -14.00 -56.00 -3.39
N VAL S 66 -13.10 -55.98 -2.41
CA VAL S 66 -12.99 -54.84 -1.49
C VAL S 66 -11.68 -54.05 -1.75
N ASP S 67 -10.55 -54.74 -1.81
CA ASP S 67 -9.29 -54.13 -2.17
C ASP S 67 -8.44 -55.23 -2.81
N ASN S 68 -7.24 -54.91 -3.26
CA ASN S 68 -6.36 -55.95 -3.81
C ASN S 68 -6.12 -57.15 -2.89
N HIS S 69 -6.22 -56.93 -1.59
CA HIS S 69 -5.89 -57.94 -0.60
C HIS S 69 -7.08 -58.43 0.20
N ILE S 70 -8.28 -58.01 -0.17
CA ILE S 70 -9.49 -58.34 0.59
C ILE S 70 -10.67 -58.53 -0.30
N GLY S 71 -11.38 -59.64 -0.12
CA GLY S 71 -12.70 -59.85 -0.75
C GLY S 71 -13.70 -60.41 0.26
N ILE S 72 -14.95 -60.37 -0.13
CA ILE S 72 -16.05 -60.81 0.72
C ILE S 72 -17.09 -61.69 0.01
N SER S 73 -17.72 -62.54 0.83
CA SER S 73 -18.86 -63.35 0.44
C SER S 73 -20.02 -62.94 1.33
N ILE S 74 -21.21 -62.88 0.78
CA ILE S 74 -22.34 -62.25 1.46
C ILE S 74 -23.52 -63.25 1.63
N ALA S 75 -24.30 -63.07 2.68
CA ALA S 75 -25.55 -63.79 2.89
C ALA S 75 -26.53 -62.91 3.65
N GLY S 76 -27.73 -62.77 3.13
CA GLY S 76 -28.67 -61.83 3.72
C GLY S 76 -29.12 -60.77 2.75
N LEU S 77 -29.54 -59.62 3.26
CA LEU S 77 -30.12 -58.58 2.40
C LEU S 77 -29.02 -58.01 1.52
N THR S 78 -29.15 -58.16 0.19
CA THR S 78 -28.12 -57.68 -0.70
C THR S 78 -27.81 -56.19 -0.61
N ALA S 79 -28.85 -55.39 -0.40
CA ALA S 79 -28.72 -53.96 -0.35
C ALA S 79 -27.88 -53.57 0.87
N ASP S 80 -28.05 -54.29 1.98
CA ASP S 80 -27.20 -54.11 3.13
C ASP S 80 -25.79 -54.62 2.84
N ALA S 81 -25.67 -55.72 2.10
CA ALA S 81 -24.36 -56.19 1.72
C ALA S 81 -23.57 -55.10 0.92
N ARG S 82 -24.22 -54.52 -0.08
CA ARG S 82 -23.57 -53.46 -0.87
C ARG S 82 -23.21 -52.24 -0.04
N LEU S 83 -24.08 -51.82 0.85
CA LEU S 83 -23.77 -50.64 1.69
C LEU S 83 -22.52 -50.90 2.55
N LEU S 84 -22.50 -52.07 3.17
CA LEU S 84 -21.37 -52.49 3.99
C LEU S 84 -20.11 -52.63 3.16
N CYS S 85 -20.24 -53.25 2.00
CA CYS S 85 -19.12 -53.39 1.07
C CYS S 85 -18.54 -52.06 0.64
N ASN S 86 -19.41 -51.07 0.40
CA ASN S 86 -18.94 -49.74 0.06
C ASN S 86 -18.17 -49.06 1.25
N PHE S 87 -18.64 -49.23 2.47
CA PHE S 87 -17.96 -48.77 3.65
C PHE S 87 -16.56 -49.39 3.74
N MET S 88 -16.47 -50.70 3.51
CA MET S 88 -15.21 -51.42 3.55
C MET S 88 -14.17 -50.90 2.55
N ARG S 89 -14.62 -50.73 1.32
CA ARG S 89 -13.87 -50.17 0.24
C ARG S 89 -13.31 -48.79 0.54
N GLN S 90 -14.17 -47.94 1.07
CA GLN S 90 -13.79 -46.61 1.46
C GLN S 90 -12.68 -46.63 2.56
N GLU S 91 -12.81 -47.50 3.56
CA GLU S 91 -11.82 -47.58 4.64
C GLU S 91 -10.50 -48.05 4.09
N CYS S 92 -10.53 -48.97 3.13
CA CYS S 92 -9.36 -49.44 2.45
C CYS S 92 -8.69 -48.34 1.59
N LEU S 93 -9.47 -47.52 0.91
CA LEU S 93 -8.93 -46.39 0.17
C LEU S 93 -8.30 -45.37 1.10
N ASP S 94 -9.03 -44.99 2.14
CA ASP S 94 -8.54 -44.04 3.13
C ASP S 94 -7.18 -44.46 3.69
N SER S 95 -7.04 -45.71 4.03
CA SER S 95 -5.81 -46.21 4.61
C SER S 95 -4.66 -46.14 3.60
N ARG S 96 -4.91 -46.48 2.33
CA ARG S 96 -3.90 -46.34 1.28
C ARG S 96 -3.58 -44.87 0.98
N PHE S 97 -4.58 -44.01 1.07
CA PHE S 97 -4.35 -42.58 0.88
C PHE S 97 -3.41 -42.01 1.97
N VAL S 98 -3.69 -42.38 3.21
CA VAL S 98 -3.00 -41.84 4.37
C VAL S 98 -1.62 -42.46 4.56
N PHE S 99 -1.54 -43.77 4.48
CA PHE S 99 -0.34 -44.55 4.83
C PHE S 99 0.38 -45.23 3.69
N ASP S 100 -0.20 -45.17 2.49
CA ASP S 100 0.40 -45.81 1.32
C ASP S 100 0.70 -47.31 1.56
N ARG S 101 -0.15 -47.97 2.32
CA ARG S 101 -0.04 -49.39 2.57
C ARG S 101 -1.39 -50.00 2.91
N PRO S 102 -1.54 -51.32 2.64
CA PRO S 102 -2.90 -51.94 2.80
C PRO S 102 -3.40 -51.89 4.24
N LEU S 103 -4.67 -51.66 4.43
CA LEU S 103 -5.27 -51.73 5.75
C LEU S 103 -5.21 -53.18 6.24
N PRO S 104 -4.62 -53.43 7.43
CA PRO S 104 -4.64 -54.80 7.92
C PRO S 104 -6.05 -55.36 8.07
N VAL S 105 -6.22 -56.64 7.77
CA VAL S 105 -7.57 -57.21 7.69
C VAL S 105 -8.32 -57.14 9.03
N SER S 106 -7.62 -57.47 10.14
CA SER S 106 -8.22 -57.41 11.50
C SER S 106 -8.70 -56.01 11.88
N ARG S 107 -8.01 -54.96 11.44
CA ARG S 107 -8.45 -53.60 11.66
C ARG S 107 -9.70 -53.26 10.87
N LEU S 108 -9.75 -53.68 9.62
CA LEU S 108 -10.99 -53.48 8.84
C LEU S 108 -12.15 -54.15 9.52
N VAL S 109 -11.93 -55.36 10.04
CA VAL S 109 -13.04 -56.06 10.71
C VAL S 109 -13.56 -55.34 11.94
N SER S 110 -12.66 -54.81 12.75
CA SER S 110 -12.99 -53.94 13.88
C SER S 110 -13.82 -52.75 13.51
N LEU S 111 -13.41 -52.07 12.42
CA LEU S 111 -14.20 -50.98 11.88
C LEU S 111 -15.64 -51.44 11.53
N ILE S 112 -15.79 -52.63 10.97
CA ILE S 112 -17.14 -53.17 10.73
C ILE S 112 -17.93 -53.35 12.05
N GLY S 113 -17.28 -53.94 13.04
CA GLY S 113 -17.90 -54.17 14.34
C GLY S 113 -18.40 -52.87 14.92
N SER S 114 -17.57 -51.82 14.89
CA SER S 114 -17.98 -50.50 15.43
C SER S 114 -19.12 -49.94 14.67
N LYS S 115 -18.99 -49.96 13.35
CA LYS S 115 -20.00 -49.37 12.56
C LYS S 115 -21.34 -50.05 12.71
N THR S 116 -21.35 -51.38 12.69
CA THR S 116 -22.66 -52.13 12.68
C THR S 116 -23.25 -52.25 14.07
N GLN S 117 -22.47 -51.98 15.11
CA GLN S 117 -23.03 -52.00 16.48
C GLN S 117 -23.95 -50.80 16.76
N ILE S 118 -23.60 -49.66 16.15
CA ILE S 118 -24.30 -48.41 16.41
C ILE S 118 -25.80 -48.47 16.29
N PRO S 119 -26.29 -48.91 15.13
CA PRO S 119 -27.74 -48.92 15.07
C PRO S 119 -28.45 -49.97 15.98
N THR S 120 -27.72 -50.92 16.59
CA THR S 120 -28.33 -51.89 17.50
C THR S 120 -28.70 -51.27 18.87
N GLN S 121 -28.34 -50.01 19.11
CA GLN S 121 -28.55 -49.37 20.41
C GLN S 121 -29.36 -48.11 20.31
N ARG S 122 -29.87 -47.76 19.13
CA ARG S 122 -30.66 -46.56 18.92
C ARG S 122 -32.10 -46.79 18.44
N TYR S 123 -33.04 -46.06 19.02
CA TYR S 123 -34.40 -46.25 18.77
C TYR S 123 -34.73 -45.95 17.32
N GLY S 124 -35.59 -46.78 16.73
CA GLY S 124 -35.98 -46.61 15.34
C GLY S 124 -34.91 -47.01 14.36
N ARG S 125 -33.75 -47.52 14.80
CA ARG S 125 -32.74 -47.99 13.90
C ARG S 125 -32.87 -49.48 13.81
N ARG S 126 -32.12 -50.13 12.93
CA ARG S 126 -32.20 -51.57 12.77
C ARG S 126 -30.83 -52.16 12.61
N PRO S 127 -30.64 -53.43 12.95
CA PRO S 127 -29.38 -54.06 12.58
C PRO S 127 -29.19 -54.19 11.06
N TYR S 128 -27.94 -54.37 10.66
CA TYR S 128 -27.61 -54.77 9.30
C TYR S 128 -28.07 -56.22 9.17
N GLY S 129 -28.79 -56.51 8.10
CA GLY S 129 -29.30 -57.84 7.90
C GLY S 129 -28.37 -58.67 7.02
N VAL S 130 -27.07 -58.63 7.30
CA VAL S 130 -26.14 -59.28 6.42
C VAL S 130 -25.04 -59.92 7.24
N GLY S 131 -24.57 -61.06 6.76
CA GLY S 131 -23.41 -61.69 7.34
C GLY S 131 -22.39 -61.80 6.24
N LEU S 132 -21.10 -61.63 6.60
CA LEU S 132 -20.01 -61.71 5.66
C LEU S 132 -19.01 -62.77 6.05
N LEU S 133 -18.48 -63.43 5.03
CA LEU S 133 -17.19 -64.10 5.13
C LEU S 133 -16.17 -63.22 4.39
N ILE S 134 -15.06 -62.89 5.07
CA ILE S 134 -14.06 -61.96 4.61
C ILE S 134 -12.77 -62.71 4.46
N ALA S 135 -12.27 -62.81 3.23
CA ALA S 135 -10.97 -63.37 2.96
C ALA S 135 -9.93 -62.23 2.73
N GLY S 136 -8.77 -62.38 3.34
CA GLY S 136 -7.72 -61.42 3.15
C GLY S 136 -6.35 -61.96 3.38
N TYR S 137 -5.35 -61.19 2.94
CA TYR S 137 -3.94 -61.49 3.13
C TYR S 137 -3.18 -60.22 3.47
N ASP S 138 -2.46 -60.25 4.58
CA ASP S 138 -1.61 -59.14 5.03
C ASP S 138 -0.30 -59.72 5.65
N ASP S 139 0.44 -58.89 6.37
CA ASP S 139 1.71 -59.33 6.98
C ASP S 139 1.56 -60.50 7.94
N MET S 140 0.38 -60.64 8.55
CA MET S 140 0.09 -61.78 9.40
C MET S 140 -0.44 -63.01 8.64
N GLY S 141 -0.44 -62.97 7.30
CA GLY S 141 -0.84 -64.12 6.49
C GLY S 141 -2.31 -64.12 6.08
N PRO S 142 -2.86 -65.30 5.67
CA PRO S 142 -4.25 -65.35 5.20
C PRO S 142 -5.21 -65.25 6.34
N HIS S 143 -6.39 -64.70 6.07
CA HIS S 143 -7.44 -64.61 7.06
C HIS S 143 -8.82 -64.96 6.49
N ILE S 144 -9.62 -65.59 7.33
CA ILE S 144 -11.04 -65.70 7.12
C ILE S 144 -11.72 -65.13 8.35
N PHE S 145 -12.43 -64.04 8.20
CA PHE S 145 -13.30 -63.55 9.25
C PHE S 145 -14.76 -63.73 8.86
N GLN S 146 -15.61 -63.70 9.88
CA GLN S 146 -17.05 -63.75 9.77
C GLN S 146 -17.66 -62.60 10.55
N THR S 147 -18.62 -61.89 9.95
CA THR S 147 -19.32 -60.80 10.63
C THR S 147 -20.81 -61.06 10.67
N 6V1 S 148 -21.50 -60.50 11.66
CA 6V1 S 148 -22.88 -60.83 11.96
C 6V1 S 148 -23.72 -59.61 12.19
O 6V1 S 148 -23.18 -58.58 12.57
CB 6V1 S 148 -23.04 -61.64 13.24
SG 6V1 S 148 -22.09 -63.15 13.14
C1 6V1 S 148 -23.28 -64.43 13.53
C2 6V1 S 148 -24.11 -64.90 12.33
N3 6V1 S 148 -24.28 -66.23 12.30
C4 6V1 S 148 -23.56 -66.83 13.28
C5 6V1 S 148 -22.78 -65.78 14.09
C6 6V1 S 148 -25.17 -66.88 11.32
O7 6V1 S 148 -24.62 -64.19 11.49
O8 6V1 S 148 -23.50 -68.05 13.45
C3 6V1 S 148 -26.60 -66.67 11.76
N PRO S 149 -25.05 -59.74 12.01
CA PRO S 149 -25.98 -58.68 12.33
C PRO S 149 -25.91 -58.16 13.77
N SER S 150 -25.47 -58.99 14.71
CA SER S 150 -25.21 -58.54 16.08
C SER S 150 -24.07 -57.51 16.21
N ALA S 151 -23.28 -57.34 15.15
CA ALA S 151 -22.04 -56.57 15.12
C ALA S 151 -20.82 -57.34 15.66
N ASN S 152 -21.06 -58.55 16.17
CA ASN S 152 -20.00 -59.42 16.59
CA ASN S 152 -20.02 -59.47 16.54
C ASN S 152 -19.27 -59.94 15.34
N TYR S 153 -18.02 -60.34 15.53
CA TYR S 153 -17.22 -60.92 14.46
C TYR S 153 -16.29 -62.00 15.01
N PHE S 154 -15.78 -62.84 14.13
CA PHE S 154 -15.10 -64.04 14.52
C PHE S 154 -13.95 -64.24 13.58
N ASP S 155 -12.81 -64.65 14.14
CA ASP S 155 -11.64 -65.02 13.37
C ASP S 155 -11.68 -66.54 13.23
N CYS S 156 -11.54 -67.04 11.99
CA CYS S 156 -11.90 -68.45 11.66
C CYS S 156 -10.79 -69.22 10.96
N ARG S 157 -10.65 -70.50 11.29
CA ARG S 157 -9.87 -71.42 10.47
C ARG S 157 -10.62 -71.69 9.16
N ALA S 158 -11.93 -71.79 9.30
CA ALA S 158 -12.86 -71.95 8.17
C ALA S 158 -14.28 -71.69 8.64
N MET S 159 -15.21 -71.44 7.72
CA MET S 159 -16.57 -71.15 8.14
C MET S 159 -17.56 -71.37 7.00
N SER S 160 -18.83 -71.60 7.36
CA SER S 160 -19.93 -71.57 6.41
C SER S 160 -21.14 -70.94 7.05
N ILE S 161 -21.86 -70.15 6.25
CA ILE S 161 -23.07 -69.45 6.68
C ILE S 161 -24.11 -69.62 5.57
N GLY S 162 -25.37 -69.43 5.95
CA GLY S 162 -26.48 -69.51 4.99
C GLY S 162 -27.21 -70.80 5.07
N ALA S 163 -28.10 -71.06 4.13
CA ALA S 163 -29.04 -72.17 4.30
C ALA S 163 -28.34 -73.49 4.17
N ARG S 164 -28.66 -74.36 5.13
CA ARG S 164 -28.04 -75.67 5.24
C ARG S 164 -26.52 -75.64 5.39
N SER S 165 -25.98 -74.53 5.87
CA SER S 165 -24.53 -74.41 6.10
C SER S 165 -23.97 -75.31 7.21
N GLN S 166 -24.84 -75.90 8.06
CA GLN S 166 -24.40 -76.84 9.08
C GLN S 166 -23.66 -78.04 8.48
N SER S 167 -24.10 -78.49 7.30
CA SER S 167 -23.45 -79.62 6.66
C SER S 167 -22.08 -79.28 6.21
N ALA S 168 -21.90 -78.05 5.75
CA ALA S 168 -20.60 -77.58 5.36
C ALA S 168 -19.71 -77.53 6.60
N ARG S 169 -20.22 -76.91 7.68
CA ARG S 169 -19.46 -76.78 8.93
C ARG S 169 -18.95 -78.12 9.43
N THR S 170 -19.79 -79.14 9.33
CA THR S 170 -19.44 -80.50 9.73
C THR S 170 -18.32 -81.07 8.86
N TYR S 171 -18.41 -80.87 7.55
CA TYR S 171 -17.31 -81.27 6.66
C TYR S 171 -16.03 -80.51 7.02
N LEU S 172 -16.13 -79.20 7.23
CA LEU S 172 -14.94 -78.37 7.45
C LEU S 172 -14.25 -78.83 8.74
N GLU S 173 -15.02 -79.10 9.79
CA GLU S 173 -14.46 -79.66 11.02
C GLU S 173 -13.77 -80.99 10.82
N ARG S 174 -14.38 -81.84 10.03
CA ARG S 174 -13.83 -83.15 9.74
C ARG S 174 -12.44 -83.09 9.08
N HIS S 175 -12.21 -82.12 8.20
CA HIS S 175 -10.98 -82.06 7.40
C HIS S 175 -10.05 -80.88 7.70
N MET S 176 -10.31 -80.12 8.76
CA MET S 176 -9.61 -78.84 8.91
C MET S 176 -8.13 -78.97 9.20
N SER S 177 -7.77 -80.03 9.91
CA SER S 177 -6.38 -80.33 10.20
C SER S 177 -5.53 -80.60 8.95
N GLU S 178 -6.16 -80.80 7.79
CA GLU S 178 -5.45 -80.89 6.53
C GLU S 178 -5.24 -79.52 5.83
N PHE S 179 -6.02 -78.50 6.18
CA PHE S 179 -6.03 -77.23 5.40
C PHE S 179 -4.71 -76.45 5.40
N MET S 180 -4.05 -76.33 6.55
CA MET S 180 -2.90 -75.39 6.68
C MET S 180 -1.79 -75.74 5.69
N GLU S 181 -1.66 -77.03 5.40
CA GLU S 181 -0.61 -77.56 4.50
C GLU S 181 -1.04 -77.78 3.04
N CYS S 182 -2.28 -77.45 2.68
CA CYS S 182 -2.77 -77.69 1.32
C CYS S 182 -2.21 -76.70 0.32
N ASN S 183 -1.91 -77.18 -0.88
CA ASN S 183 -1.73 -76.31 -2.04
C ASN S 183 -3.10 -75.73 -2.43
N LEU S 184 -3.08 -74.73 -3.29
CA LEU S 184 -4.29 -73.97 -3.59
C LEU S 184 -5.40 -74.84 -4.23
N ASN S 185 -5.01 -75.70 -5.16
CA ASN S 185 -5.95 -76.55 -5.82
C ASN S 185 -6.72 -77.45 -4.83
N GLU S 186 -5.97 -78.09 -3.93
CA GLU S 186 -6.53 -78.88 -2.83
C GLU S 186 -7.49 -78.05 -1.99
N LEU S 187 -7.09 -76.84 -1.64
CA LEU S 187 -7.86 -76.04 -0.70
C LEU S 187 -9.23 -75.65 -1.28
N VAL S 188 -9.27 -75.28 -2.56
CA VAL S 188 -10.51 -74.88 -3.22
C VAL S 188 -11.41 -76.13 -3.34
N LYS S 189 -10.80 -77.25 -3.72
CA LYS S 189 -11.51 -78.56 -3.78
C LYS S 189 -12.18 -78.87 -2.43
N HIS S 190 -11.45 -78.72 -1.33
CA HIS S 190 -12.04 -78.78 0.02
C HIS S 190 -13.22 -77.81 0.21
N GLY S 191 -13.04 -76.55 -0.20
CA GLY S 191 -14.12 -75.57 -0.13
C GLY S 191 -15.37 -75.98 -0.91
N LEU S 192 -15.16 -76.44 -2.14
CA LEU S 192 -16.25 -76.90 -3.01
C LEU S 192 -16.96 -78.15 -2.45
N ARG S 193 -16.21 -79.13 -1.92
CA ARG S 193 -16.80 -80.29 -1.24
C ARG S 193 -17.66 -79.93 -0.01
N ALA S 194 -17.19 -78.97 0.78
CA ALA S 194 -17.99 -78.46 1.90
C ALA S 194 -19.30 -77.82 1.41
N LEU S 195 -19.19 -77.01 0.37
CA LEU S 195 -20.34 -76.36 -0.19
C LEU S 195 -21.30 -77.37 -0.80
N ARG S 196 -20.77 -78.36 -1.51
CA ARG S 196 -21.57 -79.41 -2.11
C ARG S 196 -22.42 -80.20 -1.10
N GLU S 197 -21.94 -80.32 0.13
CA GLU S 197 -22.73 -80.91 1.24
C GLU S 197 -23.98 -80.16 1.61
N THR S 198 -24.07 -78.87 1.26
CA THR S 198 -25.29 -78.10 1.54
C THR S 198 -26.41 -78.45 0.57
N LEU S 199 -26.10 -79.10 -0.55
CA LEU S 199 -27.06 -79.29 -1.64
C LEU S 199 -27.96 -80.49 -1.43
N PRO S 200 -29.25 -80.37 -1.78
CA PRO S 200 -30.10 -81.55 -1.86
C PRO S 200 -29.38 -82.65 -2.66
N ALA S 201 -29.59 -83.91 -2.29
CA ALA S 201 -28.86 -85.03 -2.88
C ALA S 201 -28.94 -85.09 -4.42
N GLU S 202 -30.03 -84.56 -4.99
CA GLU S 202 -30.30 -84.51 -6.45
C GLU S 202 -29.47 -83.45 -7.18
N GLN S 203 -29.18 -82.36 -6.47
CA GLN S 203 -28.54 -81.17 -7.03
C GLN S 203 -27.01 -81.32 -7.04
N ASP S 204 -26.36 -80.71 -8.04
CA ASP S 204 -24.89 -80.70 -8.18
C ASP S 204 -24.34 -79.29 -8.30
N LEU S 205 -23.03 -79.16 -8.05
CA LEU S 205 -22.26 -77.94 -8.39
C LEU S 205 -22.10 -77.86 -9.90
N THR S 206 -22.30 -76.68 -10.45
CA THR S 206 -22.11 -76.45 -11.87
C THR S 206 -21.39 -75.13 -12.07
N THR S 207 -21.04 -74.84 -13.31
CA THR S 207 -20.44 -73.56 -13.64
C THR S 207 -21.41 -72.39 -13.47
N LYS S 208 -22.71 -72.65 -13.54
CA LYS S 208 -23.74 -71.61 -13.35
C LYS S 208 -23.97 -71.25 -11.91
N ASN S 209 -23.89 -72.22 -11.00
CA ASN S 209 -24.15 -71.92 -9.57
C ASN S 209 -22.95 -71.70 -8.63
N VAL S 210 -21.71 -71.93 -9.07
CA VAL S 210 -20.54 -71.75 -8.18
C VAL S 210 -19.79 -70.45 -8.52
N SER S 211 -19.44 -69.73 -7.46
CA SER S 211 -18.57 -68.57 -7.53
C SER S 211 -17.41 -68.79 -6.53
N ILE S 212 -16.20 -68.45 -6.98
CA ILE S 212 -14.99 -68.64 -6.19
C ILE S 212 -14.19 -67.34 -6.08
N GLY S 213 -13.70 -67.07 -4.87
CA GLY S 213 -12.84 -65.93 -4.57
C GLY S 213 -11.57 -66.40 -3.91
N ILE S 214 -10.43 -65.90 -4.37
CA ILE S 214 -9.09 -66.35 -3.91
C ILE S 214 -8.14 -65.18 -3.74
N VAL S 215 -7.46 -65.15 -2.61
CA VAL S 215 -6.38 -64.22 -2.34
C VAL S 215 -5.26 -64.96 -1.61
N GLY S 216 -4.01 -64.54 -1.85
CA GLY S 216 -2.90 -65.07 -1.07
C GLY S 216 -1.57 -64.39 -1.34
N LYS S 217 -0.49 -65.00 -0.85
CA LYS S 217 0.88 -64.48 -0.98
C LYS S 217 1.18 -64.05 -2.44
N ASP S 218 0.91 -64.93 -3.40
CA ASP S 218 1.22 -64.67 -4.82
C ASP S 218 0.17 -63.86 -5.57
N LEU S 219 -1.01 -63.66 -4.99
CA LEU S 219 -2.20 -63.40 -5.78
C LEU S 219 -3.14 -62.36 -5.18
N GLU S 220 -3.50 -61.36 -5.98
CA GLU S 220 -4.49 -60.37 -5.58
C GLU S 220 -5.91 -60.98 -5.59
N PHE S 221 -6.81 -60.41 -4.80
CA PHE S 221 -8.15 -60.95 -4.74
C PHE S 221 -8.75 -61.03 -6.14
N THR S 222 -9.16 -62.26 -6.50
CA THR S 222 -9.63 -62.61 -7.84
C THR S 222 -10.94 -63.44 -7.74
N ILE S 223 -11.94 -63.04 -8.54
CA ILE S 223 -13.22 -63.71 -8.57
C ILE S 223 -13.32 -64.56 -9.83
N TYR S 224 -13.74 -65.81 -9.63
CA TYR S 224 -13.96 -66.77 -10.72
C TYR S 224 -15.46 -67.14 -10.83
N ASP S 225 -16.06 -66.79 -11.99
CA ASP S 225 -17.45 -67.09 -12.31
C ASP S 225 -17.55 -67.81 -13.64
N ASP S 226 -18.63 -68.59 -13.79
CA ASP S 226 -19.03 -69.15 -15.09
C ASP S 226 -17.92 -70.01 -15.70
N ASP S 227 -17.43 -69.73 -16.90
CA ASP S 227 -16.41 -70.62 -17.50
C ASP S 227 -15.11 -70.70 -16.70
N ASP S 228 -14.75 -69.61 -16.00
CA ASP S 228 -13.51 -69.58 -15.21
C ASP S 228 -13.49 -70.51 -13.98
N VAL S 229 -14.65 -71.04 -13.55
CA VAL S 229 -14.69 -72.00 -12.44
C VAL S 229 -14.49 -73.45 -12.89
N SER S 230 -14.65 -73.73 -14.18
CA SER S 230 -14.50 -75.10 -14.72
C SER S 230 -13.23 -75.82 -14.33
N PRO S 231 -12.06 -75.17 -14.47
CA PRO S 231 -10.82 -75.82 -13.99
C PRO S 231 -10.88 -76.32 -12.52
N PHE S 232 -11.60 -75.62 -11.66
CA PHE S 232 -11.74 -76.03 -10.27
C PHE S 232 -12.74 -77.19 -10.07
N LEU S 233 -13.79 -77.25 -10.87
CA LEU S 233 -14.77 -78.32 -10.75
C LEU S 233 -14.30 -79.67 -11.25
N GLU S 234 -13.46 -79.70 -12.28
CA GLU S 234 -12.80 -80.97 -12.61
C GLU S 234 -11.28 -81.03 -12.25
N GLY S 235 -10.89 -81.46 -11.04
CA GLY S 235 -11.74 -81.71 -9.87
C GLY S 235 -12.58 -82.98 -9.95
N LEU S 236 -13.71 -82.97 -9.21
CA LEU S 236 -14.80 -83.98 -9.24
C LEU S 236 -14.54 -85.24 -8.38
N GLU S 237 -13.94 -85.04 -7.20
CA GLU S 237 -13.72 -86.13 -6.26
C GLU S 237 -15.06 -86.40 -5.57
N GLU S 238 -15.85 -87.31 -6.16
CA GLU S 238 -17.20 -87.79 -5.68
C GLU S 238 -18.23 -87.76 -6.83
N ARG S 239 -19.51 -88.10 -6.60
CA ARG S 239 -20.09 -88.94 -5.50
C ARG S 239 -20.03 -88.37 -4.07
N THR T 6 -42.60 -57.38 33.65
CA THR T 6 -43.58 -56.59 34.43
C THR T 6 -44.65 -55.97 33.51
N GLY T 7 -44.60 -54.65 33.31
CA GLY T 7 -45.80 -53.89 32.87
C GLY T 7 -45.73 -52.87 31.74
N TYR T 8 -44.71 -51.95 31.64
CA TYR T 8 -43.66 -51.30 32.62
C TYR T 8 -42.14 -51.55 32.39
N ASP T 9 -41.77 -52.44 31.50
CA ASP T 9 -40.38 -52.85 31.40
C ASP T 9 -39.80 -52.59 29.98
N LEU T 10 -40.41 -51.67 29.24
CA LEU T 10 -40.14 -51.52 27.83
C LEU T 10 -39.19 -50.38 27.52
N SER T 11 -38.94 -49.50 28.49
CA SER T 11 -38.12 -48.32 28.32
C SER T 11 -37.30 -48.00 29.57
N ALA T 12 -36.00 -47.70 29.37
CA ALA T 12 -35.18 -47.19 30.45
C ALA T 12 -35.61 -45.80 30.96
N SER T 13 -36.54 -45.12 30.30
CA SER T 13 -37.11 -43.90 30.86
C SER T 13 -38.40 -44.11 31.67
N THR T 14 -38.70 -45.34 32.05
CA THR T 14 -39.93 -45.66 32.81
C THR T 14 -39.56 -46.42 34.06
N PHE T 15 -39.89 -45.87 35.22
CA PHE T 15 -39.81 -46.65 36.48
C PHE T 15 -41.01 -47.58 36.56
N SER T 16 -40.79 -48.76 37.11
CA SER T 16 -41.91 -49.60 37.59
C SER T 16 -42.47 -49.02 38.90
N PRO T 17 -43.70 -49.42 39.31
CA PRO T 17 -44.27 -48.90 40.57
C PRO T 17 -43.48 -49.21 41.87
N ASP T 18 -42.53 -50.15 41.82
CA ASP T 18 -41.62 -50.38 42.95
C ASP T 18 -40.29 -49.74 42.72
N GLY T 19 -40.18 -48.84 41.75
CA GLY T 19 -38.98 -48.04 41.58
C GLY T 19 -37.83 -48.78 40.94
N ARG T 20 -38.14 -49.73 40.07
CA ARG T 20 -37.09 -50.43 39.35
C ARG T 20 -37.04 -49.95 37.93
N VAL T 21 -35.92 -50.19 37.28
CA VAL T 21 -35.78 -49.90 35.88
C VAL T 21 -35.46 -51.22 35.22
N PHE T 22 -36.52 -51.88 34.76
CA PHE T 22 -36.40 -53.24 34.29
C PHE T 22 -35.55 -53.41 33.02
N GLN T 23 -35.54 -52.45 32.09
CA GLN T 23 -34.58 -52.56 30.98
C GLN T 23 -33.11 -52.73 31.44
N VAL T 24 -32.71 -52.04 32.51
CA VAL T 24 -31.35 -52.18 33.03
C VAL T 24 -31.16 -53.59 33.60
N GLU T 25 -32.15 -54.07 34.37
CA GLU T 25 -32.14 -55.45 34.88
C GLU T 25 -32.07 -56.50 33.76
N TYR T 26 -32.76 -56.24 32.64
CA TYR T 26 -32.71 -57.15 31.51
C TYR T 26 -31.38 -57.18 30.84
N ALA T 27 -30.73 -56.03 30.70
CA ALA T 27 -29.32 -55.98 30.25
C ALA T 27 -28.34 -56.73 31.17
N MET T 28 -28.52 -56.57 32.49
CA MET T 28 -27.74 -57.35 33.49
C MET T 28 -27.90 -58.83 33.26
N LYS T 29 -29.11 -59.23 32.84
CA LYS T 29 -29.34 -60.62 32.51
C LYS T 29 -28.50 -61.12 31.36
N ALA T 30 -28.25 -60.29 30.35
CA ALA T 30 -27.33 -60.69 29.27
C ALA T 30 -25.89 -60.96 29.73
N VAL T 31 -25.46 -60.25 30.76
CA VAL T 31 -24.14 -60.46 31.38
C VAL T 31 -24.16 -61.80 32.12
N GLU T 32 -25.21 -61.99 32.92
CA GLU T 32 -25.32 -63.20 33.70
C GLU T 32 -25.50 -64.49 32.87
N ASN T 33 -25.85 -64.37 31.60
CA ASN T 33 -25.76 -65.49 30.63
C ASN T 33 -24.42 -65.73 29.97
N SER T 34 -23.48 -64.80 30.12
CA SER T 34 -22.13 -64.93 29.57
C SER T 34 -21.22 -65.81 30.44
N SER T 35 -20.23 -66.46 29.81
CA SER T 35 -19.22 -67.22 30.53
C SER T 35 -18.38 -66.27 31.40
N THR T 36 -17.62 -66.84 32.32
CA THR T 36 -17.14 -66.07 33.47
C THR T 36 -15.76 -65.45 33.20
N ALA T 37 -15.62 -64.23 33.67
CA ALA T 37 -14.34 -63.54 33.72
C ALA T 37 -14.07 -63.13 35.17
N ILE T 38 -12.79 -63.18 35.57
CA ILE T 38 -12.37 -62.72 36.90
C ILE T 38 -11.13 -61.80 36.85
N GLY T 39 -11.06 -60.93 37.85
CA GLY T 39 -9.91 -60.11 38.09
C GLY T 39 -9.46 -60.26 39.52
N ILE T 40 -8.15 -60.30 39.73
CA ILE T 40 -7.59 -60.31 41.08
C ILE T 40 -6.49 -59.29 41.18
N ARG T 41 -6.69 -58.34 42.10
CA ARG T 41 -5.64 -57.43 42.57
C ARG T 41 -4.74 -58.11 43.62
N CYS T 42 -3.43 -57.94 43.49
CA CYS T 42 -2.54 -58.40 44.53
C CYS T 42 -1.51 -57.34 44.98
N LYS T 43 -0.45 -57.81 45.67
CA LYS T 43 0.61 -56.92 46.25
C LYS T 43 1.22 -56.00 45.19
N ASP T 44 1.43 -56.53 43.97
CA ASP T 44 2.26 -55.91 42.94
C ASP T 44 1.62 -55.87 41.52
N GLY T 45 0.28 -56.00 41.43
CA GLY T 45 -0.42 -55.88 40.14
C GLY T 45 -1.81 -56.49 40.12
N VAL T 46 -2.34 -56.64 38.91
CA VAL T 46 -3.70 -57.15 38.68
C VAL T 46 -3.62 -58.20 37.59
N VAL T 47 -4.33 -59.31 37.81
CA VAL T 47 -4.38 -60.41 36.82
C VAL T 47 -5.84 -60.68 36.37
N PHE T 48 -6.00 -60.93 35.07
CA PHE T 48 -7.30 -61.22 34.48
C PHE T 48 -7.33 -62.60 33.86
N GLY T 49 -8.48 -63.29 34.08
CA GLY T 49 -8.73 -64.56 33.42
C GLY T 49 -10.15 -64.67 32.89
N VAL T 50 -10.28 -65.30 31.72
CA VAL T 50 -11.59 -65.49 31.11
C VAL T 50 -11.79 -66.92 30.62
N GLU T 51 -12.94 -67.47 31.01
CA GLU T 51 -13.45 -68.72 30.49
C GLU T 51 -13.97 -68.43 29.09
N LYS T 52 -13.25 -68.90 28.08
CA LYS T 52 -13.65 -68.61 26.72
C LYS T 52 -14.24 -69.88 26.13
N LEU T 53 -15.57 -69.91 26.05
CA LEU T 53 -16.28 -71.12 25.60
C LEU T 53 -16.00 -71.33 24.13
N VAL T 54 -15.78 -72.59 23.74
CA VAL T 54 -15.53 -72.87 22.33
C VAL T 54 -16.81 -73.40 21.66
N LEU T 55 -17.45 -72.50 20.92
CA LEU T 55 -18.73 -72.75 20.25
C LEU T 55 -18.51 -73.49 18.97
N SER T 56 -17.33 -73.41 18.37
CA SER T 56 -16.98 -74.23 17.20
C SER T 56 -15.47 -74.47 17.13
N LYS T 57 -15.08 -75.69 16.78
CA LYS T 57 -13.69 -76.02 16.49
C LYS T 57 -13.14 -75.28 15.24
N LEU T 58 -14.03 -74.63 14.47
CA LEU T 58 -13.64 -73.88 13.28
C LEU T 58 -13.05 -72.47 13.56
N TYR T 59 -13.33 -71.89 14.73
CA TYR T 59 -12.69 -70.67 15.19
C TYR T 59 -11.19 -70.82 15.54
N GLU T 60 -10.42 -69.74 15.33
CA GLU T 60 -8.98 -69.72 15.63
C GLU T 60 -8.83 -69.63 17.12
N GLU T 61 -7.82 -70.31 17.65
CA GLU T 61 -7.47 -70.18 19.06
C GLU T 61 -6.80 -68.81 19.26
N GLY T 62 -7.46 -67.90 19.98
CA GLY T 62 -7.14 -66.45 19.94
C GLY T 62 -8.41 -65.61 19.70
N SER T 63 -9.14 -65.90 18.63
CA SER T 63 -10.47 -65.27 18.30
C SER T 63 -11.32 -64.81 19.47
N ASN T 64 -12.31 -64.01 19.18
CA ASN T 64 -13.14 -63.43 20.22
C ASN T 64 -12.45 -63.09 21.50
N LYS T 65 -11.30 -62.40 21.46
CA LYS T 65 -10.70 -61.91 22.70
C LYS T 65 -11.72 -61.20 23.58
N ARG T 66 -11.67 -61.46 24.86
CA ARG T 66 -12.46 -60.73 25.84
C ARG T 66 -11.60 -59.97 26.81
N LEU T 67 -10.31 -59.91 26.51
CA LEU T 67 -9.34 -59.05 27.25
C LEU T 67 -8.80 -58.04 26.29
N PHE T 68 -8.89 -56.78 26.65
CA PHE T 68 -8.42 -55.66 25.77
C PHE T 68 -7.39 -54.75 26.46
N ASN T 69 -6.50 -54.16 25.66
CA ASN T 69 -5.70 -53.01 26.10
C ASN T 69 -6.50 -51.78 25.80
N VAL T 70 -6.84 -51.01 26.83
CA VAL T 70 -7.50 -49.71 26.60
C VAL T 70 -6.52 -48.51 26.73
N ASP T 71 -5.43 -48.69 27.46
CA ASP T 71 -4.29 -47.81 27.37
C ASP T 71 -3.06 -48.70 27.62
N ARG T 72 -1.87 -48.12 27.56
CA ARG T 72 -0.67 -48.94 27.68
C ARG T 72 -0.54 -49.50 29.09
N HIS T 73 -1.16 -48.83 30.04
CA HIS T 73 -1.17 -49.20 31.46
C HIS T 73 -2.52 -49.79 31.96
N VAL T 74 -3.51 -49.97 31.09
CA VAL T 74 -4.85 -50.39 31.47
C VAL T 74 -5.43 -51.50 30.61
N GLY T 75 -5.79 -52.58 31.28
CA GLY T 75 -6.47 -53.73 30.69
C GLY T 75 -7.94 -53.73 31.04
N MET T 76 -8.72 -54.35 30.16
CA MET T 76 -10.17 -54.42 30.27
C MET T 76 -10.60 -55.86 30.02
N ALA T 77 -11.41 -56.38 30.94
CA ALA T 77 -11.93 -57.73 30.88
C ALA T 77 -13.48 -57.65 30.83
N VAL T 78 -14.09 -58.31 29.85
CA VAL T 78 -15.54 -58.12 29.60
C VAL T 78 -16.37 -59.42 29.72
N ALA T 79 -17.62 -59.23 30.04
CA ALA T 79 -18.63 -60.27 29.89
C ALA T 79 -19.90 -59.65 29.38
N GLY T 80 -20.67 -60.44 28.65
CA GLY T 80 -22.00 -60.02 28.14
C GLY T 80 -22.03 -60.00 26.61
N LEU T 81 -22.79 -59.06 26.08
CA LEU T 81 -22.89 -58.89 24.61
C LEU T 81 -21.60 -58.25 24.04
N LEU T 82 -20.89 -58.99 23.23
CA LEU T 82 -19.51 -58.70 22.94
C LEU T 82 -19.37 -57.39 22.10
N ALA T 83 -20.28 -57.18 21.13
CA ALA T 83 -20.30 -55.92 20.38
C ALA T 83 -20.50 -54.68 21.27
N ASP T 84 -21.35 -54.80 22.28
CA ASP T 84 -21.50 -53.73 23.24
C ASP T 84 -20.17 -53.53 23.99
N ALA T 85 -19.53 -54.63 24.43
CA ALA T 85 -18.25 -54.53 25.15
C ALA T 85 -17.15 -53.85 24.31
N ARG T 86 -17.02 -54.26 23.05
CA ARG T 86 -16.03 -53.70 22.13
C ARG T 86 -16.19 -52.18 21.89
N SER T 87 -17.43 -51.75 21.86
CA SER T 87 -17.77 -50.36 21.74
C SER T 87 -17.36 -49.59 23.00
N LEU T 88 -17.56 -50.22 24.16
CA LEU T 88 -17.15 -49.66 25.44
C LEU T 88 -15.64 -49.62 25.56
N ALA T 89 -14.93 -50.61 25.05
CA ALA T 89 -13.50 -50.56 24.97
C ALA T 89 -13.00 -49.37 24.09
N ASP T 90 -13.73 -49.06 23.04
CA ASP T 90 -13.39 -47.89 22.20
C ASP T 90 -13.66 -46.55 22.91
N ILE T 91 -14.78 -46.46 23.62
CA ILE T 91 -15.02 -45.30 24.49
C ILE T 91 -13.86 -45.14 25.51
N ALA T 92 -13.48 -46.23 26.17
CA ALA T 92 -12.43 -46.17 27.17
C ALA T 92 -11.14 -45.70 26.53
N ARG T 93 -10.81 -46.26 25.37
CA ARG T 93 -9.60 -45.88 24.66
C ARG T 93 -9.58 -44.38 24.33
N GLU T 94 -10.71 -43.87 23.86
CA GLU T 94 -10.84 -42.48 23.49
C GLU T 94 -10.66 -41.58 24.72
N GLU T 95 -11.24 -42.01 25.84
CA GLU T 95 -11.14 -41.28 27.06
C GLU T 95 -9.69 -41.16 27.59
N ALA T 96 -8.96 -42.26 27.51
CA ALA T 96 -7.57 -42.30 27.96
C ALA T 96 -6.68 -41.47 27.00
N SER T 97 -6.90 -41.61 25.70
CA SER T 97 -6.21 -40.80 24.66
C SER T 97 -6.42 -39.30 24.82
N ASN T 98 -7.66 -38.88 25.05
CA ASN T 98 -8.00 -37.48 25.28
C ASN T 98 -7.46 -36.92 26.55
N PHE T 99 -7.45 -37.75 27.58
CA PHE T 99 -6.89 -37.36 28.83
C PHE T 99 -5.42 -36.95 28.60
N ARG T 100 -4.65 -37.82 27.94
CA ARG T 100 -3.26 -37.60 27.79
C ARG T 100 -2.98 -36.30 27.00
N SER T 101 -3.74 -36.11 25.91
CA SER T 101 -3.66 -34.90 25.14
C SER T 101 -3.96 -33.59 25.93
N ASN T 102 -4.97 -33.61 26.81
CA ASN T 102 -5.40 -32.42 27.57
C ASN T 102 -4.58 -32.16 28.83
N PHE T 103 -4.28 -33.20 29.57
CA PHE T 103 -3.61 -33.08 30.90
C PHE T 103 -2.14 -33.49 30.95
N GLY T 104 -1.66 -34.24 29.97
CA GLY T 104 -0.24 -34.54 29.81
C GLY T 104 0.32 -35.76 30.50
N TYR T 105 -0.52 -36.68 30.94
CA TYR T 105 -0.02 -37.88 31.64
C TYR T 105 -1.05 -39.02 31.56
N ASN T 106 -0.61 -40.22 31.91
CA ASN T 106 -1.47 -41.41 31.90
C ASN T 106 -2.65 -41.26 32.84
N ILE T 107 -3.83 -41.50 32.31
CA ILE T 107 -5.07 -41.34 33.03
C ILE T 107 -5.07 -42.25 34.25
N PRO T 108 -5.36 -41.71 35.42
CA PRO T 108 -5.52 -42.53 36.63
C PRO T 108 -6.70 -43.48 36.44
N LEU T 109 -6.51 -44.71 36.86
CA LEU T 109 -7.49 -45.76 36.65
C LEU T 109 -8.87 -45.41 37.20
N LYS T 110 -8.88 -44.89 38.41
CA LYS T 110 -10.11 -44.48 39.06
C LYS T 110 -10.87 -43.46 38.22
N HIS T 111 -10.17 -42.46 37.70
CA HIS T 111 -10.79 -41.45 36.88
C HIS T 111 -11.31 -42.04 35.55
N LEU T 112 -10.56 -42.94 34.92
CA LEU T 112 -11.05 -43.60 33.67
C LEU T 112 -12.34 -44.41 33.93
N ALA T 113 -12.33 -45.20 35.02
CA ALA T 113 -13.50 -45.94 35.47
C ALA T 113 -14.67 -45.02 35.67
N ASP T 114 -14.50 -43.94 36.42
CA ASP T 114 -15.61 -43.00 36.66
C ASP T 114 -16.19 -42.40 35.36
N ARG T 115 -15.31 -42.08 34.41
CA ARG T 115 -15.74 -41.47 33.15
C ARG T 115 -16.50 -42.42 32.26
N VAL T 116 -15.93 -43.57 32.01
CA VAL T 116 -16.59 -44.60 31.26
C VAL T 116 -17.92 -45.04 31.96
N ALA T 117 -17.90 -45.15 33.27
CA ALA T 117 -19.13 -45.49 34.02
C ALA T 117 -20.24 -44.46 33.79
N MET T 118 -19.90 -43.17 33.73
CA MET T 118 -20.93 -42.14 33.47
C MET T 118 -21.49 -42.20 32.08
N TYR T 119 -20.68 -42.67 31.15
CA TYR T 119 -21.14 -42.90 29.79
C TYR T 119 -22.14 -44.09 29.78
N VAL T 120 -21.76 -45.19 30.42
CA VAL T 120 -22.67 -46.33 30.56
C VAL T 120 -24.00 -45.88 31.20
N HIS T 121 -23.91 -45.07 32.24
CA HIS T 121 -25.05 -44.56 32.96
C HIS T 121 -25.99 -43.76 32.10
N ALA T 122 -25.44 -42.96 31.20
CA ALA T 122 -26.26 -42.14 30.29
C ALA T 122 -27.19 -42.99 29.39
N TYR T 123 -26.84 -44.27 29.16
CA TYR T 123 -27.71 -45.14 28.42
C TYR T 123 -28.80 -45.86 29.28
N THR T 124 -29.12 -45.34 30.46
CA THR T 124 -30.10 -45.95 31.35
C THR T 124 -31.24 -44.98 31.73
N LEU T 125 -31.36 -43.89 30.99
CA LEU T 125 -32.28 -42.81 31.32
C LEU T 125 -33.35 -42.53 30.27
N TYR T 126 -33.21 -43.13 29.09
CA TYR T 126 -33.91 -42.65 27.87
C TYR T 126 -34.61 -43.76 27.11
N SER T 127 -35.78 -43.45 26.54
CA SER T 127 -36.37 -44.32 25.53
C SER T 127 -35.58 -44.35 24.24
N ALA T 128 -34.82 -43.28 23.94
CA ALA T 128 -34.05 -43.21 22.68
C ALA T 128 -32.91 -44.22 22.54
N VAL T 129 -32.35 -44.72 23.66
CA VAL T 129 -31.27 -45.72 23.58
C VAL T 129 -31.51 -46.86 24.57
N ARG T 130 -30.82 -47.98 24.40
CA ARG T 130 -30.86 -49.06 25.37
C ARG T 130 -29.61 -49.16 26.19
N PRO T 131 -29.73 -49.69 27.40
CA PRO T 131 -28.55 -49.98 28.20
C PRO T 131 -27.56 -50.92 27.53
N PHE T 132 -26.27 -50.74 27.81
CA PHE T 132 -25.25 -51.67 27.34
C PHE T 132 -25.50 -53.03 28.01
N GLY T 133 -25.29 -54.10 27.27
CA GLY T 133 -25.40 -55.45 27.80
C GLY T 133 -24.08 -56.08 28.21
N CYS T 134 -23.29 -55.34 28.97
CA CYS T 134 -21.98 -55.83 29.35
CA CYS T 134 -21.92 -55.71 29.28
C CYS T 134 -21.58 -55.29 30.69
N SER T 135 -20.80 -56.09 31.37
CA SER T 135 -20.04 -55.61 32.53
C SER T 135 -18.60 -55.76 32.17
N PHE T 136 -17.78 -54.92 32.77
CA PHE T 136 -16.35 -55.02 32.51
C PHE T 136 -15.50 -54.61 33.71
N MET T 137 -14.30 -55.15 33.73
CA MET T 137 -13.30 -54.81 34.71
C MET T 137 -12.18 -54.02 34.04
N LEU T 138 -11.58 -53.09 34.79
CA LEU T 138 -10.41 -52.31 34.36
C LEU T 138 -9.32 -52.50 35.39
N GLY T 139 -8.11 -52.84 34.94
CA GLY T 139 -6.99 -53.06 35.84
C GLY T 139 -5.75 -52.27 35.45
N SER T 140 -5.02 -51.78 36.44
CA SER T 140 -3.71 -51.16 36.21
C SER T 140 -2.80 -51.23 37.41
N TYR T 141 -1.55 -50.83 37.17
CA TYR T 141 -0.54 -50.70 38.17
C TYR T 141 0.42 -49.58 37.75
N SER T 142 0.88 -48.80 38.74
CA SER T 142 1.97 -47.83 38.59
C SER T 142 2.65 -47.75 39.95
N VAL T 143 3.89 -47.25 40.02
CA VAL T 143 4.56 -47.15 41.32
C VAL T 143 3.75 -46.21 42.22
N ASN T 144 3.31 -45.08 41.69
CA ASN T 144 2.55 -44.07 42.47
C ASN T 144 1.18 -44.48 42.98
N ASP T 145 0.35 -45.09 42.12
CA ASP T 145 -1.05 -45.44 42.44
C ASP T 145 -1.26 -46.85 42.97
N GLY T 146 -0.24 -47.71 42.85
CA GLY T 146 -0.35 -49.11 43.21
C GLY T 146 -1.20 -49.88 42.22
N ALA T 147 -1.64 -51.07 42.66
CA ALA T 147 -2.49 -51.93 41.84
C ALA T 147 -3.93 -51.46 42.03
N GLN T 148 -4.68 -51.38 40.91
CA GLN T 148 -6.08 -51.01 40.98
C GLN T 148 -6.99 -51.83 40.05
N LEU T 149 -8.17 -52.18 40.58
CA LEU T 149 -9.11 -53.06 39.91
C LEU T 149 -10.54 -52.54 40.11
N TYR T 150 -11.17 -52.13 39.02
CA TYR T 150 -12.51 -51.56 39.06
C TYR T 150 -13.47 -52.43 38.27
N MET T 151 -14.74 -52.39 38.63
CA MET T 151 -15.74 -53.12 37.85
C MET T 151 -16.95 -52.25 37.66
N ILE T 152 -17.44 -52.24 36.42
CA ILE T 152 -18.57 -51.41 36.01
C ILE T 152 -19.65 -52.33 35.42
N ASP T 153 -20.90 -52.15 35.86
CA ASP T 153 -22.04 -52.91 35.36
C ASP T 153 -22.95 -52.07 34.46
N PRO T 154 -23.92 -52.73 33.79
CA PRO T 154 -24.83 -52.03 32.90
C PRO T 154 -25.60 -50.85 33.53
N SER T 155 -25.74 -50.80 34.88
CA SER T 155 -26.37 -49.60 35.48
C SER T 155 -25.44 -48.37 35.52
N GLY T 156 -24.15 -48.59 35.29
CA GLY T 156 -23.13 -47.52 35.44
C GLY T 156 -22.51 -47.36 36.83
N VAL T 157 -22.84 -48.24 37.78
CA VAL T 157 -22.14 -48.31 39.10
C VAL T 157 -20.72 -48.89 38.90
N SER T 158 -19.78 -48.26 39.60
CA SER T 158 -18.33 -48.51 39.53
C SER T 158 -17.80 -48.65 40.97
N TYR T 159 -17.09 -49.73 41.26
CA TYR T 159 -16.44 -49.86 42.55
C TYR T 159 -15.06 -50.44 42.31
N GLY T 160 -14.16 -50.19 43.27
CA GLY T 160 -12.85 -50.84 43.32
C GLY T 160 -12.84 -52.15 44.10
N TYR T 161 -12.04 -53.10 43.64
CA TYR T 161 -12.05 -54.46 44.15
C TYR T 161 -10.68 -55.01 44.47
N TRP T 162 -10.64 -55.88 45.48
CA TRP T 162 -9.53 -56.80 45.63
C TRP T 162 -9.68 -58.00 44.68
N GLY T 163 -10.91 -58.45 44.51
CA GLY T 163 -11.23 -59.59 43.62
C GLY T 163 -12.64 -59.49 43.10
N CYS T 164 -12.84 -59.97 41.88
CA CYS T 164 -14.10 -59.71 41.21
C CYS T 164 -14.39 -60.77 40.16
N ALA T 165 -15.67 -61.08 40.02
CA ALA T 165 -16.14 -62.00 38.99
C ALA T 165 -17.44 -61.52 38.38
N ILE T 166 -17.54 -61.76 37.09
CA ILE T 166 -18.69 -61.37 36.28
C ILE T 166 -19.04 -62.50 35.34
N GLY T 167 -20.33 -62.60 35.04
CA GLY T 167 -20.82 -63.69 34.22
C GLY T 167 -21.58 -64.73 35.01
N LYS T 168 -21.80 -65.87 34.38
CA LYS T 168 -22.75 -66.87 34.89
C LYS T 168 -22.29 -67.64 36.12
N ALA T 169 -20.98 -67.83 36.31
CA ALA T 169 -20.52 -68.51 37.54
C ALA T 169 -19.90 -67.48 38.49
N ARG T 170 -20.47 -66.29 38.50
CA ARG T 170 -20.03 -65.17 39.33
C ARG T 170 -19.88 -65.54 40.81
N GLN T 171 -20.96 -66.07 41.40
CA GLN T 171 -20.99 -66.40 42.84
C GLN T 171 -20.05 -67.53 43.24
N ALA T 172 -20.06 -68.61 42.47
CA ALA T 172 -19.08 -69.69 42.60
C ALA T 172 -17.65 -69.16 42.55
N ALA T 173 -17.38 -68.25 41.63
CA ALA T 173 -16.04 -67.68 41.52
C ALA T 173 -15.66 -66.85 42.76
N LYS T 174 -16.57 -65.99 43.21
CA LYS T 174 -16.34 -65.15 44.38
C LYS T 174 -15.96 -65.97 45.57
N THR T 175 -16.68 -67.07 45.81
CA THR T 175 -16.40 -67.87 46.98
C THR T 175 -14.99 -68.49 46.89
N GLU T 176 -14.56 -68.92 45.71
CA GLU T 176 -13.17 -69.38 45.57
C GLU T 176 -12.12 -68.25 45.77
N ILE T 177 -12.41 -67.06 45.23
CA ILE T 177 -11.51 -65.89 45.32
C ILE T 177 -11.31 -65.44 46.77
N GLU T 178 -12.39 -65.51 47.59
CA GLU T 178 -12.35 -65.26 49.04
C GLU T 178 -11.40 -66.15 49.84
N LYS T 179 -10.97 -67.28 49.29
CA LYS T 179 -10.00 -68.16 49.96
C LYS T 179 -8.57 -67.70 49.86
N LEU T 180 -8.29 -66.78 48.93
CA LEU T 180 -6.95 -66.27 48.72
C LEU T 180 -6.69 -65.07 49.62
N GLN T 181 -5.50 -65.05 50.21
CA GLN T 181 -4.96 -63.86 50.86
C GLN T 181 -4.22 -63.02 49.79
N MET T 182 -4.99 -62.42 48.87
CA MET T 182 -4.39 -61.79 47.67
C MET T 182 -3.55 -60.54 47.94
N LYS T 183 -3.83 -59.79 49.00
CA LYS T 183 -3.00 -58.62 49.44
C LYS T 183 -1.50 -58.92 49.54
N GLU T 184 -1.17 -60.14 49.96
CA GLU T 184 0.20 -60.59 50.22
C GLU T 184 0.84 -61.39 49.08
N MET T 185 0.11 -61.62 47.99
CA MET T 185 0.60 -62.49 46.92
C MET T 185 1.07 -61.68 45.72
N THR T 186 1.82 -62.32 44.84
CA THR T 186 2.33 -61.69 43.63
C THR T 186 1.56 -62.18 42.40
N CYS T 187 1.63 -61.38 41.35
CA CYS T 187 1.09 -61.70 40.07
C CYS T 187 1.52 -63.05 39.52
N ARG T 188 2.79 -63.44 39.69
CA ARG T 188 3.30 -64.71 39.15
C ARG T 188 2.64 -65.91 39.85
N ASP T 189 2.19 -65.68 41.08
CA ASP T 189 1.40 -66.65 41.87
C ASP T 189 -0.09 -66.63 41.56
N ILE T 190 -0.64 -65.43 41.49
CA ILE T 190 -2.04 -65.27 41.26
C ILE T 190 -2.49 -65.85 39.92
N VAL T 191 -1.67 -65.78 38.86
CA VAL T 191 -2.08 -66.38 37.52
C VAL T 191 -2.55 -67.83 37.67
N LYS T 192 -1.79 -68.57 38.45
CA LYS T 192 -2.04 -69.98 38.65
C LYS T 192 -3.43 -70.15 39.29
N GLU T 193 -3.75 -69.27 40.24
CA GLU T 193 -4.99 -69.33 41.01
C GLU T 193 -6.19 -68.87 40.22
N VAL T 194 -5.97 -67.91 39.32
CA VAL T 194 -6.98 -67.46 38.38
C VAL T 194 -7.33 -68.65 37.47
N ALA T 195 -6.32 -69.30 36.90
CA ALA T 195 -6.57 -70.47 36.07
C ALA T 195 -7.32 -71.53 36.86
N LYS T 196 -6.87 -71.77 38.08
CA LYS T 196 -7.48 -72.76 38.96
C LYS T 196 -8.96 -72.47 39.18
N ILE T 197 -9.29 -71.26 39.59
CA ILE T 197 -10.67 -70.85 39.83
C ILE T 197 -11.56 -70.97 38.57
N ILE T 198 -11.03 -70.60 37.41
CA ILE T 198 -11.79 -70.77 36.14
C ILE T 198 -12.11 -72.25 35.97
N TYR T 199 -11.14 -73.13 36.18
CA TYR T 199 -11.40 -74.57 36.01
C TYR T 199 -12.42 -75.15 37.01
N ILE T 200 -12.51 -74.54 38.18
CA ILE T 200 -13.45 -74.99 39.21
C ILE T 200 -14.89 -74.63 38.82
N VAL T 201 -15.08 -73.39 38.40
CA VAL T 201 -16.43 -72.87 38.09
C VAL T 201 -16.94 -73.24 36.70
N HIS T 202 -16.06 -73.73 35.86
CA HIS T 202 -16.43 -74.24 34.55
C HIS T 202 -17.29 -75.44 34.71
N ASP T 203 -18.39 -75.45 33.98
CA ASP T 203 -19.32 -76.56 34.03
C ASP T 203 -18.98 -77.46 32.83
N GLU T 204 -18.07 -78.44 33.02
CA GLU T 204 -17.53 -79.22 31.87
C GLU T 204 -18.56 -80.22 31.30
N VAL T 205 -19.58 -80.57 32.11
CA VAL T 205 -20.75 -81.20 31.54
C VAL T 205 -21.40 -80.16 30.59
N LYS T 206 -22.05 -79.13 31.15
CA LYS T 206 -22.80 -78.14 30.34
C LYS T 206 -21.73 -77.32 29.68
N ASP T 207 -21.67 -77.35 28.37
CA ASP T 207 -20.61 -76.62 27.65
C ASP T 207 -19.20 -77.25 27.91
N LYS T 208 -18.88 -78.30 27.16
CA LYS T 208 -17.52 -78.86 27.07
C LYS T 208 -16.62 -77.88 26.30
N ALA T 209 -15.31 -78.07 26.46
CA ALA T 209 -14.24 -77.32 25.77
C ALA T 209 -14.25 -75.80 25.92
N PHE T 210 -13.15 -75.33 26.47
CA PHE T 210 -12.91 -73.91 26.63
C PHE T 210 -11.42 -73.57 26.52
N GLU T 211 -11.16 -72.33 26.17
CA GLU T 211 -9.82 -71.76 26.14
C GLU T 211 -9.74 -70.87 27.33
N LEU T 212 -8.56 -70.84 27.92
CA LEU T 212 -8.30 -69.90 28.99
C LEU T 212 -7.60 -68.68 28.36
N GLU T 213 -8.09 -67.49 28.73
CA GLU T 213 -7.48 -66.27 28.29
C GLU T 213 -6.94 -65.58 29.54
N LEU T 214 -5.66 -65.18 29.53
CA LEU T 214 -5.00 -64.58 30.69
C LEU T 214 -4.16 -63.34 30.33
N SER T 215 -4.27 -62.30 31.15
CA SER T 215 -3.53 -61.07 30.99
C SER T 215 -3.19 -60.52 32.38
N TRP T 216 -2.21 -59.63 32.41
CA TRP T 216 -1.81 -58.99 33.66
C TRP T 216 -1.14 -57.65 33.49
N VAL T 217 -1.11 -56.92 34.60
CA VAL T 217 -0.44 -55.66 34.63
C VAL T 217 0.11 -55.47 36.02
N GLY T 218 1.41 -55.20 36.11
CA GLY T 218 2.09 -55.11 37.41
C GLY T 218 3.54 -54.68 37.32
N GLU T 219 4.23 -54.69 38.47
CA GLU T 219 5.64 -54.43 38.50
C GLU T 219 6.39 -55.23 37.43
N LEU T 220 6.05 -56.51 37.30
CA LEU T 220 6.75 -57.43 36.39
C LEU T 220 6.61 -57.12 34.88
N THR T 221 5.68 -56.24 34.55
CA THR T 221 5.49 -55.76 33.18
C THR T 221 5.83 -54.26 33.05
N ASN T 222 6.36 -53.71 34.14
CA ASN T 222 6.62 -52.29 34.31
C ASN T 222 5.40 -51.43 34.06
N GLY T 223 4.28 -51.82 34.66
CA GLY T 223 3.05 -51.05 34.52
C GLY T 223 2.40 -51.08 33.14
N ARG T 224 2.80 -52.00 32.28
CA ARG T 224 2.19 -52.19 30.96
C ARG T 224 1.20 -53.38 31.04
N HIS T 225 0.01 -53.23 30.46
CA HIS T 225 -0.96 -54.35 30.35
C HIS T 225 -0.57 -55.25 29.18
N GLU T 226 -0.38 -56.53 29.45
CA GLU T 226 0.15 -57.50 28.48
C GLU T 226 -0.58 -58.87 28.63
N ILE T 227 -0.65 -59.64 27.53
CA ILE T 227 -1.04 -61.03 27.65
C ILE T 227 0.00 -61.73 28.53
N VAL T 228 -0.46 -62.74 29.26
CA VAL T 228 0.43 -63.64 29.95
C VAL T 228 1.11 -64.48 28.88
N PRO T 229 2.46 -64.58 28.92
CA PRO T 229 3.22 -65.40 27.97
C PRO T 229 2.72 -66.85 27.91
N LYS T 230 2.79 -67.45 26.72
CA LYS T 230 2.31 -68.81 26.42
C LYS T 230 2.72 -69.85 27.45
N ASP T 231 4.03 -69.91 27.72
CA ASP T 231 4.60 -70.91 28.64
C ASP T 231 4.05 -70.80 30.09
N ILE T 232 3.89 -69.58 30.57
CA ILE T 232 3.28 -69.35 31.88
C ILE T 232 1.79 -69.75 31.90
N ARG T 233 1.05 -69.47 30.83
CA ARG T 233 -0.39 -69.86 30.76
C ARG T 233 -0.52 -71.37 30.82
N GLU T 234 0.32 -72.05 30.06
CA GLU T 234 0.27 -73.50 29.96
C GLU T 234 0.58 -74.15 31.29
N GLU T 235 1.55 -73.60 32.03
CA GLU T 235 1.85 -74.07 33.38
C GLU T 235 0.72 -73.75 34.35
N ALA T 236 0.05 -72.61 34.18
CA ALA T 236 -1.13 -72.31 35.02
C ALA T 236 -2.29 -73.24 34.68
N GLU T 237 -2.47 -73.56 33.39
CA GLU T 237 -3.49 -74.55 32.97
C GLU T 237 -3.21 -75.96 33.56
N LYS T 238 -1.96 -76.38 33.45
CA LYS T 238 -1.53 -77.64 34.01
C LYS T 238 -1.75 -77.71 35.52
N TYR T 239 -1.40 -76.65 36.24
CA TYR T 239 -1.66 -76.53 37.69
C TYR T 239 -3.14 -76.63 38.04
N ALA T 240 -3.96 -75.90 37.29
CA ALA T 240 -5.43 -75.90 37.43
C ALA T 240 -6.08 -77.26 37.14
N LYS T 241 -5.58 -77.92 36.08
CA LYS T 241 -6.09 -79.22 35.64
C LYS T 241 -5.81 -80.29 36.71
N GLU T 242 -4.53 -80.39 37.11
CA GLU T 242 -4.05 -81.37 38.07
C GLU T 242 -4.57 -81.10 39.52
N SER T 243 -4.80 -79.83 39.86
CA SER T 243 -5.49 -79.46 41.13
C SER T 243 -6.96 -79.92 41.18
N LEU T 244 -7.63 -79.94 40.03
CA LEU T 244 -9.00 -80.47 39.88
C LEU T 244 -9.04 -81.99 40.12
N LYS T 245 -8.07 -82.72 39.54
CA LYS T 245 -7.86 -84.15 39.83
C LYS T 245 -7.34 -84.36 41.25
N SER U 2 -61.07 -40.69 40.86
CA SER U 2 -60.08 -40.13 41.86
C SER U 2 -59.82 -41.11 43.02
N ARG U 3 -58.73 -40.84 43.75
CA ARG U 3 -58.02 -41.78 44.68
C ARG U 3 -57.41 -43.00 43.94
N GLY U 4 -56.15 -42.83 43.49
CA GLY U 4 -55.44 -43.84 42.71
C GLY U 4 -55.85 -44.01 41.25
N SER U 5 -56.67 -43.09 40.71
CA SER U 5 -57.17 -43.26 39.34
C SER U 5 -56.07 -43.01 38.31
N SER U 6 -56.29 -43.58 37.13
CA SER U 6 -55.31 -43.55 36.06
C SER U 6 -55.99 -43.53 34.69
N ALA U 7 -55.41 -42.76 33.78
CA ALA U 7 -55.80 -42.74 32.37
C ALA U 7 -54.56 -42.69 31.45
N GLY U 8 -54.67 -43.33 30.29
CA GLY U 8 -53.67 -43.24 29.26
C GLY U 8 -52.33 -43.73 29.75
N PHE U 9 -51.30 -42.89 29.56
CA PHE U 9 -49.93 -43.25 29.88
C PHE U 9 -49.40 -42.58 31.15
N ASP U 10 -50.30 -42.18 32.05
CA ASP U 10 -49.89 -41.46 33.27
C ASP U 10 -49.11 -42.26 34.30
N ARG U 11 -49.01 -43.59 34.13
CA ARG U 11 -48.09 -44.41 34.93
C ARG U 11 -46.77 -44.73 34.25
N HIS U 12 -46.64 -44.35 32.97
CA HIS U 12 -45.42 -44.62 32.21
C HIS U 12 -44.48 -43.44 31.98
N ILE U 13 -45.04 -42.25 31.83
CA ILE U 13 -44.27 -41.04 31.64
C ILE U 13 -44.79 -39.98 32.57
N THR U 14 -44.07 -38.86 32.68
CA THR U 14 -44.46 -37.78 33.57
C THR U 14 -45.53 -36.86 33.00
N ILE U 15 -46.75 -37.40 32.82
CA ILE U 15 -47.95 -36.59 32.53
C ILE U 15 -48.85 -36.71 33.72
N PHE U 16 -49.81 -35.81 33.86
CA PHE U 16 -50.66 -35.78 35.01
C PHE U 16 -51.66 -36.92 34.99
N SER U 17 -51.95 -37.49 36.17
CA SER U 17 -53.06 -38.45 36.38
C SER U 17 -54.31 -37.62 36.65
N PRO U 18 -55.49 -38.25 36.72
CA PRO U 18 -56.71 -37.42 36.92
C PRO U 18 -56.88 -36.73 38.28
N GLU U 19 -56.10 -37.17 39.28
CA GLU U 19 -55.97 -36.43 40.54
C GLU U 19 -54.96 -35.27 40.45
N GLY U 20 -54.18 -35.19 39.39
CA GLY U 20 -53.10 -34.18 39.32
C GLY U 20 -51.77 -34.66 39.87
N ARG U 21 -51.57 -35.96 39.90
CA ARG U 21 -50.35 -36.57 40.39
C ARG U 21 -49.40 -36.95 39.24
N LEU U 22 -48.14 -37.20 39.60
CA LEU U 22 -47.13 -37.68 38.67
C LEU U 22 -46.63 -39.01 39.22
N TYR U 23 -47.29 -40.08 38.83
CA TYR U 23 -46.88 -41.40 39.27
C TYR U 23 -45.41 -41.72 39.05
N GLN U 24 -44.83 -41.29 37.92
CA GLN U 24 -43.43 -41.61 37.65
C GLN U 24 -42.48 -40.97 38.69
N VAL U 25 -42.82 -39.76 39.14
CA VAL U 25 -42.07 -39.10 40.22
C VAL U 25 -42.23 -39.89 41.56
N GLU U 26 -43.46 -40.18 41.91
CA GLU U 26 -43.73 -41.03 43.07
C GLU U 26 -42.92 -42.35 43.02
N TYR U 27 -42.80 -42.97 41.86
CA TYR U 27 -41.99 -44.18 41.74
C TYR U 27 -40.48 -43.91 41.88
N ALA U 28 -40.02 -42.73 41.48
CA ALA U 28 -38.62 -42.37 41.68
C ALA U 28 -38.27 -42.36 43.19
N PHE U 29 -39.22 -41.90 44.02
CA PHE U 29 -39.06 -41.97 45.47
C PHE U 29 -38.91 -43.40 45.97
N LYS U 30 -39.70 -44.33 45.46
CA LYS U 30 -39.55 -45.74 45.82
C LYS U 30 -38.18 -46.26 45.39
N ALA U 31 -37.68 -45.81 44.24
CA ALA U 31 -36.34 -46.16 43.78
C ALA U 31 -35.21 -45.77 44.74
N ILE U 32 -35.40 -44.68 45.48
CA ILE U 32 -34.46 -44.27 46.53
C ILE U 32 -34.23 -45.41 47.55
N ASN U 33 -35.32 -46.07 47.93
CA ASN U 33 -35.25 -47.16 48.91
C ASN U 33 -34.69 -48.50 48.40
N GLN U 34 -34.69 -48.72 47.09
CA GLN U 34 -34.10 -49.94 46.53
C GLN U 34 -32.66 -50.22 47.00
N GLY U 35 -31.86 -49.16 47.19
CA GLY U 35 -30.50 -49.26 47.73
C GLY U 35 -30.34 -49.80 49.15
N GLY U 36 -31.42 -49.77 49.94
CA GLY U 36 -31.44 -50.37 51.27
C GLY U 36 -30.83 -49.56 52.41
N LEU U 37 -30.40 -48.32 52.13
CA LEU U 37 -29.62 -47.53 53.09
C LEU U 37 -30.43 -46.36 53.61
N THR U 38 -30.00 -45.86 54.77
CA THR U 38 -30.51 -44.64 55.40
C THR U 38 -29.35 -43.65 55.71
N SER U 39 -29.61 -42.36 55.56
CA SER U 39 -28.63 -41.31 55.88
C SER U 39 -29.31 -40.26 56.73
N VAL U 40 -28.53 -39.61 57.60
CA VAL U 40 -29.01 -38.58 58.49
C VAL U 40 -28.07 -37.40 58.50
N ALA U 41 -28.61 -36.22 58.70
CA ALA U 41 -27.78 -35.01 58.76
C ALA U 41 -28.32 -34.04 59.77
N VAL U 42 -27.44 -33.40 60.55
CA VAL U 42 -27.87 -32.42 61.55
C VAL U 42 -26.95 -31.19 61.54
N ARG U 43 -27.55 -30.06 61.90
CA ARG U 43 -26.85 -28.79 61.98
C ARG U 43 -26.94 -28.25 63.43
N GLY U 44 -25.82 -27.72 63.92
CA GLY U 44 -25.82 -26.95 65.15
C GLY U 44 -25.26 -25.59 64.83
N LYS U 45 -25.04 -24.80 65.89
CA LYS U 45 -24.48 -23.46 65.72
C LYS U 45 -23.03 -23.48 65.14
N ASP U 46 -22.25 -24.50 65.51
CA ASP U 46 -20.81 -24.60 65.22
C ASP U 46 -20.47 -25.48 64.03
N 6V1 U 47 -21.31 -26.48 63.74
CA 6V1 U 47 -21.00 -27.47 62.70
C 6V1 U 47 -22.20 -28.05 62.03
O 6V1 U 47 -23.33 -27.88 62.48
CB 6V1 U 47 -20.11 -28.65 63.20
SG 6V1 U 47 -20.57 -29.34 64.76
C1 6V1 U 47 -19.41 -30.53 65.51
C2 6V1 U 47 -17.97 -30.25 65.94
N3 6V1 U 47 -17.17 -31.33 65.79
C4 6V1 U 47 -17.77 -32.25 65.02
C5 6V1 U 47 -19.14 -31.74 64.59
C6 6V1 U 47 -15.82 -31.50 66.36
O7 6V1 U 47 -17.58 -29.20 66.39
O8 6V1 U 47 -17.27 -33.33 64.66
C3 6V1 U 47 -14.80 -31.56 65.23
N ALA U 48 -21.94 -28.72 60.91
CA ALA U 48 -22.92 -29.56 60.26
C ALA U 48 -22.26 -30.90 59.99
N VAL U 49 -23.06 -31.96 60.10
CA VAL U 49 -22.59 -33.34 60.02
C VAL U 49 -23.54 -34.19 59.18
N ILE U 50 -22.95 -35.14 58.45
CA ILE U 50 -23.68 -36.13 57.69
C ILE U 50 -23.16 -37.47 58.17
N VAL U 51 -24.08 -38.40 58.44
CA VAL U 51 -23.75 -39.81 58.71
C VAL U 51 -24.59 -40.73 57.83
N THR U 52 -23.98 -41.80 57.33
CA THR U 52 -24.72 -42.78 56.54
C THR U 52 -24.15 -44.14 56.84
N GLN U 53 -24.95 -45.15 56.51
CA GLN U 53 -24.56 -46.56 56.65
C GLN U 53 -23.52 -46.89 55.62
N LYS U 54 -22.49 -47.60 56.04
CA LYS U 54 -21.52 -48.10 55.10
C LYS U 54 -21.61 -49.60 55.14
N LYS U 55 -22.21 -50.22 54.12
CA LYS U 55 -22.42 -51.68 54.08
C LYS U 55 -21.41 -52.31 53.12
N VAL U 56 -20.38 -52.96 53.66
CA VAL U 56 -19.34 -53.70 52.92
C VAL U 56 -19.49 -55.18 53.36
N PRO U 57 -20.48 -55.89 52.75
CA PRO U 57 -20.67 -57.32 53.09
C PRO U 57 -19.48 -58.18 52.65
N ASP U 58 -19.05 -57.92 51.42
CA ASP U 58 -18.02 -58.71 50.74
C ASP U 58 -16.60 -58.82 51.44
N LYS U 59 -15.76 -57.80 51.31
CA LYS U 59 -14.31 -57.88 51.66
C LYS U 59 -13.44 -58.22 50.45
N LEU U 60 -14.06 -58.73 49.38
CA LEU U 60 -13.46 -58.62 48.05
C LEU U 60 -13.59 -57.20 47.45
N LEU U 61 -14.42 -56.37 48.05
CA LEU U 61 -14.45 -54.98 47.78
C LEU U 61 -13.26 -54.24 48.39
N ASP U 62 -12.69 -53.28 47.63
CA ASP U 62 -11.81 -52.26 48.20
C ASP U 62 -12.74 -51.29 48.91
N SER U 63 -12.79 -51.36 50.23
CA SER U 63 -13.75 -50.61 51.04
C SER U 63 -13.54 -49.12 51.01
N SER U 64 -12.32 -48.67 50.71
CA SER U 64 -12.06 -47.22 50.48
C SER U 64 -12.90 -46.64 49.35
N THR U 65 -13.24 -47.45 48.34
CA THR U 65 -14.07 -47.00 47.22
C THR U 65 -15.57 -47.18 47.47
N VAL U 66 -15.98 -47.74 48.62
CA VAL U 66 -17.41 -47.89 48.94
C VAL U 66 -17.74 -46.70 49.82
N THR U 67 -18.39 -45.72 49.21
CA THR U 67 -18.73 -44.50 49.93
C THR U 67 -19.93 -43.87 49.26
N HIS U 68 -20.73 -43.21 50.06
CA HIS U 68 -21.76 -42.30 49.62
C HIS U 68 -21.50 -40.86 50.02
N LEU U 69 -20.28 -40.54 50.47
CA LEU U 69 -19.88 -39.17 50.86
C LEU U 69 -19.06 -38.60 49.73
N PHE U 70 -19.34 -37.35 49.36
CA PHE U 70 -18.67 -36.73 48.20
C PHE U 70 -18.35 -35.27 48.42
N LYS U 71 -17.12 -34.90 48.10
CA LYS U 71 -16.72 -33.52 48.09
C LYS U 71 -17.23 -32.89 46.80
N ILE U 72 -17.97 -31.80 46.93
CA ILE U 72 -18.47 -31.04 45.78
C ILE U 72 -17.50 -29.89 45.44
N THR U 73 -17.20 -29.04 46.41
CA THR U 73 -16.06 -28.09 46.42
C THR U 73 -15.27 -28.38 47.71
N GLU U 74 -14.19 -27.66 47.97
CA GLU U 74 -13.44 -27.86 49.21
C GLU U 74 -14.31 -27.59 50.46
N ASN U 75 -15.26 -26.65 50.34
CA ASN U 75 -16.17 -26.27 51.43
C ASN U 75 -17.60 -26.86 51.40
N ILE U 76 -17.91 -27.69 50.41
CA ILE U 76 -19.27 -28.23 50.32
C ILE U 76 -19.17 -29.71 50.21
N GLY U 77 -19.81 -30.37 51.18
CA GLY U 77 -19.87 -31.83 51.20
C GLY U 77 -21.26 -32.37 50.93
N CYS U 78 -21.30 -33.65 50.64
CA CYS U 78 -22.57 -34.21 50.26
C CYS U 78 -22.72 -35.67 50.61
N VAL U 79 -23.92 -36.06 51.02
CA VAL U 79 -24.28 -37.49 51.11
C VAL U 79 -25.41 -37.82 50.12
N MET U 80 -25.21 -38.91 49.36
CA MET U 80 -26.19 -39.39 48.38
CA MET U 80 -26.18 -39.39 48.37
C MET U 80 -26.90 -40.65 48.90
N THR U 81 -28.22 -40.67 48.74
CA THR U 81 -29.04 -41.82 49.10
C THR U 81 -29.84 -42.20 47.82
N GLY U 82 -29.76 -43.48 47.42
CA GLY U 82 -30.57 -44.01 46.34
C GLY U 82 -29.80 -44.84 45.36
N MET U 83 -30.27 -44.84 44.12
CA MET U 83 -29.61 -45.54 43.04
C MET U 83 -28.21 -44.93 42.82
N THR U 84 -27.20 -45.79 42.69
CA THR U 84 -25.82 -45.40 42.86
C THR U 84 -25.34 -44.60 41.66
N ALA U 85 -25.48 -45.17 40.48
CA ALA U 85 -25.05 -44.49 39.25
C ALA U 85 -25.82 -43.19 39.04
N ASP U 86 -27.11 -43.16 39.30
CA ASP U 86 -27.85 -41.90 39.29
C ASP U 86 -27.20 -40.85 40.22
N SER U 87 -26.86 -41.31 41.43
CA SER U 87 -26.25 -40.47 42.45
C SER U 87 -24.89 -39.91 42.01
N ARG U 88 -24.04 -40.77 41.45
CA ARG U 88 -22.75 -40.39 40.97
C ARG U 88 -22.91 -39.29 39.87
N SER U 89 -23.90 -39.45 39.02
CA SER U 89 -24.25 -38.48 37.98
C SER U 89 -24.66 -37.14 38.56
N GLN U 90 -25.49 -37.19 39.60
CA GLN U 90 -25.92 -35.95 40.23
C GLN U 90 -24.75 -35.25 40.95
N VAL U 91 -23.81 -36.02 41.48
CA VAL U 91 -22.63 -35.45 42.11
C VAL U 91 -21.78 -34.70 41.07
N GLN U 92 -21.51 -35.34 39.94
CA GLN U 92 -20.78 -34.69 38.84
C GLN U 92 -21.40 -33.41 38.37
N ARG U 93 -22.70 -33.41 38.25
CA ARG U 93 -23.39 -32.22 37.87
C ARG U 93 -23.22 -31.13 38.91
N ALA U 94 -23.39 -31.48 40.20
CA ALA U 94 -23.21 -30.51 41.28
C ALA U 94 -21.80 -29.87 41.27
N ARG U 95 -20.77 -30.69 41.01
CA ARG U 95 -19.40 -30.23 40.94
C ARG U 95 -19.22 -29.24 39.81
N TYR U 96 -19.82 -29.59 38.67
CA TYR U 96 -19.75 -28.79 37.49
C TYR U 96 -20.48 -27.42 37.75
N GLU U 97 -21.65 -27.44 38.37
CA GLU U 97 -22.38 -26.20 38.66
C GLU U 97 -21.61 -25.29 39.58
N ALA U 98 -20.96 -25.87 40.58
CA ALA U 98 -20.24 -25.09 41.59
C ALA U 98 -18.98 -24.46 41.03
N ALA U 99 -18.22 -25.21 40.24
CA ALA U 99 -17.05 -24.70 39.55
C ALA U 99 -17.41 -23.54 38.59
N ASN U 100 -18.49 -23.72 37.90
CA ASN U 100 -19.04 -22.77 37.01
C ASN U 100 -19.43 -21.46 37.64
N TRP U 101 -20.17 -21.56 38.73
CA TRP U 101 -20.56 -20.43 39.54
C TRP U 101 -19.33 -19.60 39.94
N LYS U 102 -18.29 -20.30 40.42
CA LYS U 102 -17.09 -19.66 40.88
C LYS U 102 -16.37 -18.88 39.74
N TYR U 103 -16.33 -19.52 38.57
CA TYR U 103 -15.70 -18.92 37.38
C TYR U 103 -16.43 -17.65 36.93
N LYS U 104 -17.75 -17.72 36.91
CA LYS U 104 -18.54 -16.61 36.46
C LYS U 104 -18.66 -15.48 37.46
N TYR U 105 -18.78 -15.80 38.75
CA TYR U 105 -19.15 -14.79 39.75
C TYR U 105 -18.08 -14.47 40.78
N GLY U 106 -17.04 -15.30 40.87
CA GLY U 106 -15.84 -14.98 41.65
C GLY U 106 -15.92 -15.21 43.16
N TYR U 107 -16.89 -16.03 43.56
CA TYR U 107 -17.08 -16.42 44.94
C TYR U 107 -17.73 -17.78 44.95
N GLU U 108 -17.54 -18.51 46.03
CA GLU U 108 -18.11 -19.84 46.17
C GLU U 108 -19.61 -19.88 46.12
N ILE U 109 -20.14 -20.87 45.45
CA ILE U 109 -21.60 -21.08 45.43
C ILE U 109 -22.12 -21.29 46.89
N PRO U 110 -23.16 -20.54 47.30
CA PRO U 110 -23.83 -20.86 48.53
C PRO U 110 -24.46 -22.25 48.45
N VAL U 111 -24.55 -22.90 49.61
CA VAL U 111 -25.13 -24.22 49.68
C VAL U 111 -26.58 -24.19 49.22
N ASP U 112 -27.35 -23.17 49.64
CA ASP U 112 -28.79 -23.10 49.24
C ASP U 112 -28.99 -22.95 47.72
N MET U 113 -28.09 -22.19 47.10
CA MET U 113 -28.09 -21.99 45.63
C MET U 113 -27.69 -23.26 44.89
N LEU U 114 -26.70 -23.99 45.40
CA LEU U 114 -26.33 -25.25 44.76
C LEU U 114 -27.49 -26.25 44.84
N CYS U 115 -28.12 -26.34 46.00
CA CYS U 115 -29.22 -27.25 46.15
C CYS U 115 -30.36 -26.86 45.21
N LYS U 116 -30.66 -25.58 45.16
CA LYS U 116 -31.71 -25.07 44.30
C LYS U 116 -31.45 -25.38 42.83
N ARG U 117 -30.21 -25.20 42.41
CA ARG U 117 -29.83 -25.46 41.04
C ARG U 117 -30.05 -26.93 40.67
N ILE U 118 -29.63 -27.83 41.54
CA ILE U 118 -29.87 -29.27 41.32
C ILE U 118 -31.38 -29.63 41.32
N ALA U 119 -32.12 -29.01 42.21
CA ALA U 119 -33.55 -29.19 42.26
C ALA U 119 -34.23 -28.68 41.00
N ASP U 120 -33.76 -27.55 40.49
CA ASP U 120 -34.30 -26.99 39.23
C ASP U 120 -34.01 -27.93 38.05
N ILE U 121 -32.83 -28.52 38.01
CA ILE U 121 -32.48 -29.51 36.99
C ILE U 121 -33.36 -30.77 37.10
N SER U 122 -33.61 -31.22 38.32
CA SER U 122 -34.47 -32.39 38.53
C SER U 122 -35.91 -32.09 38.07
N GLN U 123 -36.36 -30.86 38.32
CA GLN U 123 -37.71 -30.47 37.94
C GLN U 123 -37.94 -30.72 36.44
N VAL U 124 -36.90 -30.45 35.61
CA VAL U 124 -37.02 -30.64 34.19
C VAL U 124 -37.41 -32.08 33.84
N TYR U 125 -36.83 -33.07 34.53
CA TYR U 125 -37.20 -34.46 34.28
C TYR U 125 -38.65 -34.79 34.74
N THR U 126 -39.28 -33.98 35.57
CA THR U 126 -40.65 -34.21 35.96
C THR U 126 -41.65 -33.65 34.94
N GLN U 127 -41.18 -32.84 33.99
CA GLN U 127 -42.03 -32.15 33.03
C GLN U 127 -41.80 -32.56 31.57
N ASN U 128 -40.64 -33.17 31.28
CA ASN U 128 -40.30 -33.61 29.94
C ASN U 128 -40.37 -35.14 29.88
N ALA U 129 -41.11 -35.70 28.93
CA ALA U 129 -41.47 -37.12 28.90
C ALA U 129 -40.37 -38.11 28.59
N GLU U 130 -39.35 -37.64 27.90
CA GLU U 130 -38.40 -38.57 27.28
C GLU U 130 -37.35 -39.23 28.21
N MET U 131 -37.16 -38.68 29.39
CA MET U 131 -36.21 -39.24 30.36
C MET U 131 -36.88 -39.44 31.69
N ARG U 132 -36.38 -40.35 32.50
CA ARG U 132 -36.90 -40.55 33.85
C ARG U 132 -36.25 -39.60 34.84
N PRO U 133 -36.91 -39.35 35.97
CA PRO U 133 -36.19 -38.78 37.11
C PRO U 133 -35.06 -39.68 37.59
N LEU U 134 -34.12 -39.06 38.29
CA LEU U 134 -33.04 -39.77 38.92
C LEU U 134 -33.59 -40.32 40.24
N GLY U 135 -33.29 -41.59 40.50
CA GLY U 135 -33.84 -42.27 41.69
C GLY U 135 -32.93 -42.09 42.88
N CYS U 136 -32.70 -40.83 43.24
CA CYS U 136 -31.74 -40.46 44.30
C CYS U 136 -32.09 -39.14 44.95
N YCM U 137 -31.51 -38.95 46.13
CA YCM U 137 -31.72 -37.83 47.01
CB YCM U 137 -32.36 -38.49 48.21
SG YCM U 137 -33.01 -37.21 49.21
CD YCM U 137 -34.11 -38.19 50.25
CE YCM U 137 -35.66 -38.38 50.23
OZ1 YCM U 137 -36.56 -37.49 50.26
NZ2 YCM U 137 -36.02 -39.68 50.28
C YCM U 137 -30.39 -37.30 47.46
O YCM U 137 -29.44 -38.08 47.75
N MET U 138 -30.25 -35.98 47.49
CA MET U 138 -28.95 -35.32 47.75
C MET U 138 -29.09 -34.45 48.98
N ILE U 139 -28.20 -34.69 49.92
CA ILE U 139 -28.09 -33.83 51.12
C ILE U 139 -26.73 -33.11 51.08
N LEU U 140 -26.76 -31.80 51.26
CA LEU U 140 -25.58 -30.97 51.15
C LEU U 140 -25.30 -30.32 52.50
N ILE U 141 -24.03 -30.30 52.91
CA ILE U 141 -23.58 -29.48 54.04
C ILE U 141 -22.52 -28.44 53.65
N GLY U 142 -22.58 -27.28 54.30
CA GLY U 142 -21.52 -26.24 54.21
C GLY U 142 -21.70 -25.09 55.18
N ILE U 143 -20.65 -24.28 55.35
CA ILE U 143 -20.75 -23.09 56.17
C ILE U 143 -21.04 -21.91 55.27
N ASP U 144 -22.12 -21.19 55.58
CA ASP U 144 -22.42 -19.90 54.99
C ASP U 144 -21.88 -18.77 55.87
N GLU U 145 -21.24 -17.77 55.23
CA GLU U 145 -20.61 -16.61 55.93
C GLU U 145 -21.58 -15.84 56.83
N GLU U 146 -22.85 -15.68 56.41
CA GLU U 146 -23.87 -14.97 57.21
C GLU U 146 -24.78 -15.90 58.06
N GLN U 147 -25.31 -16.98 57.45
CA GLN U 147 -26.31 -17.87 58.13
C GLN U 147 -25.73 -18.96 59.09
N GLY U 148 -24.42 -19.24 59.03
CA GLY U 148 -23.79 -20.33 59.83
C GLY U 148 -23.80 -21.66 59.08
N PRO U 149 -23.60 -22.78 59.80
CA PRO U 149 -23.70 -24.10 59.18
C PRO U 149 -25.04 -24.33 58.47
N GLN U 150 -24.99 -25.04 57.35
CA GLN U 150 -26.21 -25.34 56.59
C GLN U 150 -26.35 -26.84 56.26
N VAL U 151 -27.58 -27.34 56.36
CA VAL U 151 -27.91 -28.61 55.70
C VAL U 151 -29.12 -28.38 54.78
N TYR U 152 -28.94 -28.84 53.54
CA TYR U 152 -29.94 -28.76 52.51
C TYR U 152 -30.15 -30.11 51.88
N LYS U 153 -31.39 -30.34 51.43
CA LYS U 153 -31.76 -31.57 50.74
C LYS U 153 -32.61 -31.24 49.53
N CYS U 154 -32.37 -31.92 48.44
CA CYS U 154 -33.29 -31.92 47.32
C CYS U 154 -33.67 -33.35 46.92
N ASP U 155 -34.79 -33.47 46.20
CA ASP U 155 -35.35 -34.78 45.86
C ASP U 155 -35.76 -34.90 44.38
N PRO U 156 -36.19 -36.10 43.96
CA PRO U 156 -36.53 -36.26 42.53
C PRO U 156 -37.75 -35.48 42.04
N ALA U 157 -38.54 -34.89 42.92
CA ALA U 157 -39.66 -34.05 42.49
C ALA U 157 -39.20 -32.65 42.17
N GLY U 158 -37.94 -32.34 42.53
CA GLY U 158 -37.39 -30.98 42.43
C GLY U 158 -37.75 -30.08 43.60
N TYR U 159 -38.26 -30.65 44.70
CA TYR U 159 -38.37 -29.90 45.98
C TYR U 159 -36.99 -29.81 46.62
N TYR U 160 -36.78 -28.75 47.37
CA TYR U 160 -35.57 -28.63 48.17
C TYR U 160 -35.87 -27.81 49.39
N 6V1 U 161 -35.06 -27.99 50.41
CA 6V1 U 161 -35.20 -27.21 51.63
C 6V1 U 161 -33.97 -27.20 52.47
O 6V1 U 161 -33.14 -28.12 52.37
CB 6V1 U 161 -36.37 -27.82 52.43
SG 6V1 U 161 -37.01 -26.68 53.61
C1 6V1 U 161 -38.29 -25.72 52.86
C2 6V1 U 161 -39.55 -26.51 52.45
N3 6V1 U 161 -40.64 -26.06 53.10
C4 6V1 U 161 -40.30 -25.09 53.98
C5 6V1 U 161 -38.83 -24.69 53.85
C6 6V1 U 161 -42.01 -26.54 52.86
O7 6V1 U 161 -39.57 -27.42 51.63
O8 6V1 U 161 -41.04 -24.57 54.81
C3 6V1 U 161 -42.22 -27.91 53.48
N GLY U 162 -33.85 -26.15 53.29
CA GLY U 162 -32.90 -26.13 54.41
C GLY U 162 -33.49 -26.79 55.67
N PHE U 163 -32.63 -27.39 56.48
CA PHE U 163 -33.07 -28.15 57.65
C PHE U 163 -32.24 -27.90 58.90
N LYS U 164 -32.89 -28.04 60.04
CA LYS U 164 -32.20 -28.11 61.33
C LYS U 164 -31.56 -29.49 61.45
N ALA U 165 -32.27 -30.48 60.93
CA ALA U 165 -31.73 -31.82 60.72
C ALA U 165 -32.66 -32.53 59.76
N THR U 166 -32.17 -33.59 59.11
CA THR U 166 -33.03 -34.36 58.20
C THR U 166 -32.48 -35.76 57.91
N ALA U 167 -33.17 -36.48 57.05
CA ALA U 167 -32.77 -37.84 56.72
C ALA U 167 -33.30 -38.29 55.38
N ALA U 168 -32.75 -39.40 54.91
CA ALA U 168 -33.09 -39.95 53.60
C ALA U 168 -33.03 -41.46 53.61
N GLY U 169 -33.81 -42.10 52.74
CA GLY U 169 -33.73 -43.55 52.52
C GLY U 169 -34.73 -44.39 53.33
N VAL U 170 -34.37 -45.65 53.61
CA VAL U 170 -35.34 -46.64 54.11
C VAL U 170 -36.03 -46.17 55.38
N LYS U 171 -35.24 -45.65 56.34
CA LYS U 171 -35.75 -45.29 57.69
C LYS U 171 -35.95 -43.78 57.84
N GLN U 172 -36.32 -43.11 56.75
CA GLN U 172 -36.42 -41.64 56.76
C GLN U 172 -37.48 -41.14 57.73
N THR U 173 -38.67 -41.73 57.69
CA THR U 173 -39.81 -41.30 58.53
C THR U 173 -39.53 -41.57 60.06
N GLU U 174 -38.90 -42.70 60.35
CA GLU U 174 -38.48 -43.06 61.73
C GLU U 174 -37.36 -42.11 62.22
N SER U 175 -36.40 -41.79 61.34
CA SER U 175 -35.36 -40.79 61.65
C SER U 175 -35.95 -39.38 61.85
N THR U 176 -36.88 -39.00 60.98
CA THR U 176 -37.62 -37.72 61.12
C THR U 176 -38.28 -37.61 62.51
N SER U 177 -39.01 -38.66 62.92
CA SER U 177 -39.60 -38.75 64.29
C SER U 177 -38.60 -38.62 65.44
N PHE U 178 -37.50 -39.36 65.35
CA PHE U 178 -36.45 -39.31 66.38
C PHE U 178 -35.92 -37.87 66.49
N LEU U 179 -35.62 -37.26 65.35
CA LEU U 179 -35.03 -35.93 65.33
C LEU U 179 -36.03 -34.88 65.80
N GLU U 180 -37.29 -34.99 65.37
CA GLU U 180 -38.37 -34.09 65.86
C GLU U 180 -38.48 -34.04 67.38
N LYS U 181 -38.60 -35.21 68.04
CA LYS U 181 -38.72 -35.26 69.53
C LYS U 181 -37.46 -34.71 70.24
N LYS U 182 -36.29 -34.94 69.63
CA LYS U 182 -35.01 -34.41 70.15
C LYS U 182 -34.85 -32.89 69.92
N VAL U 183 -35.22 -32.40 68.73
CA VAL U 183 -35.14 -30.99 68.33
C VAL U 183 -36.24 -30.14 69.00
N LYS U 184 -37.30 -30.75 69.53
CA LYS U 184 -38.38 -30.01 70.23
C LYS U 184 -38.00 -29.34 71.55
N LYS U 185 -37.04 -29.90 72.29
CA LYS U 185 -36.42 -29.22 73.46
C LYS U 185 -35.39 -28.11 73.12
N LYS U 186 -35.47 -26.98 73.85
CA LYS U 186 -34.54 -25.83 73.79
C LYS U 186 -33.30 -26.08 74.66
N GLN U 193 -24.63 -31.98 71.21
CA GLN U 193 -23.54 -32.57 70.42
C GLN U 193 -24.02 -33.11 69.07
N THR U 194 -23.66 -32.45 67.96
CA THR U 194 -24.28 -32.71 66.65
C THR U 194 -23.87 -34.07 66.02
N VAL U 195 -22.58 -34.41 66.11
CA VAL U 195 -22.09 -35.71 65.62
C VAL U 195 -22.76 -36.88 66.38
N GLU U 196 -22.85 -36.79 67.71
CA GLU U 196 -23.43 -37.84 68.54
C GLU U 196 -24.95 -38.03 68.24
N THR U 197 -25.71 -36.94 68.17
CA THR U 197 -27.13 -36.99 67.78
C THR U 197 -27.36 -37.75 66.47
N ALA U 198 -26.53 -37.45 65.46
CA ALA U 198 -26.67 -38.05 64.14
C ALA U 198 -26.46 -39.57 64.15
N ILE U 199 -25.42 -40.01 64.85
CA ILE U 199 -25.06 -41.44 64.88
C ILE U 199 -26.07 -42.17 65.80
N THR U 200 -26.47 -41.54 66.91
CA THR U 200 -27.54 -42.07 67.78
C THR U 200 -28.90 -42.17 67.05
N CYS U 201 -29.26 -41.17 66.23
CA CYS U 201 -30.49 -41.27 65.42
C CYS U 201 -30.44 -42.49 64.51
N LEU U 202 -29.34 -42.62 63.80
CA LEU U 202 -29.18 -43.76 62.90
C LEU U 202 -29.16 -45.11 63.61
N SER U 203 -28.51 -45.17 64.78
CA SER U 203 -28.35 -46.41 65.53
C SER U 203 -29.69 -46.92 66.08
N THR U 204 -30.52 -45.97 66.52
CA THR U 204 -31.85 -46.27 67.03
C THR U 204 -32.76 -46.83 65.94
N VAL U 205 -32.94 -46.07 64.86
CA VAL U 205 -33.89 -46.43 63.81
C VAL U 205 -33.56 -47.77 63.09
N LEU U 206 -32.27 -48.13 63.05
CA LEU U 206 -31.82 -49.44 62.55
C LEU U 206 -31.72 -50.51 63.61
N SER U 207 -31.60 -50.10 64.88
CA SER U 207 -31.37 -50.99 66.01
C SER U 207 -30.07 -51.79 65.87
N ILE U 208 -28.95 -51.09 65.62
CA ILE U 208 -27.69 -51.78 65.30
C ILE U 208 -26.56 -51.64 66.35
N ASP U 209 -26.21 -50.44 66.82
CA ASP U 209 -25.00 -50.30 67.69
C ASP U 209 -23.79 -50.61 66.81
N PHE U 210 -23.23 -49.56 66.21
CA PHE U 210 -22.30 -49.72 65.08
C PHE U 210 -20.89 -50.07 65.48
N LYS U 211 -20.20 -50.81 64.61
CA LYS U 211 -18.75 -50.80 64.55
C LYS U 211 -18.30 -49.53 63.79
N PRO U 212 -17.04 -49.08 64.02
CA PRO U 212 -16.57 -47.88 63.27
C PRO U 212 -16.51 -48.02 61.73
N SER U 213 -16.37 -49.24 61.21
CA SER U 213 -16.35 -49.51 59.76
C SER U 213 -17.73 -49.63 59.07
N GLU U 214 -18.81 -49.55 59.86
CA GLU U 214 -20.17 -49.66 59.35
C GLU U 214 -20.86 -48.33 59.10
N ILE U 215 -20.19 -47.23 59.40
CA ILE U 215 -20.68 -45.90 59.06
C ILE U 215 -19.58 -45.03 58.46
N GLU U 216 -20.01 -43.92 57.90
CA GLU U 216 -19.12 -42.87 57.44
C GLU U 216 -19.66 -41.59 58.00
N VAL U 217 -18.75 -40.66 58.27
CA VAL U 217 -19.14 -39.38 58.81
C VAL U 217 -18.35 -38.26 58.10
N GLY U 218 -19.09 -37.20 57.77
CA GLY U 218 -18.57 -36.04 57.09
C GLY U 218 -18.98 -34.82 57.88
N VAL U 219 -18.08 -33.83 57.99
CA VAL U 219 -18.31 -32.61 58.79
C VAL U 219 -17.82 -31.35 58.10
N VAL U 220 -18.45 -30.25 58.44
CA VAL U 220 -17.93 -28.91 58.20
C VAL U 220 -18.14 -28.14 59.50
N THR U 221 -17.20 -27.27 59.86
CA THR U 221 -17.30 -26.47 61.10
C THR U 221 -16.98 -25.01 60.81
N VAL U 222 -17.50 -24.10 61.64
CA VAL U 222 -17.25 -22.67 61.52
C VAL U 222 -15.74 -22.39 61.60
N GLU U 223 -15.07 -23.09 62.51
CA GLU U 223 -13.62 -23.03 62.68
C GLU U 223 -12.86 -23.64 61.50
N ASN U 224 -13.34 -24.76 60.98
CA ASN U 224 -12.67 -25.47 59.88
C ASN U 224 -13.69 -25.75 58.79
N PRO U 225 -13.92 -24.79 57.86
CA PRO U 225 -15.03 -25.01 56.91
C PRO U 225 -14.75 -26.00 55.80
N LYS U 226 -13.49 -26.44 55.61
CA LYS U 226 -13.20 -27.50 54.62
C LYS U 226 -13.98 -28.79 54.97
N PHE U 227 -14.68 -29.37 53.99
CA PHE U 227 -15.38 -30.65 54.16
C PHE U 227 -14.37 -31.73 54.51
N ARG U 228 -14.67 -32.48 55.57
CA ARG U 228 -13.76 -33.47 56.13
C ARG U 228 -14.49 -34.79 56.34
N ILE U 229 -13.84 -35.89 55.98
CA ILE U 229 -14.37 -37.21 56.23
C ILE U 229 -13.58 -37.80 57.39
N LEU U 230 -14.29 -38.22 58.44
CA LEU U 230 -13.66 -38.83 59.62
C LEU U 230 -13.03 -40.15 59.27
N THR U 231 -11.95 -40.47 59.97
CA THR U 231 -11.25 -41.73 59.83
C THR U 231 -12.01 -42.75 60.72
N GLU U 232 -11.64 -44.01 60.59
CA GLU U 232 -12.22 -45.07 61.43
C GLU U 232 -11.98 -44.80 62.91
N ALA U 233 -10.77 -44.35 63.24
CA ALA U 233 -10.38 -44.06 64.59
C ALA U 233 -11.18 -42.89 65.19
N GLU U 234 -11.35 -41.84 64.41
CA GLU U 234 -12.11 -40.66 64.87
C GLU U 234 -13.55 -41.04 65.15
N ILE U 235 -14.12 -41.86 64.26
CA ILE U 235 -15.47 -42.44 64.42
C ILE U 235 -15.53 -43.33 65.65
N ASP U 236 -14.56 -44.23 65.79
CA ASP U 236 -14.47 -45.07 67.00
C ASP U 236 -14.50 -44.28 68.32
N ALA U 237 -13.83 -43.13 68.33
CA ALA U 237 -13.78 -42.33 69.56
C ALA U 237 -15.16 -41.84 69.96
N HIS U 238 -15.98 -41.46 68.97
CA HIS U 238 -17.36 -41.03 69.21
C HIS U 238 -18.22 -42.21 69.64
N LEU U 239 -17.98 -43.38 69.05
CA LEU U 239 -18.71 -44.59 69.41
C LEU U 239 -18.40 -45.00 70.83
N VAL U 240 -17.11 -45.01 71.17
CA VAL U 240 -16.68 -45.32 72.54
C VAL U 240 -17.27 -44.30 73.52
N ALA U 241 -17.25 -43.01 73.16
CA ALA U 241 -17.75 -41.94 74.07
C ALA U 241 -19.26 -42.02 74.33
N LEU U 242 -20.02 -42.45 73.33
CA LEU U 242 -21.46 -42.72 73.48
C LEU U 242 -21.74 -43.88 74.43
N ALA U 243 -21.07 -45.01 74.20
CA ALA U 243 -21.20 -46.22 75.05
C ALA U 243 -21.01 -45.95 76.56
N GLU U 244 -20.08 -45.05 76.90
CA GLU U 244 -19.71 -44.74 78.28
C GLU U 244 -20.55 -43.60 78.90
N ARG U 245 -21.82 -43.47 78.45
CA ARG U 245 -22.83 -42.48 78.96
C ARG U 245 -22.33 -41.62 80.16
N THR V 1 -13.17 12.63 28.56
CA THR V 1 -13.82 12.30 29.82
C THR V 1 -12.72 12.10 30.91
N THR V 2 -13.06 12.49 32.15
CA THR V 2 -12.24 12.21 33.32
C THR V 2 -13.12 11.48 34.33
N ILE V 3 -12.72 10.27 34.70
CA ILE V 3 -13.37 9.52 35.75
C ILE V 3 -12.34 8.99 36.71
N ALA V 4 -12.76 8.78 37.94
CA ALA V 4 -11.83 8.42 38.98
C ALA V 4 -12.56 7.81 40.17
N GLY V 5 -11.78 7.08 40.98
CA GLY V 5 -12.25 6.60 42.25
C GLY V 5 -11.17 6.44 43.27
N VAL V 6 -11.61 6.45 44.54
CA VAL V 6 -10.77 6.33 45.72
C VAL V 6 -11.41 5.40 46.74
N VAL V 7 -10.60 4.55 47.38
CA VAL V 7 -10.99 3.87 48.60
C VAL V 7 -10.64 4.76 49.78
N TYR V 8 -11.62 5.07 50.62
CA TYR V 8 -11.39 5.78 51.91
C TYR V 8 -11.68 4.90 53.13
N LYS V 9 -11.56 5.45 54.34
CA LYS V 9 -11.56 4.60 55.56
C LYS V 9 -12.85 3.78 55.60
N ASP V 10 -13.99 4.43 55.35
CA ASP V 10 -15.31 3.80 55.42
C ASP V 10 -15.97 3.42 54.09
N GLY V 11 -15.25 3.43 52.97
CA GLY V 11 -15.89 3.14 51.69
C GLY V 11 -15.18 3.60 50.44
N ILE V 12 -15.98 4.05 49.46
CA ILE V 12 -15.53 4.39 48.09
C ILE V 12 -16.07 5.78 47.74
N VAL V 13 -15.23 6.61 47.10
CA VAL V 13 -15.72 7.80 46.41
C VAL V 13 -15.36 7.72 44.94
N LEU V 14 -16.39 7.78 44.10
CA LEU V 14 -16.25 7.83 42.65
C LEU V 14 -16.52 9.25 42.15
N GLY V 15 -15.85 9.63 41.06
CA GLY V 15 -16.06 10.92 40.43
C GLY V 15 -16.07 10.92 38.91
N ALA V 16 -16.65 11.97 38.33
CA ALA V 16 -16.73 12.11 36.91
C ALA V 16 -17.02 13.51 36.49
N ASP V 17 -16.56 13.87 35.29
CA ASP V 17 -17.00 15.12 34.65
C ASP V 17 -18.32 14.88 33.94
N THR V 18 -18.87 15.89 33.28
CA THR V 18 -20.14 15.72 32.58
C THR V 18 -20.18 16.13 31.09
N ARG V 19 -19.02 16.14 30.42
CA ARG V 19 -18.94 16.49 29.00
C ARG V 19 -18.96 15.27 28.08
N ALA V 20 -19.71 15.35 26.99
CA ALA V 20 -19.59 14.37 25.94
C ALA V 20 -19.31 15.12 24.66
N THR V 21 -18.40 14.58 23.87
CA THR V 21 -18.00 15.19 22.64
C THR V 21 -18.36 14.32 21.47
N GLU V 22 -18.52 14.98 20.32
CA GLU V 22 -18.61 14.32 19.04
C GLU V 22 -17.64 15.02 18.12
N GLY V 23 -16.57 14.32 17.75
CA GLY V 23 -15.41 14.97 17.16
C GLY V 23 -14.78 15.90 18.21
N MET V 24 -14.52 17.15 17.85
CA MET V 24 -13.97 18.14 18.79
C MET V 24 -15.02 19.25 19.10
N VAL V 25 -16.28 18.82 19.18
CA VAL V 25 -17.42 19.64 19.52
C VAL V 25 -18.10 19.04 20.75
N VAL V 26 -18.58 19.88 21.65
CA VAL V 26 -19.31 19.40 22.82
C VAL V 26 -20.76 19.13 22.41
N ALA V 27 -21.15 17.86 22.56
CA ALA V 27 -22.48 17.38 22.17
C ALA V 27 -23.42 17.49 23.38
N ASP V 28 -22.92 17.14 24.57
CA ASP V 28 -23.67 17.25 25.83
C ASP V 28 -22.82 17.94 26.85
N LYS V 29 -23.37 18.97 27.47
CA LYS V 29 -22.72 19.64 28.59
C LYS V 29 -22.96 18.98 29.92
N ASN V 30 -23.99 18.15 30.03
CA ASN V 30 -24.36 17.52 31.32
C ASN V 30 -24.80 16.06 31.21
N CYS V 31 -23.93 15.19 30.73
CA CYS V 31 -24.26 13.79 30.71
C CYS V 31 -23.79 13.14 32.01
N SER V 32 -24.43 12.01 32.32
CA SER V 32 -24.22 11.26 33.55
C SER V 32 -23.33 10.08 33.24
N LYS V 33 -22.17 10.07 33.89
CA LYS V 33 -21.18 9.03 33.66
C LYS V 33 -21.01 8.05 34.81
N ILE V 34 -21.62 8.32 35.95
CA ILE V 34 -21.59 7.38 37.07
C ILE V 34 -22.86 6.52 37.02
N HIS V 35 -22.70 5.28 36.60
CA HIS V 35 -23.81 4.37 36.33
C HIS V 35 -24.15 3.46 37.49
N PHE V 36 -25.46 3.34 37.76
CA PHE V 36 -26.00 2.36 38.68
C PHE V 36 -25.63 0.93 38.22
N ILE V 37 -25.01 0.16 39.11
CA ILE V 37 -24.90 -1.29 38.92
C ILE V 37 -25.91 -2.00 39.82
N SER V 38 -25.82 -1.76 41.12
CA SER V 38 -26.75 -2.30 42.11
C SER V 38 -26.83 -1.24 43.20
N PRO V 39 -27.71 -1.39 44.20
CA PRO V 39 -27.75 -0.30 45.22
C PRO V 39 -26.45 -0.01 45.99
N ASN V 40 -25.56 -1.00 46.07
CA ASN V 40 -24.25 -0.85 46.74
C ASN V 40 -23.03 -0.82 45.80
N ILE V 41 -23.27 -0.70 44.47
CA ILE V 41 -22.20 -0.77 43.47
C ILE V 41 -22.49 0.20 42.33
N TYR V 42 -21.52 1.06 42.03
CA TYR V 42 -21.63 1.96 40.90
C TYR V 42 -20.38 1.84 40.02
N CYS V 43 -20.49 2.35 38.80
CA CYS V 43 -19.44 2.18 37.80
C CYS V 43 -19.35 3.41 36.90
N CYS V 44 -18.23 4.12 36.94
CA CYS V 44 -18.01 5.26 36.03
C CYS V 44 -17.61 4.72 34.68
N GLY V 45 -18.05 5.39 33.62
CA GLY V 45 -17.72 4.97 32.27
C GLY V 45 -17.00 6.01 31.43
N ALA V 46 -15.98 5.58 30.71
CA ALA V 46 -15.32 6.41 29.69
C ALA V 46 -15.13 5.61 28.42
N GLY V 47 -15.18 6.31 27.31
CA GLY V 47 -14.82 5.74 26.01
C GLY V 47 -15.99 5.95 25.12
N THR V 48 -16.34 4.93 24.33
CA THR V 48 -17.48 5.04 23.43
C THR V 48 -18.76 5.02 24.29
N ALA V 49 -19.50 6.11 24.25
CA ALA V 49 -20.60 6.34 25.18
C ALA V 49 -21.69 5.28 25.17
N ALA V 50 -22.08 4.84 23.97
CA ALA V 50 -23.08 3.80 23.82
C ALA V 50 -22.60 2.51 24.46
N ASP V 51 -21.30 2.22 24.32
CA ASP V 51 -20.74 1.01 24.88
C ASP V 51 -20.73 1.04 26.39
N THR V 52 -20.44 2.17 27.01
CA THR V 52 -20.38 2.22 28.46
C THR V 52 -21.80 2.12 29.01
N ASP V 53 -22.77 2.79 28.36
CA ASP V 53 -24.19 2.72 28.79
C ASP V 53 -24.77 1.30 28.69
N MET V 54 -24.64 0.68 27.53
CA MET V 54 -25.19 -0.65 27.32
C MET V 54 -24.48 -1.73 28.17
N THR V 55 -23.17 -1.65 28.27
CA THR V 55 -22.42 -2.61 29.05
C THR V 55 -22.80 -2.57 30.52
N THR V 56 -22.85 -1.38 31.10
CA THR V 56 -23.24 -1.24 32.51
C THR V 56 -24.71 -1.61 32.75
N GLN V 57 -25.60 -1.26 31.81
CA GLN V 57 -27.00 -1.64 31.92
C GLN V 57 -27.15 -3.17 31.93
N LEU V 58 -26.43 -3.83 31.05
CA LEU V 58 -26.55 -5.26 30.91
C LEU V 58 -26.08 -5.96 32.17
N ILE V 59 -24.93 -5.54 32.68
CA ILE V 59 -24.36 -6.16 33.90
C ILE V 59 -25.23 -5.88 35.15
N SER V 60 -25.74 -4.67 35.25
CA SER V 60 -26.66 -4.32 36.32
C SER V 60 -27.90 -5.23 36.37
N SER V 61 -28.46 -5.43 35.18
CA SER V 61 -29.60 -6.26 34.95
C SER V 61 -29.35 -7.71 35.33
N ASN V 62 -28.22 -8.23 34.89
CA ASN V 62 -27.81 -9.58 35.23
C ASN V 62 -27.54 -9.77 36.69
N LEU V 63 -26.98 -8.73 37.35
CA LEU V 63 -26.77 -8.72 38.78
C LEU V 63 -28.04 -8.68 39.58
N GLU V 64 -29.05 -7.96 39.07
CA GLU V 64 -30.33 -7.91 39.69
C GLU V 64 -30.95 -9.29 39.65
N LEU V 65 -30.88 -9.97 38.50
CA LEU V 65 -31.31 -11.37 38.39
C LEU V 65 -30.57 -12.23 39.39
N HIS V 66 -29.28 -11.99 39.54
CA HIS V 66 -28.46 -12.77 40.44
C HIS V 66 -28.89 -12.57 41.89
N SER V 67 -29.07 -11.33 42.31
CA SER V 67 -29.40 -11.03 43.72
C SER V 67 -30.86 -11.38 44.09
N LEU V 68 -31.75 -11.34 43.10
CA LEU V 68 -33.11 -11.83 43.25
C LEU V 68 -33.08 -13.32 43.59
N SER V 69 -32.21 -14.05 42.89
CA SER V 69 -32.09 -15.47 43.07
C SER V 69 -31.39 -15.84 44.36
N THR V 70 -30.31 -15.15 44.68
CA THR V 70 -29.55 -15.42 45.91
C THR V 70 -30.18 -14.87 47.17
N GLY V 71 -31.02 -13.84 47.05
CA GLY V 71 -31.52 -13.08 48.20
C GLY V 71 -30.43 -12.33 48.97
N ARG V 72 -29.28 -12.08 48.37
CA ARG V 72 -28.12 -11.48 49.04
C ARG V 72 -27.67 -10.22 48.34
N LEU V 73 -26.92 -9.45 49.09
CA LEU V 73 -26.26 -8.28 48.55
C LEU V 73 -25.22 -8.71 47.48
N PRO V 74 -25.27 -8.09 46.31
CA PRO V 74 -24.27 -8.46 45.30
C PRO V 74 -22.82 -8.04 45.67
N ARG V 75 -21.84 -8.74 45.12
CA ARG V 75 -20.44 -8.51 45.41
C ARG V 75 -19.79 -7.76 44.28
N VAL V 76 -18.84 -6.89 44.61
CA VAL V 76 -18.11 -6.12 43.62
C VAL V 76 -17.32 -7.04 42.71
N VAL V 77 -16.74 -8.11 43.25
CA VAL V 77 -16.03 -9.10 42.42
C VAL V 77 -16.91 -9.74 41.31
N THR V 78 -18.19 -9.91 41.58
CA THR V 78 -19.10 -10.48 40.59
C THR V 78 -19.29 -9.50 39.45
N ALA V 79 -19.50 -8.23 39.77
CA ALA V 79 -19.59 -7.19 38.76
C ALA V 79 -18.32 -7.16 37.93
N ASN V 80 -17.19 -7.25 38.61
CA ASN V 80 -15.90 -7.24 37.94
C ASN V 80 -15.74 -8.39 36.97
N ARG V 81 -16.09 -9.61 37.40
CA ARG V 81 -16.01 -10.80 36.52
C ARG V 81 -16.89 -10.73 35.29
N MET V 82 -18.12 -10.30 35.48
CA MET V 82 -19.06 -10.19 34.39
C MET V 82 -18.56 -9.17 33.33
N LEU V 83 -18.13 -8.01 33.80
CA LEU V 83 -17.62 -6.98 32.94
C LEU V 83 -16.37 -7.43 32.16
N LYS V 84 -15.38 -7.94 32.87
CA LYS V 84 -14.11 -8.31 32.26
C LYS V 84 -14.26 -9.47 31.27
N GLN V 85 -15.11 -10.44 31.60
CA GLN V 85 -15.31 -11.58 30.71
C GLN V 85 -16.02 -11.17 29.43
N MET V 86 -16.96 -10.26 29.54
CA MET V 86 -17.62 -9.75 28.35
C MET V 86 -16.62 -8.93 27.50
N LEU V 87 -15.92 -7.99 28.12
CA LEU V 87 -15.01 -7.13 27.37
C LEU V 87 -13.90 -7.94 26.69
N PHE V 88 -13.37 -8.94 27.37
CA PHE V 88 -12.40 -9.82 26.77
C PHE V 88 -12.91 -10.56 25.54
N ARG V 89 -14.14 -11.06 25.63
CA ARG V 89 -14.77 -11.78 24.56
C ARG V 89 -14.86 -10.86 23.31
N TYR V 90 -15.14 -9.58 23.53
CA TYR V 90 -15.28 -8.67 22.42
C TYR V 90 -13.97 -8.11 21.89
N GLN V 91 -12.84 -8.48 22.49
CA GLN V 91 -11.52 -8.24 21.95
C GLN V 91 -11.21 -6.75 21.80
N GLY V 92 -11.71 -5.93 22.72
CA GLY V 92 -11.50 -4.49 22.63
C GLY V 92 -12.49 -3.74 21.73
N TYR V 93 -13.40 -4.43 21.05
CA TYR V 93 -14.34 -3.76 20.17
C TYR V 93 -15.45 -3.06 20.89
N ILE V 94 -15.66 -3.40 22.15
CA ILE V 94 -16.52 -2.62 23.02
C ILE V 94 -15.61 -1.66 23.76
N GLY V 95 -15.76 -0.37 23.46
CA GLY V 95 -14.82 0.64 23.91
C GLY V 95 -15.19 1.24 25.25
N ALA V 96 -15.16 0.41 26.27
CA ALA V 96 -15.62 0.80 27.61
C ALA V 96 -14.43 0.68 28.54
N ALA V 97 -14.05 1.83 29.11
CA ALA V 97 -13.08 1.90 30.16
C ALA V 97 -13.84 2.31 31.42
N LEU V 98 -13.75 1.47 32.47
CA LEU V 98 -14.64 1.55 33.62
C LEU V 98 -13.90 1.72 34.93
N VAL V 99 -14.47 2.49 35.83
CA VAL V 99 -14.07 2.53 37.24
C VAL V 99 -15.24 1.96 38.03
N LEU V 100 -15.02 0.78 38.61
CA LEU V 100 -16.04 0.02 39.33
C LEU V 100 -15.77 0.12 40.82
N GLY V 101 -16.73 0.65 41.56
CA GLY V 101 -16.56 0.83 42.99
C GLY V 101 -17.79 0.34 43.72
N GLY V 102 -17.58 -0.31 44.84
CA GLY V 102 -18.69 -0.61 45.72
C GLY V 102 -18.30 -1.13 47.09
N VAL V 103 -19.32 -1.38 47.91
CA VAL V 103 -19.15 -1.97 49.22
C VAL V 103 -20.01 -3.21 49.35
N ASP V 104 -19.38 -4.33 49.70
CA ASP V 104 -20.13 -5.58 49.94
CA ASP V 104 -20.09 -5.58 49.89
C ASP V 104 -19.84 -6.13 51.31
N VAL V 105 -20.33 -7.35 51.55
CA VAL V 105 -20.08 -8.06 52.80
C VAL V 105 -18.59 -8.22 53.13
N THR V 106 -17.70 -8.17 52.14
CA THR V 106 -16.25 -8.17 52.41
C THR V 106 -15.59 -6.79 52.38
N GLY V 107 -16.37 -5.72 52.54
CA GLY V 107 -15.85 -4.35 52.60
C GLY V 107 -15.81 -3.58 51.28
N PRO V 108 -15.09 -2.43 51.24
CA PRO V 108 -15.00 -1.59 50.03
C PRO V 108 -14.11 -2.22 48.98
N HIS V 109 -14.45 -2.10 47.71
CA HIS V 109 -13.55 -2.54 46.61
C HIS V 109 -13.58 -1.60 45.46
N LEU V 110 -12.43 -1.40 44.83
CA LEU V 110 -12.31 -0.54 43.66
C LEU V 110 -11.51 -1.24 42.57
N TYR V 111 -12.04 -1.25 41.36
CA TYR V 111 -11.36 -1.87 40.24
C TYR V 111 -11.35 -0.90 39.06
N SER V 112 -10.30 -0.93 38.25
CA SER V 112 -10.38 -0.34 36.93
C SER V 112 -10.50 -1.51 35.95
N ILE V 113 -11.31 -1.30 34.92
CA ILE V 113 -11.51 -2.29 33.87
C ILE V 113 -11.26 -1.69 32.49
N TYR V 114 -10.36 -2.29 31.75
CA TYR V 114 -9.98 -1.81 30.41
C TYR V 114 -10.77 -2.45 29.27
N PRO V 115 -10.81 -1.79 28.09
CA PRO V 115 -11.66 -2.31 27.00
C PRO V 115 -11.31 -3.72 26.54
N HIS V 116 -10.04 -4.12 26.62
CA HIS V 116 -9.64 -5.49 26.23
C HIS V 116 -9.90 -6.57 27.33
N GLY V 117 -10.39 -6.13 28.49
CA GLY V 117 -10.76 -7.05 29.56
C GLY V 117 -9.76 -7.24 30.69
N SER V 118 -8.63 -6.53 30.74
CA SER V 118 -7.77 -6.58 31.91
C SER V 118 -8.41 -5.74 33.00
N THR V 119 -8.09 -6.06 34.25
CA THR V 119 -8.54 -5.26 35.39
C THR V 119 -7.42 -5.10 36.38
N ASP V 120 -7.53 -4.07 37.19
CA ASP V 120 -6.54 -3.77 38.22
C ASP V 120 -7.40 -3.52 39.50
N LYS V 121 -6.99 -4.06 40.65
CA LYS V 121 -7.66 -3.79 41.92
C LYS V 121 -6.71 -2.90 42.73
N LEU V 122 -7.16 -1.69 43.09
CA LEU V 122 -6.26 -0.63 43.54
C LEU V 122 -7.00 0.35 44.40
N PRO V 123 -6.28 1.10 45.26
CA PRO V 123 -6.93 2.03 46.17
C PRO V 123 -7.28 3.37 45.50
N TYR V 124 -6.76 3.59 44.28
CA TYR V 124 -7.14 4.73 43.47
C TYR V 124 -6.86 4.48 42.02
N VAL V 125 -7.76 4.94 41.17
CA VAL V 125 -7.68 4.72 39.75
C VAL V 125 -8.32 5.88 39.00
N THR V 126 -7.94 6.01 37.75
CA THR V 126 -8.47 7.05 36.88
C THR V 126 -8.52 6.50 35.48
N MET V 127 -9.48 6.99 34.70
CA MET V 127 -9.61 6.60 33.31
CA MET V 127 -9.62 6.60 33.31
C MET V 127 -10.14 7.77 32.50
N GLY V 128 -10.05 7.60 31.17
CA GLY V 128 -10.46 8.63 30.22
C GLY V 128 -9.28 9.45 29.71
N SER V 129 -9.59 10.33 28.76
CA SER V 129 -8.62 11.24 28.21
C SER V 129 -8.03 12.19 29.26
N GLY V 130 -8.73 12.41 30.37
CA GLY V 130 -8.21 13.24 31.44
C GLY V 130 -7.56 12.51 32.59
N SER V 131 -7.18 11.26 32.40
CA SER V 131 -6.82 10.41 33.50
C SER V 131 -5.42 10.63 34.03
N LEU V 132 -4.48 11.11 33.21
CA LEU V 132 -3.15 11.39 33.77
C LEU V 132 -3.21 12.65 34.65
N ALA V 133 -4.07 13.61 34.32
CA ALA V 133 -4.21 14.84 35.13
C ALA V 133 -4.83 14.50 36.50
N ALA V 134 -5.92 13.75 36.47
CA ALA V 134 -6.52 13.22 37.69
C ALA V 134 -5.54 12.36 38.51
N MET V 135 -4.77 11.50 37.84
CA MET V 135 -3.76 10.66 38.52
C MET V 135 -2.63 11.44 39.15
N ALA V 136 -2.26 12.56 38.55
CA ALA V 136 -1.26 13.42 39.15
C ALA V 136 -1.72 13.88 40.52
N VAL V 137 -2.97 14.29 40.64
CA VAL V 137 -3.54 14.76 41.91
C VAL V 137 -3.48 13.63 42.94
N PHE V 138 -3.87 12.43 42.54
CA PHE V 138 -3.86 11.27 43.44
C PHE V 138 -2.46 10.88 43.87
N GLU V 139 -1.51 10.82 42.94
CA GLU V 139 -0.11 10.56 43.33
C GLU V 139 0.46 11.59 44.27
N ASP V 140 0.05 12.84 44.11
CA ASP V 140 0.54 13.94 44.95
C ASP V 140 -0.07 13.96 46.36
N LYS V 141 -1.35 13.58 46.48
CA LYS V 141 -2.17 13.84 47.65
C LYS V 141 -2.93 12.69 48.29
N PHE V 142 -3.01 11.53 47.65
CA PHE V 142 -3.71 10.44 48.27
C PHE V 142 -3.01 10.00 49.55
N ARG V 143 -3.79 9.72 50.58
CA ARG V 143 -3.30 9.06 51.79
C ARG V 143 -4.22 7.91 52.08
N PRO V 144 -3.70 6.84 52.71
CA PRO V 144 -4.62 5.76 53.14
C PRO V 144 -5.57 6.23 54.25
N ASP V 145 -6.76 5.63 54.30
CA ASP V 145 -7.73 5.88 55.37
C ASP V 145 -8.19 7.31 55.52
N MET V 146 -8.44 7.98 54.40
CA MET V 146 -9.00 9.31 54.48
C MET V 146 -10.39 9.29 55.06
N GLU V 147 -10.76 10.39 55.67
CA GLU V 147 -12.13 10.61 56.12
C GLU V 147 -12.98 11.01 54.90
N GLU V 148 -14.29 10.88 55.05
CA GLU V 148 -15.20 11.03 53.93
C GLU V 148 -15.04 12.34 53.20
N GLU V 149 -14.89 13.44 53.95
CA GLU V 149 -14.77 14.75 53.34
C GLU V 149 -13.40 14.96 52.68
N GLU V 150 -12.31 14.47 53.27
CA GLU V 150 -10.99 14.48 52.60
C GLU V 150 -11.02 13.76 51.26
N ALA V 151 -11.61 12.57 51.28
CA ALA V 151 -11.71 11.71 50.10
C ALA V 151 -12.52 12.34 48.97
N LYS V 152 -13.66 12.92 49.33
CA LYS V 152 -14.50 13.67 48.41
C LYS V 152 -13.79 14.88 47.82
N ASN V 153 -13.00 15.58 48.65
CA ASN V 153 -12.21 16.74 48.23
C ASN V 153 -11.16 16.30 47.25
N LEU V 154 -10.48 15.19 47.53
CA LEU V 154 -9.45 14.67 46.66
C LEU V 154 -10.03 14.29 45.28
N VAL V 155 -11.13 13.54 45.27
CA VAL V 155 -11.74 13.14 44.01
C VAL V 155 -12.20 14.36 43.23
N SER V 156 -12.81 15.36 43.87
CA SER V 156 -13.26 16.51 43.09
C SER V 156 -12.06 17.29 42.52
N GLU V 157 -10.99 17.44 43.30
CA GLU V 157 -9.76 18.00 42.79
C GLU V 157 -9.18 17.24 41.58
N ALA V 158 -9.24 15.91 41.65
CA ALA V 158 -8.75 15.08 40.57
C ALA V 158 -9.58 15.27 39.29
N ILE V 159 -10.90 15.30 39.41
CA ILE V 159 -11.78 15.49 38.26
C ILE V 159 -11.59 16.90 37.71
N ALA V 160 -11.45 17.88 38.60
CA ALA V 160 -11.20 19.26 38.14
C ALA V 160 -9.93 19.35 37.27
N ALA V 161 -8.84 18.70 37.71
CA ALA V 161 -7.60 18.67 36.95
C ALA V 161 -7.87 18.21 35.51
N GLY V 162 -8.61 17.12 35.36
CA GLY V 162 -9.04 16.67 34.05
C GLY V 162 -9.85 17.72 33.34
N ILE V 163 -10.79 18.36 34.04
CA ILE V 163 -11.71 19.33 33.43
C ILE V 163 -10.98 20.50 32.80
N PHE V 164 -9.95 20.95 33.49
CA PHE V 164 -9.27 22.14 33.11
C PHE V 164 -8.09 21.93 32.18
N ASN V 165 -7.51 20.72 32.20
CA ASN V 165 -6.31 20.45 31.41
C ASN V 165 -6.54 19.54 30.16
N ASP V 166 -7.73 18.95 30.05
CA ASP V 166 -8.07 18.03 28.96
C ASP V 166 -9.24 18.61 28.17
N LEU V 167 -9.01 18.77 26.88
CA LEU V 167 -10.01 19.31 25.97
C LEU V 167 -11.20 18.37 25.87
N GLY V 168 -10.96 17.10 26.14
CA GLY V 168 -12.00 16.13 26.21
C GLY V 168 -12.87 16.11 27.42
N SER V 169 -12.61 16.93 28.44
CA SER V 169 -13.40 16.93 29.70
C SER V 169 -13.92 18.30 29.97
N GLY V 170 -15.04 18.39 30.68
CA GLY V 170 -15.57 19.71 31.06
C GLY V 170 -16.83 19.71 31.89
N SER V 171 -17.41 20.89 32.01
CA SER V 171 -18.66 21.11 32.71
C SER V 171 -18.61 20.71 34.19
N ASN V 172 -19.58 19.94 34.70
CA ASN V 172 -19.69 19.70 36.14
C ASN V 172 -18.86 18.55 36.65
N ILE V 173 -18.72 18.52 37.98
CA ILE V 173 -18.20 17.38 38.73
C ILE V 173 -19.36 16.66 39.44
N ASP V 174 -19.56 15.36 39.12
CA ASP V 174 -20.46 14.45 39.85
C ASP V 174 -19.66 13.56 40.80
N LEU V 175 -20.17 13.32 42.00
CA LEU V 175 -19.59 12.28 42.86
C LEU V 175 -20.60 11.25 43.30
N CYS V 176 -20.08 10.07 43.63
CA CYS V 176 -20.89 9.02 44.28
C CYS V 176 -20.11 8.47 45.45
N VAL V 177 -20.70 8.58 46.64
CA VAL V 177 -20.08 8.12 47.88
C VAL V 177 -20.82 6.88 48.38
N ILE V 178 -20.07 5.80 48.57
CA ILE V 178 -20.62 4.49 48.96
C ILE V 178 -19.93 4.02 50.22
N SER V 179 -20.70 3.81 51.29
CA SER V 179 -20.21 3.20 52.55
C SER V 179 -21.17 2.06 52.98
N LYS V 180 -20.87 1.41 54.11
CA LYS V 180 -21.77 0.38 54.66
C LYS V 180 -23.14 0.98 54.91
N ASN V 181 -23.14 2.21 55.43
CA ASN V 181 -24.35 2.87 55.93
C ASN V 181 -25.12 3.77 54.94
N LYS V 182 -24.48 4.21 53.87
CA LYS V 182 -24.99 5.33 53.05
C LYS V 182 -24.63 5.18 51.55
N LEU V 183 -25.53 5.69 50.71
CA LEU V 183 -25.21 5.97 49.34
C LEU V 183 -25.58 7.40 49.03
N ASP V 184 -24.56 8.19 48.70
CA ASP V 184 -24.72 9.59 48.34
C ASP V 184 -24.34 9.84 46.89
N PHE V 185 -25.35 10.01 46.04
CA PHE V 185 -25.19 10.27 44.61
C PHE V 185 -25.32 11.78 44.42
N LEU V 186 -24.20 12.43 44.19
CA LEU V 186 -24.14 13.89 44.25
C LEU V 186 -23.97 14.44 42.83
N ARG V 187 -25.09 14.77 42.20
CA ARG V 187 -25.12 15.23 40.81
C ARG V 187 -25.95 16.49 40.69
N PRO V 188 -25.37 17.66 40.48
CA PRO V 188 -23.92 17.90 40.46
C PRO V 188 -23.35 18.03 41.85
N TYR V 189 -22.08 17.69 42.05
CA TYR V 189 -21.35 18.04 43.29
C TYR V 189 -20.84 19.49 43.21
N THR V 190 -20.15 19.84 42.13
CA THR V 190 -19.69 21.20 41.83
C THR V 190 -20.06 21.61 40.41
N VAL V 191 -20.19 22.91 40.21
CA VAL V 191 -20.42 23.52 38.91
C VAL V 191 -19.30 24.56 38.77
N PRO V 192 -18.06 24.14 38.38
CA PRO V 192 -16.98 25.12 38.21
C PRO V 192 -17.07 25.95 36.93
N ASN V 193 -17.91 25.54 35.98
CA ASN V 193 -18.02 26.20 34.67
C ASN V 193 -19.45 26.70 34.40
N LYS V 194 -19.61 27.96 34.00
CA LYS V 194 -20.93 28.56 33.62
C LYS V 194 -20.81 29.39 32.33
N LYS V 195 -21.86 29.40 31.47
CA LYS V 195 -21.86 30.21 30.23
C LYS V 195 -21.98 31.66 30.64
N GLY V 196 -21.14 32.51 30.03
CA GLY V 196 -21.14 33.93 30.31
C GLY V 196 -22.51 34.54 30.01
N THR V 197 -22.78 35.67 30.64
CA THR V 197 -24.09 36.29 30.53
C THR V 197 -24.31 36.91 29.14
N ARG V 198 -25.51 36.73 28.57
CA ARG V 198 -25.81 37.11 27.18
C ARG V 198 -26.00 38.62 27.07
N LEU V 199 -25.07 39.31 26.44
CA LEU V 199 -25.05 40.79 26.44
C LEU V 199 -26.00 41.49 25.46
N GLY V 200 -26.52 40.77 24.46
CA GLY V 200 -27.44 41.35 23.47
C GLY V 200 -28.83 40.72 23.56
N ARG V 201 -29.86 41.49 23.24
CA ARG V 201 -31.23 40.95 23.10
C ARG V 201 -31.56 40.81 21.60
N TYR V 202 -31.87 39.57 21.19
CA TYR V 202 -32.15 39.21 19.81
C TYR V 202 -33.68 39.00 19.62
N ARG V 203 -34.44 39.93 20.18
CA ARG V 203 -35.88 39.73 20.37
C ARG V 203 -36.58 39.71 19.00
N CYS V 204 -37.02 38.52 18.56
CA CYS V 204 -37.61 38.31 17.23
C CYS V 204 -39.14 38.37 17.32
N GLU V 205 -39.71 39.46 16.78
CA GLU V 205 -41.17 39.65 16.73
C GLU V 205 -41.84 38.63 15.79
N LYS V 206 -43.07 38.23 16.13
CA LYS V 206 -43.89 37.39 15.24
C LYS V 206 -43.89 38.07 13.88
N GLY V 207 -43.67 37.30 12.81
CA GLY V 207 -43.60 37.84 11.45
C GLY V 207 -42.20 37.98 10.87
N THR V 208 -41.17 37.90 11.74
CA THR V 208 -39.75 37.97 11.32
C THR V 208 -39.37 36.91 10.26
N THR V 209 -39.84 35.67 10.47
CA THR V 209 -39.72 34.59 9.50
C THR V 209 -40.89 34.55 8.50
N ALA V 210 -40.58 34.65 7.21
CA ALA V 210 -41.58 34.47 6.13
C ALA V 210 -41.99 33.00 5.98
N VAL V 211 -43.29 32.77 5.96
CA VAL V 211 -43.87 31.43 5.85
C VAL V 211 -44.47 31.29 4.45
N LEU V 212 -44.24 30.14 3.81
CA LEU V 212 -44.88 29.78 2.53
C LEU V 212 -46.20 29.00 2.70
N THR V 213 -46.20 28.02 3.60
CA THR V 213 -47.28 27.05 3.77
C THR V 213 -47.55 26.88 5.24
N GLU V 214 -48.82 26.70 5.60
CA GLU V 214 -49.23 26.49 6.99
C GLU V 214 -50.36 25.46 7.05
N LYS V 215 -50.30 24.62 8.08
CA LYS V 215 -51.37 23.67 8.35
C LYS V 215 -51.49 23.45 9.87
N ILE V 216 -52.69 23.74 10.40
CA ILE V 216 -53.04 23.42 11.77
C ILE V 216 -53.80 22.09 11.73
N THR V 217 -53.36 21.15 12.57
CA THR V 217 -54.04 19.87 12.79
C THR V 217 -54.45 19.86 14.29
N PRO V 218 -55.77 20.01 14.58
CA PRO V 218 -56.19 19.95 15.99
C PRO V 218 -56.14 18.53 16.61
N LEU V 219 -55.95 18.46 17.93
CA LEU V 219 -55.86 17.20 18.71
C LEU V 219 -56.84 17.16 19.93
N GLU V 220 -56.84 16.08 20.74
CA GLU V 220 -57.79 15.93 21.88
C GLU V 220 -57.23 15.15 23.08
N SER W 2 -17.06 11.33 3.40
CA SER W 2 -17.79 10.80 4.63
C SER W 2 -19.19 10.32 4.27
N ILE W 3 -19.58 9.17 4.83
CA ILE W 3 -20.85 8.52 4.54
C ILE W 3 -22.01 9.42 4.91
N MET W 4 -21.88 10.15 6.02
CA MET W 4 -22.94 11.03 6.54
C MET W 4 -23.13 12.28 5.71
N SER W 5 -22.18 12.65 4.88
CA SER W 5 -22.39 13.84 4.05
C SER W 5 -22.85 13.54 2.61
N TYR W 6 -22.98 12.26 2.30
CA TYR W 6 -23.34 11.81 0.94
C TYR W 6 -24.68 12.40 0.45
N ASN W 7 -25.67 12.40 1.33
CA ASN W 7 -26.99 12.99 1.06
C ASN W 7 -27.18 14.38 1.66
N GLY W 8 -26.39 14.70 2.67
CA GLY W 8 -26.48 15.96 3.38
C GLY W 8 -27.69 15.97 4.27
N GLY W 9 -27.98 17.13 4.84
CA GLY W 9 -29.21 17.33 5.56
C GLY W 9 -29.01 17.66 7.01
N ALA W 10 -30.06 18.18 7.61
CA ALA W 10 -30.02 18.72 8.96
C ALA W 10 -31.37 18.64 9.63
N VAL W 11 -31.37 18.22 10.89
CA VAL W 11 -32.55 18.32 11.73
C VAL W 11 -32.18 18.94 13.06
N MET W 12 -33.13 19.63 13.68
CA MET W 12 -33.00 20.06 15.08
C MET W 12 -34.34 20.01 15.80
N ALA W 13 -34.27 19.97 17.12
CA ALA W 13 -35.43 20.10 17.98
C ALA W 13 -35.15 21.08 19.08
N MET W 14 -36.19 21.72 19.59
CA MET W 14 -36.03 22.80 20.56
C MET W 14 -37.17 22.79 21.55
N LYS W 15 -36.87 23.13 22.81
CA LYS W 15 -37.84 23.13 23.91
C LYS W 15 -38.39 24.53 24.24
N GLY W 16 -39.67 24.59 24.58
CA GLY W 16 -40.31 25.80 25.13
C GLY W 16 -41.12 25.51 26.40
N LYS W 17 -41.92 26.53 26.77
N LYS W 17 -41.95 26.45 26.86
CA LYS W 17 -42.93 26.49 27.83
CA LYS W 17 -42.72 26.30 28.13
C LYS W 17 -44.21 25.92 27.22
C LYS W 17 -43.39 24.90 28.32
N ASN W 18 -44.49 24.69 27.61
CA ASN W 18 -45.40 23.59 27.45
C ASN W 18 -45.52 23.25 25.95
N CYS W 19 -44.38 23.20 25.26
CA CYS W 19 -44.33 23.00 23.80
C CYS W 19 -42.93 22.63 23.33
N VAL W 20 -42.86 21.98 22.17
CA VAL W 20 -41.59 21.62 21.53
C VAL W 20 -41.68 21.92 20.04
N ALA W 21 -40.52 22.11 19.41
CA ALA W 21 -40.42 22.27 17.97
C ALA W 21 -39.42 21.29 17.41
N ILE W 22 -39.69 20.85 16.19
CA ILE W 22 -38.78 20.06 15.42
C ILE W 22 -38.79 20.57 13.99
N ALA W 23 -37.61 20.58 13.37
CA ALA W 23 -37.44 21.16 12.04
C ALA W 23 -36.41 20.38 11.23
N ALA W 24 -36.55 20.46 9.90
CA ALA W 24 -35.60 19.78 9.00
C ALA W 24 -35.45 20.52 7.72
N ASP W 25 -34.29 20.42 7.08
CA ASP W 25 -34.18 20.84 5.67
C ASP W 25 -34.98 19.86 4.80
N ARG W 26 -35.14 20.18 3.52
CA ARG W 26 -36.01 19.42 2.60
CA ARG W 26 -36.03 19.42 2.61
C ARG W 26 -35.31 18.81 1.41
N ARG W 27 -34.01 19.06 1.27
CA ARG W 27 -33.21 18.56 0.16
C ARG W 27 -33.01 17.06 0.23
N PHE W 28 -33.18 16.38 -0.90
CA PHE W 28 -32.62 15.08 -1.13
C PHE W 28 -31.68 15.26 -2.30
N GLY W 29 -30.39 15.10 -2.02
CA GLY W 29 -29.36 15.15 -3.05
C GLY W 29 -28.40 13.97 -2.90
N ILE W 30 -27.68 13.71 -3.98
CA ILE W 30 -26.65 12.74 -4.06
C ILE W 30 -25.37 13.53 -4.41
N GLN W 31 -24.49 13.65 -3.41
CA GLN W 31 -23.32 14.51 -3.48
C GLN W 31 -23.67 15.92 -3.92
N ALA W 32 -23.08 16.46 -4.97
CA ALA W 32 -23.45 17.82 -5.42
C ALA W 32 -24.89 17.94 -6.00
N GLN W 33 -25.44 16.87 -6.53
CA GLN W 33 -26.72 16.99 -7.25
C GLN W 33 -27.96 16.92 -6.40
N MET W 34 -28.76 17.98 -6.40
CA MET W 34 -30.12 17.93 -5.84
C MET W 34 -30.98 17.03 -6.73
N VAL W 35 -31.74 16.13 -6.11
CA VAL W 35 -32.68 15.24 -6.81
C VAL W 35 -34.10 15.70 -6.58
N THR W 36 -34.40 16.06 -5.35
CA THR W 36 -35.73 16.47 -4.93
C THR W 36 -35.65 17.56 -3.83
N THR W 37 -36.71 18.38 -3.72
CA THR W 37 -36.79 19.46 -2.71
C THR W 37 -37.95 19.32 -1.70
N ASP W 38 -38.55 18.12 -1.63
CA ASP W 38 -39.63 17.85 -0.67
C ASP W 38 -39.46 16.50 0.02
N PHE W 39 -38.24 16.14 0.37
CA PHE W 39 -37.94 14.84 1.01
C PHE W 39 -38.28 14.92 2.49
N GLN W 40 -38.99 13.92 2.96
CA GLN W 40 -39.41 13.85 4.36
C GLN W 40 -38.34 13.24 5.27
N LYS W 41 -38.06 13.95 6.37
CA LYS W 41 -37.08 13.52 7.38
C LYS W 41 -37.65 13.46 8.80
N ILE W 42 -38.85 14.02 9.00
CA ILE W 42 -39.52 14.04 10.29
C ILE W 42 -40.78 13.20 10.16
N PHE W 43 -40.95 12.27 11.08
CA PHE W 43 -42.03 11.29 11.05
C PHE W 43 -42.77 11.27 12.39
N PRO W 44 -44.11 11.23 12.34
CA PRO W 44 -44.89 11.15 13.58
C PRO W 44 -44.77 9.77 14.17
N MET W 45 -44.66 9.70 15.48
CA MET W 45 -44.59 8.45 16.20
C MET W 45 -45.65 8.49 17.28
N GLY W 46 -46.72 9.21 17.04
CA GLY W 46 -47.60 9.62 18.12
C GLY W 46 -48.22 10.95 17.80
N ASP W 47 -49.28 11.25 18.52
CA ASP W 47 -49.99 12.48 18.27
C ASP W 47 -49.13 13.70 18.57
N ARG W 48 -48.30 13.60 19.62
CA ARG W 48 -47.50 14.69 20.14
C ARG W 48 -46.03 14.29 20.26
N LEU W 49 -45.57 13.44 19.35
CA LEU W 49 -44.25 12.85 19.42
C LEU W 49 -43.70 12.55 18.03
N TYR W 50 -42.59 13.19 17.71
CA TYR W 50 -41.99 13.15 16.37
C TYR W 50 -40.50 12.80 16.48
N ILE W 51 -40.00 12.16 15.41
CA ILE W 51 -38.61 11.82 15.29
C ILE W 51 -38.10 12.38 13.97
N GLY W 52 -36.97 13.07 14.03
CA GLY W 52 -36.31 13.63 12.86
C GLY W 52 -35.00 12.90 12.68
N LEU W 53 -34.71 12.50 11.45
CA LEU W 53 -33.51 11.76 11.16
C LEU W 53 -32.69 12.37 10.03
N ALA W 54 -31.45 12.67 10.34
CA ALA W 54 -30.48 13.11 9.35
C ALA W 54 -29.50 11.99 9.12
N GLY W 55 -28.91 11.99 7.93
CA GLY W 55 -27.88 11.05 7.60
C GLY W 55 -28.10 10.46 6.22
N LEU W 56 -27.69 9.22 6.04
CA LEU W 56 -27.84 8.55 4.78
C LEU W 56 -29.33 8.26 4.55
N ALA W 57 -29.83 8.78 3.42
CA ALA W 57 -31.27 8.83 3.14
C ALA W 57 -31.91 7.45 3.22
N THR W 58 -31.27 6.44 2.64
CA THR W 58 -31.78 5.07 2.70
C THR W 58 -32.02 4.58 4.14
N ASP W 59 -31.10 4.92 5.05
CA ASP W 59 -31.19 4.55 6.46
C ASP W 59 -32.17 5.42 7.26
N VAL W 60 -32.31 6.69 6.86
CA VAL W 60 -33.39 7.54 7.40
C VAL W 60 -34.72 6.84 7.21
N GLN W 61 -34.96 6.41 5.97
CA GLN W 61 -36.19 5.71 5.65
C GLN W 61 -36.30 4.36 6.37
N THR W 62 -35.26 3.52 6.33
CA THR W 62 -35.31 2.21 6.98
C THR W 62 -35.53 2.28 8.47
N VAL W 63 -34.82 3.18 9.14
CA VAL W 63 -34.98 3.33 10.59
C VAL W 63 -36.38 3.79 10.96
N ALA W 64 -36.87 4.83 10.30
CA ALA W 64 -38.24 5.27 10.52
C ALA W 64 -39.27 4.14 10.37
N GLN W 65 -39.14 3.34 9.32
CA GLN W 65 -40.06 2.23 9.04
C GLN W 65 -39.94 1.08 10.03
N ARG W 66 -38.72 0.70 10.38
CA ARG W 66 -38.51 -0.40 11.34
C ARG W 66 -38.94 0.02 12.75
N LEU W 67 -38.74 1.29 13.06
CA LEU W 67 -39.17 1.83 14.31
C LEU W 67 -40.70 1.87 14.45
N LYS W 68 -41.36 2.29 13.38
CA LYS W 68 -42.80 2.34 13.34
C LYS W 68 -43.42 0.93 13.54
N PHE W 69 -42.84 -0.08 12.89
CA PHE W 69 -43.20 -1.49 13.11
C PHE W 69 -43.19 -1.80 14.59
N ARG W 70 -42.09 -1.47 15.25
CA ARG W 70 -41.88 -1.79 16.65
C ARG W 70 -42.85 -0.98 17.52
N LEU W 71 -43.02 0.29 17.20
CA LEU W 71 -43.95 1.14 17.94
C LEU W 71 -45.45 0.73 17.80
N ASN W 72 -45.88 0.42 16.59
CA ASN W 72 -47.22 -0.08 16.37
C ASN W 72 -47.52 -1.33 17.18
N LEU W 73 -46.61 -2.28 17.22
CA LEU W 73 -46.79 -3.47 18.04
C LEU W 73 -46.85 -3.13 19.52
N TYR W 74 -45.97 -2.25 19.98
CA TYR W 74 -45.99 -1.78 21.37
C TYR W 74 -47.35 -1.26 21.76
N GLU W 75 -47.90 -0.37 20.94
CA GLU W 75 -49.18 0.29 21.26
C GLU W 75 -50.36 -0.70 21.21
N LEU W 76 -50.37 -1.61 20.25
CA LEU W 76 -51.38 -2.69 20.26
C LEU W 76 -51.30 -3.58 21.52
N LYS W 77 -50.09 -3.90 21.95
CA LYS W 77 -49.85 -4.84 23.04
C LYS W 77 -50.05 -4.17 24.41
N GLU W 78 -49.58 -2.94 24.51
CA GLU W 78 -49.72 -2.15 25.71
C GLU W 78 -51.05 -1.44 25.68
N GLY W 79 -51.40 -0.83 26.79
CA GLY W 79 -52.62 -0.07 26.78
C GLY W 79 -52.68 1.01 25.70
N ARG W 80 -51.55 1.57 25.31
CA ARG W 80 -51.38 3.00 25.37
C ARG W 80 -50.44 3.60 24.37
N GLN W 81 -50.43 4.93 24.35
CA GLN W 81 -49.49 5.68 23.53
C GLN W 81 -48.11 5.68 24.20
N ILE W 82 -47.06 5.60 23.41
CA ILE W 82 -45.69 5.56 23.98
C ILE W 82 -45.29 6.92 24.58
N LYS W 83 -44.56 6.85 25.69
CA LYS W 83 -43.99 8.01 26.34
C LYS W 83 -42.69 8.40 25.60
N PRO W 84 -42.35 9.71 25.57
CA PRO W 84 -41.15 10.16 24.84
C PRO W 84 -39.87 9.44 25.24
N TYR W 85 -39.61 9.39 26.55
CA TYR W 85 -38.42 8.73 27.12
C TYR W 85 -38.32 7.25 26.67
N THR W 86 -39.49 6.61 26.59
CA THR W 86 -39.59 5.21 26.18
C THR W 86 -39.33 5.03 24.69
N LEU W 87 -39.74 5.99 23.87
CA LEU W 87 -39.39 5.93 22.44
C LEU W 87 -37.88 6.10 22.24
N MET W 88 -37.27 7.01 22.99
CA MET W 88 -35.81 7.14 22.98
C MET W 88 -35.13 5.79 23.22
N SER W 89 -35.58 5.06 24.23
CA SER W 89 -34.95 3.77 24.58
C SER W 89 -35.17 2.71 23.52
N MET W 90 -36.36 2.72 22.93
CA MET W 90 -36.69 1.84 21.84
C MET W 90 -35.77 2.11 20.66
N VAL W 91 -35.51 3.38 20.38
CA VAL W 91 -34.63 3.74 19.27
C VAL W 91 -33.20 3.34 19.61
N ALA W 92 -32.77 3.64 20.82
CA ALA W 92 -31.40 3.31 21.27
C ALA W 92 -31.12 1.85 21.02
N ASN W 93 -32.10 1.02 21.38
CA ASN W 93 -32.01 -0.40 21.28
C ASN W 93 -31.92 -0.86 19.83
N LEU W 94 -32.75 -0.30 18.97
CA LEU W 94 -32.74 -0.64 17.56
C LEU W 94 -31.40 -0.28 16.90
N LEU W 95 -30.88 0.90 17.22
CA LEU W 95 -29.60 1.32 16.69
C LEU W 95 -28.46 0.45 17.21
N TYR W 96 -28.40 0.17 18.52
CA TYR W 96 -27.27 -0.59 19.10
C TYR W 96 -27.27 -2.06 18.67
N GLU W 97 -28.41 -2.61 18.25
CA GLU W 97 -28.44 -3.93 17.59
C GLU W 97 -27.49 -4.03 16.42
N LYS W 98 -27.30 -2.90 15.73
CA LYS W 98 -26.34 -2.79 14.60
C LYS W 98 -25.01 -2.14 14.98
N ARG W 99 -24.60 -2.28 16.25
CA ARG W 99 -23.37 -1.71 16.76
C ARG W 99 -22.22 -1.90 15.81
N PHE W 100 -22.07 -3.08 15.24
CA PHE W 100 -20.93 -3.35 14.35
C PHE W 100 -21.20 -3.20 12.84
N GLY W 101 -22.34 -2.68 12.44
CA GLY W 101 -22.60 -2.33 11.01
C GLY W 101 -23.75 -1.38 11.02
N PRO W 102 -23.52 -0.18 11.52
CA PRO W 102 -24.63 0.69 11.92
C PRO W 102 -25.42 1.30 10.79
N TYR W 103 -26.65 1.70 11.11
CA TYR W 103 -27.41 2.59 10.29
C TYR W 103 -26.72 3.93 10.39
N TYR W 104 -26.60 4.64 9.28
CA TYR W 104 -25.95 5.95 9.24
C TYR W 104 -26.95 7.05 9.38
N THR W 105 -27.55 7.08 10.57
CA THR W 105 -28.51 8.09 10.90
C THR W 105 -28.42 8.45 12.36
N GLU W 106 -28.63 9.72 12.66
CA GLU W 106 -28.51 10.28 14.03
C GLU W 106 -29.76 11.05 14.39
N PRO W 107 -30.72 10.39 15.07
CA PRO W 107 -32.06 10.98 15.22
C PRO W 107 -32.17 12.03 16.27
N VAL W 108 -33.19 12.87 16.14
CA VAL W 108 -33.66 13.71 17.20
C VAL W 108 -35.14 13.36 17.45
N ILE W 109 -35.57 13.46 18.69
CA ILE W 109 -36.93 13.17 19.06
C ILE W 109 -37.44 14.43 19.73
N ALA W 110 -38.66 14.84 19.38
CA ALA W 110 -39.32 15.92 20.09
C ALA W 110 -40.74 15.52 20.36
N GLY W 111 -41.19 15.74 21.60
CA GLY W 111 -42.59 15.55 21.89
C GLY W 111 -43.01 15.98 23.26
N LEU W 112 -44.28 15.72 23.56
CA LEU W 112 -44.90 16.01 24.84
C LEU W 112 -45.37 14.70 25.43
N ASP W 113 -45.25 14.55 26.74
CA ASP W 113 -45.74 13.34 27.39
C ASP W 113 -47.26 13.17 27.11
N PRO W 114 -47.72 11.96 26.70
CA PRO W 114 -49.15 11.81 26.35
C PRO W 114 -50.17 12.00 27.48
N LYS W 115 -49.73 11.92 28.74
CA LYS W 115 -50.61 12.22 29.90
C LYS W 115 -50.37 13.61 30.52
N THR W 116 -49.11 13.93 30.82
CA THR W 116 -48.75 15.16 31.55
C THR W 116 -48.40 16.36 30.62
N PHE W 117 -48.15 16.08 29.33
CA PHE W 117 -47.80 17.12 28.32
C PHE W 117 -46.48 17.86 28.61
N LYS W 118 -45.61 17.25 29.41
CA LYS W 118 -44.28 17.79 29.72
C LYS W 118 -43.43 17.71 28.44
N PRO W 119 -42.70 18.79 28.08
CA PRO W 119 -41.86 18.79 26.87
C PRO W 119 -40.64 17.87 26.97
N PHE W 120 -40.33 17.17 25.89
CA PHE W 120 -39.19 16.27 25.85
C PHE W 120 -38.43 16.43 24.57
N ILE W 121 -37.11 16.51 24.67
CA ILE W 121 -36.26 16.41 23.48
C ILE W 121 -35.00 15.61 23.75
N CYS W 122 -34.56 14.93 22.70
CA CYS W 122 -33.33 14.18 22.77
C CYS W 122 -32.73 13.98 21.40
N SER W 123 -31.47 13.55 21.40
CA SER W 123 -30.84 13.05 20.19
C SER W 123 -30.10 11.78 20.53
N LEU W 124 -29.81 11.01 19.51
CA LEU W 124 -28.99 9.83 19.67
C LEU W 124 -27.93 9.80 18.60
N ASP W 125 -26.77 9.28 18.92
CA ASP W 125 -25.77 9.02 17.88
C ASP W 125 -26.15 7.74 17.09
N LEU W 126 -25.34 7.34 16.13
CA LEU W 126 -25.74 6.27 15.21
C LEU W 126 -25.75 4.87 15.77
N ILE W 127 -25.12 4.68 16.93
CA ILE W 127 -25.16 3.41 17.63
C ILE W 127 -26.00 3.48 18.90
N GLY W 128 -26.80 4.53 19.04
CA GLY W 128 -27.84 4.58 20.04
C GLY W 128 -27.51 5.13 21.40
N CYS W 129 -26.45 5.94 21.51
CA CYS W 129 -26.18 6.67 22.75
C CYS W 129 -27.20 7.78 22.91
N PRO W 130 -28.04 7.71 23.95
CA PRO W 130 -29.02 8.78 24.09
C PRO W 130 -28.51 9.98 24.88
N MET W 131 -29.11 11.13 24.59
CA MET W 131 -28.71 12.41 25.12
C MET W 131 -29.92 13.29 25.28
N VAL W 132 -30.37 13.47 26.50
CA VAL W 132 -31.54 14.32 26.79
C VAL W 132 -31.04 15.71 27.17
N THR W 133 -31.67 16.77 26.64
CA THR W 133 -31.34 18.13 27.06
C THR W 133 -32.60 18.89 27.39
N ASP W 134 -32.44 20.03 28.04
CA ASP W 134 -33.54 20.92 28.36
C ASP W 134 -33.62 22.12 27.42
N ASP W 135 -32.81 22.15 26.35
CA ASP W 135 -32.78 23.33 25.46
C ASP W 135 -32.93 23.01 23.97
N PHE W 136 -31.92 22.37 23.38
CA PHE W 136 -31.96 22.03 21.98
C PHE W 136 -31.05 20.87 21.69
N VAL W 137 -31.33 20.22 20.57
CA VAL W 137 -30.46 19.21 20.00
C VAL W 137 -30.37 19.46 18.52
N VAL W 138 -29.24 19.08 17.94
CA VAL W 138 -29.01 19.21 16.51
C VAL W 138 -28.39 17.94 15.95
N SER W 139 -28.58 17.72 14.66
CA SER W 139 -27.97 16.62 13.98
C SER W 139 -27.91 16.86 12.45
N GLY W 140 -26.74 16.62 11.87
CA GLY W 140 -26.59 16.73 10.42
C GLY W 140 -25.24 17.29 9.98
N THR W 141 -25.16 17.60 8.68
CA THR W 141 -23.91 18.09 8.09
C THR W 141 -23.52 19.50 8.48
N CYS W 142 -24.42 20.26 9.08
CA CYS W 142 -24.11 21.58 9.52
C CYS W 142 -24.33 21.73 11.01
N ALA W 143 -23.95 20.72 11.78
CA ALA W 143 -24.11 20.75 13.23
C ALA W 143 -23.42 21.94 13.86
N GLU W 144 -22.21 22.27 13.43
CA GLU W 144 -21.50 23.44 13.99
C GLU W 144 -22.29 24.74 13.78
N GLN W 145 -22.77 24.94 12.56
CA GLN W 145 -23.63 26.06 12.21
C GLN W 145 -24.87 26.12 13.09
N MET W 146 -25.53 24.97 13.23
CA MET W 146 -26.69 24.88 14.11
C MET W 146 -26.34 25.20 15.56
N TYR W 147 -25.24 24.67 16.07
CA TYR W 147 -24.88 24.95 17.46
C TYR W 147 -24.65 26.44 17.69
N GLY W 148 -24.05 27.11 16.72
CA GLY W 148 -23.81 28.54 16.82
C GLY W 148 -25.10 29.35 16.88
N MET W 149 -26.06 28.99 16.05
CA MET W 149 -27.36 29.65 16.08
C MET W 149 -28.13 29.36 17.38
N CYS W 150 -28.16 28.11 17.79
CA CYS W 150 -28.93 27.72 18.96
C CYS W 150 -28.34 28.27 20.23
N GLU W 151 -27.02 28.18 20.38
CA GLU W 151 -26.38 28.72 21.59
C GLU W 151 -26.58 30.21 21.74
N SER W 152 -26.73 30.92 20.62
CA SER W 152 -26.89 32.37 20.65
C SER W 152 -28.35 32.85 20.76
N LEU W 153 -29.29 32.12 20.16
CA LEU W 153 -30.69 32.52 20.12
C LEU W 153 -31.58 31.90 21.21
N TRP W 154 -31.36 30.65 21.60
CA TRP W 154 -32.28 29.95 22.49
C TRP W 154 -32.36 30.63 23.87
N GLU W 155 -33.58 30.79 24.38
CA GLU W 155 -33.79 31.22 25.76
C GLU W 155 -34.79 30.29 26.42
N PRO W 156 -34.83 30.26 27.76
CA PRO W 156 -35.83 29.42 28.43
C PRO W 156 -37.28 29.94 28.33
N ASN W 157 -38.19 28.99 28.48
CA ASN W 157 -39.62 29.24 28.66
C ASN W 157 -40.29 30.03 27.50
N MET W 158 -39.97 29.68 26.27
CA MET W 158 -40.52 30.39 25.12
C MET W 158 -41.92 29.92 24.76
N ASP W 159 -42.81 30.87 24.51
CA ASP W 159 -44.16 30.56 24.02
C ASP W 159 -44.08 30.05 22.57
N PRO W 160 -45.14 29.38 22.09
CA PRO W 160 -45.14 28.78 20.75
C PRO W 160 -44.72 29.70 19.59
N ASP W 161 -45.10 30.97 19.63
CA ASP W 161 -44.72 31.95 18.58
C ASP W 161 -43.22 32.25 18.57
N HIS W 162 -42.65 32.51 19.75
CA HIS W 162 -41.22 32.81 19.90
C HIS W 162 -40.38 31.61 19.56
N LEU W 163 -40.78 30.44 20.05
CA LEU W 163 -40.12 29.18 19.70
C LEU W 163 -40.08 28.97 18.20
N PHE W 164 -41.17 29.30 17.51
CA PHE W 164 -41.20 29.13 16.07
C PHE W 164 -40.21 30.02 15.34
N GLU W 165 -40.16 31.27 15.76
CA GLU W 165 -39.23 32.23 15.17
C GLU W 165 -37.79 31.79 15.45
N THR W 166 -37.50 31.31 16.65
CA THR W 166 -36.14 30.93 17.03
C THR W 166 -35.64 29.71 16.25
N ILE W 167 -36.44 28.65 16.22
CA ILE W 167 -36.01 27.42 15.56
C ILE W 167 -35.86 27.71 14.08
N SER W 168 -36.76 28.54 13.52
CA SER W 168 -36.74 28.87 12.09
C SER W 168 -35.48 29.62 11.70
N GLN W 169 -35.10 30.60 12.52
CA GLN W 169 -33.91 31.42 12.25
C GLN W 169 -32.65 30.61 12.45
N ALA W 170 -32.65 29.76 13.47
CA ALA W 170 -31.54 28.83 13.66
C ALA W 170 -31.32 27.92 12.43
N MET W 171 -32.38 27.28 11.94
CA MET W 171 -32.26 26.41 10.77
C MET W 171 -31.86 27.19 9.52
N LEU W 172 -32.58 28.26 9.20
CA LEU W 172 -32.34 29.02 7.96
C LEU W 172 -30.90 29.53 7.81
N ASN W 173 -30.41 30.17 8.86
CA ASN W 173 -29.07 30.74 8.86
C ASN W 173 -27.97 29.69 8.96
N ALA W 174 -28.26 28.56 9.60
CA ALA W 174 -27.33 27.45 9.66
C ALA W 174 -27.12 26.80 8.30
N VAL W 175 -28.22 26.45 7.64
CA VAL W 175 -28.15 25.71 6.39
C VAL W 175 -27.64 26.57 5.23
N ASP W 176 -27.76 27.89 5.37
CA ASP W 176 -27.20 28.81 4.38
C ASP W 176 -25.68 28.91 4.46
N ARG W 177 -25.07 28.28 5.44
CA ARG W 177 -23.63 28.11 5.43
C ARG W 177 -23.17 26.69 5.11
N ASP W 178 -24.08 25.85 4.62
CA ASP W 178 -23.81 24.45 4.27
C ASP W 178 -24.29 24.14 2.86
N ALA W 179 -23.37 23.75 1.99
CA ALA W 179 -23.65 23.53 0.61
C ALA W 179 -24.69 22.42 0.36
N VAL W 180 -24.64 21.35 1.16
CA VAL W 180 -25.46 20.15 0.95
C VAL W 180 -26.67 20.01 1.89
N SER W 181 -27.03 21.11 2.54
CA SER W 181 -28.27 21.20 3.29
C SER W 181 -29.09 22.40 2.81
N GLY W 182 -30.40 22.21 2.86
CA GLY W 182 -31.34 23.29 2.63
C GLY W 182 -32.37 22.93 1.59
N MET W 183 -32.45 23.78 0.58
CA MET W 183 -33.52 23.75 -0.43
C MET W 183 -34.90 23.68 0.24
N GLY W 184 -35.10 24.45 1.29
CA GLY W 184 -36.36 24.50 2.00
C GLY W 184 -36.20 24.00 3.40
N VAL W 185 -37.08 24.45 4.28
CA VAL W 185 -37.14 24.07 5.69
C VAL W 185 -38.62 23.81 6.08
N ILE W 186 -38.85 22.71 6.80
CA ILE W 186 -40.15 22.44 7.41
C ILE W 186 -40.02 22.48 8.94
N VAL W 187 -41.04 23.01 9.60
CA VAL W 187 -41.08 23.18 11.06
C VAL W 187 -42.42 22.70 11.59
N HIS W 188 -42.36 21.83 12.59
CA HIS W 188 -43.54 21.40 13.33
C HIS W 188 -43.49 22.02 14.72
N ILE W 189 -44.55 22.71 15.14
CA ILE W 189 -44.69 23.16 16.54
C ILE W 189 -45.73 22.26 17.17
N ILE W 190 -45.37 21.63 18.29
CA ILE W 190 -46.22 20.64 18.97
C ILE W 190 -46.69 21.22 20.29
N GLU W 191 -48.01 21.40 20.39
CA GLU W 191 -48.68 21.86 21.61
C GLU W 191 -49.66 20.78 22.15
N LYS W 192 -50.14 20.99 23.38
CA LYS W 192 -51.13 20.11 24.02
C LYS W 192 -52.33 19.84 23.14
N ASP W 193 -52.84 20.88 22.49
CA ASP W 193 -54.09 20.80 21.72
C ASP W 193 -53.97 20.77 20.17
N LYS W 194 -52.77 20.98 19.61
CA LYS W 194 -52.61 21.11 18.15
C LYS W 194 -51.18 21.01 17.69
N ILE W 195 -51.03 20.57 16.45
CA ILE W 195 -49.77 20.56 15.73
C ILE W 195 -49.87 21.65 14.67
N THR W 196 -48.86 22.53 14.61
CA THR W 196 -48.74 23.55 13.57
C THR W 196 -47.56 23.19 12.68
N THR W 197 -47.83 22.99 11.39
CA THR W 197 -46.80 22.62 10.41
C THR W 197 -46.62 23.74 9.38
N ARG W 198 -45.39 24.27 9.26
CA ARG W 198 -45.07 25.31 8.28
C ARG W 198 -43.85 24.97 7.43
N THR W 199 -43.91 25.33 6.15
CA THR W 199 -42.68 25.46 5.32
C THR W 199 -42.28 26.94 5.29
N LEU W 200 -40.97 27.19 5.31
CA LEU W 200 -40.41 28.53 5.38
C LEU W 200 -40.02 29.06 4.02
N LYS W 201 -40.09 30.37 3.84
CA LYS W 201 -39.45 30.98 2.67
C LYS W 201 -37.93 30.86 2.84
N ALA W 202 -37.26 30.30 1.86
CA ALA W 202 -35.88 29.94 2.02
C ALA W 202 -35.12 29.97 0.70
N ARG W 203 -33.81 30.17 0.81
CA ARG W 203 -32.92 30.09 -0.33
C ARG W 203 -32.98 28.69 -0.96
N MET W 204 -32.91 28.66 -2.29
CA MET W 204 -33.01 27.44 -3.05
C MET W 204 -31.76 27.29 -3.90
N ASP W 205 -30.61 27.74 -3.36
CA ASP W 205 -29.28 27.41 -3.93
C ASP W 205 -28.40 26.48 -3.02
N MET X 1 -23.51 4.39 -21.86
CA MET X 1 -23.98 4.45 -20.41
C MET X 1 -25.36 5.05 -20.32
N GLU X 2 -26.09 4.50 -19.36
CA GLU X 2 -27.51 4.29 -19.53
C GLU X 2 -28.28 5.50 -19.07
N TYR X 3 -29.25 5.91 -19.86
CA TYR X 3 -30.06 7.06 -19.56
C TYR X 3 -31.51 6.63 -19.37
N LEU X 4 -32.12 7.11 -18.28
CA LEU X 4 -33.54 6.98 -18.00
C LEU X 4 -34.11 8.37 -17.74
N ILE X 5 -35.34 8.61 -18.18
CA ILE X 5 -36.05 9.84 -17.89
C ILE X 5 -37.55 9.59 -17.67
N GLY X 6 -38.14 10.32 -16.73
CA GLY X 6 -39.55 10.24 -16.44
C GLY X 6 -40.09 11.65 -16.30
N ILE X 7 -41.29 11.86 -16.83
CA ILE X 7 -42.03 13.12 -16.67
C ILE X 7 -43.48 12.80 -16.31
N GLN X 8 -43.95 13.29 -15.16
CA GLN X 8 -45.33 13.04 -14.69
C GLN X 8 -46.19 14.29 -14.89
N GLY X 9 -47.22 14.15 -15.73
CA GLY X 9 -48.30 15.15 -15.79
C GLY X 9 -49.53 14.78 -14.97
N PRO X 10 -50.65 15.52 -15.17
CA PRO X 10 -51.76 15.38 -14.24
C PRO X 10 -52.40 13.99 -14.23
N ASP X 11 -52.42 13.30 -15.39
CA ASP X 11 -53.13 12.03 -15.56
C ASP X 11 -52.36 11.01 -16.38
N TYR X 12 -51.05 11.17 -16.43
CA TYR X 12 -50.20 10.23 -17.12
C TYR X 12 -48.76 10.40 -16.60
N VAL X 13 -47.94 9.38 -16.88
CA VAL X 13 -46.48 9.45 -16.72
C VAL X 13 -45.84 9.02 -18.00
N LEU X 14 -44.92 9.85 -18.50
CA LEU X 14 -44.17 9.57 -19.73
C LEU X 14 -42.75 9.17 -19.29
N VAL X 15 -42.17 8.18 -19.97
CA VAL X 15 -40.89 7.64 -19.64
C VAL X 15 -40.16 7.31 -20.91
N ALA X 16 -38.83 7.39 -20.83
CA ALA X 16 -37.97 7.04 -21.91
C ALA X 16 -36.65 6.51 -21.38
N SER X 17 -35.97 5.73 -22.22
CA SER X 17 -34.69 5.15 -21.88
C SER X 17 -33.90 4.93 -23.17
N ASP X 18 -32.57 4.98 -23.11
CA ASP X 18 -31.81 4.68 -24.30
C ASP X 18 -31.85 3.22 -24.63
N ARG X 19 -31.37 2.88 -25.82
CA ARG X 19 -31.45 1.52 -26.32
C ARG X 19 -30.11 0.90 -26.64
N VAL X 20 -29.07 1.35 -25.95
CA VAL X 20 -27.76 0.83 -26.15
C VAL X 20 -27.42 -0.16 -25.03
N ALA X 21 -26.75 -1.25 -25.42
CA ALA X 21 -26.04 -2.11 -24.52
C ALA X 21 -24.60 -2.05 -24.95
N ALA X 22 -23.78 -1.48 -24.11
CA ALA X 22 -22.36 -1.32 -24.40
C ALA X 22 -21.50 -2.33 -23.67
N SER X 23 -20.34 -2.55 -24.22
CA SER X 23 -19.34 -3.38 -23.67
C SER X 23 -17.99 -2.82 -24.10
N ASN X 24 -17.29 -2.17 -23.16
CA ASN X 24 -15.95 -1.64 -23.39
C ASN X 24 -16.09 -0.53 -24.50
N ILE X 25 -15.45 -0.61 -25.66
CA ILE X 25 -15.57 0.49 -26.63
C ILE X 25 -16.74 0.30 -27.64
N VAL X 26 -17.53 -0.78 -27.54
CA VAL X 26 -18.53 -1.07 -28.58
C VAL X 26 -19.94 -1.09 -28.07
N GLN X 27 -20.85 -0.59 -28.87
CA GLN X 27 -22.27 -0.90 -28.71
C GLN X 27 -22.42 -2.36 -29.19
N MET X 28 -23.00 -3.22 -28.36
CA MET X 28 -23.28 -4.61 -28.71
C MET X 28 -24.71 -4.83 -29.12
N LYS X 29 -25.58 -3.90 -28.76
CA LYS X 29 -26.97 -3.92 -29.12
C LYS X 29 -27.50 -2.48 -29.18
N ASP X 30 -28.29 -2.20 -30.22
CA ASP X 30 -28.91 -0.88 -30.43
C ASP X 30 -30.41 -0.82 -30.20
N ASP X 31 -31.03 -1.97 -29.92
CA ASP X 31 -32.48 -2.06 -29.65
C ASP X 31 -32.74 -2.64 -28.25
N HIS X 32 -31.89 -2.28 -27.31
CA HIS X 32 -32.01 -2.73 -25.96
C HIS X 32 -33.12 -2.00 -25.29
N ASP X 33 -33.82 -2.70 -24.41
CA ASP X 33 -35.02 -2.16 -23.79
C ASP X 33 -34.78 -2.23 -22.30
N LYS X 34 -34.82 -1.10 -21.62
CA LYS X 34 -34.49 -1.00 -20.20
C LYS X 34 -35.72 -0.91 -19.32
N MET X 35 -36.89 -1.21 -19.90
CA MET X 35 -38.17 -1.11 -19.20
C MET X 35 -38.78 -2.49 -18.97
N PHE X 36 -39.40 -2.62 -17.80
CA PHE X 36 -39.93 -3.88 -17.34
C PHE X 36 -41.36 -3.65 -16.94
N LYS X 37 -42.28 -4.34 -17.57
CA LYS X 37 -43.69 -4.30 -17.17
C LYS X 37 -43.90 -5.11 -15.88
N MET X 38 -44.31 -4.46 -14.79
CA MET X 38 -44.57 -5.12 -13.50
C MET X 38 -46.00 -5.56 -13.42
N SER X 39 -46.87 -4.67 -13.91
CA SER X 39 -48.31 -4.86 -13.96
C SER X 39 -48.90 -4.11 -15.14
N GLU X 40 -50.23 -3.98 -15.19
CA GLU X 40 -50.90 -3.27 -16.26
C GLU X 40 -50.61 -1.79 -16.30
N LYS X 41 -50.38 -1.17 -15.15
CA LYS X 41 -50.17 0.25 -15.08
C LYS X 41 -48.86 0.60 -14.34
N ILE X 42 -47.84 -0.28 -14.42
CA ILE X 42 -46.55 -0.08 -13.77
C ILE X 42 -45.36 -0.48 -14.67
N LEU X 43 -44.42 0.45 -14.84
CA LEU X 43 -43.16 0.14 -15.49
C LEU X 43 -42.02 0.40 -14.48
N LEU X 44 -41.07 -0.52 -14.45
CA LEU X 44 -39.81 -0.35 -13.70
C LEU X 44 -38.68 -0.17 -14.71
N LEU X 45 -37.94 0.93 -14.61
CA LEU X 45 -36.84 1.20 -15.54
C LEU X 45 -35.61 1.03 -14.70
N CYS X 46 -34.66 0.25 -15.20
CA CYS X 46 -33.54 -0.21 -14.41
CA CYS X 46 -33.51 -0.19 -14.41
C CYS X 46 -32.24 -0.15 -15.21
N VAL X 47 -31.23 0.47 -14.58
CA VAL X 47 -29.84 0.53 -15.06
C VAL X 47 -28.85 0.22 -13.91
N GLY X 48 -27.59 -0.02 -14.29
CA GLY X 48 -26.52 -0.24 -13.36
C GLY X 48 -25.66 -1.39 -13.81
N GLU X 49 -25.20 -2.17 -12.84
CA GLU X 49 -24.20 -3.17 -13.14
C GLU X 49 -24.80 -4.35 -13.94
N ALA X 50 -24.00 -4.89 -14.84
CA ALA X 50 -24.36 -6.10 -15.57
C ALA X 50 -24.67 -7.26 -14.62
N GLY X 51 -25.69 -8.01 -14.99
CA GLY X 51 -26.23 -9.12 -14.21
C GLY X 51 -27.24 -8.57 -13.23
N ASP X 52 -26.78 -7.67 -12.35
CA ASP X 52 -27.61 -7.15 -11.27
C ASP X 52 -28.89 -6.55 -11.77
N THR X 53 -28.83 -5.83 -12.89
CA THR X 53 -29.96 -5.08 -13.37
C THR X 53 -31.12 -6.01 -13.74
N VAL X 54 -30.84 -7.01 -14.54
CA VAL X 54 -31.89 -7.94 -14.96
C VAL X 54 -32.30 -8.90 -13.80
N GLN X 55 -31.33 -9.35 -13.00
CA GLN X 55 -31.67 -10.24 -11.93
C GLN X 55 -32.58 -9.52 -10.99
N PHE X 56 -32.27 -8.26 -10.69
CA PHE X 56 -33.07 -7.55 -9.71
C PHE X 56 -34.46 -7.24 -10.24
N ALA X 57 -34.51 -6.65 -11.44
CA ALA X 57 -35.79 -6.25 -12.07
C ALA X 57 -36.77 -7.42 -12.29
N GLU X 58 -36.26 -8.52 -12.84
CA GLU X 58 -37.07 -9.70 -13.05
C GLU X 58 -37.57 -10.36 -11.76
N TYR X 59 -36.76 -10.33 -10.70
CA TYR X 59 -37.19 -10.83 -9.41
C TYR X 59 -38.33 -10.00 -8.86
N ILE X 60 -38.22 -8.68 -8.89
CA ILE X 60 -39.37 -7.79 -8.52
C ILE X 60 -40.63 -8.05 -9.41
N GLN X 61 -40.39 -8.20 -10.71
CA GLN X 61 -41.45 -8.41 -11.67
C GLN X 61 -42.26 -9.68 -11.33
N LYS X 62 -41.59 -10.83 -11.18
CA LYS X 62 -42.25 -12.06 -10.83
C LYS X 62 -43.01 -11.98 -9.52
N ASN X 63 -42.45 -11.28 -8.55
CA ASN X 63 -43.13 -11.12 -7.26
C ASN X 63 -44.36 -10.21 -7.32
N VAL X 64 -44.30 -9.14 -8.11
CA VAL X 64 -45.47 -8.30 -8.36
C VAL X 64 -46.60 -9.11 -9.06
N GLN X 65 -46.22 -9.87 -10.07
CA GLN X 65 -47.14 -10.78 -10.76
C GLN X 65 -47.71 -11.86 -9.82
N LEU X 66 -46.87 -12.42 -8.95
CA LEU X 66 -47.29 -13.40 -7.96
C LEU X 66 -48.34 -12.80 -7.04
N TYR X 67 -48.13 -11.57 -6.61
CA TYR X 67 -49.09 -10.86 -5.78
C TYR X 67 -50.47 -10.77 -6.47
N LYS X 68 -50.46 -10.45 -7.78
CA LYS X 68 -51.67 -10.40 -8.57
C LYS X 68 -52.38 -11.75 -8.64
N MET X 69 -51.64 -12.80 -8.93
CA MET X 69 -52.20 -14.15 -8.91
C MET X 69 -52.74 -14.60 -7.57
N ARG X 70 -52.04 -14.29 -6.47
CA ARG X 70 -52.50 -14.69 -5.15
C ARG X 70 -53.75 -13.95 -4.74
N ASN X 71 -53.82 -12.67 -5.04
CA ASN X 71 -54.87 -11.84 -4.50
C ASN X 71 -56.02 -11.44 -5.49
N GLY X 72 -55.85 -11.71 -6.78
CA GLY X 72 -56.83 -11.29 -7.76
C GLY X 72 -56.81 -9.80 -8.15
N TYR X 73 -56.03 -8.92 -7.51
CA TYR X 73 -55.86 -7.52 -7.94
C TYR X 73 -54.38 -7.16 -7.84
N GLU X 74 -54.00 -6.02 -8.43
CA GLU X 74 -52.61 -5.60 -8.51
C GLU X 74 -52.20 -4.71 -7.35
N LEU X 75 -50.90 -4.72 -7.06
CA LEU X 75 -50.32 -3.72 -6.20
C LEU X 75 -50.49 -2.35 -6.87
N SER X 76 -50.71 -1.33 -6.04
CA SER X 76 -50.56 0.09 -6.45
C SER X 76 -49.11 0.45 -6.83
N PRO X 77 -48.90 1.48 -7.67
CA PRO X 77 -47.51 1.96 -7.93
C PRO X 77 -46.70 2.26 -6.67
N THR X 78 -47.34 2.86 -5.68
CA THR X 78 -46.69 3.21 -4.45
C THR X 78 -46.30 1.94 -3.69
N ALA X 79 -47.20 0.98 -3.58
CA ALA X 79 -46.90 -0.29 -2.90
C ALA X 79 -45.77 -1.03 -3.62
N ALA X 80 -45.78 -0.99 -4.94
CA ALA X 80 -44.72 -1.66 -5.71
C ALA X 80 -43.35 -1.00 -5.48
N ALA X 81 -43.35 0.31 -5.31
CA ALA X 81 -42.14 1.08 -5.19
C ALA X 81 -41.51 0.81 -3.84
N ASN X 82 -42.34 0.72 -2.81
CA ASN X 82 -41.88 0.38 -1.48
C ASN X 82 -41.43 -1.06 -1.35
N PHE X 83 -42.10 -1.94 -2.08
CA PHE X 83 -41.69 -3.33 -2.13
C PHE X 83 -40.30 -3.40 -2.73
N THR X 84 -40.13 -2.64 -3.79
CA THR X 84 -38.87 -2.61 -4.53
C THR X 84 -37.74 -2.08 -3.66
N ARG X 85 -38.03 -0.99 -2.96
CA ARG X 85 -37.13 -0.41 -1.97
C ARG X 85 -36.76 -1.35 -0.82
N ARG X 86 -37.76 -2.03 -0.25
CA ARG X 86 -37.53 -2.98 0.87
C ARG X 86 -36.52 -4.01 0.45
N ASN X 87 -36.74 -4.57 -0.75
CA ASN X 87 -35.83 -5.57 -1.25
C ASN X 87 -34.40 -5.04 -1.43
N LEU X 88 -34.26 -3.86 -2.05
CA LEU X 88 -32.93 -3.34 -2.32
C LEU X 88 -32.23 -3.00 -1.01
N ALA X 89 -32.95 -2.36 -0.09
CA ALA X 89 -32.37 -1.94 1.20
C ALA X 89 -31.94 -3.14 2.05
N ASP X 90 -32.76 -4.19 2.06
CA ASP X 90 -32.43 -5.47 2.73
C ASP X 90 -31.18 -6.14 2.18
N 6V1 X 91 -30.94 -6.02 0.88
CA 6V1 X 91 -29.75 -6.59 0.27
C 6V1 X 91 -28.51 -5.73 0.42
O 6V1 X 91 -27.41 -6.20 0.19
CB 6V1 X 91 -30.07 -6.97 -1.18
SG 6V1 X 91 -30.84 -8.58 -1.24
C1 6V1 X 91 -32.61 -8.54 -1.56
C2 6V1 X 91 -32.88 -8.40 -3.05
N3 6V1 X 91 -33.48 -9.55 -3.57
C4 6V1 X 91 -33.88 -10.35 -2.58
C5 6V1 X 91 -33.49 -9.77 -1.22
C6 6V1 X 91 -33.53 -10.09 -4.95
O7 6V1 X 91 -32.51 -7.34 -3.61
O8 6V1 X 91 -34.39 -11.46 -2.76
C3 6V1 X 91 -33.54 -9.06 -6.04
N LEU X 92 -28.65 -4.49 0.87
CA LEU X 92 -27.54 -3.51 0.88
C LEU X 92 -26.32 -3.90 1.71
N ARG X 93 -26.55 -4.40 2.92
CA ARG X 93 -25.47 -4.84 3.78
C ARG X 93 -25.29 -6.36 3.77
N SER X 94 -25.90 -7.05 2.82
CA SER X 94 -25.83 -8.49 2.70
C SER X 94 -24.68 -8.88 1.83
N ARG X 95 -24.54 -10.18 1.64
CA ARG X 95 -23.56 -10.78 0.71
C ARG X 95 -23.93 -10.55 -0.76
N THR X 96 -25.20 -10.21 -1.04
CA THR X 96 -25.68 -10.02 -2.40
C THR X 96 -26.30 -8.63 -2.61
N PRO X 97 -25.52 -7.55 -2.52
CA PRO X 97 -26.07 -6.23 -2.84
C PRO X 97 -26.29 -6.10 -4.35
N TYR X 98 -27.26 -5.30 -4.77
CA TYR X 98 -27.59 -5.11 -6.17
C TYR X 98 -27.25 -3.67 -6.54
N HIS X 99 -26.27 -3.49 -7.44
CA HIS X 99 -25.88 -2.12 -7.89
CA HIS X 99 -25.87 -2.16 -7.87
C HIS X 99 -26.78 -1.74 -9.04
N VAL X 100 -27.94 -1.22 -8.69
CA VAL X 100 -28.91 -0.77 -9.67
C VAL X 100 -29.49 0.59 -9.33
N ASN X 101 -29.80 1.39 -10.35
CA ASN X 101 -30.60 2.58 -10.19
C ASN X 101 -31.89 2.45 -10.95
N LEU X 102 -32.95 3.02 -10.42
CA LEU X 102 -34.29 2.79 -10.91
C LEU X 102 -35.17 4.03 -11.05
N LEU X 103 -36.09 3.98 -12.01
CA LEU X 103 -37.35 4.70 -11.93
C LEU X 103 -38.53 3.73 -11.95
N LEU X 104 -39.56 4.06 -11.19
CA LEU X 104 -40.82 3.33 -11.22
C LEU X 104 -41.88 4.33 -11.59
N ALA X 105 -42.55 4.05 -12.70
CA ALA X 105 -43.66 4.87 -13.17
C ALA X 105 -44.93 4.07 -13.14
N GLY X 106 -46.00 4.71 -12.71
CA GLY X 106 -47.31 4.08 -12.80
C GLY X 106 -48.49 5.00 -12.67
N TYR X 107 -49.65 4.39 -12.82
CA TYR X 107 -50.94 5.05 -12.69
C TYR X 107 -51.81 4.20 -11.78
N ASP X 108 -52.29 4.83 -10.70
CA ASP X 108 -53.29 4.25 -9.81
C ASP X 108 -54.65 4.84 -10.13
N GLU X 109 -55.68 3.98 -10.14
CA GLU X 109 -57.05 4.45 -10.42
C GLU X 109 -57.50 5.52 -9.42
N HIS X 110 -57.11 5.44 -8.15
CA HIS X 110 -57.54 6.42 -7.12
C HIS X 110 -56.58 7.60 -6.84
N GLU X 111 -55.28 7.33 -6.80
CA GLU X 111 -54.25 8.32 -6.45
C GLU X 111 -53.65 8.99 -7.71
N GLY X 112 -53.92 8.44 -8.92
CA GLY X 112 -53.49 9.06 -10.18
C GLY X 112 -52.06 8.67 -10.53
N PRO X 113 -51.40 9.46 -11.39
CA PRO X 113 -50.07 9.06 -11.87
C PRO X 113 -48.94 9.27 -10.84
N ALA X 114 -47.90 8.45 -10.93
CA ALA X 114 -46.77 8.55 -10.00
C ALA X 114 -45.46 8.17 -10.70
N LEU X 115 -44.41 8.91 -10.31
CA LEU X 115 -43.05 8.62 -10.70
C LEU X 115 -42.17 8.61 -9.45
N TYR X 116 -41.36 7.56 -9.36
CA TYR X 116 -40.52 7.31 -8.20
C TYR X 116 -39.12 7.13 -8.67
N TYR X 117 -38.21 7.76 -7.93
CA TYR X 117 -36.78 7.66 -8.13
C TYR X 117 -36.14 6.82 -7.05
N MET X 118 -35.29 5.89 -7.47
CA MET X 118 -34.49 5.09 -6.52
C MET X 118 -33.02 4.98 -6.93
N ASP X 119 -32.09 5.23 -6.00
CA ASP X 119 -30.67 4.95 -6.22
C ASP X 119 -30.30 3.60 -5.65
N TYR X 120 -29.05 3.18 -5.91
CA TYR X 120 -28.55 1.86 -5.49
C TYR X 120 -28.45 1.70 -3.99
N LEU X 121 -28.35 2.79 -3.24
CA LEU X 121 -28.48 2.73 -1.78
C LEU X 121 -29.90 2.45 -1.28
N ALA X 122 -30.89 2.60 -2.17
CA ALA X 122 -32.31 2.36 -1.88
C ALA X 122 -32.99 3.51 -1.13
N ALA X 123 -32.49 4.73 -1.34
CA ALA X 123 -33.29 5.92 -1.07
C ALA X 123 -34.44 6.03 -2.10
N LEU X 124 -35.66 6.19 -1.62
CA LEU X 124 -36.83 6.30 -2.48
C LEU X 124 -37.41 7.71 -2.37
N ALA X 125 -37.58 8.35 -3.53
CA ALA X 125 -38.18 9.70 -3.58
C ALA X 125 -39.24 9.79 -4.67
N LYS X 126 -40.38 10.37 -4.32
CA LYS X 126 -41.37 10.70 -5.30
C LYS X 126 -41.01 12.03 -5.98
N ALA X 127 -41.13 12.09 -7.30
CA ALA X 127 -40.80 13.31 -8.06
C ALA X 127 -41.73 13.61 -9.22
N PRO X 128 -41.90 14.89 -9.57
CA PRO X 128 -42.71 15.19 -10.76
C PRO X 128 -41.99 14.86 -12.06
N PHE X 129 -40.66 14.81 -12.01
CA PHE X 129 -39.83 14.28 -13.10
C PHE X 129 -38.47 13.92 -12.55
N ALA X 130 -37.71 13.12 -13.31
CA ALA X 130 -36.43 12.62 -12.84
C ALA X 130 -35.68 11.96 -13.96
N ALA X 131 -34.38 11.77 -13.74
CA ALA X 131 -33.53 11.08 -14.70
C ALA X 131 -32.35 10.44 -14.01
N HIS X 132 -31.79 9.40 -14.64
CA HIS X 132 -30.61 8.70 -14.16
C HIS X 132 -29.59 8.65 -15.27
N GLY X 133 -28.35 8.44 -14.90
CA GLY X 133 -27.23 8.34 -15.82
C GLY X 133 -26.51 9.66 -15.88
N TYR X 134 -25.29 9.62 -16.36
CA TYR X 134 -24.55 10.79 -16.82
C TYR X 134 -25.40 11.75 -17.60
N GLY X 135 -26.26 11.24 -18.49
CA GLY X 135 -27.18 12.12 -19.25
C GLY X 135 -28.10 12.96 -18.41
N ALA X 136 -28.44 12.47 -17.23
CA ALA X 136 -29.23 13.29 -16.29
C ALA X 136 -28.61 14.64 -15.93
N PHE X 137 -27.30 14.70 -15.85
CA PHE X 137 -26.61 15.97 -15.54
C PHE X 137 -26.84 17.06 -16.56
N LEU X 138 -26.94 16.68 -17.83
CA LEU X 138 -27.23 17.63 -18.92
C LEU X 138 -28.72 17.94 -19.18
N THR X 139 -29.63 17.13 -18.64
CA THR X 139 -31.06 17.26 -18.91
C THR X 139 -31.94 17.72 -17.77
N LEU X 140 -31.59 17.48 -16.53
CA LEU X 140 -32.46 17.90 -15.42
C LEU X 140 -32.77 19.41 -15.37
N SER X 141 -31.82 20.26 -15.76
CA SER X 141 -32.04 21.71 -15.75
C SER X 141 -32.99 22.13 -16.88
N ILE X 142 -32.96 21.37 -17.96
CA ILE X 142 -33.90 21.54 -19.07
C ILE X 142 -35.32 21.26 -18.58
N LEU X 143 -35.49 20.16 -17.82
CA LEU X 143 -36.75 19.85 -17.18
C LEU X 143 -37.16 20.89 -16.16
N ASP X 144 -36.24 21.34 -15.32
CA ASP X 144 -36.56 22.40 -14.32
C ASP X 144 -37.01 23.67 -14.97
N ARG X 145 -36.44 23.95 -16.13
CA ARG X 145 -36.67 25.21 -16.86
C ARG X 145 -38.06 25.26 -17.48
N TYR X 146 -38.52 24.14 -18.04
CA TYR X 146 -39.73 24.12 -18.86
C TYR X 146 -40.91 23.37 -18.27
N TYR X 147 -40.71 22.46 -17.33
CA TYR X 147 -41.87 21.75 -16.80
C TYR X 147 -42.91 22.69 -16.09
N THR X 148 -44.21 22.37 -16.22
CA THR X 148 -45.31 22.88 -15.35
C THR X 148 -46.35 21.75 -14.98
N PRO X 149 -46.82 21.71 -13.74
CA PRO X 149 -47.52 20.47 -13.25
C PRO X 149 -48.66 19.98 -14.14
N THR X 150 -49.21 20.93 -14.88
CA THR X 150 -50.27 20.70 -15.83
C THR X 150 -49.79 20.41 -17.26
N ILE X 151 -48.49 20.18 -17.46
CA ILE X 151 -47.96 19.88 -18.80
C ILE X 151 -48.79 18.77 -19.49
N SER X 152 -49.19 19.03 -20.73
CA SER X 152 -49.98 18.05 -21.48
C SER X 152 -49.03 17.02 -22.04
N ARG X 153 -49.54 15.89 -22.50
CA ARG X 153 -48.68 14.82 -22.96
C ARG X 153 -47.94 15.11 -24.25
N GLU X 154 -48.54 15.89 -25.15
CA GLU X 154 -47.87 16.32 -26.37
C GLU X 154 -46.55 17.12 -25.92
N ARG X 155 -46.80 18.08 -25.00
CA ARG X 155 -45.80 19.02 -24.54
C ARG X 155 -44.70 18.32 -23.81
N ALA X 156 -45.10 17.30 -23.03
CA ALA X 156 -44.19 16.41 -22.37
C ALA X 156 -43.31 15.64 -23.38
N VAL X 157 -43.91 15.13 -24.44
CA VAL X 157 -43.14 14.51 -25.54
C VAL X 157 -42.20 15.51 -26.22
N GLU X 158 -42.65 16.77 -26.34
CA GLU X 158 -41.80 17.83 -26.86
C GLU X 158 -40.62 18.16 -25.96
N LEU X 159 -40.91 18.31 -24.67
CA LEU X 159 -39.93 18.51 -23.62
C LEU X 159 -38.93 17.37 -23.57
N LEU X 160 -39.43 16.13 -23.66
CA LEU X 160 -38.57 14.93 -23.76
C LEU X 160 -37.63 15.05 -24.95
N ARG X 161 -38.14 15.49 -26.09
CA ARG X 161 -37.30 15.59 -27.29
C ARG X 161 -36.15 16.59 -27.08
N LYS X 162 -36.41 17.65 -26.32
CA LYS X 162 -35.44 18.70 -26.06
C LYS X 162 -34.28 18.13 -25.28
N CYS X 163 -34.63 17.35 -24.25
CA CYS X 163 -33.67 16.61 -23.47
C CYS X 163 -32.82 15.67 -24.34
N LEU X 164 -33.48 14.89 -25.18
CA LEU X 164 -32.76 13.91 -25.98
C LEU X 164 -31.87 14.56 -27.05
N GLU X 165 -32.31 15.72 -27.57
CA GLU X 165 -31.51 16.50 -28.51
C GLU X 165 -30.29 17.05 -27.79
N GLU X 166 -30.45 17.49 -26.54
CA GLU X 166 -29.32 17.95 -25.75
C GLU X 166 -28.23 16.89 -25.60
N LEU X 167 -28.64 15.64 -25.41
CA LEU X 167 -27.68 14.55 -25.38
C LEU X 167 -26.97 14.38 -26.72
N GLN X 168 -27.71 14.49 -27.83
CA GLN X 168 -27.08 14.41 -29.15
C GLN X 168 -26.05 15.52 -29.36
N LYS X 169 -26.35 16.72 -28.87
CA LYS X 169 -25.45 17.85 -29.05
C LYS X 169 -24.25 17.72 -28.11
N ARG X 170 -24.51 17.55 -26.82
CA ARG X 170 -23.54 17.84 -25.80
C ARG X 170 -22.89 16.62 -25.10
N PHE X 171 -23.57 15.48 -25.09
CA PHE X 171 -23.12 14.33 -24.30
C PHE X 171 -22.05 13.51 -25.06
N ILE X 172 -20.99 13.06 -24.40
CA ILE X 172 -19.88 12.40 -25.10
C ILE X 172 -20.20 11.00 -25.66
N LEU X 173 -21.25 10.39 -25.18
CA LEU X 173 -21.59 9.06 -25.60
C LEU X 173 -22.65 9.03 -26.70
N ASN X 174 -22.46 8.10 -27.60
CA ASN X 174 -23.32 7.82 -28.73
C ASN X 174 -24.56 7.04 -28.34
N LEU X 175 -25.61 7.79 -28.05
CA LEU X 175 -26.96 7.28 -27.81
C LEU X 175 -27.97 7.70 -28.89
N PRO X 176 -27.99 7.02 -30.05
CA PRO X 176 -28.83 7.43 -31.20
C PRO X 176 -30.34 7.21 -31.14
N THR X 177 -30.83 6.32 -30.26
CA THR X 177 -32.27 6.00 -30.20
C THR X 177 -32.77 5.76 -28.78
N PHE X 178 -34.06 6.04 -28.57
CA PHE X 178 -34.71 5.94 -27.27
C PHE X 178 -36.09 5.28 -27.27
N SER X 179 -36.33 4.40 -26.28
CA SER X 179 -37.66 3.83 -26.04
C SER X 179 -38.47 4.87 -25.33
N VAL X 180 -39.73 4.98 -25.70
CA VAL X 180 -40.66 5.95 -25.14
C VAL X 180 -41.99 5.23 -24.91
N ARG X 181 -42.51 5.39 -23.69
CA ARG X 181 -43.77 4.83 -23.32
C ARG X 181 -44.50 5.80 -22.42
N ILE X 182 -45.82 5.67 -22.40
CA ILE X 182 -46.63 6.47 -21.50
C ILE X 182 -47.61 5.53 -20.80
N ILE X 183 -47.99 5.92 -19.59
CA ILE X 183 -48.90 5.18 -18.78
C ILE X 183 -49.97 6.13 -18.30
N ASP X 184 -51.22 5.66 -18.35
CA ASP X 184 -52.36 6.42 -17.86
C ASP X 184 -53.48 5.41 -17.47
N LYS X 185 -54.71 5.91 -17.32
CA LYS X 185 -55.85 5.10 -16.93
C LYS X 185 -56.12 3.81 -17.78
N ASN X 186 -55.73 3.84 -19.06
CA ASN X 186 -55.89 2.71 -19.98
C ASN X 186 -54.64 1.85 -20.13
N GLY X 187 -53.65 2.05 -19.26
CA GLY X 187 -52.50 1.18 -19.18
C GLY X 187 -51.21 1.74 -19.76
N ILE X 188 -50.47 0.85 -20.42
CA ILE X 188 -49.14 1.16 -20.91
C ILE X 188 -49.20 1.23 -22.41
N HIS X 189 -48.80 2.37 -22.96
CA HIS X 189 -48.82 2.57 -24.41
C HIS X 189 -47.39 2.79 -24.92
N ASP X 190 -47.04 2.06 -25.98
CA ASP X 190 -45.80 2.26 -26.68
C ASP X 190 -45.93 3.43 -27.66
N LEU X 191 -45.09 4.45 -27.51
CA LEU X 191 -44.96 5.52 -28.51
C LEU X 191 -43.81 5.16 -29.46
N ASP X 192 -43.67 5.91 -30.54
CA ASP X 192 -42.62 5.68 -31.51
C ASP X 192 -41.32 5.94 -30.78
N ASN X 193 -40.29 5.21 -31.16
CA ASN X 193 -38.97 5.54 -30.75
C ASN X 193 -38.62 6.94 -31.29
N ILE X 194 -37.81 7.63 -30.51
CA ILE X 194 -37.21 8.88 -30.94
C ILE X 194 -35.80 8.50 -31.36
N SER X 195 -35.49 8.77 -32.64
CA SER X 195 -34.20 8.40 -33.23
C SER X 195 -33.52 9.61 -33.82
N PHE X 196 -32.20 9.47 -34.03
CA PHE X 196 -31.39 10.52 -34.63
C PHE X 196 -30.53 9.96 -35.78
N THR Y 1 -8.25 -14.90 -28.95
CA THR Y 1 -9.60 -15.45 -29.33
C THR Y 1 -10.41 -14.54 -30.16
N THR Y 2 -10.96 -15.03 -31.29
CA THR Y 2 -12.05 -14.32 -31.96
C THR Y 2 -13.18 -15.31 -32.30
N THR Y 3 -14.39 -14.95 -31.91
CA THR Y 3 -15.55 -15.71 -32.28
C THR Y 3 -16.59 -14.74 -32.82
N LEU Y 4 -17.46 -15.24 -33.69
CA LEU Y 4 -18.57 -14.43 -34.16
C LEU Y 4 -19.77 -15.27 -34.54
N ALA Y 5 -20.95 -14.65 -34.49
CA ALA Y 5 -22.16 -15.30 -34.95
C ALA Y 5 -23.11 -14.27 -35.50
N PHE Y 6 -23.95 -14.70 -36.44
CA PHE Y 6 -25.04 -13.85 -36.90
C PHE Y 6 -26.23 -14.59 -37.40
N LYS Y 7 -27.42 -14.02 -37.15
CA LYS Y 7 -28.69 -14.47 -37.73
C LYS Y 7 -28.88 -13.89 -39.11
N PHE Y 8 -29.53 -14.67 -39.96
CA PHE Y 8 -29.88 -14.21 -41.31
C PHE Y 8 -30.97 -15.12 -41.86
N ARG Y 9 -31.42 -14.85 -43.07
CA ARG Y 9 -32.64 -15.51 -43.59
C ARG Y 9 -32.56 -17.04 -43.54
N HIS Y 10 -31.38 -17.60 -43.73
CA HIS Y 10 -31.13 -19.02 -43.74
C HIS Y 10 -30.55 -19.63 -42.46
N GLY Y 11 -30.65 -18.93 -41.31
CA GLY Y 11 -30.27 -19.49 -40.02
C GLY Y 11 -29.22 -18.68 -39.27
N VAL Y 12 -28.27 -19.33 -38.65
CA VAL Y 12 -27.21 -18.60 -37.95
C VAL Y 12 -25.87 -19.17 -38.30
N ILE Y 13 -24.94 -18.25 -38.65
CA ILE Y 13 -23.56 -18.57 -38.90
C ILE Y 13 -22.80 -18.38 -37.62
N VAL Y 14 -21.80 -19.25 -37.44
CA VAL Y 14 -21.02 -19.30 -36.22
C VAL Y 14 -19.61 -19.64 -36.60
N ALA Y 15 -18.65 -18.81 -36.15
CA ALA Y 15 -17.26 -19.03 -36.50
C ALA Y 15 -16.31 -18.62 -35.39
N ALA Y 16 -15.13 -19.22 -35.45
CA ALA Y 16 -14.14 -19.02 -34.45
C ALA Y 16 -12.76 -19.29 -35.03
N ASP Y 17 -11.75 -18.67 -34.39
CA ASP Y 17 -10.36 -19.05 -34.59
C ASP Y 17 -10.07 -20.29 -33.72
N SER Y 18 -8.84 -20.73 -33.67
CA SER Y 18 -8.51 -21.95 -32.95
C SER Y 18 -7.26 -21.85 -32.11
N ARG Y 19 -6.88 -20.64 -31.72
CA ARG Y 19 -5.70 -20.43 -30.90
C ARG Y 19 -6.00 -20.48 -29.43
N ALA Y 20 -5.11 -21.11 -28.67
CA ALA Y 20 -5.05 -20.90 -27.23
C ALA Y 20 -3.68 -20.38 -26.79
N THR Y 21 -3.66 -19.55 -25.76
CA THR Y 21 -2.44 -18.97 -25.23
C THR Y 21 -2.36 -19.14 -23.77
N ALA Y 22 -1.10 -19.19 -23.28
CA ALA Y 22 -0.75 -19.01 -21.88
C ALA Y 22 0.16 -17.78 -21.79
N GLY Y 23 -0.37 -16.65 -21.37
CA GLY Y 23 0.32 -15.39 -21.54
C GLY Y 23 0.53 -15.15 -23.04
N ALA Y 24 1.76 -14.85 -23.43
CA ALA Y 24 2.12 -14.75 -24.85
C ALA Y 24 2.59 -16.08 -25.48
N TYR Y 25 2.71 -17.15 -24.71
CA TYR Y 25 3.05 -18.42 -25.29
C TYR Y 25 1.81 -18.98 -26.07
N ILE Y 26 2.02 -19.46 -27.29
CA ILE Y 26 0.95 -20.14 -28.05
C ILE Y 26 0.90 -21.62 -27.60
N ALA Y 27 -0.15 -21.93 -26.85
CA ALA Y 27 -0.33 -23.30 -26.28
C ALA Y 27 -0.94 -24.26 -27.33
N SER Y 28 -1.80 -23.73 -28.20
CA SER Y 28 -2.41 -24.54 -29.26
C SER Y 28 -2.90 -23.72 -30.42
N GLN Y 29 -2.89 -24.34 -31.62
CA GLN Y 29 -3.52 -23.78 -32.82
C GLN Y 29 -4.70 -24.66 -33.31
N THR Y 30 -5.11 -25.67 -32.52
CA THR Y 30 -6.11 -26.64 -32.96
C THR Y 30 -7.22 -26.79 -31.91
N VAL Y 31 -7.60 -25.70 -31.25
CA VAL Y 31 -8.66 -25.78 -30.27
C VAL Y 31 -10.02 -25.69 -30.97
N LYS Y 32 -10.97 -26.47 -30.49
CA LYS Y 32 -12.37 -26.36 -30.88
C LYS Y 32 -13.12 -25.39 -29.99
N LYS Y 33 -13.38 -24.19 -30.47
CA LYS Y 33 -14.11 -23.22 -29.66
C LYS Y 33 -15.64 -23.19 -29.83
N VAL Y 34 -16.17 -24.04 -30.66
CA VAL Y 34 -17.62 -24.16 -30.83
C VAL Y 34 -18.01 -25.51 -30.29
N ILE Y 35 -18.86 -25.48 -29.26
CA ILE Y 35 -19.32 -26.64 -28.58
C ILE Y 35 -20.74 -26.99 -29.01
N GLU Y 36 -20.90 -28.27 -29.25
CA GLU Y 36 -22.16 -28.87 -29.67
C GLU Y 36 -22.95 -29.20 -28.40
N ILE Y 37 -23.90 -28.33 -28.05
CA ILE Y 37 -24.77 -28.48 -26.86
C ILE Y 37 -25.80 -29.56 -27.11
N ASN Y 38 -26.50 -29.46 -28.24
CA ASN Y 38 -27.25 -30.55 -28.83
C ASN Y 38 -27.26 -30.41 -30.38
N PRO Y 39 -27.96 -31.29 -31.12
CA PRO Y 39 -27.92 -31.17 -32.58
C PRO Y 39 -28.52 -29.91 -33.20
N TYR Y 40 -29.18 -29.05 -32.42
CA TYR Y 40 -29.70 -27.77 -32.90
C TYR Y 40 -29.24 -26.51 -32.10
N LEU Y 41 -28.17 -26.67 -31.30
CA LEU Y 41 -27.73 -25.66 -30.36
C LEU Y 41 -26.21 -25.69 -30.22
N LEU Y 42 -25.60 -24.54 -30.43
CA LEU Y 42 -24.16 -24.40 -30.31
C LEU Y 42 -23.84 -23.34 -29.29
N GLY Y 43 -22.69 -23.53 -28.63
CA GLY Y 43 -22.10 -22.54 -27.74
C GLY Y 43 -20.71 -22.22 -28.20
N THR Y 44 -20.32 -20.95 -28.16
CA THR Y 44 -18.94 -20.52 -28.50
C THR Y 44 -18.17 -20.08 -27.22
N MET Y 45 -16.85 -20.18 -27.29
CA MET Y 45 -15.96 -20.01 -26.14
C MET Y 45 -14.92 -18.90 -26.39
N ALA Y 46 -14.92 -17.93 -25.48
CA ALA Y 46 -13.89 -16.92 -25.44
C ALA Y 46 -13.62 -16.60 -23.98
N GLY Y 47 -12.35 -16.43 -23.63
CA GLY Y 47 -11.91 -16.02 -22.28
C GLY Y 47 -11.10 -17.11 -21.65
N GLY Y 48 -11.35 -17.41 -20.38
CA GLY Y 48 -10.64 -18.47 -19.67
C GLY Y 48 -11.03 -19.81 -20.25
N ALA Y 49 -10.04 -20.58 -20.69
CA ALA Y 49 -10.27 -21.82 -21.41
C ALA Y 49 -11.03 -22.84 -20.57
N ALA Y 50 -10.57 -23.06 -19.36
CA ALA Y 50 -11.18 -24.05 -18.49
C ALA Y 50 -12.56 -23.58 -18.13
N ASP Y 51 -12.73 -22.30 -17.81
CA ASP Y 51 -14.01 -21.74 -17.45
C ASP Y 51 -15.03 -21.95 -18.59
N CYS Y 52 -14.68 -21.54 -19.81
CA CYS Y 52 -15.58 -21.77 -20.94
C CYS Y 52 -15.97 -23.26 -21.15
N SER Y 53 -14.98 -24.12 -21.22
CA SER Y 53 -15.22 -25.56 -21.41
C SER Y 53 -16.10 -26.17 -20.33
N PHE Y 54 -15.81 -25.86 -19.07
CA PHE Y 54 -16.54 -26.45 -17.97
C PHE Y 54 -18.00 -26.01 -17.97
N TRP Y 55 -18.23 -24.71 -18.07
CA TRP Y 55 -19.57 -24.17 -17.93
C TRP Y 55 -20.47 -24.50 -19.15
N GLU Y 56 -19.89 -24.60 -20.34
CA GLU Y 56 -20.66 -24.99 -21.47
C GLU Y 56 -20.96 -26.49 -21.47
N ARG Y 57 -20.03 -27.28 -20.99
CA ARG Y 57 -20.29 -28.71 -20.82
C ARG Y 57 -21.40 -28.92 -19.80
N LEU Y 58 -21.41 -28.09 -18.77
CA LEU Y 58 -22.43 -28.14 -17.75
C LEU Y 58 -23.81 -27.71 -18.25
N LEU Y 59 -23.81 -26.69 -19.07
CA LEU Y 59 -24.98 -26.23 -19.76
C LEU Y 59 -25.61 -27.37 -20.57
N ALA Y 60 -24.75 -28.10 -21.28
CA ALA Y 60 -25.14 -29.22 -22.08
C ALA Y 60 -25.79 -30.34 -21.28
N ARG Y 61 -25.24 -30.66 -20.09
CA ARG Y 61 -25.87 -31.56 -19.15
C ARG Y 61 -27.28 -31.10 -18.76
N GLN Y 62 -27.41 -29.83 -18.43
CA GLN Y 62 -28.64 -29.27 -17.95
C GLN Y 62 -29.73 -29.21 -19.04
N CYS Y 63 -29.33 -28.89 -20.27
CA CYS Y 63 -30.25 -28.92 -21.40
C CYS Y 63 -30.75 -30.33 -21.70
N ARG Y 64 -29.86 -31.31 -21.60
CA ARG Y 64 -30.23 -32.70 -21.82
C ARG Y 64 -31.21 -33.18 -20.77
N ILE Y 65 -30.91 -32.88 -19.51
CA ILE Y 65 -31.87 -33.18 -18.42
C ILE Y 65 -33.24 -32.52 -18.66
N TYR Y 66 -33.21 -31.25 -19.04
CA TYR Y 66 -34.42 -30.51 -19.32
C TYR Y 66 -35.29 -31.23 -20.36
N GLU Y 67 -34.64 -31.66 -21.44
CA GLU Y 67 -35.27 -32.37 -22.54
C GLU Y 67 -35.93 -33.68 -22.11
N LEU Y 68 -35.21 -34.51 -21.35
CA LEU Y 68 -35.71 -35.73 -20.80
C LEU Y 68 -36.88 -35.51 -19.87
N ARG Y 69 -36.83 -34.47 -19.05
CA ARG Y 69 -37.95 -34.21 -18.10
C ARG Y 69 -39.22 -33.68 -18.79
N ASN Y 70 -39.05 -32.80 -19.78
CA ASN Y 70 -40.14 -32.04 -20.35
C ASN Y 70 -40.60 -32.60 -21.68
N LYS Y 71 -39.87 -33.54 -22.25
CA LYS Y 71 -40.23 -34.20 -23.51
C LYS Y 71 -40.23 -33.26 -24.69
N GLU Y 72 -39.34 -32.27 -24.66
CA GLU Y 72 -39.14 -31.35 -25.78
C GLU Y 72 -37.81 -30.67 -25.74
N ARG Y 73 -37.33 -30.24 -26.91
CA ARG Y 73 -36.11 -29.42 -27.12
C ARG Y 73 -36.19 -28.15 -26.26
N ILE Y 74 -35.10 -27.84 -25.55
CA ILE Y 74 -35.01 -26.52 -24.87
C ILE Y 74 -34.91 -25.39 -25.91
N SER Y 75 -35.60 -24.28 -25.64
CA SER Y 75 -35.45 -23.08 -26.42
C SER Y 75 -34.09 -22.43 -26.25
N VAL Y 76 -33.73 -21.60 -27.21
CA VAL Y 76 -32.50 -20.85 -27.17
C VAL Y 76 -32.54 -19.88 -26.00
N ALA Y 77 -33.66 -19.19 -25.82
CA ALA Y 77 -33.88 -18.31 -24.69
C ALA Y 77 -33.62 -18.97 -23.34
N ALA Y 78 -34.25 -20.11 -23.15
CA ALA Y 78 -34.11 -20.86 -21.91
C ALA Y 78 -32.74 -21.42 -21.64
N ALA Y 79 -32.06 -21.91 -22.68
CA ALA Y 79 -30.72 -22.42 -22.55
C ALA Y 79 -29.73 -21.30 -22.13
N SER Y 80 -29.85 -20.15 -22.81
CA SER Y 80 -29.00 -19.01 -22.53
C SER Y 80 -29.29 -18.48 -21.13
N LYS Y 81 -30.55 -18.55 -20.74
CA LYS Y 81 -30.90 -18.14 -19.42
C LYS Y 81 -30.34 -19.08 -18.34
N LEU Y 82 -30.30 -20.38 -18.59
CA LEU Y 82 -29.75 -21.30 -17.61
C LEU Y 82 -28.29 -20.95 -17.38
N LEU Y 83 -27.55 -20.75 -18.47
CA LEU Y 83 -26.16 -20.43 -18.38
C LEU Y 83 -25.91 -19.11 -17.58
N ALA Y 84 -26.69 -18.07 -17.89
CA ALA Y 84 -26.62 -16.79 -17.21
C ALA Y 84 -26.88 -16.91 -15.72
N ASN Y 85 -27.91 -17.65 -15.33
CA ASN Y 85 -28.18 -17.83 -13.91
C ASN Y 85 -27.10 -18.63 -13.17
N MET Y 86 -26.50 -19.60 -13.84
CA MET Y 86 -25.42 -20.37 -13.28
C MET Y 86 -24.18 -19.51 -13.01
N VAL Y 87 -23.76 -18.69 -13.99
CA VAL Y 87 -22.54 -17.90 -13.79
C VAL Y 87 -22.76 -16.68 -12.90
N TYR Y 88 -24.01 -16.21 -12.84
CA TYR Y 88 -24.32 -15.04 -12.00
C TYR Y 88 -23.86 -15.18 -10.55
N GLN Y 89 -23.98 -16.37 -10.00
CA GLN Y 89 -23.63 -16.60 -8.61
C GLN Y 89 -22.19 -16.44 -8.31
N TYR Y 90 -21.37 -16.64 -9.33
CA TYR Y 90 -19.93 -16.55 -9.25
C TYR Y 90 -19.42 -15.17 -9.60
N LYS Y 91 -20.27 -14.17 -9.77
CA LYS Y 91 -19.73 -12.83 -10.13
C LYS Y 91 -18.75 -12.33 -9.08
N GLY Y 92 -17.62 -11.81 -9.56
CA GLY Y 92 -16.61 -11.23 -8.68
C GLY Y 92 -15.57 -12.22 -8.17
N MET Y 93 -15.63 -13.47 -8.63
CA MET Y 93 -14.71 -14.52 -8.24
C MET Y 93 -13.68 -14.83 -9.34
N GLY Y 94 -13.79 -14.14 -10.45
CA GLY Y 94 -12.75 -14.15 -11.48
C GLY Y 94 -12.97 -15.10 -12.61
N LEU Y 95 -14.20 -15.60 -12.78
CA LEU Y 95 -14.53 -16.37 -13.99
C LEU Y 95 -14.44 -15.43 -15.14
N SER Y 96 -13.91 -15.93 -16.24
CA SER Y 96 -13.80 -15.14 -17.42
C SER Y 96 -14.40 -15.92 -18.58
N MET Y 97 -15.54 -15.45 -19.09
CA MET Y 97 -16.30 -16.20 -20.08
CA MET Y 97 -16.31 -16.19 -20.07
C MET Y 97 -17.16 -15.27 -20.90
N GLY Y 98 -17.06 -15.42 -22.21
CA GLY Y 98 -17.88 -14.67 -23.17
C GLY Y 98 -18.36 -15.71 -24.19
N THR Y 99 -19.66 -15.97 -24.22
CA THR Y 99 -20.21 -16.98 -25.11
C THR Y 99 -21.40 -16.52 -25.96
N MET Y 100 -21.57 -17.15 -27.10
CA MET Y 100 -22.77 -17.00 -27.87
C MET Y 100 -23.48 -18.34 -27.88
N ILE Y 101 -24.75 -18.31 -27.51
CA ILE Y 101 -25.62 -19.47 -27.63
C ILE Y 101 -26.42 -19.27 -28.94
N CYS Y 102 -26.27 -20.23 -29.85
CA CYS Y 102 -26.77 -20.15 -31.22
C CYS Y 102 -27.63 -21.37 -31.56
N GLY Y 103 -28.89 -21.10 -31.92
CA GLY Y 103 -29.82 -22.17 -32.22
C GLY Y 103 -30.94 -21.78 -33.20
N TRP Y 104 -31.86 -22.72 -33.37
CA TRP Y 104 -33.09 -22.54 -34.12
C TRP Y 104 -34.15 -23.27 -33.32
N ASP Y 105 -35.15 -22.53 -32.83
CA ASP Y 105 -36.23 -23.11 -32.06
C ASP Y 105 -37.59 -22.64 -32.61
N LYS Y 106 -38.67 -22.73 -31.83
CA LYS Y 106 -40.01 -22.44 -32.37
C LYS Y 106 -40.14 -20.97 -32.78
N ARG Y 107 -39.31 -20.08 -32.23
CA ARG Y 107 -39.33 -18.66 -32.63
C ARG Y 107 -38.41 -18.37 -33.83
N GLY Y 108 -37.77 -19.41 -34.36
CA GLY Y 108 -36.84 -19.25 -35.46
C GLY Y 108 -35.40 -19.18 -35.03
N PRO Y 109 -34.57 -18.53 -35.85
CA PRO Y 109 -33.14 -18.52 -35.56
C PRO Y 109 -32.90 -17.74 -34.28
N GLY Y 110 -32.03 -18.24 -33.39
CA GLY Y 110 -31.79 -17.61 -32.10
C GLY Y 110 -30.32 -17.38 -31.84
N LEU Y 111 -30.03 -16.24 -31.22
CA LEU Y 111 -28.65 -15.85 -30.93
C LEU Y 111 -28.60 -14.98 -29.68
N TYR Y 112 -27.90 -15.45 -28.66
CA TYR Y 112 -27.73 -14.71 -27.41
C TYR Y 112 -26.25 -14.63 -27.03
N TYR Y 113 -25.83 -13.46 -26.53
CA TYR Y 113 -24.54 -13.28 -25.94
C TYR Y 113 -24.72 -13.38 -24.43
N VAL Y 114 -23.86 -14.14 -23.78
CA VAL Y 114 -23.90 -14.37 -22.33
C VAL Y 114 -22.46 -14.34 -21.81
N ASP Y 115 -22.20 -13.61 -20.74
CA ASP Y 115 -20.87 -13.58 -20.16
C ASP Y 115 -20.82 -13.70 -18.66
N SER Y 116 -19.59 -13.80 -18.15
CA SER Y 116 -19.31 -13.91 -16.72
C SER Y 116 -19.57 -12.65 -15.96
N GLU Y 117 -19.70 -11.50 -16.62
CA GLU Y 117 -20.09 -10.25 -15.96
C GLU Y 117 -21.56 -10.19 -15.68
N GLY Y 118 -22.31 -11.11 -16.27
CA GLY Y 118 -23.74 -11.22 -16.03
C GLY Y 118 -24.65 -10.76 -17.16
N ASN Y 119 -24.06 -10.36 -18.30
CA ASN Y 119 -24.82 -9.96 -19.45
C ASN Y 119 -25.54 -11.16 -20.10
N ARG Y 120 -26.78 -10.93 -20.50
CA ARG Y 120 -27.50 -11.83 -21.40
C ARG Y 120 -28.40 -11.01 -22.36
N ILE Y 121 -28.10 -11.06 -23.65
CA ILE Y 121 -28.79 -10.24 -24.61
C ILE Y 121 -28.92 -10.94 -25.92
N SER Y 122 -30.10 -10.78 -26.52
CA SER Y 122 -30.37 -11.32 -27.84
C SER Y 122 -29.84 -10.34 -28.88
N GLY Y 123 -29.49 -10.80 -30.07
CA GLY Y 123 -29.15 -9.83 -31.14
C GLY Y 123 -28.90 -10.48 -32.47
N ALA Y 124 -28.81 -9.68 -33.51
CA ALA Y 124 -28.65 -10.18 -34.86
C ALA Y 124 -27.23 -10.63 -35.14
N THR Y 125 -26.24 -9.92 -34.59
CA THR Y 125 -24.84 -10.19 -34.83
C THR Y 125 -24.05 -9.93 -33.53
N PHE Y 126 -23.00 -10.72 -33.29
CA PHE Y 126 -22.08 -10.50 -32.20
C PHE Y 126 -20.69 -10.94 -32.57
N SER Y 127 -19.70 -10.37 -31.93
CA SER Y 127 -18.36 -10.93 -31.95
C SER Y 127 -17.83 -10.80 -30.53
N VAL Y 128 -17.04 -11.78 -30.13
CA VAL Y 128 -16.56 -11.92 -28.74
C VAL Y 128 -15.11 -12.35 -28.76
N GLY Y 129 -14.30 -11.77 -27.86
CA GLY Y 129 -12.91 -12.18 -27.71
C GLY Y 129 -11.98 -10.97 -27.94
N SER Y 130 -10.70 -11.21 -27.72
CA SER Y 130 -9.64 -10.18 -27.90
C SER Y 130 -9.63 -9.65 -29.33
N GLY Y 131 -9.88 -10.52 -30.31
CA GLY Y 131 -10.08 -10.07 -31.70
C GLY Y 131 -11.42 -9.47 -32.14
N SER Y 132 -12.40 -9.40 -31.24
CA SER Y 132 -13.74 -9.00 -31.64
C SER Y 132 -13.84 -7.65 -32.36
N VAL Y 133 -13.12 -6.64 -31.89
CA VAL Y 133 -13.14 -5.34 -32.52
C VAL Y 133 -12.81 -5.38 -34.04
N TYR Y 134 -11.90 -6.27 -34.43
CA TYR Y 134 -11.45 -6.41 -35.78
C TYR Y 134 -12.52 -7.14 -36.63
N ALA Y 135 -13.13 -8.18 -36.03
CA ALA Y 135 -14.21 -8.91 -36.68
C ALA Y 135 -15.45 -8.05 -36.87
N TYR Y 136 -15.80 -7.24 -35.89
CA TYR Y 136 -16.96 -6.37 -36.03
C TYR Y 136 -16.81 -5.44 -37.23
N GLY Y 137 -15.62 -4.89 -37.44
CA GLY Y 137 -15.37 -4.00 -38.58
C GLY Y 137 -15.74 -4.66 -39.91
N VAL Y 138 -15.22 -5.87 -40.16
CA VAL Y 138 -15.47 -6.48 -41.44
C VAL Y 138 -16.87 -7.05 -41.52
N MET Y 139 -17.33 -7.67 -40.43
CA MET Y 139 -18.66 -8.22 -40.40
C MET Y 139 -19.69 -7.16 -40.60
N ASP Y 140 -19.59 -6.06 -39.88
CA ASP Y 140 -20.56 -5.00 -40.01
C ASP Y 140 -20.64 -4.45 -41.42
N ARG Y 141 -19.50 -4.33 -42.12
CA ARG Y 141 -19.54 -3.70 -43.45
CA ARG Y 141 -19.51 -3.71 -43.45
C ARG Y 141 -20.06 -4.65 -44.53
N GLY Y 142 -20.09 -5.95 -44.25
CA GLY Y 142 -20.61 -6.97 -45.18
C GLY Y 142 -21.95 -7.59 -44.85
N TYR Y 143 -22.49 -7.33 -43.64
CA TYR Y 143 -23.64 -8.06 -43.16
C TYR Y 143 -24.95 -7.58 -43.80
N SER Y 144 -25.82 -8.54 -44.08
CA SER Y 144 -27.22 -8.27 -44.40
C SER Y 144 -28.01 -9.48 -44.02
N TYR Y 145 -29.24 -9.25 -43.54
CA TYR Y 145 -30.22 -10.33 -43.29
C TYR Y 145 -30.43 -11.17 -44.57
N ASP Y 146 -30.38 -10.52 -45.73
CA ASP Y 146 -30.69 -11.18 -47.02
C ASP Y 146 -29.50 -11.72 -47.77
N LEU Y 147 -28.39 -11.93 -47.06
CA LEU Y 147 -27.23 -12.61 -47.61
C LEU Y 147 -27.58 -14.00 -48.08
N GLU Y 148 -27.04 -14.39 -49.23
CA GLU Y 148 -27.07 -15.78 -49.69
C GLU Y 148 -26.15 -16.66 -48.82
N VAL Y 149 -26.40 -17.97 -48.78
CA VAL Y 149 -25.64 -18.86 -47.94
C VAL Y 149 -24.13 -18.75 -48.15
N GLU Y 150 -23.65 -18.89 -49.38
CA GLU Y 150 -22.22 -18.94 -49.64
C GLU Y 150 -21.57 -17.60 -49.29
N GLN Y 151 -22.35 -16.53 -49.44
CA GLN Y 151 -21.91 -15.19 -49.08
C GLN Y 151 -21.74 -15.00 -47.59
N ALA Y 152 -22.68 -15.53 -46.83
CA ALA Y 152 -22.63 -15.49 -45.39
C ALA Y 152 -21.44 -16.26 -44.89
N TYR Y 153 -21.17 -17.42 -45.48
CA TYR Y 153 -19.95 -18.19 -45.12
C TYR Y 153 -18.69 -17.35 -45.39
N ASP Y 154 -18.58 -16.76 -46.56
CA ASP Y 154 -17.42 -15.95 -46.94
C ASP Y 154 -17.15 -14.79 -46.00
N LEU Y 155 -18.20 -14.11 -45.61
CA LEU Y 155 -18.14 -13.03 -44.68
C LEU Y 155 -17.64 -13.46 -43.29
N ALA Y 156 -18.18 -14.57 -42.77
CA ALA Y 156 -17.75 -15.08 -41.47
C ALA Y 156 -16.28 -15.46 -41.50
N ARG Y 157 -15.90 -16.19 -42.53
CA ARG Y 157 -14.54 -16.67 -42.68
C ARG Y 157 -13.55 -15.47 -42.83
N ARG Y 158 -13.93 -14.47 -43.60
CA ARG Y 158 -13.10 -13.33 -43.86
C ARG Y 158 -12.94 -12.45 -42.62
N ALA Y 159 -14.02 -12.27 -41.86
CA ALA Y 159 -13.99 -11.51 -40.62
C ALA Y 159 -13.09 -12.12 -39.55
N ILE Y 160 -13.18 -13.43 -39.38
CA ILE Y 160 -12.30 -14.10 -38.42
C ILE Y 160 -10.89 -13.98 -38.93
N TYR Y 161 -10.70 -14.13 -40.24
CA TYR Y 161 -9.38 -14.07 -40.84
C TYR Y 161 -8.69 -12.74 -40.53
N GLN Y 162 -9.44 -11.66 -40.71
CA GLN Y 162 -8.91 -10.32 -40.51
C GLN Y 162 -8.57 -10.08 -39.04
N ALA Y 163 -9.38 -10.61 -38.14
CA ALA Y 163 -9.07 -10.60 -36.70
C ALA Y 163 -7.77 -11.32 -36.40
N THR Y 164 -7.54 -12.50 -36.96
CA THR Y 164 -6.27 -13.21 -36.69
C THR Y 164 -5.03 -12.40 -37.21
N TYR Y 165 -5.25 -11.57 -38.23
CA TYR Y 165 -4.19 -10.78 -38.79
C TYR Y 165 -3.70 -9.65 -37.86
N ARG Y 166 -4.63 -8.91 -37.30
CA ARG Y 166 -4.30 -7.81 -36.39
C ARG Y 166 -4.04 -8.22 -34.92
N ASP Y 167 -4.83 -9.14 -34.41
CA ASP Y 167 -4.78 -9.56 -32.99
C ASP Y 167 -3.78 -10.70 -32.77
N ALA Y 168 -2.70 -10.38 -32.04
CA ALA Y 168 -1.72 -11.39 -31.62
C ALA Y 168 -2.33 -12.65 -31.00
N TYR Y 169 -3.42 -12.49 -30.26
CA TYR Y 169 -3.98 -13.59 -29.48
C TYR Y 169 -5.06 -14.35 -30.26
N SER Y 170 -5.17 -14.14 -31.58
CA SER Y 170 -6.07 -14.94 -32.39
C SER Y 170 -5.30 -15.57 -33.56
N GLY Y 171 -5.67 -16.81 -33.90
CA GLY Y 171 -5.02 -17.50 -35.00
C GLY Y 171 -5.44 -18.93 -35.22
N GLY Y 172 -4.61 -19.60 -36.00
CA GLY Y 172 -4.72 -21.00 -36.27
C GLY Y 172 -5.54 -21.26 -37.52
N ALA Y 173 -6.81 -21.60 -37.31
CA ALA Y 173 -7.68 -21.92 -38.42
C ALA Y 173 -9.02 -21.28 -38.15
N VAL Y 174 -9.79 -21.05 -39.21
CA VAL Y 174 -11.14 -20.59 -39.05
C VAL Y 174 -12.11 -21.80 -39.17
N ASN Y 175 -12.87 -22.04 -38.13
CA ASN Y 175 -13.83 -23.11 -38.04
C ASN Y 175 -15.20 -22.48 -38.15
N LEU Y 176 -15.98 -22.97 -39.10
CA LEU Y 176 -17.26 -22.39 -39.45
C LEU Y 176 -18.41 -23.42 -39.34
N TYR Y 177 -19.53 -22.96 -38.78
CA TYR Y 177 -20.72 -23.74 -38.57
C TYR Y 177 -21.97 -22.98 -39.07
N HIS Y 178 -23.00 -23.74 -39.42
CA HIS Y 178 -24.25 -23.16 -39.87
C HIS Y 178 -25.38 -23.87 -39.14
N VAL Y 179 -26.14 -23.11 -38.36
CA VAL Y 179 -27.34 -23.62 -37.73
C VAL Y 179 -28.51 -23.41 -38.68
N ARG Y 180 -29.04 -24.53 -39.19
CA ARG Y 180 -30.26 -24.58 -40.03
C ARG Y 180 -31.42 -25.14 -39.20
N GLU Y 181 -32.62 -25.05 -39.73
CA GLU Y 181 -33.84 -25.47 -39.00
C GLU Y 181 -33.91 -26.95 -38.61
N ASP Y 182 -33.20 -27.82 -39.32
CA ASP Y 182 -33.11 -29.25 -38.97
C ASP Y 182 -31.77 -29.65 -38.30
N GLY Y 183 -31.03 -28.67 -37.78
CA GLY Y 183 -29.76 -28.93 -37.14
C GLY Y 183 -28.59 -28.11 -37.66
N TRP Y 184 -27.51 -28.07 -36.87
CA TRP Y 184 -26.31 -27.43 -37.29
C TRP Y 184 -25.53 -28.40 -38.12
N ILE Y 185 -24.71 -27.79 -39.00
CA ILE Y 185 -23.67 -28.50 -39.74
C ILE Y 185 -22.34 -27.79 -39.58
N ARG Y 186 -21.30 -28.60 -39.61
CA ARG Y 186 -19.92 -28.17 -39.73
CA ARG Y 186 -19.92 -28.10 -39.72
C ARG Y 186 -19.71 -27.79 -41.20
N VAL Y 187 -19.35 -26.55 -41.49
CA VAL Y 187 -19.18 -26.10 -42.89
C VAL Y 187 -17.76 -26.22 -43.39
N SER Y 188 -16.79 -25.76 -42.62
CA SER Y 188 -15.38 -25.79 -43.08
C SER Y 188 -14.43 -25.49 -41.95
N SER Y 189 -13.22 -26.01 -42.12
CA SER Y 189 -12.07 -25.68 -41.26
C SER Y 189 -10.90 -25.29 -42.18
N ASP Y 190 -10.53 -24.00 -42.19
CA ASP Y 190 -9.45 -23.51 -43.08
C ASP Y 190 -8.29 -22.84 -42.32
N ASN Y 191 -7.09 -23.38 -42.50
CA ASN Y 191 -5.93 -22.76 -41.97
C ASN Y 191 -5.81 -21.33 -42.48
N VAL Y 192 -5.54 -20.43 -41.55
CA VAL Y 192 -5.35 -19.00 -41.86
C VAL Y 192 -4.21 -18.81 -42.87
N ALA Y 193 -3.16 -19.63 -42.79
CA ALA Y 193 -2.08 -19.63 -43.79
C ALA Y 193 -2.58 -19.90 -45.24
N ASP Y 194 -3.49 -20.85 -45.40
CA ASP Y 194 -4.13 -21.09 -46.70
C ASP Y 194 -5.07 -19.95 -47.10
N LEU Y 195 -5.81 -19.37 -46.14
CA LEU Y 195 -6.69 -18.22 -46.45
C LEU Y 195 -5.93 -16.97 -46.88
N HIS Y 196 -4.74 -16.79 -46.31
CA HIS Y 196 -3.87 -15.65 -46.68
C HIS Y 196 -3.50 -15.70 -48.15
N GLU Y 197 -3.06 -16.88 -48.59
CA GLU Y 197 -2.68 -17.18 -49.94
C GLU Y 197 -3.83 -16.85 -50.93
N LYS Y 198 -5.04 -17.13 -50.50
CA LYS Y 198 -6.24 -16.87 -51.26
C LYS Y 198 -6.66 -15.39 -51.29
N TYR Y 199 -6.76 -14.70 -50.17
CA TYR Y 199 -7.40 -13.34 -50.15
C TYR Y 199 -6.51 -12.18 -50.70
N ARG Z 1 3.44 -13.05 4.66
CA ARG Z 1 2.29 -13.87 4.18
C ARG Z 1 2.87 -15.22 3.69
N PHE Z 2 2.52 -16.28 4.42
CA PHE Z 2 2.65 -17.65 3.99
C PHE Z 2 2.19 -17.81 2.53
N SER Z 3 3.03 -18.34 1.64
CA SER Z 3 2.57 -18.86 0.31
C SER Z 3 2.41 -20.39 0.35
N PRO Z 4 1.24 -20.87 -0.10
CA PRO Z 4 0.98 -22.34 -0.15
C PRO Z 4 1.58 -23.03 -1.37
N TYR Z 5 2.37 -22.33 -2.20
CA TYR Z 5 2.99 -22.90 -3.39
C TYR Z 5 4.48 -22.65 -3.42
N VAL Z 6 5.19 -23.52 -4.10
CA VAL Z 6 6.58 -23.34 -4.47
C VAL Z 6 6.75 -24.04 -5.83
N PHE Z 7 7.71 -23.58 -6.65
CA PHE Z 7 8.00 -24.21 -7.92
C PHE Z 7 9.13 -25.26 -7.78
N ASN Z 8 8.86 -26.52 -8.14
CA ASN Z 8 9.83 -27.56 -8.01
C ASN Z 8 10.40 -28.10 -9.30
N GLY Z 9 10.00 -27.51 -10.42
CA GLY Z 9 10.66 -27.77 -11.68
C GLY Z 9 10.08 -28.97 -12.37
N GLY Z 10 10.74 -29.42 -13.40
CA GLY Z 10 10.25 -30.61 -14.09
C GLY Z 10 9.70 -30.35 -15.48
N THR Z 11 10.17 -31.16 -16.41
CA THR Z 11 9.79 -31.10 -17.79
C THR Z 11 9.23 -32.46 -18.20
N ILE Z 12 8.08 -32.39 -18.89
CA ILE Z 12 7.32 -33.58 -19.31
C ILE Z 12 6.97 -33.52 -20.79
N LEU Z 13 6.77 -34.69 -21.36
CA LEU Z 13 6.57 -34.85 -22.79
C LEU Z 13 5.74 -36.11 -23.07
N ALA Z 14 4.82 -36.04 -24.03
CA ALA Z 14 4.19 -37.27 -24.57
C ALA Z 14 3.99 -37.21 -26.07
N ILE Z 15 4.13 -38.38 -26.70
CA ILE Z 15 3.97 -38.53 -28.14
C ILE Z 15 3.07 -39.73 -28.42
N ALA Z 16 2.08 -39.52 -29.29
CA ALA Z 16 1.20 -40.56 -29.78
C ALA Z 16 1.67 -41.09 -31.12
N GLY Z 17 1.85 -42.41 -31.20
CA GLY Z 17 2.10 -43.12 -32.44
C GLY Z 17 0.84 -43.85 -32.91
N GLU Z 18 0.99 -44.63 -33.97
CA GLU Z 18 -0.09 -45.35 -34.53
C GLU Z 18 -0.48 -46.52 -33.60
N ASP Z 19 0.50 -47.17 -32.96
CA ASP Z 19 0.25 -48.24 -32.00
C ASP Z 19 1.08 -48.09 -30.71
N PHE Z 20 1.45 -46.87 -30.34
CA PHE Z 20 2.23 -46.66 -29.12
C PHE Z 20 1.97 -45.31 -28.60
N ALA Z 21 2.34 -45.13 -27.33
CA ALA Z 21 2.48 -43.80 -26.73
C ALA Z 21 3.76 -43.73 -25.86
N ILE Z 22 4.45 -42.59 -25.92
CA ILE Z 22 5.63 -42.33 -25.08
C ILE Z 22 5.27 -41.26 -24.07
N VAL Z 23 5.60 -41.48 -22.80
CA VAL Z 23 5.55 -40.42 -21.82
C VAL Z 23 6.95 -40.32 -21.21
N ALA Z 24 7.46 -39.09 -21.19
CA ALA Z 24 8.83 -38.87 -20.79
C ALA Z 24 8.92 -37.67 -19.84
N SER Z 25 9.93 -37.74 -18.95
CA SER Z 25 10.21 -36.63 -18.03
C SER Z 25 11.62 -36.66 -17.51
N ASP Z 26 12.13 -35.51 -17.04
CA ASP Z 26 13.46 -35.47 -16.41
C ASP Z 26 13.28 -35.88 -14.94
N THR Z 27 14.36 -36.14 -14.22
CA THR Z 27 14.27 -36.65 -12.85
C THR Z 27 14.69 -35.68 -11.75
N ARG Z 28 14.88 -34.40 -12.08
CA ARG Z 28 15.32 -33.43 -11.08
C ARG Z 28 14.14 -32.81 -10.35
N LEU Z 29 14.24 -32.76 -9.02
CA LEU Z 29 13.33 -32.00 -8.18
C LEU Z 29 14.14 -30.85 -7.52
N SER Z 30 13.69 -29.64 -7.74
CA SER Z 30 14.40 -28.40 -7.41
C SER Z 30 13.59 -27.54 -6.48
N GLU Z 31 14.24 -26.58 -5.86
CA GLU Z 31 13.56 -25.54 -5.11
C GLU Z 31 14.51 -24.39 -4.94
N GLY Z 32 14.07 -23.20 -5.30
CA GLY Z 32 14.93 -22.00 -5.33
C GLY Z 32 16.11 -22.22 -6.26
N PHE Z 33 17.31 -22.16 -5.72
CA PHE Z 33 18.53 -22.47 -6.48
C PHE Z 33 19.15 -23.82 -6.15
N SER Z 34 18.39 -24.69 -5.48
CA SER Z 34 18.91 -25.97 -4.97
C SER Z 34 18.23 -27.16 -5.62
N ILE Z 35 18.85 -28.30 -5.42
CA ILE Z 35 18.36 -29.58 -5.90
C ILE Z 35 18.00 -30.40 -4.66
N HIS Z 36 16.73 -30.76 -4.56
CA HIS Z 36 16.26 -31.68 -3.52
C HIS Z 36 16.76 -33.09 -3.81
N THR Z 37 16.50 -33.57 -5.01
CA THR Z 37 17.01 -34.86 -5.42
C THR Z 37 17.18 -34.91 -6.92
N ARG Z 38 18.10 -35.73 -7.34
CA ARG Z 38 18.33 -36.07 -8.73
C ARG Z 38 17.52 -37.28 -9.25
N ASP Z 39 16.69 -37.91 -8.41
CA ASP Z 39 15.99 -39.16 -8.77
C ASP Z 39 14.50 -39.10 -8.41
N SER Z 40 13.80 -38.20 -9.08
CA SER Z 40 12.41 -37.92 -8.80
C SER Z 40 11.68 -37.80 -10.16
N PRO Z 41 11.27 -38.93 -10.72
CA PRO Z 41 10.50 -38.87 -11.97
C PRO Z 41 9.11 -38.28 -11.79
N LYS Z 42 8.58 -37.84 -12.92
CA LYS Z 42 7.31 -37.16 -12.99
C LYS Z 42 6.23 -37.93 -13.72
N CYS Z 43 6.56 -39.18 -14.06
CA CYS Z 43 5.64 -40.09 -14.74
CA CYS Z 43 5.66 -40.11 -14.75
C CYS Z 43 5.08 -41.07 -13.72
N TYR Z 44 3.78 -41.31 -13.80
CA TYR Z 44 3.05 -42.20 -12.87
C TYR Z 44 2.19 -43.16 -13.70
N LYS Z 45 2.34 -44.45 -13.46
CA LYS Z 45 1.53 -45.47 -14.09
C LYS Z 45 0.13 -45.44 -13.46
N LEU Z 46 -0.92 -45.37 -14.30
CA LEU Z 46 -2.31 -45.33 -13.85
C LEU Z 46 -3.01 -46.65 -14.11
N THR Z 47 -2.92 -47.17 -15.33
CA THR Z 47 -3.41 -48.49 -15.71
C THR Z 47 -2.39 -49.06 -16.66
N ASP Z 48 -2.64 -50.28 -17.10
CA ASP Z 48 -1.79 -50.99 -18.08
C ASP Z 48 -1.63 -50.25 -19.43
N LYS Z 49 -2.54 -49.33 -19.76
CA LYS Z 49 -2.54 -48.58 -21.01
C LYS Z 49 -2.41 -47.08 -20.81
N THR Z 50 -2.27 -46.59 -19.59
CA THR Z 50 -2.25 -45.15 -19.36
C THR Z 50 -1.17 -44.73 -18.36
N VAL Z 51 -0.39 -43.70 -18.74
CA VAL Z 51 0.60 -43.10 -17.88
C VAL Z 51 0.29 -41.61 -17.82
N ILE Z 52 0.51 -40.99 -16.68
CA ILE Z 52 0.41 -39.53 -16.58
C ILE Z 52 1.77 -38.89 -16.23
N GLY Z 53 2.06 -37.72 -16.80
CA GLY Z 53 3.18 -36.89 -16.39
C GLY Z 53 2.69 -35.66 -15.67
N CYS Z 54 3.35 -35.29 -14.56
CA CYS Z 54 2.95 -34.19 -13.70
C CYS Z 54 4.17 -33.40 -13.22
N SER Z 55 4.13 -32.09 -13.43
CA SER Z 55 5.20 -31.22 -12.95
C SER Z 55 4.61 -30.00 -12.38
N GLY Z 56 5.38 -29.34 -11.52
CA GLY Z 56 4.99 -28.05 -11.00
C GLY Z 56 5.28 -28.03 -9.52
N PHE Z 57 4.29 -27.70 -8.70
CA PHE Z 57 4.42 -27.76 -7.29
C PHE Z 57 4.30 -29.22 -6.85
N HIS Z 58 5.38 -29.75 -6.31
CA HIS Z 58 5.43 -31.16 -5.95
C HIS Z 58 4.38 -31.59 -4.92
N GLY Z 59 4.06 -30.76 -3.94
CA GLY Z 59 3.03 -31.07 -2.97
C GLY Z 59 1.70 -31.39 -3.66
N ASP Z 60 1.38 -30.61 -4.70
CA ASP Z 60 0.18 -30.84 -5.51
C ASP Z 60 0.32 -32.02 -6.42
N CYS Z 61 1.48 -32.25 -6.98
CA CYS Z 61 1.70 -33.44 -7.78
C CYS Z 61 1.43 -34.73 -6.99
N LEU Z 62 1.92 -34.79 -5.76
CA LEU Z 62 1.77 -35.94 -4.92
C LEU Z 62 0.29 -36.14 -4.58
N THR Z 63 -0.35 -35.09 -4.12
CA THR Z 63 -1.76 -35.16 -3.76
C THR Z 63 -2.64 -35.55 -4.90
N LEU Z 64 -2.43 -34.95 -6.06
CA LEU Z 64 -3.31 -35.19 -7.21
C LEU Z 64 -3.17 -36.61 -7.72
N THR Z 65 -1.97 -37.12 -7.81
CA THR Z 65 -1.77 -38.48 -8.25
C THR Z 65 -2.41 -39.49 -7.28
N LYS Z 66 -2.36 -39.23 -5.97
CA LYS Z 66 -3.04 -40.10 -4.99
C LYS Z 66 -4.57 -40.05 -5.15
N ILE Z 67 -5.11 -38.87 -5.47
CA ILE Z 67 -6.53 -38.73 -5.75
C ILE Z 67 -6.95 -39.49 -7.00
N ILE Z 68 -6.15 -39.41 -8.04
CA ILE Z 68 -6.42 -40.12 -9.26
C ILE Z 68 -6.42 -41.61 -9.03
N GLU Z 69 -5.41 -42.11 -8.33
CA GLU Z 69 -5.32 -43.53 -8.03
C GLU Z 69 -6.58 -44.01 -7.28
N ALA Z 70 -7.03 -43.24 -6.29
CA ALA Z 70 -8.17 -43.62 -5.51
C ALA Z 70 -9.40 -43.64 -6.41
N ARG Z 71 -9.56 -42.63 -7.24
CA ARG Z 71 -10.70 -42.53 -8.16
C ARG Z 71 -10.78 -43.63 -9.17
N LEU Z 72 -9.65 -44.10 -9.65
CA LEU Z 72 -9.62 -45.24 -10.56
C LEU Z 72 -10.07 -46.53 -9.96
N LYS Z 73 -9.67 -46.82 -8.71
CA LYS Z 73 -10.21 -47.97 -7.98
C LYS Z 73 -11.73 -47.82 -7.74
N MET Z 74 -12.17 -46.63 -7.35
CA MET Z 74 -13.61 -46.41 -7.14
C MET Z 74 -14.37 -46.69 -8.43
N TYR Z 75 -13.85 -46.20 -9.56
CA TYR Z 75 -14.49 -46.42 -10.86
C TYR Z 75 -14.55 -47.91 -11.17
N LYS Z 76 -13.44 -48.61 -10.98
CA LYS Z 76 -13.38 -50.01 -11.25
C LYS Z 76 -14.37 -50.81 -10.40
N HIS Z 77 -14.47 -50.49 -9.11
CA HIS Z 77 -15.45 -51.11 -8.25
C HIS Z 77 -16.91 -50.87 -8.64
N SER Z 78 -17.27 -49.65 -9.02
CA SER Z 78 -18.69 -49.40 -9.33
C SER Z 78 -19.11 -49.76 -10.75
N ASN Z 79 -18.16 -49.86 -11.69
CA ASN Z 79 -18.47 -50.14 -13.12
C ASN Z 79 -17.91 -51.45 -13.66
N ASN Z 80 -17.03 -52.13 -12.93
CA ASN Z 80 -16.47 -53.45 -13.34
C ASN Z 80 -15.59 -53.47 -14.58
N LYS Z 81 -14.84 -52.41 -14.77
CA LYS Z 81 -13.81 -52.34 -15.81
C LYS Z 81 -12.84 -51.23 -15.39
N ALA Z 82 -11.60 -51.30 -15.88
CA ALA Z 82 -10.65 -50.21 -15.75
C ALA Z 82 -11.11 -49.00 -16.60
N MET Z 83 -10.81 -47.79 -16.11
CA MET Z 83 -11.04 -46.57 -16.89
C MET Z 83 -10.17 -46.51 -18.13
N THR Z 84 -10.77 -46.03 -19.20
CA THR Z 84 -10.07 -45.76 -20.42
C THR Z 84 -9.24 -44.49 -20.31
N THR Z 85 -8.29 -44.35 -21.22
CA THR Z 85 -7.41 -43.20 -21.31
C THR Z 85 -8.26 -41.95 -21.43
N GLY Z 86 -9.25 -41.97 -22.33
CA GLY Z 86 -10.15 -40.85 -22.53
C GLY Z 86 -11.02 -40.52 -21.34
N ALA Z 87 -11.52 -41.54 -20.64
CA ALA Z 87 -12.30 -41.31 -19.42
C ALA Z 87 -11.49 -40.71 -18.28
N ILE Z 88 -10.25 -41.17 -18.11
CA ILE Z 88 -9.29 -40.59 -17.18
C ILE Z 88 -9.04 -39.11 -17.50
N ALA Z 89 -8.83 -38.80 -18.75
CA ALA Z 89 -8.60 -37.43 -19.16
C ALA Z 89 -9.77 -36.57 -18.77
N ALA Z 90 -10.99 -37.02 -19.13
CA ALA Z 90 -12.22 -36.30 -18.80
C ALA Z 90 -12.43 -36.13 -17.27
N MET Z 91 -12.17 -37.20 -16.50
CA MET Z 91 -12.27 -37.10 -15.08
C MET Z 91 -11.26 -36.08 -14.52
N LEU Z 92 -10.01 -36.14 -15.01
CA LEU Z 92 -8.98 -35.26 -14.52
C LEU Z 92 -9.35 -33.80 -14.69
N SER Z 93 -10.01 -33.47 -15.80
CA SER Z 93 -10.45 -32.12 -16.06
C SER Z 93 -11.42 -31.62 -14.96
N THR Z 94 -12.34 -32.47 -14.52
CA THR Z 94 -13.23 -32.13 -13.44
C THR Z 94 -12.53 -32.04 -12.08
N ILE Z 95 -11.55 -32.88 -11.82
CA ILE Z 95 -10.82 -32.84 -10.58
C ILE Z 95 -10.03 -31.51 -10.49
N LEU Z 96 -9.39 -31.12 -11.55
CA LEU Z 96 -8.67 -29.86 -11.58
C LEU Z 96 -9.56 -28.66 -11.42
N TYR Z 97 -10.75 -28.70 -12.03
CA TYR Z 97 -11.70 -27.60 -11.96
C TYR Z 97 -12.31 -27.51 -10.56
N SER Z 98 -12.36 -28.62 -9.82
CA SER Z 98 -12.94 -28.56 -8.48
C SER Z 98 -12.11 -27.61 -7.60
N ARG Z 99 -10.84 -27.47 -7.93
CA ARG Z 99 -9.94 -26.48 -7.30
C ARG Z 99 -9.77 -25.15 -8.08
N ARG Z 100 -10.77 -24.79 -8.90
CA ARG Z 100 -10.71 -23.57 -9.68
C ARG Z 100 -10.31 -22.33 -8.87
N PHE Z 101 -10.79 -22.23 -7.65
CA PHE Z 101 -10.50 -21.10 -6.75
C PHE Z 101 -9.33 -21.29 -5.80
N PHE Z 102 -8.60 -22.43 -5.91
CA PHE Z 102 -7.32 -22.69 -5.15
C PHE Z 102 -6.59 -23.79 -5.92
N PRO Z 103 -6.08 -23.45 -7.12
CA PRO Z 103 -5.67 -24.47 -8.04
C PRO Z 103 -4.58 -25.38 -7.60
N TYR Z 104 -4.64 -26.61 -8.10
CA TYR Z 104 -3.47 -27.48 -8.17
C TYR Z 104 -2.43 -26.81 -9.13
N TYR Z 105 -1.21 -26.56 -8.64
CA TYR Z 105 -0.14 -25.98 -9.47
C TYR Z 105 0.62 -27.11 -10.14
N VAL Z 106 -0.03 -27.67 -11.15
CA VAL Z 106 0.42 -28.87 -11.79
C VAL Z 106 0.13 -28.76 -13.31
N TYR Z 107 1.07 -29.15 -14.12
CA TYR Z 107 0.92 -29.28 -15.54
C TYR Z 107 0.92 -30.78 -15.83
N ASN Z 108 -0.15 -31.26 -16.43
CA ASN Z 108 -0.41 -32.69 -16.63
C ASN Z 108 -0.48 -33.02 -18.12
N ILE Z 109 0.18 -34.09 -18.49
CA ILE Z 109 0.04 -34.68 -19.81
C ILE Z 109 -0.22 -36.18 -19.61
N ILE Z 110 -1.30 -36.67 -20.17
CA ILE Z 110 -1.61 -38.11 -20.18
C ILE Z 110 -1.15 -38.71 -21.52
N GLY Z 111 -0.50 -39.88 -21.44
CA GLY Z 111 -0.20 -40.68 -22.61
C GLY Z 111 -0.60 -42.12 -22.42
N GLY Z 112 -1.21 -42.71 -23.45
CA GLY Z 112 -1.66 -44.09 -23.39
C GLY Z 112 -2.27 -44.58 -24.71
N LEU Z 113 -2.93 -45.75 -24.68
CA LEU Z 113 -3.67 -46.25 -25.84
C LEU Z 113 -5.16 -45.98 -25.70
N ASP Z 114 -5.78 -45.62 -26.83
CA ASP Z 114 -7.22 -45.43 -26.90
C ASP Z 114 -7.86 -46.78 -27.13
N GLU Z 115 -9.17 -46.80 -27.31
CA GLU Z 115 -9.89 -48.10 -27.38
C GLU Z 115 -9.73 -48.86 -28.70
N GLU Z 116 -9.32 -48.17 -29.75
CA GLU Z 116 -8.84 -48.83 -30.96
C GLU Z 116 -7.36 -49.27 -30.91
N GLY Z 117 -6.66 -49.04 -29.80
CA GLY Z 117 -5.27 -49.48 -29.64
C GLY Z 117 -4.24 -48.47 -30.15
N LYS Z 118 -4.72 -47.27 -30.48
CA LYS Z 118 -3.88 -46.21 -31.05
C LYS Z 118 -3.40 -45.24 -29.97
N GLY Z 119 -2.23 -44.63 -30.23
CA GLY Z 119 -1.64 -43.67 -29.34
C GLY Z 119 -2.61 -42.55 -29.04
N ALA Z 120 -2.65 -42.14 -27.78
CA ALA Z 120 -3.43 -41.01 -27.36
C ALA Z 120 -2.66 -40.12 -26.35
N VAL Z 121 -2.65 -38.82 -26.61
CA VAL Z 121 -2.07 -37.86 -25.70
C VAL Z 121 -3.12 -36.83 -25.37
N TYR Z 122 -3.25 -36.55 -24.06
CA TYR Z 122 -4.11 -35.45 -23.60
C TYR Z 122 -3.31 -34.49 -22.75
N SER Z 123 -3.47 -33.20 -23.02
CA SER Z 123 -2.70 -32.17 -22.31
C SER Z 123 -3.62 -31.20 -21.59
N PHE Z 124 -3.22 -30.73 -20.41
CA PHE Z 124 -4.05 -29.95 -19.52
C PHE Z 124 -3.39 -28.69 -19.04
N ASP Z 125 -4.19 -27.67 -18.78
CA ASP Z 125 -3.73 -26.50 -18.02
C ASP Z 125 -4.09 -26.78 -16.53
N PRO Z 126 -3.64 -25.92 -15.60
CA PRO Z 126 -3.78 -26.27 -14.18
C PRO Z 126 -5.20 -26.41 -13.65
N VAL Z 127 -6.18 -25.83 -14.34
CA VAL Z 127 -7.59 -25.88 -13.90
C VAL Z 127 -8.47 -26.75 -14.78
N GLY Z 128 -7.87 -27.54 -15.66
CA GLY Z 128 -8.54 -28.58 -16.35
C GLY Z 128 -8.99 -28.42 -17.82
N SER Z 129 -8.67 -27.30 -18.46
CA SER Z 129 -8.79 -27.17 -19.91
C SER Z 129 -7.91 -28.24 -20.52
N TYR Z 130 -8.45 -29.00 -21.47
CA TYR Z 130 -7.67 -30.05 -22.11
C TYR Z 130 -8.15 -30.33 -23.51
N GLN Z 131 -7.34 -31.08 -24.23
CA GLN Z 131 -7.71 -31.55 -25.56
C GLN Z 131 -6.80 -32.71 -25.86
N ARG Z 132 -7.18 -33.46 -26.86
CA ARG Z 132 -6.33 -34.48 -27.40
C ARG Z 132 -5.30 -33.88 -28.36
N ASP Z 133 -4.07 -34.37 -28.34
CA ASP Z 133 -2.98 -33.93 -29.19
C ASP Z 133 -2.26 -35.12 -29.75
N SER Z 134 -1.50 -34.89 -30.79
CA SER Z 134 -0.62 -35.91 -31.36
C SER Z 134 0.71 -35.98 -30.61
N PHE Z 135 1.08 -34.86 -30.00
CA PHE Z 135 2.31 -34.74 -29.25
C PHE Z 135 2.29 -33.43 -28.44
N LYS Z 136 2.97 -33.45 -27.30
CA LYS Z 136 2.93 -32.32 -26.40
C LYS Z 136 4.08 -32.26 -25.41
N ALA Z 137 4.62 -31.07 -25.22
CA ALA Z 137 5.58 -30.83 -24.17
C ALA Z 137 4.91 -30.02 -23.08
N GLY Z 138 5.32 -30.27 -21.84
CA GLY Z 138 4.84 -29.43 -20.71
C GLY Z 138 5.88 -29.23 -19.62
N GLY Z 139 5.57 -28.33 -18.69
CA GLY Z 139 6.49 -28.04 -17.60
C GLY Z 139 7.56 -27.04 -17.97
N SER Z 140 8.67 -27.13 -17.25
CA SER Z 140 9.64 -26.07 -17.18
C SER Z 140 10.26 -25.67 -18.57
N ALA Z 141 10.68 -26.64 -19.36
CA ALA Z 141 11.27 -26.38 -20.64
C ALA Z 141 10.27 -26.59 -21.81
N SER Z 142 8.97 -26.46 -21.60
CA SER Z 142 8.03 -26.76 -22.68
C SER Z 142 8.19 -25.88 -23.87
N ALA Z 143 8.50 -24.61 -23.66
CA ALA Z 143 8.71 -23.71 -24.77
C ALA Z 143 9.96 -24.01 -25.54
N MET Z 144 10.95 -24.67 -24.93
CA MET Z 144 12.10 -25.16 -25.66
C MET Z 144 11.84 -26.46 -26.44
N LEU Z 145 10.98 -27.35 -25.95
CA LEU Z 145 10.74 -28.62 -26.64
C LEU Z 145 9.73 -28.53 -27.78
N GLN Z 146 8.67 -27.77 -27.54
CA GLN Z 146 7.50 -27.81 -28.40
C GLN Z 146 7.84 -27.43 -29.84
N PRO Z 147 8.61 -26.34 -30.05
CA PRO Z 147 8.83 -25.92 -31.43
C PRO Z 147 9.51 -26.96 -32.29
N LEU Z 148 10.47 -27.68 -31.72
CA LEU Z 148 11.16 -28.71 -32.49
C LEU Z 148 10.21 -29.88 -32.80
N LEU Z 149 9.34 -30.22 -31.86
CA LEU Z 149 8.34 -31.26 -32.11
C LEU Z 149 7.34 -30.80 -33.20
N ASP Z 150 6.85 -29.55 -33.13
CA ASP Z 150 6.07 -28.98 -34.22
C ASP Z 150 6.70 -29.20 -35.58
N ASN Z 151 8.01 -28.94 -35.63
CA ASN Z 151 8.77 -29.00 -36.85
C ASN Z 151 9.03 -30.43 -37.33
N GLN Z 152 9.48 -31.28 -36.42
CA GLN Z 152 9.94 -32.62 -36.74
C GLN Z 152 8.83 -33.70 -36.78
N VAL Z 153 7.79 -33.55 -35.98
CA VAL Z 153 6.68 -34.48 -35.92
C VAL Z 153 5.49 -33.96 -36.71
N GLY Z 154 5.20 -32.68 -36.61
CA GLY Z 154 4.14 -32.04 -37.40
C GLY Z 154 4.56 -31.61 -38.80
N PHE Z 155 5.85 -31.71 -39.10
CA PHE Z 155 6.41 -31.28 -40.38
C PHE Z 155 6.17 -29.81 -40.72
N LYS Z 156 6.03 -29.00 -39.68
CA LYS Z 156 5.72 -27.59 -39.87
C LYS Z 156 6.85 -26.77 -40.48
N ASN Z 157 6.47 -25.82 -41.34
CA ASN Z 157 7.37 -24.95 -42.08
C ASN Z 157 8.30 -25.60 -43.10
N MET Z 158 8.12 -26.88 -43.37
CA MET Z 158 8.97 -27.60 -44.34
C MET Z 158 8.21 -27.81 -45.65
N GLN Z 159 8.86 -27.50 -46.77
CA GLN Z 159 8.38 -27.81 -48.13
C GLN Z 159 9.14 -29.03 -48.73
N ASN Z 160 8.50 -29.75 -49.66
CA ASN Z 160 9.13 -30.88 -50.39
C ASN Z 160 9.76 -31.92 -49.45
N VAL Z 161 9.04 -32.25 -48.37
CA VAL Z 161 9.46 -33.25 -47.38
C VAL Z 161 8.36 -34.32 -47.31
N GLU Z 162 8.76 -35.61 -47.27
CA GLU Z 162 7.84 -36.75 -47.19
C GLU Z 162 7.18 -36.83 -45.79
N HIS Z 163 5.85 -36.63 -45.73
CA HIS Z 163 5.08 -36.65 -44.46
C HIS Z 163 4.81 -38.11 -44.05
N VAL Z 164 5.85 -38.82 -43.64
CA VAL Z 164 5.74 -40.25 -43.25
C VAL Z 164 5.14 -40.46 -41.84
N PRO Z 165 4.68 -41.69 -41.54
CA PRO Z 165 4.20 -41.96 -40.17
C PRO Z 165 5.38 -42.11 -39.18
N LEU Z 166 5.09 -41.85 -37.91
CA LEU Z 166 6.12 -41.79 -36.89
C LEU Z 166 6.52 -43.16 -36.34
N SER Z 167 7.73 -43.64 -36.64
CA SER Z 167 8.22 -44.90 -36.03
C SER Z 167 8.58 -44.66 -34.57
N LEU Z 168 8.53 -45.73 -33.80
CA LEU Z 168 8.97 -45.69 -32.42
C LEU Z 168 10.44 -45.22 -32.31
N ASP Z 169 11.32 -45.78 -33.14
CA ASP Z 169 12.72 -45.42 -33.18
C ASP Z 169 12.91 -43.94 -33.39
N ARG Z 170 12.27 -43.40 -34.42
CA ARG Z 170 12.39 -41.98 -34.68
C ARG Z 170 11.90 -41.16 -33.51
N ALA Z 171 10.76 -41.53 -32.95
CA ALA Z 171 10.16 -40.78 -31.83
C ALA Z 171 11.05 -40.84 -30.59
N MET Z 172 11.66 -41.98 -30.37
CA MET Z 172 12.61 -42.19 -29.30
C MET Z 172 13.85 -41.25 -29.43
N ARG Z 173 14.42 -41.20 -30.64
CA ARG Z 173 15.55 -40.34 -30.91
C ARG Z 173 15.19 -38.91 -30.66
N LEU Z 174 14.00 -38.52 -31.09
CA LEU Z 174 13.52 -37.17 -30.91
C LEU Z 174 13.38 -36.78 -29.44
N VAL Z 175 12.81 -37.68 -28.64
CA VAL Z 175 12.59 -37.42 -27.25
C VAL Z 175 13.95 -37.13 -26.56
N LYS Z 176 14.92 -37.97 -26.81
CA LYS Z 176 16.21 -37.83 -26.23
C LYS Z 176 16.90 -36.51 -26.66
N ASP Z 177 16.85 -36.19 -27.95
CA ASP Z 177 17.47 -34.99 -28.46
C ASP Z 177 16.88 -33.70 -27.88
N VAL Z 178 15.57 -33.65 -27.65
CA VAL Z 178 14.99 -32.42 -27.12
C VAL Z 178 15.25 -32.24 -25.64
N PHE Z 179 15.32 -33.35 -24.90
CA PHE Z 179 15.67 -33.26 -23.50
C PHE Z 179 17.13 -32.88 -23.30
N ILE Z 180 17.97 -33.40 -24.15
CA ILE Z 180 19.38 -33.07 -24.12
C ILE Z 180 19.61 -31.61 -24.50
N SER Z 181 18.89 -31.13 -25.51
CA SER Z 181 18.83 -29.71 -25.84
C SER Z 181 18.29 -28.82 -24.74
N ALA Z 182 17.25 -29.27 -24.09
CA ALA Z 182 16.67 -28.54 -22.99
C ALA Z 182 17.61 -28.50 -21.78
N ALA Z 183 18.35 -29.56 -21.52
CA ALA Z 183 19.19 -29.62 -20.36
C ALA Z 183 20.34 -28.56 -20.47
N GLU Z 184 20.69 -28.16 -21.69
CA GLU Z 184 21.70 -27.13 -21.92
C GLU Z 184 21.25 -25.75 -21.47
N ARG Z 185 19.96 -25.49 -21.42
CA ARG Z 185 19.49 -24.13 -21.27
C ARG Z 185 18.52 -23.87 -20.12
N ASP Z 186 17.67 -24.82 -19.76
CA ASP Z 186 16.75 -24.73 -18.62
C ASP Z 186 17.50 -25.29 -17.39
N VAL Z 187 17.70 -24.43 -16.39
CA VAL Z 187 18.44 -24.81 -15.15
C VAL Z 187 17.70 -25.91 -14.40
N TYR Z 188 16.39 -25.99 -14.57
CA TYR Z 188 15.59 -27.01 -13.85
C TYR Z 188 15.63 -28.41 -14.47
N THR Z 189 16.03 -28.53 -15.72
CA THR Z 189 15.94 -29.81 -16.41
C THR Z 189 17.30 -30.43 -16.48
N GLY Z 190 17.42 -31.60 -15.88
CA GLY Z 190 18.69 -32.29 -15.90
C GLY Z 190 18.68 -33.60 -15.15
N ASP Z 191 19.87 -34.08 -14.83
CA ASP Z 191 20.11 -35.34 -14.11
C ASP Z 191 19.83 -36.60 -14.93
N ALA Z 192 18.57 -36.85 -15.25
CA ALA Z 192 18.23 -38.04 -16.03
C ALA Z 192 16.88 -37.90 -16.69
N LEU Z 193 16.74 -38.59 -17.81
CA LEU Z 193 15.48 -38.64 -18.59
C LEU Z 193 14.90 -40.04 -18.40
N ARG Z 194 13.67 -40.12 -17.91
CA ARG Z 194 12.93 -41.37 -17.76
C ARG Z 194 11.90 -41.42 -18.90
N ILE Z 195 11.89 -42.52 -19.65
CA ILE Z 195 10.98 -42.71 -20.79
C ILE Z 195 10.10 -43.97 -20.58
N CYS Z 196 8.78 -43.80 -20.64
CA CYS Z 196 7.79 -44.90 -20.58
C CYS Z 196 7.23 -45.11 -21.97
N ILE Z 197 7.28 -46.34 -22.46
CA ILE Z 197 6.70 -46.69 -23.77
C ILE Z 197 5.48 -47.61 -23.55
N VAL Z 198 4.30 -47.10 -23.87
CA VAL Z 198 3.05 -47.85 -23.75
C VAL Z 198 2.67 -48.48 -25.09
N THR Z 199 2.56 -49.81 -25.10
CA THR Z 199 2.07 -50.58 -26.26
C THR Z 199 1.04 -51.59 -25.76
N LYS Z 200 0.48 -52.40 -26.64
CA LYS Z 200 -0.45 -53.46 -26.20
C LYS Z 200 0.24 -54.54 -25.37
N GLU Z 201 1.54 -54.71 -25.57
CA GLU Z 201 2.34 -55.65 -24.80
C GLU Z 201 2.55 -55.19 -23.35
N GLY Z 202 2.45 -53.89 -23.09
CA GLY Z 202 2.54 -53.34 -21.74
C GLY Z 202 3.36 -52.07 -21.73
N ILE Z 203 4.04 -51.79 -20.62
CA ILE Z 203 4.75 -50.52 -20.41
C ILE Z 203 6.19 -50.80 -20.07
N ARG Z 204 7.11 -50.47 -20.95
CA ARG Z 204 8.53 -50.58 -20.61
C ARG Z 204 9.22 -49.22 -20.42
N GLU Z 205 10.39 -49.29 -19.81
CA GLU Z 205 11.07 -48.17 -19.21
C GLU Z 205 12.47 -48.11 -19.75
N GLU Z 206 12.85 -46.98 -20.36
CA GLU Z 206 14.26 -46.62 -20.63
C GLU Z 206 14.67 -45.45 -19.72
N THR Z 207 15.95 -45.38 -19.39
CA THR Z 207 16.48 -44.16 -18.77
C THR Z 207 17.83 -43.77 -19.36
N VAL Z 208 18.00 -42.46 -19.60
CA VAL Z 208 19.25 -41.96 -20.12
C VAL Z 208 19.76 -40.77 -19.29
N SER Z 209 21.06 -40.67 -19.22
CA SER Z 209 21.71 -39.71 -18.37
C SER Z 209 21.62 -38.32 -18.98
N LEU Z 210 21.33 -37.32 -18.15
CA LEU Z 210 21.42 -35.89 -18.54
C LEU Z 210 22.49 -35.19 -17.71
N ARG Z 211 22.85 -33.98 -18.15
CA ARG Z 211 23.79 -33.12 -17.42
C ARG Z 211 23.40 -32.87 -15.95
N LYS Z 212 24.38 -33.00 -15.06
CA LYS Z 212 24.18 -32.83 -13.62
C LYS Z 212 24.32 -31.42 -13.04
N ASP Z 213 24.74 -30.46 -13.86
CA ASP Z 213 24.96 -29.07 -13.43
C ASP Z 213 23.69 -28.20 -13.48
N THR AA 1 0.32 -22.14 12.46
CA THR AA 1 1.29 -21.07 12.66
C THR AA 1 1.42 -20.21 11.42
N GLN AA 2 1.06 -18.95 11.55
CA GLN AA 2 1.46 -17.92 10.60
C GLN AA 2 2.91 -17.39 10.83
N ASN AA 3 3.33 -17.36 12.09
CA ASN AA 3 4.49 -16.65 12.55
C ASN AA 3 5.27 -17.50 13.51
N PRO AA 4 6.32 -18.13 13.03
CA PRO AA 4 7.06 -19.01 13.94
C PRO AA 4 7.72 -18.26 15.13
N MET AA 5 7.84 -18.92 16.27
CA MET AA 5 8.33 -18.27 17.48
C MET AA 5 9.67 -18.92 17.82
N VAL AA 6 9.73 -19.85 18.78
CA VAL AA 6 10.96 -20.55 19.03
C VAL AA 6 11.20 -21.57 17.91
N THR AA 7 12.39 -21.53 17.26
CA THR AA 7 12.72 -22.36 16.09
C THR AA 7 14.04 -23.12 16.23
N GLY AA 8 14.12 -24.22 15.51
CA GLY AA 8 15.32 -24.99 15.42
C GLY AA 8 15.81 -24.93 14.01
N THR AA 9 17.14 -25.01 13.85
CA THR AA 9 17.80 -24.93 12.56
C THR AA 9 17.89 -26.30 11.88
N SER AA 10 18.93 -26.53 11.10
CA SER AA 10 19.08 -27.73 10.26
C SER AA 10 18.92 -29.11 10.94
N VAL AA 11 18.42 -30.08 10.16
CA VAL AA 11 18.48 -31.48 10.51
C VAL AA 11 19.14 -32.15 9.33
N LEU AA 12 20.05 -33.08 9.61
CA LEU AA 12 20.77 -33.89 8.62
C LEU AA 12 20.38 -35.35 8.74
N GLY AA 13 20.49 -36.07 7.63
CA GLY AA 13 20.34 -37.53 7.60
C GLY AA 13 21.10 -38.19 6.48
N VAL AA 14 21.68 -39.35 6.77
CA VAL AA 14 22.36 -40.16 5.75
C VAL AA 14 22.12 -41.65 6.01
N LYS AA 15 21.96 -42.40 4.93
CA LYS AA 15 21.82 -43.84 4.98
C LYS AA 15 23.18 -44.47 5.06
N PHE AA 16 23.23 -45.59 5.76
CA PHE AA 16 24.39 -46.47 5.79
C PHE AA 16 23.96 -47.92 5.72
N GLU AA 17 24.91 -48.80 5.50
CA GLU AA 17 24.64 -50.24 5.42
C GLU AA 17 24.12 -50.79 6.75
N GLY AA 18 22.80 -51.00 6.83
CA GLY AA 18 22.15 -51.51 8.05
C GLY AA 18 21.46 -50.46 8.89
N GLY AA 19 21.28 -49.27 8.35
CA GLY AA 19 20.65 -48.21 9.13
C GLY AA 19 20.65 -46.82 8.52
N VAL AA 20 20.29 -45.87 9.37
CA VAL AA 20 20.23 -44.49 9.04
C VAL AA 20 20.65 -43.72 10.29
N VAL AA 21 21.30 -42.58 10.06
CA VAL AA 21 21.70 -41.69 11.15
C VAL AA 21 21.14 -40.27 10.83
N ILE AA 22 20.58 -39.61 11.84
CA ILE AA 22 20.18 -38.23 11.74
C ILE AA 22 20.81 -37.43 12.87
N ALA AA 23 20.95 -36.13 12.64
CA ALA AA 23 21.58 -35.26 13.63
C ALA AA 23 20.90 -33.92 13.67
N ALA AA 24 20.88 -33.33 14.84
CA ALA AA 24 20.34 -31.98 15.01
C ALA AA 24 20.85 -31.40 16.29
N ASP AA 25 21.11 -30.09 16.25
CA ASP AA 25 21.61 -29.41 17.41
C ASP AA 25 20.46 -29.21 18.42
N MET AA 26 20.81 -28.82 19.65
CA MET AA 26 19.89 -28.82 20.76
C MET AA 26 19.38 -27.44 21.12
N LEU AA 27 19.24 -26.57 20.10
CA LEU AA 27 18.89 -25.18 20.31
C LEU AA 27 17.46 -24.82 19.82
N GLY AA 28 16.74 -24.11 20.68
CA GLY AA 28 15.59 -23.33 20.29
C GLY AA 28 15.89 -21.84 20.27
N SER AA 29 15.92 -21.23 19.06
CA SER AA 29 16.22 -19.79 18.92
C SER AA 29 14.95 -18.98 18.84
N TYR AA 30 14.99 -17.77 19.33
CA TYR AA 30 13.88 -16.87 19.38
C TYR AA 30 14.40 -15.67 18.68
N GLY AA 31 14.17 -15.65 17.37
CA GLY AA 31 14.88 -14.72 16.50
C GLY AA 31 16.37 -15.09 16.55
N SER AA 32 17.22 -14.11 16.78
CA SER AA 32 18.67 -14.39 16.83
C SER AA 32 19.09 -14.90 18.24
N LEU AA 33 18.26 -14.68 19.25
CA LEU AA 33 18.52 -15.11 20.62
C LEU AA 33 18.59 -16.62 20.73
N ALA AA 34 19.71 -17.11 21.23
CA ALA AA 34 19.85 -18.54 21.54
C ALA AA 34 19.13 -18.73 22.91
N ARG AA 35 17.85 -19.09 22.90
CA ARG AA 35 17.02 -18.97 24.07
C ARG AA 35 16.98 -20.23 24.91
N PHE AA 36 16.67 -21.35 24.27
CA PHE AA 36 16.49 -22.66 24.95
C PHE AA 36 17.59 -23.57 24.46
N ARG AA 37 18.58 -23.76 25.30
CA ARG AA 37 19.82 -24.38 24.90
C ARG AA 37 19.95 -25.87 25.17
N ASN AA 38 18.96 -26.51 25.76
CA ASN AA 38 19.01 -27.97 25.91
C ASN AA 38 17.67 -28.64 25.56
N ILE AA 39 17.23 -28.48 24.32
CA ILE AA 39 16.01 -29.11 23.88
C ILE AA 39 16.39 -30.16 22.83
N SER AA 40 15.68 -31.29 22.80
CA SER AA 40 15.82 -32.29 21.76
C SER AA 40 14.85 -31.97 20.60
N ARG AA 41 15.38 -32.02 19.38
CA ARG AA 41 14.63 -31.83 18.19
C ARG AA 41 14.49 -33.15 17.41
N ILE AA 42 14.79 -34.25 18.07
CA ILE AA 42 14.62 -35.58 17.54
C ILE AA 42 13.60 -36.38 18.39
N MET AA 43 12.89 -37.27 17.72
CA MET AA 43 11.84 -38.09 18.32
C MET AA 43 12.03 -39.53 17.87
N ARG AA 44 12.01 -40.45 18.81
CA ARG AA 44 11.78 -41.86 18.46
C ARG AA 44 10.25 -42.02 18.18
N VAL AA 45 9.88 -42.43 16.97
CA VAL AA 45 8.45 -42.65 16.64
C VAL AA 45 8.00 -44.05 17.09
N ASN AA 46 8.67 -45.06 16.58
CA ASN AA 46 8.53 -46.42 17.07
C ASN AA 46 9.87 -47.14 16.94
N ASN AA 47 9.91 -48.47 17.00
CA ASN AA 47 11.17 -49.18 16.94
C ASN AA 47 11.92 -49.08 15.64
N SER AA 48 11.21 -48.81 14.56
CA SER AA 48 11.81 -48.78 13.23
C SER AA 48 12.05 -47.35 12.69
N THR AA 49 11.58 -46.33 13.40
CA THR AA 49 11.43 -45.00 12.83
C THR AA 49 11.75 -43.91 13.82
N MET AA 50 12.47 -42.92 13.32
CA MET AA 50 12.76 -41.69 14.03
C MET AA 50 12.58 -40.49 13.12
N LEU AA 51 12.49 -39.33 13.76
CA LEU AA 51 12.10 -38.08 13.12
C LEU AA 51 12.90 -36.95 13.75
N GLY AA 52 13.52 -36.11 12.91
CA GLY AA 52 14.05 -34.79 13.36
C GLY AA 52 13.36 -33.60 12.68
N ALA AA 53 13.17 -32.49 13.40
CA ALA AA 53 12.43 -31.30 12.88
C ALA AA 53 13.19 -29.97 13.02
N SER AA 54 13.27 -29.27 11.90
CA SER AA 54 13.55 -27.85 11.87
C SER AA 54 12.27 -27.08 12.02
N GLY AA 55 12.40 -25.80 12.35
CA GLY AA 55 11.28 -24.90 12.33
C GLY AA 55 10.67 -24.74 13.69
N ASP AA 56 9.40 -24.33 13.73
CA ASP AA 56 8.73 -23.96 14.97
C ASP AA 56 8.65 -25.17 15.96
N TYR AA 57 9.20 -24.96 17.15
CA TYR AA 57 9.35 -26.01 18.09
C TYR AA 57 8.01 -26.40 18.71
N ALA AA 58 7.13 -25.43 18.99
CA ALA AA 58 5.77 -25.71 19.48
C ALA AA 58 5.02 -26.60 18.49
N ASP AA 59 5.14 -26.32 17.18
CA ASP AA 59 4.57 -27.19 16.16
C ASP AA 59 5.17 -28.61 16.16
N PHE AA 60 6.49 -28.70 16.31
CA PHE AA 60 7.10 -29.98 16.46
C PHE AA 60 6.51 -30.76 17.69
N GLN AA 61 6.32 -30.07 18.83
CA GLN AA 61 5.84 -30.70 20.05
C GLN AA 61 4.42 -31.20 19.85
N TYR AA 62 3.67 -30.49 19.02
CA TYR AA 62 2.33 -30.91 18.68
C TYR AA 62 2.38 -32.19 17.83
N LEU AA 63 3.23 -32.24 16.84
CA LEU AA 63 3.39 -33.42 16.04
C LEU AA 63 3.83 -34.61 16.84
N LYS AA 64 4.75 -34.40 17.78
CA LYS AA 64 5.17 -35.41 18.69
C LYS AA 64 4.03 -35.99 19.49
N GLN AA 65 3.20 -35.10 20.05
CA GLN AA 65 2.02 -35.48 20.78
C GLN AA 65 1.07 -36.33 19.91
N VAL AA 66 0.81 -35.90 18.66
CA VAL AA 66 -0.13 -36.60 17.78
C VAL AA 66 0.43 -37.97 17.37
N LEU AA 67 1.66 -37.96 16.88
CA LEU AA 67 2.32 -39.16 16.39
C LEU AA 67 2.56 -40.14 17.54
N GLY AA 68 2.91 -39.65 18.73
CA GLY AA 68 3.10 -40.55 19.89
C GLY AA 68 1.81 -41.29 20.26
N GLN AA 69 0.69 -40.57 20.21
CA GLN AA 69 -0.59 -41.12 20.53
C GLN AA 69 -1.04 -42.12 19.42
N MET AA 70 -0.69 -41.89 18.15
CA MET AA 70 -0.95 -42.89 17.10
C MET AA 70 -0.19 -44.15 17.28
N VAL AA 71 1.07 -44.08 17.68
CA VAL AA 71 1.81 -45.33 17.91
C VAL AA 71 1.24 -46.05 19.13
N ILE AA 72 0.88 -45.34 20.20
CA ILE AA 72 0.25 -45.99 21.38
C ILE AA 72 -1.03 -46.72 20.92
N ASP AA 73 -1.94 -46.01 20.22
CA ASP AA 73 -3.19 -46.57 19.68
C ASP AA 73 -2.96 -47.88 18.96
N GLU AA 74 -1.95 -47.89 18.12
CA GLU AA 74 -1.62 -49.06 17.34
C GLU AA 74 -1.07 -50.20 18.19
N GLU AA 75 -0.22 -49.89 19.20
CA GLU AA 75 0.33 -50.93 20.09
C GLU AA 75 -0.73 -51.57 20.98
N LEU AA 76 -1.78 -50.83 21.32
CA LEU AA 76 -2.87 -51.39 22.07
C LEU AA 76 -3.53 -52.58 21.37
N LEU AA 77 -3.50 -52.62 20.05
CA LEU AA 77 -4.16 -53.70 19.30
C LEU AA 77 -3.36 -55.01 19.35
N GLY AA 78 -2.04 -54.93 19.53
CA GLY AA 78 -1.15 -56.10 19.48
C GLY AA 78 -1.55 -57.11 18.41
N ASP AA 79 -1.67 -56.62 17.19
CA ASP AA 79 -2.18 -57.41 16.07
C ASP AA 79 -1.09 -57.75 15.04
N GLY AA 80 0.18 -57.56 15.38
CA GLY AA 80 1.26 -57.96 14.49
C GLY AA 80 1.59 -56.98 13.36
N HIS AA 81 0.98 -55.80 13.35
CA HIS AA 81 1.19 -54.83 12.29
C HIS AA 81 1.65 -53.57 12.91
N SER AA 82 2.60 -52.94 12.27
CA SER AA 82 3.24 -51.73 12.76
C SER AA 82 3.45 -50.77 11.67
N TYR AA 83 3.29 -49.49 11.97
CA TYR AA 83 3.60 -48.45 11.01
C TYR AA 83 5.08 -48.53 10.60
N SER AA 84 5.32 -48.78 9.32
CA SER AA 84 6.64 -48.75 8.75
C SER AA 84 7.14 -47.29 8.66
N PRO AA 85 8.45 -47.09 8.42
CA PRO AA 85 8.95 -45.73 8.27
C PRO AA 85 8.27 -45.00 7.10
N ARG AA 86 8.09 -45.74 6.02
CA ARG AA 86 7.37 -45.28 4.84
C ARG AA 86 5.93 -44.83 5.10
N ALA AA 87 5.24 -45.53 5.99
CA ALA AA 87 3.87 -45.20 6.36
C ALA AA 87 3.80 -43.93 7.19
N ILE AA 88 4.71 -43.79 8.15
CA ILE AA 88 4.82 -42.56 8.94
C ILE AA 88 5.14 -41.38 7.98
N HIS AA 89 6.04 -41.59 7.05
CA HIS AA 89 6.42 -40.54 6.10
C HIS AA 89 5.19 -40.13 5.23
N SER AA 90 4.45 -41.13 4.78
CA SER AA 90 3.17 -40.89 4.07
C SER AA 90 2.20 -40.11 4.90
N TRP AA 91 2.00 -40.56 6.12
CA TRP AA 91 1.06 -39.88 6.99
C TRP AA 91 1.46 -38.43 7.17
N LEU AA 92 2.75 -38.19 7.35
CA LEU AA 92 3.23 -36.84 7.58
C LEU AA 92 3.08 -35.93 6.35
N THR AA 93 3.37 -36.46 5.17
CA THR AA 93 3.10 -35.74 3.98
C THR AA 93 1.61 -35.28 3.96
N ARG AA 94 0.67 -36.17 4.37
CA ARG AA 94 -0.75 -35.84 4.28
C ARG AA 94 -1.12 -34.81 5.27
N ALA AA 95 -0.59 -34.92 6.48
CA ALA AA 95 -0.90 -33.96 7.54
C ALA AA 95 -0.35 -32.55 7.19
N MET AA 96 0.89 -32.47 6.70
CA MET AA 96 1.47 -31.16 6.32
C MET AA 96 0.70 -30.57 5.13
N TYR AA 97 0.43 -31.37 4.11
CA TYR AA 97 -0.34 -30.89 2.94
C TYR AA 97 -1.70 -30.33 3.32
N SER AA 98 -2.35 -31.07 4.16
CA SER AA 98 -3.67 -30.72 4.64
C SER AA 98 -3.72 -29.43 5.45
N ARG AA 99 -2.74 -29.25 6.34
CA ARG AA 99 -2.58 -28.00 7.08
C ARG AA 99 -2.23 -26.81 6.14
N ARG AA 100 -1.33 -27.03 5.20
CA ARG AA 100 -1.03 -26.06 4.14
C ARG AA 100 -2.29 -25.66 3.34
N SER AA 101 -3.15 -26.64 3.01
CA SER AA 101 -4.32 -26.36 2.18
C SER AA 101 -5.43 -25.65 2.95
N LYS AA 102 -5.36 -25.63 4.28
CA LYS AA 102 -6.19 -24.73 5.10
C LYS AA 102 -5.54 -23.37 5.40
N MET AA 103 -4.39 -23.06 4.81
CA MET AA 103 -3.67 -21.80 5.03
C MET AA 103 -3.22 -21.64 6.49
N ASN AA 104 -2.89 -22.75 7.13
CA ASN AA 104 -2.52 -22.76 8.53
C ASN AA 104 -1.50 -23.88 8.73
N PRO AA 105 -0.30 -23.68 8.19
CA PRO AA 105 0.69 -24.73 8.19
C PRO AA 105 1.24 -25.02 9.59
N LEU AA 106 1.82 -26.20 9.71
CA LEU AA 106 2.71 -26.52 10.77
C LEU AA 106 4.07 -26.14 10.23
N TRP AA 107 4.71 -25.21 10.91
CA TRP AA 107 5.90 -24.54 10.35
C TRP AA 107 7.18 -25.36 10.57
N ASN AA 108 7.29 -26.46 9.85
CA ASN AA 108 8.37 -27.39 10.05
C ASN AA 108 8.87 -28.00 8.77
N THR AA 109 10.12 -28.40 8.80
CA THR AA 109 10.70 -29.24 7.78
C THR AA 109 11.27 -30.43 8.48
N MET AA 110 10.96 -31.62 7.95
CA MET AA 110 11.25 -32.87 8.67
C MET AA 110 11.97 -33.90 7.90
N VAL AA 111 12.82 -34.63 8.65
CA VAL AA 111 13.60 -35.77 8.15
C VAL AA 111 13.16 -37.00 8.97
N ILE AA 112 12.70 -38.03 8.26
CA ILE AA 112 12.24 -39.31 8.81
C ILE AA 112 13.28 -40.34 8.42
N GLY AA 113 13.80 -41.03 9.44
CA GLY AA 113 14.77 -42.04 9.24
C GLY AA 113 14.22 -43.35 9.73
N GLY AA 114 14.57 -44.44 9.07
CA GLY AA 114 14.01 -45.71 9.47
C GLY AA 114 14.77 -46.92 9.01
N TYR AA 115 14.53 -48.03 9.68
CA TYR AA 115 15.04 -49.30 9.22
C TYR AA 115 13.98 -50.39 9.38
N ALA AA 116 13.65 -51.08 8.29
CA ALA AA 116 12.60 -52.09 8.29
C ALA AA 116 12.82 -53.04 7.13
N ASP AA 117 12.79 -54.35 7.43
CA ASP AA 117 12.92 -55.42 6.43
C ASP AA 117 14.23 -55.39 5.63
N GLY AA 118 15.36 -55.18 6.27
CA GLY AA 118 16.63 -54.99 5.53
C GLY AA 118 16.89 -53.73 4.73
N GLU AA 119 15.96 -52.78 4.70
CA GLU AA 119 16.06 -51.58 3.86
C GLU AA 119 16.19 -50.32 4.74
N SER AA 120 17.15 -49.46 4.43
CA SER AA 120 17.25 -48.13 5.09
C SER AA 120 16.28 -47.16 4.46
N PHE AA 121 15.52 -46.46 5.29
CA PHE AA 121 14.61 -45.43 4.84
C PHE AA 121 15.03 -44.05 5.28
N LEU AA 122 14.94 -43.09 4.36
CA LEU AA 122 15.19 -41.70 4.68
C LEU AA 122 14.26 -40.84 3.83
N GLY AA 123 13.49 -39.99 4.48
CA GLY AA 123 12.53 -39.17 3.75
C GLY AA 123 12.37 -37.79 4.30
N TYR AA 124 12.09 -36.84 3.42
CA TYR AA 124 11.88 -35.44 3.69
C TYR AA 124 10.40 -35.06 3.56
N VAL AA 125 9.92 -34.21 4.45
CA VAL AA 125 8.63 -33.59 4.30
C VAL AA 125 8.74 -32.13 4.71
N ASP AA 126 8.25 -31.18 3.90
CA ASP AA 126 8.20 -29.76 4.31
C ASP AA 126 6.81 -29.31 4.67
N MET AA 127 6.70 -28.04 5.07
CA MET AA 127 5.42 -27.51 5.52
C MET AA 127 4.37 -27.33 4.44
N LEU AA 128 4.74 -27.47 3.19
CA LEU AA 128 3.80 -27.41 2.09
C LEU AA 128 3.38 -28.79 1.61
N GLY AA 129 3.88 -29.86 2.23
CA GLY AA 129 3.67 -31.23 1.74
C GLY AA 129 4.57 -31.70 0.60
N VAL AA 130 5.65 -30.95 0.34
CA VAL AA 130 6.70 -31.45 -0.57
C VAL AA 130 7.41 -32.61 0.17
N ALA AA 131 7.47 -33.78 -0.48
CA ALA AA 131 8.06 -34.96 0.09
C ALA AA 131 8.76 -35.83 -0.94
N TYR AA 132 9.83 -36.50 -0.50
CA TYR AA 132 10.57 -37.38 -1.34
C TYR AA 132 11.52 -38.17 -0.49
N GLU AA 133 12.22 -39.09 -1.11
CA GLU AA 133 13.22 -39.91 -0.47
C GLU AA 133 14.56 -39.72 -1.12
N ALA AA 134 15.62 -39.81 -0.32
CA ALA AA 134 17.00 -39.72 -0.88
C ALA AA 134 18.00 -40.41 0.02
N PRO AA 135 19.18 -40.76 -0.52
CA PRO AA 135 20.26 -41.32 0.30
C PRO AA 135 20.79 -40.39 1.40
N SER AA 136 20.69 -39.09 1.18
CA SER AA 136 21.01 -38.09 2.20
C SER AA 136 20.10 -36.90 2.11
N LEU AA 137 19.84 -36.30 3.27
CA LEU AA 137 18.99 -35.14 3.37
C LEU AA 137 19.62 -34.10 4.31
N ALA AA 138 19.26 -32.84 4.10
CA ALA AA 138 19.66 -31.73 4.97
C ALA AA 138 18.68 -30.58 4.82
N THR AA 139 18.06 -30.16 5.93
CA THR AA 139 17.18 -29.04 5.96
C THR AA 139 17.93 -27.72 6.33
N GLY AA 140 17.28 -26.60 6.01
CA GLY AA 140 17.75 -25.26 6.34
C GLY AA 140 19.09 -24.94 5.71
N TYR AA 141 19.97 -24.32 6.47
CA TYR AA 141 21.34 -24.06 5.98
C TYR AA 141 22.08 -25.32 5.61
N GLY AA 142 21.68 -26.45 6.19
CA GLY AA 142 22.24 -27.74 5.81
C GLY AA 142 22.11 -28.03 4.35
N ALA AA 143 21.04 -27.58 3.73
CA ALA AA 143 20.85 -27.81 2.29
C ALA AA 143 21.98 -27.17 1.49
N TYR AA 144 22.48 -26.04 1.96
CA TYR AA 144 23.55 -25.30 1.24
C TYR AA 144 24.96 -25.68 1.64
N LEU AA 145 25.14 -26.05 2.90
CA LEU AA 145 26.46 -26.30 3.51
C LEU AA 145 26.77 -27.79 3.68
N ALA AA 146 25.80 -28.62 4.12
CA ALA AA 146 26.06 -30.03 4.39
C ALA AA 146 25.83 -30.92 3.19
N GLN AA 147 24.67 -30.75 2.54
CA GLN AA 147 24.30 -31.60 1.43
C GLN AA 147 25.32 -31.69 0.29
N PRO AA 148 25.99 -30.58 -0.07
CA PRO AA 148 27.05 -30.72 -1.06
C PRO AA 148 28.16 -31.67 -0.65
N LEU AA 149 28.54 -31.65 0.63
CA LEU AA 149 29.53 -32.59 1.16
C LEU AA 149 29.00 -34.05 1.18
N LEU AA 150 27.79 -34.23 1.70
CA LEU AA 150 27.14 -35.54 1.75
C LEU AA 150 27.04 -36.20 0.38
N ARG AA 151 26.57 -35.48 -0.62
CA ARG AA 151 26.45 -35.99 -1.98
C ARG AA 151 27.75 -36.20 -2.70
N GLU AA 152 28.79 -35.44 -2.35
CA GLU AA 152 30.08 -35.68 -2.96
C GLU AA 152 30.67 -37.05 -2.54
N VAL AA 153 30.59 -37.35 -1.23
CA VAL AA 153 30.99 -38.64 -0.70
C VAL AA 153 30.18 -39.76 -1.33
N LEU AA 154 28.85 -39.62 -1.28
CA LEU AA 154 27.93 -40.63 -1.78
C LEU AA 154 28.00 -40.93 -3.30
N GLU AA 155 28.67 -40.07 -4.06
CA GLU AA 155 28.94 -40.25 -5.49
C GLU AA 155 30.20 -41.09 -5.74
N LYS AA 156 31.28 -40.79 -5.01
CA LYS AA 156 32.44 -41.66 -4.96
C LYS AA 156 32.14 -43.05 -4.31
N GLN AA 157 31.14 -43.15 -3.42
CA GLN AA 157 30.95 -44.33 -2.59
C GLN AA 157 29.51 -44.37 -2.08
N PRO AA 158 28.58 -44.90 -2.89
CA PRO AA 158 27.17 -44.97 -2.48
C PRO AA 158 26.84 -45.74 -1.19
N VAL AA 159 27.66 -46.70 -0.79
CA VAL AA 159 27.40 -47.51 0.41
C VAL AA 159 28.43 -47.14 1.45
N LEU AA 160 27.95 -46.61 2.57
CA LEU AA 160 28.78 -46.20 3.69
C LEU AA 160 28.59 -47.18 4.84
N SER AA 161 29.63 -47.37 5.60
CA SER AA 161 29.53 -48.04 6.87
C SER AA 161 28.94 -47.09 7.90
N GLN AA 162 28.46 -47.66 9.00
CA GLN AA 162 27.93 -46.85 10.07
C GLN AA 162 28.94 -45.80 10.59
N THR AA 163 30.22 -46.17 10.70
CA THR AA 163 31.20 -45.26 11.29
C THR AA 163 31.62 -44.16 10.25
N GLU AA 164 31.80 -44.52 8.99
CA GLU AA 164 31.94 -43.56 7.90
C GLU AA 164 30.81 -42.50 7.85
N ALA AA 165 29.57 -42.94 8.01
CA ALA AA 165 28.40 -42.07 8.03
C ALA AA 165 28.38 -41.18 9.24
N ARG AA 166 28.72 -41.75 10.38
CA ARG AA 166 28.84 -40.98 11.59
C ARG AA 166 29.96 -39.88 11.52
N ASP AA 167 31.13 -40.21 10.96
CA ASP AA 167 32.19 -39.23 10.87
CA ASP AA 167 32.27 -39.26 10.73
C ASP AA 167 31.82 -38.11 9.86
N LEU AA 168 31.12 -38.48 8.81
CA LEU AA 168 30.66 -37.57 7.80
C LEU AA 168 29.63 -36.58 8.36
N VAL AA 169 28.72 -37.10 9.18
CA VAL AA 169 27.78 -36.26 9.90
C VAL AA 169 28.46 -35.26 10.85
N GLU AA 170 29.42 -35.73 11.65
CA GLU AA 170 30.19 -34.83 12.53
C GLU AA 170 30.88 -33.68 11.75
N ARG AA 171 31.46 -34.00 10.59
CA ARG AA 171 32.09 -33.06 9.69
C ARG AA 171 31.08 -32.02 9.20
N CYS AA 172 29.88 -32.46 8.85
CA CYS AA 172 28.86 -31.51 8.44
C CYS AA 172 28.42 -30.65 9.61
N MET AA 173 28.28 -31.22 10.78
CA MET AA 173 27.82 -30.42 11.92
C MET AA 173 28.84 -29.34 12.29
N ARG AA 174 30.12 -29.62 12.05
CA ARG AA 174 31.17 -28.67 12.26
C ARG AA 174 30.99 -27.47 11.29
N VAL AA 175 30.86 -27.77 9.99
CA VAL AA 175 30.71 -26.72 9.00
C VAL AA 175 29.51 -25.82 9.34
N LEU AA 176 28.43 -26.43 9.81
CA LEU AA 176 27.22 -25.68 10.22
C LEU AA 176 27.44 -24.78 11.41
N TYR AA 177 28.22 -25.25 12.37
CA TYR AA 177 28.53 -24.47 13.51
C TYR AA 177 29.40 -23.25 13.09
N TYR AA 178 30.29 -23.44 12.14
CA TYR AA 178 31.14 -22.36 11.61
C TYR AA 178 30.36 -21.28 10.85
N ARG AA 179 29.30 -21.68 10.15
CA ARG AA 179 28.68 -20.84 9.08
C ARG AA 179 27.22 -20.50 9.19
N ASP AA 180 26.51 -21.14 10.11
CA ASP AA 180 25.09 -20.83 10.37
C ASP AA 180 25.02 -20.09 11.69
N ALA AA 181 24.58 -18.84 11.65
CA ALA AA 181 24.44 -18.02 12.83
C ALA AA 181 23.34 -18.42 13.80
N ARG AA 182 22.52 -19.41 13.46
CA ARG AA 182 21.53 -19.94 14.39
C ARG AA 182 21.92 -21.31 14.90
N SER AA 183 23.14 -21.77 14.63
CA SER AA 183 23.55 -23.09 15.11
C SER AA 183 24.07 -23.02 16.56
N TYR AA 184 24.33 -24.19 17.11
CA TYR AA 184 24.79 -24.35 18.50
C TYR AA 184 25.66 -25.59 18.58
N ASN AA 185 26.75 -25.55 19.33
CA ASN AA 185 27.71 -26.66 19.30
C ASN AA 185 27.43 -27.78 20.27
N ARG AA 186 26.20 -28.13 20.45
CA ARG AA 186 25.74 -29.14 21.37
C ARG AA 186 24.67 -29.84 20.54
N PHE AA 187 24.89 -31.08 20.15
CA PHE AA 187 23.93 -31.78 19.27
C PHE AA 187 23.69 -33.23 19.65
N GLN AA 188 22.66 -33.80 19.07
CA GLN AA 188 22.35 -35.21 19.21
C GLN AA 188 22.48 -35.88 17.87
N ILE AA 189 22.86 -37.14 17.95
CA ILE AA 189 22.84 -38.07 16.86
C ILE AA 189 21.90 -39.19 17.24
N ALA AA 190 21.05 -39.56 16.30
CA ALA AA 190 20.11 -40.67 16.44
C ALA AA 190 20.34 -41.65 15.33
N THR AA 191 20.31 -42.92 15.68
CA THR AA 191 20.66 -43.98 14.78
C THR AA 191 19.55 -45.04 14.84
N VAL AA 192 19.14 -45.52 13.69
CA VAL AA 192 18.20 -46.60 13.62
C VAL AA 192 18.90 -47.73 12.91
N THR AA 193 18.83 -48.93 13.50
CA THR AA 193 19.29 -50.19 12.90
C THR AA 193 18.27 -51.33 13.22
N GLU AA 194 18.59 -52.57 12.84
CA GLU AA 194 17.93 -53.82 13.32
C GLU AA 194 17.54 -53.81 14.81
N LYS AA 195 18.42 -53.22 15.63
CA LYS AA 195 18.26 -53.19 17.08
C LYS AA 195 17.29 -52.11 17.57
N GLY AA 196 16.84 -51.19 16.72
CA GLY AA 196 15.94 -50.13 17.16
C GLY AA 196 16.57 -48.75 17.00
N VAL AA 197 16.08 -47.81 17.79
CA VAL AA 197 16.43 -46.41 17.73
C VAL AA 197 17.22 -45.96 18.97
N GLU AA 198 18.42 -45.44 18.75
CA GLU AA 198 19.25 -44.89 19.83
C GLU AA 198 19.49 -43.39 19.60
N ILE AA 199 19.26 -42.61 20.64
CA ILE AA 199 19.54 -41.18 20.64
C ILE AA 199 20.73 -40.93 21.55
N GLU AA 200 21.82 -40.41 20.97
CA GLU AA 200 23.02 -40.04 21.70
C GLU AA 200 23.20 -38.55 21.84
N GLY AA 201 23.79 -38.14 22.97
N GLY AA 201 23.74 -38.11 22.98
CA GLY AA 201 24.15 -36.77 23.22
CA GLY AA 201 24.02 -36.72 23.21
C GLY AA 201 24.03 -36.45 24.69
C GLY AA 201 23.92 -36.42 24.68
N PRO AA 202 24.27 -35.19 25.08
CA PRO AA 202 24.68 -34.07 24.21
C PRO AA 202 26.14 -34.26 23.71
N LEU AA 203 26.38 -33.95 22.45
CA LEU AA 203 27.69 -34.06 21.79
C LEU AA 203 28.15 -32.66 21.35
N SER AA 204 29.45 -32.46 21.23
CA SER AA 204 30.02 -31.19 20.65
C SER AA 204 31.00 -31.56 19.54
N THR AA 205 31.25 -30.62 18.63
CA THR AA 205 32.33 -30.78 17.64
C THR AA 205 33.55 -30.05 18.16
N GLU AA 206 34.73 -30.62 17.87
CA GLU AA 206 35.97 -29.91 17.97
C GLU AA 206 35.97 -28.80 16.86
N THR AA 207 36.58 -27.67 17.14
CA THR AA 207 36.69 -26.58 16.17
C THR AA 207 38.12 -26.12 16.10
N ASN AA 208 38.53 -25.66 14.92
CA ASN AA 208 39.80 -25.05 14.74
C ASN AA 208 39.62 -23.54 14.35
N TRP AA 209 40.43 -22.68 14.99
CA TRP AA 209 40.36 -21.24 14.83
C TRP AA 209 41.71 -20.67 14.39
N ASP AA 210 42.55 -21.50 13.79
CA ASP AA 210 43.89 -21.12 13.36
C ASP AA 210 43.81 -19.93 12.37
N ILE AA 211 42.74 -19.90 11.55
CA ILE AA 211 42.60 -18.83 10.60
C ILE AA 211 42.57 -17.47 11.27
N ALA AA 212 42.18 -17.39 12.53
CA ALA AA 212 42.17 -16.11 13.26
C ALA AA 212 43.50 -15.38 13.24
N HIS AA 213 44.61 -16.12 13.13
CA HIS AA 213 45.95 -15.54 12.93
C HIS AA 213 46.47 -15.48 11.47
N MET AA 214 45.64 -15.75 10.47
CA MET AA 214 46.02 -15.63 9.04
C MET AA 214 45.33 -14.43 8.35
N ILE AA 215 45.28 -13.28 8.98
CA ILE AA 215 44.82 -12.05 8.27
C ILE AA 215 45.98 -11.70 7.31
N SER AA 216 45.78 -12.21 6.07
CA SER AA 216 46.81 -13.08 5.36
C SER AA 216 47.94 -12.49 4.50
N THR BA 1 7.93 -5.73 31.68
CA THR BA 1 7.79 -6.99 32.48
C THR BA 1 9.05 -7.73 32.66
N THR BA 2 9.35 -8.11 33.90
CA THR BA 2 10.33 -9.15 34.11
C THR BA 2 9.79 -10.16 35.11
N ILE BA 3 9.85 -11.44 34.74
CA ILE BA 3 9.42 -12.54 35.59
C ILE BA 3 10.51 -13.60 35.65
N MET BA 4 10.48 -14.35 36.73
CA MET BA 4 11.52 -15.32 37.02
C MET BA 4 11.04 -16.41 37.99
N ALA BA 5 11.55 -17.62 37.84
CA ALA BA 5 11.35 -18.66 38.84
C ALA BA 5 12.52 -19.61 38.86
N VAL BA 6 12.82 -20.10 40.07
CA VAL BA 6 13.96 -20.92 40.32
C VAL BA 6 13.55 -22.15 41.18
N GLN BA 7 14.03 -23.31 40.76
CA GLN BA 7 13.82 -24.53 41.50
C GLN BA 7 14.87 -24.61 42.60
N PHE BA 8 14.44 -24.95 43.80
CA PHE BA 8 15.34 -25.48 44.85
C PHE BA 8 14.89 -26.87 45.34
N ASP BA 9 15.68 -27.54 46.17
CA ASP BA 9 15.31 -28.88 46.64
C ASP BA 9 14.22 -28.75 47.71
N GLY BA 10 13.00 -29.14 47.35
CA GLY BA 10 11.81 -28.91 48.17
C GLY BA 10 10.85 -27.82 47.71
N GLY BA 11 11.15 -27.08 46.63
CA GLY BA 11 10.22 -26.03 46.30
C GLY BA 11 10.60 -25.19 45.14
N VAL BA 12 9.94 -24.04 45.04
CA VAL BA 12 10.25 -23.06 44.05
C VAL BA 12 10.19 -21.64 44.63
N VAL BA 13 10.98 -20.78 44.00
CA VAL BA 13 10.94 -19.38 44.24
C VAL BA 13 10.45 -18.70 42.96
N LEU BA 14 9.53 -17.76 43.11
CA LEU BA 14 9.06 -16.95 41.97
C LEU BA 14 9.24 -15.51 42.22
N GLY BA 15 9.39 -14.75 41.14
CA GLY BA 15 9.50 -13.29 41.24
C GLY BA 15 9.02 -12.52 40.05
N ALA BA 16 8.59 -11.30 40.31
CA ALA BA 16 8.20 -10.37 39.24
C ALA BA 16 8.36 -8.93 39.64
N ASP BA 17 8.51 -8.08 38.63
CA ASP BA 17 8.32 -6.65 38.83
C ASP BA 17 6.82 -6.34 38.92
N SER BA 18 6.48 -5.08 39.11
CA SER BA 18 5.11 -4.67 39.32
C SER BA 18 4.58 -3.63 38.34
N ARG BA 19 5.25 -3.46 37.21
CA ARG BA 19 4.88 -2.39 36.25
C ARG BA 19 3.92 -2.89 35.15
N THR BA 20 2.80 -2.21 34.97
CA THR BA 20 1.93 -2.40 33.81
C THR BA 20 1.95 -1.16 32.94
N THR BA 21 2.21 -1.33 31.65
CA THR BA 21 2.27 -0.21 30.73
C THR BA 21 1.15 -0.19 29.71
N THR BA 22 0.67 1.02 29.40
CA THR BA 22 -0.07 1.28 28.18
C THR BA 22 0.75 2.33 27.40
N GLY BA 23 1.35 1.90 26.31
CA GLY BA 23 2.35 2.71 25.65
C GLY BA 23 3.48 2.87 26.64
N SER BA 24 3.86 4.12 26.90
CA SER BA 24 4.85 4.36 27.92
C SER BA 24 4.26 5.06 29.20
N TYR BA 25 2.93 5.00 29.38
CA TYR BA 25 2.26 5.35 30.63
C TYR BA 25 2.15 4.11 31.56
N ILE BA 26 2.35 4.33 32.86
CA ILE BA 26 2.32 3.28 33.85
C ILE BA 26 0.93 3.26 34.45
N ALA BA 27 0.16 2.27 34.01
CA ALA BA 27 -1.25 2.18 34.37
C ALA BA 27 -1.38 1.56 35.76
N ASN BA 28 -0.44 0.71 36.14
CA ASN BA 28 -0.38 0.20 37.49
C ASN BA 28 1.09 0.09 37.90
N ARG BA 29 1.50 0.78 38.97
CA ARG BA 29 2.90 0.72 39.46
C ARG BA 29 3.11 -0.43 40.44
N VAL BA 30 2.01 -1.02 40.94
CA VAL BA 30 2.15 -2.08 41.96
C VAL BA 30 1.39 -3.35 41.58
N THR BA 31 1.41 -3.66 40.29
CA THR BA 31 0.83 -4.87 39.75
C THR BA 31 1.32 -6.15 40.44
N ASP BA 32 0.37 -7.08 40.66
CA ASP BA 32 0.71 -8.38 41.16
C ASP BA 32 0.64 -9.37 39.99
N LYS BA 33 1.81 -9.80 39.49
CA LYS BA 33 1.94 -10.66 38.31
C LYS BA 33 2.11 -12.14 38.63
N LEU BA 34 2.06 -12.47 39.91
CA LEU BA 34 2.26 -13.84 40.36
C LEU BA 34 0.86 -14.27 40.76
N THR BA 35 0.24 -15.10 39.94
CA THR BA 35 -1.19 -15.38 40.16
C THR BA 35 -1.34 -16.83 40.62
N PRO BA 36 -2.04 -17.04 41.74
CA PRO BA 36 -2.28 -18.41 42.23
C PRO BA 36 -3.27 -19.17 41.32
N ILE BA 37 -2.86 -20.37 40.92
CA ILE BA 37 -3.65 -21.26 40.06
C ILE BA 37 -4.24 -22.40 40.91
N HIS BA 38 -3.52 -22.84 41.93
CA HIS BA 38 -4.04 -23.78 42.95
C HIS BA 38 -3.29 -23.50 44.27
N ASP BA 39 -3.52 -24.31 45.30
CA ASP BA 39 -2.86 -24.13 46.60
C ASP BA 39 -1.34 -23.91 46.51
N ARG BA 40 -0.66 -24.70 45.69
CA ARG BA 40 0.80 -24.64 45.56
C ARG BA 40 1.34 -24.54 44.12
N ILE BA 41 0.55 -23.93 43.24
CA ILE BA 41 0.94 -23.75 41.85
C ILE BA 41 0.61 -22.31 41.46
N PHE BA 42 1.62 -21.60 40.97
CA PHE BA 42 1.46 -20.20 40.55
C PHE BA 42 1.83 -20.08 39.08
N CYS BA 43 1.33 -19.05 38.45
CA CYS BA 43 1.99 -18.63 37.21
C CYS BA 43 2.48 -17.20 37.29
N CYS BA 44 3.58 -16.96 36.61
CA CYS BA 44 4.12 -15.60 36.43
C CYS BA 44 3.65 -15.15 35.05
N ARG BA 45 3.05 -13.97 34.97
CA ARG BA 45 2.47 -13.48 33.71
C ARG BA 45 3.31 -12.37 33.05
N SER BA 46 3.59 -12.55 31.75
CA SER BA 46 4.06 -11.49 30.90
C SER BA 46 3.28 -11.48 29.59
N GLY BA 47 3.28 -10.30 28.96
CA GLY BA 47 2.67 -10.04 27.70
C GLY BA 47 1.44 -9.25 27.92
N SER BA 48 0.39 -9.58 27.19
CA SER BA 48 -0.88 -8.87 27.29
C SER BA 48 -1.54 -9.16 28.65
N ALA BA 49 -1.87 -8.12 29.40
CA ALA BA 49 -2.55 -8.25 30.63
C ALA BA 49 -3.87 -8.95 30.46
N ALA BA 50 -4.67 -8.55 29.48
CA ALA BA 50 -5.99 -9.13 29.29
C ALA BA 50 -5.88 -10.61 28.99
N ASP BA 51 -4.96 -10.96 28.10
CA ASP BA 51 -4.82 -12.32 27.67
C ASP BA 51 -4.36 -13.26 28.76
N THR BA 52 -3.33 -12.85 29.51
CA THR BA 52 -2.79 -13.71 30.54
C THR BA 52 -3.77 -13.90 31.72
N GLN BA 53 -4.50 -12.85 32.10
CA GLN BA 53 -5.62 -12.96 33.04
C GLN BA 53 -6.67 -13.97 32.58
N ALA BA 54 -7.10 -13.83 31.30
CA ALA BA 54 -8.17 -14.65 30.78
C ALA BA 54 -7.72 -16.07 30.80
N VAL BA 55 -6.51 -16.32 30.32
CA VAL BA 55 -5.98 -17.67 30.31
C VAL BA 55 -5.81 -18.24 31.73
N ALA BA 56 -5.27 -17.44 32.65
CA ALA BA 56 -5.07 -17.93 34.00
C ALA BA 56 -6.39 -18.27 34.70
N ASP BA 57 -7.42 -17.45 34.53
CA ASP BA 57 -8.71 -17.71 35.09
C ASP BA 57 -9.32 -19.03 34.55
N ALA BA 58 -9.17 -19.26 33.24
CA ALA BA 58 -9.66 -20.49 32.63
C ALA BA 58 -8.89 -21.72 33.14
N VAL BA 59 -7.57 -21.63 33.27
CA VAL BA 59 -6.77 -22.75 33.78
C VAL BA 59 -7.12 -23.02 35.22
N THR BA 60 -7.34 -21.95 35.97
CA THR BA 60 -7.73 -22.08 37.39
C THR BA 60 -8.99 -22.92 37.50
N TYR BA 61 -9.98 -22.58 36.68
CA TYR BA 61 -11.25 -23.34 36.58
C TYR BA 61 -11.02 -24.80 36.21
N GLN BA 62 -10.17 -25.05 35.22
CA GLN BA 62 -9.96 -26.41 34.72
C GLN BA 62 -9.24 -27.30 35.75
N LEU BA 63 -8.23 -26.72 36.35
CA LEU BA 63 -7.42 -27.40 37.33
C LEU BA 63 -8.19 -27.67 38.65
N GLY BA 64 -9.04 -26.75 39.07
CA GLY BA 64 -9.84 -26.91 40.26
C GLY BA 64 -10.79 -28.08 40.15
N PHE BA 65 -11.51 -28.13 39.00
CA PHE BA 65 -12.47 -29.18 38.72
C PHE BA 65 -11.77 -30.53 38.63
N HIS BA 66 -10.69 -30.56 37.86
CA HIS BA 66 -9.85 -31.75 37.71
C HIS BA 66 -9.40 -32.34 39.09
N SER BA 67 -8.96 -31.43 39.97
CA SER BA 67 -8.42 -31.82 41.27
C SER BA 67 -9.47 -32.39 42.18
N ILE BA 68 -10.68 -31.82 42.17
CA ILE BA 68 -11.82 -32.37 42.94
C ILE BA 68 -12.21 -33.75 42.45
N GLU BA 69 -12.28 -33.93 41.14
CA GLU BA 69 -12.59 -35.24 40.56
C GLU BA 69 -11.59 -36.33 40.94
N LEU BA 70 -10.31 -36.01 40.88
CA LEU BA 70 -9.26 -36.97 41.25
C LEU BA 70 -9.11 -37.13 42.76
N ASN BA 71 -9.58 -36.14 43.51
CA ASN BA 71 -9.46 -36.06 44.96
C ASN BA 71 -8.01 -36.00 45.45
N GLU BA 72 -7.14 -35.37 44.67
CA GLU BA 72 -5.71 -35.29 44.96
C GLU BA 72 -5.21 -33.94 44.57
N PRO BA 73 -4.12 -33.47 45.22
CA PRO BA 73 -3.55 -32.18 44.73
C PRO BA 73 -3.10 -32.30 43.28
N PRO BA 74 -3.23 -31.23 42.53
CA PRO BA 74 -2.82 -31.29 41.13
C PRO BA 74 -1.30 -31.25 40.96
N LEU BA 75 -0.82 -31.92 39.92
CA LEU BA 75 0.56 -31.92 39.49
C LEU BA 75 0.93 -30.58 38.82
N VAL BA 76 2.15 -30.14 39.04
CA VAL BA 76 2.59 -28.85 38.43
C VAL BA 76 2.62 -29.02 36.91
N HIS BA 77 3.07 -30.19 36.47
CA HIS BA 77 3.12 -30.55 35.08
C HIS BA 77 1.73 -30.50 34.39
N THR BA 78 0.68 -30.83 35.12
CA THR BA 78 -0.68 -30.73 34.64
C THR BA 78 -1.11 -29.27 34.45
N ALA BA 79 -0.80 -28.42 35.43
CA ALA BA 79 -1.07 -27.00 35.29
C ALA BA 79 -0.36 -26.49 34.04
N ALA BA 80 0.89 -26.89 33.86
CA ALA BA 80 1.68 -26.41 32.75
C ALA BA 80 1.09 -26.90 31.43
N SER BA 81 0.65 -28.16 31.38
CA SER BA 81 0.09 -28.70 30.17
C SER BA 81 -1.19 -27.99 29.80
N LEU BA 82 -2.00 -27.57 30.78
CA LEU BA 82 -3.23 -26.85 30.50
C LEU BA 82 -2.96 -25.46 29.92
N PHE BA 83 -1.95 -24.77 30.46
CA PHE BA 83 -1.51 -23.49 29.93
C PHE BA 83 -1.03 -23.69 28.49
N LYS BA 84 -0.18 -24.69 28.29
CA LYS BA 84 0.36 -25.04 26.99
C LYS BA 84 -0.73 -25.30 25.94
N GLU BA 85 -1.75 -26.05 26.29
CA GLU BA 85 -2.79 -26.38 25.35
C GLU BA 85 -3.53 -25.14 24.90
N MET BA 86 -3.81 -24.24 25.83
CA MET BA 86 -4.58 -23.07 25.52
C MET BA 86 -3.70 -22.03 24.74
N CYS BA 87 -2.46 -21.84 25.18
CA CYS BA 87 -1.51 -20.93 24.55
C CYS BA 87 -1.06 -21.38 23.19
N TYR BA 88 -0.99 -22.69 22.97
CA TYR BA 88 -0.66 -23.20 21.65
C TYR BA 88 -1.85 -23.09 20.68
N ARG BA 89 -3.02 -23.61 21.09
CA ARG BA 89 -4.24 -23.60 20.27
C ARG BA 89 -4.62 -22.19 19.83
N TYR BA 90 -4.57 -21.25 20.77
CA TYR BA 90 -4.84 -19.85 20.50
C TYR BA 90 -3.61 -18.95 20.25
N ARG BA 91 -2.54 -19.51 19.73
CA ARG BA 91 -1.25 -18.80 19.57
C ARG BA 91 -1.37 -17.60 18.63
N GLU BA 92 -2.28 -17.65 17.68
CA GLU BA 92 -2.49 -16.51 16.84
C GLU BA 92 -3.28 -15.38 17.46
N ASP BA 93 -3.93 -15.61 18.61
CA ASP BA 93 -4.85 -14.65 19.19
C ASP BA 93 -4.46 -14.25 20.62
N LEU BA 94 -3.26 -14.61 21.05
CA LEU BA 94 -2.86 -14.37 22.40
C LEU BA 94 -1.49 -13.83 22.39
N MET BA 95 -1.19 -12.96 23.32
CA MET BA 95 0.16 -12.51 23.55
C MET BA 95 0.50 -12.85 25.03
N ALA BA 96 1.12 -13.99 25.24
CA ALA BA 96 1.22 -14.59 26.56
C ALA BA 96 2.55 -15.28 26.64
N GLY BA 97 3.37 -14.86 27.59
CA GLY BA 97 4.66 -15.53 27.89
C GLY BA 97 4.57 -15.86 29.39
N ILE BA 98 4.45 -17.15 29.70
CA ILE BA 98 4.06 -17.63 31.02
C ILE BA 98 5.19 -18.47 31.63
N ILE BA 99 5.39 -18.34 32.95
CA ILE BA 99 6.15 -19.30 33.72
C ILE BA 99 5.22 -19.96 34.73
N ILE BA 100 5.16 -21.29 34.72
CA ILE BA 100 4.34 -22.05 35.71
C ILE BA 100 5.28 -22.66 36.70
N ALA BA 101 5.05 -22.40 37.97
CA ALA BA 101 5.93 -22.97 39.00
C ALA BA 101 5.16 -23.32 40.25
N GLY BA 102 5.62 -24.38 40.88
CA GLY BA 102 4.97 -24.82 42.09
C GLY BA 102 5.56 -26.07 42.65
N TRP BA 103 4.80 -26.68 43.55
CA TRP BA 103 5.17 -27.92 44.18
C TRP BA 103 3.97 -28.88 44.13
N ASP BA 104 4.26 -30.17 43.92
CA ASP BA 104 3.34 -31.26 44.22
C ASP BA 104 4.08 -32.45 44.86
N PRO BA 105 3.34 -33.37 45.52
CA PRO BA 105 3.98 -34.44 46.31
C PRO BA 105 4.73 -35.47 45.50
N GLN BA 106 4.50 -35.50 44.21
CA GLN BA 106 5.05 -36.54 43.39
C GLN BA 106 6.39 -36.15 42.81
N GLU BA 107 6.51 -34.90 42.33
CA GLU BA 107 7.70 -34.45 41.63
C GLU BA 107 8.41 -33.29 42.31
N GLY BA 108 7.88 -32.80 43.44
CA GLY BA 108 8.48 -31.70 44.17
C GLY BA 108 8.39 -30.33 43.48
N GLY BA 109 9.46 -29.55 43.62
CA GLY BA 109 9.53 -28.18 43.09
C GLY BA 109 9.82 -28.18 41.61
N GLN BA 110 8.99 -27.47 40.85
CA GLN BA 110 9.12 -27.48 39.41
C GLN BA 110 8.83 -26.14 38.77
N VAL BA 111 9.62 -25.84 37.73
CA VAL BA 111 9.51 -24.61 36.91
C VAL BA 111 9.32 -24.99 35.44
N TYR BA 112 8.24 -24.51 34.81
CA TYR BA 112 7.98 -24.76 33.37
C TYR BA 112 7.86 -23.42 32.66
N SER BA 113 8.56 -23.27 31.54
CA SER BA 113 8.35 -22.13 30.65
C SER BA 113 7.32 -22.48 29.52
N VAL BA 114 6.35 -21.56 29.32
CA VAL BA 114 5.44 -21.59 28.19
C VAL BA 114 5.52 -20.27 27.47
N PRO BA 115 6.52 -20.12 26.57
CA PRO BA 115 6.70 -18.86 25.88
C PRO BA 115 5.63 -18.71 24.80
N MET BA 116 5.59 -17.52 24.21
CA MET BA 116 4.73 -17.26 23.11
C MET BA 116 4.94 -18.33 22.03
N GLY BA 117 3.83 -18.77 21.45
CA GLY BA 117 3.85 -19.89 20.56
C GLY BA 117 3.25 -21.13 21.21
N GLY BA 118 3.37 -21.23 22.52
CA GLY BA 118 2.89 -22.35 23.27
C GLY BA 118 3.70 -23.63 23.22
N MET BA 119 5.01 -23.53 23.12
CA MET BA 119 5.87 -24.63 23.48
C MET BA 119 5.92 -24.74 25.01
N MET BA 120 6.37 -25.86 25.52
CA MET BA 120 6.51 -26.05 26.99
C MET BA 120 7.79 -26.79 27.27
N VAL BA 121 8.53 -26.31 28.24
CA VAL BA 121 9.78 -26.95 28.57
C VAL BA 121 10.03 -26.78 30.06
N ARG BA 122 10.47 -27.84 30.71
CA ARG BA 122 10.89 -27.77 32.11
C ARG BA 122 12.29 -27.24 32.23
N GLN BA 123 12.50 -26.37 33.21
CA GLN BA 123 13.83 -25.76 33.47
C GLN BA 123 14.19 -25.66 34.94
N SER BA 124 15.49 -25.67 35.23
CA SER BA 124 16.01 -25.41 36.59
C SER BA 124 15.57 -24.06 37.11
N PHE BA 125 15.68 -23.10 36.19
CA PHE BA 125 15.21 -21.73 36.40
C PHE BA 125 14.77 -21.16 35.08
N ALA BA 126 13.92 -20.15 35.16
CA ALA BA 126 13.41 -19.50 33.98
C ALA BA 126 13.26 -18.02 34.19
N ILE BA 127 13.38 -17.29 33.08
CA ILE BA 127 13.15 -15.86 33.06
C ILE BA 127 12.33 -15.58 31.82
N GLY BA 128 11.59 -14.49 31.87
CA GLY BA 128 10.79 -14.03 30.74
C GLY BA 128 10.38 -12.58 30.93
N GLY BA 129 9.61 -12.10 29.99
CA GLY BA 129 9.26 -10.70 29.88
C GLY BA 129 10.29 -9.89 29.11
N SER BA 130 9.91 -8.68 28.72
CA SER BA 130 10.82 -7.80 27.96
C SER BA 130 12.16 -7.55 28.71
N GLY BA 131 12.09 -7.42 30.03
CA GLY BA 131 13.29 -7.20 30.86
C GLY BA 131 14.29 -8.32 30.87
N SER BA 132 13.84 -9.51 30.55
CA SER BA 132 14.66 -10.70 30.65
C SER BA 132 15.86 -10.62 29.74
N SER BA 133 15.72 -9.97 28.59
CA SER BA 133 16.83 -9.76 27.68
C SER BA 133 18.10 -9.28 28.38
N TYR BA 134 17.93 -8.30 29.26
CA TYR BA 134 19.08 -7.61 29.88
C TYR BA 134 19.78 -8.41 31.01
N ILE BA 135 19.22 -9.56 31.40
CA ILE BA 135 19.83 -10.40 32.40
C ILE BA 135 20.22 -11.81 31.97
N TYR BA 136 20.18 -12.15 30.68
CA TYR BA 136 20.67 -13.46 30.29
C TYR BA 136 22.10 -13.70 30.72
N GLY BA 137 22.95 -12.71 30.52
CA GLY BA 137 24.33 -12.87 30.83
C GLY BA 137 24.50 -13.08 32.31
N TYR BA 138 23.78 -12.26 33.08
CA TYR BA 138 23.86 -12.26 34.50
C TYR BA 138 23.45 -13.59 35.09
N VAL BA 139 22.27 -14.09 34.72
CA VAL BA 139 21.84 -15.37 35.20
C VAL BA 139 22.75 -16.50 34.72
N ASP BA 140 23.27 -16.44 33.50
CA ASP BA 140 24.21 -17.46 33.02
C ASP BA 140 25.52 -17.51 33.86
N ALA BA 141 26.00 -16.37 34.34
CA ALA BA 141 27.23 -16.26 35.13
C ALA BA 141 27.04 -16.56 36.64
N THR BA 142 25.84 -16.30 37.15
CA THR BA 142 25.55 -16.36 38.55
C THR BA 142 24.87 -17.69 38.95
N TYR BA 143 23.99 -18.25 38.14
CA TYR BA 143 23.32 -19.47 38.52
C TYR BA 143 24.32 -20.58 38.91
N ARG BA 144 24.06 -21.24 40.05
CA ARG BA 144 24.81 -22.42 40.54
C ARG BA 144 23.82 -23.56 40.82
N GLU BA 145 24.22 -24.79 40.51
CA GLU BA 145 23.47 -26.00 40.94
C GLU BA 145 23.47 -26.09 42.48
N GLY BA 146 22.31 -26.39 43.04
CA GLY BA 146 22.19 -26.72 44.46
C GLY BA 146 21.97 -25.56 45.40
N MET BA 147 21.55 -24.42 44.88
CA MET BA 147 21.27 -23.25 45.73
CA MET BA 147 21.31 -23.26 45.73
C MET BA 147 20.19 -23.57 46.76
N THR BA 148 20.29 -22.96 47.93
CA THR BA 148 19.23 -23.05 48.95
C THR BA 148 18.09 -22.15 48.56
N LYS BA 149 16.96 -22.31 49.24
CA LYS BA 149 15.84 -21.39 49.14
C LYS BA 149 16.26 -19.93 49.27
N GLU BA 150 17.01 -19.62 50.32
CA GLU BA 150 17.43 -18.25 50.60
C GLU BA 150 18.40 -17.68 49.53
N GLU BA 151 19.29 -18.49 49.01
CA GLU BA 151 20.08 -18.17 47.85
C GLU BA 151 19.21 -17.92 46.56
N CYS BA 152 18.17 -18.73 46.36
CA CYS BA 152 17.22 -18.55 45.24
C CYS BA 152 16.45 -17.24 45.36
N LEU BA 153 16.04 -16.88 46.59
CA LEU BA 153 15.37 -15.58 46.79
C LEU BA 153 16.31 -14.39 46.47
N GLN BA 154 17.55 -14.47 46.92
CA GLN BA 154 18.53 -13.42 46.67
C GLN BA 154 18.87 -13.33 45.17
N PHE BA 155 19.10 -14.46 44.50
CA PHE BA 155 19.43 -14.55 43.08
C PHE BA 155 18.31 -13.91 42.26
N THR BA 156 17.09 -14.32 42.57
CA THR BA 156 15.92 -13.77 41.97
C THR BA 156 15.81 -12.25 42.17
N ALA BA 157 15.96 -11.77 43.40
CA ALA BA 157 15.82 -10.35 43.66
C ALA BA 157 16.89 -9.50 42.93
N ASN BA 158 18.13 -10.02 42.91
CA ASN BA 158 19.23 -9.38 42.21
C ASN BA 158 18.96 -9.25 40.68
N ALA BA 159 18.61 -10.38 40.05
CA ALA BA 159 18.33 -10.46 38.63
C ALA BA 159 17.19 -9.52 38.27
N LEU BA 160 16.10 -9.58 39.03
CA LEU BA 160 14.97 -8.68 38.75
C LEU BA 160 15.35 -7.21 38.92
N ALA BA 161 16.16 -6.89 39.95
CA ALA BA 161 16.53 -5.49 40.18
C ALA BA 161 17.36 -4.91 39.01
N LEU BA 162 18.29 -5.70 38.47
CA LEU BA 162 19.10 -5.35 37.32
C LEU BA 162 18.26 -5.19 35.98
N ALA BA 163 17.33 -6.09 35.73
CA ALA BA 163 16.40 -5.94 34.65
C ALA BA 163 15.61 -4.64 34.84
N MET BA 164 15.08 -4.41 36.04
CA MET BA 164 14.21 -3.26 36.29
C MET BA 164 14.95 -1.94 36.14
N GLU BA 165 16.24 -1.95 36.38
CA GLU BA 165 17.01 -0.72 36.20
C GLU BA 165 17.14 -0.33 34.68
N ARG BA 166 17.30 -1.33 33.82
CA ARG BA 166 17.55 -1.15 32.40
C ARG BA 166 16.28 -1.08 31.52
N ASP BA 167 15.24 -1.82 31.87
CA ASP BA 167 14.05 -1.96 31.03
C ASP BA 167 13.05 -0.93 31.45
N GLY BA 168 12.85 0.07 30.60
CA GLY BA 168 11.77 1.03 30.78
C GLY BA 168 10.40 0.36 31.02
N SER BA 169 10.19 -0.80 30.43
CA SER BA 169 8.95 -1.58 30.63
C SER BA 169 8.84 -2.45 31.89
N SER BA 170 9.86 -2.44 32.75
CA SER BA 170 9.80 -3.11 34.05
C SER BA 170 10.06 -2.11 35.19
N GLY BA 171 9.60 -2.36 36.41
CA GLY BA 171 9.86 -1.44 37.50
C GLY BA 171 8.87 -1.56 38.65
N GLY BA 172 8.98 -0.63 39.59
CA GLY BA 172 8.08 -0.55 40.73
C GLY BA 172 8.68 -1.31 41.89
N VAL BA 173 7.98 -2.33 42.37
CA VAL BA 173 8.44 -3.20 43.46
C VAL BA 173 8.74 -4.59 42.94
N ILE BA 174 9.51 -5.36 43.70
CA ILE BA 174 9.76 -6.75 43.37
C ILE BA 174 8.84 -7.59 44.26
N ARG BA 175 8.01 -8.43 43.65
CA ARG BA 175 7.17 -9.37 44.41
C ARG BA 175 7.82 -10.71 44.30
N LEU BA 176 8.00 -11.35 45.47
CA LEU BA 176 8.55 -12.68 45.56
C LEU BA 176 7.56 -13.61 46.21
N ALA BA 177 7.67 -14.89 45.86
CA ALA BA 177 6.93 -15.96 46.51
C ALA BA 177 7.82 -17.19 46.61
N ALA BA 178 7.66 -17.92 47.71
CA ALA BA 178 8.31 -19.20 47.92
C ALA BA 178 7.21 -20.25 48.13
N ILE BA 179 7.35 -21.35 47.41
CA ILE BA 179 6.35 -22.41 47.46
C ILE BA 179 7.04 -23.70 47.81
N ALA BA 180 6.51 -24.36 48.82
CA ALA BA 180 7.01 -25.67 49.18
C ALA BA 180 5.82 -26.45 49.70
N GLU BA 181 6.08 -27.64 50.31
CA GLU BA 181 5.03 -28.42 50.91
C GLU BA 181 4.33 -27.49 51.90
N SER BA 182 5.12 -26.89 52.81
CA SER BA 182 4.57 -26.22 54.04
C SER BA 182 3.59 -25.11 53.66
N GLY BA 183 3.72 -24.60 52.45
CA GLY BA 183 2.77 -23.61 51.94
C GLY BA 183 3.44 -22.57 51.07
N VAL BA 184 2.83 -21.39 51.07
CA VAL BA 184 3.22 -20.25 50.25
C VAL BA 184 3.58 -19.03 51.12
N GLU BA 185 4.78 -18.48 50.92
CA GLU BA 185 5.22 -17.27 51.64
C GLU BA 185 5.47 -16.18 50.60
N ARG BA 186 4.79 -15.06 50.77
CA ARG BA 186 4.88 -13.97 49.86
C ARG BA 186 5.50 -12.76 50.55
N GLN BA 187 6.26 -11.99 49.78
CA GLN BA 187 6.79 -10.72 50.28
C GLN BA 187 7.04 -9.75 49.12
N VAL BA 188 7.20 -8.49 49.48
CA VAL BA 188 7.51 -7.39 48.61
C VAL BA 188 8.83 -6.74 49.05
N LEU BA 189 9.76 -6.57 48.11
CA LEU BA 189 10.90 -5.67 48.24
C LEU BA 189 10.56 -4.33 47.59
N LEU BA 190 10.64 -3.27 48.38
CA LEU BA 190 10.40 -1.90 47.90
C LEU BA 190 11.43 -0.89 48.41
N GLY BA 191 11.56 0.21 47.67
CA GLY BA 191 12.52 1.26 48.00
C GLY BA 191 13.92 0.69 48.27
N ASP BA 192 14.44 0.96 49.48
CA ASP BA 192 15.79 0.53 49.89
C ASP BA 192 16.01 -0.96 49.97
N GLN BA 193 14.92 -1.72 50.06
CA GLN BA 193 15.01 -3.16 50.14
C GLN BA 193 15.40 -3.80 48.82
N ILE BA 194 15.25 -3.06 47.69
CA ILE BA 194 15.61 -3.55 46.37
C ILE BA 194 17.15 -3.49 46.22
N PRO BA 195 17.81 -4.60 45.81
CA PRO BA 195 19.26 -4.54 45.58
C PRO BA 195 19.67 -3.42 44.64
N LYS BA 196 20.81 -2.81 44.98
CA LYS BA 196 21.28 -1.57 44.43
C LYS BA 196 22.65 -1.86 43.82
N PHE BA 197 22.92 -1.34 42.61
CA PHE BA 197 24.24 -1.50 41.93
C PHE BA 197 24.62 -0.12 41.32
N ALA BA 198 25.68 0.53 41.81
CA ALA BA 198 25.99 1.93 41.43
C ALA BA 198 26.02 2.23 39.90
N VAL BA 199 25.61 3.43 39.50
CA VAL BA 199 25.84 3.94 38.14
C VAL BA 199 27.35 4.19 38.05
N ALA BA 200 28.01 3.60 37.06
CA ALA BA 200 29.46 3.59 36.97
C ALA BA 200 30.03 4.91 36.44
N THR BA 201 29.91 5.96 37.26
CA THR BA 201 30.40 7.33 36.99
C THR BA 201 31.93 7.35 36.68
N LEU BA 202 32.40 8.48 36.15
CA LEU BA 202 33.78 8.59 35.70
C LEU BA 202 34.84 8.80 36.84
N PRO BA 203 35.99 8.06 36.78
CA PRO BA 203 37.18 8.44 37.58
C PRO BA 203 37.78 9.81 37.14
C1 6V9 CA 1 -6.18 25.05 1.54
C2 6V9 CA 1 -5.19 24.22 2.34
C 6V9 CA 1 -9.65 26.15 -0.01
O 6V9 CA 1 -10.46 25.29 0.16
C3 6V9 CA 1 -8.25 25.96 0.43
S 6V9 CA 1 -7.87 24.63 1.49
N 6V9 CA 1 -6.01 26.15 0.79
C21 6V9 CA 1 -7.09 26.66 0.16
N OAS CA 2 -9.99 27.28 -0.62
CA OAS CA 2 -11.30 27.64 -1.09
CB OAS CA 2 -11.41 29.15 -0.82
OG OAS CA 2 -12.25 29.55 0.25
C OAS CA 2 -11.44 27.25 -2.53
O OAS CA 2 -10.47 27.12 -3.26
C1A OAS CA 2 -12.07 29.01 1.56
N OAS CA 3 -12.67 27.05 -2.99
CA OAS CA 3 -12.97 26.66 -4.36
CB OAS CA 3 -13.39 25.18 -4.40
OG OAS CA 3 -12.37 24.33 -3.84
C OAS CA 3 -14.07 27.52 -4.92
O OAS CA 3 -14.87 28.02 -4.17
C1A OAS CA 3 -11.44 23.80 -4.78
N 6VA CA 4 -14.15 27.68 -6.23
C14 6VA CA 4 -14.50 29.51 -7.80
C15 6VA CA 4 -13.84 30.70 -7.12
C16 6VA CA 4 -14.14 31.13 -5.83
C17 6VA CA 4 -13.46 32.23 -5.28
C18 6VA CA 4 -12.53 32.93 -6.03
C19 6VA CA 4 -12.24 32.51 -7.32
C20 6VA CA 4 -12.90 31.41 -7.85
C22 6VA CA 4 -16.87 26.37 -7.03
C24 6VA CA 4 -17.64 26.88 -5.83
CA 6VA CA 4 -15.18 28.44 -6.92
C23 6VA CA 4 -17.93 25.56 -7.79
C 6VA CA 4 -16.07 27.49 -7.76
O6 6VA CA 4 -15.92 25.42 -6.57
O 6VA CA 4 -15.14 26.96 -8.69
C1 6V9 DA 1 22.63 -5.32 2.09
C2 6V9 DA 1 21.43 -5.27 1.15
C 6V9 DA 1 25.11 -7.01 4.66
O 6V9 DA 1 24.49 -7.94 5.10
C3 6V9 DA 1 24.37 -6.14 3.70
S 6V9 DA 1 22.95 -6.82 2.92
N 6V9 DA 1 23.59 -4.38 2.43
C21 6V9 DA 1 24.57 -4.82 3.32
N OAS DA 2 26.36 -6.72 4.98
CA OAS DA 2 27.21 -7.41 5.93
CB OAS DA 2 28.62 -7.63 5.42
OG OAS DA 2 28.44 -8.54 4.35
C OAS DA 2 27.21 -6.58 7.18
O OAS DA 2 27.32 -5.37 7.10
C1A OAS DA 2 29.58 -9.28 3.92
N OAS DA 3 26.95 -7.22 8.34
CA OAS DA 3 26.86 -6.56 9.62
CB OAS DA 3 25.42 -6.65 10.16
OG OAS DA 3 24.45 -6.03 9.27
C OAS DA 3 27.82 -7.19 10.64
O OAS DA 3 28.17 -8.38 10.51
C1A OAS DA 3 23.10 -6.20 9.70
N 6VA DA 4 28.21 -6.35 11.62
C14 6VA DA 4 30.21 -5.64 12.70
C15 6VA DA 4 31.35 -5.76 11.71
C16 6VA DA 4 31.41 -6.58 10.59
C17 6VA DA 4 32.54 -6.57 9.75
C18 6VA DA 4 33.58 -5.72 9.93
C19 6VA DA 4 33.49 -4.89 11.04
C20 6VA DA 4 32.39 -4.90 11.93
C22 6VA DA 4 27.04 -7.86 14.08
C24 6VA DA 4 27.33 -9.20 13.42
CA 6VA DA 4 29.11 -6.70 12.68
C23 6VA DA 4 26.39 -8.10 15.47
C 6VA DA 4 28.26 -6.80 13.99
O6 6VA DA 4 25.95 -7.38 13.32
O 6VA DA 4 27.68 -5.47 14.04
C1 6V9 EA 1 -3.62 -21.05 -14.62
C2 6V9 EA 1 -3.06 -20.93 -13.25
C 6V9 EA 1 -4.06 -20.56 -18.52
O 6V9 EA 1 -3.42 -19.59 -18.90
C3 6V9 EA 1 -4.11 -20.92 -17.07
S 6V9 EA 1 -2.89 -20.30 -16.01
N 6V9 EA 1 -4.73 -21.72 -15.01
C21 6V9 EA 1 -5.00 -21.66 -16.32
N OAS EA 2 -4.79 -21.28 -19.36
CA OAS EA 2 -4.88 -21.06 -20.76
CB OAS EA 2 -4.99 -22.45 -21.33
OG OAS EA 2 -3.87 -22.96 -22.00
C OAS EA 2 -6.04 -20.14 -21.06
O OAS EA 2 -6.98 -19.99 -20.30
C1A OAS EA 2 -2.75 -23.17 -21.22
N OAS EA 3 -5.98 -19.41 -22.19
CA OAS EA 3 -6.99 -18.47 -22.64
CB OAS EA 3 -6.43 -17.06 -22.48
OG OAS EA 3 -6.09 -16.77 -21.12
C OAS EA 3 -7.34 -18.68 -24.07
O OAS EA 3 -6.55 -19.22 -24.80
C1A OAS EA 3 -7.11 -16.12 -20.36
N 6VA EA 4 -8.54 -18.28 -24.51
C14 6VA EA 4 -10.38 -19.26 -25.79
C15 6VA EA 4 -10.30 -20.75 -25.52
C16 6VA EA 4 -11.50 -21.36 -25.10
C17 6VA EA 4 -11.54 -22.72 -24.80
C18 6VA EA 4 -10.40 -23.51 -24.96
C19 6VA EA 4 -9.19 -22.91 -25.36
C20 6VA EA 4 -9.14 -21.54 -25.62
C22 6VA EA 4 -7.98 -16.10 -26.61
C24 6VA EA 4 -6.81 -16.91 -27.21
CA 6VA EA 4 -9.06 -18.42 -25.83
C23 6VA EA 4 -8.11 -14.80 -27.42
C 6VA EA 4 -9.27 -17.04 -26.47
O6 6VA EA 4 -7.65 -15.67 -25.27
O 6VA EA 4 -10.25 -16.47 -25.65
C1 6V9 FA 1 -4.38 -2.32 22.90
C2 6V9 FA 1 -4.76 -1.75 21.56
C 6V9 FA 1 -2.57 -2.36 26.43
O 6V9 FA 1 -1.66 -1.57 26.31
C3 6V9 FA 1 -3.40 -2.58 25.20
S 6V9 FA 1 -3.35 -1.35 23.96
N 6V9 FA 1 -4.69 -3.51 23.52
C21 6V9 FA 1 -4.15 -3.69 24.78
N OAS FA 2 -2.77 -3.10 27.51
CA OAS FA 2 -2.00 -3.08 28.74
CB OAS FA 2 -2.88 -3.07 29.96
OG OAS FA 2 -3.53 -1.80 29.90
C OAS FA 2 -1.10 -4.30 28.71
O OAS FA 2 -1.59 -5.38 28.35
C1A OAS FA 2 -3.95 -1.41 31.18
N OAS FA 3 0.18 -4.13 29.03
CA OAS FA 3 1.19 -5.16 28.97
CB OAS FA 3 2.17 -4.87 27.82
OG OAS FA 3 1.54 -4.80 26.51
C OAS FA 3 1.93 -5.22 30.27
O OAS FA 3 2.00 -4.23 31.01
C1A OAS FA 3 1.95 -3.70 25.69
N 6VA FA 4 2.48 -6.41 30.53
C14 6VA FA 4 2.56 -7.98 32.30
C15 6VA FA 4 1.30 -7.74 33.11
C16 6VA FA 4 0.94 -8.83 33.86
C17 6VA FA 4 -0.20 -8.82 34.64
C18 6VA FA 4 -1.03 -7.71 34.72
C19 6VA FA 4 -0.66 -6.59 34.03
C20 6VA FA 4 0.50 -6.60 33.21
C22 6VA FA 4 5.51 -5.64 30.66
C24 6VA FA 4 5.24 -4.28 31.35
CA 6VA FA 4 3.23 -6.72 31.71
C23 6VA FA 4 7.06 -5.81 30.45
C 6VA FA 4 4.74 -6.89 31.29
O6 6VA FA 4 5.04 -5.43 29.34
O 6VA FA 4 4.57 -7.94 30.28
K K GA . 52.92 31.96 -14.29
MG MG HA . 24.38 2.48 3.07
MG MG IA . 24.62 -26.02 -11.28
OH2 1PE JA . 28.80 9.76 -14.91
C12 1PE JA . 27.56 9.77 -15.62
C22 1PE JA . 26.80 8.48 -15.33
OH3 1PE JA . 27.39 7.37 -16.03
C13 1PE JA . 27.46 4.91 -16.12
C23 1PE JA . 26.69 6.16 -15.71
OH4 1PE JA . 27.63 4.08 -14.95
C14 1PE JA . 29.19 3.42 -13.16
C24 1PE JA . 28.82 4.42 -14.25
OH5 1PE JA . 30.62 3.20 -13.07
C15 1PE JA . 32.22 4.82 -12.04
C25 1PE JA . 31.54 4.30 -13.30
OH6 1PE JA . 32.92 6.05 -12.32
C16 1PE JA . 32.07 7.81 -13.82
C26 1PE JA . 32.19 7.29 -12.36
OH7 1PE JA . 32.58 9.14 -14.00
MG MG KA . 4.15 -15.74 -33.58
OH2 1PE LA . 18.82 16.26 -25.18
C12 1PE LA . 18.57 14.87 -25.50
C22 1PE LA . 19.74 13.97 -25.10
OH3 1PE LA . 19.29 13.00 -24.15
C13 1PE LA . 19.97 10.69 -24.53
C23 1PE LA . 18.88 11.74 -24.69
OH4 1PE LA . 21.26 11.21 -24.85
C14 1PE LA . 23.57 10.67 -24.48
C24 1PE LA . 22.27 10.25 -25.18
OH5 1PE LA . 24.65 9.71 -24.61
C15 1PE LA . 25.50 10.13 -22.21
C25 1PE LA . 25.38 9.22 -23.45
OH6 1PE LA . 24.50 9.78 -21.21
C16 1PE LA . 24.09 9.21 -18.84
C26 1PE LA . 24.82 10.13 -19.85
OH7 1PE LA . 22.80 9.70 -18.41
MG MG MA . -3.11 -13.23 -34.75
MG MG NA . 3.83 15.98 -18.35
MG MG OA . -26.66 25.56 -5.45
OH2 1PE PA . 6.85 39.05 -10.63
C12 1PE PA . 5.56 38.43 -10.60
C22 1PE PA . 5.39 37.70 -9.27
OH3 1PE PA . 5.15 36.29 -9.42
C13 1PE PA . 6.40 34.15 -9.26
C23 1PE PA . 6.21 35.50 -10.00
OH4 1PE PA . 5.31 33.25 -9.47
C14 1PE PA . 4.24 31.14 -8.79
C24 1PE PA . 5.55 31.88 -9.09
OH5 1PE PA . 4.24 30.45 -7.52
C15 1PE PA . 5.48 28.99 -6.06
C25 1PE PA . 5.05 29.27 -7.50
OH6 1PE PA . 6.91 28.99 -5.87
C16 1PE PA . 7.20 26.68 -6.80
C26 1PE PA . 7.76 28.09 -6.62
OH7 1PE PA . 8.03 25.83 -7.62
OH2 1PE QA . -1.48 4.46 23.59
C12 1PE QA . -1.85 4.65 24.96
C22 1PE QA . -1.24 5.94 25.47
OH3 1PE QA . -2.01 6.48 26.56
C13 1PE QA . -1.09 8.75 26.57
C23 1PE QA . -1.32 7.46 27.34
OH4 1PE QA . -1.48 9.85 27.39
C14 1PE QA . -3.37 11.34 27.15
C24 1PE QA . -1.94 11.04 26.72
OH5 1PE QA . -4.29 11.01 26.10
C15 1PE QA . -5.42 11.68 23.98
C25 1PE QA . -4.51 12.08 25.17
OH6 1PE QA . -5.57 10.27 23.79
C16 1PE QA . -7.89 9.55 23.66
C26 1PE QA . -6.63 9.66 24.53
OH7 1PE QA . -9.02 9.13 24.45
K K RA . -14.57 25.64 24.98
MG MG SA . -11.52 20.57 29.53
OH2 1PE TA . 27.97 8.37 -1.12
C12 1PE TA . 27.38 7.66 -0.04
C22 1PE TA . 27.98 8.11 1.29
OH3 1PE TA . 27.01 8.27 2.32
C13 1PE TA . 28.57 9.00 4.07
C23 1PE TA . 27.50 8.01 3.64
OH4 1PE TA . 29.84 8.34 4.02
C14 1PE TA . 32.10 8.09 4.72
C24 1PE TA . 30.81 8.83 4.96
OH5 1PE TA . 32.64 8.60 3.52
C15 1PE TA . 34.43 8.76 1.89
C25 1PE TA . 33.80 7.92 3.01
OH6 1PE TA . 34.82 10.07 2.37
C16 1PE TA . 36.74 11.50 2.84
C26 1PE TA . 35.99 10.68 1.78
OH7 1PE TA . 38.16 11.42 2.60
K K UA . 26.60 -16.81 19.12
OH2 1PE VA . -15.02 -21.40 31.78
C12 1PE VA . -14.43 -22.03 30.64
C22 1PE VA . -13.19 -21.26 30.15
OH3 1PE VA . -13.55 -20.17 29.28
C13 1PE VA . -12.45 -18.24 28.21
C23 1PE VA . -12.56 -19.77 28.30
OH4 1PE VA . -11.06 -17.84 28.23
C14 1PE VA . -8.98 -17.99 26.87
C24 1PE VA . -10.48 -17.72 26.93
OH5 1PE VA . -8.48 -18.12 25.52
C15 1PE VA . -8.22 -16.85 23.32
C25 1PE VA . -8.91 -17.06 24.67
OH6 1PE VA . -9.17 -16.44 22.33
C16 1PE VA . -11.12 -15.10 21.91
C26 1PE VA . -9.72 -15.12 22.49
OH7 1PE VA . -11.93 -14.00 22.41
K K WA . -39.85 -37.42 32.55
MG MG XA . -6.47 -10.00 22.06
MG MG YA . -27.36 25.24 2.21
OH2 1PE ZA . -24.45 -6.07 12.45
C12 1PE ZA . -25.30 -7.02 11.80
C22 1PE ZA . -25.54 -8.26 12.67
OH3 1PE ZA . -26.94 -8.43 12.93
C13 1PE ZA . -28.84 -8.18 14.51
C23 1PE ZA . -27.43 -7.73 14.09
OH4 1PE ZA . -29.89 -7.45 13.81
C14 1PE ZA . -32.34 -7.58 13.82
C24 1PE ZA . -31.08 -7.19 14.59
OH5 1PE ZA . -32.75 -6.50 12.95
C15 1PE ZA . -32.98 -5.88 10.57
C25 1PE ZA . -33.30 -6.90 11.68
OH6 1PE ZA . -32.27 -6.50 9.50
C16 1PE ZA . -31.33 -6.36 7.24
C26 1PE ZA . -31.92 -5.60 8.44
OH7 1PE ZA . -32.35 -6.94 6.40
MG MG AB . -22.25 -8.28 -6.76
OH2 1PE BB . -21.15 -36.04 -9.72
C12 1PE BB . -20.72 -34.91 -10.51
C22 1PE BB . -21.82 -33.85 -10.67
OH3 1PE BB . -21.54 -33.01 -11.81
C13 1PE BB . -20.61 -31.00 -10.81
C23 1PE BB . -21.77 -31.62 -11.59
OH4 1PE BB . -20.71 -29.57 -10.78
C14 1PE BB . -20.39 -27.43 -9.61
C24 1PE BB . -20.64 -28.94 -9.49
OH5 1PE BB . -18.97 -27.22 -9.63
C15 1PE BB . -17.70 -25.43 -8.67
C25 1PE BB . -18.49 -25.89 -9.90
OH6 1PE BB . -16.38 -25.01 -9.04
C16 1PE BB . -15.70 -24.92 -6.62
C26 1PE BB . -15.33 -25.22 -8.08
OH7 1PE BB . -16.47 -23.72 -6.47
K K CB . 20.05 -28.00 -17.03
OH2 1PE DB . 20.66 -12.43 2.78
C12 1PE DB . 21.76 -13.16 2.21
C22 1PE DB . 21.77 -14.57 2.80
OH3 1PE DB . 22.81 -15.35 2.20
C13 1PE DB . 21.49 -17.35 1.57
C23 1PE DB . 22.65 -16.76 2.40
OH4 1PE DB . 21.79 -18.69 1.18
C14 1PE DB . 22.14 -19.43 -1.10
C24 1PE DB . 21.13 -19.17 0.01
OH5 1PE DB . 21.99 -18.44 -2.12
C15 1PE DB . 20.91 -17.70 -4.17
C25 1PE DB . 21.09 -18.83 -3.15
OH6 1PE DB . 20.93 -16.43 -3.52
C16 1PE DB . 21.15 -14.52 -5.02
C26 1PE DB . 21.85 -15.44 -4.01
OH7 1PE DB . 21.55 -14.81 -6.38
K K EB . 12.63 0.51 34.67
C ACT FB . -15.04 23.58 -9.64
O ACT FB . -15.59 24.48 -10.32
OXT ACT FB . -14.58 23.83 -8.50
CH3 ACT FB . -14.94 22.20 -10.24
C ACT GB . 24.74 -4.54 15.26
O ACT GB . 25.64 -4.83 16.08
OXT ACT GB . 24.67 -5.10 14.15
CH3 ACT GB . 23.74 -3.50 15.65
C ACT HB . -10.09 -13.20 -24.58
O ACT HB . -9.23 -13.92 -24.00
OXT ACT HB . -10.64 -13.56 -25.64
CH3 ACT HB . -10.48 -11.88 -24.01
C ACT IB . 6.49 -8.52 27.64
O ACT IB . 5.59 -7.66 27.50
OXT ACT IB . 7.02 -8.63 28.75
CH3 ACT IB . 6.95 -9.42 26.53
#